data_2WZS
#
_entry.id   2WZS
#
_cell.length_a   109.190
_cell.length_b   152.390
_cell.length_c   221.450
_cell.angle_alpha   90.00
_cell.angle_beta   94.21
_cell.angle_gamma   90.00
#
_symmetry.space_group_name_H-M   'P 1 21 1'
#
loop_
_entity.id
_entity.type
_entity.pdbx_description
1 polymer 'PUTATIVE ALPHA-1,2-MANNOSIDASE'
2 non-polymer 'CALCIUM ION'
3 non-polymer (5R,6R,7S,8R)-5-(HYDROXYMETHYL)-5,6,7,8-TETRAHYDROIMIDAZO[1,2-A]PYRIDINE-6,7,8-TRIOL
4 non-polymer GLYCEROL
5 water water
#
_entity_poly.entity_id   1
_entity_poly.type   'polypeptide(L)'
_entity_poly.pdbx_seq_one_letter_code
;KDWTQYVNPLMGSQSTFELSTGNTYPAIARPWGMNFWTPQTGKMGDGWQYTYTANKIRGFKQTHQPSPWINDYGQFSIMP
IVGQPVFDEEKRASWFAHKGEVATPYYYKVYLAEHDIVTEMTPTERAVLFRFTFPENDHSYVVVDAFDKGSYIKIIPEEN
KIIGYTTRNSGGVPENFKNYFIIEFDKPFTYKATVENGNLQENVAEQTTDHAGAIIGFKTRKGEQVNARIASSFISFEQA
AANMNELGKDNIEQLAQKGKDAWNQVLGKIEVEGGNLDQYRTFYSCLYRSLLFPRKFYELDANGQPIHYSPYNGQVLPGY
MFTDTGFWDTFRCLFPLLNLMYPSVNKEMQEGLINTYLESGFFPEWASPGHRGCMVGNNSASILVDAYMKGVKVDDIKTL
YEGLIHGTENVHPEVSSTGRLGYEYYNKLGYVPYDVKINENAARTLEYAYDDWCIYRLAKELKRPKKEISLFAKRAMNYK
NLFDKESKLMRGRNEDGTFQSPFSPLKWGDAFTEGNSWHYTWSVFHDPQGLIDLMGGKEMFVTMMDSVFAVPPIFDDSYY
GQVIHEIREMTVMNMGNYAHGNQPIQHMIYLYDYAGQPWKAQYWLRQVMDRMYTPGPDGYCGDEDNGQTSAWYVFSALGF
YPVCPGTDEYVMGTPLFKKATLHFENGNSLVIDAPNNSTENFYIDSMSFNGADHTKNYLRHEDLFKGGTIKVDMSNRPNL
NRGTKEEDMPYSFSKELE
;
_entity_poly.pdbx_strand_id   A,B,C,D,E,F,G,H
#
# COMPACT_ATOMS: atom_id res chain seq x y z
N LYS A 1 -35.69 58.30 -33.87
CA LYS A 1 -35.85 58.54 -32.40
C LYS A 1 -35.59 57.25 -31.59
N ASP A 2 -34.32 57.01 -31.26
CA ASP A 2 -33.97 55.74 -30.62
C ASP A 2 -33.62 55.83 -29.14
N TRP A 3 -34.28 55.02 -28.31
CA TRP A 3 -33.87 54.95 -26.90
C TRP A 3 -33.14 53.67 -26.53
N THR A 4 -33.20 52.67 -27.42
CA THR A 4 -32.61 51.36 -27.10
C THR A 4 -31.09 51.48 -26.92
N GLN A 5 -30.48 52.43 -27.64
CA GLN A 5 -29.05 52.72 -27.53
C GLN A 5 -28.59 52.87 -26.08
N TYR A 6 -29.50 53.31 -25.21
CA TYR A 6 -29.16 53.56 -23.80
C TYR A 6 -29.33 52.33 -22.89
N VAL A 7 -29.97 51.28 -23.40
CA VAL A 7 -30.28 50.08 -22.60
C VAL A 7 -29.09 49.13 -22.48
N ASN A 8 -28.63 48.92 -21.25
CA ASN A 8 -27.59 47.94 -20.97
C ASN A 8 -28.15 46.69 -20.32
N PRO A 9 -28.40 45.63 -21.11
CA PRO A 9 -28.94 44.36 -20.61
C PRO A 9 -28.00 43.65 -19.63
N LEU A 10 -26.75 44.10 -19.60
CA LEU A 10 -25.74 43.53 -18.71
C LEU A 10 -25.73 44.15 -17.30
N MET A 11 -26.50 45.23 -17.10
CA MET A 11 -26.56 45.90 -15.80
C MET A 11 -27.15 44.94 -14.75
N GLY A 12 -26.38 44.68 -13.69
CA GLY A 12 -26.80 43.77 -12.63
C GLY A 12 -26.26 42.35 -12.77
N SER A 13 -25.50 42.07 -13.84
CA SER A 13 -24.93 40.72 -14.05
C SER A 13 -23.64 40.45 -13.28
N GLN A 14 -22.99 41.48 -12.76
CA GLN A 14 -21.78 41.29 -11.94
C GLN A 14 -22.12 41.12 -10.45
N SER A 15 -22.84 40.04 -10.14
CA SER A 15 -23.41 39.82 -8.81
C SER A 15 -22.94 38.51 -8.20
N THR A 16 -22.89 38.44 -6.87
CA THR A 16 -22.56 37.16 -6.22
C THR A 16 -23.59 36.78 -5.16
N PHE A 17 -23.56 35.50 -4.74
CA PHE A 17 -24.30 35.04 -3.55
C PHE A 17 -24.14 35.99 -2.35
N GLU A 18 -22.92 36.47 -2.12
CA GLU A 18 -22.59 37.26 -0.92
C GLU A 18 -22.99 38.75 -0.97
N LEU A 19 -23.06 39.30 -2.20
CA LEU A 19 -23.31 40.73 -2.42
C LEU A 19 -23.95 40.92 -3.79
N SER A 20 -25.24 41.23 -3.81
CA SER A 20 -25.94 41.45 -5.07
C SER A 20 -25.72 42.86 -5.58
N THR A 21 -25.45 42.96 -6.87
CA THR A 21 -25.45 44.25 -7.57
C THR A 21 -26.59 44.25 -8.59
N GLY A 22 -27.51 43.31 -8.44
CA GLY A 22 -28.73 43.28 -9.24
C GLY A 22 -29.30 41.89 -9.33
N ASN A 23 -28.41 40.89 -9.44
CA ASN A 23 -28.76 39.50 -9.74
C ASN A 23 -29.63 39.37 -11.00
N THR A 24 -29.18 40.00 -12.09
CA THR A 24 -29.89 39.91 -13.37
C THR A 24 -29.12 39.07 -14.37
N TYR A 25 -29.82 38.71 -15.43
CA TYR A 25 -29.17 38.15 -16.60
C TYR A 25 -29.60 38.99 -17.82
N PRO A 26 -28.90 38.85 -18.95
CA PRO A 26 -29.31 39.59 -20.15
C PRO A 26 -30.59 39.02 -20.79
N ALA A 27 -31.73 39.63 -20.50
CA ALA A 27 -32.99 39.17 -21.05
C ALA A 27 -33.18 39.68 -22.48
N ILE A 28 -32.88 38.82 -23.45
CA ILE A 28 -33.07 39.16 -24.84
C ILE A 28 -34.47 38.72 -25.20
N ALA A 29 -35.35 39.70 -25.37
CA ALA A 29 -36.79 39.48 -25.37
C ALA A 29 -37.59 40.67 -25.92
N ARG A 30 -38.84 40.40 -26.30
CA ARG A 30 -39.84 41.44 -26.45
C ARG A 30 -40.34 41.87 -25.08
N PRO A 31 -40.96 43.08 -24.99
CA PRO A 31 -41.59 43.48 -23.75
C PRO A 31 -42.57 42.39 -23.26
N TRP A 32 -42.52 42.04 -21.97
CA TRP A 32 -43.36 40.98 -21.39
C TRP A 32 -43.41 39.67 -22.22
N GLY A 33 -42.28 39.31 -22.84
CA GLY A 33 -42.24 38.12 -23.70
C GLY A 33 -42.47 36.81 -22.97
N MET A 34 -43.23 35.89 -23.60
CA MET A 34 -43.48 34.56 -23.03
C MET A 34 -42.18 33.80 -22.83
N ASN A 35 -41.31 33.84 -23.84
CA ASN A 35 -40.02 33.19 -23.79
C ASN A 35 -38.86 34.20 -23.86
N PHE A 36 -37.99 34.18 -22.85
CA PHE A 36 -36.76 35.00 -22.87
C PHE A 36 -35.62 34.13 -23.38
N TRP A 37 -34.60 34.77 -23.95
CA TRP A 37 -33.38 34.07 -24.37
C TRP A 37 -32.15 34.75 -23.80
N THR A 38 -31.19 33.94 -23.38
CA THR A 38 -29.98 34.45 -22.78
C THR A 38 -28.76 33.57 -23.12
N PRO A 39 -27.57 34.19 -23.26
CA PRO A 39 -26.37 33.39 -23.24
C PRO A 39 -26.22 32.74 -21.86
N GLN A 40 -25.73 31.52 -21.83
CA GLN A 40 -25.63 30.79 -20.57
C GLN A 40 -24.16 30.55 -20.23
N THR A 41 -23.70 31.14 -19.12
CA THR A 41 -22.36 30.86 -18.60
C THR A 41 -22.38 29.83 -17.44
N GLY A 42 -23.45 29.81 -16.67
CA GLY A 42 -23.55 28.88 -15.57
C GLY A 42 -23.85 27.48 -16.03
N LYS A 43 -23.63 26.52 -15.15
CA LYS A 43 -24.03 25.13 -15.40
C LYS A 43 -25.54 24.94 -15.30
N MET A 44 -26.06 23.94 -16.01
CA MET A 44 -27.47 23.58 -15.90
C MET A 44 -27.90 23.49 -14.42
N GLY A 45 -28.97 24.23 -14.07
CA GLY A 45 -29.49 24.20 -12.70
C GLY A 45 -29.12 25.38 -11.80
N ASP A 46 -28.03 26.07 -12.11
CA ASP A 46 -27.56 27.20 -11.30
C ASP A 46 -28.40 28.43 -11.58
N GLY A 47 -28.94 29.03 -10.52
CA GLY A 47 -29.72 30.25 -10.62
C GLY A 47 -28.92 31.39 -11.25
N TRP A 48 -27.60 31.35 -11.07
CA TRP A 48 -26.71 32.31 -11.72
C TRP A 48 -26.32 31.81 -13.12
N GLN A 49 -27.27 31.93 -14.03
CA GLN A 49 -27.12 31.40 -15.39
C GLN A 49 -26.21 32.28 -16.25
N TYR A 50 -26.13 33.57 -15.94
CA TYR A 50 -25.15 34.46 -16.58
C TYR A 50 -24.49 35.37 -15.56
N THR A 51 -23.17 35.30 -15.48
CA THR A 51 -22.43 36.18 -14.57
C THR A 51 -21.37 36.89 -15.39
N TYR A 52 -21.17 38.18 -15.16
CA TYR A 52 -20.26 38.99 -15.96
C TYR A 52 -18.80 38.51 -15.89
N THR A 53 -18.42 37.96 -14.75
CA THR A 53 -17.03 37.58 -14.52
C THR A 53 -16.69 36.19 -15.08
N ALA A 54 -17.69 35.48 -15.60
CA ALA A 54 -17.48 34.16 -16.17
C ALA A 54 -16.74 34.26 -17.51
N ASN A 55 -16.01 33.21 -17.85
CA ASN A 55 -15.22 33.24 -19.07
C ASN A 55 -15.77 32.45 -20.24
N LYS A 56 -16.70 31.54 -19.99
CA LYS A 56 -17.17 30.61 -21.01
C LYS A 56 -18.69 30.57 -21.16
N ILE A 57 -19.14 30.49 -22.41
CA ILE A 57 -20.53 30.26 -22.74
C ILE A 57 -20.65 28.80 -23.17
N ARG A 58 -21.73 28.16 -22.77
CA ARG A 58 -21.92 26.72 -22.99
C ARG A 58 -23.26 26.44 -23.68
N GLY A 59 -24.03 27.51 -23.88
CA GLY A 59 -25.29 27.41 -24.57
C GLY A 59 -26.00 28.75 -24.70
N PHE A 60 -27.00 28.75 -25.55
CA PHE A 60 -27.91 29.88 -25.72
C PHE A 60 -29.27 29.32 -25.34
N LYS A 61 -29.82 29.87 -24.27
CA LYS A 61 -30.84 29.20 -23.50
C LYS A 61 -32.17 29.94 -23.50
N GLN A 62 -33.26 29.19 -23.75
CA GLN A 62 -34.59 29.66 -23.43
C GLN A 62 -34.80 29.57 -21.93
N THR A 63 -35.27 30.66 -21.32
CA THR A 63 -35.40 30.78 -19.87
C THR A 63 -36.69 31.52 -19.45
N HIS A 64 -37.18 31.26 -18.25
CA HIS A 64 -38.30 32.00 -17.69
C HIS A 64 -38.00 32.54 -16.29
N GLN A 65 -36.75 32.39 -15.86
CA GLN A 65 -36.36 32.66 -14.48
C GLN A 65 -36.62 34.11 -14.02
N PRO A 66 -37.32 34.29 -12.90
CA PRO A 66 -37.51 35.66 -12.40
C PRO A 66 -36.43 36.12 -11.43
N SER A 67 -35.68 35.18 -10.86
CA SER A 67 -34.58 35.48 -9.97
C SER A 67 -33.75 34.21 -9.75
N PRO A 68 -32.45 34.35 -9.38
CA PRO A 68 -31.64 33.17 -9.15
C PRO A 68 -32.13 32.31 -7.97
N TRP A 69 -32.95 32.90 -7.10
CA TRP A 69 -33.46 32.23 -5.91
C TRP A 69 -34.66 31.35 -6.24
N ILE A 70 -35.54 31.86 -7.08
CA ILE A 70 -36.74 31.18 -7.52
C ILE A 70 -36.38 30.12 -8.56
N ASN A 71 -35.33 30.41 -9.32
CA ASN A 71 -34.78 29.51 -10.35
C ASN A 71 -35.74 29.39 -11.53
N ASP A 72 -35.56 28.38 -12.36
CA ASP A 72 -36.13 28.38 -13.72
C ASP A 72 -37.10 27.24 -14.02
N TYR A 73 -37.78 27.33 -15.16
CA TYR A 73 -38.63 26.28 -15.73
C TYR A 73 -38.75 26.51 -17.26
N GLY A 74 -39.27 25.54 -18.00
CA GLY A 74 -39.44 25.63 -19.45
C GLY A 74 -38.13 25.99 -20.14
N GLN A 75 -37.12 25.16 -19.93
CA GLN A 75 -35.73 25.54 -20.22
C GLN A 75 -34.99 24.53 -21.08
N PHE A 76 -34.45 25.02 -22.19
CA PHE A 76 -33.60 24.22 -23.07
C PHE A 76 -32.56 25.12 -23.77
N SER A 77 -31.54 24.52 -24.36
CA SER A 77 -30.49 25.32 -24.99
C SER A 77 -29.96 24.76 -26.32
N ILE A 78 -29.28 25.64 -27.05
CA ILE A 78 -28.68 25.33 -28.35
C ILE A 78 -27.23 25.81 -28.32
N MET A 79 -26.33 25.07 -28.95
CA MET A 79 -24.91 25.43 -28.93
C MET A 79 -24.16 25.00 -30.21
N PRO A 80 -23.59 25.97 -30.96
CA PRO A 80 -22.83 25.63 -32.15
C PRO A 80 -21.40 25.26 -31.74
N ILE A 81 -20.83 24.25 -32.40
CA ILE A 81 -19.48 23.75 -32.11
C ILE A 81 -18.77 23.31 -33.38
N VAL A 82 -17.51 22.94 -33.25
CA VAL A 82 -16.66 22.57 -34.36
C VAL A 82 -15.67 21.52 -33.84
N GLY A 83 -15.28 20.58 -34.69
CA GLY A 83 -14.34 19.52 -34.29
C GLY A 83 -15.04 18.21 -34.00
N GLN A 84 -15.13 17.84 -32.73
CA GLN A 84 -15.79 16.61 -32.29
C GLN A 84 -17.24 16.84 -31.88
N PRO A 85 -18.13 15.86 -32.17
CA PRO A 85 -19.50 15.99 -31.68
C PRO A 85 -19.58 15.68 -30.18
N VAL A 86 -19.43 16.70 -29.34
CA VAL A 86 -19.48 16.56 -27.88
C VAL A 86 -20.72 17.21 -27.25
N PHE A 87 -21.43 16.44 -26.43
CA PHE A 87 -22.64 16.93 -25.78
C PHE A 87 -22.37 17.57 -24.43
N ASP A 88 -21.39 17.03 -23.72
CA ASP A 88 -21.06 17.45 -22.36
C ASP A 88 -21.07 18.99 -22.23
N GLU A 89 -21.73 19.50 -21.19
CA GLU A 89 -21.88 20.95 -21.00
C GLU A 89 -20.57 21.68 -20.70
N GLU A 90 -19.56 20.96 -20.20
CA GLU A 90 -18.24 21.54 -19.97
C GLU A 90 -17.41 21.48 -21.24
N LYS A 91 -17.38 20.32 -21.87
CA LYS A 91 -16.49 20.11 -23.01
C LYS A 91 -16.88 20.91 -24.24
N ARG A 92 -18.16 21.29 -24.34
CA ARG A 92 -18.66 22.04 -25.50
C ARG A 92 -18.48 23.55 -25.36
N ALA A 93 -18.07 23.98 -24.17
CA ALA A 93 -18.04 25.41 -23.82
C ALA A 93 -16.96 26.16 -24.59
N SER A 94 -17.13 27.47 -24.74
CA SER A 94 -16.09 28.27 -25.38
C SER A 94 -15.82 29.51 -24.59
N TRP A 95 -14.54 29.84 -24.47
CA TRP A 95 -14.12 31.17 -24.03
C TRP A 95 -14.77 32.27 -24.88
N PHE A 96 -15.08 33.41 -24.26
CA PHE A 96 -15.49 34.61 -24.96
C PHE A 96 -15.04 35.83 -24.15
N ALA A 97 -15.11 37.02 -24.72
CA ALA A 97 -14.90 38.24 -23.95
C ALA A 97 -16.00 39.25 -24.26
N HIS A 98 -16.25 40.13 -23.30
CA HIS A 98 -17.28 41.17 -23.45
C HIS A 98 -17.06 42.13 -24.62
N LYS A 99 -15.80 42.38 -24.98
CA LYS A 99 -15.48 43.15 -26.18
C LYS A 99 -15.82 42.41 -27.48
N GLY A 100 -16.10 41.10 -27.38
CA GLY A 100 -16.56 40.31 -28.52
C GLY A 100 -18.05 40.02 -28.46
N GLU A 101 -18.77 40.86 -27.73
CA GLU A 101 -20.16 40.61 -27.41
C GLU A 101 -20.98 41.89 -27.60
N VAL A 102 -22.15 41.75 -28.23
CA VAL A 102 -23.08 42.87 -28.37
C VAL A 102 -24.42 42.44 -27.80
N ALA A 103 -24.84 43.09 -26.72
CA ALA A 103 -26.12 42.78 -26.10
C ALA A 103 -27.06 43.98 -26.10
N THR A 104 -28.24 43.79 -26.69
CA THR A 104 -29.31 44.78 -26.69
C THR A 104 -30.59 43.99 -26.41
N PRO A 105 -31.71 44.68 -26.07
CA PRO A 105 -32.98 43.98 -25.82
C PRO A 105 -33.48 43.15 -26.99
N TYR A 106 -33.16 43.56 -28.21
CA TYR A 106 -33.72 42.96 -29.42
C TYR A 106 -32.73 42.08 -30.17
N TYR A 107 -31.47 42.06 -29.73
CA TYR A 107 -30.42 41.43 -30.51
C TYR A 107 -29.19 41.12 -29.67
N TYR A 108 -28.73 39.89 -29.77
CA TYR A 108 -27.53 39.46 -29.07
C TYR A 108 -26.58 38.79 -30.04
N LYS A 109 -25.32 39.20 -30.00
CA LYS A 109 -24.25 38.61 -30.80
C LYS A 109 -23.03 38.34 -29.94
N VAL A 110 -22.40 37.19 -30.14
CA VAL A 110 -21.13 36.92 -29.47
C VAL A 110 -20.20 36.10 -30.34
N TYR A 111 -18.90 36.31 -30.14
CA TYR A 111 -17.85 35.56 -30.81
C TYR A 111 -17.29 34.48 -29.88
N LEU A 112 -17.44 33.24 -30.30
CA LEU A 112 -17.01 32.09 -29.52
C LEU A 112 -15.58 31.69 -29.89
N ALA A 113 -14.64 32.05 -29.03
CA ALA A 113 -13.21 31.95 -29.32
C ALA A 113 -12.64 30.53 -29.52
N GLU A 114 -13.22 29.51 -28.90
CA GLU A 114 -12.65 28.16 -29.05
C GLU A 114 -13.21 27.40 -30.24
N HIS A 115 -14.25 27.94 -30.87
CA HIS A 115 -14.85 27.30 -32.02
C HIS A 115 -14.75 28.12 -33.32
N ASP A 116 -14.36 29.40 -33.19
CA ASP A 116 -14.33 30.37 -34.30
C ASP A 116 -15.73 30.52 -34.92
N ILE A 117 -16.74 30.64 -34.06
CA ILE A 117 -18.13 30.81 -34.49
C ILE A 117 -18.73 32.13 -33.95
N VAL A 118 -19.47 32.82 -34.81
CA VAL A 118 -20.26 33.98 -34.37
C VAL A 118 -21.71 33.53 -34.22
N THR A 119 -22.29 33.78 -33.05
CA THR A 119 -23.71 33.53 -32.81
C THR A 119 -24.51 34.82 -32.68
N GLU A 120 -25.59 34.92 -33.44
CA GLU A 120 -26.53 36.04 -33.34
C GLU A 120 -27.93 35.50 -33.03
N MET A 121 -28.76 36.26 -32.31
CA MET A 121 -30.14 35.87 -32.03
C MET A 121 -31.08 37.07 -31.88
N THR A 122 -32.27 36.96 -32.47
CA THR A 122 -33.28 38.01 -32.41
C THR A 122 -34.61 37.34 -32.10
N PRO A 123 -35.19 37.62 -30.91
CA PRO A 123 -36.44 36.95 -30.57
C PRO A 123 -37.68 37.76 -30.91
N THR A 124 -38.80 37.04 -31.01
CA THR A 124 -40.13 37.65 -30.89
C THR A 124 -40.67 37.29 -29.49
N GLU A 125 -41.96 37.46 -29.29
CA GLU A 125 -42.61 37.14 -28.03
C GLU A 125 -42.45 35.66 -27.62
N ARG A 126 -42.61 34.75 -28.60
CA ARG A 126 -42.64 33.33 -28.31
C ARG A 126 -41.59 32.54 -29.09
N ALA A 127 -40.93 33.20 -30.04
CA ALA A 127 -40.02 32.53 -30.97
C ALA A 127 -38.69 33.29 -31.09
N VAL A 128 -37.75 32.76 -31.86
CA VAL A 128 -36.42 33.36 -32.00
C VAL A 128 -35.73 32.85 -33.26
N LEU A 129 -34.92 33.71 -33.87
CA LEU A 129 -34.07 33.32 -34.97
C LEU A 129 -32.59 33.37 -34.55
N PHE A 130 -31.90 32.25 -34.76
CA PHE A 130 -30.45 32.14 -34.58
C PHE A 130 -29.73 32.18 -35.94
N ARG A 131 -28.59 32.86 -36.01
CA ARG A 131 -27.72 32.79 -37.17
C ARG A 131 -26.31 32.48 -36.71
N PHE A 132 -25.77 31.35 -37.18
CA PHE A 132 -24.44 30.92 -36.81
C PHE A 132 -23.53 31.12 -38.00
N THR A 133 -22.46 31.88 -37.80
CA THR A 133 -21.45 32.02 -38.83
C THR A 133 -20.27 31.07 -38.53
N PHE A 134 -20.16 30.02 -39.35
CA PHE A 134 -19.16 28.95 -39.15
C PHE A 134 -17.84 29.19 -39.87
N PRO A 135 -16.73 28.63 -39.35
CA PRO A 135 -15.47 28.65 -40.08
C PRO A 135 -15.43 27.52 -41.13
N GLU A 136 -14.39 27.52 -41.96
CA GLU A 136 -14.16 26.40 -42.88
C GLU A 136 -13.85 25.15 -42.09
N ASN A 137 -14.70 24.12 -42.21
CA ASN A 137 -14.57 22.89 -41.45
C ASN A 137 -15.38 21.74 -42.05
N ASP A 138 -14.79 20.55 -42.06
CA ASP A 138 -15.50 19.34 -42.43
C ASP A 138 -16.53 18.92 -41.36
N HIS A 139 -16.25 19.25 -40.10
CA HIS A 139 -17.08 18.85 -38.97
C HIS A 139 -17.61 20.02 -38.12
N SER A 140 -18.67 20.64 -38.62
CA SER A 140 -19.41 21.67 -37.87
C SER A 140 -20.72 21.09 -37.32
N TYR A 141 -21.04 21.41 -36.06
CA TYR A 141 -22.23 20.87 -35.39
C TYR A 141 -23.10 21.90 -34.68
N VAL A 142 -24.37 21.55 -34.48
CA VAL A 142 -25.25 22.28 -33.57
C VAL A 142 -25.80 21.29 -32.53
N VAL A 143 -25.65 21.65 -31.25
CA VAL A 143 -26.11 20.84 -30.13
C VAL A 143 -27.42 21.42 -29.59
N VAL A 144 -28.40 20.54 -29.40
CA VAL A 144 -29.68 20.89 -28.79
C VAL A 144 -29.79 20.11 -27.48
N ASP A 145 -29.97 20.84 -26.39
CA ASP A 145 -29.93 20.28 -25.05
C ASP A 145 -31.29 20.47 -24.39
N ALA A 146 -32.04 19.37 -24.23
CA ALA A 146 -33.41 19.47 -23.69
C ALA A 146 -33.46 19.48 -22.14
N PHE A 147 -32.28 19.52 -21.51
CA PHE A 147 -32.12 19.52 -20.05
C PHE A 147 -32.59 18.21 -19.38
N ASP A 148 -32.39 18.08 -18.06
CA ASP A 148 -32.67 16.80 -17.39
C ASP A 148 -34.03 16.75 -16.64
N LYS A 149 -34.17 15.77 -15.74
CA LYS A 149 -35.38 15.56 -14.94
C LYS A 149 -36.58 15.08 -15.77
N GLY A 150 -36.28 14.48 -16.93
CA GLY A 150 -37.32 13.99 -17.84
C GLY A 150 -37.52 14.90 -19.06
N SER A 151 -37.04 14.44 -20.22
CA SER A 151 -37.22 15.18 -21.48
C SER A 151 -37.33 14.27 -22.71
N TYR A 152 -37.46 14.89 -23.87
CA TYR A 152 -37.76 14.19 -25.11
C TYR A 152 -37.16 14.93 -26.30
N ILE A 153 -36.59 14.19 -27.24
CA ILE A 153 -36.02 14.76 -28.45
C ILE A 153 -36.30 13.85 -29.66
N LYS A 154 -36.53 14.49 -30.82
CA LYS A 154 -36.74 13.76 -32.06
C LYS A 154 -36.18 14.55 -33.25
N ILE A 155 -35.33 13.90 -34.04
CA ILE A 155 -34.77 14.50 -35.25
C ILE A 155 -35.64 14.09 -36.44
N ILE A 156 -35.94 15.05 -37.31
CA ILE A 156 -36.78 14.83 -38.48
C ILE A 156 -35.99 15.33 -39.71
N PRO A 157 -35.14 14.44 -40.27
CA PRO A 157 -34.23 14.86 -41.33
C PRO A 157 -34.91 15.31 -42.63
N GLU A 158 -36.10 14.81 -42.91
CA GLU A 158 -36.84 15.17 -44.13
C GLU A 158 -37.31 16.62 -44.08
N GLU A 159 -37.14 17.27 -42.93
CA GLU A 159 -37.62 18.63 -42.76
C GLU A 159 -36.56 19.53 -42.12
N ASN A 160 -35.29 19.08 -42.16
CA ASN A 160 -34.17 19.71 -41.43
C ASN A 160 -34.59 20.18 -40.05
N LYS A 161 -35.22 19.29 -39.30
CA LYS A 161 -35.99 19.68 -38.13
C LYS A 161 -35.64 18.85 -36.90
N ILE A 162 -35.58 19.52 -35.75
CA ILE A 162 -35.51 18.85 -34.46
C ILE A 162 -36.65 19.38 -33.59
N ILE A 163 -37.35 18.46 -32.95
CA ILE A 163 -38.42 18.79 -32.01
C ILE A 163 -38.14 18.12 -30.65
N GLY A 164 -38.85 18.56 -29.62
CA GLY A 164 -38.68 18.01 -28.29
C GLY A 164 -39.47 18.72 -27.22
N TYR A 165 -39.40 18.20 -26.00
CA TYR A 165 -39.95 18.90 -24.85
C TYR A 165 -38.98 18.85 -23.67
N THR A 166 -39.12 19.81 -22.76
CA THR A 166 -38.30 19.91 -21.56
C THR A 166 -39.21 20.03 -20.37
N THR A 167 -38.82 19.47 -19.21
CA THR A 167 -39.65 19.53 -18.00
C THR A 167 -38.95 20.02 -16.75
N ARG A 168 -37.62 20.14 -16.77
CA ARG A 168 -36.90 20.57 -15.55
C ARG A 168 -37.44 21.90 -15.03
N ASN A 169 -37.84 21.94 -13.76
CA ASN A 169 -38.53 23.11 -13.18
C ASN A 169 -38.23 23.23 -11.69
N SER A 170 -38.67 24.30 -11.05
CA SER A 170 -38.27 24.57 -9.68
C SER A 170 -39.43 24.52 -8.69
N GLY A 171 -40.52 23.87 -9.10
CA GLY A 171 -41.74 23.84 -8.30
C GLY A 171 -42.84 24.68 -8.92
N GLY A 172 -44.05 24.53 -8.39
CA GLY A 172 -45.17 25.35 -8.82
C GLY A 172 -45.69 24.98 -10.19
N VAL A 173 -45.62 23.70 -10.55
CA VAL A 173 -46.16 23.25 -11.84
C VAL A 173 -47.14 22.08 -11.66
N PRO A 174 -48.11 21.95 -12.57
CA PRO A 174 -48.95 20.75 -12.56
C PRO A 174 -48.16 19.50 -12.97
N GLU A 175 -48.71 18.32 -12.66
CA GLU A 175 -48.08 17.04 -12.99
C GLU A 175 -47.80 16.82 -14.49
N ASN A 176 -48.66 17.37 -15.35
CA ASN A 176 -48.47 17.31 -16.81
C ASN A 176 -47.61 18.44 -17.42
N PHE A 177 -46.78 19.13 -16.62
CA PHE A 177 -45.97 20.25 -17.14
C PHE A 177 -44.99 19.84 -18.24
N LYS A 178 -45.08 20.50 -19.40
CA LYS A 178 -44.09 20.36 -20.48
C LYS A 178 -43.97 21.65 -21.28
N ASN A 179 -42.76 21.93 -21.76
CA ASN A 179 -42.54 22.99 -22.72
C ASN A 179 -42.11 22.35 -24.04
N TYR A 180 -42.97 22.47 -25.06
CA TYR A 180 -42.76 21.86 -26.38
C TYR A 180 -42.02 22.84 -27.29
N PHE A 181 -40.89 22.39 -27.87
CA PHE A 181 -40.12 23.21 -28.81
C PHE A 181 -39.92 22.60 -30.19
N ILE A 182 -39.70 23.46 -31.19
CA ILE A 182 -39.45 23.07 -32.60
C ILE A 182 -38.31 23.95 -33.15
N ILE A 183 -37.35 23.31 -33.83
CA ILE A 183 -36.22 23.99 -34.41
C ILE A 183 -36.09 23.58 -35.88
N GLU A 184 -36.03 24.58 -36.77
CA GLU A 184 -35.91 24.38 -38.21
C GLU A 184 -34.62 25.03 -38.76
N PHE A 185 -33.77 24.21 -39.39
CA PHE A 185 -32.52 24.68 -40.01
C PHE A 185 -32.71 24.92 -41.50
N ASP A 186 -32.02 25.91 -42.04
CA ASP A 186 -32.03 26.15 -43.48
C ASP A 186 -30.97 25.34 -44.24
N LYS A 187 -30.24 24.48 -43.53
CA LYS A 187 -29.16 23.70 -44.14
C LYS A 187 -29.27 22.21 -43.78
N PRO A 188 -29.29 21.31 -44.79
CA PRO A 188 -29.52 19.86 -44.57
C PRO A 188 -28.44 19.20 -43.71
N PHE A 189 -28.85 18.21 -42.92
CA PHE A 189 -27.93 17.52 -42.02
C PHE A 189 -27.16 16.47 -42.79
N THR A 190 -25.87 16.39 -42.52
CA THR A 190 -25.01 15.37 -43.07
C THR A 190 -24.59 14.43 -41.95
N TYR A 191 -24.86 14.87 -40.72
CA TYR A 191 -24.65 14.08 -39.53
C TYR A 191 -25.85 14.29 -38.59
N LYS A 192 -26.27 13.21 -37.93
CA LYS A 192 -27.37 13.28 -36.98
C LYS A 192 -27.19 12.23 -35.88
N ALA A 193 -27.43 12.67 -34.65
CA ALA A 193 -27.30 11.79 -33.50
C ALA A 193 -28.17 12.38 -32.41
N THR A 194 -28.86 11.50 -31.68
CA THR A 194 -29.50 11.89 -30.42
C THR A 194 -28.62 11.41 -29.28
N VAL A 195 -28.87 11.97 -28.10
CA VAL A 195 -28.06 11.71 -26.92
C VAL A 195 -28.99 11.23 -25.80
N GLU A 196 -28.58 10.15 -25.15
CA GLU A 196 -29.36 9.56 -24.07
C GLU A 196 -28.49 9.51 -22.81
N ASN A 197 -28.83 10.37 -21.85
CA ASN A 197 -28.08 10.52 -20.60
C ASN A 197 -26.57 10.56 -20.80
N GLY A 198 -26.14 11.34 -21.80
CA GLY A 198 -24.72 11.55 -22.09
C GLY A 198 -24.10 10.62 -23.11
N ASN A 199 -24.82 9.55 -23.46
CA ASN A 199 -24.35 8.59 -24.46
CA ASN A 199 -24.36 8.58 -24.45
C ASN A 199 -24.78 8.98 -25.87
N LEU A 200 -23.78 9.21 -26.72
CA LEU A 200 -24.02 9.63 -28.10
C LEU A 200 -24.45 8.47 -29.00
N GLN A 201 -25.58 8.67 -29.70
CA GLN A 201 -26.19 7.62 -30.53
C GLN A 201 -26.56 8.09 -31.93
N GLU A 202 -25.61 7.90 -32.84
CA GLU A 202 -25.73 8.32 -34.23
C GLU A 202 -26.84 7.56 -34.95
N ASN A 203 -27.60 8.29 -35.76
CA ASN A 203 -28.73 7.76 -36.57
C ASN A 203 -29.90 7.14 -35.78
N VAL A 204 -29.88 7.31 -34.46
CA VAL A 204 -31.05 7.02 -33.63
C VAL A 204 -31.88 8.31 -33.58
N ALA A 205 -33.15 8.20 -33.98
CA ALA A 205 -33.99 9.37 -34.23
C ALA A 205 -34.63 10.01 -32.99
N GLU A 206 -34.83 9.23 -31.94
CA GLU A 206 -35.74 9.60 -30.85
C GLU A 206 -35.19 9.16 -29.48
N GLN A 207 -35.36 10.01 -28.45
CA GLN A 207 -35.12 9.60 -27.05
C GLN A 207 -36.23 10.09 -26.13
N THR A 208 -36.59 9.28 -25.14
CA THR A 208 -37.47 9.69 -24.05
C THR A 208 -36.82 9.22 -22.75
N THR A 209 -36.18 10.15 -22.05
CA THR A 209 -35.23 9.78 -21.01
C THR A 209 -34.98 10.93 -20.05
N ASP A 210 -34.28 10.68 -18.95
CA ASP A 210 -33.97 11.74 -17.99
C ASP A 210 -33.38 12.98 -18.69
N HIS A 211 -32.27 12.79 -19.40
CA HIS A 211 -31.62 13.90 -20.08
C HIS A 211 -31.47 13.65 -21.58
N ALA A 212 -32.40 14.19 -22.37
CA ALA A 212 -32.36 14.02 -23.82
C ALA A 212 -31.62 15.18 -24.52
N GLY A 213 -30.99 14.85 -25.66
CA GLY A 213 -30.31 15.84 -26.50
C GLY A 213 -30.14 15.42 -27.95
N ALA A 214 -29.72 16.35 -28.80
CA ALA A 214 -29.45 16.06 -30.21
C ALA A 214 -28.18 16.77 -30.68
N ILE A 215 -27.47 16.12 -31.59
CA ILE A 215 -26.35 16.78 -32.30
C ILE A 215 -26.51 16.58 -33.80
N ILE A 216 -26.64 17.67 -34.56
CA ILE A 216 -26.66 17.57 -36.01
C ILE A 216 -25.44 18.24 -36.63
N GLY A 217 -25.02 17.76 -37.79
CA GLY A 217 -23.78 18.23 -38.39
C GLY A 217 -23.81 18.45 -39.89
N PHE A 218 -22.75 19.11 -40.37
CA PHE A 218 -22.55 19.40 -41.79
C PHE A 218 -21.18 20.00 -42.04
N LYS A 219 -20.86 20.13 -43.32
CA LYS A 219 -19.62 20.75 -43.78
C LYS A 219 -19.88 22.21 -44.03
N THR A 220 -18.93 23.06 -43.62
CA THR A 220 -19.06 24.49 -43.85
C THR A 220 -17.84 25.11 -44.53
N ARG A 221 -18.11 26.09 -45.40
CA ARG A 221 -17.11 26.97 -45.98
C ARG A 221 -16.87 28.09 -44.99
N LYS A 222 -15.75 28.78 -45.14
CA LYS A 222 -15.42 29.94 -44.33
C LYS A 222 -16.51 31.01 -44.39
N GLY A 223 -17.04 31.39 -43.23
CA GLY A 223 -18.05 32.43 -43.15
C GLY A 223 -19.45 31.97 -43.53
N GLU A 224 -19.63 30.67 -43.77
CA GLU A 224 -20.94 30.16 -44.13
C GLU A 224 -21.93 30.32 -42.97
N GLN A 225 -23.10 30.88 -43.29
CA GLN A 225 -24.15 31.11 -42.29
C GLN A 225 -25.25 30.05 -42.33
N VAL A 226 -25.62 29.57 -41.15
CA VAL A 226 -26.71 28.61 -40.94
C VAL A 226 -27.75 29.23 -39.99
N ASN A 227 -29.00 29.28 -40.43
CA ASN A 227 -30.08 29.85 -39.64
C ASN A 227 -30.95 28.77 -38.98
N ALA A 228 -31.38 29.03 -37.75
CA ALA A 228 -32.25 28.13 -37.01
C ALA A 228 -33.44 28.91 -36.50
N ARG A 229 -34.63 28.54 -36.96
CA ARG A 229 -35.87 29.13 -36.49
C ARG A 229 -36.39 28.28 -35.32
N ILE A 230 -36.70 28.94 -34.19
CA ILE A 230 -37.09 28.24 -32.95
C ILE A 230 -38.34 28.87 -32.33
N ALA A 231 -39.30 28.02 -31.94
CA ALA A 231 -40.47 28.45 -31.18
C ALA A 231 -40.78 27.41 -30.09
N SER A 232 -41.46 27.85 -29.03
CA SER A 232 -41.97 26.89 -28.04
C SER A 232 -43.35 27.24 -27.55
N SER A 233 -43.95 26.31 -26.82
CA SER A 233 -45.33 26.41 -26.36
C SER A 233 -45.52 25.61 -25.07
N PHE A 234 -46.49 26.03 -24.26
CA PHE A 234 -46.81 25.28 -23.05
C PHE A 234 -48.05 24.40 -23.26
N ILE A 235 -48.54 24.39 -24.51
CA ILE A 235 -49.76 23.68 -24.88
C ILE A 235 -49.52 22.39 -25.69
N SER A 236 -48.80 22.50 -26.81
CA SER A 236 -48.55 21.37 -27.70
C SER A 236 -47.56 21.72 -28.80
N PHE A 237 -47.13 20.70 -29.55
CA PHE A 237 -46.30 20.88 -30.73
C PHE A 237 -47.01 21.68 -31.82
N GLU A 238 -48.30 21.40 -32.03
CA GLU A 238 -49.09 22.10 -33.05
C GLU A 238 -49.11 23.59 -32.73
N GLN A 239 -49.23 23.91 -31.44
CA GLN A 239 -49.25 25.31 -31.00
C GLN A 239 -47.87 25.95 -31.08
N ALA A 240 -46.82 25.17 -30.80
CA ALA A 240 -45.45 25.64 -31.03
C ALA A 240 -45.19 25.97 -32.51
N ALA A 241 -45.69 25.12 -33.41
CA ALA A 241 -45.63 25.40 -34.85
C ALA A 241 -46.37 26.68 -35.25
N ALA A 242 -47.54 26.93 -34.66
CA ALA A 242 -48.26 28.19 -34.86
C ALA A 242 -47.47 29.40 -34.36
N ASN A 243 -46.90 29.31 -33.15
CA ASN A 243 -46.03 30.34 -32.57
C ASN A 243 -44.84 30.72 -33.48
N MET A 244 -44.34 29.73 -34.24
CA MET A 244 -43.22 29.92 -35.16
C MET A 244 -43.52 30.99 -36.22
N ASN A 245 -44.78 31.10 -36.63
CA ASN A 245 -45.19 32.10 -37.63
C ASN A 245 -44.89 33.54 -37.26
N GLU A 246 -44.72 33.79 -35.96
CA GLU A 246 -44.26 35.08 -35.48
C GLU A 246 -43.01 35.56 -36.23
N LEU A 247 -42.16 34.61 -36.63
CA LEU A 247 -40.94 34.93 -37.37
C LEU A 247 -41.17 35.29 -38.84
N GLY A 248 -42.32 34.89 -39.40
CA GLY A 248 -42.60 35.03 -40.85
C GLY A 248 -41.47 34.42 -41.66
N LYS A 249 -40.97 35.17 -42.63
CA LYS A 249 -39.79 34.76 -43.41
C LYS A 249 -38.60 35.69 -43.17
N ASP A 250 -38.69 36.50 -42.12
CA ASP A 250 -37.67 37.50 -41.79
C ASP A 250 -36.29 36.93 -41.53
N ASN A 251 -35.26 37.70 -41.83
CA ASN A 251 -33.89 37.35 -41.50
C ASN A 251 -33.47 38.11 -40.23
N ILE A 252 -32.24 37.90 -39.76
CA ILE A 252 -31.73 38.56 -38.56
C ILE A 252 -31.90 40.09 -38.56
N GLU A 253 -31.54 40.74 -39.68
CA GLU A 253 -31.65 42.20 -39.81
C GLU A 253 -33.09 42.71 -39.67
N GLN A 254 -34.04 42.01 -40.29
CA GLN A 254 -35.43 42.44 -40.25
C GLN A 254 -36.07 42.21 -38.88
N LEU A 255 -35.76 41.08 -38.25
CA LEU A 255 -36.30 40.82 -36.91
C LEU A 255 -35.69 41.75 -35.85
N ALA A 256 -34.40 42.06 -35.98
CA ALA A 256 -33.75 43.00 -35.07
C ALA A 256 -34.47 44.34 -35.13
N GLN A 257 -34.77 44.80 -36.34
CA GLN A 257 -35.45 46.08 -36.56
C GLN A 257 -36.82 46.09 -35.91
N LYS A 258 -37.53 44.98 -36.05
CA LYS A 258 -38.85 44.84 -35.48
C LYS A 258 -38.81 44.87 -33.95
N GLY A 259 -37.84 44.17 -33.36
CA GLY A 259 -37.65 44.20 -31.90
C GLY A 259 -37.24 45.58 -31.39
N LYS A 260 -36.36 46.25 -32.12
CA LYS A 260 -35.91 47.60 -31.78
C LYS A 260 -37.09 48.56 -31.80
N ASP A 261 -37.96 48.39 -32.80
CA ASP A 261 -39.20 49.17 -32.92
C ASP A 261 -40.20 48.92 -31.78
N ALA A 262 -40.38 47.65 -31.38
CA ALA A 262 -41.25 47.29 -30.27
C ALA A 262 -40.74 47.87 -28.97
N TRP A 263 -39.42 47.90 -28.76
CA TRP A 263 -38.86 48.51 -27.54
C TRP A 263 -38.94 50.05 -27.55
N ASN A 264 -38.64 50.66 -28.70
CA ASN A 264 -38.77 52.11 -28.81
C ASN A 264 -40.20 52.60 -28.63
N GLN A 265 -41.16 51.76 -29.02
CA GLN A 265 -42.58 52.05 -28.80
C GLN A 265 -42.89 52.25 -27.32
N VAL A 266 -42.38 51.35 -26.47
CA VAL A 266 -42.64 51.47 -25.01
C VAL A 266 -41.67 52.38 -24.26
N LEU A 267 -40.38 52.30 -24.55
CA LEU A 267 -39.42 53.16 -23.86
C LEU A 267 -39.71 54.62 -24.18
N GLY A 268 -40.13 54.86 -25.41
CA GLY A 268 -40.39 56.21 -25.90
C GLY A 268 -41.64 56.88 -25.37
N LYS A 269 -42.40 56.19 -24.52
CA LYS A 269 -43.53 56.82 -23.85
C LYS A 269 -43.05 57.81 -22.77
N ILE A 270 -41.76 57.69 -22.43
CA ILE A 270 -41.08 58.60 -21.50
C ILE A 270 -39.79 59.14 -22.15
N GLU A 271 -39.78 60.43 -22.46
CA GLU A 271 -38.60 61.06 -23.05
C GLU A 271 -37.93 61.96 -22.02
N VAL A 272 -36.68 61.68 -21.70
CA VAL A 272 -35.94 62.57 -20.83
C VAL A 272 -34.84 63.31 -21.59
N GLU A 273 -34.54 64.54 -21.17
CA GLU A 273 -33.40 65.29 -21.73
C GLU A 273 -32.77 66.22 -20.70
N GLY A 274 -31.60 66.76 -21.04
CA GLY A 274 -30.86 67.62 -20.13
C GLY A 274 -30.18 66.86 -19.00
N GLY A 275 -29.76 65.62 -19.28
CA GLY A 275 -28.93 64.85 -18.35
C GLY A 275 -27.61 64.44 -18.99
N ASN A 276 -26.80 63.69 -18.26
CA ASN A 276 -25.56 63.14 -18.82
C ASN A 276 -25.78 61.70 -19.27
N LEU A 277 -24.84 61.15 -20.03
CA LEU A 277 -24.94 59.78 -20.56
C LEU A 277 -25.13 58.68 -19.51
N ASP A 278 -24.48 58.81 -18.35
CA ASP A 278 -24.69 57.85 -17.24
C ASP A 278 -26.16 57.79 -16.86
N GLN A 279 -26.77 58.96 -16.69
CA GLN A 279 -28.15 59.07 -16.29
C GLN A 279 -29.09 58.50 -17.35
N TYR A 280 -28.88 58.86 -18.62
CA TYR A 280 -29.68 58.26 -19.70
C TYR A 280 -29.63 56.73 -19.68
N ARG A 281 -28.42 56.18 -19.55
CA ARG A 281 -28.21 54.74 -19.52
C ARG A 281 -28.89 54.08 -18.32
N THR A 282 -28.71 54.69 -17.16
CA THR A 282 -29.31 54.19 -15.93
C THR A 282 -30.85 54.25 -16.00
N PHE A 283 -31.37 55.32 -16.57
CA PHE A 283 -32.82 55.50 -16.66
C PHE A 283 -33.47 54.48 -17.59
N TYR A 284 -33.01 54.44 -18.84
CA TYR A 284 -33.60 53.55 -19.84
C TYR A 284 -33.37 52.06 -19.59
N SER A 285 -32.25 51.71 -18.93
CA SER A 285 -31.97 50.32 -18.53
C SER A 285 -32.98 49.88 -17.46
N CYS A 286 -33.21 50.76 -16.50
CA CYS A 286 -34.21 50.57 -15.46
C CYS A 286 -35.60 50.45 -16.08
N LEU A 287 -35.91 51.30 -17.06
CA LEU A 287 -37.20 51.21 -17.74
C LEU A 287 -37.37 49.88 -18.50
N TYR A 288 -36.33 49.46 -19.24
CA TYR A 288 -36.33 48.13 -19.88
C TYR A 288 -36.66 47.02 -18.86
N ARG A 289 -36.00 47.06 -17.71
CA ARG A 289 -36.21 46.07 -16.64
C ARG A 289 -37.62 46.09 -16.04
N SER A 290 -38.30 47.22 -16.17
CA SER A 290 -39.65 47.38 -15.66
C SER A 290 -40.71 46.88 -16.62
N LEU A 291 -40.30 46.43 -17.80
CA LEU A 291 -41.24 46.07 -18.86
C LEU A 291 -41.10 44.60 -19.28
N LEU A 292 -40.69 43.76 -18.33
CA LEU A 292 -40.39 42.35 -18.60
C LEU A 292 -41.29 41.42 -17.79
N PHE A 293 -41.49 41.72 -16.51
CA PHE A 293 -42.26 40.88 -15.63
C PHE A 293 -43.54 41.59 -15.17
N PRO A 294 -44.65 40.84 -14.97
CA PRO A 294 -44.80 39.43 -15.29
C PRO A 294 -44.83 39.21 -16.81
N ARG A 295 -44.35 38.06 -17.23
CA ARG A 295 -44.36 37.67 -18.63
C ARG A 295 -45.75 37.24 -19.08
N LYS A 296 -46.04 37.41 -20.37
CA LYS A 296 -47.20 36.79 -20.97
C LYS A 296 -47.08 35.28 -20.79
N PHE A 297 -48.18 34.62 -20.45
CA PHE A 297 -48.19 33.18 -20.35
C PHE A 297 -49.34 32.59 -21.20
N TYR A 298 -49.77 33.40 -22.18
CA TYR A 298 -50.81 32.98 -23.10
C TYR A 298 -50.29 32.94 -24.53
N GLU A 299 -51.00 32.21 -25.37
CA GLU A 299 -50.66 31.98 -26.76
C GLU A 299 -51.90 32.28 -27.64
N LEU A 300 -51.74 32.34 -28.95
CA LEU A 300 -52.83 32.73 -29.83
C LEU A 300 -53.36 31.55 -30.63
N ASP A 301 -54.67 31.32 -30.55
CA ASP A 301 -55.31 30.28 -31.35
C ASP A 301 -55.46 30.73 -32.81
N ALA A 302 -56.11 29.89 -33.63
CA ALA A 302 -56.23 30.16 -35.07
C ALA A 302 -57.05 31.41 -35.40
N ASN A 303 -57.91 31.85 -34.48
CA ASN A 303 -58.68 33.07 -34.66
C ASN A 303 -58.01 34.31 -34.04
N GLY A 304 -56.75 34.14 -33.60
CA GLY A 304 -55.99 35.21 -32.97
C GLY A 304 -56.46 35.58 -31.57
N GLN A 305 -57.12 34.65 -30.90
CA GLN A 305 -57.69 34.87 -29.57
C GLN A 305 -56.82 34.21 -28.51
N PRO A 306 -56.72 34.82 -27.31
CA PRO A 306 -55.80 34.27 -26.32
C PRO A 306 -56.29 32.97 -25.69
N ILE A 307 -55.39 31.98 -25.62
CA ILE A 307 -55.62 30.76 -24.85
C ILE A 307 -54.37 30.53 -24.02
N HIS A 308 -54.48 29.72 -22.97
CA HIS A 308 -53.34 29.43 -22.11
C HIS A 308 -53.35 28.06 -21.47
N TYR A 309 -52.16 27.46 -21.35
CA TYR A 309 -51.94 26.37 -20.43
C TYR A 309 -51.99 26.97 -19.03
N SER A 310 -52.72 26.30 -18.12
CA SER A 310 -52.81 26.74 -16.74
C SER A 310 -51.69 26.15 -15.89
N PRO A 311 -50.80 27.00 -15.37
CA PRO A 311 -49.77 26.53 -14.46
C PRO A 311 -50.36 26.20 -13.08
N TYR A 312 -51.67 26.41 -12.96
CA TYR A 312 -52.41 26.20 -11.72
C TYR A 312 -53.19 24.88 -11.70
N ASN A 313 -53.86 24.53 -12.79
CA ASN A 313 -54.62 23.27 -12.82
C ASN A 313 -54.32 22.35 -14.00
N GLY A 314 -53.40 22.77 -14.87
CA GLY A 314 -52.91 21.92 -15.94
C GLY A 314 -53.82 21.77 -17.15
N GLN A 315 -54.90 22.52 -17.20
CA GLN A 315 -55.78 22.48 -18.37
C GLN A 315 -55.43 23.62 -19.30
N VAL A 316 -55.84 23.49 -20.57
CA VAL A 316 -55.71 24.55 -21.58
C VAL A 316 -57.06 25.27 -21.67
N LEU A 317 -57.08 26.54 -21.28
CA LEU A 317 -58.31 27.33 -21.15
C LEU A 317 -58.21 28.66 -21.91
N PRO A 318 -59.37 29.24 -22.28
CA PRO A 318 -59.38 30.55 -22.95
C PRO A 318 -58.96 31.70 -22.03
N GLY A 319 -58.50 32.80 -22.64
CA GLY A 319 -58.26 34.04 -21.93
C GLY A 319 -56.81 34.30 -21.57
N TYR A 320 -56.60 35.45 -20.92
CA TYR A 320 -55.27 35.92 -20.54
C TYR A 320 -54.69 35.14 -19.35
N MET A 321 -53.36 35.14 -19.27
CA MET A 321 -52.62 34.58 -18.15
C MET A 321 -51.24 35.19 -18.24
N PHE A 322 -50.73 35.60 -17.07
CA PHE A 322 -49.35 36.11 -16.90
C PHE A 322 -48.75 35.43 -15.66
N THR A 323 -47.42 35.44 -15.54
CA THR A 323 -46.76 34.89 -14.36
C THR A 323 -45.33 35.45 -14.16
N ASP A 324 -44.63 34.91 -13.17
CA ASP A 324 -43.24 35.26 -12.79
C ASP A 324 -43.10 36.64 -12.15
N THR A 325 -43.83 36.81 -11.05
CA THR A 325 -43.73 38.00 -10.24
C THR A 325 -44.15 37.72 -8.80
N GLY A 326 -43.48 38.38 -7.87
CA GLY A 326 -43.86 38.33 -6.47
C GLY A 326 -44.43 39.68 -6.07
N PHE A 327 -45.71 39.71 -5.73
CA PHE A 327 -46.39 40.95 -5.36
C PHE A 327 -45.78 41.64 -4.15
N TRP A 328 -45.20 40.87 -3.22
CA TRP A 328 -44.46 41.46 -2.10
C TRP A 328 -43.46 42.54 -2.60
N ASP A 329 -42.84 42.28 -3.75
CA ASP A 329 -41.96 43.25 -4.45
C ASP A 329 -42.74 44.34 -5.18
N THR A 330 -43.63 43.90 -6.06
CA THR A 330 -44.07 44.72 -7.19
C THR A 330 -45.39 45.47 -7.01
N PHE A 331 -46.06 45.27 -5.88
CA PHE A 331 -47.17 46.17 -5.49
C PHE A 331 -46.67 47.59 -5.28
N ARG A 332 -45.42 47.71 -4.82
CA ARG A 332 -44.89 48.97 -4.33
C ARG A 332 -44.85 50.11 -5.35
N CYS A 333 -44.25 49.89 -6.52
CA CYS A 333 -44.31 50.85 -7.64
C CYS A 333 -44.25 50.25 -9.04
N LEU A 334 -43.91 48.96 -9.17
CA LEU A 334 -43.87 48.36 -10.49
C LEU A 334 -45.25 48.40 -11.16
N PHE A 335 -46.24 47.80 -10.51
CA PHE A 335 -47.58 47.81 -11.07
C PHE A 335 -48.17 49.24 -11.19
N PRO A 336 -47.95 50.10 -10.18
CA PRO A 336 -48.36 51.51 -10.35
C PRO A 336 -47.82 52.20 -11.61
N LEU A 337 -46.56 51.93 -11.95
CA LEU A 337 -45.99 52.42 -13.21
C LEU A 337 -46.78 51.93 -14.41
N LEU A 338 -47.24 50.67 -14.36
CA LEU A 338 -48.08 50.13 -15.44
C LEU A 338 -49.43 50.84 -15.52
N ASN A 339 -50.03 51.13 -14.36
CA ASN A 339 -51.28 51.87 -14.32
C ASN A 339 -51.16 53.31 -14.81
N LEU A 340 -50.00 53.94 -14.61
CA LEU A 340 -49.78 55.30 -15.12
C LEU A 340 -49.51 55.32 -16.63
N MET A 341 -48.56 54.51 -17.08
CA MET A 341 -48.01 54.58 -18.42
C MET A 341 -48.45 53.48 -19.40
N TYR A 342 -48.90 52.34 -18.87
CA TYR A 342 -49.19 51.17 -19.73
C TYR A 342 -50.51 50.50 -19.35
N PRO A 343 -51.58 51.31 -19.12
CA PRO A 343 -52.81 50.74 -18.56
C PRO A 343 -53.38 49.58 -19.38
N SER A 344 -53.28 49.64 -20.70
CA SER A 344 -53.76 48.56 -21.56
C SER A 344 -53.03 47.22 -21.35
N VAL A 345 -51.79 47.29 -20.85
CA VAL A 345 -51.02 46.10 -20.55
C VAL A 345 -51.50 45.51 -19.22
N ASN A 346 -51.67 46.37 -18.20
CA ASN A 346 -52.19 45.90 -16.91
C ASN A 346 -53.59 45.31 -17.01
N LYS A 347 -54.39 45.80 -17.95
CA LYS A 347 -55.72 45.27 -18.21
C LYS A 347 -55.66 43.77 -18.53
N GLU A 348 -54.74 43.39 -19.41
CA GLU A 348 -54.47 41.98 -19.73
C GLU A 348 -54.03 41.21 -18.47
N MET A 349 -53.18 41.84 -17.66
CA MET A 349 -52.62 41.19 -16.47
C MET A 349 -53.68 40.93 -15.40
N GLN A 350 -54.56 41.91 -15.21
CA GLN A 350 -55.64 41.83 -14.24
C GLN A 350 -56.65 40.74 -14.62
N GLU A 351 -56.96 40.62 -15.91
CA GLU A 351 -57.80 39.53 -16.42
C GLU A 351 -57.15 38.19 -16.12
N GLY A 352 -55.82 38.13 -16.29
CA GLY A 352 -55.03 36.95 -15.95
C GLY A 352 -55.11 36.57 -14.48
N LEU A 353 -55.14 37.58 -13.60
CA LEU A 353 -55.31 37.32 -12.17
C LEU A 353 -56.70 36.76 -11.84
N ILE A 354 -57.74 37.20 -12.54
CA ILE A 354 -59.07 36.63 -12.37
C ILE A 354 -59.00 35.14 -12.73
N ASN A 355 -58.27 34.82 -13.79
CA ASN A 355 -58.06 33.43 -14.18
C ASN A 355 -57.22 32.58 -13.21
N THR A 356 -56.27 33.20 -12.51
CA THR A 356 -55.52 32.48 -11.47
C THR A 356 -56.49 32.04 -10.38
N TYR A 357 -57.36 32.96 -9.97
CA TYR A 357 -58.31 32.68 -8.92
C TYR A 357 -59.33 31.60 -9.32
N LEU A 358 -59.83 31.68 -10.54
CA LEU A 358 -60.80 30.70 -11.03
C LEU A 358 -60.21 29.32 -11.13
N GLU A 359 -58.95 29.22 -11.53
CA GLU A 359 -58.32 27.93 -11.82
C GLU A 359 -57.63 27.28 -10.60
N SER A 360 -57.36 28.09 -9.57
CA SER A 360 -56.54 27.67 -8.44
C SER A 360 -57.23 27.84 -7.09
N GLY A 361 -58.22 28.73 -7.04
CA GLY A 361 -58.95 29.00 -5.80
C GLY A 361 -58.44 30.22 -5.02
N PHE A 362 -57.23 30.67 -5.32
CA PHE A 362 -56.63 31.86 -4.70
C PHE A 362 -56.08 32.84 -5.75
N PHE A 363 -55.96 34.12 -5.37
CA PHE A 363 -55.11 35.05 -6.12
C PHE A 363 -53.67 34.72 -5.77
N PRO A 364 -52.73 34.96 -6.69
CA PRO A 364 -51.34 34.65 -6.36
C PRO A 364 -50.68 35.71 -5.48
N GLU A 365 -49.58 35.34 -4.84
CA GLU A 365 -48.69 36.33 -4.22
C GLU A 365 -47.33 36.20 -4.87
N TRP A 366 -46.72 35.02 -4.77
CA TRP A 366 -45.59 34.64 -5.62
C TRP A 366 -45.98 33.54 -6.62
N ALA A 367 -45.81 33.83 -7.91
CA ALA A 367 -46.15 32.88 -9.00
C ALA A 367 -44.96 32.67 -9.92
N SER A 368 -44.59 31.41 -10.10
CA SER A 368 -43.50 31.02 -10.99
C SER A 368 -43.46 29.52 -11.33
N PRO A 369 -44.26 29.08 -12.32
CA PRO A 369 -45.39 29.76 -12.98
C PRO A 369 -46.69 29.68 -12.15
N GLY A 370 -46.86 28.60 -11.39
CA GLY A 370 -47.97 28.43 -10.45
C GLY A 370 -47.59 28.96 -9.07
N HIS A 371 -48.41 28.67 -8.06
CA HIS A 371 -48.13 29.19 -6.71
C HIS A 371 -46.80 28.68 -6.16
N ARG A 372 -45.98 29.60 -5.67
CA ARG A 372 -44.70 29.26 -5.06
C ARG A 372 -44.64 29.81 -3.64
N GLY A 373 -43.98 29.06 -2.75
CA GLY A 373 -43.84 29.47 -1.36
C GLY A 373 -42.68 30.43 -1.18
N CYS A 374 -42.98 31.72 -1.09
CA CYS A 374 -41.97 32.78 -1.00
C CYS A 374 -42.54 34.12 -0.53
N MET A 375 -41.86 34.73 0.45
CA MET A 375 -42.20 36.03 1.05
C MET A 375 -43.48 35.99 1.88
N VAL A 376 -44.15 37.13 2.03
CA VAL A 376 -45.26 37.31 2.97
C VAL A 376 -46.25 38.34 2.48
N GLY A 377 -47.33 38.54 3.24
CA GLY A 377 -48.33 39.57 2.95
C GLY A 377 -49.45 39.08 2.06
N ASN A 378 -50.50 39.88 1.95
CA ASN A 378 -51.64 39.61 1.08
C ASN A 378 -51.75 40.73 0.03
N ASN A 379 -50.61 41.11 -0.55
CA ASN A 379 -50.51 42.31 -1.36
C ASN A 379 -51.10 42.27 -2.77
N SER A 380 -51.59 41.09 -3.20
CA SER A 380 -52.47 41.04 -4.38
C SER A 380 -53.65 42.02 -4.21
N ALA A 381 -54.13 42.20 -2.98
CA ALA A 381 -55.17 43.18 -2.72
C ALA A 381 -54.79 44.59 -3.22
N SER A 382 -53.57 45.04 -2.94
CA SER A 382 -53.10 46.34 -3.42
C SER A 382 -53.09 46.41 -4.97
N ILE A 383 -52.48 45.41 -5.62
CA ILE A 383 -52.48 45.28 -7.07
C ILE A 383 -53.87 45.38 -7.68
N LEU A 384 -54.78 44.54 -7.18
CA LEU A 384 -56.10 44.44 -7.77
C LEU A 384 -56.89 45.73 -7.61
N VAL A 385 -56.87 46.27 -6.38
CA VAL A 385 -57.61 47.48 -6.04
C VAL A 385 -57.01 48.72 -6.72
N ASP A 386 -55.68 48.82 -6.74
CA ASP A 386 -55.03 49.98 -7.38
C ASP A 386 -55.40 50.09 -8.87
N ALA A 387 -55.41 48.95 -9.56
CA ALA A 387 -55.75 48.93 -10.97
C ALA A 387 -57.17 49.43 -11.13
N TYR A 388 -58.09 48.89 -10.33
CA TYR A 388 -59.50 49.23 -10.42
C TYR A 388 -59.71 50.73 -10.18
N MET A 389 -59.10 51.26 -9.13
CA MET A 389 -59.24 52.66 -8.76
C MET A 389 -58.64 53.64 -9.76
N LYS A 390 -57.76 53.15 -10.62
CA LYS A 390 -57.19 53.97 -11.68
C LYS A 390 -57.75 53.60 -13.06
N GLY A 391 -58.98 53.08 -13.07
CA GLY A 391 -59.71 52.84 -14.31
C GLY A 391 -59.30 51.61 -15.11
N VAL A 392 -58.53 50.71 -14.50
CA VAL A 392 -58.21 49.43 -15.14
C VAL A 392 -59.14 48.35 -14.54
N LYS A 393 -60.26 48.14 -15.21
CA LYS A 393 -61.37 47.39 -14.63
C LYS A 393 -61.63 46.06 -15.33
N VAL A 394 -61.52 44.96 -14.59
CA VAL A 394 -61.85 43.64 -15.14
C VAL A 394 -63.34 43.52 -15.50
N ASP A 395 -63.65 42.61 -16.43
CA ASP A 395 -65.05 42.29 -16.77
C ASP A 395 -65.86 41.80 -15.56
N ASP A 396 -65.28 40.86 -14.80
CA ASP A 396 -65.96 40.16 -13.71
C ASP A 396 -65.66 40.74 -12.34
N ILE A 397 -66.28 41.86 -12.02
CA ILE A 397 -66.09 42.53 -10.72
C ILE A 397 -66.62 41.67 -9.56
N LYS A 398 -67.67 40.89 -9.82
CA LYS A 398 -68.23 40.01 -8.80
C LYS A 398 -67.18 39.02 -8.28
N THR A 399 -66.55 38.30 -9.20
CA THR A 399 -65.47 37.37 -8.89
C THR A 399 -64.29 38.09 -8.24
N LEU A 400 -63.99 39.30 -8.72
CA LEU A 400 -62.90 40.11 -8.16
C LEU A 400 -63.04 40.29 -6.64
N TYR A 401 -64.21 40.74 -6.22
CA TYR A 401 -64.44 41.01 -4.81
C TYR A 401 -64.43 39.73 -3.98
N GLU A 402 -65.12 38.70 -4.49
CA GLU A 402 -65.19 37.40 -3.81
C GLU A 402 -63.79 36.83 -3.58
N GLY A 403 -62.95 36.93 -4.61
CA GLY A 403 -61.56 36.49 -4.52
C GLY A 403 -60.78 37.20 -3.42
N LEU A 404 -61.00 38.51 -3.31
CA LEU A 404 -60.38 39.31 -2.24
C LEU A 404 -60.83 38.86 -0.83
N ILE A 405 -62.13 38.71 -0.63
CA ILE A 405 -62.67 38.21 0.64
C ILE A 405 -62.14 36.79 0.95
N HIS A 406 -62.10 35.92 -0.06
CA HIS A 406 -61.56 34.57 0.11
C HIS A 406 -60.15 34.59 0.73
N GLY A 407 -59.30 35.48 0.21
CA GLY A 407 -57.91 35.57 0.63
C GLY A 407 -57.72 35.98 2.08
N THR A 408 -58.71 36.70 2.63
CA THR A 408 -58.67 37.21 3.99
C THR A 408 -58.99 36.15 5.06
N GLU A 409 -59.62 35.05 4.67
CA GLU A 409 -59.95 34.02 5.65
C GLU A 409 -59.56 32.60 5.25
N ASN A 410 -58.58 32.49 4.35
CA ASN A 410 -58.06 31.21 3.92
C ASN A 410 -56.56 31.30 3.66
N VAL A 411 -55.85 30.22 3.91
CA VAL A 411 -54.44 30.10 3.54
C VAL A 411 -54.27 28.83 2.69
N HIS A 412 -53.48 28.91 1.62
CA HIS A 412 -53.28 27.76 0.76
C HIS A 412 -52.69 26.59 1.54
N PRO A 413 -53.31 25.40 1.43
CA PRO A 413 -52.85 24.22 2.19
C PRO A 413 -51.41 23.75 1.88
N GLU A 414 -50.92 23.99 0.67
CA GLU A 414 -49.54 23.62 0.35
C GLU A 414 -48.57 24.80 0.26
N VAL A 415 -49.09 26.00 0.03
CA VAL A 415 -48.26 27.18 -0.20
C VAL A 415 -48.62 28.29 0.81
N SER A 416 -47.82 28.42 1.86
CA SER A 416 -48.19 29.24 3.02
C SER A 416 -48.15 30.76 2.77
N SER A 417 -47.52 31.17 1.67
CA SER A 417 -47.45 32.60 1.31
C SER A 417 -48.60 33.00 0.39
N THR A 418 -49.46 32.04 0.08
CA THR A 418 -50.66 32.25 -0.73
C THR A 418 -51.88 32.20 0.20
N GLY A 419 -52.70 33.24 0.14
CA GLY A 419 -53.71 33.49 1.17
C GLY A 419 -53.00 34.08 2.37
N ARG A 420 -53.70 34.20 3.49
CA ARG A 420 -53.14 34.82 4.70
C ARG A 420 -52.83 33.82 5.83
N LEU A 421 -51.60 33.35 5.91
CA LEU A 421 -51.16 32.56 7.06
C LEU A 421 -51.33 33.38 8.34
N GLY A 422 -52.00 32.81 9.34
CA GLY A 422 -52.24 33.49 10.61
C GLY A 422 -53.48 34.37 10.63
N TYR A 423 -54.36 34.19 9.64
CA TYR A 423 -55.61 34.97 9.56
C TYR A 423 -56.48 34.82 10.80
N GLU A 424 -56.50 33.62 11.38
CA GLU A 424 -57.33 33.32 12.55
C GLU A 424 -56.93 34.16 13.76
N TYR A 425 -55.64 34.15 14.10
CA TYR A 425 -55.11 35.07 15.11
C TYR A 425 -55.35 36.54 14.74
N TYR A 426 -55.11 36.89 13.47
CA TYR A 426 -55.20 38.28 13.01
C TYR A 426 -56.62 38.80 13.10
N ASN A 427 -57.57 37.99 12.65
CA ASN A 427 -58.98 38.36 12.69
C ASN A 427 -59.54 38.45 14.10
N LYS A 428 -58.98 37.64 15.01
CA LYS A 428 -59.46 37.55 16.38
C LYS A 428 -58.77 38.56 17.31
N LEU A 429 -57.44 38.64 17.24
CA LEU A 429 -56.66 39.51 18.11
C LEU A 429 -56.32 40.90 17.55
N GLY A 430 -56.37 41.06 16.23
CA GLY A 430 -55.90 42.29 15.63
C GLY A 430 -54.41 42.29 15.35
N TYR A 431 -53.78 41.10 15.35
CA TYR A 431 -52.37 40.94 14.96
C TYR A 431 -51.97 39.46 14.94
N VAL A 432 -50.90 39.14 14.22
CA VAL A 432 -50.28 37.82 14.27
C VAL A 432 -49.24 37.84 15.37
N PRO A 433 -49.40 37.00 16.41
CA PRO A 433 -48.50 37.03 17.57
C PRO A 433 -47.08 36.52 17.30
N TYR A 434 -46.18 36.89 18.19
CA TYR A 434 -44.77 36.62 18.07
C TYR A 434 -44.41 35.20 18.51
N ASP A 435 -45.30 34.56 19.26
CA ASP A 435 -44.95 33.33 19.99
C ASP A 435 -45.90 32.17 19.72
N VAL A 436 -46.29 32.02 18.47
CA VAL A 436 -47.25 30.97 18.08
C VAL A 436 -46.79 30.21 16.82
N LYS A 437 -45.46 30.17 16.60
CA LYS A 437 -44.84 29.48 15.45
C LYS A 437 -45.21 30.01 14.06
N ILE A 438 -45.51 31.30 13.99
CA ILE A 438 -45.70 31.98 12.71
C ILE A 438 -44.61 33.05 12.61
N ASN A 439 -43.52 32.66 11.95
CA ASN A 439 -42.39 33.54 11.71
C ASN A 439 -42.75 34.75 10.85
N GLU A 440 -42.01 35.83 11.06
CA GLU A 440 -42.19 37.09 10.33
C GLU A 440 -43.60 37.67 10.54
N ASN A 441 -44.11 37.43 11.76
CA ASN A 441 -45.43 37.85 12.23
C ASN A 441 -45.72 39.37 12.23
N ALA A 442 -44.74 40.20 12.57
CA ALA A 442 -44.97 41.64 12.58
C ALA A 442 -45.08 42.22 11.16
N ALA A 443 -44.22 41.74 10.25
CA ALA A 443 -44.33 42.12 8.84
C ALA A 443 -45.69 41.73 8.25
N ARG A 444 -46.15 40.52 8.54
CA ARG A 444 -47.46 40.06 8.07
C ARG A 444 -48.60 40.96 8.52
N THR A 445 -48.61 41.28 9.82
CA THR A 445 -49.62 42.18 10.42
C THR A 445 -49.70 43.53 9.70
N LEU A 446 -48.55 44.19 9.58
CA LEU A 446 -48.47 45.53 9.01
C LEU A 446 -48.95 45.56 7.57
N GLU A 447 -48.49 44.60 6.78
CA GLU A 447 -48.91 44.51 5.38
C GLU A 447 -50.39 44.16 5.19
N TYR A 448 -50.90 43.26 6.05
CA TYR A 448 -52.33 42.92 6.07
C TYR A 448 -53.19 44.15 6.40
N ALA A 449 -52.72 44.97 7.35
CA ALA A 449 -53.45 46.18 7.72
C ALA A 449 -53.61 47.06 6.49
N TYR A 450 -52.51 47.24 5.76
CA TYR A 450 -52.57 47.98 4.49
C TYR A 450 -53.45 47.27 3.47
N ASP A 451 -53.28 45.95 3.31
CA ASP A 451 -54.12 45.19 2.37
C ASP A 451 -55.61 45.32 2.67
N ASP A 452 -55.94 45.44 3.96
CA ASP A 452 -57.33 45.62 4.40
C ASP A 452 -57.89 47.01 4.11
N TRP A 453 -57.04 48.04 4.21
CA TRP A 453 -57.39 49.38 3.75
C TRP A 453 -57.73 49.36 2.26
N CYS A 454 -56.94 48.62 1.48
CA CYS A 454 -57.21 48.52 0.03
C CYS A 454 -58.61 47.93 -0.19
N ILE A 455 -58.94 46.90 0.59
CA ILE A 455 -60.21 46.20 0.46
C ILE A 455 -61.33 47.13 0.92
N TYR A 456 -61.08 47.82 2.04
CA TYR A 456 -61.98 48.87 2.48
C TYR A 456 -62.32 49.84 1.34
N ARG A 457 -61.30 50.31 0.62
CA ARG A 457 -61.52 51.28 -0.48
C ARG A 457 -62.44 50.72 -1.56
N LEU A 458 -62.23 49.46 -1.94
CA LEU A 458 -63.06 48.84 -2.96
C LEU A 458 -64.47 48.55 -2.46
N ALA A 459 -64.59 48.04 -1.23
CA ALA A 459 -65.90 47.78 -0.64
C ALA A 459 -66.78 49.03 -0.64
N LYS A 460 -66.18 50.15 -0.25
CA LYS A 460 -66.84 51.45 -0.24
C LYS A 460 -67.26 51.87 -1.65
N GLU A 461 -66.33 51.78 -2.59
CA GLU A 461 -66.58 52.07 -4.00
C GLU A 461 -67.70 51.19 -4.59
N LEU A 462 -67.74 49.92 -4.17
CA LEU A 462 -68.76 48.97 -4.66
C LEU A 462 -70.09 49.05 -3.87
N LYS A 463 -70.16 49.98 -2.91
CA LYS A 463 -71.32 50.12 -2.02
C LYS A 463 -71.75 48.79 -1.37
N ARG A 464 -70.78 48.09 -0.78
CA ARG A 464 -71.04 46.88 0.00
C ARG A 464 -71.77 47.29 1.29
N PRO A 465 -72.41 46.31 1.99
CA PRO A 465 -73.10 46.62 3.27
C PRO A 465 -72.21 47.27 4.33
N LYS A 466 -72.76 48.22 5.08
CA LYS A 466 -72.04 49.00 6.10
C LYS A 466 -71.21 48.15 7.06
N LYS A 467 -71.71 46.95 7.36
CA LYS A 467 -71.03 45.98 8.21
C LYS A 467 -69.67 45.55 7.62
N GLU A 468 -69.65 45.26 6.33
CA GLU A 468 -68.42 44.88 5.64
C GLU A 468 -67.43 46.04 5.60
N ILE A 469 -67.91 47.21 5.19
CA ILE A 469 -67.07 48.40 5.11
C ILE A 469 -66.43 48.70 6.47
N SER A 470 -67.25 48.75 7.52
CA SER A 470 -66.76 48.97 8.88
C SER A 470 -65.72 47.96 9.33
N LEU A 471 -65.90 46.69 8.96
CA LEU A 471 -64.96 45.64 9.36
C LEU A 471 -63.55 45.90 8.82
N PHE A 472 -63.47 46.23 7.53
CA PHE A 472 -62.19 46.51 6.90
C PHE A 472 -61.60 47.87 7.30
N ALA A 473 -62.46 48.86 7.51
CA ALA A 473 -62.02 50.16 8.04
C ALA A 473 -61.37 50.00 9.42
N LYS A 474 -61.92 49.10 10.22
CA LYS A 474 -61.32 48.75 11.50
C LYS A 474 -60.01 47.97 11.32
N ARG A 475 -60.02 46.93 10.49
CA ARG A 475 -58.82 46.12 10.28
C ARG A 475 -57.63 46.94 9.78
N ALA A 476 -57.90 47.97 8.99
CA ALA A 476 -56.87 48.87 8.46
C ALA A 476 -56.04 49.56 9.56
N MET A 477 -56.61 49.64 10.77
CA MET A 477 -55.95 50.27 11.90
C MET A 477 -55.18 49.26 12.75
N ASN A 478 -55.13 48.01 12.31
CA ASN A 478 -54.39 46.97 13.02
C ASN A 478 -52.89 47.23 13.21
N TYR A 479 -52.30 48.09 12.38
CA TYR A 479 -50.89 48.46 12.55
C TYR A 479 -50.62 49.06 13.94
N LYS A 480 -51.65 49.69 14.52
CA LYS A 480 -51.55 50.28 15.87
C LYS A 480 -51.27 49.23 16.97
N ASN A 481 -51.66 47.99 16.70
CA ASN A 481 -51.51 46.90 17.67
C ASN A 481 -50.07 46.47 17.94
N LEU A 482 -49.15 46.85 17.08
CA LEU A 482 -47.76 46.44 17.25
C LEU A 482 -46.83 47.61 17.56
N PHE A 483 -47.39 48.80 17.74
CA PHE A 483 -46.59 49.98 18.08
C PHE A 483 -46.21 50.00 19.56
N ASP A 484 -44.92 50.09 19.82
CA ASP A 484 -44.35 50.16 21.17
C ASP A 484 -44.01 51.63 21.53
N LYS A 485 -44.85 52.23 22.37
CA LYS A 485 -44.73 53.64 22.79
C LYS A 485 -43.36 53.99 23.37
N GLU A 486 -42.72 53.01 24.01
CA GLU A 486 -41.43 53.21 24.68
C GLU A 486 -40.25 53.38 23.72
N SER A 487 -40.23 52.61 22.64
CA SER A 487 -39.16 52.69 21.65
C SER A 487 -39.56 53.52 20.42
N LYS A 488 -40.86 53.79 20.30
CA LYS A 488 -41.48 54.45 19.16
C LYS A 488 -41.39 53.62 17.87
N LEU A 489 -41.29 52.31 18.05
CA LEU A 489 -41.07 51.40 16.96
C LEU A 489 -42.09 50.29 17.01
N MET A 490 -42.28 49.64 15.86
CA MET A 490 -43.08 48.43 15.75
C MET A 490 -42.33 47.26 16.39
N ARG A 491 -43.08 46.37 17.02
CA ARG A 491 -42.49 45.37 17.90
C ARG A 491 -43.36 44.11 17.90
N GLY A 492 -42.71 42.95 17.91
CA GLY A 492 -43.40 41.68 18.05
C GLY A 492 -44.22 41.64 19.33
N ARG A 493 -45.42 41.07 19.23
CA ARG A 493 -46.34 40.99 20.36
C ARG A 493 -46.84 39.58 20.64
N ASN A 494 -46.70 39.17 21.91
CA ASN A 494 -47.11 37.84 22.38
C ASN A 494 -48.61 37.63 22.36
N GLU A 495 -49.02 36.37 22.29
CA GLU A 495 -50.43 35.99 22.30
C GLU A 495 -51.21 36.58 23.48
N ASP A 496 -50.55 36.72 24.62
CA ASP A 496 -51.18 37.25 25.84
C ASP A 496 -51.31 38.77 25.85
N GLY A 497 -50.76 39.43 24.82
CA GLY A 497 -50.86 40.89 24.71
C GLY A 497 -49.66 41.67 25.21
N THR A 498 -48.75 41.00 25.92
CA THR A 498 -47.49 41.62 26.32
C THR A 498 -46.58 41.76 25.10
N PHE A 499 -45.77 42.82 25.06
CA PHE A 499 -44.77 42.96 24.01
C PHE A 499 -43.62 41.98 24.23
N GLN A 500 -43.14 41.44 23.11
CA GLN A 500 -42.02 40.51 23.08
C GLN A 500 -40.79 41.11 23.78
N SER A 501 -40.19 40.33 24.68
CA SER A 501 -38.92 40.72 25.34
C SER A 501 -37.91 39.57 25.32
N PRO A 502 -36.59 39.88 25.28
CA PRO A 502 -35.98 41.19 25.05
C PRO A 502 -36.11 41.66 23.59
N PHE A 503 -36.25 42.97 23.40
CA PHE A 503 -36.50 43.55 22.08
C PHE A 503 -35.21 44.12 21.48
N SER A 504 -34.83 43.59 20.32
CA SER A 504 -33.72 44.13 19.53
C SER A 504 -34.23 44.87 18.27
N PRO A 505 -34.22 46.22 18.28
CA PRO A 505 -34.64 46.97 17.09
C PRO A 505 -33.75 46.71 15.87
N LEU A 506 -32.56 46.17 16.10
CA LEU A 506 -31.58 46.01 15.04
C LEU A 506 -31.50 44.58 14.50
N LYS A 507 -32.33 43.68 15.06
CA LYS A 507 -32.35 42.29 14.66
C LYS A 507 -33.15 42.08 13.38
N TRP A 508 -32.53 41.42 12.41
CA TRP A 508 -33.19 41.15 11.13
C TRP A 508 -34.02 39.86 11.20
N GLY A 509 -35.10 39.82 10.41
CA GLY A 509 -35.97 38.64 10.35
C GLY A 509 -36.79 38.43 11.62
N ASP A 510 -37.05 37.17 11.98
CA ASP A 510 -37.76 36.80 13.22
C ASP A 510 -39.20 37.36 13.22
N ALA A 511 -39.41 38.48 13.90
CA ALA A 511 -40.69 39.17 13.82
C ALA A 511 -40.93 39.81 12.44
N PHE A 512 -39.84 40.17 11.75
CA PHE A 512 -39.92 40.87 10.45
C PHE A 512 -39.35 40.04 9.29
N THR A 513 -39.50 40.52 8.07
CA THR A 513 -38.92 39.83 6.91
C THR A 513 -37.82 40.65 6.23
N GLU A 514 -36.63 40.06 6.22
CA GLU A 514 -35.45 40.63 5.56
C GLU A 514 -35.30 42.10 5.91
N GLY A 515 -35.36 42.37 7.22
CA GLY A 515 -35.26 43.71 7.76
C GLY A 515 -35.47 43.69 9.25
N ASN A 516 -35.17 44.81 9.89
CA ASN A 516 -35.39 44.96 11.29
C ASN A 516 -36.53 45.95 11.56
N SER A 517 -36.70 46.32 12.82
CA SER A 517 -37.76 47.25 13.20
C SER A 517 -37.57 48.66 12.60
N TRP A 518 -36.33 49.10 12.49
CA TRP A 518 -36.01 50.40 11.88
C TRP A 518 -36.39 50.49 10.41
N HIS A 519 -36.49 49.34 9.73
CA HIS A 519 -36.94 49.29 8.33
C HIS A 519 -38.46 49.14 8.18
N TYR A 520 -39.06 48.30 9.02
CA TYR A 520 -40.47 47.93 8.87
C TYR A 520 -41.52 48.84 9.54
N THR A 521 -41.09 49.65 10.51
CA THR A 521 -41.97 50.59 11.20
C THR A 521 -42.66 51.54 10.22
N TRP A 522 -42.02 51.78 9.09
CA TRP A 522 -42.52 52.75 8.13
C TRP A 522 -43.59 52.16 7.22
N SER A 523 -43.89 50.87 7.36
CA SER A 523 -44.89 50.20 6.52
C SER A 523 -46.33 50.52 6.88
N VAL A 524 -46.70 51.81 6.83
CA VAL A 524 -48.09 52.23 7.02
C VAL A 524 -48.47 53.15 5.86
N PHE A 525 -48.45 52.57 4.68
CA PHE A 525 -48.60 53.31 3.42
C PHE A 525 -49.88 54.14 3.37
N HIS A 526 -50.94 53.59 3.96
CA HIS A 526 -52.27 54.19 3.89
C HIS A 526 -52.56 55.19 5.01
N ASP A 527 -51.69 55.25 6.04
CA ASP A 527 -51.92 56.16 7.16
C ASP A 527 -50.65 56.73 7.84
N PRO A 528 -49.82 57.46 7.07
CA PRO A 528 -48.62 58.07 7.67
C PRO A 528 -48.92 59.07 8.80
N GLN A 529 -49.99 59.87 8.68
CA GLN A 529 -50.43 60.72 9.81
C GLN A 529 -50.71 59.92 11.10
N GLY A 530 -51.33 58.75 10.98
CA GLY A 530 -51.57 57.85 12.11
C GLY A 530 -50.27 57.44 12.79
N LEU A 531 -49.25 57.18 11.97
CA LEU A 531 -47.94 56.83 12.49
C LEU A 531 -47.27 58.05 13.14
N ILE A 532 -47.43 59.22 12.50
CA ILE A 532 -46.91 60.48 13.04
C ILE A 532 -47.49 60.71 14.44
N ASP A 533 -48.79 60.49 14.58
CA ASP A 533 -49.48 60.65 15.85
C ASP A 533 -49.01 59.63 16.88
N LEU A 534 -48.89 58.36 16.46
CA LEU A 534 -48.38 57.32 17.36
C LEU A 534 -47.02 57.68 17.92
N MET A 535 -46.20 58.37 17.12
CA MET A 535 -44.85 58.73 17.57
C MET A 535 -44.82 60.00 18.41
N GLY A 536 -45.93 60.71 18.46
CA GLY A 536 -46.04 61.91 19.29
C GLY A 536 -45.83 63.20 18.51
N GLY A 537 -46.06 63.17 17.21
CA GLY A 537 -46.05 64.41 16.43
C GLY A 537 -44.96 64.45 15.38
N LYS A 538 -45.08 65.42 14.47
CA LYS A 538 -44.19 65.48 13.31
C LYS A 538 -42.72 65.68 13.67
N GLU A 539 -42.45 66.45 14.74
CA GLU A 539 -41.08 66.71 15.18
CA GLU A 539 -41.10 66.72 15.24
C GLU A 539 -40.39 65.41 15.60
N MET A 540 -41.08 64.60 16.41
CA MET A 540 -40.56 63.31 16.87
C MET A 540 -40.39 62.33 15.70
N PHE A 541 -41.38 62.32 14.81
CA PHE A 541 -41.38 61.52 13.59
C PHE A 541 -40.14 61.81 12.73
N VAL A 542 -39.86 63.09 12.53
CA VAL A 542 -38.71 63.52 11.75
C VAL A 542 -37.40 63.14 12.42
N THR A 543 -37.36 63.29 13.74
CA THR A 543 -36.23 62.83 14.55
C THR A 543 -35.97 61.34 14.32
N MET A 544 -37.01 60.51 14.38
CA MET A 544 -36.91 59.08 14.11
C MET A 544 -36.39 58.79 12.69
N MET A 545 -36.92 59.50 11.69
CA MET A 545 -36.47 59.35 10.31
C MET A 545 -34.98 59.73 10.13
N ASP A 546 -34.59 60.90 10.63
CA ASP A 546 -33.20 61.35 10.53
C ASP A 546 -32.22 60.36 11.15
N SER A 547 -32.64 59.69 12.22
CA SER A 547 -31.74 58.79 12.92
C SER A 547 -31.43 57.51 12.13
N VAL A 548 -32.35 57.11 11.24
CA VAL A 548 -32.11 55.98 10.34
C VAL A 548 -30.79 56.19 9.56
N PHE A 549 -30.62 57.39 9.00
CA PHE A 549 -29.43 57.77 8.24
C PHE A 549 -28.19 58.02 9.09
N ALA A 550 -28.38 58.49 10.33
CA ALA A 550 -27.26 58.98 11.14
C ALA A 550 -26.45 57.90 11.87
N VAL A 551 -27.11 56.80 12.22
CA VAL A 551 -26.47 55.69 12.96
C VAL A 551 -25.54 54.82 12.09
N PRO A 552 -24.63 54.03 12.72
CA PRO A 552 -23.85 53.03 12.01
C PRO A 552 -24.75 51.87 11.51
N PRO A 553 -24.28 51.11 10.50
CA PRO A 553 -25.06 49.98 9.99
C PRO A 553 -24.85 48.71 10.81
N ILE A 554 -25.02 48.83 12.13
CA ILE A 554 -24.94 47.67 13.02
C ILE A 554 -26.21 46.79 12.90
N PHE A 555 -26.04 45.48 13.02
CA PHE A 555 -27.13 44.54 12.80
C PHE A 555 -26.99 43.38 13.77
N ASP A 556 -28.02 42.56 13.84
CA ASP A 556 -27.97 41.30 14.54
C ASP A 556 -28.52 40.28 13.56
N ASP A 557 -27.72 39.25 13.23
CA ASP A 557 -28.12 38.30 12.19
C ASP A 557 -28.51 36.87 12.61
N SER A 558 -28.78 36.66 13.91
CA SER A 558 -28.99 35.31 14.47
C SER A 558 -30.16 34.49 13.90
N TYR A 559 -31.23 35.16 13.49
CA TYR A 559 -32.32 34.45 12.81
C TYR A 559 -31.87 33.75 11.51
N TYR A 560 -30.89 34.32 10.82
CA TYR A 560 -30.41 33.73 9.56
C TYR A 560 -29.20 32.82 9.77
N GLY A 561 -28.40 33.10 10.80
CA GLY A 561 -27.20 32.32 11.08
C GLY A 561 -25.98 32.69 10.23
N GLN A 562 -26.07 33.80 9.49
CA GLN A 562 -25.03 34.26 8.56
C GLN A 562 -25.36 35.65 8.02
N VAL A 563 -24.35 36.39 7.56
CA VAL A 563 -24.58 37.71 6.96
C VAL A 563 -25.13 37.60 5.52
N ILE A 564 -26.44 37.39 5.41
CA ILE A 564 -27.11 37.34 4.12
C ILE A 564 -26.79 38.59 3.28
N HIS A 565 -26.80 38.44 1.95
CA HIS A 565 -26.42 39.56 1.07
C HIS A 565 -27.19 40.85 1.37
N GLU A 566 -28.46 40.74 1.75
CA GLU A 566 -29.28 41.91 2.07
C GLU A 566 -28.70 42.80 3.16
N ILE A 567 -28.09 42.18 4.17
CA ILE A 567 -27.43 42.89 5.28
C ILE A 567 -26.10 43.47 4.83
N ARG A 568 -25.33 42.67 4.11
CA ARG A 568 -24.04 43.12 3.62
C ARG A 568 -24.20 44.31 2.64
N GLU A 569 -25.20 44.24 1.76
CA GLU A 569 -25.48 45.32 0.81
C GLU A 569 -25.67 46.62 1.57
N MET A 570 -26.47 46.57 2.65
CA MET A 570 -26.67 47.73 3.54
C MET A 570 -25.41 48.24 4.22
N THR A 571 -24.54 47.34 4.72
CA THR A 571 -23.34 47.77 5.47
C THR A 571 -22.32 48.57 4.65
N VAL A 572 -22.19 48.25 3.36
CA VAL A 572 -21.16 48.85 2.49
C VAL A 572 -21.53 50.22 1.93
N MET A 573 -22.81 50.60 2.05
CA MET A 573 -23.40 51.79 1.39
CA MET A 573 -23.29 51.79 1.34
C MET A 573 -23.07 53.12 2.06
N ASN A 574 -22.74 53.06 3.36
CA ASN A 574 -22.46 54.27 4.13
C ASN A 574 -23.67 55.23 4.13
N MET A 575 -24.86 54.67 4.40
CA MET A 575 -26.07 55.44 4.57
C MET A 575 -26.84 54.94 5.78
N GLY A 576 -26.10 54.57 6.82
CA GLY A 576 -26.70 54.18 8.08
C GLY A 576 -27.49 52.90 7.95
N ASN A 577 -28.72 52.91 8.49
CA ASN A 577 -29.63 51.76 8.35
C ASN A 577 -30.63 51.90 7.20
N TYR A 578 -30.37 52.82 6.27
CA TYR A 578 -31.22 52.95 5.08
C TYR A 578 -30.90 51.84 4.09
N ALA A 579 -31.60 50.70 4.23
CA ALA A 579 -31.38 49.50 3.40
C ALA A 579 -32.11 49.52 2.04
N HIS A 580 -31.71 50.45 1.17
CA HIS A 580 -32.39 50.66 -0.11
C HIS A 580 -32.37 49.45 -1.05
N GLY A 581 -31.35 48.61 -0.88
CA GLY A 581 -31.18 47.41 -1.68
C GLY A 581 -32.25 46.36 -1.47
N ASN A 582 -33.22 46.63 -0.58
CA ASN A 582 -34.37 45.75 -0.36
C ASN A 582 -35.65 46.54 -0.20
N GLN A 583 -36.77 45.87 -0.48
CA GLN A 583 -38.08 46.52 -0.68
C GLN A 583 -38.76 47.25 0.49
N PRO A 584 -38.66 46.71 1.72
CA PRO A 584 -39.48 47.28 2.79
C PRO A 584 -39.32 48.80 2.97
N ILE A 585 -38.08 49.28 2.98
CA ILE A 585 -37.79 50.68 3.26
C ILE A 585 -37.83 51.61 2.03
N GLN A 586 -38.13 51.05 0.85
CA GLN A 586 -37.99 51.81 -0.39
C GLN A 586 -38.85 53.08 -0.55
N HIS A 587 -40.03 53.11 0.07
CA HIS A 587 -40.91 54.30 0.03
C HIS A 587 -40.58 55.31 1.15
N MET A 588 -39.73 54.95 2.08
CA MET A 588 -39.57 55.70 3.32
C MET A 588 -39.21 57.18 3.18
N ILE A 589 -38.26 57.51 2.31
CA ILE A 589 -37.79 58.90 2.23
C ILE A 589 -38.95 59.87 1.92
N TYR A 590 -39.86 59.45 1.03
CA TYR A 590 -41.06 60.23 0.69
C TYR A 590 -41.95 60.59 1.87
N LEU A 591 -41.81 59.84 2.97
CA LEU A 591 -42.54 60.12 4.19
C LEU A 591 -42.22 61.51 4.80
N TYR A 592 -41.06 62.07 4.47
CA TYR A 592 -40.72 63.42 4.93
C TYR A 592 -41.78 64.44 4.51
N ASP A 593 -42.33 64.24 3.31
CA ASP A 593 -43.40 65.08 2.78
C ASP A 593 -44.59 65.19 3.74
N TYR A 594 -44.98 64.05 4.32
CA TYR A 594 -46.14 63.96 5.23
C TYR A 594 -45.91 64.67 6.56
N ALA A 595 -44.65 64.88 6.91
CA ALA A 595 -44.28 65.52 8.17
C ALA A 595 -43.99 67.00 7.96
N GLY A 596 -44.24 67.49 6.75
CA GLY A 596 -44.07 68.91 6.42
C GLY A 596 -42.63 69.32 6.16
N GLN A 597 -41.79 68.36 5.76
CA GLN A 597 -40.39 68.65 5.50
C GLN A 597 -39.91 68.07 4.14
N PRO A 598 -40.57 68.45 3.03
CA PRO A 598 -40.23 67.88 1.73
C PRO A 598 -38.78 68.11 1.27
N TRP A 599 -38.13 69.15 1.79
CA TRP A 599 -36.73 69.43 1.43
C TRP A 599 -35.77 68.32 1.88
N LYS A 600 -36.10 67.67 2.98
CA LYS A 600 -35.33 66.52 3.45
C LYS A 600 -35.46 65.35 2.49
N ALA A 601 -36.67 65.15 1.96
CA ALA A 601 -36.89 64.12 0.94
C ALA A 601 -36.12 64.43 -0.35
N GLN A 602 -36.17 65.68 -0.78
CA GLN A 602 -35.44 66.12 -1.95
C GLN A 602 -33.94 65.82 -1.81
N TYR A 603 -33.38 66.06 -0.63
CA TYR A 603 -31.96 65.83 -0.38
C TYR A 603 -31.60 64.34 -0.46
N TRP A 604 -32.32 63.53 0.29
CA TRP A 604 -32.01 62.11 0.37
C TRP A 604 -32.33 61.35 -0.92
N LEU A 605 -33.40 61.72 -1.62
CA LEU A 605 -33.69 61.09 -2.91
C LEU A 605 -32.60 61.33 -3.97
N ARG A 606 -32.09 62.56 -4.02
CA ARG A 606 -30.97 62.84 -4.91
C ARG A 606 -29.75 62.00 -4.52
N GLN A 607 -29.46 61.88 -3.22
CA GLN A 607 -28.35 61.04 -2.76
C GLN A 607 -28.45 59.60 -3.32
N VAL A 608 -29.60 58.99 -3.13
CA VAL A 608 -29.87 57.63 -3.57
C VAL A 608 -29.74 57.51 -5.09
N MET A 609 -30.37 58.44 -5.81
CA MET A 609 -30.32 58.40 -7.26
C MET A 609 -28.90 58.52 -7.82
N ASP A 610 -28.08 59.38 -7.20
CA ASP A 610 -26.70 59.61 -7.65
C ASP A 610 -25.74 58.48 -7.29
N ARG A 611 -25.95 57.87 -6.12
CA ARG A 611 -24.96 57.00 -5.52
C ARG A 611 -25.32 55.51 -5.61
N MET A 612 -26.62 55.20 -5.57
CA MET A 612 -27.04 53.81 -5.41
C MET A 612 -27.38 53.12 -6.72
N TYR A 613 -27.25 53.85 -7.82
CA TYR A 613 -27.53 53.36 -9.15
C TYR A 613 -26.44 53.80 -10.11
N THR A 614 -25.73 52.83 -10.70
CA THR A 614 -24.78 53.10 -11.77
C THR A 614 -25.10 52.27 -13.03
N PRO A 615 -24.64 52.72 -14.22
CA PRO A 615 -25.12 52.03 -15.41
C PRO A 615 -24.28 50.80 -15.81
N GLY A 616 -23.23 50.50 -15.07
CA GLY A 616 -22.36 49.38 -15.38
C GLY A 616 -22.93 48.01 -15.03
N PRO A 617 -22.11 46.94 -15.20
CA PRO A 617 -22.54 45.57 -14.92
C PRO A 617 -22.87 45.33 -13.45
N ASP A 618 -22.28 46.12 -12.58
CA ASP A 618 -22.58 46.11 -11.14
C ASP A 618 -23.44 47.32 -10.75
N GLY A 619 -24.47 47.60 -11.57
CA GLY A 619 -25.24 48.85 -11.43
C GLY A 619 -26.19 49.06 -10.26
N TYR A 620 -26.73 47.98 -9.69
CA TYR A 620 -27.65 48.13 -8.56
C TYR A 620 -26.97 47.98 -7.20
N CYS A 621 -27.67 48.42 -6.16
CA CYS A 621 -27.21 48.23 -4.78
C CYS A 621 -27.82 46.98 -4.10
N GLY A 622 -28.55 46.18 -4.87
CA GLY A 622 -29.19 44.96 -4.33
C GLY A 622 -30.07 44.35 -5.41
N ASP A 623 -30.82 43.30 -5.06
CA ASP A 623 -31.67 42.60 -6.03
C ASP A 623 -32.64 43.54 -6.75
N GLU A 624 -32.73 43.37 -8.06
CA GLU A 624 -33.53 44.20 -8.96
C GLU A 624 -35.04 43.85 -8.81
N ASP A 625 -35.33 42.56 -8.66
CA ASP A 625 -36.67 42.04 -8.29
C ASP A 625 -37.82 42.35 -9.23
N ASN A 626 -37.63 41.93 -10.48
CA ASN A 626 -38.68 41.90 -11.50
C ASN A 626 -39.33 43.25 -11.80
N GLY A 627 -38.52 44.30 -11.64
CA GLY A 627 -38.94 45.63 -12.00
C GLY A 627 -39.03 46.59 -10.84
N GLN A 628 -39.15 46.06 -9.62
CA GLN A 628 -39.39 46.91 -8.45
C GLN A 628 -38.30 47.95 -8.21
N THR A 629 -37.06 47.49 -8.03
CA THR A 629 -35.93 48.39 -7.77
C THR A 629 -35.65 49.31 -8.97
N SER A 630 -35.95 48.83 -10.18
CA SER A 630 -35.76 49.62 -11.40
C SER A 630 -36.80 50.71 -11.52
N ALA A 631 -38.07 50.33 -11.33
CA ALA A 631 -39.20 51.24 -11.47
C ALA A 631 -39.17 52.34 -10.42
N TRP A 632 -38.60 52.03 -9.27
CA TRP A 632 -38.25 53.00 -8.24
C TRP A 632 -37.44 54.17 -8.79
N TYR A 633 -36.40 53.87 -9.55
CA TYR A 633 -35.55 54.88 -10.16
C TYR A 633 -36.32 55.64 -11.26
N VAL A 634 -37.13 54.93 -12.04
CA VAL A 634 -37.92 55.57 -13.10
C VAL A 634 -38.87 56.64 -12.55
N PHE A 635 -39.69 56.24 -11.56
CA PHE A 635 -40.54 57.20 -10.83
C PHE A 635 -39.71 58.32 -10.17
N SER A 636 -38.65 57.96 -9.45
CA SER A 636 -37.92 58.94 -8.67
C SER A 636 -37.17 59.93 -9.57
N ALA A 637 -36.70 59.48 -10.73
CA ALA A 637 -36.05 60.38 -11.70
C ALA A 637 -37.07 61.37 -12.29
N LEU A 638 -38.32 60.93 -12.41
CA LEU A 638 -39.40 61.81 -12.86
C LEU A 638 -39.81 62.84 -11.81
N GLY A 639 -39.64 62.50 -10.53
CA GLY A 639 -39.83 63.43 -9.42
C GLY A 639 -40.98 63.12 -8.48
N PHE A 640 -41.58 61.94 -8.60
CA PHE A 640 -42.73 61.56 -7.76
C PHE A 640 -42.87 60.05 -7.64
N TYR A 641 -43.75 59.58 -6.74
CA TYR A 641 -43.75 58.15 -6.36
C TYR A 641 -45.04 57.67 -5.69
N PRO A 642 -45.57 56.49 -6.12
CA PRO A 642 -46.84 56.03 -5.55
C PRO A 642 -46.64 55.35 -4.19
N VAL A 643 -46.39 56.17 -3.17
CA VAL A 643 -46.29 55.69 -1.79
C VAL A 643 -47.44 54.75 -1.44
N CYS A 644 -48.67 55.19 -1.74
CA CYS A 644 -49.85 54.43 -1.40
C CYS A 644 -50.72 54.07 -2.60
N PRO A 645 -50.41 52.95 -3.28
CA PRO A 645 -51.29 52.47 -4.33
C PRO A 645 -52.66 52.22 -3.73
N GLY A 646 -53.69 52.47 -4.53
CA GLY A 646 -55.05 52.41 -4.04
C GLY A 646 -55.60 53.80 -3.80
N THR A 647 -54.71 54.80 -3.65
CA THR A 647 -55.08 56.20 -3.78
C THR A 647 -54.86 56.61 -5.23
N ASP A 648 -55.16 57.86 -5.57
CA ASP A 648 -54.90 58.40 -6.91
C ASP A 648 -53.63 59.26 -6.88
N GLU A 649 -52.79 59.07 -5.86
CA GLU A 649 -51.73 60.02 -5.56
C GLU A 649 -50.29 59.60 -5.84
N TYR A 650 -49.50 60.56 -6.30
CA TYR A 650 -48.06 60.38 -6.45
C TYR A 650 -47.39 61.45 -5.61
N VAL A 651 -46.55 61.01 -4.68
CA VAL A 651 -45.95 61.89 -3.69
C VAL A 651 -44.67 62.48 -4.24
N MET A 652 -44.54 63.78 -4.06
CA MET A 652 -43.45 64.55 -4.64
C MET A 652 -42.06 64.27 -4.06
N GLY A 653 -41.09 64.05 -4.94
CA GLY A 653 -39.69 63.94 -4.56
C GLY A 653 -38.90 65.05 -5.23
N THR A 654 -37.88 64.70 -5.99
CA THR A 654 -37.16 65.69 -6.80
C THR A 654 -36.76 65.17 -8.18
N PRO A 655 -37.08 65.94 -9.25
CA PRO A 655 -36.75 65.40 -10.57
C PRO A 655 -35.23 65.39 -10.82
N LEU A 656 -34.78 64.49 -11.69
CA LEU A 656 -33.36 64.35 -12.00
C LEU A 656 -32.95 65.10 -13.27
N PHE A 657 -33.83 65.16 -14.25
CA PHE A 657 -33.54 65.79 -15.54
C PHE A 657 -34.08 67.24 -15.69
N LYS A 658 -33.60 67.94 -16.70
CA LYS A 658 -34.09 69.29 -16.99
C LYS A 658 -35.45 69.25 -17.68
N LYS A 659 -35.68 68.21 -18.49
CA LYS A 659 -37.01 68.00 -19.08
C LYS A 659 -37.41 66.53 -19.17
N ALA A 660 -38.65 66.22 -18.80
CA ALA A 660 -39.24 64.90 -19.02
C ALA A 660 -40.64 65.04 -19.62
N THR A 661 -40.92 64.23 -20.64
CA THR A 661 -42.24 64.22 -21.28
C THR A 661 -42.85 62.83 -21.21
N LEU A 662 -44.09 62.75 -20.71
CA LEU A 662 -44.84 61.49 -20.70
C LEU A 662 -45.90 61.48 -21.78
N HIS A 663 -45.91 60.40 -22.55
CA HIS A 663 -46.94 60.20 -23.55
C HIS A 663 -47.89 59.12 -23.07
N PHE A 664 -49.09 59.55 -22.64
CA PHE A 664 -50.07 58.64 -22.07
C PHE A 664 -50.85 57.95 -23.17
N GLU A 665 -51.38 56.76 -22.88
CA GLU A 665 -52.16 55.99 -23.86
C GLU A 665 -53.42 56.72 -24.35
N ASN A 666 -53.93 57.66 -23.54
CA ASN A 666 -55.10 58.45 -23.92
C ASN A 666 -54.79 59.59 -24.93
N GLY A 667 -53.54 59.70 -25.36
CA GLY A 667 -53.18 60.69 -26.39
C GLY A 667 -52.77 62.05 -25.87
N ASN A 668 -52.95 62.27 -24.56
CA ASN A 668 -52.44 63.47 -23.93
C ASN A 668 -50.98 63.28 -23.51
N SER A 669 -50.28 64.40 -23.35
CA SER A 669 -48.89 64.42 -22.91
C SER A 669 -48.63 65.40 -21.78
N LEU A 670 -47.68 65.04 -20.93
CA LEU A 670 -47.30 65.90 -19.82
C LEU A 670 -45.84 66.28 -19.95
N VAL A 671 -45.53 67.57 -19.85
CA VAL A 671 -44.15 68.03 -19.79
C VAL A 671 -43.79 68.45 -18.36
N ILE A 672 -42.71 67.87 -17.86
CA ILE A 672 -42.17 68.23 -16.55
C ILE A 672 -40.89 69.04 -16.78
N ASP A 673 -41.03 70.35 -16.65
CA ASP A 673 -40.00 71.29 -17.07
C ASP A 673 -39.15 71.80 -15.90
N ALA A 674 -37.89 71.40 -15.84
CA ALA A 674 -37.00 71.79 -14.75
C ALA A 674 -35.68 72.41 -15.27
N PRO A 675 -35.77 73.55 -15.99
CA PRO A 675 -34.63 74.04 -16.78
C PRO A 675 -33.36 74.37 -15.98
N ASN A 676 -33.48 74.66 -14.68
CA ASN A 676 -32.32 75.00 -13.85
C ASN A 676 -31.75 73.83 -13.04
N ASN A 677 -32.14 72.62 -13.42
CA ASN A 677 -31.69 71.42 -12.73
C ASN A 677 -30.20 71.19 -12.99
N SER A 678 -29.50 70.74 -11.95
CA SER A 678 -28.07 70.39 -12.04
C SER A 678 -27.69 69.50 -10.86
N THR A 679 -26.40 69.16 -10.78
CA THR A 679 -25.87 68.42 -9.64
C THR A 679 -26.06 69.18 -8.32
N GLU A 680 -26.03 70.51 -8.37
CA GLU A 680 -26.16 71.32 -7.15
C GLU A 680 -27.61 71.71 -6.85
N ASN A 681 -28.41 71.88 -7.89
CA ASN A 681 -29.77 72.38 -7.74
C ASN A 681 -30.81 71.24 -7.64
N PHE A 682 -30.85 70.57 -6.50
CA PHE A 682 -31.76 69.44 -6.29
C PHE A 682 -32.98 69.75 -5.40
N TYR A 683 -33.05 70.97 -4.86
CA TYR A 683 -34.23 71.42 -4.09
C TYR A 683 -35.28 72.04 -4.99
N ILE A 684 -36.54 71.87 -4.61
CA ILE A 684 -37.62 72.54 -5.35
C ILE A 684 -37.91 73.83 -4.63
N ASP A 685 -37.65 74.97 -5.28
CA ASP A 685 -37.97 76.25 -4.66
C ASP A 685 -39.43 76.57 -4.84
N SER A 686 -39.98 76.26 -6.00
CA SER A 686 -41.40 76.48 -6.26
C SER A 686 -41.85 75.60 -7.41
N MET A 687 -43.15 75.45 -7.56
CA MET A 687 -43.71 74.60 -8.60
C MET A 687 -45.01 75.18 -9.11
N SER A 688 -45.27 75.08 -10.41
CA SER A 688 -46.58 75.38 -10.97
C SER A 688 -47.11 74.27 -11.88
N PHE A 689 -48.43 74.15 -11.95
CA PHE A 689 -49.13 73.17 -12.79
C PHE A 689 -50.04 73.97 -13.72
N ASN A 690 -49.73 73.99 -15.01
CA ASN A 690 -50.49 74.75 -16.01
C ASN A 690 -50.84 76.18 -15.57
N GLY A 691 -49.83 76.94 -15.16
CA GLY A 691 -50.04 78.33 -14.73
C GLY A 691 -50.33 78.52 -13.24
N ALA A 692 -51.00 77.55 -12.64
CA ALA A 692 -51.39 77.64 -11.23
C ALA A 692 -50.25 77.27 -10.26
N ASP A 693 -50.02 78.11 -9.27
CA ASP A 693 -49.03 77.81 -8.24
C ASP A 693 -49.42 76.50 -7.52
N HIS A 694 -48.44 75.60 -7.38
CA HIS A 694 -48.68 74.27 -6.83
C HIS A 694 -47.74 73.99 -5.66
N THR A 695 -48.27 74.14 -4.45
CA THR A 695 -47.46 74.00 -3.23
C THR A 695 -47.65 72.63 -2.56
N LYS A 696 -48.56 71.81 -3.10
CA LYS A 696 -48.83 70.49 -2.53
C LYS A 696 -47.67 69.50 -2.70
N ASN A 697 -47.54 68.58 -1.75
CA ASN A 697 -46.53 67.54 -1.81
C ASN A 697 -46.98 66.30 -2.60
N TYR A 698 -47.97 66.46 -3.47
CA TYR A 698 -48.47 65.33 -4.26
C TYR A 698 -49.15 65.76 -5.56
N LEU A 699 -49.20 64.83 -6.50
CA LEU A 699 -49.93 65.01 -7.75
C LEU A 699 -51.00 63.93 -7.87
N ARG A 700 -52.09 64.25 -8.56
CA ARG A 700 -53.21 63.33 -8.71
C ARG A 700 -53.27 62.73 -10.10
N HIS A 701 -53.55 61.42 -10.13
CA HIS A 701 -53.64 60.62 -11.35
C HIS A 701 -54.42 61.32 -12.47
N GLU A 702 -55.66 61.72 -12.19
CA GLU A 702 -56.53 62.31 -13.23
C GLU A 702 -56.06 63.67 -13.78
N ASP A 703 -55.39 64.45 -12.93
CA ASP A 703 -54.74 65.71 -13.35
C ASP A 703 -53.55 65.47 -14.30
N LEU A 704 -52.71 64.50 -13.94
CA LEU A 704 -51.63 64.05 -14.84
C LEU A 704 -52.18 63.66 -16.21
N PHE A 705 -53.20 62.80 -16.21
CA PHE A 705 -53.82 62.31 -17.45
C PHE A 705 -54.37 63.40 -18.38
N LYS A 706 -54.77 64.54 -17.81
CA LYS A 706 -55.27 65.70 -18.59
C LYS A 706 -54.21 66.34 -19.48
N GLY A 707 -52.95 66.28 -19.05
CA GLY A 707 -51.84 66.79 -19.83
C GLY A 707 -51.43 68.21 -19.48
N GLY A 708 -50.53 68.77 -20.29
CA GLY A 708 -50.04 70.13 -20.11
C GLY A 708 -48.59 70.19 -19.65
N THR A 709 -48.31 71.15 -18.78
CA THR A 709 -46.94 71.42 -18.36
C THR A 709 -46.85 71.62 -16.84
N ILE A 710 -45.87 70.97 -16.23
CA ILE A 710 -45.49 71.25 -14.84
C ILE A 710 -44.14 71.95 -14.90
N LYS A 711 -44.01 73.10 -14.24
CA LYS A 711 -42.74 73.80 -14.14
C LYS A 711 -42.20 73.69 -12.74
N VAL A 712 -40.94 73.25 -12.61
CA VAL A 712 -40.30 73.10 -11.31
C VAL A 712 -39.07 74.01 -11.28
N ASP A 713 -39.07 75.00 -10.39
CA ASP A 713 -37.92 75.87 -10.26
CA ASP A 713 -37.90 75.88 -10.24
C ASP A 713 -36.93 75.28 -9.24
N MET A 714 -35.82 74.75 -9.75
CA MET A 714 -34.79 74.12 -8.93
C MET A 714 -33.87 75.13 -8.27
N SER A 715 -33.26 74.73 -7.16
CA SER A 715 -32.45 75.61 -6.34
C SER A 715 -31.44 74.79 -5.53
N ASN A 716 -30.33 75.43 -5.16
CA ASN A 716 -29.30 74.78 -4.33
C ASN A 716 -29.51 74.96 -2.83
N ARG A 717 -30.52 75.74 -2.46
CA ARG A 717 -30.90 75.97 -1.08
C ARG A 717 -32.28 75.36 -0.84
N PRO A 718 -32.52 74.80 0.36
CA PRO A 718 -33.88 74.33 0.64
C PRO A 718 -34.86 75.49 0.87
N ASN A 719 -36.07 75.37 0.35
CA ASN A 719 -37.15 76.29 0.70
C ASN A 719 -37.92 75.74 1.89
N LEU A 720 -37.73 76.37 3.06
CA LEU A 720 -38.29 75.90 4.32
C LEU A 720 -39.77 76.23 4.51
N ASN A 721 -40.34 77.02 3.59
CA ASN A 721 -41.73 77.48 3.68
C ASN A 721 -42.70 76.78 2.73
N ARG A 722 -42.19 76.06 1.74
CA ARG A 722 -43.05 75.38 0.78
C ARG A 722 -43.42 73.95 1.21
N GLY A 723 -44.70 73.61 1.09
CA GLY A 723 -45.23 72.28 1.42
C GLY A 723 -45.27 71.92 2.90
N THR A 724 -45.61 72.89 3.75
CA THR A 724 -45.69 72.67 5.19
C THR A 724 -47.13 72.80 5.71
N LYS A 725 -48.03 73.30 4.86
CA LYS A 725 -49.44 73.46 5.21
C LYS A 725 -50.22 72.13 5.21
N GLU A 726 -51.27 72.06 6.03
CA GLU A 726 -52.10 70.86 6.12
C GLU A 726 -52.66 70.44 4.76
N GLU A 727 -53.16 71.40 3.98
CA GLU A 727 -53.73 71.07 2.67
C GLU A 727 -52.66 70.71 1.62
N ASP A 728 -51.39 70.85 1.99
CA ASP A 728 -50.28 70.39 1.17
C ASP A 728 -50.02 68.89 1.36
N MET A 729 -50.55 68.31 2.44
CA MET A 729 -50.24 66.93 2.80
C MET A 729 -50.94 65.90 1.91
N PRO A 730 -50.24 64.79 1.59
CA PRO A 730 -50.92 63.73 0.85
C PRO A 730 -51.84 62.92 1.78
N TYR A 731 -52.52 61.94 1.20
CA TYR A 731 -53.57 61.16 1.90
C TYR A 731 -53.13 60.41 3.18
N SER A 732 -53.92 60.54 4.25
CA SER A 732 -53.84 59.64 5.40
C SER A 732 -55.25 59.17 5.80
N PHE A 733 -55.39 57.85 5.98
CA PHE A 733 -56.67 57.23 6.37
C PHE A 733 -57.25 57.86 7.65
N SER A 734 -56.39 58.16 8.63
CA SER A 734 -56.83 58.83 9.86
C SER A 734 -57.55 60.16 9.68
N LYS A 735 -57.25 60.89 8.60
CA LYS A 735 -57.89 62.18 8.36
C LYS A 735 -59.18 62.05 7.58
N GLU A 736 -59.40 60.87 7.00
CA GLU A 736 -60.52 60.61 6.10
C GLU A 736 -61.83 60.51 6.87
N LYS B 1 -11.04 75.11 -15.21
CA LYS B 1 -11.22 74.08 -16.29
C LYS B 1 -10.62 72.71 -15.90
N ASP B 2 -11.47 71.68 -15.89
CA ASP B 2 -11.10 70.42 -15.27
C ASP B 2 -11.18 69.19 -16.17
N TRP B 3 -10.08 68.46 -16.27
CA TRP B 3 -10.04 67.22 -17.01
C TRP B 3 -10.01 65.97 -16.12
N THR B 4 -9.58 66.13 -14.86
CA THR B 4 -9.50 65.02 -13.90
C THR B 4 -10.85 64.29 -13.74
N GLN B 5 -11.94 65.01 -13.97
CA GLN B 5 -13.27 64.42 -13.90
C GLN B 5 -13.44 63.21 -14.84
N TYR B 6 -12.59 63.11 -15.86
CA TYR B 6 -12.69 62.01 -16.83
C TYR B 6 -11.77 60.85 -16.50
N VAL B 7 -10.83 61.05 -15.58
CA VAL B 7 -9.84 60.04 -15.28
C VAL B 7 -10.45 58.93 -14.43
N ASN B 8 -10.35 57.68 -14.90
CA ASN B 8 -10.76 56.53 -14.07
C ASN B 8 -9.58 55.66 -13.65
N PRO B 9 -9.07 55.85 -12.42
CA PRO B 9 -7.93 55.06 -11.92
C PRO B 9 -8.24 53.57 -11.75
N LEU B 10 -9.51 53.19 -11.81
CA LEU B 10 -9.90 51.76 -11.75
C LEU B 10 -9.86 51.05 -13.12
N MET B 11 -9.66 51.80 -14.20
CA MET B 11 -9.66 51.20 -15.53
C MET B 11 -8.47 50.24 -15.71
N GLY B 12 -8.77 48.95 -15.94
CA GLY B 12 -7.75 47.91 -16.06
C GLY B 12 -7.57 47.11 -14.78
N SER B 13 -8.35 47.42 -13.74
CA SER B 13 -8.32 46.69 -12.48
C SER B 13 -9.15 45.39 -12.44
N GLN B 14 -9.94 45.12 -13.49
CA GLN B 14 -10.73 43.87 -13.55
C GLN B 14 -10.03 42.83 -14.43
N SER B 15 -8.81 42.47 -14.04
CA SER B 15 -7.97 41.59 -14.84
C SER B 15 -7.70 40.31 -14.06
N THR B 16 -7.47 39.22 -14.78
CA THR B 16 -7.03 37.98 -14.14
C THR B 16 -5.76 37.46 -14.82
N PHE B 17 -5.12 36.50 -14.16
CA PHE B 17 -3.97 35.78 -14.71
C PHE B 17 -4.22 35.26 -16.16
N GLU B 18 -5.42 34.75 -16.40
CA GLU B 18 -5.74 34.11 -17.68
C GLU B 18 -6.05 35.06 -18.81
N LEU B 19 -6.54 36.24 -18.46
CA LEU B 19 -6.98 37.24 -19.42
C LEU B 19 -6.87 38.64 -18.83
N SER B 20 -5.96 39.43 -19.38
CA SER B 20 -5.75 40.78 -18.90
C SER B 20 -6.70 41.75 -19.55
N THR B 21 -7.21 42.69 -18.76
CA THR B 21 -7.94 43.83 -19.30
C THR B 21 -7.23 45.12 -18.93
N GLY B 22 -5.92 45.03 -18.74
CA GLY B 22 -5.08 46.17 -18.36
C GLY B 22 -4.06 45.81 -17.30
N ASN B 23 -4.45 44.91 -16.39
CA ASN B 23 -3.60 44.56 -15.25
C ASN B 23 -3.07 45.82 -14.56
N THR B 24 -3.96 46.72 -14.19
CA THR B 24 -3.58 47.95 -13.48
C THR B 24 -4.04 47.96 -12.01
N TYR B 25 -3.53 48.92 -11.25
CA TYR B 25 -4.06 49.22 -9.94
C TYR B 25 -4.32 50.72 -9.91
N PRO B 26 -5.18 51.18 -8.99
CA PRO B 26 -5.42 52.63 -8.83
C PRO B 26 -4.19 53.33 -8.25
N ALA B 27 -3.45 54.00 -9.12
CA ALA B 27 -2.25 54.73 -8.69
C ALA B 27 -2.68 56.13 -8.26
N ILE B 28 -2.78 56.33 -6.95
CA ILE B 28 -3.10 57.63 -6.42
C ILE B 28 -1.75 58.27 -6.17
N ALA B 29 -1.42 59.25 -7.00
CA ALA B 29 -0.05 59.78 -7.11
C ALA B 29 -0.03 61.12 -7.81
N ARG B 30 1.08 61.84 -7.66
CA ARG B 30 1.39 62.97 -8.53
C ARG B 30 1.90 62.41 -9.85
N PRO B 31 1.93 63.24 -10.93
CA PRO B 31 2.60 62.78 -12.15
C PRO B 31 4.07 62.37 -11.91
N TRP B 32 4.47 61.21 -12.44
CA TRP B 32 5.81 60.64 -12.21
C TRP B 32 6.23 60.60 -10.73
N GLY B 33 5.25 60.52 -9.83
CA GLY B 33 5.53 60.51 -8.38
C GLY B 33 6.52 59.42 -7.97
N MET B 34 7.42 59.75 -7.03
CA MET B 34 8.37 58.76 -6.53
C MET B 34 7.65 57.65 -5.75
N ASN B 35 6.63 58.03 -5.00
CA ASN B 35 5.85 57.06 -4.25
C ASN B 35 4.40 57.08 -4.69
N PHE B 36 3.89 55.93 -5.11
CA PHE B 36 2.46 55.78 -5.41
C PHE B 36 1.74 55.23 -4.17
N TRP B 37 0.47 55.57 -4.02
CA TRP B 37 -0.34 54.98 -2.97
C TRP B 37 -1.54 54.26 -3.56
N THR B 38 -1.92 53.13 -2.95
CA THR B 38 -3.04 52.36 -3.46
C THR B 38 -3.79 51.64 -2.35
N PRO B 39 -5.13 51.57 -2.45
CA PRO B 39 -5.85 50.59 -1.62
C PRO B 39 -5.35 49.18 -1.96
N GLN B 40 -5.18 48.35 -0.94
CA GLN B 40 -4.66 47.00 -1.12
C GLN B 40 -5.73 45.96 -0.83
N THR B 41 -6.15 45.24 -1.86
CA THR B 41 -7.08 44.13 -1.67
C THR B 41 -6.36 42.77 -1.60
N GLY B 42 -5.24 42.63 -2.32
CA GLY B 42 -4.47 41.39 -2.31
C GLY B 42 -3.67 41.17 -1.03
N LYS B 43 -3.36 39.92 -0.74
CA LYS B 43 -2.42 39.61 0.36
C LYS B 43 -0.99 40.08 0.05
N MET B 44 -0.22 40.34 1.10
CA MET B 44 1.18 40.73 0.93
C MET B 44 1.90 39.82 -0.06
N GLY B 45 2.53 40.40 -1.07
CA GLY B 45 3.31 39.62 -2.02
C GLY B 45 2.62 39.26 -3.32
N ASP B 46 1.31 39.46 -3.37
CA ASP B 46 0.53 39.15 -4.58
C ASP B 46 0.70 40.31 -5.57
N GLY B 47 1.15 39.97 -6.78
CA GLY B 47 1.24 40.92 -7.89
C GLY B 47 -0.06 41.67 -8.13
N TRP B 48 -1.18 40.99 -7.92
CA TRP B 48 -2.50 41.55 -8.12
C TRP B 48 -2.97 42.22 -6.82
N GLN B 49 -2.36 43.39 -6.53
CA GLN B 49 -2.53 44.03 -5.24
C GLN B 49 -3.88 44.72 -5.06
N TYR B 50 -4.53 45.07 -6.18
CA TYR B 50 -5.91 45.54 -6.16
C TYR B 50 -6.66 44.92 -7.34
N THR B 51 -7.70 44.14 -7.04
CA THR B 51 -8.56 43.65 -8.11
C THR B 51 -9.98 44.19 -7.89
N TYR B 52 -10.66 44.54 -8.98
CA TYR B 52 -11.99 45.11 -8.91
C TYR B 52 -13.00 44.18 -8.24
N THR B 53 -12.88 42.87 -8.46
CA THR B 53 -13.83 41.89 -7.95
C THR B 53 -13.58 41.48 -6.49
N ALA B 54 -12.49 41.98 -5.89
CA ALA B 54 -12.20 41.68 -4.48
C ALA B 54 -13.16 42.40 -3.53
N ASN B 55 -13.48 41.73 -2.43
CA ASN B 55 -14.46 42.22 -1.44
C ASN B 55 -13.90 43.03 -0.27
N LYS B 56 -12.62 42.87 0.00
CA LYS B 56 -12.02 43.44 1.22
C LYS B 56 -10.74 44.21 0.96
N ILE B 57 -10.58 45.28 1.72
CA ILE B 57 -9.35 46.06 1.75
C ILE B 57 -8.60 45.71 3.04
N ARG B 58 -7.31 45.41 2.92
CA ARG B 58 -6.52 45.05 4.12
C ARG B 58 -5.49 46.10 4.50
N GLY B 59 -5.39 47.14 3.68
CA GLY B 59 -4.44 48.21 3.94
C GLY B 59 -4.41 49.25 2.84
N PHE B 60 -3.71 50.34 3.15
CA PHE B 60 -3.43 51.41 2.22
C PHE B 60 -1.90 51.47 2.08
N LYS B 61 -1.44 51.18 0.86
CA LYS B 61 -0.08 50.75 0.65
C LYS B 61 0.73 51.73 -0.21
N GLN B 62 1.97 51.97 0.21
CA GLN B 62 2.97 52.63 -0.64
C GLN B 62 3.54 51.57 -1.59
N THR B 63 3.46 51.85 -2.88
CA THR B 63 3.86 50.89 -3.89
C THR B 63 4.73 51.52 -4.98
N HIS B 64 5.58 50.71 -5.60
CA HIS B 64 6.40 51.15 -6.73
C HIS B 64 6.24 50.23 -7.93
N GLN B 65 5.25 49.34 -7.84
CA GLN B 65 5.11 48.24 -8.77
C GLN B 65 4.68 48.70 -10.17
N PRO B 66 5.45 48.30 -11.21
CA PRO B 66 5.13 48.61 -12.62
C PRO B 66 4.19 47.60 -13.32
N SER B 67 4.12 46.37 -12.81
CA SER B 67 3.24 45.35 -13.37
C SER B 67 3.09 44.20 -12.36
N PRO B 68 2.02 43.38 -12.49
CA PRO B 68 1.91 42.29 -11.52
C PRO B 68 3.01 41.23 -11.71
N TRP B 69 3.57 41.16 -12.91
CA TRP B 69 4.62 40.18 -13.23
C TRP B 69 5.96 40.59 -12.66
N ILE B 70 6.30 41.87 -12.79
CA ILE B 70 7.54 42.39 -12.24
C ILE B 70 7.48 42.46 -10.71
N ASN B 71 6.29 42.74 -10.19
CA ASN B 71 6.06 42.86 -8.73
C ASN B 71 6.72 44.11 -8.13
N ASP B 72 6.83 44.15 -6.80
CA ASP B 72 6.96 45.41 -6.05
C ASP B 72 8.24 45.52 -5.22
N TYR B 73 8.51 46.73 -4.73
CA TYR B 73 9.61 47.01 -3.80
C TYR B 73 9.30 48.31 -3.04
N GLY B 74 9.97 48.52 -1.90
CA GLY B 74 9.76 49.76 -1.12
C GLY B 74 8.29 49.89 -0.77
N GLN B 75 7.79 48.85 -0.11
CA GLN B 75 6.37 48.69 0.15
C GLN B 75 6.11 48.53 1.64
N PHE B 76 5.18 49.35 2.15
CA PHE B 76 4.65 49.22 3.50
C PHE B 76 3.18 49.70 3.49
N SER B 77 2.44 49.44 4.57
CA SER B 77 1.03 49.81 4.59
C SER B 77 0.50 50.35 5.93
N ILE B 78 -0.68 50.96 5.87
CA ILE B 78 -1.33 51.50 7.05
C ILE B 78 -2.81 51.08 7.03
N MET B 79 -3.36 50.76 8.19
CA MET B 79 -4.74 50.28 8.27
C MET B 79 -5.40 50.72 9.59
N PRO B 80 -6.53 51.46 9.51
CA PRO B 80 -7.30 51.82 10.70
C PRO B 80 -8.29 50.72 11.05
N ILE B 81 -8.44 50.43 12.34
CA ILE B 81 -9.33 49.36 12.81
C ILE B 81 -10.02 49.77 14.11
N VAL B 82 -10.99 48.96 14.52
CA VAL B 82 -11.77 49.20 15.73
C VAL B 82 -12.00 47.85 16.39
N GLY B 83 -12.13 47.84 17.72
CA GLY B 83 -12.46 46.62 18.48
C GLY B 83 -11.27 46.00 19.16
N GLN B 84 -10.66 45.00 18.53
CA GLN B 84 -9.48 44.33 19.06
C GLN B 84 -8.22 44.81 18.35
N PRO B 85 -7.08 44.87 19.07
CA PRO B 85 -5.83 45.19 18.37
C PRO B 85 -5.30 44.00 17.54
N VAL B 86 -5.60 43.95 16.24
CA VAL B 86 -5.18 42.83 15.39
C VAL B 86 -4.23 43.24 14.26
N PHE B 87 -3.08 42.58 14.19
CA PHE B 87 -2.09 42.86 13.17
C PHE B 87 -2.36 42.05 11.90
N ASP B 88 -2.83 40.83 12.07
CA ASP B 88 -3.01 39.89 10.97
C ASP B 88 -3.72 40.49 9.75
N GLU B 89 -3.07 40.37 8.59
CA GLU B 89 -3.58 40.98 7.35
C GLU B 89 -4.98 40.53 6.93
N GLU B 90 -5.39 39.33 7.37
CA GLU B 90 -6.72 38.84 7.03
C GLU B 90 -7.78 39.24 8.05
N LYS B 91 -7.42 39.24 9.34
CA LYS B 91 -8.32 39.62 10.43
C LYS B 91 -8.59 41.13 10.55
N ARG B 92 -7.65 41.95 10.09
CA ARG B 92 -7.81 43.40 10.11
C ARG B 92 -8.61 43.90 8.91
N ALA B 93 -8.80 43.02 7.94
CA ALA B 93 -9.37 43.39 6.65
C ALA B 93 -10.85 43.73 6.76
N SER B 94 -11.33 44.56 5.84
CA SER B 94 -12.71 45.00 5.84
C SER B 94 -13.41 44.90 4.50
N TRP B 95 -14.63 44.37 4.50
CA TRP B 95 -15.56 44.58 3.41
C TRP B 95 -15.66 46.06 2.99
N PHE B 96 -15.98 46.24 1.71
CA PHE B 96 -16.24 47.56 1.13
C PHE B 96 -16.95 47.32 -0.20
N ALA B 97 -17.54 48.37 -0.78
CA ALA B 97 -18.05 48.30 -2.15
C ALA B 97 -17.62 49.54 -2.91
N HIS B 98 -17.63 49.43 -4.25
CA HIS B 98 -17.22 50.54 -5.10
C HIS B 98 -18.16 51.76 -5.03
N LYS B 99 -19.42 51.54 -4.68
CA LYS B 99 -20.37 52.63 -4.46
C LYS B 99 -20.09 53.39 -3.16
N GLY B 100 -19.18 52.84 -2.34
CA GLY B 100 -18.68 53.53 -1.15
C GLY B 100 -17.23 53.98 -1.29
N GLU B 101 -16.75 54.07 -2.52
CA GLU B 101 -15.36 54.37 -2.80
C GLU B 101 -15.33 55.49 -3.83
N VAL B 102 -14.44 56.47 -3.62
CA VAL B 102 -14.19 57.51 -4.62
C VAL B 102 -12.68 57.51 -4.95
N ALA B 103 -12.35 57.16 -6.19
CA ALA B 103 -10.96 57.13 -6.67
C ALA B 103 -10.66 58.21 -7.72
N THR B 104 -9.76 59.12 -7.41
CA THR B 104 -9.25 60.09 -8.39
C THR B 104 -7.71 60.04 -8.34
N PRO B 105 -7.02 60.64 -9.34
CA PRO B 105 -5.55 60.60 -9.29
C PRO B 105 -4.97 61.33 -8.06
N TYR B 106 -5.72 62.28 -7.52
CA TYR B 106 -5.21 63.17 -6.48
C TYR B 106 -5.83 62.90 -5.11
N TYR B 107 -6.81 62.00 -5.06
CA TYR B 107 -7.66 61.83 -3.85
C TYR B 107 -8.37 60.50 -3.88
N TYR B 108 -8.24 59.76 -2.79
CA TYR B 108 -8.92 58.48 -2.63
C TYR B 108 -9.71 58.41 -1.33
N LYS B 109 -10.97 57.99 -1.43
CA LYS B 109 -11.83 57.82 -0.27
C LYS B 109 -12.50 56.45 -0.31
N VAL B 110 -12.58 55.79 0.84
CA VAL B 110 -13.35 54.54 0.96
C VAL B 110 -14.01 54.35 2.33
N TYR B 111 -15.21 53.76 2.31
CA TYR B 111 -15.90 53.38 3.51
C TYR B 111 -15.64 51.93 3.89
N LEU B 112 -15.01 51.73 5.04
CA LEU B 112 -14.69 50.41 5.57
C LEU B 112 -15.82 49.82 6.43
N ALA B 113 -16.68 49.05 5.77
CA ALA B 113 -17.94 48.57 6.36
C ALA B 113 -17.80 47.77 7.65
N GLU B 114 -16.71 47.02 7.84
CA GLU B 114 -16.58 46.19 9.05
C GLU B 114 -16.02 46.93 10.27
N HIS B 115 -15.41 48.09 10.03
CA HIS B 115 -14.87 48.91 11.11
C HIS B 115 -15.65 50.19 11.34
N ASP B 116 -16.59 50.47 10.43
CA ASP B 116 -17.33 51.74 10.41
C ASP B 116 -16.38 52.95 10.39
N ILE B 117 -15.42 52.90 9.47
CA ILE B 117 -14.39 53.94 9.32
C ILE B 117 -14.34 54.45 7.88
N VAL B 118 -14.24 55.78 7.71
CA VAL B 118 -13.92 56.37 6.41
C VAL B 118 -12.41 56.67 6.34
N THR B 119 -11.75 56.22 5.28
CA THR B 119 -10.35 56.56 5.01
C THR B 119 -10.24 57.51 3.80
N GLU B 120 -9.41 58.53 3.92
CA GLU B 120 -9.12 59.44 2.81
C GLU B 120 -7.61 59.63 2.68
N MET B 121 -7.12 59.71 1.44
CA MET B 121 -5.69 59.99 1.21
C MET B 121 -5.43 60.90 0.01
N THR B 122 -4.45 61.78 0.17
CA THR B 122 -4.03 62.75 -0.83
C THR B 122 -2.49 62.84 -0.87
N PRO B 123 -1.86 62.34 -1.94
CA PRO B 123 -0.40 62.29 -1.99
C PRO B 123 0.27 63.51 -2.65
N THR B 124 1.54 63.72 -2.32
CA THR B 124 2.40 64.61 -3.07
C THR B 124 3.38 63.69 -3.82
N GLU B 125 4.52 64.20 -4.27
CA GLU B 125 5.49 63.38 -5.01
C GLU B 125 6.11 62.28 -4.16
N ARG B 126 6.38 62.59 -2.89
CA ARG B 126 7.10 61.68 -1.99
C ARG B 126 6.39 61.40 -0.68
N ALA B 127 5.38 62.22 -0.37
CA ALA B 127 4.63 62.11 0.87
C ALA B 127 3.13 61.95 0.61
N VAL B 128 2.36 61.79 1.69
CA VAL B 128 0.90 61.63 1.61
C VAL B 128 0.29 62.03 2.96
N LEU B 129 -0.94 62.54 2.90
CA LEU B 129 -1.71 62.76 4.10
C LEU B 129 -2.89 61.78 4.17
N PHE B 130 -3.02 61.11 5.31
CA PHE B 130 -4.18 60.27 5.61
C PHE B 130 -5.09 60.96 6.60
N ARG B 131 -6.39 60.93 6.33
CA ARG B 131 -7.41 61.30 7.33
C ARG B 131 -8.37 60.13 7.59
N PHE B 132 -8.40 59.67 8.84
CA PHE B 132 -9.28 58.59 9.27
C PHE B 132 -10.46 59.15 10.07
N THR B 133 -11.68 58.83 9.67
CA THR B 133 -12.87 59.25 10.42
C THR B 133 -13.41 58.03 11.19
N PHE B 134 -13.21 58.04 12.51
CA PHE B 134 -13.54 56.90 13.40
C PHE B 134 -14.96 56.98 13.96
N PRO B 135 -15.53 55.80 14.32
CA PRO B 135 -16.78 55.83 15.04
C PRO B 135 -16.54 56.04 16.55
N GLU B 136 -17.62 56.20 17.30
CA GLU B 136 -17.49 56.20 18.75
C GLU B 136 -17.00 54.83 19.26
N ASN B 137 -15.78 54.79 19.76
CA ASN B 137 -15.21 53.57 20.30
C ASN B 137 -14.13 53.85 21.35
N ASP B 138 -14.12 53.04 22.40
CA ASP B 138 -13.06 53.08 23.42
C ASP B 138 -11.76 52.45 22.89
N HIS B 139 -11.88 51.58 21.89
CA HIS B 139 -10.72 50.91 21.30
C HIS B 139 -10.63 51.08 19.78
N SER B 140 -10.04 52.19 19.37
CA SER B 140 -9.73 52.49 17.97
C SER B 140 -8.21 52.41 17.77
N TYR B 141 -7.79 51.78 16.68
CA TYR B 141 -6.36 51.58 16.41
C TYR B 141 -5.94 51.88 14.97
N VAL B 142 -4.65 52.16 14.82
CA VAL B 142 -4.02 52.24 13.51
C VAL B 142 -2.89 51.22 13.42
N VAL B 143 -2.90 50.42 12.37
CA VAL B 143 -1.90 49.36 12.16
C VAL B 143 -0.87 49.83 11.13
N VAL B 144 0.41 49.71 11.48
CA VAL B 144 1.50 50.00 10.55
C VAL B 144 2.29 48.73 10.24
N ASP B 145 2.34 48.38 8.96
CA ASP B 145 2.88 47.09 8.51
C ASP B 145 4.09 47.35 7.59
N ALA B 146 5.27 47.01 8.11
CA ALA B 146 6.54 47.23 7.41
C ALA B 146 6.90 46.09 6.45
N PHE B 147 6.00 45.10 6.34
CA PHE B 147 6.17 43.94 5.47
C PHE B 147 7.33 43.04 5.92
N ASP B 148 7.53 41.92 5.23
CA ASP B 148 8.49 40.90 5.66
C ASP B 148 9.84 40.94 4.95
N LYS B 149 10.62 39.88 5.14
CA LYS B 149 11.96 39.71 4.56
C LYS B 149 12.99 40.68 5.14
N GLY B 150 12.85 41.04 6.42
CA GLY B 150 13.77 41.96 7.08
C GLY B 150 13.30 43.41 7.08
N SER B 151 12.77 43.86 8.22
CA SER B 151 12.28 45.23 8.37
C SER B 151 12.49 45.73 9.80
N TYR B 152 12.02 46.95 10.06
CA TYR B 152 12.31 47.64 11.31
C TYR B 152 11.19 48.62 11.61
N ILE B 153 10.92 48.82 12.90
CA ILE B 153 9.87 49.71 13.37
C ILE B 153 10.23 50.26 14.75
N LYS B 154 9.77 51.46 15.04
CA LYS B 154 9.98 52.10 16.34
C LYS B 154 8.89 53.12 16.61
N ILE B 155 8.24 52.97 17.76
CA ILE B 155 7.24 53.92 18.22
C ILE B 155 7.91 55.02 19.04
N ILE B 156 7.64 56.27 18.69
CA ILE B 156 8.14 57.43 19.42
C ILE B 156 6.95 58.21 20.01
N PRO B 157 6.53 57.83 21.24
CA PRO B 157 5.32 58.35 21.86
C PRO B 157 5.35 59.84 22.08
N GLU B 158 6.50 60.38 22.49
CA GLU B 158 6.66 61.81 22.81
C GLU B 158 6.50 62.73 21.59
N GLU B 159 6.44 62.14 20.39
CA GLU B 159 6.24 62.89 19.16
C GLU B 159 5.01 62.43 18.35
N ASN B 160 4.20 61.55 18.94
CA ASN B 160 3.07 60.90 18.25
C ASN B 160 3.52 60.31 16.89
N LYS B 161 4.61 59.56 16.93
CA LYS B 161 5.36 59.24 15.73
C LYS B 161 5.76 57.77 15.66
N ILE B 162 5.59 57.18 14.48
CA ILE B 162 6.13 55.86 14.18
C ILE B 162 7.10 56.01 13.02
N ILE B 163 8.29 55.46 13.19
CA ILE B 163 9.25 55.34 12.10
C ILE B 163 9.54 53.87 11.79
N GLY B 164 10.16 53.62 10.65
CA GLY B 164 10.60 52.29 10.30
C GLY B 164 11.17 52.21 8.90
N TYR B 165 11.65 51.03 8.52
CA TYR B 165 12.03 50.80 7.15
C TYR B 165 11.55 49.44 6.65
N THR B 166 11.45 49.34 5.34
CA THR B 166 10.99 48.14 4.64
C THR B 166 12.01 47.75 3.58
N THR B 167 12.20 46.45 3.36
CA THR B 167 13.18 45.99 2.39
C THR B 167 12.64 44.98 1.41
N ARG B 168 11.41 44.48 1.62
CA ARG B 168 10.86 43.43 0.76
C ARG B 168 10.87 43.92 -0.70
N ASN B 169 11.51 43.14 -1.56
CA ASN B 169 11.62 43.48 -2.96
C ASN B 169 11.53 42.27 -3.89
N SER B 170 11.57 42.55 -5.20
CA SER B 170 11.51 41.50 -6.20
C SER B 170 12.82 41.37 -6.99
N GLY B 171 13.93 41.75 -6.37
CA GLY B 171 15.23 41.76 -7.05
C GLY B 171 15.57 43.08 -7.73
N GLY B 172 16.75 43.13 -8.34
CA GLY B 172 17.26 44.34 -8.96
C GLY B 172 17.59 45.44 -7.95
N VAL B 173 17.98 45.03 -6.75
CA VAL B 173 18.41 45.99 -5.74
C VAL B 173 19.84 45.72 -5.27
N PRO B 174 20.57 46.79 -4.88
CA PRO B 174 21.84 46.63 -4.17
C PRO B 174 21.63 46.02 -2.79
N GLU B 175 22.71 45.54 -2.18
CA GLU B 175 22.64 44.83 -0.90
C GLU B 175 22.11 45.67 0.26
N ASN B 176 22.36 46.98 0.21
CA ASN B 176 21.97 47.87 1.30
C ASN B 176 20.55 48.45 1.18
N PHE B 177 19.77 47.96 0.21
CA PHE B 177 18.47 48.55 -0.10
C PHE B 177 17.57 48.72 1.12
N LYS B 178 17.00 49.92 1.26
CA LYS B 178 16.07 50.24 2.32
C LYS B 178 15.14 51.38 1.89
N ASN B 179 13.86 51.27 2.23
CA ASN B 179 12.94 52.39 2.13
C ASN B 179 12.58 52.87 3.53
N TYR B 180 13.03 54.08 3.87
CA TYR B 180 12.86 54.64 5.21
C TYR B 180 11.57 55.44 5.26
N PHE B 181 10.72 55.13 6.23
CA PHE B 181 9.43 55.85 6.37
C PHE B 181 9.17 56.46 7.73
N ILE B 182 8.46 57.60 7.73
CA ILE B 182 8.06 58.35 8.95
C ILE B 182 6.56 58.66 8.93
N ILE B 183 5.90 58.44 10.07
CA ILE B 183 4.47 58.67 10.22
C ILE B 183 4.16 59.56 11.43
N GLU B 184 3.45 60.66 11.19
CA GLU B 184 3.12 61.65 12.24
C GLU B 184 1.60 61.78 12.46
N PHE B 185 1.16 61.49 13.68
CA PHE B 185 -0.25 61.55 14.06
C PHE B 185 -0.56 62.84 14.80
N ASP B 186 -1.76 63.37 14.60
CA ASP B 186 -2.21 64.57 15.32
C ASP B 186 -3.04 64.19 16.57
N LYS B 187 -2.95 62.95 17.00
CA LYS B 187 -3.57 62.46 18.23
C LYS B 187 -2.54 61.69 19.05
N PRO B 188 -2.55 61.84 20.38
CA PRO B 188 -1.63 61.06 21.23
C PRO B 188 -2.03 59.60 21.33
N PHE B 189 -1.04 58.70 21.47
CA PHE B 189 -1.31 57.27 21.68
C PHE B 189 -1.66 57.02 23.14
N THR B 190 -2.71 56.24 23.35
CA THR B 190 -3.15 55.79 24.66
C THR B 190 -2.82 54.31 24.78
N TYR B 191 -2.66 53.67 23.63
CA TYR B 191 -2.21 52.29 23.53
C TYR B 191 -1.08 52.26 22.50
N LYS B 192 -0.10 51.39 22.72
CA LYS B 192 1.01 51.20 21.78
C LYS B 192 1.64 49.83 21.93
N ALA B 193 1.95 49.23 20.81
CA ALA B 193 2.59 47.93 20.79
C ALA B 193 3.32 47.79 19.47
N THR B 194 4.48 47.13 19.50
CA THR B 194 5.15 46.73 18.29
C THR B 194 4.82 45.25 18.05
N VAL B 195 5.02 44.80 16.81
CA VAL B 195 4.75 43.42 16.44
C VAL B 195 6.04 42.75 15.95
N GLU B 196 6.29 41.56 16.47
CA GLU B 196 7.47 40.81 16.10
C GLU B 196 7.03 39.43 15.63
N ASN B 197 7.13 39.21 14.32
CA ASN B 197 6.66 37.96 13.68
C ASN B 197 5.28 37.51 14.15
N GLY B 198 4.28 38.35 13.93
CA GLY B 198 2.90 38.04 14.32
C GLY B 198 2.55 38.20 15.79
N ASN B 199 3.56 38.34 16.66
CA ASN B 199 3.32 38.54 18.11
C ASN B 199 3.19 39.99 18.54
N LEU B 200 2.09 40.29 19.21
CA LEU B 200 1.81 41.61 19.72
C LEU B 200 2.58 41.85 21.03
N GLN B 201 3.37 42.92 21.07
CA GLN B 201 4.20 43.21 22.26
C GLN B 201 4.02 44.62 22.77
N GLU B 202 3.15 44.75 23.77
CA GLU B 202 2.75 46.05 24.30
C GLU B 202 3.90 46.77 24.99
N ASN B 203 4.03 48.06 24.69
CA ASN B 203 5.01 48.93 25.35
C ASN B 203 6.50 48.60 25.09
N VAL B 204 6.75 47.69 24.15
CA VAL B 204 8.07 47.47 23.58
C VAL B 204 8.21 48.45 22.39
N ALA B 205 9.19 49.34 22.47
CA ALA B 205 9.33 50.47 21.54
C ALA B 205 9.81 50.12 20.13
N GLU B 206 10.62 49.08 20.01
CA GLU B 206 11.44 48.85 18.81
C GLU B 206 11.49 47.36 18.42
N GLN B 207 11.50 47.09 17.12
CA GLN B 207 11.75 45.74 16.60
C GLN B 207 12.63 45.78 15.35
N THR B 208 13.66 44.93 15.34
CA THR B 208 14.42 44.65 14.12
C THR B 208 14.26 43.17 13.88
N THR B 209 13.47 42.82 12.86
CA THR B 209 13.02 41.43 12.66
C THR B 209 12.54 41.18 11.24
N ASP B 210 12.23 39.92 10.92
CA ASP B 210 11.79 39.57 9.57
C ASP B 210 10.58 40.40 9.15
N HIS B 211 9.57 40.44 10.03
CA HIS B 211 8.30 41.10 9.72
C HIS B 211 7.91 42.05 10.86
N ALA B 212 8.39 43.29 10.80
CA ALA B 212 8.10 44.27 11.85
C ALA B 212 6.72 44.93 11.66
N GLY B 213 6.11 45.34 12.78
CA GLY B 213 4.82 46.02 12.75
C GLY B 213 4.62 46.89 13.97
N ALA B 214 3.57 47.72 13.94
CA ALA B 214 3.15 48.49 15.12
C ALA B 214 1.65 48.68 15.14
N ILE B 215 1.10 48.75 16.34
CA ILE B 215 -0.29 49.14 16.56
C ILE B 215 -0.34 50.24 17.61
N ILE B 216 -0.85 51.40 17.22
CA ILE B 216 -1.17 52.45 18.18
C ILE B 216 -2.67 52.61 18.28
N GLY B 217 -3.13 53.30 19.32
CA GLY B 217 -4.57 53.38 19.57
C GLY B 217 -5.00 54.41 20.56
N PHE B 218 -6.32 54.61 20.63
CA PHE B 218 -6.92 55.66 21.44
C PHE B 218 -8.45 55.53 21.49
N LYS B 219 -9.08 56.39 22.30
CA LYS B 219 -10.54 56.53 22.35
C LYS B 219 -10.97 57.52 21.28
N THR B 220 -12.10 57.25 20.63
CA THR B 220 -12.63 58.21 19.67
C THR B 220 -14.10 58.50 19.91
N ARG B 221 -14.47 59.75 19.65
CA ARG B 221 -15.86 60.16 19.59
C ARG B 221 -16.39 59.84 18.19
N LYS B 222 -17.71 59.93 18.03
CA LYS B 222 -18.36 59.72 16.74
C LYS B 222 -17.92 60.76 15.71
N GLY B 223 -17.35 60.27 14.62
CA GLY B 223 -16.90 61.13 13.53
C GLY B 223 -15.58 61.81 13.79
N GLU B 224 -14.91 61.46 14.89
CA GLU B 224 -13.61 62.04 15.22
C GLU B 224 -12.57 61.73 14.16
N GLN B 225 -11.92 62.77 13.67
CA GLN B 225 -10.92 62.65 12.63
C GLN B 225 -9.50 62.65 13.20
N VAL B 226 -8.70 61.71 12.70
CA VAL B 226 -7.29 61.60 13.05
C VAL B 226 -6.48 61.71 11.77
N ASN B 227 -5.51 62.62 11.76
CA ASN B 227 -4.63 62.78 10.62
C ASN B 227 -3.25 62.15 10.82
N ALA B 228 -2.74 61.57 9.74
CA ALA B 228 -1.41 60.96 9.74
C ALA B 228 -0.65 61.44 8.52
N ARG B 229 0.45 62.15 8.78
CA ARG B 229 1.35 62.66 7.74
C ARG B 229 2.47 61.64 7.53
N ILE B 230 2.63 61.20 6.28
CA ILE B 230 3.56 60.13 5.93
C ILE B 230 4.47 60.53 4.77
N ALA B 231 5.75 60.14 4.87
CA ALA B 231 6.74 60.36 3.83
C ALA B 231 7.77 59.24 3.85
N SER B 232 8.32 58.90 2.68
CA SER B 232 9.41 57.93 2.63
C SER B 232 10.57 58.40 1.79
N SER B 233 11.71 57.72 1.98
CA SER B 233 12.96 58.00 1.27
C SER B 233 13.76 56.72 1.03
N PHE B 234 14.50 56.68 -0.08
CA PHE B 234 15.45 55.61 -0.33
C PHE B 234 16.86 55.95 0.19
N ILE B 235 16.99 57.11 0.83
CA ILE B 235 18.29 57.62 1.28
C ILE B 235 18.52 57.46 2.78
N SER B 236 17.67 58.10 3.59
CA SER B 236 17.78 58.09 5.05
C SER B 236 16.52 58.62 5.69
N PHE B 237 16.42 58.39 7.01
CA PHE B 237 15.37 58.96 7.85
C PHE B 237 15.36 60.49 7.81
N GLU B 238 16.56 61.08 7.77
CA GLU B 238 16.70 62.52 7.67
C GLU B 238 16.16 63.07 6.34
N GLN B 239 16.42 62.36 5.24
CA GLN B 239 15.85 62.71 3.95
C GLN B 239 14.32 62.51 3.92
N ALA B 240 13.83 61.45 4.57
CA ALA B 240 12.38 61.19 4.66
C ALA B 240 11.66 62.32 5.41
N ALA B 241 12.33 62.85 6.43
CA ALA B 241 11.81 63.95 7.22
C ALA B 241 11.73 65.21 6.39
N ALA B 242 12.73 65.44 5.54
CA ALA B 242 12.73 66.58 4.62
C ALA B 242 11.65 66.44 3.53
N ASN B 243 11.42 65.21 3.05
CA ASN B 243 10.36 64.93 2.07
C ASN B 243 8.97 65.23 2.63
N MET B 244 8.82 65.04 3.94
CA MET B 244 7.58 65.33 4.69
C MET B 244 7.11 66.77 4.50
N ASN B 245 8.05 67.68 4.22
CA ASN B 245 7.74 69.10 4.03
C ASN B 245 6.93 69.43 2.77
N GLU B 246 6.91 68.50 1.82
CA GLU B 246 6.02 68.60 0.65
C GLU B 246 4.54 68.76 1.05
N LEU B 247 4.22 68.36 2.29
CA LEU B 247 2.87 68.46 2.82
C LEU B 247 2.53 69.85 3.38
N GLY B 248 3.56 70.63 3.68
CA GLY B 248 3.41 71.90 4.38
C GLY B 248 2.62 71.66 5.65
N LYS B 249 1.70 72.56 5.95
CA LYS B 249 0.74 72.34 7.02
C LYS B 249 -0.68 72.07 6.49
N ASP B 250 -0.77 71.69 5.22
CA ASP B 250 -2.06 71.48 4.55
C ASP B 250 -2.95 70.37 5.12
N ASN B 251 -4.26 70.56 4.95
CA ASN B 251 -5.25 69.52 5.23
C ASN B 251 -5.66 68.78 3.93
N ILE B 252 -6.54 67.78 4.05
CA ILE B 252 -6.97 66.95 2.91
C ILE B 252 -7.51 67.76 1.71
N GLU B 253 -8.42 68.70 2.01
CA GLU B 253 -9.00 69.62 1.02
C GLU B 253 -7.93 70.40 0.23
N GLN B 254 -6.95 70.93 0.95
CA GLN B 254 -5.91 71.74 0.34
C GLN B 254 -4.93 70.94 -0.51
N LEU B 255 -4.54 69.75 -0.02
CA LEU B 255 -3.66 68.86 -0.79
C LEU B 255 -4.37 68.25 -2.00
N ALA B 256 -5.66 68.00 -1.88
CA ALA B 256 -6.45 67.50 -3.00
C ALA B 256 -6.52 68.55 -4.11
N GLN B 257 -6.70 69.81 -3.72
CA GLN B 257 -6.77 70.90 -4.70
C GLN B 257 -5.43 71.04 -5.44
N LYS B 258 -4.33 70.88 -4.70
CA LYS B 258 -2.99 70.94 -5.29
C LYS B 258 -2.69 69.78 -6.24
N GLY B 259 -3.12 68.57 -5.86
CA GLY B 259 -2.97 67.40 -6.72
C GLY B 259 -3.81 67.51 -8.00
N LYS B 260 -5.03 68.01 -7.85
CA LYS B 260 -5.95 68.23 -8.94
C LYS B 260 -5.35 69.24 -9.94
N ASP B 261 -4.79 70.33 -9.41
CA ASP B 261 -4.05 71.33 -10.19
C ASP B 261 -2.82 70.74 -10.88
N ALA B 262 -2.04 69.95 -10.15
CA ALA B 262 -0.88 69.26 -10.75
C ALA B 262 -1.33 68.41 -11.96
N TRP B 263 -2.40 67.63 -11.80
CA TRP B 263 -2.91 66.78 -12.88
C TRP B 263 -3.52 67.55 -14.05
N ASN B 264 -4.31 68.58 -13.75
CA ASN B 264 -4.90 69.43 -14.79
C ASN B 264 -3.87 70.19 -15.64
N GLN B 265 -2.78 70.60 -15.00
CA GLN B 265 -1.66 71.20 -15.74
C GLN B 265 -1.13 70.31 -16.88
N VAL B 266 -0.93 69.02 -16.61
CA VAL B 266 -0.37 68.11 -17.63
C VAL B 266 -1.46 67.56 -18.58
N LEU B 267 -2.61 67.19 -18.02
CA LEU B 267 -3.73 66.68 -18.81
C LEU B 267 -4.18 67.75 -19.80
N GLY B 268 -4.18 69.01 -19.35
CA GLY B 268 -4.71 70.13 -20.11
C GLY B 268 -3.91 70.55 -21.33
N LYS B 269 -2.75 69.93 -21.52
CA LYS B 269 -1.91 70.22 -22.67
C LYS B 269 -2.56 69.70 -23.96
N ILE B 270 -3.52 68.78 -23.81
CA ILE B 270 -4.25 68.18 -24.92
C ILE B 270 -5.76 68.28 -24.67
N GLU B 271 -6.40 69.26 -25.30
CA GLU B 271 -7.83 69.48 -25.13
C GLU B 271 -8.61 68.89 -26.30
N VAL B 272 -9.43 67.89 -26.02
CA VAL B 272 -10.32 67.31 -27.03
C VAL B 272 -11.78 67.69 -26.76
N GLU B 273 -12.56 67.88 -27.83
CA GLU B 273 -13.97 68.21 -27.73
C GLU B 273 -14.74 67.65 -28.92
N GLY B 274 -16.06 67.68 -28.85
CA GLY B 274 -16.91 67.08 -29.87
C GLY B 274 -16.81 65.57 -29.89
N GLY B 275 -16.86 64.94 -28.72
CA GLY B 275 -16.94 63.47 -28.61
C GLY B 275 -17.99 63.08 -27.60
N ASN B 276 -18.16 61.79 -27.33
CA ASN B 276 -19.10 61.37 -26.29
C ASN B 276 -18.38 61.14 -24.96
N LEU B 277 -19.14 60.98 -23.88
CA LEU B 277 -18.56 60.81 -22.55
C LEU B 277 -17.64 59.56 -22.41
N ASP B 278 -17.97 58.46 -23.08
CA ASP B 278 -17.07 57.29 -23.11
C ASP B 278 -15.68 57.65 -23.66
N GLN B 279 -15.68 58.44 -24.72
CA GLN B 279 -14.44 58.80 -25.41
C GLN B 279 -13.59 59.76 -24.58
N TYR B 280 -14.20 60.74 -23.93
CA TYR B 280 -13.48 61.61 -23.00
C TYR B 280 -12.83 60.81 -21.86
N ARG B 281 -13.59 59.87 -21.31
CA ARG B 281 -13.08 59.02 -20.22
C ARG B 281 -11.92 58.11 -20.66
N THR B 282 -12.08 57.43 -21.79
CA THR B 282 -11.03 56.57 -22.33
C THR B 282 -9.78 57.39 -22.61
N PHE B 283 -9.94 58.53 -23.29
CA PHE B 283 -8.81 59.40 -23.62
C PHE B 283 -8.06 59.96 -22.40
N TYR B 284 -8.75 60.64 -21.47
CA TYR B 284 -8.06 61.17 -20.29
C TYR B 284 -7.54 60.12 -19.29
N SER B 285 -8.21 58.97 -19.18
CA SER B 285 -7.66 57.85 -18.40
C SER B 285 -6.36 57.32 -19.01
N CYS B 286 -6.33 57.19 -20.34
CA CYS B 286 -5.13 56.71 -21.03
C CYS B 286 -4.01 57.77 -20.91
N LEU B 287 -4.38 59.03 -20.95
CA LEU B 287 -3.37 60.08 -20.76
C LEU B 287 -2.80 60.04 -19.34
N TYR B 288 -3.67 59.91 -18.34
CA TYR B 288 -3.21 59.80 -16.94
C TYR B 288 -2.19 58.66 -16.83
N ARG B 289 -2.53 57.49 -17.38
CA ARG B 289 -1.64 56.32 -17.42
C ARG B 289 -0.32 56.54 -18.16
N SER B 290 -0.30 57.52 -19.06
CA SER B 290 0.92 57.90 -19.82
C SER B 290 1.93 58.80 -19.07
N LEU B 291 1.55 59.28 -17.89
CA LEU B 291 2.36 60.24 -17.16
C LEU B 291 2.69 59.74 -15.76
N LEU B 292 2.88 58.43 -15.64
CA LEU B 292 3.19 57.80 -14.37
C LEU B 292 4.58 57.16 -14.36
N PHE B 293 4.97 56.57 -15.49
CA PHE B 293 6.20 55.79 -15.57
C PHE B 293 7.08 56.29 -16.70
N PRO B 294 8.40 56.28 -16.52
CA PRO B 294 9.14 55.91 -15.31
C PRO B 294 8.97 56.94 -14.21
N ARG B 295 8.99 56.46 -12.97
CA ARG B 295 8.80 57.31 -11.80
C ARG B 295 10.08 58.05 -11.50
N LYS B 296 9.95 59.25 -10.91
CA LYS B 296 11.10 59.90 -10.29
C LYS B 296 11.70 58.96 -9.26
N PHE B 297 13.02 58.96 -9.19
CA PHE B 297 13.71 58.19 -8.17
C PHE B 297 14.75 59.07 -7.46
N TYR B 298 14.62 60.37 -7.66
CA TYR B 298 15.51 61.34 -7.04
C TYR B 298 14.76 62.17 -6.02
N GLU B 299 15.51 62.73 -5.07
CA GLU B 299 14.99 63.48 -3.96
C GLU B 299 15.73 64.82 -3.92
N LEU B 300 15.25 65.77 -3.11
CA LEU B 300 15.79 67.13 -3.13
C LEU B 300 16.57 67.41 -1.84
N ASP B 301 17.81 67.88 -1.96
CA ASP B 301 18.59 68.19 -0.76
C ASP B 301 18.20 69.54 -0.16
N ALA B 302 18.98 70.02 0.79
CA ALA B 302 18.71 71.30 1.46
C ALA B 302 18.79 72.52 0.51
N ASN B 303 19.48 72.38 -0.61
CA ASN B 303 19.57 73.47 -1.60
C ASN B 303 18.60 73.33 -2.76
N GLY B 304 17.70 72.35 -2.68
CA GLY B 304 16.71 72.12 -3.72
C GLY B 304 17.29 71.40 -4.92
N GLN B 305 18.51 70.89 -4.77
CA GLN B 305 19.20 70.16 -5.84
C GLN B 305 18.87 68.67 -5.81
N PRO B 306 18.73 68.04 -7.00
CA PRO B 306 18.42 66.61 -7.05
C PRO B 306 19.60 65.70 -6.64
N ILE B 307 19.29 64.71 -5.82
CA ILE B 307 20.21 63.65 -5.43
C ILE B 307 19.40 62.35 -5.41
N HIS B 308 20.08 61.21 -5.55
CA HIS B 308 19.38 59.93 -5.61
C HIS B 308 20.16 58.79 -4.98
N TYR B 309 19.43 57.88 -4.35
CA TYR B 309 19.98 56.57 -4.04
C TYR B 309 20.06 55.82 -5.37
N SER B 310 21.25 55.30 -5.68
CA SER B 310 21.44 54.50 -6.87
C SER B 310 20.97 53.06 -6.66
N PRO B 311 19.94 52.61 -7.41
CA PRO B 311 19.55 51.21 -7.34
C PRO B 311 20.50 50.33 -8.14
N TYR B 312 21.58 50.92 -8.63
CA TYR B 312 22.59 50.24 -9.41
C TYR B 312 23.85 49.94 -8.61
N ASN B 313 24.31 50.89 -7.80
CA ASN B 313 25.52 50.65 -7.00
C ASN B 313 25.39 50.93 -5.50
N GLY B 314 24.19 51.26 -5.06
CA GLY B 314 23.89 51.47 -3.64
C GLY B 314 24.42 52.75 -3.01
N GLN B 315 25.00 53.63 -3.83
CA GLN B 315 25.54 54.89 -3.33
C GLN B 315 24.52 56.01 -3.46
N VAL B 316 24.75 57.09 -2.71
CA VAL B 316 23.93 58.29 -2.80
C VAL B 316 24.68 59.30 -3.66
N LEU B 317 24.10 59.68 -4.79
CA LEU B 317 24.80 60.47 -5.81
C LEU B 317 23.99 61.67 -6.32
N PRO B 318 24.67 62.73 -6.77
CA PRO B 318 23.96 63.88 -7.34
C PRO B 318 23.30 63.55 -8.68
N GLY B 319 22.27 64.31 -9.04
CA GLY B 319 21.65 64.20 -10.35
C GLY B 319 20.33 63.45 -10.38
N TYR B 320 19.70 63.49 -11.54
CA TYR B 320 18.41 62.84 -11.76
C TYR B 320 18.56 61.34 -11.91
N MET B 321 17.51 60.63 -11.50
CA MET B 321 17.40 59.20 -11.69
C MET B 321 15.91 58.90 -11.78
N PHE B 322 15.54 58.08 -12.78
CA PHE B 322 14.18 57.57 -12.94
C PHE B 322 14.25 56.04 -13.08
N THR B 323 13.10 55.38 -12.89
CA THR B 323 13.03 53.93 -12.95
C THR B 323 11.61 53.39 -13.12
N ASP B 324 11.48 52.06 -13.17
CA ASP B 324 10.21 51.35 -13.37
C ASP B 324 9.60 51.49 -14.77
N THR B 325 10.40 51.09 -15.76
CA THR B 325 9.92 51.02 -17.14
C THR B 325 10.71 49.97 -17.94
N GLY B 326 10.03 49.35 -18.90
CA GLY B 326 10.69 48.49 -19.87
C GLY B 326 10.65 49.12 -21.26
N PHE B 327 11.83 49.46 -21.77
CA PHE B 327 11.96 50.09 -23.07
C PHE B 327 11.42 49.23 -24.22
N TRP B 328 11.39 47.90 -24.03
CA TRP B 328 10.78 47.01 -25.00
C TRP B 328 9.31 47.39 -25.26
N ASP B 329 8.64 47.88 -24.22
CA ASP B 329 7.29 48.43 -24.33
C ASP B 329 7.35 49.87 -24.85
N THR B 330 8.13 50.70 -24.14
CA THR B 330 7.89 52.15 -24.10
C THR B 330 8.65 52.99 -25.14
N PHE B 331 9.57 52.38 -25.89
CA PHE B 331 10.22 53.06 -27.01
C PHE B 331 9.20 53.38 -28.11
N ARG B 332 8.12 52.57 -28.16
CA ARG B 332 7.19 52.54 -29.29
C ARG B 332 6.38 53.82 -29.48
N CYS B 333 5.67 54.26 -28.45
CA CYS B 333 5.03 55.59 -28.47
C CYS B 333 5.02 56.32 -27.12
N LEU B 334 5.26 55.62 -26.02
CA LEU B 334 5.24 56.28 -24.70
C LEU B 334 6.27 57.40 -24.62
N PHE B 335 7.54 57.07 -24.80
CA PHE B 335 8.61 58.06 -24.79
C PHE B 335 8.47 59.12 -25.91
N PRO B 336 8.07 58.71 -27.13
CA PRO B 336 7.71 59.69 -28.14
C PRO B 336 6.62 60.70 -27.71
N LEU B 337 5.61 60.27 -26.96
CA LEU B 337 4.61 61.21 -26.46
C LEU B 337 5.25 62.31 -25.62
N LEU B 338 6.20 61.90 -24.76
CA LEU B 338 6.91 62.83 -23.89
C LEU B 338 7.76 63.83 -24.67
N ASN B 339 8.35 63.41 -25.79
CA ASN B 339 9.14 64.32 -26.65
C ASN B 339 8.32 65.37 -27.38
N LEU B 340 7.07 65.03 -27.67
CA LEU B 340 6.14 65.95 -28.31
C LEU B 340 5.54 66.91 -27.28
N MET B 341 4.97 66.35 -26.21
CA MET B 341 4.12 67.11 -25.30
C MET B 341 4.76 67.50 -23.98
N TYR B 342 5.78 66.76 -23.55
CA TYR B 342 6.40 67.01 -22.23
C TYR B 342 7.96 66.97 -22.27
N PRO B 343 8.58 67.60 -23.28
CA PRO B 343 10.04 67.40 -23.47
C PRO B 343 10.91 67.72 -22.24
N SER B 344 10.49 68.71 -21.46
CA SER B 344 11.21 69.11 -20.24
C SER B 344 11.26 68.00 -19.19
N VAL B 345 10.23 67.15 -19.16
CA VAL B 345 10.23 65.98 -18.27
C VAL B 345 11.19 64.89 -18.79
N ASN B 346 11.15 64.62 -20.09
CA ASN B 346 12.06 63.66 -20.71
C ASN B 346 13.54 64.09 -20.65
N LYS B 347 13.78 65.40 -20.57
CA LYS B 347 15.12 65.91 -20.37
C LYS B 347 15.69 65.37 -19.04
N GLU B 348 14.88 65.43 -17.99
CA GLU B 348 15.26 64.86 -16.68
C GLU B 348 15.46 63.34 -16.76
N MET B 349 14.61 62.66 -17.52
CA MET B 349 14.70 61.22 -17.66
C MET B 349 15.99 60.82 -18.35
N GLN B 350 16.28 61.48 -19.47
CA GLN B 350 17.50 61.24 -20.22
C GLN B 350 18.76 61.45 -19.38
N GLU B 351 18.78 62.51 -18.58
CA GLU B 351 19.88 62.75 -17.65
C GLU B 351 20.00 61.60 -16.64
N GLY B 352 18.85 61.08 -16.20
CA GLY B 352 18.81 59.88 -15.37
C GLY B 352 19.45 58.68 -16.06
N LEU B 353 19.23 58.53 -17.36
CA LEU B 353 19.79 57.43 -18.13
C LEU B 353 21.33 57.49 -18.26
N ILE B 354 21.88 58.70 -18.35
CA ILE B 354 23.32 58.88 -18.33
C ILE B 354 23.85 58.33 -17.00
N ASN B 355 23.21 58.73 -15.91
CA ASN B 355 23.60 58.30 -14.57
C ASN B 355 23.51 56.79 -14.38
N THR B 356 22.46 56.17 -14.91
CA THR B 356 22.33 54.70 -14.92
C THR B 356 23.55 54.05 -15.56
N TYR B 357 23.96 54.59 -16.71
CA TYR B 357 25.13 54.08 -17.41
C TYR B 357 26.42 54.30 -16.63
N LEU B 358 26.60 55.49 -16.05
CA LEU B 358 27.77 55.78 -15.23
C LEU B 358 27.85 54.90 -13.99
N GLU B 359 26.71 54.58 -13.40
CA GLU B 359 26.66 53.88 -12.11
C GLU B 359 26.70 52.35 -12.22
N SER B 360 26.31 51.83 -13.39
CA SER B 360 26.13 50.38 -13.56
C SER B 360 26.96 49.79 -14.69
N GLY B 361 27.43 50.63 -15.60
CA GLY B 361 28.16 50.18 -16.79
C GLY B 361 27.32 49.98 -18.05
N PHE B 362 25.99 50.02 -17.90
CA PHE B 362 25.05 49.78 -18.99
C PHE B 362 23.87 50.76 -18.94
N PHE B 363 23.37 51.12 -20.12
CA PHE B 363 22.05 51.73 -20.22
C PHE B 363 21.02 50.63 -19.91
N PRO B 364 19.89 50.99 -19.28
CA PRO B 364 18.95 49.93 -18.92
C PRO B 364 18.03 49.52 -20.09
N GLU B 365 17.36 48.40 -19.93
CA GLU B 365 16.27 48.01 -20.83
C GLU B 365 15.02 47.82 -19.99
N TRP B 366 15.05 46.86 -19.06
CA TRP B 366 14.02 46.75 -18.05
C TRP B 366 14.66 47.11 -16.71
N ALA B 367 14.08 48.09 -16.03
CA ALA B 367 14.61 48.59 -14.75
C ALA B 367 13.50 48.68 -13.71
N SER B 368 13.70 47.99 -12.58
CA SER B 368 12.73 47.97 -11.48
C SER B 368 13.30 47.44 -10.14
N PRO B 369 13.97 48.31 -9.37
CA PRO B 369 14.47 49.63 -9.71
C PRO B 369 15.81 49.56 -10.44
N GLY B 370 16.62 48.54 -10.16
CA GLY B 370 17.86 48.28 -10.89
C GLY B 370 17.65 47.37 -12.10
N HIS B 371 18.73 46.88 -12.70
CA HIS B 371 18.58 46.06 -13.90
C HIS B 371 17.78 44.77 -13.61
N ARG B 372 16.75 44.51 -14.39
CA ARG B 372 15.97 43.27 -14.27
C ARG B 372 15.91 42.47 -15.57
N GLY B 373 15.94 41.14 -15.43
CA GLY B 373 15.89 40.22 -16.57
C GLY B 373 14.47 40.04 -17.10
N CYS B 374 14.17 40.72 -18.20
CA CYS B 374 12.83 40.71 -18.76
C CYS B 374 12.86 41.28 -20.17
N MET B 375 12.18 40.55 -21.07
CA MET B 375 12.03 40.94 -22.48
C MET B 375 13.36 40.93 -23.28
N VAL B 376 13.39 41.64 -24.40
CA VAL B 376 14.50 41.52 -25.36
C VAL B 376 14.83 42.87 -26.02
N GLY B 377 15.89 42.88 -26.83
CA GLY B 377 16.25 44.02 -27.65
C GLY B 377 17.17 45.03 -26.98
N ASN B 378 17.70 45.94 -27.80
CA ASN B 378 18.59 47.02 -27.34
C ASN B 378 17.87 48.38 -27.53
N ASN B 379 16.59 48.42 -27.18
CA ASN B 379 15.72 49.54 -27.56
C ASN B 379 15.92 50.86 -26.82
N SER B 380 16.82 50.85 -25.81
CA SER B 380 17.35 52.08 -25.23
C SER B 380 17.98 53.00 -26.30
N ALA B 381 18.49 52.41 -27.38
CA ALA B 381 19.09 53.16 -28.47
C ALA B 381 18.02 54.06 -29.10
N SER B 382 16.85 53.49 -29.35
CA SER B 382 15.69 54.25 -29.84
C SER B 382 15.32 55.39 -28.89
N ILE B 383 15.24 55.08 -27.60
CA ILE B 383 14.88 56.05 -26.58
C ILE B 383 15.82 57.24 -26.61
N LEU B 384 17.12 56.95 -26.60
CA LEU B 384 18.14 57.96 -26.44
C LEU B 384 18.30 58.84 -27.68
N VAL B 385 18.22 58.20 -28.84
CA VAL B 385 18.40 58.85 -30.14
C VAL B 385 17.17 59.67 -30.51
N ASP B 386 15.99 59.09 -30.35
CA ASP B 386 14.75 59.82 -30.62
C ASP B 386 14.70 61.14 -29.84
N ALA B 387 15.13 61.09 -28.58
CA ALA B 387 15.14 62.27 -27.73
C ALA B 387 16.11 63.34 -28.27
N TYR B 388 17.36 62.94 -28.51
CA TYR B 388 18.37 63.86 -29.04
C TYR B 388 17.93 64.57 -30.32
N MET B 389 17.42 63.81 -31.29
CA MET B 389 17.04 64.36 -32.59
C MET B 389 15.79 65.24 -32.48
N LYS B 390 15.05 65.12 -31.38
CA LYS B 390 13.91 65.99 -31.14
C LYS B 390 14.22 67.16 -30.20
N GLY B 391 15.50 67.45 -30.01
CA GLY B 391 15.95 68.60 -29.22
C GLY B 391 16.02 68.37 -27.73
N VAL B 392 15.94 67.10 -27.31
CA VAL B 392 16.08 66.77 -25.90
C VAL B 392 17.50 66.23 -25.69
N LYS B 393 18.42 67.16 -25.43
CA LYS B 393 19.85 66.88 -25.47
C LYS B 393 20.46 66.86 -24.07
N VAL B 394 21.06 65.74 -23.71
CA VAL B 394 21.84 65.63 -22.47
C VAL B 394 23.07 66.53 -22.56
N ASP B 395 23.70 66.81 -21.43
CA ASP B 395 24.88 67.71 -21.39
C ASP B 395 26.16 66.99 -21.80
N ASP B 396 26.23 65.69 -21.51
CA ASP B 396 27.41 64.89 -21.82
C ASP B 396 27.14 63.97 -23.02
N ILE B 397 27.15 64.57 -24.21
CA ILE B 397 26.95 63.83 -25.47
C ILE B 397 28.06 62.80 -25.70
N LYS B 398 29.26 63.08 -25.19
CA LYS B 398 30.38 62.14 -25.32
C LYS B 398 30.12 60.80 -24.63
N THR B 399 29.67 60.85 -23.37
CA THR B 399 29.31 59.65 -22.61
C THR B 399 28.10 58.94 -23.23
N LEU B 400 27.13 59.72 -23.71
CA LEU B 400 25.96 59.14 -24.38
C LEU B 400 26.36 58.17 -25.50
N TYR B 401 27.19 58.64 -26.42
CA TYR B 401 27.59 57.84 -27.58
C TYR B 401 28.44 56.62 -27.20
N GLU B 402 29.32 56.81 -26.21
CA GLU B 402 30.14 55.72 -25.69
C GLU B 402 29.27 54.61 -25.13
N GLY B 403 28.23 54.98 -24.39
CA GLY B 403 27.28 54.01 -23.84
C GLY B 403 26.55 53.20 -24.89
N LEU B 404 26.16 53.88 -25.98
CA LEU B 404 25.48 53.25 -27.11
C LEU B 404 26.35 52.19 -27.78
N ILE B 405 27.59 52.55 -28.09
CA ILE B 405 28.58 51.61 -28.63
C ILE B 405 28.79 50.44 -27.66
N HIS B 406 28.97 50.77 -26.38
CA HIS B 406 29.15 49.76 -25.32
C HIS B 406 28.12 48.64 -25.39
N GLY B 407 26.85 49.02 -25.47
CA GLY B 407 25.74 48.08 -25.56
C GLY B 407 25.72 47.16 -26.77
N THR B 408 26.29 47.61 -27.88
CA THR B 408 26.30 46.80 -29.10
C THR B 408 27.32 45.64 -29.09
N GLU B 409 28.21 45.63 -28.10
CA GLU B 409 29.26 44.63 -28.03
C GLU B 409 29.54 44.06 -26.64
N ASN B 410 28.55 44.15 -25.75
CA ASN B 410 28.62 43.58 -24.41
C ASN B 410 27.24 43.13 -23.99
N VAL B 411 27.17 42.12 -23.13
CA VAL B 411 25.93 41.74 -22.45
C VAL B 411 26.22 41.75 -20.94
N HIS B 412 25.25 42.21 -20.14
CA HIS B 412 25.40 42.22 -18.68
C HIS B 412 25.61 40.80 -18.11
N PRO B 413 26.67 40.62 -17.31
CA PRO B 413 27.04 39.29 -16.77
C PRO B 413 25.90 38.57 -16.04
N GLU B 414 25.00 39.32 -15.39
CA GLU B 414 23.90 38.72 -14.62
C GLU B 414 22.50 38.95 -15.22
N VAL B 415 22.36 39.99 -16.03
CA VAL B 415 21.05 40.31 -16.59
C VAL B 415 21.11 40.24 -18.11
N SER B 416 20.69 39.09 -18.65
CA SER B 416 20.81 38.82 -20.08
C SER B 416 19.99 39.77 -20.99
N SER B 417 18.96 40.41 -20.44
CA SER B 417 18.18 41.39 -21.20
C SER B 417 18.80 42.79 -21.16
N THR B 418 19.92 42.94 -20.48
CA THR B 418 20.65 44.22 -20.41
C THR B 418 21.92 44.10 -21.24
N GLY B 419 22.12 45.04 -22.16
CA GLY B 419 23.13 44.89 -23.21
C GLY B 419 22.54 44.00 -24.30
N ARG B 420 23.39 43.47 -25.18
CA ARG B 420 22.93 42.67 -26.32
C ARG B 420 23.30 41.19 -26.24
N LEU B 421 22.39 40.36 -25.75
CA LEU B 421 22.63 38.93 -25.78
C LEU B 421 22.78 38.49 -27.23
N GLY B 422 23.81 37.68 -27.51
CA GLY B 422 24.03 37.11 -28.84
C GLY B 422 24.70 38.05 -29.83
N TYR B 423 25.26 39.15 -29.32
CA TYR B 423 25.95 40.12 -30.15
C TYR B 423 27.12 39.52 -30.98
N GLU B 424 27.77 38.48 -30.44
CA GLU B 424 28.85 37.77 -31.15
C GLU B 424 28.41 37.27 -32.52
N TYR B 425 27.33 36.48 -32.52
CA TYR B 425 26.72 35.97 -33.74
C TYR B 425 26.19 37.05 -34.65
N TYR B 426 25.55 38.07 -34.05
CA TYR B 426 24.90 39.13 -34.80
C TYR B 426 25.91 39.95 -35.58
N ASN B 427 26.98 40.33 -34.89
CA ASN B 427 28.02 41.14 -35.49
C ASN B 427 28.80 40.42 -36.57
N LYS B 428 28.91 39.09 -36.45
CA LYS B 428 29.62 38.26 -37.40
C LYS B 428 28.75 37.80 -38.59
N LEU B 429 27.58 37.23 -38.31
CA LEU B 429 26.71 36.64 -39.34
C LEU B 429 25.66 37.59 -39.89
N GLY B 430 25.32 38.63 -39.14
CA GLY B 430 24.24 39.54 -39.51
C GLY B 430 22.86 39.15 -38.98
N TYR B 431 22.84 38.19 -38.05
CA TYR B 431 21.61 37.73 -37.37
C TYR B 431 21.96 36.83 -36.19
N VAL B 432 21.05 36.71 -35.23
CA VAL B 432 21.20 35.73 -34.15
C VAL B 432 20.59 34.42 -34.66
N PRO B 433 21.39 33.35 -34.73
CA PRO B 433 20.89 32.08 -35.25
C PRO B 433 19.81 31.40 -34.40
N TYR B 434 19.03 30.55 -35.06
CA TYR B 434 17.93 29.83 -34.46
C TYR B 434 18.39 28.62 -33.61
N ASP B 435 19.62 28.15 -33.82
CA ASP B 435 20.07 26.90 -33.20
C ASP B 435 21.38 27.00 -32.41
N VAL B 436 21.59 28.15 -31.77
CA VAL B 436 22.78 28.36 -30.93
C VAL B 436 22.40 28.57 -29.46
N LYS B 437 21.20 28.12 -29.11
CA LYS B 437 20.64 28.15 -27.74
C LYS B 437 20.36 29.55 -27.22
N ILE B 438 20.12 30.48 -28.13
CA ILE B 438 19.65 31.82 -27.78
C ILE B 438 18.21 31.94 -28.22
N ASN B 439 17.30 31.81 -27.26
CA ASN B 439 15.86 31.89 -27.51
C ASN B 439 15.44 33.29 -27.94
N GLU B 440 14.36 33.33 -28.73
CA GLU B 440 13.75 34.58 -29.22
C GLU B 440 14.74 35.36 -30.10
N ASN B 441 15.51 34.58 -30.87
CA ASN B 441 16.62 35.05 -31.68
C ASN B 441 16.23 35.95 -32.86
N ALA B 442 15.09 35.65 -33.47
CA ALA B 442 14.59 36.42 -34.60
C ALA B 442 14.11 37.80 -34.16
N ALA B 443 13.29 37.85 -33.11
CA ALA B 443 12.82 39.12 -32.58
C ALA B 443 13.99 40.01 -32.15
N ARG B 444 15.04 39.39 -31.59
CA ARG B 444 16.26 40.09 -31.20
C ARG B 444 16.93 40.70 -32.44
N THR B 445 17.06 39.91 -33.50
CA THR B 445 17.68 40.35 -34.76
C THR B 445 16.97 41.59 -35.31
N LEU B 446 15.66 41.46 -35.46
CA LEU B 446 14.81 42.52 -36.00
C LEU B 446 14.91 43.80 -35.21
N GLU B 447 14.83 43.68 -33.89
CA GLU B 447 14.91 44.85 -33.05
C GLU B 447 16.32 45.42 -33.01
N TYR B 448 17.33 44.56 -33.01
CA TYR B 448 18.71 45.04 -33.14
C TYR B 448 18.93 45.84 -34.44
N ALA B 449 18.32 45.41 -35.55
CA ALA B 449 18.49 46.12 -36.81
C ALA B 449 17.97 47.55 -36.70
N TYR B 450 16.77 47.70 -36.12
CA TYR B 450 16.22 49.03 -35.86
C TYR B 450 17.08 49.82 -34.87
N ASP B 451 17.57 49.15 -33.84
CA ASP B 451 18.43 49.82 -32.85
C ASP B 451 19.71 50.36 -33.51
N ASP B 452 20.23 49.62 -34.47
CA ASP B 452 21.44 50.01 -35.18
C ASP B 452 21.19 51.15 -36.14
N TRP B 453 20.00 51.17 -36.74
CA TRP B 453 19.60 52.29 -37.57
C TRP B 453 19.59 53.57 -36.72
N CYS B 454 19.01 53.48 -35.51
CA CYS B 454 19.04 54.60 -34.55
C CYS B 454 20.46 55.09 -34.29
N ILE B 455 21.40 54.15 -34.08
CA ILE B 455 22.79 54.53 -33.82
C ILE B 455 23.45 55.14 -35.07
N TYR B 456 23.12 54.60 -36.23
CA TYR B 456 23.49 55.21 -37.50
C TYR B 456 23.08 56.69 -37.56
N ARG B 457 21.83 56.98 -37.21
CA ARG B 457 21.29 58.34 -37.24
C ARG B 457 22.11 59.29 -36.39
N LEU B 458 22.36 58.91 -35.14
CA LEU B 458 23.16 59.74 -34.25
C LEU B 458 24.61 59.86 -34.72
N ALA B 459 25.21 58.76 -35.15
CA ALA B 459 26.61 58.77 -35.59
C ALA B 459 26.80 59.76 -36.73
N LYS B 460 25.84 59.81 -37.65
CA LYS B 460 25.86 60.76 -38.74
C LYS B 460 25.68 62.19 -38.23
N GLU B 461 24.64 62.41 -37.43
CA GLU B 461 24.39 63.69 -36.77
C GLU B 461 25.64 64.26 -36.07
N LEU B 462 26.36 63.38 -35.37
CA LEU B 462 27.54 63.76 -34.59
C LEU B 462 28.82 63.91 -35.41
N LYS B 463 28.74 63.63 -36.71
CA LYS B 463 29.87 63.63 -37.65
C LYS B 463 30.99 62.65 -37.29
N ARG B 464 30.60 61.44 -36.88
CA ARG B 464 31.54 60.37 -36.55
C ARG B 464 32.33 59.95 -37.79
N PRO B 465 33.47 59.22 -37.60
CA PRO B 465 34.25 58.66 -38.72
C PRO B 465 33.37 57.92 -39.74
N LYS B 466 33.71 58.05 -41.01
CA LYS B 466 32.93 57.44 -42.09
C LYS B 466 32.73 55.93 -41.91
N LYS B 467 33.75 55.24 -41.42
CA LYS B 467 33.68 53.79 -41.21
C LYS B 467 32.65 53.37 -40.14
N GLU B 468 32.46 54.21 -39.12
CA GLU B 468 31.43 53.99 -38.10
C GLU B 468 30.03 54.13 -38.69
N ILE B 469 29.80 55.25 -39.37
CA ILE B 469 28.53 55.50 -40.03
C ILE B 469 28.16 54.32 -40.97
N SER B 470 29.12 53.88 -41.77
CA SER B 470 28.94 52.76 -42.71
C SER B 470 28.63 51.44 -42.03
N LEU B 471 29.30 51.16 -40.91
CA LEU B 471 29.08 49.93 -40.15
C LEU B 471 27.64 49.83 -39.63
N PHE B 472 27.13 50.93 -39.07
CA PHE B 472 25.76 50.94 -38.56
C PHE B 472 24.71 51.03 -39.67
N ALA B 473 25.04 51.76 -40.75
CA ALA B 473 24.22 51.71 -41.95
C ALA B 473 23.99 50.28 -42.44
N LYS B 474 25.06 49.48 -42.45
CA LYS B 474 25.02 48.09 -42.88
C LYS B 474 24.20 47.20 -41.94
N ARG B 475 24.43 47.34 -40.64
CA ARG B 475 23.71 46.54 -39.64
C ARG B 475 22.19 46.85 -39.61
N ALA B 476 21.83 48.10 -39.94
CA ALA B 476 20.42 48.49 -40.06
C ALA B 476 19.67 47.62 -41.05
N MET B 477 20.39 47.10 -42.04
CA MET B 477 19.81 46.24 -43.06
C MET B 477 19.78 44.76 -42.67
N ASN B 478 20.14 44.46 -41.42
CA ASN B 478 20.18 43.06 -40.97
C ASN B 478 18.84 42.32 -41.01
N TYR B 479 17.74 43.06 -40.94
CA TYR B 479 16.40 42.46 -41.03
C TYR B 479 16.22 41.61 -42.28
N LYS B 480 16.82 42.02 -43.38
CA LYS B 480 16.81 41.25 -44.63
C LYS B 480 17.31 39.81 -44.45
N ASN B 481 18.26 39.62 -43.53
CA ASN B 481 18.86 38.30 -43.30
C ASN B 481 17.90 37.24 -42.77
N LEU B 482 16.72 37.65 -42.33
CA LEU B 482 15.75 36.69 -41.80
C LEU B 482 14.48 36.55 -42.65
N PHE B 483 14.42 37.30 -43.74
CA PHE B 483 13.27 37.25 -44.63
C PHE B 483 13.27 35.97 -45.46
N ASP B 484 12.14 35.28 -45.44
CA ASP B 484 11.97 34.05 -46.20
C ASP B 484 11.11 34.31 -47.43
N LYS B 485 11.74 34.20 -48.59
CA LYS B 485 11.17 34.50 -49.90
C LYS B 485 9.85 33.78 -50.19
N GLU B 486 9.78 32.48 -49.94
CA GLU B 486 8.61 31.69 -50.31
C GLU B 486 7.36 32.02 -49.49
N SER B 487 7.51 32.13 -48.17
CA SER B 487 6.39 32.48 -47.28
C SER B 487 6.08 33.98 -47.27
N LYS B 488 7.11 34.79 -47.52
CA LYS B 488 7.06 36.27 -47.40
C LYS B 488 6.99 36.74 -45.94
N LEU B 489 7.62 35.97 -45.05
CA LEU B 489 7.63 36.27 -43.62
C LEU B 489 9.04 36.18 -43.06
N MET B 490 9.24 36.74 -41.87
CA MET B 490 10.50 36.55 -41.14
C MET B 490 10.52 35.15 -40.54
N ARG B 491 11.72 34.59 -40.44
CA ARG B 491 11.88 33.19 -40.14
C ARG B 491 13.22 32.97 -39.49
N GLY B 492 13.26 32.13 -38.46
CA GLY B 492 14.49 31.74 -37.80
C GLY B 492 15.46 31.12 -38.78
N ARG B 493 16.74 31.41 -38.57
CA ARG B 493 17.78 30.98 -39.49
C ARG B 493 18.93 30.31 -38.78
N ASN B 494 19.28 29.10 -39.24
CA ASN B 494 20.35 28.32 -38.63
C ASN B 494 21.72 28.96 -38.82
N GLU B 495 22.64 28.62 -37.93
CA GLU B 495 24.01 29.15 -37.98
C GLU B 495 24.72 28.89 -39.31
N ASP B 496 24.39 27.76 -39.94
CA ASP B 496 24.97 27.36 -41.24
C ASP B 496 24.37 28.13 -42.43
N GLY B 497 23.34 28.94 -42.18
CA GLY B 497 22.74 29.78 -43.22
C GLY B 497 21.39 29.31 -43.75
N THR B 498 21.03 28.05 -43.49
CA THR B 498 19.73 27.52 -43.90
C THR B 498 18.63 28.03 -42.96
N PHE B 499 17.44 28.25 -43.51
CA PHE B 499 16.28 28.62 -42.71
C PHE B 499 15.73 27.41 -41.96
N GLN B 500 15.37 27.64 -40.69
CA GLN B 500 14.84 26.63 -39.78
C GLN B 500 13.64 25.85 -40.34
N SER B 501 13.69 24.53 -40.21
CA SER B 501 12.58 23.66 -40.63
C SER B 501 12.24 22.64 -39.53
N PRO B 502 10.95 22.26 -39.41
CA PRO B 502 9.81 22.77 -40.16
C PRO B 502 9.36 24.15 -39.66
N PHE B 503 8.95 25.01 -40.59
CA PHE B 503 8.61 26.40 -40.27
C PHE B 503 7.13 26.54 -39.93
N SER B 504 6.88 27.10 -38.75
CA SER B 504 5.51 27.28 -38.22
C SER B 504 5.15 28.77 -38.03
N PRO B 505 4.54 29.40 -39.05
CA PRO B 505 4.21 30.83 -39.02
C PRO B 505 3.35 31.27 -37.83
N LEU B 506 2.50 30.36 -37.35
CA LEU B 506 1.56 30.67 -36.28
C LEU B 506 2.04 30.30 -34.86
N LYS B 507 3.28 29.82 -34.74
CA LYS B 507 3.82 29.42 -33.45
C LYS B 507 4.37 30.61 -32.69
N TRP B 508 3.89 30.80 -31.47
CA TRP B 508 4.36 31.90 -30.64
C TRP B 508 5.66 31.56 -29.94
N GLY B 509 6.42 32.60 -29.61
CA GLY B 509 7.70 32.44 -28.92
C GLY B 509 8.73 31.74 -29.79
N ASP B 510 9.60 30.97 -29.13
CA ASP B 510 10.66 30.24 -29.81
C ASP B 510 11.57 31.24 -30.54
N ALA B 511 11.39 31.41 -31.84
CA ALA B 511 12.14 32.41 -32.62
C ALA B 511 11.73 33.84 -32.27
N PHE B 512 10.47 34.01 -31.88
CA PHE B 512 9.95 35.33 -31.59
C PHE B 512 9.64 35.52 -30.10
N THR B 513 9.23 36.72 -29.71
CA THR B 513 8.88 36.97 -28.32
C THR B 513 7.41 37.40 -28.17
N GLU B 514 6.65 36.55 -27.47
CA GLU B 514 5.23 36.77 -27.16
C GLU B 514 4.42 37.11 -28.41
N GLY B 515 4.65 36.34 -29.46
CA GLY B 515 4.01 36.53 -30.74
C GLY B 515 4.65 35.61 -31.74
N ASN B 516 4.05 35.52 -32.92
CA ASN B 516 4.54 34.68 -33.98
C ASN B 516 5.12 35.50 -35.15
N SER B 517 5.38 34.81 -36.26
CA SER B 517 5.93 35.43 -37.45
C SER B 517 4.99 36.52 -38.00
N TRP B 518 3.70 36.20 -38.07
CA TRP B 518 2.70 37.14 -38.53
C TRP B 518 2.66 38.47 -37.75
N HIS B 519 3.12 38.44 -36.50
CA HIS B 519 3.18 39.64 -35.66
C HIS B 519 4.51 40.35 -35.79
N TYR B 520 5.59 39.58 -35.83
CA TYR B 520 6.94 40.09 -35.85
C TYR B 520 7.53 40.48 -37.21
N THR B 521 6.94 39.98 -38.29
CA THR B 521 7.37 40.34 -39.64
C THR B 521 7.34 41.86 -39.90
N TRP B 522 6.42 42.57 -39.25
CA TRP B 522 6.23 44.02 -39.43
C TRP B 522 7.25 44.90 -38.70
N SER B 523 8.18 44.28 -37.96
CA SER B 523 9.15 45.04 -37.17
C SER B 523 10.33 45.62 -37.98
N VAL B 524 10.01 46.43 -38.99
CA VAL B 524 11.04 47.13 -39.76
C VAL B 524 10.70 48.61 -39.78
N PHE B 525 10.63 49.19 -38.58
CA PHE B 525 10.18 50.57 -38.35
C PHE B 525 10.89 51.56 -39.27
N HIS B 526 12.18 51.34 -39.47
CA HIS B 526 13.02 52.29 -40.18
C HIS B 526 13.04 52.07 -41.70
N ASP B 527 12.51 50.94 -42.17
CA ASP B 527 12.53 50.64 -43.61
C ASP B 527 11.29 49.89 -44.15
N PRO B 528 10.08 50.49 -44.01
CA PRO B 528 8.90 49.84 -44.57
C PRO B 528 8.95 49.63 -46.09
N GLN B 529 9.56 50.57 -46.83
CA GLN B 529 9.80 50.37 -48.26
C GLN B 529 10.65 49.14 -48.52
N GLY B 530 11.71 48.98 -47.73
CA GLY B 530 12.57 47.78 -47.76
C GLY B 530 11.78 46.49 -47.64
N LEU B 531 10.88 46.44 -46.67
CA LEU B 531 10.04 45.27 -46.46
C LEU B 531 9.05 45.08 -47.61
N ILE B 532 8.47 46.18 -48.08
CA ILE B 532 7.59 46.19 -49.26
C ILE B 532 8.29 45.55 -50.45
N ASP B 533 9.52 45.99 -50.74
CA ASP B 533 10.34 45.48 -51.85
C ASP B 533 10.61 43.98 -51.70
N LEU B 534 11.02 43.57 -50.50
CA LEU B 534 11.25 42.18 -50.18
C LEU B 534 10.03 41.29 -50.53
N MET B 535 8.83 41.80 -50.28
CA MET B 535 7.61 41.04 -50.54
C MET B 535 7.16 41.08 -52.00
N GLY B 536 7.91 41.79 -52.85
CA GLY B 536 7.58 41.91 -54.26
C GLY B 536 6.69 43.10 -54.62
N GLY B 537 6.75 44.16 -53.82
CA GLY B 537 6.01 45.39 -54.12
C GLY B 537 4.73 45.61 -53.33
N LYS B 538 4.15 46.80 -53.47
CA LYS B 538 3.03 47.25 -52.64
C LYS B 538 1.74 46.40 -52.70
N GLU B 539 1.41 45.82 -53.85
CA GLU B 539 0.22 44.97 -53.96
C GLU B 539 0.29 43.70 -53.09
N MET B 540 1.43 43.02 -53.12
CA MET B 540 1.60 41.79 -52.36
CA MET B 540 1.63 41.79 -52.37
C MET B 540 1.77 42.10 -50.89
N PHE B 541 2.45 43.19 -50.59
CA PHE B 541 2.56 43.70 -49.23
C PHE B 541 1.16 43.94 -48.62
N VAL B 542 0.29 44.64 -49.35
CA VAL B 542 -1.09 44.89 -48.89
C VAL B 542 -1.89 43.59 -48.70
N THR B 543 -1.66 42.63 -49.60
CA THR B 543 -2.27 41.31 -49.51
C THR B 543 -1.88 40.60 -48.20
N MET B 544 -0.60 40.69 -47.82
CA MET B 544 -0.10 40.09 -46.57
C MET B 544 -0.70 40.76 -45.33
N MET B 545 -0.74 42.10 -45.33
CA MET B 545 -1.40 42.85 -44.26
C MET B 545 -2.88 42.50 -44.07
N ASP B 546 -3.63 42.52 -45.17
CA ASP B 546 -5.06 42.20 -45.16
C ASP B 546 -5.34 40.82 -44.54
N SER B 547 -4.46 39.86 -44.80
CA SER B 547 -4.69 38.49 -44.34
C SER B 547 -4.45 38.31 -42.84
N VAL B 548 -3.68 39.20 -42.22
CA VAL B 548 -3.59 39.26 -40.76
C VAL B 548 -4.99 39.39 -40.12
N PHE B 549 -5.81 40.28 -40.67
CA PHE B 549 -7.17 40.50 -40.16
C PHE B 549 -8.17 39.40 -40.54
N ALA B 550 -7.92 38.71 -41.66
CA ALA B 550 -8.91 37.80 -42.25
C ALA B 550 -8.82 36.36 -41.77
N VAL B 551 -7.65 35.94 -41.30
CA VAL B 551 -7.48 34.54 -40.89
C VAL B 551 -8.12 34.30 -39.51
N PRO B 552 -8.43 33.03 -39.17
CA PRO B 552 -8.86 32.76 -37.78
C PRO B 552 -7.71 32.95 -36.80
N PRO B 553 -8.00 33.26 -35.52
CA PRO B 553 -6.93 33.44 -34.55
C PRO B 553 -6.36 32.10 -34.04
N ILE B 554 -6.02 31.19 -34.95
CA ILE B 554 -5.41 29.93 -34.53
C ILE B 554 -3.92 30.16 -34.17
N PHE B 555 -3.41 29.30 -33.29
CA PHE B 555 -2.11 29.51 -32.65
C PHE B 555 -1.44 28.17 -32.31
N ASP B 556 -0.12 28.18 -32.22
CA ASP B 556 0.63 27.05 -31.66
C ASP B 556 1.38 27.56 -30.44
N ASP B 557 1.04 26.99 -29.28
CA ASP B 557 1.50 27.48 -27.98
C ASP B 557 2.57 26.58 -27.30
N SER B 558 3.06 25.58 -28.03
CA SER B 558 3.93 24.52 -27.46
C SER B 558 5.20 25.02 -26.77
N TYR B 559 5.74 26.15 -27.24
CA TYR B 559 6.88 26.81 -26.59
C TYR B 559 6.59 27.19 -25.13
N TYR B 560 5.36 27.64 -24.87
CA TYR B 560 4.90 28.00 -23.53
C TYR B 560 4.28 26.82 -22.77
N GLY B 561 3.69 25.88 -23.51
CA GLY B 561 3.01 24.71 -22.93
C GLY B 561 1.70 25.04 -22.20
N GLN B 562 1.11 26.18 -22.55
CA GLN B 562 -0.16 26.66 -22.00
C GLN B 562 -0.63 27.88 -22.79
N VAL B 563 -1.94 28.13 -22.78
CA VAL B 563 -2.50 29.32 -23.40
C VAL B 563 -2.29 30.53 -22.50
N ILE B 564 -1.11 31.11 -22.61
CA ILE B 564 -0.74 32.33 -21.88
C ILE B 564 -1.71 33.47 -22.20
N HIS B 565 -1.91 34.39 -21.26
CA HIS B 565 -2.90 35.43 -21.45
C HIS B 565 -2.80 36.20 -22.78
N GLU B 566 -1.59 36.51 -23.25
CA GLU B 566 -1.39 37.24 -24.52
C GLU B 566 -2.05 36.56 -25.72
N ILE B 567 -2.02 35.23 -25.73
CA ILE B 567 -2.69 34.43 -26.75
C ILE B 567 -4.21 34.45 -26.60
N ARG B 568 -4.69 34.12 -25.39
CA ARG B 568 -6.12 34.17 -25.07
C ARG B 568 -6.73 35.52 -25.46
N GLU B 569 -6.02 36.58 -25.12
CA GLU B 569 -6.47 37.96 -25.38
C GLU B 569 -6.74 38.20 -26.87
N MET B 570 -5.88 37.65 -27.72
CA MET B 570 -6.07 37.72 -29.17
C MET B 570 -7.29 36.91 -29.63
N THR B 571 -7.44 35.67 -29.16
CA THR B 571 -8.50 34.79 -29.65
C THR B 571 -9.92 35.34 -29.47
N VAL B 572 -10.17 36.01 -28.35
CA VAL B 572 -11.49 36.54 -28.00
C VAL B 572 -11.91 37.83 -28.73
N MET B 573 -10.96 38.48 -29.42
CA MET B 573 -11.17 39.78 -30.06
C MET B 573 -11.96 39.75 -31.37
N ASN B 574 -11.92 38.64 -32.10
CA ASN B 574 -12.54 38.57 -33.42
C ASN B 574 -11.90 39.61 -34.39
N MET B 575 -10.57 39.63 -34.40
CA MET B 575 -9.80 40.52 -35.26
C MET B 575 -8.63 39.74 -35.87
N GLY B 576 -8.90 38.50 -36.24
CA GLY B 576 -7.91 37.64 -36.86
C GLY B 576 -6.67 37.40 -36.03
N ASN B 577 -5.51 37.56 -36.66
CA ASN B 577 -4.24 37.52 -35.95
C ASN B 577 -3.72 38.89 -35.47
N TYR B 578 -4.57 39.92 -35.55
CA TYR B 578 -4.18 41.23 -35.03
C TYR B 578 -4.24 41.24 -33.50
N ALA B 579 -3.10 40.94 -32.86
CA ALA B 579 -2.99 40.85 -31.41
C ALA B 579 -2.61 42.18 -30.77
N HIS B 580 -3.55 43.12 -30.78
CA HIS B 580 -3.33 44.48 -30.33
C HIS B 580 -3.01 44.57 -28.83
N GLY B 581 -3.43 43.56 -28.08
CA GLY B 581 -3.21 43.47 -26.65
C GLY B 581 -1.77 43.23 -26.20
N ASN B 582 -0.86 43.09 -27.16
CA ASN B 582 0.56 43.10 -26.85
C ASN B 582 1.34 43.97 -27.83
N GLN B 583 2.58 44.33 -27.48
CA GLN B 583 3.32 45.42 -28.15
C GLN B 583 3.83 45.25 -29.60
N PRO B 584 4.30 44.04 -29.99
CA PRO B 584 4.95 43.89 -31.30
C PRO B 584 4.14 44.38 -32.50
N ILE B 585 2.83 44.14 -32.51
CA ILE B 585 2.02 44.50 -33.66
C ILE B 585 1.42 45.92 -33.63
N GLN B 586 1.56 46.63 -32.51
CA GLN B 586 0.82 47.87 -32.27
C GLN B 586 1.00 48.99 -33.30
N HIS B 587 2.14 49.03 -33.98
CA HIS B 587 2.42 50.01 -35.03
C HIS B 587 1.86 49.60 -36.40
N MET B 588 1.44 48.35 -36.52
CA MET B 588 1.29 47.71 -37.84
C MET B 588 0.29 48.37 -38.77
N ILE B 589 -0.88 48.76 -38.26
CA ILE B 589 -1.95 49.28 -39.10
C ILE B 589 -1.47 50.50 -39.91
N TYR B 590 -0.58 51.28 -39.30
CA TYR B 590 -0.03 52.50 -39.91
C TYR B 590 0.80 52.22 -41.18
N LEU B 591 1.29 50.99 -41.30
CA LEU B 591 2.04 50.54 -42.48
C LEU B 591 1.24 50.62 -43.78
N TYR B 592 -0.09 50.59 -43.69
CA TYR B 592 -0.91 50.78 -44.89
C TYR B 592 -0.56 52.11 -45.59
N ASP B 593 -0.22 53.13 -44.80
CA ASP B 593 0.20 54.42 -45.32
C ASP B 593 1.36 54.32 -46.30
N TYR B 594 2.30 53.43 -46.02
CA TYR B 594 3.54 53.31 -46.79
C TYR B 594 3.33 52.54 -48.09
N ALA B 595 2.24 51.78 -48.16
CA ALA B 595 1.87 51.05 -49.36
C ALA B 595 0.93 51.85 -50.27
N GLY B 596 0.68 53.12 -49.90
CA GLY B 596 -0.19 54.02 -50.64
C GLY B 596 -1.67 53.66 -50.55
N GLN B 597 -2.08 53.09 -49.41
CA GLN B 597 -3.49 52.83 -49.13
C GLN B 597 -3.84 53.25 -47.71
N PRO B 598 -3.81 54.57 -47.43
CA PRO B 598 -4.09 55.03 -46.07
C PRO B 598 -5.57 54.93 -45.68
N TRP B 599 -6.48 54.80 -46.64
CA TRP B 599 -7.90 54.58 -46.31
C TRP B 599 -8.12 53.26 -45.53
N LYS B 600 -7.30 52.24 -45.84
CA LYS B 600 -7.30 50.99 -45.05
C LYS B 600 -6.85 51.21 -43.61
N ALA B 601 -5.81 52.01 -43.40
CA ALA B 601 -5.37 52.36 -42.05
C ALA B 601 -6.47 53.15 -41.33
N GLN B 602 -7.11 54.07 -42.04
CA GLN B 602 -8.24 54.81 -41.46
C GLN B 602 -9.35 53.86 -40.99
N TYR B 603 -9.70 52.86 -41.81
CA TYR B 603 -10.72 51.89 -41.42
C TYR B 603 -10.35 51.10 -40.15
N TRP B 604 -9.19 50.42 -40.16
CA TRP B 604 -8.81 49.54 -39.05
C TRP B 604 -8.51 50.28 -37.73
N LEU B 605 -7.86 51.44 -37.84
CA LEU B 605 -7.55 52.26 -36.68
C LEU B 605 -8.80 52.61 -35.88
N ARG B 606 -9.85 53.05 -36.59
CA ARG B 606 -11.09 53.41 -35.93
C ARG B 606 -11.76 52.15 -35.31
N GLN B 607 -11.60 50.98 -35.93
CA GLN B 607 -12.10 49.73 -35.35
C GLN B 607 -11.48 49.44 -33.96
N VAL B 608 -10.16 49.56 -33.88
CA VAL B 608 -9.40 49.32 -32.65
C VAL B 608 -9.79 50.35 -31.58
N MET B 609 -9.87 51.61 -31.98
CA MET B 609 -10.23 52.68 -31.05
C MET B 609 -11.64 52.53 -30.49
N ASP B 610 -12.57 52.06 -31.33
CA ASP B 610 -13.96 51.87 -30.94
C ASP B 610 -14.17 50.58 -30.13
N ARG B 611 -13.45 49.51 -30.46
CA ARG B 611 -13.78 48.18 -29.93
C ARG B 611 -12.83 47.69 -28.84
N MET B 612 -11.56 48.09 -28.92
CA MET B 612 -10.55 47.51 -28.07
C MET B 612 -10.24 48.31 -26.80
N TYR B 613 -10.88 49.46 -26.65
CA TYR B 613 -10.73 50.30 -25.48
C TYR B 613 -12.09 50.77 -24.99
N THR B 614 -12.38 50.51 -23.71
CA THR B 614 -13.61 50.98 -23.08
C THR B 614 -13.22 51.68 -21.76
N PRO B 615 -14.10 52.55 -21.21
CA PRO B 615 -13.70 53.33 -20.03
C PRO B 615 -13.88 52.66 -18.66
N GLY B 616 -14.44 51.46 -18.61
CA GLY B 616 -14.70 50.77 -17.33
C GLY B 616 -13.56 49.93 -16.77
N PRO B 617 -13.80 49.24 -15.63
CA PRO B 617 -12.75 48.50 -14.91
C PRO B 617 -12.01 47.47 -15.77
N ASP B 618 -12.73 46.87 -16.71
CA ASP B 618 -12.13 45.97 -17.69
C ASP B 618 -11.84 46.72 -19.01
N GLY B 619 -11.23 47.91 -18.92
CA GLY B 619 -11.07 48.82 -20.05
C GLY B 619 -10.20 48.44 -21.24
N TYR B 620 -9.08 47.76 -20.97
CA TYR B 620 -8.10 47.42 -22.02
C TYR B 620 -8.32 46.03 -22.61
N CYS B 621 -7.62 45.76 -23.71
CA CYS B 621 -7.68 44.46 -24.38
C CYS B 621 -6.44 43.61 -24.11
N GLY B 622 -5.51 44.16 -23.32
CA GLY B 622 -4.29 43.47 -22.89
C GLY B 622 -3.60 44.29 -21.81
N ASP B 623 -2.40 43.89 -21.37
CA ASP B 623 -1.65 44.67 -20.35
C ASP B 623 -1.39 46.10 -20.83
N GLU B 624 -1.53 47.05 -19.90
CA GLU B 624 -1.35 48.47 -20.17
C GLU B 624 0.14 48.79 -20.38
N ASP B 625 0.99 48.12 -19.61
CA ASP B 625 2.46 48.22 -19.69
C ASP B 625 3.03 49.63 -19.62
N ASN B 626 2.78 50.29 -18.49
CA ASN B 626 3.50 51.52 -18.09
C ASN B 626 3.40 52.70 -19.04
N GLY B 627 2.22 52.86 -19.63
CA GLY B 627 1.94 53.95 -20.54
C GLY B 627 1.87 53.57 -22.01
N GLN B 628 2.44 52.43 -22.39
CA GLN B 628 2.54 52.07 -23.82
C GLN B 628 1.18 51.85 -24.52
N THR B 629 0.36 50.94 -24.00
CA THR B 629 -0.95 50.67 -24.60
C THR B 629 -1.91 51.87 -24.51
N SER B 630 -1.72 52.69 -23.49
CA SER B 630 -2.50 53.90 -23.28
C SER B 630 -2.08 55.02 -24.21
N ALA B 631 -0.78 55.28 -24.29
CA ALA B 631 -0.29 56.32 -25.19
C ALA B 631 -0.61 55.99 -26.65
N TRP B 632 -0.75 54.69 -26.96
CA TRP B 632 -1.20 54.29 -28.29
C TRP B 632 -2.53 54.94 -28.62
N TYR B 633 -3.46 54.89 -27.69
CA TYR B 633 -4.78 55.49 -27.86
C TYR B 633 -4.74 57.02 -27.91
N VAL B 634 -3.90 57.64 -27.07
CA VAL B 634 -3.77 59.09 -27.07
C VAL B 634 -3.34 59.61 -28.46
N PHE B 635 -2.27 59.02 -28.99
CA PHE B 635 -1.76 59.35 -30.32
C PHE B 635 -2.81 59.05 -31.38
N SER B 636 -3.38 57.85 -31.32
CA SER B 636 -4.30 57.38 -32.35
C SER B 636 -5.55 58.25 -32.40
N ALA B 637 -6.02 58.68 -31.24
CA ALA B 637 -7.20 59.52 -31.17
C ALA B 637 -6.94 60.92 -31.78
N LEU B 638 -5.68 61.37 -31.73
CA LEU B 638 -5.26 62.63 -32.33
C LEU B 638 -5.17 62.53 -33.84
N GLY B 639 -4.93 61.32 -34.33
CA GLY B 639 -4.86 61.04 -35.76
C GLY B 639 -3.49 60.67 -36.33
N PHE B 640 -2.51 60.43 -35.46
CA PHE B 640 -1.14 60.17 -35.90
C PHE B 640 -0.28 59.43 -34.88
N TYR B 641 0.79 58.80 -35.36
CA TYR B 641 1.55 57.87 -34.54
C TYR B 641 3.04 57.83 -34.92
N PRO B 642 3.93 57.83 -33.91
CA PRO B 642 5.36 57.79 -34.19
C PRO B 642 5.82 56.37 -34.53
N VAL B 643 5.53 55.91 -35.74
CA VAL B 643 5.90 54.58 -36.19
C VAL B 643 7.40 54.33 -36.02
N CYS B 644 8.21 55.30 -36.42
CA CYS B 644 9.66 55.20 -36.33
C CYS B 644 10.33 56.28 -35.50
N PRO B 645 10.39 56.08 -34.16
CA PRO B 645 11.14 57.02 -33.31
C PRO B 645 12.60 57.09 -33.77
N GLY B 646 13.15 58.29 -33.77
CA GLY B 646 14.45 58.53 -34.38
C GLY B 646 14.33 59.35 -35.64
N THR B 647 13.21 59.21 -36.35
CA THR B 647 12.82 60.17 -37.40
C THR B 647 12.12 61.34 -36.72
N ASP B 648 11.81 62.38 -37.50
CA ASP B 648 11.02 63.49 -36.98
C ASP B 648 9.53 63.37 -37.37
N GLU B 649 9.07 62.16 -37.67
CA GLU B 649 7.78 61.93 -38.31
C GLU B 649 6.70 61.28 -37.45
N TYR B 650 5.45 61.69 -37.71
CA TYR B 650 4.27 61.07 -37.12
C TYR B 650 3.39 60.62 -38.29
N VAL B 651 3.15 59.33 -38.39
CA VAL B 651 2.43 58.77 -39.54
C VAL B 651 0.92 58.93 -39.32
N MET B 652 0.23 59.34 -40.38
CA MET B 652 -1.17 59.75 -40.31
C MET B 652 -2.13 58.57 -40.16
N GLY B 653 -3.05 58.67 -39.21
CA GLY B 653 -4.11 57.68 -39.04
C GLY B 653 -5.45 58.31 -39.28
N THR B 654 -6.31 58.30 -38.26
CA THR B 654 -7.58 59.01 -38.31
C THR B 654 -8.03 59.62 -36.97
N PRO B 655 -8.41 60.92 -36.96
CA PRO B 655 -8.74 61.55 -35.68
C PRO B 655 -10.06 61.03 -35.12
N LEU B 656 -10.17 61.00 -33.79
CA LEU B 656 -11.36 60.50 -33.15
C LEU B 656 -12.36 61.62 -32.80
N PHE B 657 -11.85 62.81 -32.48
CA PHE B 657 -12.69 63.93 -32.06
C PHE B 657 -12.90 64.97 -33.17
N LYS B 658 -13.85 65.86 -32.96
CA LYS B 658 -14.12 66.93 -33.92
C LYS B 658 -13.07 68.03 -33.83
N LYS B 659 -12.52 68.22 -32.64
CA LYS B 659 -11.43 69.16 -32.42
C LYS B 659 -10.48 68.64 -31.34
N ALA B 660 -9.19 68.73 -31.62
CA ALA B 660 -8.16 68.54 -30.60
C ALA B 660 -7.21 69.75 -30.60
N THR B 661 -6.83 70.21 -29.42
CA THR B 661 -5.89 71.32 -29.32
C THR B 661 -4.64 70.91 -28.53
N LEU B 662 -3.47 71.14 -29.11
CA LEU B 662 -2.21 70.84 -28.47
C LEU B 662 -1.48 72.10 -28.02
N HIS B 663 -1.21 72.18 -26.72
CA HIS B 663 -0.44 73.27 -26.17
C HIS B 663 0.97 72.78 -25.87
N PHE B 664 1.94 73.27 -26.63
CA PHE B 664 3.33 72.82 -26.51
C PHE B 664 4.09 73.67 -25.49
N GLU B 665 5.21 73.13 -25.01
CA GLU B 665 6.03 73.81 -24.00
C GLU B 665 6.65 75.10 -24.52
N ASN B 666 6.84 75.21 -25.84
CA ASN B 666 7.38 76.44 -26.46
C ASN B 666 6.41 77.63 -26.44
N GLY B 667 5.18 77.38 -25.99
CA GLY B 667 4.14 78.39 -25.93
C GLY B 667 3.22 78.47 -27.14
N ASN B 668 3.54 77.76 -28.22
CA ASN B 668 2.65 77.68 -29.38
C ASN B 668 1.51 76.66 -29.18
N SER B 669 0.47 76.81 -29.99
CA SER B 669 -0.64 75.87 -30.02
C SER B 669 -0.95 75.35 -31.41
N LEU B 670 -1.53 74.17 -31.46
CA LEU B 670 -1.94 73.52 -32.69
C LEU B 670 -3.37 72.99 -32.54
N VAL B 671 -4.24 73.37 -33.49
CA VAL B 671 -5.62 72.91 -33.50
C VAL B 671 -5.78 71.91 -34.64
N ILE B 672 -6.28 70.72 -34.30
CA ILE B 672 -6.63 69.73 -35.30
C ILE B 672 -8.16 69.73 -35.43
N ASP B 673 -8.62 70.26 -36.56
CA ASP B 673 -10.00 70.59 -36.79
C ASP B 673 -10.71 69.61 -37.74
N ALA B 674 -11.57 68.75 -37.20
CA ALA B 674 -12.29 67.77 -37.98
C ALA B 674 -13.82 67.86 -37.80
N PRO B 675 -14.43 69.00 -38.18
CA PRO B 675 -15.82 69.29 -37.77
C PRO B 675 -16.88 68.31 -38.27
N ASN B 676 -16.61 67.57 -39.34
CA ASN B 676 -17.55 66.59 -39.86
C ASN B 676 -17.35 65.17 -39.31
N ASN B 677 -16.47 65.02 -38.33
CA ASN B 677 -16.20 63.72 -37.70
C ASN B 677 -17.45 63.14 -37.02
N SER B 678 -17.62 61.83 -37.17
CA SER B 678 -18.72 61.10 -36.53
C SER B 678 -18.39 59.61 -36.48
N THR B 679 -19.30 58.81 -35.93
CA THR B 679 -19.19 57.34 -35.92
C THR B 679 -19.07 56.77 -37.35
N GLU B 680 -19.76 57.39 -38.31
CA GLU B 680 -19.70 56.94 -39.71
C GLU B 680 -18.57 57.58 -40.52
N ASN B 681 -18.24 58.84 -40.20
CA ASN B 681 -17.27 59.58 -40.99
C ASN B 681 -15.85 59.45 -40.47
N PHE B 682 -15.23 58.31 -40.76
CA PHE B 682 -13.87 58.02 -40.26
C PHE B 682 -12.77 58.03 -41.33
N TYR B 683 -13.12 58.25 -42.59
CA TYR B 683 -12.12 58.40 -43.66
C TYR B 683 -11.73 59.85 -43.80
N ILE B 684 -10.48 60.10 -44.17
CA ILE B 684 -10.01 61.44 -44.51
C ILE B 684 -10.18 61.65 -46.01
N ASP B 685 -10.99 62.64 -46.39
CA ASP B 685 -11.17 62.96 -47.80
C ASP B 685 -10.10 63.94 -48.27
N SER B 686 -9.81 64.94 -47.43
CA SER B 686 -8.72 65.88 -47.71
C SER B 686 -8.21 66.44 -46.39
N MET B 687 -7.06 67.12 -46.46
CA MET B 687 -6.42 67.68 -45.30
C MET B 687 -5.74 68.96 -45.75
N SER B 688 -5.77 69.98 -44.90
CA SER B 688 -4.95 71.17 -45.12
C SER B 688 -4.18 71.56 -43.87
N PHE B 689 -2.99 72.13 -44.06
CA PHE B 689 -2.12 72.53 -42.97
C PHE B 689 -1.85 74.01 -43.17
N ASN B 690 -2.39 74.83 -42.28
CA ASN B 690 -2.24 76.28 -42.35
C ASN B 690 -2.54 76.90 -43.73
N GLY B 691 -3.66 76.49 -44.31
CA GLY B 691 -4.10 77.03 -45.60
C GLY B 691 -3.61 76.28 -46.83
N ALA B 692 -2.60 75.42 -46.66
CA ALA B 692 -2.02 74.71 -47.77
C ALA B 692 -2.49 73.27 -47.83
N ASP B 693 -2.74 72.78 -49.05
CA ASP B 693 -3.13 71.40 -49.25
C ASP B 693 -2.06 70.43 -48.74
N HIS B 694 -2.51 69.36 -48.09
CA HIS B 694 -1.62 68.41 -47.46
C HIS B 694 -2.06 67.00 -47.79
N THR B 695 -1.37 66.39 -48.77
CA THR B 695 -1.70 65.04 -49.22
C THR B 695 -0.79 63.96 -48.64
N LYS B 696 0.28 64.38 -47.95
CA LYS B 696 1.24 63.45 -47.35
C LYS B 696 0.64 62.61 -46.22
N ASN B 697 1.19 61.40 -46.03
CA ASN B 697 0.72 60.47 -45.00
C ASN B 697 1.49 60.63 -43.69
N TYR B 698 2.14 61.78 -43.52
CA TYR B 698 2.92 62.05 -42.32
C TYR B 698 2.98 63.53 -42.02
N LEU B 699 3.35 63.82 -40.77
CA LEU B 699 3.51 65.17 -40.25
C LEU B 699 4.89 65.27 -39.59
N ARG B 700 5.45 66.47 -39.61
CA ARG B 700 6.81 66.69 -39.11
C ARG B 700 6.81 67.41 -37.77
N HIS B 701 7.64 66.91 -36.87
CA HIS B 701 7.80 67.45 -35.53
C HIS B 701 7.96 68.98 -35.49
N GLU B 702 8.90 69.51 -36.26
CA GLU B 702 9.17 70.94 -36.30
CA GLU B 702 9.17 70.95 -36.30
C GLU B 702 7.97 71.76 -36.82
N ASP B 703 7.22 71.17 -37.76
CA ASP B 703 6.03 71.82 -38.31
C ASP B 703 4.93 71.90 -37.26
N LEU B 704 4.72 70.78 -36.54
CA LEU B 704 3.76 70.74 -35.43
C LEU B 704 4.11 71.76 -34.35
N PHE B 705 5.37 71.77 -33.91
CA PHE B 705 5.86 72.76 -32.93
C PHE B 705 5.67 74.23 -33.34
N LYS B 706 5.67 74.50 -34.65
CA LYS B 706 5.39 75.85 -35.13
C LYS B 706 3.93 76.30 -34.96
N GLY B 707 3.01 75.34 -34.90
CA GLY B 707 1.62 75.61 -34.53
C GLY B 707 0.71 76.07 -35.65
N GLY B 708 -0.49 76.50 -35.29
CA GLY B 708 -1.50 76.90 -36.27
C GLY B 708 -2.67 75.93 -36.35
N THR B 709 -3.09 75.61 -37.57
CA THR B 709 -4.30 74.81 -37.75
C THR B 709 -4.12 73.73 -38.79
N ILE B 710 -4.64 72.56 -38.47
CA ILE B 710 -4.79 71.48 -39.44
C ILE B 710 -6.29 71.24 -39.65
N LYS B 711 -6.74 71.38 -40.89
CA LYS B 711 -8.12 71.00 -41.25
C LYS B 711 -8.15 69.58 -41.80
N VAL B 712 -9.06 68.79 -41.27
CA VAL B 712 -9.30 67.44 -41.76
C VAL B 712 -10.78 67.36 -42.17
N ASP B 713 -11.02 67.08 -43.43
CA ASP B 713 -12.35 66.91 -43.96
C ASP B 713 -12.71 65.42 -43.90
N MET B 714 -13.62 65.07 -43.00
CA MET B 714 -13.97 63.67 -42.75
C MET B 714 -15.12 63.20 -43.64
N SER B 715 -15.10 61.93 -44.01
CA SER B 715 -16.11 61.37 -44.91
C SER B 715 -16.47 59.92 -44.55
N ASN B 716 -17.63 59.47 -45.01
CA ASN B 716 -18.03 58.07 -44.81
C ASN B 716 -17.54 57.12 -45.90
N ARG B 717 -16.99 57.66 -46.99
CA ARG B 717 -16.31 56.82 -48.00
C ARG B 717 -14.81 57.09 -48.16
N PRO B 718 -14.06 56.05 -48.56
CA PRO B 718 -12.63 56.19 -48.75
C PRO B 718 -12.31 57.08 -49.95
N ASN B 719 -11.26 57.91 -49.83
CA ASN B 719 -10.70 58.63 -50.97
C ASN B 719 -9.54 57.83 -51.56
N LEU B 720 -9.84 57.10 -52.62
CA LEU B 720 -8.87 56.20 -53.26
C LEU B 720 -7.68 56.94 -53.90
N ASN B 721 -7.83 58.25 -54.10
CA ASN B 721 -6.79 59.05 -54.77
C ASN B 721 -5.81 59.84 -53.88
N ARG B 722 -6.12 59.95 -52.59
CA ARG B 722 -5.29 60.74 -51.70
C ARG B 722 -4.20 59.92 -51.00
N GLY B 723 -2.97 60.45 -51.04
CA GLY B 723 -1.82 59.87 -50.36
C GLY B 723 -1.28 58.61 -51.00
N THR B 724 -1.24 58.59 -52.33
CA THR B 724 -0.73 57.44 -53.08
C THR B 724 0.55 57.76 -53.86
N LYS B 725 0.97 59.02 -53.83
CA LYS B 725 2.16 59.42 -54.58
C LYS B 725 3.43 59.10 -53.80
N GLU B 726 4.54 58.97 -54.50
CA GLU B 726 5.82 58.69 -53.85
C GLU B 726 6.14 59.74 -52.80
N GLU B 727 5.90 61.02 -53.08
CA GLU B 727 6.22 62.07 -52.12
C GLU B 727 5.20 62.21 -50.97
N ASP B 728 4.17 61.37 -50.97
CA ASP B 728 3.22 61.29 -49.84
C ASP B 728 3.71 60.31 -48.77
N MET B 729 4.72 59.51 -49.11
CA MET B 729 5.17 58.42 -48.27
C MET B 729 6.04 58.87 -47.10
N PRO B 730 5.88 58.21 -45.93
CA PRO B 730 6.78 58.51 -44.83
C PRO B 730 8.18 57.91 -45.05
N TYR B 731 9.11 58.26 -44.17
CA TYR B 731 10.50 57.85 -44.26
C TYR B 731 10.73 56.33 -44.36
N SER B 732 11.55 55.94 -45.33
CA SER B 732 12.13 54.61 -45.40
C SER B 732 13.63 54.71 -45.65
N PHE B 733 14.41 53.96 -44.86
CA PHE B 733 15.87 53.97 -44.96
C PHE B 733 16.40 53.65 -46.36
N SER B 734 15.77 52.71 -47.06
CA SER B 734 16.15 52.33 -48.43
C SER B 734 16.11 53.48 -49.44
N LYS B 735 15.19 54.41 -49.22
CA LYS B 735 15.06 55.60 -50.07
C LYS B 735 16.07 56.69 -49.71
N GLU B 736 16.45 56.78 -48.44
CA GLU B 736 17.51 57.70 -48.03
C GLU B 736 18.85 57.24 -48.61
N LYS C 1 -63.45 7.75 9.27
CA LYS C 1 -63.35 6.56 8.37
C LYS C 1 -62.46 5.50 9.02
N ASP C 2 -63.04 4.34 9.31
CA ASP C 2 -62.32 3.28 10.00
C ASP C 2 -62.17 2.02 9.16
N TRP C 3 -60.94 1.53 9.02
CA TRP C 3 -60.71 0.32 8.26
C TRP C 3 -60.37 -0.91 9.10
N THR C 4 -59.94 -0.67 10.34
CA THR C 4 -59.57 -1.75 11.27
C THR C 4 -60.71 -2.72 11.52
N GLN C 5 -61.95 -2.25 11.38
CA GLN C 5 -63.14 -3.11 11.53
C GLN C 5 -63.11 -4.34 10.60
N TYR C 6 -62.37 -4.24 9.49
CA TYR C 6 -62.29 -5.35 8.54
C TYR C 6 -61.11 -6.28 8.80
N VAL C 7 -60.20 -5.87 9.69
CA VAL C 7 -59.00 -6.68 9.95
C VAL C 7 -59.28 -7.84 10.90
N ASN C 8 -58.99 -9.07 10.45
CA ASN C 8 -59.08 -10.26 11.28
C ASN C 8 -57.69 -10.85 11.58
N PRO C 9 -57.11 -10.50 12.74
CA PRO C 9 -55.78 -10.99 13.15
C PRO C 9 -55.72 -12.50 13.32
N LEU C 10 -56.88 -13.15 13.43
CA LEU C 10 -56.95 -14.61 13.54
C LEU C 10 -56.84 -15.37 12.20
N MET C 11 -56.88 -14.65 11.09
CA MET C 11 -56.84 -15.28 9.76
C MET C 11 -55.50 -15.98 9.54
N GLY C 12 -55.56 -17.29 9.33
CA GLY C 12 -54.37 -18.12 9.20
C GLY C 12 -53.96 -18.86 10.46
N SER C 13 -54.67 -18.65 11.56
CA SER C 13 -54.36 -19.32 12.84
C SER C 13 -54.87 -20.77 12.95
N GLN C 14 -55.73 -21.18 12.03
CA GLN C 14 -56.24 -22.56 12.00
C GLN C 14 -55.34 -23.46 11.13
N SER C 15 -54.09 -23.60 11.53
CA SER C 15 -53.07 -24.25 10.70
C SER C 15 -52.45 -25.43 11.41
N THR C 16 -52.07 -26.44 10.65
CA THR C 16 -51.29 -27.54 11.22
C THR C 16 -49.99 -27.75 10.45
N PHE C 17 -49.10 -28.56 11.03
CA PHE C 17 -47.91 -29.09 10.35
C PHE C 17 -48.20 -29.65 8.95
N GLU C 18 -49.28 -30.43 8.85
CA GLU C 18 -49.63 -31.18 7.63
C GLU C 18 -50.29 -30.29 6.56
N LEU C 19 -50.99 -29.25 7.00
CA LEU C 19 -51.64 -28.34 6.06
C LEU C 19 -51.70 -26.93 6.64
N SER C 20 -51.04 -26.01 5.97
CA SER C 20 -51.07 -24.63 6.39
C SER C 20 -52.26 -23.93 5.79
N THR C 21 -52.88 -23.07 6.60
CA THR C 21 -53.86 -22.14 6.09
C THR C 21 -53.37 -20.70 6.34
N GLY C 22 -52.05 -20.55 6.36
CA GLY C 22 -51.41 -19.25 6.59
C GLY C 22 -50.26 -19.37 7.57
N ASN C 23 -50.42 -20.25 8.55
CA ASN C 23 -49.46 -20.41 9.64
C ASN C 23 -49.10 -19.04 10.26
N THR C 24 -50.14 -18.33 10.70
CA THR C 24 -49.97 -17.04 11.38
C THR C 24 -50.38 -17.12 12.85
N TYR C 25 -50.01 -16.08 13.60
CA TYR C 25 -50.58 -15.84 14.93
C TYR C 25 -51.15 -14.42 14.97
N PRO C 26 -51.96 -14.11 16.00
CA PRO C 26 -52.55 -12.77 16.16
C PRO C 26 -51.51 -11.74 16.61
N ALA C 27 -50.97 -10.99 15.66
CA ALA C 27 -49.93 -10.02 15.98
C ALA C 27 -50.56 -8.71 16.41
N ILE C 28 -50.66 -8.55 17.73
CA ILE C 28 -51.14 -7.32 18.33
C ILE C 28 -49.94 -6.35 18.41
N ALA C 29 -49.97 -5.32 17.56
CA ALA C 29 -48.79 -4.49 17.32
C ALA C 29 -49.11 -3.23 16.54
N ARG C 30 -48.17 -2.27 16.61
CA ARG C 30 -48.15 -1.13 15.72
C ARG C 30 -47.56 -1.59 14.38
N PRO C 31 -47.85 -0.85 13.28
CA PRO C 31 -47.24 -1.21 11.99
C PRO C 31 -45.70 -1.29 12.11
N TRP C 32 -45.11 -2.37 11.58
CA TRP C 32 -43.67 -2.64 11.71
C TRP C 32 -43.10 -2.57 13.14
N GLY C 33 -43.93 -2.82 14.13
CA GLY C 33 -43.53 -2.61 15.55
C GLY C 33 -42.34 -3.46 15.95
N MET C 34 -41.47 -2.93 16.81
CA MET C 34 -40.27 -3.67 17.24
C MET C 34 -40.62 -4.91 18.06
N ASN C 35 -41.63 -4.80 18.92
CA ASN C 35 -42.09 -5.91 19.76
C ASN C 35 -43.58 -6.20 19.48
N PHE C 36 -43.86 -7.43 19.09
CA PHE C 36 -45.23 -7.91 18.89
C PHE C 36 -45.72 -8.56 20.18
N TRP C 37 -47.04 -8.53 20.40
CA TRP C 37 -47.62 -9.25 21.53
C TRP C 37 -48.69 -10.21 21.04
N THR C 38 -48.80 -11.35 21.70
CA THR C 38 -49.77 -12.36 21.30
C THR C 38 -50.26 -13.19 22.48
N PRO C 39 -51.55 -13.56 22.47
CA PRO C 39 -51.96 -14.68 23.33
C PRO C 39 -51.19 -15.95 22.93
N GLN C 40 -50.76 -16.71 23.92
CA GLN C 40 -49.98 -17.93 23.69
C GLN C 40 -50.73 -19.16 24.15
N THR C 41 -51.07 -20.02 23.20
CA THR C 41 -51.75 -21.29 23.49
C THR C 41 -50.74 -22.45 23.47
N GLY C 42 -49.68 -22.33 22.66
CA GLY C 42 -48.66 -23.38 22.58
C GLY C 42 -47.72 -23.39 23.77
N LYS C 43 -47.04 -24.52 23.97
CA LYS C 43 -46.04 -24.63 25.00
C LYS C 43 -44.77 -23.89 24.57
N MET C 44 -44.00 -23.39 25.53
CA MET C 44 -42.75 -22.69 25.25
C MET C 44 -41.92 -23.44 24.22
N GLY C 45 -41.49 -22.73 23.18
CA GLY C 45 -40.60 -23.30 22.18
C GLY C 45 -41.29 -23.83 20.94
N ASP C 46 -42.61 -24.00 20.99
CA ASP C 46 -43.37 -24.46 19.84
C ASP C 46 -43.57 -23.33 18.84
N GLY C 47 -43.29 -23.62 17.57
CA GLY C 47 -43.48 -22.64 16.51
C GLY C 47 -44.93 -22.21 16.42
N TRP C 48 -45.83 -23.16 16.68
CA TRP C 48 -47.27 -22.91 16.71
C TRP C 48 -47.65 -22.33 18.09
N GLN C 49 -47.36 -21.04 18.26
CA GLN C 49 -47.51 -20.41 19.56
C GLN C 49 -48.96 -20.00 19.81
N TYR C 50 -49.75 -19.87 18.74
CA TYR C 50 -51.19 -19.69 18.84
C TYR C 50 -51.87 -20.49 17.75
N THR C 51 -52.81 -21.34 18.13
CA THR C 51 -53.62 -22.07 17.13
C THR C 51 -55.09 -21.96 17.48
N TYR C 52 -55.92 -21.78 16.47
CA TYR C 52 -57.34 -21.51 16.67
C TYR C 52 -58.09 -22.64 17.39
N THR C 53 -57.65 -23.86 17.22
CA THR C 53 -58.38 -24.99 17.78
C THR C 53 -57.98 -25.32 19.24
N ALA C 54 -56.99 -24.60 19.77
CA ALA C 54 -56.53 -24.85 21.14
C ALA C 54 -57.50 -24.31 22.21
N ASN C 55 -57.60 -25.05 23.31
CA ASN C 55 -58.51 -24.78 24.42
C ASN C 55 -58.00 -23.76 25.42
N LYS C 56 -56.68 -23.67 25.57
CA LYS C 56 -56.13 -22.92 26.70
C LYS C 56 -55.07 -21.88 26.32
N ILE C 57 -55.08 -20.76 27.05
CA ILE C 57 -54.05 -19.74 27.01
C ILE C 57 -53.19 -19.90 28.26
N ARG C 58 -51.88 -19.97 28.09
CA ARG C 58 -50.96 -20.15 29.22
C ARG C 58 -50.09 -18.91 29.47
N GLY C 59 -50.21 -17.91 28.61
CA GLY C 59 -49.44 -16.68 28.71
C GLY C 59 -49.82 -15.64 27.66
N PHE C 60 -49.38 -14.41 27.90
CA PHE C 60 -49.46 -13.32 26.94
C PHE C 60 -48.03 -12.91 26.73
N LYS C 61 -47.58 -13.01 25.49
CA LYS C 61 -46.17 -13.15 25.19
C LYS C 61 -45.63 -12.08 24.25
N GLN C 62 -44.44 -11.58 24.57
CA GLN C 62 -43.67 -10.77 23.65
C GLN C 62 -42.99 -11.73 22.67
N THR C 63 -43.13 -11.42 21.38
CA THR C 63 -42.66 -12.30 20.33
C THR C 63 -42.06 -11.53 19.16
N HIS C 64 -41.14 -12.18 18.45
CA HIS C 64 -40.54 -11.60 17.25
C HIS C 64 -40.61 -12.54 16.05
N GLN C 65 -41.25 -13.70 16.29
CA GLN C 65 -41.32 -14.82 15.34
C GLN C 65 -41.86 -14.43 13.97
N PRO C 66 -41.06 -14.65 12.90
CA PRO C 66 -41.60 -14.39 11.57
C PRO C 66 -42.39 -15.56 10.96
N SER C 67 -42.17 -16.77 11.48
CA SER C 67 -42.88 -17.99 11.03
C SER C 67 -42.59 -19.15 12.01
N PRO C 68 -43.46 -20.19 12.03
CA PRO C 68 -43.23 -21.28 12.98
C PRO C 68 -41.95 -22.07 12.69
N TRP C 69 -41.47 -22.01 11.46
CA TRP C 69 -40.29 -22.79 11.06
C TRP C 69 -39.02 -22.09 11.55
N ILE C 70 -38.95 -20.78 11.34
CA ILE C 70 -37.84 -19.96 11.78
C ILE C 70 -37.82 -19.86 13.31
N ASN C 71 -39.02 -19.82 13.91
CA ASN C 71 -39.20 -19.75 15.35
C ASN C 71 -38.82 -18.37 15.93
N ASP C 72 -38.56 -18.29 17.24
CA ASP C 72 -38.62 -17.01 17.95
C ASP C 72 -37.31 -16.60 18.67
N TYR C 73 -37.25 -15.34 19.11
CA TYR C 73 -36.19 -14.80 19.98
C TYR C 73 -36.76 -13.59 20.72
N GLY C 74 -36.03 -13.10 21.72
CA GLY C 74 -36.50 -11.98 22.55
C GLY C 74 -37.91 -12.23 23.06
N GLN C 75 -38.07 -13.32 23.80
CA GLN C 75 -39.40 -13.82 24.15
C GLN C 75 -39.57 -14.04 25.65
N PHE C 76 -40.62 -13.42 26.20
CA PHE C 76 -41.04 -13.62 27.60
C PHE C 76 -42.56 -13.45 27.70
N SER C 77 -43.14 -13.88 28.83
CA SER C 77 -44.58 -13.83 28.99
C SER C 77 -45.07 -13.39 30.38
N ILE C 78 -46.31 -12.91 30.41
CA ILE C 78 -47.03 -12.55 31.63
C ILE C 78 -48.34 -13.38 31.68
N MET C 79 -48.79 -13.74 32.89
CA MET C 79 -50.02 -14.54 33.07
C MET C 79 -50.74 -14.28 34.40
N PRO C 80 -51.95 -13.72 34.36
CA PRO C 80 -52.72 -13.52 35.59
C PRO C 80 -53.42 -14.82 36.02
N ILE C 81 -53.37 -15.13 37.33
CA ILE C 81 -53.96 -16.35 37.89
C ILE C 81 -54.60 -16.10 39.25
N VAL C 82 -55.32 -17.09 39.74
CA VAL C 82 -56.03 -17.02 40.99
C VAL C 82 -55.91 -18.39 41.70
N GLY C 83 -55.97 -18.41 43.02
CA GLY C 83 -55.90 -19.68 43.76
C GLY C 83 -54.52 -19.92 44.31
N GLN C 84 -53.86 -20.98 43.87
CA GLN C 84 -52.48 -21.27 44.32
C GLN C 84 -51.46 -20.56 43.44
N PRO C 85 -50.31 -20.16 44.01
CA PRO C 85 -49.25 -19.62 43.17
C PRO C 85 -48.48 -20.72 42.41
N VAL C 86 -48.75 -20.83 41.10
CA VAL C 86 -48.15 -21.87 40.27
C VAL C 86 -47.44 -21.28 39.06
N PHE C 87 -46.19 -21.68 38.87
CA PHE C 87 -45.36 -21.21 37.78
C PHE C 87 -45.49 -22.08 36.54
N ASP C 88 -45.66 -23.39 36.74
CA ASP C 88 -45.76 -24.37 35.64
C ASP C 88 -46.73 -23.93 34.51
N GLU C 89 -46.25 -24.00 33.27
CA GLU C 89 -47.00 -23.49 32.12
C GLU C 89 -48.27 -24.28 31.77
N GLU C 90 -48.39 -25.50 32.26
CA GLU C 90 -49.63 -26.27 32.07
C GLU C 90 -50.67 -25.99 33.15
N LYS C 91 -50.21 -25.91 34.39
CA LYS C 91 -51.08 -25.74 35.55
C LYS C 91 -51.63 -24.33 35.71
N ARG C 92 -50.90 -23.34 35.19
CA ARG C 92 -51.33 -21.96 35.25
C ARG C 92 -52.35 -21.63 34.15
N ALA C 93 -52.39 -22.47 33.11
CA ALA C 93 -53.18 -22.23 31.91
C ALA C 93 -54.68 -22.21 32.17
N SER C 94 -55.42 -21.51 31.32
CA SER C 94 -56.87 -21.41 31.46
C SER C 94 -57.60 -21.65 30.14
N TRP C 95 -58.66 -22.45 30.21
CA TRP C 95 -59.67 -22.52 29.17
C TRP C 95 -60.10 -21.13 28.74
N PHE C 96 -60.43 -21.01 27.45
CA PHE C 96 -61.10 -19.83 26.91
C PHE C 96 -61.85 -20.29 25.67
N ALA C 97 -62.69 -19.41 25.12
CA ALA C 97 -63.28 -19.63 23.80
C ALA C 97 -63.28 -18.32 23.03
N HIS C 98 -63.32 -18.42 21.71
CA HIS C 98 -63.19 -17.26 20.81
C HIS C 98 -64.33 -16.24 20.93
N LYS C 99 -65.51 -16.71 21.34
CA LYS C 99 -66.64 -15.83 21.65
C LYS C 99 -66.44 -15.00 22.93
N GLY C 100 -65.42 -15.33 23.71
CA GLY C 100 -65.02 -14.52 24.85
C GLY C 100 -63.70 -13.81 24.59
N GLU C 101 -63.40 -13.62 23.31
CA GLU C 101 -62.13 -13.07 22.85
C GLU C 101 -62.43 -11.97 21.83
N VAL C 102 -61.77 -10.82 21.98
CA VAL C 102 -61.80 -9.76 20.97
C VAL C 102 -60.36 -9.48 20.51
N ALA C 103 -60.11 -9.67 19.22
CA ALA C 103 -58.80 -9.45 18.64
C ALA C 103 -58.81 -8.42 17.50
N THR C 104 -58.08 -7.33 17.71
CA THR C 104 -57.86 -6.28 16.70
C THR C 104 -56.35 -5.99 16.69
N PRO C 105 -55.82 -5.29 15.65
CA PRO C 105 -54.36 -5.00 15.64
C PRO C 105 -53.88 -4.14 16.80
N TYR C 106 -54.77 -3.29 17.31
CA TYR C 106 -54.38 -2.30 18.32
C TYR C 106 -54.80 -2.70 19.76
N TYR C 107 -55.56 -3.79 19.90
CA TYR C 107 -56.18 -4.13 21.18
C TYR C 107 -56.61 -5.57 21.18
N TYR C 108 -56.34 -6.25 22.29
CA TYR C 108 -56.70 -7.64 22.47
C TYR C 108 -57.33 -7.89 23.83
N LYS C 109 -58.48 -8.56 23.84
CA LYS C 109 -59.13 -8.92 25.09
C LYS C 109 -59.57 -10.39 25.11
N VAL C 110 -59.42 -11.04 26.26
CA VAL C 110 -59.92 -12.40 26.45
C VAL C 110 -60.32 -12.69 27.90
N TYR C 111 -61.33 -13.55 28.06
CA TYR C 111 -61.80 -14.00 29.37
C TYR C 111 -61.25 -15.38 29.69
N LEU C 112 -60.50 -15.47 30.78
CA LEU C 112 -59.86 -16.70 31.19
C LEU C 112 -60.83 -17.45 32.09
N ALA C 113 -61.45 -18.48 31.52
CA ALA C 113 -62.59 -19.15 32.17
C ALA C 113 -62.26 -19.81 33.52
N GLU C 114 -61.09 -20.43 33.65
CA GLU C 114 -60.72 -21.12 34.88
C GLU C 114 -60.18 -20.19 35.95
N HIS C 115 -59.94 -18.92 35.61
CA HIS C 115 -59.49 -17.94 36.61
C HIS C 115 -60.48 -16.82 36.91
N ASP C 116 -61.58 -16.76 36.15
CA ASP C 116 -62.51 -15.62 36.23
C ASP C 116 -61.74 -14.27 36.11
N ILE C 117 -60.82 -14.21 35.14
CA ILE C 117 -60.06 -12.98 34.89
C ILE C 117 -60.23 -12.53 33.44
N VAL C 118 -60.44 -11.23 33.25
CA VAL C 118 -60.37 -10.60 31.93
C VAL C 118 -58.98 -9.98 31.74
N THR C 119 -58.33 -10.31 30.64
CA THR C 119 -57.06 -9.71 30.27
C THR C 119 -57.18 -8.82 29.04
N GLU C 120 -56.70 -7.58 29.15
CA GLU C 120 -56.65 -6.64 28.01
C GLU C 120 -55.24 -6.12 27.80
N MET C 121 -54.85 -5.95 26.54
CA MET C 121 -53.53 -5.39 26.20
C MET C 121 -53.60 -4.48 24.97
N THR C 122 -52.83 -3.39 25.01
CA THR C 122 -52.72 -2.41 23.92
C THR C 122 -51.26 -1.98 23.78
N PRO C 123 -50.62 -2.33 22.66
CA PRO C 123 -49.22 -1.98 22.50
C PRO C 123 -48.95 -0.68 21.76
N THR C 124 -47.76 -0.14 21.99
CA THR C 124 -47.12 0.82 21.12
C THR C 124 -46.03 0.04 20.39
N GLU C 125 -45.10 0.76 19.78
CA GLU C 125 -44.03 0.15 18.99
C GLU C 125 -43.12 -0.77 19.80
N ARG C 126 -42.79 -0.38 21.03
CA ARG C 126 -41.79 -1.09 21.85
C ARG C 126 -42.30 -1.43 23.25
N ALA C 127 -43.44 -0.82 23.61
CA ALA C 127 -44.03 -1.00 24.91
C ALA C 127 -45.47 -1.51 24.78
N VAL C 128 -46.08 -1.84 25.91
CA VAL C 128 -47.46 -2.35 25.95
C VAL C 128 -48.09 -2.12 27.34
N LEU C 129 -49.40 -1.86 27.37
CA LEU C 129 -50.15 -1.79 28.64
C LEU C 129 -51.09 -2.98 28.80
N PHE C 130 -51.02 -3.63 29.96
CA PHE C 130 -51.96 -4.69 30.35
C PHE C 130 -52.93 -4.21 31.40
N ARG C 131 -54.19 -4.63 31.28
CA ARG C 131 -55.18 -4.42 32.33
C ARG C 131 -55.79 -5.75 32.66
N PHE C 132 -55.59 -6.21 33.89
CA PHE C 132 -56.21 -7.45 34.35
C PHE C 132 -57.39 -7.14 35.28
N THR C 133 -58.56 -7.66 34.95
CA THR C 133 -59.74 -7.50 35.82
C THR C 133 -59.99 -8.77 36.62
N PHE C 134 -59.72 -8.68 37.92
CA PHE C 134 -59.72 -9.82 38.83
C PHE C 134 -61.07 -10.03 39.49
N PRO C 135 -61.34 -11.28 39.94
CA PRO C 135 -62.52 -11.54 40.75
C PRO C 135 -62.27 -11.19 42.22
N GLU C 136 -63.29 -11.40 43.06
CA GLU C 136 -63.07 -11.36 44.49
C GLU C 136 -62.32 -12.63 44.89
N ASN C 137 -61.11 -12.45 45.41
CA ASN C 137 -60.26 -13.56 45.83
C ASN C 137 -59.20 -13.07 46.82
N ASP C 138 -58.90 -13.90 47.80
CA ASP C 138 -57.82 -13.63 48.74
C ASP C 138 -56.45 -13.83 48.11
N HIS C 139 -56.38 -14.67 47.09
CA HIS C 139 -55.10 -15.03 46.47
C HIS C 139 -55.11 -14.87 44.94
N SER C 140 -54.85 -13.64 44.49
CA SER C 140 -54.69 -13.34 43.07
C SER C 140 -53.22 -13.09 42.75
N TYR C 141 -52.77 -13.58 41.59
CA TYR C 141 -51.35 -13.48 41.24
C TYR C 141 -51.08 -13.08 39.80
N VAL C 142 -49.88 -12.54 39.57
CA VAL C 142 -49.37 -12.34 38.23
C VAL C 142 -48.05 -13.10 38.08
N VAL C 143 -47.97 -13.90 37.01
CA VAL C 143 -46.76 -14.67 36.70
C VAL C 143 -45.99 -14.01 35.56
N VAL C 144 -44.68 -13.85 35.76
CA VAL C 144 -43.78 -13.32 34.75
C VAL C 144 -42.79 -14.44 34.43
N ASP C 145 -42.72 -14.82 33.17
CA ASP C 145 -41.91 -15.97 32.73
C ASP C 145 -40.82 -15.47 31.79
N ALA C 146 -39.56 -15.56 32.21
CA ALA C 146 -38.44 -15.08 31.39
C ALA C 146 -37.97 -16.10 30.35
N PHE C 147 -38.63 -17.25 30.31
CA PHE C 147 -38.26 -18.39 29.46
C PHE C 147 -36.90 -19.01 29.86
N ASP C 148 -36.52 -20.11 29.23
CA ASP C 148 -35.34 -20.89 29.64
C ASP C 148 -34.07 -20.56 28.85
N LYS C 149 -33.07 -21.43 28.93
CA LYS C 149 -31.75 -21.29 28.25
C LYS C 149 -30.92 -20.10 28.74
N GLY C 150 -31.08 -19.73 30.01
CA GLY C 150 -30.37 -18.61 30.61
C GLY C 150 -31.17 -17.33 30.64
N SER C 151 -31.77 -17.02 31.78
CA SER C 151 -32.48 -15.75 31.96
C SER C 151 -32.21 -15.14 33.32
N TYR C 152 -32.88 -14.03 33.60
CA TYR C 152 -32.66 -13.25 34.80
C TYR C 152 -33.94 -12.51 35.15
N ILE C 153 -34.18 -12.35 36.45
CA ILE C 153 -35.33 -11.65 36.97
C ILE C 153 -34.97 -10.95 38.31
N LYS C 154 -35.57 -9.80 38.58
CA LYS C 154 -35.43 -9.15 39.89
C LYS C 154 -36.75 -8.47 40.30
N ILE C 155 -37.09 -8.57 41.58
CA ILE C 155 -38.27 -7.87 42.10
C ILE C 155 -37.86 -6.65 42.92
N ILE C 156 -38.38 -5.49 42.54
CA ILE C 156 -38.11 -4.24 43.26
C ILE C 156 -39.42 -3.71 43.85
N PRO C 157 -39.73 -4.17 45.09
CA PRO C 157 -41.03 -3.91 45.72
C PRO C 157 -41.33 -2.42 45.97
N GLU C 158 -40.29 -1.62 46.22
CA GLU C 158 -40.46 -0.19 46.49
C GLU C 158 -40.83 0.59 45.24
N GLU C 159 -40.74 -0.06 44.09
CA GLU C 159 -41.11 0.57 42.83
C GLU C 159 -42.28 -0.13 42.16
N ASN C 160 -42.89 -1.09 42.87
CA ASN C 160 -43.90 -2.00 42.31
C ASN C 160 -43.47 -2.58 40.95
N LYS C 161 -42.24 -3.09 40.89
CA LYS C 161 -41.58 -3.33 39.62
C LYS C 161 -40.90 -4.70 39.54
N ILE C 162 -40.97 -5.30 38.35
CA ILE C 162 -40.23 -6.53 38.05
C ILE C 162 -39.42 -6.28 36.80
N ILE C 163 -38.13 -6.57 36.88
CA ILE C 163 -37.25 -6.43 35.72
C ILE C 163 -36.60 -7.77 35.40
N GLY C 164 -36.17 -7.93 34.15
CA GLY C 164 -35.41 -9.10 33.76
C GLY C 164 -34.88 -9.07 32.35
N TYR C 165 -34.26 -10.17 31.95
CA TYR C 165 -33.86 -10.33 30.58
C TYR C 165 -34.10 -11.76 30.13
N THR C 166 -34.30 -11.92 28.82
CA THR C 166 -34.54 -13.22 28.24
C THR C 166 -33.53 -13.43 27.12
N THR C 167 -33.05 -14.67 26.97
CA THR C 167 -32.13 -15.00 25.89
C THR C 167 -32.60 -16.09 24.94
N ARG C 168 -33.62 -16.88 25.31
CA ARG C 168 -34.06 -17.98 24.44
C ARG C 168 -34.25 -17.54 22.99
N ASN C 169 -33.51 -18.18 22.10
CA ASN C 169 -33.52 -17.80 20.68
C ASN C 169 -33.39 -19.01 19.77
N SER C 170 -33.47 -18.77 18.46
CA SER C 170 -33.49 -19.85 17.49
C SER C 170 -32.29 -19.85 16.56
N GLY C 171 -31.23 -19.18 16.99
CA GLY C 171 -30.02 -19.05 16.19
C GLY C 171 -29.91 -17.65 15.59
N GLY C 172 -28.76 -17.36 14.99
CA GLY C 172 -28.52 -16.10 14.31
C GLY C 172 -28.48 -14.91 15.23
N VAL C 173 -27.99 -15.11 16.46
CA VAL C 173 -27.71 -14.01 17.36
C VAL C 173 -26.22 -13.94 17.74
N PRO C 174 -25.73 -12.75 18.12
CA PRO C 174 -24.41 -12.67 18.73
C PRO C 174 -24.40 -13.32 20.13
N GLU C 175 -23.20 -13.59 20.63
CA GLU C 175 -23.01 -14.22 21.94
C GLU C 175 -23.54 -13.41 23.12
N ASN C 176 -23.61 -12.08 22.95
CA ASN C 176 -24.04 -11.17 24.03
C ASN C 176 -25.54 -10.86 24.03
N PHE C 177 -26.28 -11.46 23.10
CA PHE C 177 -27.71 -11.22 22.90
C PHE C 177 -28.55 -11.29 24.17
N LYS C 178 -29.30 -10.22 24.43
CA LYS C 178 -30.24 -10.16 25.54
C LYS C 178 -31.41 -9.25 25.16
N ASN C 179 -32.59 -9.60 25.64
CA ASN C 179 -33.74 -8.70 25.58
C ASN C 179 -34.11 -8.28 26.99
N TYR C 180 -33.90 -6.99 27.27
CA TYR C 180 -34.09 -6.40 28.61
C TYR C 180 -35.53 -5.91 28.77
N PHE C 181 -36.23 -6.38 29.80
CA PHE C 181 -37.61 -5.96 30.05
C PHE C 181 -37.87 -5.38 31.45
N ILE C 182 -38.84 -4.47 31.52
CA ILE C 182 -39.25 -3.80 32.75
C ILE C 182 -40.77 -3.88 32.87
N ILE C 183 -41.26 -4.22 34.06
CA ILE C 183 -42.71 -4.30 34.31
C ILE C 183 -43.14 -3.49 35.53
N GLU C 184 -43.99 -2.48 35.32
CA GLU C 184 -44.47 -1.63 36.41
C GLU C 184 -45.95 -1.86 36.74
N PHE C 185 -46.23 -2.19 38.00
CA PHE C 185 -47.61 -2.41 38.47
C PHE C 185 -48.17 -1.22 39.25
N ASP C 186 -49.46 -0.96 39.12
CA ASP C 186 -50.12 0.05 39.94
C ASP C 186 -50.77 -0.51 41.22
N LYS C 187 -50.27 -1.65 41.71
CA LYS C 187 -50.76 -2.26 42.94
C LYS C 187 -49.59 -2.86 43.72
N PRO C 188 -49.56 -2.67 45.06
CA PRO C 188 -48.45 -3.18 45.86
C PRO C 188 -48.37 -4.72 45.87
N PHE C 189 -47.18 -5.26 46.10
CA PHE C 189 -46.99 -6.71 46.21
C PHE C 189 -47.11 -7.15 47.65
N THR C 190 -48.16 -7.92 47.95
CA THR C 190 -48.38 -8.51 49.25
C THR C 190 -47.67 -9.85 49.33
N TYR C 191 -47.75 -10.63 48.26
CA TYR C 191 -46.98 -11.84 48.10
C TYR C 191 -45.92 -11.60 47.02
N LYS C 192 -44.69 -12.03 47.28
CA LYS C 192 -43.63 -11.96 46.27
C LYS C 192 -42.67 -13.15 46.35
N ALA C 193 -42.38 -13.71 45.18
CA ALA C 193 -41.43 -14.81 45.05
C ALA C 193 -40.77 -14.80 43.69
N THR C 194 -39.50 -15.18 43.64
CA THR C 194 -38.87 -15.47 42.38
C THR C 194 -38.83 -16.98 42.19
N VAL C 195 -38.56 -17.39 40.96
CA VAL C 195 -38.62 -18.79 40.57
C VAL C 195 -37.30 -19.17 39.93
N GLU C 196 -36.76 -20.29 40.38
CA GLU C 196 -35.49 -20.79 39.91
C GLU C 196 -35.72 -22.24 39.52
N ASN C 197 -35.74 -22.48 38.22
CA ASN C 197 -35.96 -23.81 37.63
C ASN C 197 -37.11 -24.60 38.25
N GLY C 198 -38.31 -24.02 38.18
CA GLY C 198 -39.51 -24.63 38.73
C GLY C 198 -39.73 -24.41 40.23
N ASN C 199 -38.65 -24.14 40.96
CA ASN C 199 -38.72 -23.97 42.42
C ASN C 199 -39.12 -22.58 42.87
N LEU C 200 -40.23 -22.54 43.60
CA LEU C 200 -40.78 -21.32 44.13
C LEU C 200 -39.94 -20.90 45.34
N GLN C 201 -39.56 -19.62 45.39
CA GLN C 201 -38.69 -19.11 46.44
C GLN C 201 -39.16 -17.77 46.97
N GLU C 202 -39.94 -17.80 48.03
CA GLU C 202 -40.55 -16.59 48.58
C GLU C 202 -39.54 -15.61 49.16
N ASN C 203 -39.76 -14.33 48.86
CA ASN C 203 -38.94 -13.21 49.35
C ASN C 203 -37.45 -13.20 48.96
N VAL C 204 -37.07 -14.05 48.01
CA VAL C 204 -35.76 -13.96 47.36
C VAL C 204 -35.95 -13.07 46.15
N ALA C 205 -35.17 -11.99 46.08
CA ALA C 205 -35.41 -10.90 45.14
C ALA C 205 -34.92 -11.14 43.70
N GLU C 206 -33.88 -11.94 43.54
CA GLU C 206 -33.14 -12.08 42.27
C GLU C 206 -32.89 -13.54 41.91
N GLN C 207 -32.91 -13.83 40.62
CA GLN C 207 -32.42 -15.10 40.10
C GLN C 207 -31.67 -14.89 38.80
N THR C 208 -30.50 -15.50 38.70
CA THR C 208 -29.76 -15.63 37.45
C THR C 208 -29.59 -17.12 37.26
N THR C 209 -30.29 -17.67 36.28
CA THR C 209 -30.45 -19.12 36.16
C THR C 209 -30.97 -19.52 34.79
N ASP C 210 -31.01 -20.82 34.49
CA ASP C 210 -31.51 -21.34 33.21
C ASP C 210 -32.88 -20.74 32.89
N HIS C 211 -33.82 -20.87 33.82
CA HIS C 211 -35.19 -20.47 33.58
C HIS C 211 -35.69 -19.61 34.74
N ALA C 212 -35.54 -18.30 34.61
CA ALA C 212 -35.94 -17.39 35.69
C ALA C 212 -37.42 -17.05 35.62
N GLY C 213 -38.03 -16.79 36.78
CA GLY C 213 -39.40 -16.33 36.83
C GLY C 213 -39.73 -15.52 38.09
N ALA C 214 -40.93 -14.96 38.12
CA ALA C 214 -41.43 -14.24 39.29
C ALA C 214 -42.94 -14.40 39.41
N ILE C 215 -43.41 -14.45 40.66
CA ILE C 215 -44.83 -14.40 40.96
C ILE C 215 -45.11 -13.36 42.06
N ILE C 216 -45.97 -12.39 41.76
CA ILE C 216 -46.45 -11.44 42.75
C ILE C 216 -47.95 -11.64 42.99
N GLY C 217 -48.42 -11.23 44.17
CA GLY C 217 -49.81 -11.48 44.57
C GLY C 217 -50.38 -10.45 45.52
N PHE C 218 -51.71 -10.47 45.63
CA PHE C 218 -52.46 -9.56 46.49
C PHE C 218 -53.87 -10.08 46.70
N LYS C 219 -54.64 -9.38 47.54
CA LYS C 219 -56.09 -9.59 47.63
C LYS C 219 -56.78 -8.71 46.60
N THR C 220 -57.90 -9.19 46.07
CA THR C 220 -58.69 -8.42 45.10
C THR C 220 -60.18 -8.42 45.41
N ARG C 221 -60.80 -7.25 45.29
CA ARG C 221 -62.26 -7.12 45.35
C ARG C 221 -62.81 -7.51 43.98
N LYS C 222 -64.10 -7.79 43.91
CA LYS C 222 -64.75 -8.18 42.66
C LYS C 222 -64.62 -7.04 41.63
N GLY C 223 -64.06 -7.38 40.46
CA GLY C 223 -63.89 -6.42 39.36
C GLY C 223 -62.70 -5.49 39.50
N GLU C 224 -61.86 -5.71 40.52
CA GLU C 224 -60.67 -4.87 40.72
C GLU C 224 -59.72 -4.94 39.53
N GLN C 225 -59.34 -3.77 39.03
CA GLN C 225 -58.44 -3.69 37.90
C GLN C 225 -57.00 -3.42 38.36
N VAL C 226 -56.07 -4.20 37.80
CA VAL C 226 -54.64 -4.02 38.04
C VAL C 226 -53.96 -3.80 36.69
N ASN C 227 -53.27 -2.67 36.57
CA ASN C 227 -52.58 -2.31 35.33
C ASN C 227 -51.08 -2.60 35.41
N ALA C 228 -50.54 -3.16 34.33
CA ALA C 228 -49.10 -3.39 34.21
C ALA C 228 -48.56 -2.77 32.93
N ARG C 229 -47.68 -1.78 33.11
CA ARG C 229 -46.95 -1.12 32.02
C ARG C 229 -45.70 -1.93 31.73
N ILE C 230 -45.43 -2.20 30.45
CA ILE C 230 -44.29 -3.05 30.05
C ILE C 230 -43.51 -2.47 28.87
N ALA C 231 -42.18 -2.56 28.95
CA ALA C 231 -41.31 -2.29 27.80
C ALA C 231 -40.05 -3.15 27.79
N SER C 232 -39.52 -3.38 26.59
CA SER C 232 -38.29 -4.11 26.43
C SER C 232 -37.37 -3.38 25.45
N SER C 233 -36.10 -3.77 25.49
CA SER C 233 -35.05 -3.22 24.63
C SER C 233 -34.02 -4.29 24.28
N PHE C 234 -33.38 -4.17 23.13
CA PHE C 234 -32.26 -5.05 22.82
C PHE C 234 -30.91 -4.43 23.21
N ILE C 235 -30.97 -3.29 23.89
CA ILE C 235 -29.79 -2.50 24.22
C ILE C 235 -29.41 -2.53 25.71
N SER C 236 -30.32 -2.08 26.56
CA SER C 236 -30.10 -1.95 28.01
C SER C 236 -31.39 -1.71 28.80
N PHE C 237 -31.35 -2.01 30.10
CA PHE C 237 -32.45 -1.65 31.00
C PHE C 237 -32.78 -0.15 30.94
N GLU C 238 -31.75 0.68 30.79
CA GLU C 238 -31.93 2.13 30.68
C GLU C 238 -32.68 2.53 29.41
N GLN C 239 -32.33 1.88 28.30
CA GLN C 239 -33.04 2.09 27.05
C GLN C 239 -34.45 1.49 27.14
N ALA C 240 -34.61 0.39 27.87
CA ALA C 240 -35.95 -0.14 28.14
C ALA C 240 -36.82 0.88 28.89
N ALA C 241 -36.22 1.57 29.86
CA ALA C 241 -36.90 2.63 30.61
C ALA C 241 -37.37 3.78 29.73
N ALA C 242 -36.51 4.23 28.82
CA ALA C 242 -36.90 5.29 27.87
C ALA C 242 -37.98 4.84 26.89
N ASN C 243 -37.91 3.57 26.46
CA ASN C 243 -38.93 2.97 25.61
C ASN C 243 -40.32 3.00 26.27
N MET C 244 -40.34 2.80 27.59
CA MET C 244 -41.54 2.86 28.42
C MET C 244 -42.35 4.12 28.18
N ASN C 245 -41.66 5.21 27.91
CA ASN C 245 -42.29 6.52 27.76
C ASN C 245 -43.23 6.64 26.57
N GLU C 246 -43.17 5.65 25.67
CA GLU C 246 -44.14 5.51 24.58
C GLU C 246 -45.57 5.41 25.08
N LEU C 247 -45.74 4.87 26.30
CA LEU C 247 -47.06 4.73 26.94
C LEU C 247 -47.60 6.05 27.53
N GLY C 248 -46.73 7.03 27.71
CA GLY C 248 -47.06 8.25 28.45
C GLY C 248 -47.67 7.89 29.79
N LYS C 249 -48.82 8.49 30.11
CA LYS C 249 -49.57 8.11 31.29
C LYS C 249 -50.94 7.58 30.85
N ASP C 250 -51.00 7.07 29.63
CA ASP C 250 -52.26 6.64 29.02
C ASP C 250 -52.86 5.40 29.66
N ASN C 251 -54.19 5.31 29.63
CA ASN C 251 -54.91 4.10 29.98
C ASN C 251 -55.23 3.27 28.74
N ILE C 252 -55.86 2.10 28.94
CA ILE C 252 -56.22 1.20 27.85
C ILE C 252 -57.00 1.88 26.72
N GLU C 253 -58.07 2.59 27.07
CA GLU C 253 -58.91 3.27 26.09
C GLU C 253 -58.10 4.25 25.20
N GLN C 254 -57.26 5.04 25.84
CA GLN C 254 -56.43 6.05 25.16
C GLN C 254 -55.39 5.42 24.23
N LEU C 255 -54.72 4.38 24.69
CA LEU C 255 -53.72 3.71 23.85
C LEU C 255 -54.38 2.95 22.70
N ALA C 256 -55.54 2.34 22.98
CA ALA C 256 -56.29 1.64 21.96
C ALA C 256 -56.66 2.58 20.82
N GLN C 257 -57.16 3.76 21.19
CA GLN C 257 -57.49 4.81 20.20
C GLN C 257 -56.29 5.23 19.36
N LYS C 258 -55.14 5.38 20.02
CA LYS C 258 -53.89 5.74 19.34
C LYS C 258 -53.43 4.68 18.34
N GLY C 259 -53.52 3.41 18.75
CA GLY C 259 -53.13 2.29 17.88
C GLY C 259 -54.09 2.14 16.71
N LYS C 260 -55.38 2.41 16.97
CA LYS C 260 -56.41 2.38 15.96
C LYS C 260 -56.18 3.49 14.92
N ASP C 261 -55.75 4.65 15.41
CA ASP C 261 -55.37 5.76 14.52
C ASP C 261 -54.14 5.44 13.68
N ALA C 262 -53.12 4.86 14.32
CA ALA C 262 -51.90 4.44 13.60
C ALA C 262 -52.21 3.46 12.47
N TRP C 263 -53.07 2.49 12.75
CA TRP C 263 -53.50 1.52 11.74
C TRP C 263 -54.37 2.11 10.64
N ASN C 264 -55.32 2.97 10.99
CA ASN C 264 -56.14 3.63 9.96
C ASN C 264 -55.34 4.56 9.06
N GLN C 265 -54.31 5.18 9.64
CA GLN C 265 -53.40 6.00 8.86
C GLN C 265 -52.70 5.22 7.72
N VAL C 266 -52.33 3.96 7.96
CA VAL C 266 -51.70 3.15 6.89
C VAL C 266 -52.69 2.33 6.04
N LEU C 267 -53.68 1.73 6.67
CA LEU C 267 -54.74 1.03 5.95
C LEU C 267 -55.49 1.98 5.00
N GLY C 268 -55.76 3.20 5.47
CA GLY C 268 -56.44 4.23 4.70
C GLY C 268 -55.79 4.73 3.41
N LYS C 269 -54.53 4.36 3.18
CA LYS C 269 -53.84 4.75 1.94
C LYS C 269 -54.47 4.07 0.70
N ILE C 270 -55.19 2.97 0.93
CA ILE C 270 -55.92 2.28 -0.13
C ILE C 270 -57.36 2.10 0.30
N GLU C 271 -58.28 2.83 -0.34
CA GLU C 271 -59.72 2.70 -0.04
C GLU C 271 -60.44 1.91 -1.11
N VAL C 272 -61.05 0.78 -0.76
CA VAL C 272 -61.87 0.02 -1.72
C VAL C 272 -63.38 0.07 -1.43
N GLU C 273 -64.19 0.07 -2.49
CA GLU C 273 -65.66 0.05 -2.33
C GLU C 273 -66.37 -0.67 -3.47
N GLY C 274 -67.66 -0.91 -3.30
CA GLY C 274 -68.41 -1.72 -4.25
C GLY C 274 -68.00 -3.19 -4.26
N GLY C 275 -67.77 -3.76 -3.09
CA GLY C 275 -67.58 -5.20 -2.93
C GLY C 275 -68.45 -5.67 -1.78
N ASN C 276 -68.32 -6.94 -1.41
CA ASN C 276 -69.05 -7.48 -0.28
C ASN C 276 -68.17 -7.57 0.97
N LEU C 277 -68.79 -7.86 2.12
CA LEU C 277 -68.11 -7.92 3.41
C LEU C 277 -66.95 -8.94 3.50
N ASP C 278 -67.11 -10.12 2.88
CA ASP C 278 -66.01 -11.09 2.80
C ASP C 278 -64.77 -10.48 2.15
N GLN C 279 -64.99 -9.75 1.06
CA GLN C 279 -63.90 -9.19 0.28
C GLN C 279 -63.21 -8.04 1.04
N TYR C 280 -63.99 -7.15 1.64
CA TYR C 280 -63.41 -6.09 2.47
C TYR C 280 -62.51 -6.67 3.56
N ARG C 281 -62.99 -7.71 4.26
CA ARG C 281 -62.25 -8.36 5.34
C ARG C 281 -61.02 -9.09 4.84
N THR C 282 -61.15 -9.77 3.69
CA THR C 282 -59.98 -10.41 3.09
C THR C 282 -58.93 -9.36 2.71
N PHE C 283 -59.36 -8.26 2.09
CA PHE C 283 -58.46 -7.22 1.59
C PHE C 283 -57.72 -6.51 2.72
N TYR C 284 -58.45 -5.99 3.72
CA TYR C 284 -57.80 -5.26 4.83
C TYR C 284 -57.00 -6.15 5.81
N SER C 285 -57.38 -7.42 5.94
CA SER C 285 -56.56 -8.35 6.71
C SER C 285 -55.23 -8.61 5.99
N CYS C 286 -55.27 -8.77 4.67
CA CYS C 286 -54.05 -8.95 3.88
C CYS C 286 -53.16 -7.71 3.91
N LEU C 287 -53.78 -6.53 3.85
CA LEU C 287 -53.02 -5.27 3.96
C LEU C 287 -52.35 -5.15 5.33
N TYR C 288 -53.09 -5.51 6.39
CA TYR C 288 -52.55 -5.54 7.75
C TYR C 288 -51.29 -6.43 7.83
N ARG C 289 -51.38 -7.63 7.27
CA ARG C 289 -50.24 -8.57 7.21
C ARG C 289 -49.04 -8.07 6.40
N SER C 290 -49.30 -7.16 5.44
CA SER C 290 -48.27 -6.60 4.58
C SER C 290 -47.50 -5.44 5.20
N LEU C 291 -47.85 -5.11 6.45
CA LEU C 291 -47.34 -3.91 7.10
C LEU C 291 -46.72 -4.23 8.48
N LEU C 292 -46.28 -5.47 8.66
CA LEU C 292 -45.72 -5.94 9.92
C LEU C 292 -44.24 -6.27 9.80
N PHE C 293 -43.85 -6.88 8.68
CA PHE C 293 -42.48 -7.40 8.48
C PHE C 293 -41.82 -6.71 7.27
N PRO C 294 -40.51 -6.41 7.32
CA PRO C 294 -39.59 -6.55 8.45
C PRO C 294 -39.90 -5.57 9.57
N ARG C 295 -39.71 -6.01 10.81
CA ARG C 295 -39.96 -5.19 11.98
C ARG C 295 -38.85 -4.18 12.20
N LYS C 296 -39.18 -3.05 12.82
CA LYS C 296 -38.15 -2.13 13.32
C LYS C 296 -37.26 -2.88 14.32
N PHE C 297 -35.95 -2.70 14.17
CA PHE C 297 -35.01 -3.23 15.13
C PHE C 297 -34.10 -2.13 15.67
N TYR C 298 -34.60 -0.90 15.62
CA TYR C 298 -33.88 0.24 16.15
C TYR C 298 -34.72 0.94 17.22
N GLU C 299 -34.04 1.73 18.04
CA GLU C 299 -34.65 2.42 19.17
C GLU C 299 -34.20 3.88 19.16
N LEU C 300 -34.80 4.72 20.02
CA LEU C 300 -34.56 6.16 19.98
C LEU C 300 -33.76 6.64 21.18
N ASP C 301 -32.70 7.40 20.93
CA ASP C 301 -31.88 7.93 22.04
C ASP C 301 -32.52 9.16 22.67
N ALA C 302 -31.82 9.78 23.61
CA ALA C 302 -32.34 10.96 24.31
C ALA C 302 -32.63 12.13 23.36
N ASN C 303 -31.93 12.17 22.22
CA ASN C 303 -32.14 13.20 21.20
C ASN C 303 -33.17 12.82 20.13
N GLY C 304 -33.80 11.67 20.30
CA GLY C 304 -34.78 11.17 19.34
C GLY C 304 -34.16 10.55 18.09
N GLN C 305 -32.87 10.22 18.17
CA GLN C 305 -32.11 9.69 17.02
C GLN C 305 -32.08 8.16 16.99
N PRO C 306 -32.15 7.57 15.78
CA PRO C 306 -32.16 6.11 15.72
C PRO C 306 -30.80 5.50 16.09
N ILE C 307 -30.82 4.60 17.06
CA ILE C 307 -29.69 3.74 17.40
C ILE C 307 -30.17 2.29 17.44
N HIS C 308 -29.26 1.33 17.32
CA HIS C 308 -29.67 -0.07 17.35
C HIS C 308 -28.64 -1.01 17.91
N TYR C 309 -29.11 -2.06 18.60
CA TYR C 309 -28.32 -3.24 18.85
C TYR C 309 -28.13 -3.97 17.52
N SER C 310 -26.91 -4.43 17.27
CA SER C 310 -26.60 -5.19 16.06
C SER C 310 -26.72 -6.70 16.26
N PRO C 311 -27.71 -7.32 15.59
CA PRO C 311 -27.82 -8.78 15.62
C PRO C 311 -26.73 -9.46 14.78
N TYR C 312 -25.85 -8.65 14.18
CA TYR C 312 -24.77 -9.16 13.34
C TYR C 312 -23.40 -9.14 14.01
N ASN C 313 -23.12 -8.15 14.85
CA ASN C 313 -21.84 -8.08 15.54
C ASN C 313 -21.88 -7.76 17.04
N GLY C 314 -23.09 -7.58 17.56
CA GLY C 314 -23.27 -7.43 19.01
C GLY C 314 -23.03 -6.04 19.58
N GLN C 315 -22.70 -5.08 18.73
CA GLN C 315 -22.47 -3.69 19.16
C GLN C 315 -23.74 -2.84 19.14
N VAL C 316 -23.70 -1.71 19.84
CA VAL C 316 -24.78 -0.70 19.78
C VAL C 316 -24.30 0.46 18.88
N LEU C 317 -25.06 0.76 17.83
CA LEU C 317 -24.56 1.63 16.76
C LEU C 317 -25.65 2.56 16.24
N PRO C 318 -25.26 3.74 15.70
CA PRO C 318 -26.26 4.66 15.14
C PRO C 318 -26.92 4.17 13.84
N GLY C 319 -28.13 4.64 13.56
CA GLY C 319 -28.81 4.37 12.31
C GLY C 319 -29.94 3.36 12.39
N TYR C 320 -30.60 3.17 11.25
CA TYR C 320 -31.74 2.27 11.14
C TYR C 320 -31.32 0.82 11.07
N MET C 321 -32.25 -0.07 11.43
CA MET C 321 -32.07 -1.51 11.33
C MET C 321 -33.44 -2.17 11.41
N PHE C 322 -33.72 -3.04 10.45
CA PHE C 322 -34.93 -3.86 10.43
C PHE C 322 -34.51 -5.33 10.29
N THR C 323 -35.40 -6.25 10.62
CA THR C 323 -35.11 -7.67 10.52
C THR C 323 -36.38 -8.51 10.44
N ASP C 324 -36.21 -9.83 10.43
CA ASP C 324 -37.31 -10.80 10.36
C ASP C 324 -38.05 -10.81 9.02
N THR C 325 -37.29 -11.01 7.96
CA THR C 325 -37.87 -11.23 6.64
C THR C 325 -36.99 -12.14 5.79
N GLY C 326 -37.62 -12.95 4.94
CA GLY C 326 -36.88 -13.72 3.93
C GLY C 326 -37.12 -13.15 2.54
N PHE C 327 -36.07 -12.55 1.98
CA PHE C 327 -36.14 -11.96 0.64
C PHE C 327 -36.58 -12.94 -0.45
N TRP C 328 -36.23 -14.22 -0.32
CA TRP C 328 -36.75 -15.25 -1.23
C TRP C 328 -38.29 -15.16 -1.38
N ASP C 329 -38.96 -14.82 -0.27
CA ASP C 329 -40.40 -14.55 -0.30
C ASP C 329 -40.73 -13.16 -0.84
N THR C 330 -40.13 -12.14 -0.22
CA THR C 330 -40.68 -10.80 -0.20
C THR C 330 -40.15 -9.81 -1.25
N PHE C 331 -39.18 -10.25 -2.04
CA PHE C 331 -38.82 -9.49 -3.23
C PHE C 331 -39.95 -9.45 -4.24
N ARG C 332 -40.78 -10.49 -4.22
CA ARG C 332 -41.77 -10.70 -5.26
C ARG C 332 -42.84 -9.60 -5.38
N CYS C 333 -43.49 -9.24 -4.27
CA CYS C 333 -44.44 -8.11 -4.28
C CYS C 333 -44.57 -7.32 -2.98
N LEU C 334 -44.10 -7.90 -1.86
CA LEU C 334 -44.21 -7.21 -0.56
C LEU C 334 -43.39 -5.93 -0.57
N PHE C 335 -42.10 -6.03 -0.86
CA PHE C 335 -41.25 -4.86 -0.96
C PHE C 335 -41.65 -3.87 -2.06
N PRO C 336 -42.00 -4.38 -3.27
CA PRO C 336 -42.58 -3.49 -4.29
C PRO C 336 -43.87 -2.76 -3.84
N LEU C 337 -44.68 -3.41 -3.01
CA LEU C 337 -45.85 -2.72 -2.45
C LEU C 337 -45.43 -1.53 -1.58
N LEU C 338 -44.35 -1.69 -0.81
CA LEU C 338 -43.81 -0.58 -0.01
C LEU C 338 -43.27 0.56 -0.89
N ASN C 339 -42.63 0.21 -2.00
CA ASN C 339 -42.15 1.21 -2.95
C ASN C 339 -43.27 2.00 -3.62
N LEU C 340 -44.45 1.41 -3.73
CA LEU C 340 -45.58 2.10 -4.31
C LEU C 340 -46.31 2.95 -3.26
N MET C 341 -46.66 2.35 -2.12
CA MET C 341 -47.58 2.98 -1.19
C MET C 341 -46.95 3.58 0.05
N TYR C 342 -45.79 3.06 0.46
CA TYR C 342 -45.13 3.51 1.68
C TYR C 342 -43.62 3.75 1.49
N PRO C 343 -43.21 4.50 0.46
CA PRO C 343 -41.77 4.64 0.18
C PRO C 343 -40.91 5.19 1.33
N SER C 344 -41.47 6.08 2.15
CA SER C 344 -40.71 6.61 3.29
C SER C 344 -40.33 5.54 4.32
N VAL C 345 -41.14 4.47 4.39
CA VAL C 345 -40.86 3.36 5.29
C VAL C 345 -39.71 2.51 4.74
N ASN C 346 -39.76 2.22 3.44
CA ASN C 346 -38.72 1.44 2.81
C ASN C 346 -37.36 2.18 2.80
N LYS C 347 -37.42 3.52 2.78
CA LYS C 347 -36.22 4.32 2.89
C LYS C 347 -35.45 3.98 4.18
N GLU C 348 -36.15 3.93 5.31
CA GLU C 348 -35.55 3.45 6.57
C GLU C 348 -34.98 2.03 6.44
N MET C 349 -35.73 1.15 5.79
CA MET C 349 -35.36 -0.26 5.64
C MET C 349 -34.09 -0.46 4.80
N GLN C 350 -34.00 0.25 3.68
CA GLN C 350 -32.80 0.22 2.84
C GLN C 350 -31.60 0.78 3.58
N GLU C 351 -31.81 1.82 4.37
CA GLU C 351 -30.73 2.33 5.22
C GLU C 351 -30.31 1.24 6.22
N GLY C 352 -31.29 0.44 6.64
CA GLY C 352 -31.04 -0.70 7.51
C GLY C 352 -30.16 -1.73 6.84
N LEU C 353 -30.40 -1.96 5.55
CA LEU C 353 -29.65 -2.94 4.77
C LEU C 353 -28.18 -2.54 4.58
N ILE C 354 -27.95 -1.27 4.27
CA ILE C 354 -26.57 -0.75 4.25
C ILE C 354 -25.87 -1.10 5.57
N ASN C 355 -26.50 -0.79 6.69
CA ASN C 355 -25.91 -1.13 8.00
C ASN C 355 -25.65 -2.61 8.18
N THR C 356 -26.58 -3.45 7.71
CA THR C 356 -26.38 -4.90 7.72
C THR C 356 -25.07 -5.30 7.00
N TYR C 357 -24.87 -4.76 5.80
CA TYR C 357 -23.67 -5.02 5.01
C TYR C 357 -22.42 -4.48 5.72
N LEU C 358 -22.50 -3.26 6.24
CA LEU C 358 -21.37 -2.67 7.00
C LEU C 358 -21.01 -3.43 8.28
N GLU C 359 -22.00 -4.05 8.91
CA GLU C 359 -21.83 -4.68 10.22
C GLU C 359 -21.44 -6.14 10.13
N SER C 360 -21.80 -6.79 9.02
CA SER C 360 -21.67 -8.23 8.89
C SER C 360 -20.82 -8.65 7.69
N GLY C 361 -20.71 -7.76 6.71
CA GLY C 361 -19.96 -8.06 5.49
C GLY C 361 -20.84 -8.47 4.32
N PHE C 362 -22.08 -8.87 4.63
CA PHE C 362 -23.03 -9.30 3.62
C PHE C 362 -24.36 -8.56 3.74
N PHE C 363 -25.01 -8.35 2.60
CA PHE C 363 -26.45 -8.06 2.61
C PHE C 363 -27.17 -9.33 3.06
N PRO C 364 -28.32 -9.18 3.73
CA PRO C 364 -29.01 -10.39 4.18
C PRO C 364 -29.87 -11.03 3.08
N GLU C 365 -30.20 -12.31 3.27
CA GLU C 365 -31.27 -12.94 2.50
C GLU C 365 -32.40 -13.36 3.45
N TRP C 366 -32.09 -14.28 4.36
CA TRP C 366 -32.99 -14.59 5.47
C TRP C 366 -32.37 -14.10 6.77
N ALA C 367 -33.02 -13.15 7.42
CA ALA C 367 -32.52 -12.58 8.67
C ALA C 367 -33.55 -12.68 9.77
N SER C 368 -33.12 -13.28 10.89
CA SER C 368 -33.98 -13.43 12.07
C SER C 368 -33.21 -13.84 13.33
N PRO C 369 -32.67 -12.87 14.09
CA PRO C 369 -32.48 -11.46 13.76
C PRO C 369 -31.24 -11.22 12.90
N GLY C 370 -30.21 -12.05 13.08
CA GLY C 370 -29.00 -12.00 12.25
C GLY C 370 -29.13 -12.95 11.07
N HIS C 371 -28.03 -13.20 10.37
CA HIS C 371 -28.08 -14.11 9.22
C HIS C 371 -28.55 -15.49 9.63
N ARG C 372 -29.49 -16.05 8.87
CA ARG C 372 -30.02 -17.38 9.15
C ARG C 372 -30.06 -18.24 7.89
N GLY C 373 -29.77 -19.54 8.06
CA GLY C 373 -29.69 -20.49 6.94
C GLY C 373 -31.02 -21.05 6.47
N CYS C 374 -31.59 -20.45 5.42
CA CYS C 374 -32.93 -20.80 4.96
C CYS C 374 -33.17 -20.26 3.54
N MET C 375 -33.67 -21.13 2.66
CA MET C 375 -34.01 -20.80 1.27
C MET C 375 -32.79 -20.52 0.38
N VAL C 376 -33.03 -19.93 -0.79
CA VAL C 376 -32.01 -19.79 -1.85
C VAL C 376 -32.05 -18.42 -2.55
N GLY C 377 -31.09 -18.18 -3.44
CA GLY C 377 -31.07 -16.97 -4.28
C GLY C 377 -30.27 -15.79 -3.72
N ASN C 378 -30.02 -14.81 -4.58
CA ASN C 378 -29.33 -13.57 -4.20
C ASN C 378 -30.28 -12.37 -4.34
N ASN C 379 -31.53 -12.58 -3.90
CA ASN C 379 -32.64 -11.67 -4.16
C ASN C 379 -32.63 -10.32 -3.44
N SER C 380 -31.68 -10.13 -2.51
CA SER C 380 -31.41 -8.79 -1.97
C SER C 380 -31.11 -7.80 -3.11
N ALA C 381 -30.47 -8.29 -4.17
CA ALA C 381 -30.21 -7.50 -5.37
C ALA C 381 -31.50 -6.94 -5.95
N SER C 382 -32.56 -7.74 -6.01
CA SER C 382 -33.85 -7.25 -6.45
C SER C 382 -34.38 -6.14 -5.52
N ILE C 383 -34.40 -6.43 -4.21
CA ILE C 383 -34.81 -5.47 -3.19
C ILE C 383 -34.11 -4.12 -3.34
N LEU C 384 -32.79 -4.15 -3.35
CA LEU C 384 -31.98 -2.94 -3.34
C LEU C 384 -32.14 -2.13 -4.63
N VAL C 385 -32.13 -2.82 -5.77
CA VAL C 385 -32.25 -2.18 -7.07
C VAL C 385 -33.66 -1.63 -7.34
N ASP C 386 -34.69 -2.43 -7.05
CA ASP C 386 -36.06 -1.98 -7.26
C ASP C 386 -36.36 -0.72 -6.49
N ALA C 387 -35.83 -0.63 -5.27
CA ALA C 387 -35.97 0.55 -4.44
C ALA C 387 -35.32 1.76 -5.09
N TYR C 388 -34.03 1.65 -5.43
CA TYR C 388 -33.30 2.73 -6.05
C TYR C 388 -33.96 3.25 -7.33
N MET C 389 -34.36 2.33 -8.21
CA MET C 389 -34.99 2.69 -9.49
C MET C 389 -36.38 3.33 -9.31
N LYS C 390 -36.95 3.23 -8.12
CA LYS C 390 -38.25 3.86 -7.83
C LYS C 390 -38.13 5.10 -6.96
N GLY C 391 -36.93 5.65 -6.88
CA GLY C 391 -36.69 6.90 -6.19
C GLY C 391 -36.48 6.78 -4.70
N VAL C 392 -36.35 5.55 -4.22
CA VAL C 392 -36.03 5.30 -2.81
C VAL C 392 -34.53 5.06 -2.74
N LYS C 393 -33.79 6.15 -2.59
CA LYS C 393 -32.33 6.14 -2.69
C LYS C 393 -31.65 6.30 -1.33
N VAL C 394 -30.79 5.35 -1.00
CA VAL C 394 -29.94 5.47 0.19
C VAL C 394 -28.93 6.60 -0.01
N ASP C 395 -28.29 7.04 1.07
CA ASP C 395 -27.32 8.11 0.99
C ASP C 395 -26.04 7.64 0.30
N ASP C 396 -25.60 6.45 0.67
CA ASP C 396 -24.30 5.91 0.29
C ASP C 396 -24.37 4.90 -0.87
N ILE C 397 -24.43 5.41 -2.10
CA ILE C 397 -24.54 4.58 -3.30
C ILE C 397 -23.30 3.70 -3.53
N LYS C 398 -22.12 4.27 -3.24
CA LYS C 398 -20.84 3.57 -3.35
C LYS C 398 -20.84 2.24 -2.60
N THR C 399 -21.22 2.28 -1.32
CA THR C 399 -21.28 1.09 -0.49
C THR C 399 -22.36 0.13 -0.99
N LEU C 400 -23.50 0.67 -1.39
CA LEU C 400 -24.58 -0.13 -1.96
C LEU C 400 -24.08 -0.99 -3.12
N TYR C 401 -23.37 -0.35 -4.07
CA TYR C 401 -22.91 -1.06 -5.26
C TYR C 401 -21.82 -2.09 -4.93
N GLU C 402 -20.88 -1.71 -4.07
CA GLU C 402 -19.82 -2.61 -3.61
C GLU C 402 -20.39 -3.84 -2.95
N GLY C 403 -21.41 -3.63 -2.12
CA GLY C 403 -22.06 -4.73 -1.40
C GLY C 403 -22.70 -5.73 -2.32
N LEU C 404 -23.28 -5.22 -3.41
CA LEU C 404 -23.95 -6.03 -4.43
C LEU C 404 -22.97 -6.91 -5.19
N ILE C 405 -21.85 -6.30 -5.60
CA ILE C 405 -20.77 -7.02 -6.26
C ILE C 405 -20.22 -8.10 -5.33
N HIS C 406 -19.89 -7.71 -4.09
CA HIS C 406 -19.45 -8.65 -3.06
C HIS C 406 -20.34 -9.92 -3.01
N GLY C 407 -21.65 -9.73 -3.11
CA GLY C 407 -22.61 -10.84 -3.09
C GLY C 407 -22.46 -11.82 -4.24
N THR C 408 -22.01 -11.34 -5.40
CA THR C 408 -21.84 -12.18 -6.59
C THR C 408 -20.61 -13.11 -6.55
N GLU C 409 -19.70 -12.88 -5.61
CA GLU C 409 -18.45 -13.67 -5.57
C GLU C 409 -18.02 -14.16 -4.19
N ASN C 410 -18.92 -14.13 -3.23
CA ASN C 410 -18.65 -14.66 -1.90
C ASN C 410 -19.88 -15.38 -1.37
N VAL C 411 -19.65 -16.43 -0.60
CA VAL C 411 -20.72 -17.02 0.19
C VAL C 411 -20.31 -16.94 1.66
N HIS C 412 -21.27 -16.57 2.52
CA HIS C 412 -21.02 -16.55 3.97
C HIS C 412 -20.48 -17.91 4.41
N PRO C 413 -19.40 -17.93 5.25
CA PRO C 413 -18.78 -19.20 5.63
C PRO C 413 -19.63 -20.10 6.56
N GLU C 414 -20.63 -19.53 7.25
CA GLU C 414 -21.47 -20.28 8.20
C GLU C 414 -22.93 -20.37 7.76
N VAL C 415 -23.37 -19.42 6.94
CA VAL C 415 -24.74 -19.37 6.50
C VAL C 415 -24.76 -19.54 5.00
N SER C 416 -25.06 -20.74 4.52
CA SER C 416 -24.98 -21.01 3.09
C SER C 416 -25.99 -20.22 2.21
N SER C 417 -27.04 -19.69 2.82
CA SER C 417 -28.04 -18.94 2.07
C SER C 417 -27.73 -17.45 2.01
N THR C 418 -26.60 -17.05 2.58
CA THR C 418 -26.18 -15.65 2.55
C THR C 418 -24.98 -15.51 1.62
N GLY C 419 -25.13 -14.66 0.61
CA GLY C 419 -24.19 -14.60 -0.49
C GLY C 419 -24.68 -15.58 -1.53
N ARG C 420 -23.80 -16.02 -2.43
CA ARG C 420 -24.17 -16.96 -3.49
C ARG C 420 -23.42 -18.28 -3.36
N LEU C 421 -24.07 -19.31 -2.82
CA LEU C 421 -23.50 -20.65 -2.81
C LEU C 421 -23.34 -21.13 -4.25
N GLY C 422 -22.15 -21.63 -4.58
CA GLY C 422 -21.86 -22.12 -5.92
C GLY C 422 -21.57 -21.04 -6.94
N TYR C 423 -21.16 -19.85 -6.48
CA TYR C 423 -20.86 -18.75 -7.41
C TYR C 423 -19.72 -19.12 -8.35
N GLU C 424 -18.84 -20.01 -7.90
CA GLU C 424 -17.67 -20.48 -8.65
C GLU C 424 -18.08 -21.14 -9.96
N TYR C 425 -18.94 -22.17 -9.86
CA TYR C 425 -19.48 -22.85 -11.01
C TYR C 425 -20.30 -21.92 -11.89
N TYR C 426 -21.11 -21.08 -11.25
CA TYR C 426 -22.06 -20.20 -11.95
C TYR C 426 -21.35 -19.16 -12.81
N ASN C 427 -20.28 -18.57 -12.27
CA ASN C 427 -19.52 -17.56 -13.00
C ASN C 427 -18.66 -18.15 -14.09
N LYS C 428 -18.24 -19.40 -13.89
CA LYS C 428 -17.41 -20.13 -14.83
C LYS C 428 -18.22 -20.78 -15.94
N LEU C 429 -19.28 -21.51 -15.57
CA LEU C 429 -20.07 -22.31 -16.52
C LEU C 429 -21.34 -21.62 -17.01
N GLY C 430 -21.88 -20.71 -16.22
CA GLY C 430 -23.17 -20.09 -16.55
C GLY C 430 -24.38 -20.79 -15.92
N TYR C 431 -24.12 -21.69 -14.98
CA TYR C 431 -25.15 -22.40 -14.22
C TYR C 431 -24.54 -23.12 -13.02
N VAL C 432 -25.39 -23.50 -12.06
CA VAL C 432 -24.98 -24.32 -10.92
C VAL C 432 -25.34 -25.77 -11.26
N PRO C 433 -24.31 -26.63 -11.41
CA PRO C 433 -24.53 -28.01 -11.87
C PRO C 433 -25.41 -28.86 -10.97
N TYR C 434 -25.96 -29.92 -11.55
CA TYR C 434 -26.85 -30.83 -10.83
C TYR C 434 -26.08 -31.83 -9.96
N ASP C 435 -24.82 -32.07 -10.30
CA ASP C 435 -24.07 -33.17 -9.69
C ASP C 435 -22.81 -32.75 -8.94
N VAL C 436 -22.88 -31.63 -8.22
CA VAL C 436 -21.72 -31.13 -7.47
C VAL C 436 -22.01 -30.87 -5.99
N LYS C 437 -22.87 -31.71 -5.40
CA LYS C 437 -23.28 -31.61 -3.98
C LYS C 437 -23.96 -30.27 -3.60
N ILE C 438 -24.46 -29.54 -4.59
CA ILE C 438 -25.17 -28.28 -4.33
C ILE C 438 -26.65 -28.43 -4.68
N ASN C 439 -27.44 -28.72 -3.65
CA ASN C 439 -28.88 -28.95 -3.78
C ASN C 439 -29.62 -27.71 -4.24
N GLU C 440 -30.74 -27.93 -4.92
CA GLU C 440 -31.61 -26.84 -5.38
C GLU C 440 -30.86 -25.89 -6.33
N ASN C 441 -30.05 -26.51 -7.19
CA ASN C 441 -29.14 -25.81 -8.09
C ASN C 441 -29.81 -25.09 -9.28
N ALA C 442 -30.83 -25.71 -9.87
CA ALA C 442 -31.57 -25.04 -10.95
C ALA C 442 -32.33 -23.80 -10.44
N ALA C 443 -32.92 -23.91 -9.26
CA ALA C 443 -33.60 -22.78 -8.64
C ALA C 443 -32.66 -21.61 -8.39
N ARG C 444 -31.48 -21.88 -7.83
CA ARG C 444 -30.46 -20.85 -7.62
C ARG C 444 -30.03 -20.19 -8.93
N THR C 445 -29.72 -21.01 -9.95
CA THR C 445 -29.35 -20.49 -11.27
C THR C 445 -30.38 -19.52 -11.83
N LEU C 446 -31.66 -19.90 -11.79
CA LEU C 446 -32.72 -19.07 -12.35
C LEU C 446 -32.86 -17.73 -11.62
N GLU C 447 -32.78 -17.78 -10.30
CA GLU C 447 -32.89 -16.58 -9.48
C GLU C 447 -31.65 -15.70 -9.56
N TYR C 448 -30.47 -16.32 -9.50
CA TYR C 448 -29.21 -15.59 -9.76
C TYR C 448 -29.26 -14.81 -11.07
N ALA C 449 -29.79 -15.45 -12.13
CA ALA C 449 -29.88 -14.83 -13.45
C ALA C 449 -30.67 -13.54 -13.38
N TYR C 450 -31.88 -13.62 -12.80
CA TYR C 450 -32.69 -12.45 -12.57
C TYR C 450 -31.97 -11.42 -11.68
N ASP C 451 -31.28 -11.89 -10.63
CA ASP C 451 -30.56 -11.00 -9.72
C ASP C 451 -29.45 -10.25 -10.45
N ASP C 452 -28.86 -10.92 -11.44
CA ASP C 452 -27.82 -10.32 -12.26
C ASP C 452 -28.37 -9.25 -13.19
N TRP C 453 -29.60 -9.45 -13.67
CA TRP C 453 -30.28 -8.43 -14.44
C TRP C 453 -30.49 -7.16 -13.61
N CYS C 454 -30.91 -7.33 -12.36
CA CYS C 454 -31.07 -6.20 -11.43
C CYS C 454 -29.77 -5.41 -11.26
N ILE C 455 -28.68 -6.13 -11.05
CA ILE C 455 -27.36 -5.53 -10.98
C ILE C 455 -27.04 -4.80 -12.29
N TYR C 456 -27.33 -5.45 -13.42
CA TYR C 456 -27.10 -4.84 -14.73
C TYR C 456 -27.82 -3.51 -14.88
N ARG C 457 -29.05 -3.43 -14.40
CA ARG C 457 -29.86 -2.23 -14.49
C ARG C 457 -29.26 -1.05 -13.73
N LEU C 458 -28.75 -1.33 -12.53
CA LEU C 458 -28.17 -0.29 -11.69
C LEU C 458 -26.80 0.12 -12.22
N ALA C 459 -25.99 -0.86 -12.61
CA ALA C 459 -24.69 -0.59 -13.22
C ALA C 459 -24.83 0.36 -14.39
N LYS C 460 -25.84 0.12 -15.23
CA LYS C 460 -26.16 0.97 -16.36
C LYS C 460 -26.56 2.36 -15.90
N GLU C 461 -27.49 2.43 -14.94
CA GLU C 461 -27.94 3.69 -14.34
C GLU C 461 -26.79 4.48 -13.70
N LEU C 462 -25.88 3.77 -13.04
CA LEU C 462 -24.76 4.38 -12.31
C LEU C 462 -23.53 4.66 -13.18
N LYS C 463 -23.67 4.41 -14.49
CA LYS C 463 -22.61 4.64 -15.48
C LYS C 463 -21.29 3.92 -15.16
N ARG C 464 -21.43 2.67 -14.73
CA ARG C 464 -20.27 1.80 -14.49
C ARG C 464 -19.49 1.60 -15.80
N PRO C 465 -18.22 1.18 -15.69
CA PRO C 465 -17.45 0.88 -16.92
C PRO C 465 -18.18 -0.11 -17.83
N LYS C 466 -17.93 0.01 -19.13
CA LYS C 466 -18.58 -0.82 -20.16
C LYS C 466 -18.45 -2.33 -19.92
N LYS C 467 -17.34 -2.74 -19.31
CA LYS C 467 -17.04 -4.15 -19.14
C LYS C 467 -17.89 -4.81 -18.04
N GLU C 468 -18.17 -4.07 -16.97
CA GLU C 468 -19.06 -4.54 -15.90
C GLU C 468 -20.48 -4.71 -16.42
N ILE C 469 -21.02 -3.65 -17.03
CA ILE C 469 -22.36 -3.67 -17.62
C ILE C 469 -22.54 -4.89 -18.52
N SER C 470 -21.57 -5.13 -19.38
CA SER C 470 -21.60 -6.27 -20.31
C SER C 470 -21.56 -7.62 -19.63
N LEU C 471 -20.79 -7.74 -18.56
CA LEU C 471 -20.71 -9.00 -17.80
C LEU C 471 -22.06 -9.39 -17.19
N PHE C 472 -22.79 -8.42 -16.65
CA PHE C 472 -24.07 -8.70 -16.02
C PHE C 472 -25.18 -8.86 -17.03
N ALA C 473 -25.11 -8.09 -18.13
CA ALA C 473 -25.99 -8.27 -19.28
C ALA C 473 -25.91 -9.71 -19.80
N LYS C 474 -24.72 -10.28 -19.73
CA LYS C 474 -24.48 -11.66 -20.14
C LYS C 474 -25.06 -12.65 -19.12
N ARG C 475 -24.72 -12.47 -17.84
CA ARG C 475 -25.22 -13.35 -16.77
C ARG C 475 -26.75 -13.35 -16.63
N ALA C 476 -27.39 -12.23 -16.95
CA ALA C 476 -28.85 -12.13 -17.01
C ALA C 476 -29.46 -13.16 -17.96
N MET C 477 -28.67 -13.64 -18.91
CA MET C 477 -29.17 -14.63 -19.88
C MET C 477 -28.94 -16.08 -19.44
N ASN C 478 -28.37 -16.27 -18.24
CA ASN C 478 -28.01 -17.60 -17.76
C ASN C 478 -29.15 -18.61 -17.62
N TYR C 479 -30.38 -18.11 -17.57
CA TYR C 479 -31.57 -18.95 -17.55
C TYR C 479 -31.65 -19.89 -18.75
N LYS C 480 -31.14 -19.44 -19.91
CA LYS C 480 -31.06 -20.25 -21.13
C LYS C 480 -30.24 -21.52 -20.95
N ASN C 481 -29.23 -21.47 -20.09
CA ASN C 481 -28.33 -22.60 -19.88
C ASN C 481 -29.01 -23.84 -19.29
N LEU C 482 -30.19 -23.66 -18.67
CA LEU C 482 -30.92 -24.79 -18.08
C LEU C 482 -32.17 -25.23 -18.85
N PHE C 483 -32.41 -24.61 -20.00
CA PHE C 483 -33.59 -24.92 -20.80
C PHE C 483 -33.39 -26.18 -21.65
N ASP C 484 -34.33 -27.11 -21.53
CA ASP C 484 -34.32 -28.37 -22.26
C ASP C 484 -35.32 -28.31 -23.41
N LYS C 485 -34.78 -28.14 -24.62
CA LYS C 485 -35.52 -28.09 -25.89
C LYS C 485 -36.67 -29.09 -25.99
N GLU C 486 -36.38 -30.34 -25.61
CA GLU C 486 -37.30 -31.45 -25.81
C GLU C 486 -38.58 -31.37 -24.99
N SER C 487 -38.46 -31.16 -23.69
CA SER C 487 -39.63 -31.07 -22.81
C SER C 487 -40.22 -29.63 -22.75
N LYS C 488 -39.43 -28.66 -23.22
CA LYS C 488 -39.77 -27.24 -23.12
C LYS C 488 -39.78 -26.76 -21.67
N LEU C 489 -38.99 -27.44 -20.83
CA LEU C 489 -38.93 -27.14 -19.41
C LEU C 489 -37.51 -26.88 -18.97
N MET C 490 -37.36 -26.25 -17.79
CA MET C 490 -36.07 -26.09 -17.14
C MET C 490 -35.68 -27.40 -16.47
N ARG C 491 -34.40 -27.75 -16.57
CA ARG C 491 -33.92 -29.06 -16.17
C ARG C 491 -32.54 -28.97 -15.56
N GLY C 492 -32.30 -29.78 -14.53
CA GLY C 492 -31.00 -29.86 -13.89
C GLY C 492 -29.94 -30.30 -14.89
N ARG C 493 -28.80 -29.62 -14.85
CA ARG C 493 -27.75 -29.82 -15.84
C ARG C 493 -26.40 -30.15 -15.20
N ASN C 494 -25.85 -31.30 -15.59
CA ASN C 494 -24.57 -31.80 -15.04
C ASN C 494 -23.36 -30.90 -15.28
N GLU C 495 -22.32 -31.09 -14.50
CA GLU C 495 -21.08 -30.34 -14.66
C GLU C 495 -20.46 -30.50 -16.05
N ASP C 496 -20.63 -31.68 -16.66
CA ASP C 496 -20.06 -31.95 -17.98
C ASP C 496 -20.89 -31.37 -19.15
N GLY C 497 -22.00 -30.71 -18.83
CA GLY C 497 -22.81 -30.05 -19.84
C GLY C 497 -24.03 -30.83 -20.29
N THR C 498 -24.06 -32.12 -19.97
CA THR C 498 -25.23 -32.95 -20.28
C THR C 498 -26.37 -32.70 -19.29
N PHE C 499 -27.61 -32.70 -19.79
CA PHE C 499 -28.79 -32.58 -18.94
C PHE C 499 -29.02 -33.85 -18.16
N GLN C 500 -29.31 -33.71 -16.88
CA GLN C 500 -29.43 -34.85 -15.98
C GLN C 500 -30.51 -35.85 -16.41
N SER C 501 -30.19 -37.13 -16.27
CA SER C 501 -31.16 -38.21 -16.47
C SER C 501 -31.19 -39.15 -15.27
N PRO C 502 -32.33 -39.82 -15.01
CA PRO C 502 -33.64 -39.61 -15.67
C PRO C 502 -34.35 -38.35 -15.17
N PHE C 503 -35.09 -37.70 -16.06
CA PHE C 503 -35.71 -36.42 -15.75
C PHE C 503 -37.20 -36.56 -15.40
N SER C 504 -37.58 -35.97 -14.26
CA SER C 504 -38.96 -36.01 -13.79
C SER C 504 -39.49 -34.58 -13.58
N PRO C 505 -40.29 -34.07 -14.53
CA PRO C 505 -40.80 -32.70 -14.40
C PRO C 505 -41.67 -32.52 -13.15
N LEU C 506 -42.22 -33.61 -12.62
CA LEU C 506 -43.15 -33.57 -11.49
C LEU C 506 -42.48 -33.81 -10.13
N LYS C 507 -41.16 -33.95 -10.12
CA LYS C 507 -40.40 -34.16 -8.88
C LYS C 507 -40.10 -32.84 -8.16
N TRP C 508 -40.49 -32.76 -6.90
CA TRP C 508 -40.32 -31.55 -6.10
C TRP C 508 -38.94 -31.52 -5.43
N GLY C 509 -38.42 -30.32 -5.20
CA GLY C 509 -37.11 -30.16 -4.60
C GLY C 509 -36.01 -30.66 -5.52
N ASP C 510 -34.99 -31.29 -4.94
CA ASP C 510 -33.84 -31.83 -5.70
C ASP C 510 -33.14 -30.72 -6.48
N ALA C 511 -33.46 -30.59 -7.78
CA ALA C 511 -32.92 -29.50 -8.60
C ALA C 511 -33.53 -28.12 -8.27
N PHE C 512 -34.76 -28.12 -7.78
CA PHE C 512 -35.51 -26.89 -7.54
C PHE C 512 -35.78 -26.74 -6.04
N THR C 513 -36.45 -25.67 -5.63
CA THR C 513 -36.80 -25.51 -4.21
C THR C 513 -38.30 -25.40 -3.92
N GLU C 514 -38.80 -26.37 -3.17
CA GLU C 514 -40.22 -26.44 -2.79
C GLU C 514 -41.14 -26.26 -4.02
N GLY C 515 -40.76 -26.92 -5.10
CA GLY C 515 -41.53 -26.93 -6.32
C GLY C 515 -40.89 -27.90 -7.28
N ASN C 516 -41.60 -28.18 -8.38
CA ASN C 516 -41.05 -28.96 -9.48
C ASN C 516 -40.76 -28.06 -10.67
N SER C 517 -40.37 -28.66 -11.79
CA SER C 517 -40.02 -27.93 -13.01
C SER C 517 -41.20 -27.12 -13.58
N TRP C 518 -42.41 -27.66 -13.45
CA TRP C 518 -43.61 -26.96 -13.89
C TRP C 518 -43.88 -25.67 -13.09
N HIS C 519 -43.31 -25.55 -11.89
CA HIS C 519 -43.49 -24.35 -11.08
C HIS C 519 -42.35 -23.38 -11.30
N TYR C 520 -41.12 -23.90 -11.35
CA TYR C 520 -39.94 -23.05 -11.47
C TYR C 520 -39.56 -22.56 -12.87
N THR C 521 -40.04 -23.25 -13.91
CA THR C 521 -39.75 -22.90 -15.30
C THR C 521 -40.08 -21.44 -15.60
N TRP C 522 -41.17 -20.96 -14.99
CA TRP C 522 -41.65 -19.61 -15.21
C TRP C 522 -40.87 -18.51 -14.53
N SER C 523 -39.76 -18.84 -13.87
CA SER C 523 -38.96 -17.85 -13.17
C SER C 523 -37.96 -17.13 -14.09
N VAL C 524 -38.49 -16.41 -15.08
CA VAL C 524 -37.70 -15.51 -15.91
C VAL C 524 -38.37 -14.13 -15.89
N PHE C 525 -38.38 -13.53 -14.70
CA PHE C 525 -39.12 -12.28 -14.43
C PHE C 525 -38.76 -11.16 -15.42
N HIS C 526 -37.46 -11.08 -15.75
CA HIS C 526 -36.89 -10.00 -16.53
C HIS C 526 -36.87 -10.26 -18.05
N ASP C 527 -37.20 -11.48 -18.46
CA ASP C 527 -37.16 -11.81 -19.90
C ASP C 527 -38.18 -12.86 -20.37
N PRO C 528 -39.49 -12.60 -20.17
CA PRO C 528 -40.48 -13.58 -20.58
C PRO C 528 -40.52 -13.82 -22.08
N GLN C 529 -40.23 -12.79 -22.88
CA GLN C 529 -40.17 -12.94 -24.35
C GLN C 529 -39.06 -13.91 -24.70
N GLY C 530 -37.92 -13.77 -24.02
CA GLY C 530 -36.81 -14.71 -24.16
C GLY C 530 -37.24 -16.14 -23.92
N LEU C 531 -38.10 -16.34 -22.92
CA LEU C 531 -38.59 -17.67 -22.59
C LEU C 531 -39.61 -18.14 -23.61
N ILE C 532 -40.48 -17.23 -24.03
CA ILE C 532 -41.45 -17.51 -25.11
C ILE C 532 -40.73 -18.03 -26.36
N ASP C 533 -39.63 -17.38 -26.71
CA ASP C 533 -38.79 -17.79 -27.82
C ASP C 533 -38.24 -19.20 -27.64
N LEU C 534 -37.71 -19.49 -26.45
CA LEU C 534 -37.14 -20.81 -26.15
C LEU C 534 -38.17 -21.92 -26.36
N MET C 535 -39.41 -21.65 -25.97
CA MET C 535 -40.51 -22.61 -26.09
C MET C 535 -41.02 -22.72 -27.52
N GLY C 536 -40.68 -21.73 -28.34
CA GLY C 536 -41.01 -21.76 -29.77
C GLY C 536 -42.17 -20.84 -30.16
N GLY C 537 -42.35 -19.75 -29.43
CA GLY C 537 -43.35 -18.75 -29.76
C GLY C 537 -44.58 -18.78 -28.85
N LYS C 538 -45.38 -17.72 -28.92
CA LYS C 538 -46.50 -17.49 -28.00
C LYS C 538 -47.53 -18.63 -27.94
N GLU C 539 -47.78 -19.28 -29.08
CA GLU C 539 -48.72 -20.42 -29.16
C GLU C 539 -48.26 -21.59 -28.29
N MET C 540 -47.03 -22.03 -28.51
CA MET C 540 -46.41 -23.07 -27.68
C MET C 540 -46.41 -22.69 -26.18
N PHE C 541 -45.99 -21.46 -25.90
CA PHE C 541 -45.93 -20.89 -24.54
C PHE C 541 -47.30 -20.96 -23.85
N VAL C 542 -48.35 -20.58 -24.58
CA VAL C 542 -49.70 -20.59 -24.04
C VAL C 542 -50.19 -22.02 -23.73
N THR C 543 -49.94 -22.95 -24.65
CA THR C 543 -50.27 -24.36 -24.46
C THR C 543 -49.63 -24.89 -23.18
N MET C 544 -48.37 -24.50 -22.98
CA MET C 544 -47.58 -24.90 -21.84
C MET C 544 -48.16 -24.34 -20.53
N MET C 545 -48.46 -23.05 -20.53
CA MET C 545 -49.13 -22.40 -19.43
C MET C 545 -50.45 -23.09 -19.12
N ASP C 546 -51.30 -23.23 -20.14
CA ASP C 546 -52.62 -23.81 -19.98
C ASP C 546 -52.58 -25.21 -19.39
N SER C 547 -51.50 -25.94 -19.65
CA SER C 547 -51.43 -27.34 -19.18
C SER C 547 -51.14 -27.46 -17.67
N VAL C 548 -50.55 -26.43 -17.07
CA VAL C 548 -50.38 -26.35 -15.61
C VAL C 548 -51.71 -26.52 -14.88
N PHE C 549 -52.74 -25.82 -15.37
CA PHE C 549 -54.10 -25.89 -14.80
C PHE C 549 -54.88 -27.17 -15.13
N ALA C 550 -54.63 -27.75 -16.31
CA ALA C 550 -55.43 -28.88 -16.83
C ALA C 550 -55.04 -30.27 -16.31
N VAL C 551 -53.78 -30.44 -15.91
CA VAL C 551 -53.28 -31.73 -15.43
C VAL C 551 -53.72 -32.02 -13.99
N PRO C 552 -53.84 -33.32 -13.64
CA PRO C 552 -54.04 -33.63 -12.22
C PRO C 552 -52.82 -33.20 -11.38
N PRO C 553 -53.00 -33.02 -10.05
CA PRO C 553 -51.87 -32.62 -9.20
C PRO C 553 -51.01 -33.81 -8.74
N ILE C 554 -50.51 -34.60 -9.68
CA ILE C 554 -49.64 -35.73 -9.29
C ILE C 554 -48.21 -35.23 -8.98
N PHE C 555 -47.51 -35.92 -8.09
CA PHE C 555 -46.21 -35.43 -7.58
C PHE C 555 -45.27 -36.56 -7.20
N ASP C 556 -43.98 -36.26 -7.17
CA ASP C 556 -42.95 -37.17 -6.66
C ASP C 556 -42.29 -36.48 -5.46
N ASP C 557 -42.41 -37.08 -4.28
CA ASP C 557 -41.94 -36.45 -3.04
C ASP C 557 -40.69 -37.11 -2.43
N SER C 558 -40.03 -37.97 -3.21
CA SER C 558 -38.88 -38.76 -2.71
C SER C 558 -37.77 -37.93 -2.08
N TYR C 559 -37.48 -36.76 -2.66
CA TYR C 559 -36.49 -35.83 -2.09
C TYR C 559 -36.79 -35.45 -0.64
N TYR C 560 -38.06 -35.19 -0.32
CA TYR C 560 -38.44 -34.84 1.05
C TYR C 560 -38.65 -36.05 1.97
N GLY C 561 -39.03 -37.19 1.37
CA GLY C 561 -39.31 -38.41 2.12
C GLY C 561 -40.71 -38.51 2.70
N GLN C 562 -41.44 -37.39 2.65
CA GLN C 562 -42.81 -37.30 3.16
C GLN C 562 -43.61 -36.31 2.32
N VAL C 563 -44.93 -36.31 2.44
CA VAL C 563 -45.77 -35.31 1.79
C VAL C 563 -45.76 -34.03 2.61
N ILE C 564 -44.81 -33.15 2.32
CA ILE C 564 -44.75 -31.85 2.96
C ILE C 564 -46.00 -31.03 2.67
N HIS C 565 -46.33 -30.13 3.59
CA HIS C 565 -47.55 -29.36 3.51
C HIS C 565 -47.71 -28.59 2.18
N GLU C 566 -46.60 -28.11 1.62
CA GLU C 566 -46.60 -27.37 0.35
C GLU C 566 -47.22 -28.21 -0.76
N ILE C 567 -46.91 -29.50 -0.74
CA ILE C 567 -47.46 -30.46 -1.69
C ILE C 567 -48.94 -30.77 -1.40
N ARG C 568 -49.27 -31.03 -0.14
CA ARG C 568 -50.64 -31.32 0.25
C ARG C 568 -51.57 -30.16 -0.06
N GLU C 569 -51.12 -28.94 0.20
CA GLU C 569 -51.86 -27.69 -0.09
C GLU C 569 -52.23 -27.61 -1.57
N MET C 570 -51.30 -28.02 -2.43
CA MET C 570 -51.55 -28.03 -3.87
C MET C 570 -52.64 -29.05 -4.20
N THR C 571 -52.51 -30.28 -3.69
CA THR C 571 -53.39 -31.38 -4.09
C THR C 571 -54.86 -31.09 -3.81
N VAL C 572 -55.14 -30.44 -2.69
CA VAL C 572 -56.53 -30.22 -2.26
C VAL C 572 -57.25 -29.09 -3.01
N MET C 573 -56.49 -28.23 -3.68
CA MET C 573 -57.02 -27.01 -4.29
C MET C 573 -57.84 -27.22 -5.55
N ASN C 574 -57.69 -28.38 -6.20
CA ASN C 574 -58.32 -28.65 -7.49
C ASN C 574 -58.02 -27.57 -8.54
N MET C 575 -56.74 -27.21 -8.64
CA MET C 575 -56.25 -26.25 -9.63
C MET C 575 -55.04 -26.81 -10.37
N GLY C 576 -55.02 -28.13 -10.56
CA GLY C 576 -53.93 -28.80 -11.26
C GLY C 576 -52.60 -28.64 -10.56
N ASN C 577 -51.58 -28.28 -11.31
CA ASN C 577 -50.26 -28.05 -10.74
C ASN C 577 -49.99 -26.58 -10.39
N TYR C 578 -51.06 -25.78 -10.34
CA TYR C 578 -50.93 -24.38 -9.95
C TYR C 578 -50.81 -24.22 -8.41
N ALA C 579 -49.58 -24.30 -7.91
CA ALA C 579 -49.31 -24.30 -6.46
C ALA C 579 -49.21 -22.89 -5.83
N HIS C 580 -50.33 -22.18 -5.79
CA HIS C 580 -50.36 -20.79 -5.33
C HIS C 580 -49.97 -20.63 -3.85
N GLY C 581 -50.10 -21.72 -3.10
CA GLY C 581 -49.80 -21.74 -1.67
C GLY C 581 -48.33 -21.56 -1.34
N ASN C 582 -47.50 -21.52 -2.38
CA ASN C 582 -46.07 -21.27 -2.26
C ASN C 582 -45.55 -20.34 -3.36
N GLN C 583 -44.40 -19.71 -3.10
CA GLN C 583 -43.98 -18.48 -3.80
C GLN C 583 -43.50 -18.58 -5.25
N PRO C 584 -42.80 -19.66 -5.63
CA PRO C 584 -42.16 -19.63 -6.95
C PRO C 584 -43.13 -19.37 -8.10
N ILE C 585 -44.33 -19.93 -8.03
CA ILE C 585 -45.30 -19.83 -9.13
C ILE C 585 -46.22 -18.58 -9.11
N GLN C 586 -46.17 -17.81 -8.02
CA GLN C 586 -47.19 -16.77 -7.76
C GLN C 586 -47.35 -15.65 -8.81
N HIS C 587 -46.33 -15.41 -9.63
CA HIS C 587 -46.38 -14.37 -10.66
C HIS C 587 -46.91 -14.92 -11.99
N MET C 588 -46.99 -16.25 -12.07
CA MET C 588 -47.16 -16.98 -13.31
C MET C 588 -48.36 -16.55 -14.15
N ILE C 589 -49.52 -16.42 -13.54
CA ILE C 589 -50.72 -16.10 -14.33
C ILE C 589 -50.57 -14.81 -15.16
N TYR C 590 -49.85 -13.84 -14.61
CA TYR C 590 -49.57 -12.57 -15.29
C TYR C 590 -48.81 -12.67 -16.60
N LEU C 591 -48.03 -13.74 -16.76
CA LEU C 591 -47.31 -14.03 -18.01
C LEU C 591 -48.22 -14.19 -19.25
N TYR C 592 -49.49 -14.54 -19.05
CA TYR C 592 -50.42 -14.58 -20.18
C TYR C 592 -50.43 -13.24 -20.91
N ASP C 593 -50.24 -12.15 -20.17
CA ASP C 593 -50.16 -10.82 -20.76
C ASP C 593 -49.06 -10.71 -21.80
N TYR C 594 -47.89 -11.27 -21.49
CA TYR C 594 -46.71 -11.20 -22.35
C TYR C 594 -46.88 -11.98 -23.63
N ALA C 595 -47.78 -12.97 -23.61
CA ALA C 595 -48.03 -13.84 -24.76
C ALA C 595 -49.21 -13.36 -25.62
N GLY C 596 -49.74 -12.19 -25.30
CA GLY C 596 -50.83 -11.57 -26.07
C GLY C 596 -52.21 -12.09 -25.75
N GLN C 597 -52.40 -12.70 -24.58
CA GLN C 597 -53.71 -13.21 -24.17
C GLN C 597 -54.09 -12.82 -22.73
N PRO C 598 -54.25 -11.49 -22.47
CA PRO C 598 -54.50 -11.04 -21.10
C PRO C 598 -55.82 -11.53 -20.50
N TRP C 599 -56.78 -11.84 -21.37
CA TRP C 599 -58.08 -12.36 -20.94
C TRP C 599 -57.98 -13.70 -20.18
N LYS C 600 -56.94 -14.47 -20.47
CA LYS C 600 -56.67 -15.69 -19.72
C LYS C 600 -56.12 -15.38 -18.34
N ALA C 601 -55.35 -14.30 -18.24
CA ALA C 601 -54.90 -13.82 -16.95
C ALA C 601 -56.08 -13.33 -16.13
N GLN C 602 -57.01 -12.62 -16.79
CA GLN C 602 -58.19 -12.11 -16.09
C GLN C 602 -59.07 -13.24 -15.51
N TYR C 603 -59.27 -14.30 -16.29
CA TYR C 603 -60.02 -15.48 -15.83
C TYR C 603 -59.39 -16.17 -14.62
N TRP C 604 -58.12 -16.57 -14.74
CA TRP C 604 -57.48 -17.35 -13.71
C TRP C 604 -57.21 -16.56 -12.44
N LEU C 605 -56.79 -15.30 -12.59
CA LEU C 605 -56.62 -14.38 -11.46
C LEU C 605 -57.89 -14.19 -10.62
N ARG C 606 -59.04 -14.04 -11.26
CA ARG C 606 -60.29 -13.93 -10.52
C ARG C 606 -60.61 -15.26 -9.79
N GLN C 607 -60.33 -16.38 -10.44
CA GLN C 607 -60.48 -17.70 -9.79
C GLN C 607 -59.65 -17.81 -8.51
N VAL C 608 -58.40 -17.35 -8.55
CA VAL C 608 -57.52 -17.39 -7.38
C VAL C 608 -58.05 -16.51 -6.24
N MET C 609 -58.37 -15.26 -6.57
CA MET C 609 -58.90 -14.29 -5.60
C MET C 609 -60.15 -14.81 -4.90
N ASP C 610 -61.11 -15.32 -5.68
CA ASP C 610 -62.40 -15.84 -5.19
C ASP C 610 -62.30 -17.13 -4.38
N ARG C 611 -61.34 -18.00 -4.69
CA ARG C 611 -61.34 -19.36 -4.15
C ARG C 611 -60.23 -19.63 -3.14
N MET C 612 -59.09 -18.97 -3.30
CA MET C 612 -57.89 -19.33 -2.55
C MET C 612 -57.65 -18.45 -1.33
N TYR C 613 -58.51 -17.45 -1.16
CA TYR C 613 -58.43 -16.54 -0.03
C TYR C 613 -59.82 -16.40 0.56
N THR C 614 -59.98 -16.72 1.85
CA THR C 614 -61.23 -16.49 2.59
C THR C 614 -60.88 -15.72 3.89
N PRO C 615 -61.85 -15.01 4.51
CA PRO C 615 -61.56 -14.14 5.65
C PRO C 615 -61.56 -14.77 7.07
N GLY C 616 -61.92 -16.04 7.19
CA GLY C 616 -61.93 -16.72 8.49
C GLY C 616 -60.56 -17.20 8.95
N PRO C 617 -60.50 -17.89 10.11
CA PRO C 617 -59.29 -18.47 10.71
C PRO C 617 -58.42 -19.33 9.77
N ASP C 618 -59.06 -20.10 8.89
CA ASP C 618 -58.35 -20.92 7.92
C ASP C 618 -58.31 -20.23 6.54
N GLY C 619 -58.04 -18.93 6.52
CA GLY C 619 -58.20 -18.09 5.31
C GLY C 619 -57.26 -18.21 4.11
N TYR C 620 -56.00 -18.56 4.31
CA TYR C 620 -55.07 -18.72 3.17
C TYR C 620 -55.04 -20.15 2.63
N CYS C 621 -54.46 -20.35 1.45
CA CYS C 621 -54.25 -21.70 0.91
C CYS C 621 -52.84 -22.26 1.17
N GLY C 622 -52.00 -21.46 1.83
CA GLY C 622 -50.67 -21.90 2.27
C GLY C 622 -50.06 -20.82 3.16
N ASP C 623 -48.79 -20.95 3.48
CA ASP C 623 -48.06 -19.97 4.31
C ASP C 623 -48.13 -18.53 3.79
N GLU C 624 -48.45 -17.63 4.72
CA GLU C 624 -48.58 -16.20 4.51
C GLU C 624 -47.23 -15.55 4.18
N ASP C 625 -46.20 -15.98 4.90
CA ASP C 625 -44.80 -15.57 4.70
C ASP C 625 -44.53 -14.05 4.70
N ASN C 626 -44.78 -13.45 5.86
CA ASN C 626 -44.32 -12.10 6.19
C ASN C 626 -44.78 -11.00 5.23
N GLY C 627 -45.97 -11.20 4.69
CA GLY C 627 -46.61 -10.23 3.81
C GLY C 627 -46.64 -10.59 2.34
N GLN C 628 -45.85 -11.58 1.90
CA GLN C 628 -45.78 -11.90 0.47
C GLN C 628 -47.11 -12.43 -0.10
N THR C 629 -47.66 -13.46 0.54
CA THR C 629 -48.89 -14.07 0.09
C THR C 629 -50.09 -13.12 0.28
N SER C 630 -50.03 -12.29 1.31
CA SER C 630 -51.02 -11.25 1.57
C SER C 630 -50.98 -10.11 0.54
N ALA C 631 -49.79 -9.55 0.34
CA ALA C 631 -49.59 -8.48 -0.64
C ALA C 631 -49.97 -8.91 -2.07
N TRP C 632 -49.85 -10.21 -2.36
CA TRP C 632 -50.29 -10.75 -3.64
C TRP C 632 -51.76 -10.44 -3.88
N TYR C 633 -52.57 -10.60 -2.84
CA TYR C 633 -54.00 -10.30 -2.89
C TYR C 633 -54.27 -8.79 -3.03
N VAL C 634 -53.57 -7.98 -2.25
CA VAL C 634 -53.73 -6.54 -2.32
C VAL C 634 -53.47 -6.01 -3.74
N PHE C 635 -52.33 -6.38 -4.32
CA PHE C 635 -52.00 -5.98 -5.68
C PHE C 635 -53.07 -6.49 -6.64
N SER C 636 -53.31 -7.80 -6.61
CA SER C 636 -54.20 -8.44 -7.58
C SER C 636 -55.64 -7.91 -7.51
N ALA C 637 -56.10 -7.60 -6.31
CA ALA C 637 -57.41 -6.99 -6.12
C ALA C 637 -57.50 -5.59 -6.75
N LEU C 638 -56.40 -4.85 -6.72
CA LEU C 638 -56.35 -3.55 -7.39
C LEU C 638 -56.27 -3.70 -8.91
N GLY C 639 -55.74 -4.84 -9.37
CA GLY C 639 -55.74 -5.20 -10.80
C GLY C 639 -54.40 -5.27 -11.51
N PHE C 640 -53.31 -5.15 -10.75
CA PHE C 640 -51.96 -5.15 -11.33
C PHE C 640 -50.92 -5.69 -10.36
N TYR C 641 -49.75 -6.07 -10.89
CA TYR C 641 -48.76 -6.81 -10.11
C TYR C 641 -47.34 -6.56 -10.62
N PRO C 642 -46.38 -6.37 -9.69
CA PRO C 642 -44.99 -6.18 -10.11
C PRO C 642 -44.32 -7.52 -10.46
N VAL C 643 -44.63 -8.08 -11.63
CA VAL C 643 -43.97 -9.30 -12.12
C VAL C 643 -42.46 -9.19 -12.02
N CYS C 644 -41.93 -8.04 -12.44
CA CYS C 644 -40.51 -7.82 -12.48
C CYS C 644 -40.07 -6.56 -11.75
N PRO C 645 -39.83 -6.69 -10.42
CA PRO C 645 -39.19 -5.63 -9.63
C PRO C 645 -37.85 -5.25 -10.26
N GLY C 646 -37.55 -3.96 -10.29
CA GLY C 646 -36.40 -3.46 -11.02
C GLY C 646 -36.82 -2.70 -12.25
N THR C 647 -37.99 -3.05 -12.81
CA THR C 647 -38.62 -2.24 -13.85
C THR C 647 -39.53 -1.23 -13.16
N ASP C 648 -40.11 -0.31 -13.92
CA ASP C 648 -41.09 0.62 -13.35
C ASP C 648 -42.52 0.13 -13.66
N GLU C 649 -42.64 -1.16 -13.91
CA GLU C 649 -43.87 -1.70 -14.45
C GLU C 649 -44.67 -2.57 -13.47
N TYR C 650 -45.99 -2.39 -13.53
CA TYR C 650 -46.94 -3.28 -12.89
C TYR C 650 -47.76 -3.88 -14.02
N VAL C 651 -47.76 -5.22 -14.11
CA VAL C 651 -48.46 -5.94 -15.18
C VAL C 651 -49.95 -6.11 -14.84
N MET C 652 -50.79 -5.86 -15.84
CA MET C 652 -52.22 -5.79 -15.64
C MET C 652 -52.89 -7.16 -15.40
N GLY C 653 -53.80 -7.21 -14.45
CA GLY C 653 -54.61 -8.41 -14.22
C GLY C 653 -56.08 -8.09 -14.41
N THR C 654 -56.83 -8.19 -13.30
CA THR C 654 -58.21 -7.71 -13.28
C THR C 654 -58.60 -7.23 -11.88
N PRO C 655 -59.26 -6.04 -11.78
CA PRO C 655 -59.63 -5.47 -10.48
C PRO C 655 -60.82 -6.19 -9.86
N LEU C 656 -60.83 -6.24 -8.54
CA LEU C 656 -61.84 -6.96 -7.78
C LEU C 656 -63.01 -6.04 -7.40
N PHE C 657 -62.71 -4.78 -7.07
CA PHE C 657 -63.72 -3.83 -6.61
C PHE C 657 -64.21 -2.87 -7.72
N LYS C 658 -65.34 -2.21 -7.47
CA LYS C 658 -65.91 -1.24 -8.39
C LYS C 658 -65.14 0.05 -8.35
N LYS C 659 -64.60 0.35 -7.18
CA LYS C 659 -63.74 1.51 -7.03
C LYS C 659 -62.62 1.23 -6.03
N ALA C 660 -61.42 1.64 -6.41
CA ALA C 660 -60.28 1.66 -5.51
C ALA C 660 -59.57 3.02 -5.63
N THR C 661 -59.17 3.57 -4.50
CA THR C 661 -58.48 4.85 -4.48
C THR C 661 -57.18 4.72 -3.72
N LEU C 662 -56.08 5.07 -4.37
CA LEU C 662 -54.75 5.04 -3.76
C LEU C 662 -54.31 6.46 -3.40
N HIS C 663 -53.93 6.67 -2.15
CA HIS C 663 -53.35 7.93 -1.70
C HIS C 663 -51.85 7.77 -1.49
N PHE C 664 -51.06 8.40 -2.35
CA PHE C 664 -49.60 8.29 -2.32
C PHE C 664 -48.99 9.30 -1.36
N GLU C 665 -47.80 9.00 -0.85
CA GLU C 665 -47.11 9.90 0.06
C GLU C 665 -46.84 11.27 -0.56
N ASN C 666 -46.72 11.33 -1.90
CA ASN C 666 -46.49 12.59 -2.62
C ASN C 666 -47.68 13.56 -2.63
N GLY C 667 -48.81 13.12 -2.06
CA GLY C 667 -50.01 13.95 -1.94
C GLY C 667 -51.00 13.80 -3.08
N ASN C 668 -50.65 13.04 -4.10
CA ASN C 668 -51.55 12.77 -5.22
C ASN C 668 -52.43 11.52 -4.98
N SER C 669 -53.57 11.48 -5.65
CA SER C 669 -54.47 10.34 -5.58
C SER C 669 -54.76 9.73 -6.96
N LEU C 670 -55.01 8.43 -6.97
CA LEU C 670 -55.36 7.69 -8.17
C LEU C 670 -56.63 6.90 -7.91
N VAL C 671 -57.65 7.14 -8.73
CA VAL C 671 -58.90 6.40 -8.68
C VAL C 671 -58.93 5.36 -9.80
N ILE C 672 -59.12 4.10 -9.43
CA ILE C 672 -59.38 3.03 -10.38
C ILE C 672 -60.88 2.75 -10.41
N ASP C 673 -61.50 3.14 -11.51
CA ASP C 673 -62.94 3.20 -11.63
C ASP C 673 -63.44 2.03 -12.48
N ALA C 674 -64.05 1.04 -11.84
CA ALA C 674 -64.60 -0.10 -12.58
C ALA C 674 -66.07 -0.35 -12.22
N PRO C 675 -66.97 0.58 -12.61
CA PRO C 675 -68.40 0.56 -12.19
C PRO C 675 -69.21 -0.67 -12.60
N ASN C 676 -68.82 -1.35 -13.68
CA ASN C 676 -69.58 -2.54 -14.11
C ASN C 676 -69.07 -3.86 -13.48
N ASN C 677 -68.12 -3.76 -12.55
CA ASN C 677 -67.54 -4.93 -11.91
C ASN C 677 -68.59 -5.76 -11.16
N SER C 678 -68.49 -7.08 -11.28
CA SER C 678 -69.35 -8.02 -10.57
C SER C 678 -68.71 -9.40 -10.54
N THR C 679 -69.39 -10.37 -9.94
CA THR C 679 -68.99 -11.78 -9.95
C THR C 679 -68.80 -12.33 -11.38
N GLU C 680 -69.68 -11.92 -12.29
CA GLU C 680 -69.65 -12.37 -13.69
C GLU C 680 -68.77 -11.50 -14.60
N ASN C 681 -68.67 -10.21 -14.28
CA ASN C 681 -67.96 -9.24 -15.13
C ASN C 681 -66.49 -9.08 -14.74
N PHE C 682 -65.67 -10.11 -15.03
CA PHE C 682 -64.26 -10.12 -14.61
C PHE C 682 -63.27 -9.88 -15.76
N TYR C 683 -63.77 -9.79 -16.99
CA TYR C 683 -62.92 -9.41 -18.12
C TYR C 683 -62.81 -7.89 -18.31
N ILE C 684 -61.64 -7.43 -18.72
CA ILE C 684 -61.45 -6.03 -19.10
C ILE C 684 -61.77 -5.87 -20.59
N ASP C 685 -62.83 -5.12 -20.88
CA ASP C 685 -63.21 -4.85 -22.27
C ASP C 685 -62.36 -3.72 -22.85
N SER C 686 -62.17 -2.67 -22.06
CA SER C 686 -61.33 -1.54 -22.43
C SER C 686 -60.91 -0.75 -21.19
N MET C 687 -59.86 0.05 -21.35
CA MET C 687 -59.36 0.94 -20.30
C MET C 687 -59.05 2.31 -20.87
N SER C 688 -59.21 3.33 -20.05
CA SER C 688 -58.71 4.66 -20.37
C SER C 688 -57.96 5.22 -19.16
N PHE C 689 -56.89 5.96 -19.42
CA PHE C 689 -56.08 6.58 -18.39
C PHE C 689 -56.14 8.09 -18.59
N ASN C 690 -56.83 8.77 -17.66
CA ASN C 690 -57.11 10.20 -17.75
C ASN C 690 -57.66 10.65 -19.12
N GLY C 691 -58.61 9.87 -19.64
CA GLY C 691 -59.27 10.19 -20.90
C GLY C 691 -58.70 9.53 -22.14
N ALA C 692 -57.40 9.23 -22.13
CA ALA C 692 -56.74 8.60 -23.26
C ALA C 692 -56.95 7.10 -23.22
N ASP C 693 -57.17 6.49 -24.39
CA ASP C 693 -57.30 5.04 -24.50
C ASP C 693 -55.99 4.35 -24.06
N HIS C 694 -56.14 3.23 -23.36
CA HIS C 694 -55.02 2.48 -22.82
C HIS C 694 -55.23 0.99 -23.10
N THR C 695 -54.55 0.49 -24.12
CA THR C 695 -54.72 -0.90 -24.54
C THR C 695 -53.55 -1.77 -24.09
N LYS C 696 -52.58 -1.15 -23.42
CA LYS C 696 -51.39 -1.83 -22.91
C LYS C 696 -51.69 -2.77 -21.73
N ASN C 697 -50.83 -3.78 -21.57
CA ASN C 697 -50.97 -4.77 -20.49
C ASN C 697 -50.16 -4.42 -19.25
N TYR C 698 -49.72 -3.16 -19.16
CA TYR C 698 -48.90 -2.71 -18.04
C TYR C 698 -49.16 -1.25 -17.66
N LEU C 699 -48.87 -0.90 -16.41
CA LEU C 699 -48.92 0.49 -15.96
C LEU C 699 -47.56 0.91 -15.43
N ARG C 700 -47.20 2.17 -15.66
CA ARG C 700 -45.90 2.70 -15.25
C ARG C 700 -45.95 3.46 -13.92
N HIS C 701 -44.96 3.19 -13.08
CA HIS C 701 -44.86 3.75 -11.73
C HIS C 701 -45.00 5.29 -11.67
N GLU C 702 -44.22 5.99 -12.51
CA GLU C 702 -44.24 7.46 -12.55
C GLU C 702 -45.60 8.00 -12.97
N ASP C 703 -46.28 7.26 -13.86
CA ASP C 703 -47.63 7.61 -14.33
C ASP C 703 -48.66 7.53 -13.21
N LEU C 704 -48.61 6.45 -12.45
CA LEU C 704 -49.47 6.29 -11.29
C LEU C 704 -49.24 7.42 -10.29
N PHE C 705 -47.98 7.69 -10.00
CA PHE C 705 -47.61 8.76 -9.07
C PHE C 705 -48.15 10.15 -9.42
N LYS C 706 -48.37 10.38 -10.72
CA LYS C 706 -48.93 11.66 -11.18
C LYS C 706 -50.42 11.83 -10.87
N GLY C 707 -51.11 10.71 -10.67
CA GLY C 707 -52.50 10.72 -10.19
C GLY C 707 -53.56 10.85 -11.27
N GLY C 708 -54.80 11.04 -10.83
CA GLY C 708 -55.95 11.11 -11.74
C GLY C 708 -56.88 9.91 -11.64
N THR C 709 -57.37 9.46 -12.80
CA THR C 709 -58.42 8.43 -12.88
C THR C 709 -58.13 7.41 -13.97
N ILE C 710 -58.16 6.13 -13.62
CA ILE C 710 -58.15 5.06 -14.62
C ILE C 710 -59.56 4.49 -14.70
N LYS C 711 -60.11 4.43 -15.90
CA LYS C 711 -61.46 3.90 -16.11
C LYS C 711 -61.36 2.51 -16.70
N VAL C 712 -62.05 1.53 -16.11
CA VAL C 712 -61.99 0.15 -16.59
C VAL C 712 -63.41 -0.34 -16.87
N ASP C 713 -63.68 -0.66 -18.13
CA ASP C 713 -64.96 -1.23 -18.55
C ASP C 713 -64.95 -2.75 -18.41
N MET C 714 -65.74 -3.27 -17.47
CA MET C 714 -65.79 -4.70 -17.19
C MET C 714 -66.89 -5.41 -18.00
N SER C 715 -66.61 -6.64 -18.39
CA SER C 715 -67.52 -7.42 -19.20
C SER C 715 -67.53 -8.89 -18.79
N ASN C 716 -68.62 -9.59 -19.11
CA ASN C 716 -68.73 -11.02 -18.85
C ASN C 716 -68.13 -11.90 -19.95
N ARG C 717 -67.75 -11.27 -21.07
CA ARG C 717 -67.10 -11.96 -22.18
C ARG C 717 -65.74 -11.34 -22.50
N PRO C 718 -64.76 -12.16 -22.91
CA PRO C 718 -63.43 -11.63 -23.16
C PRO C 718 -63.35 -10.76 -24.41
N ASN C 719 -62.47 -9.76 -24.36
CA ASN C 719 -62.09 -8.99 -25.54
C ASN C 719 -60.84 -9.58 -26.17
N LEU C 720 -61.02 -10.29 -27.28
CA LEU C 720 -59.94 -10.98 -27.98
C LEU C 720 -59.01 -10.04 -28.75
N ASN C 721 -59.38 -8.77 -28.87
CA ASN C 721 -58.62 -7.81 -29.67
C ASN C 721 -57.80 -6.84 -28.85
N ARG C 722 -58.08 -6.76 -27.56
CA ARG C 722 -57.35 -5.86 -26.69
C ARG C 722 -56.11 -6.52 -26.11
N GLY C 723 -54.97 -5.82 -26.22
CA GLY C 723 -53.74 -6.21 -25.54
C GLY C 723 -52.90 -7.24 -26.25
N THR C 724 -53.03 -7.30 -27.57
CA THR C 724 -52.34 -8.29 -28.39
C THR C 724 -51.24 -7.70 -29.27
N LYS C 725 -51.16 -6.38 -29.34
CA LYS C 725 -50.17 -5.68 -30.17
C LYS C 725 -48.80 -5.67 -29.51
N GLU C 726 -47.75 -5.64 -30.31
CA GLU C 726 -46.37 -5.66 -29.78
C GLU C 726 -46.12 -4.54 -28.75
N GLU C 727 -46.65 -3.34 -29.02
CA GLU C 727 -46.50 -2.19 -28.11
C GLU C 727 -47.35 -2.28 -26.83
N ASP C 728 -48.28 -3.23 -26.79
CA ASP C 728 -49.08 -3.52 -25.60
C ASP C 728 -48.30 -4.34 -24.54
N MET C 729 -47.17 -4.92 -24.94
CA MET C 729 -46.44 -5.88 -24.11
C MET C 729 -45.54 -5.22 -23.04
N PRO C 730 -45.47 -5.84 -21.84
CA PRO C 730 -44.53 -5.34 -20.84
C PRO C 730 -43.07 -5.70 -21.18
N TYR C 731 -42.16 -5.25 -20.33
CA TYR C 731 -40.72 -5.34 -20.58
C TYR C 731 -40.16 -6.77 -20.63
N SER C 732 -39.36 -7.04 -21.65
CA SER C 732 -38.47 -8.21 -21.69
C SER C 732 -37.07 -7.76 -22.06
N PHE C 733 -36.07 -8.32 -21.38
CA PHE C 733 -34.67 -7.98 -21.61
C PHE C 733 -34.22 -8.28 -23.05
N SER C 734 -34.82 -9.30 -23.67
CA SER C 734 -34.52 -9.66 -25.07
C SER C 734 -34.92 -8.54 -26.05
N LYS C 735 -36.07 -7.94 -25.84
CA LYS C 735 -36.52 -6.85 -26.70
C LYS C 735 -35.66 -5.61 -26.53
N GLU C 736 -35.02 -5.51 -25.36
CA GLU C 736 -34.01 -4.49 -25.11
C GLU C 736 -32.66 -5.03 -25.56
N LYS D 1 -10.58 -6.34 -83.67
CA LYS D 1 -9.51 -5.99 -82.67
C LYS D 1 -8.90 -7.27 -82.08
N ASP D 2 -7.60 -7.26 -81.84
CA ASP D 2 -6.92 -8.43 -81.29
C ASP D 2 -6.39 -8.15 -79.88
N TRP D 3 -6.77 -9.01 -78.94
CA TRP D 3 -6.30 -8.92 -77.57
CA TRP D 3 -6.27 -8.90 -77.58
C TRP D 3 -5.29 -10.02 -77.22
N THR D 4 -5.24 -11.08 -78.05
CA THR D 4 -4.32 -12.20 -77.80
C THR D 4 -2.86 -11.77 -77.84
N GLN D 5 -2.55 -10.74 -78.62
CA GLN D 5 -1.21 -10.13 -78.67
C GLN D 5 -0.63 -9.87 -77.27
N TYR D 6 -1.49 -9.49 -76.35
CA TYR D 6 -1.08 -9.16 -74.96
C TYR D 6 -0.93 -10.39 -74.05
N VAL D 7 -1.40 -11.55 -74.50
CA VAL D 7 -1.43 -12.73 -73.63
C VAL D 7 -0.08 -13.44 -73.56
N ASN D 8 0.48 -13.56 -72.36
CA ASN D 8 1.75 -14.28 -72.19
C ASN D 8 1.57 -15.62 -71.47
N PRO D 9 1.61 -16.74 -72.22
CA PRO D 9 1.35 -18.07 -71.64
C PRO D 9 2.45 -18.57 -70.69
N LEU D 10 3.58 -17.88 -70.66
CA LEU D 10 4.74 -18.25 -69.83
C LEU D 10 4.78 -17.49 -68.49
N MET D 11 3.81 -16.59 -68.28
CA MET D 11 3.66 -15.92 -67.00
C MET D 11 3.37 -16.94 -65.89
N GLY D 12 4.29 -17.07 -64.94
CA GLY D 12 4.15 -18.03 -63.85
C GLY D 12 4.99 -19.29 -64.01
N SER D 13 5.73 -19.39 -65.11
CA SER D 13 6.59 -20.57 -65.37
C SER D 13 7.96 -20.54 -64.67
N GLN D 14 8.36 -19.38 -64.18
CA GLN D 14 9.65 -19.25 -63.49
C GLN D 14 9.49 -19.47 -61.99
N SER D 15 8.98 -20.64 -61.61
CA SER D 15 8.63 -20.95 -60.21
C SER D 15 9.40 -22.14 -59.68
N THR D 16 9.57 -22.20 -58.36
CA THR D 16 10.23 -23.34 -57.71
C THR D 16 9.40 -23.83 -56.54
N PHE D 17 9.75 -25.02 -56.04
CA PHE D 17 9.14 -25.59 -54.85
C PHE D 17 9.15 -24.59 -53.69
N GLU D 18 10.30 -23.93 -53.50
CA GLU D 18 10.54 -23.03 -52.39
C GLU D 18 9.78 -21.70 -52.50
N LEU D 19 9.59 -21.23 -53.73
CA LEU D 19 8.98 -19.92 -53.95
C LEU D 19 8.22 -19.87 -55.27
N SER D 20 6.91 -19.73 -55.18
CA SER D 20 6.10 -19.68 -56.38
C SER D 20 6.02 -18.27 -56.90
N THR D 21 6.13 -18.13 -58.22
CA THR D 21 5.74 -16.89 -58.89
C THR D 21 4.59 -17.19 -59.85
N GLY D 22 3.78 -18.20 -59.48
CA GLY D 22 2.60 -18.56 -60.26
C GLY D 22 2.34 -20.06 -60.32
N ASN D 23 3.42 -20.82 -60.47
CA ASN D 23 3.37 -22.28 -60.69
C ASN D 23 2.50 -22.72 -61.88
N THR D 24 2.66 -22.04 -63.01
CA THR D 24 1.92 -22.40 -64.19
C THR D 24 2.77 -23.10 -65.23
N TYR D 25 2.11 -23.58 -66.28
CA TYR D 25 2.76 -24.03 -67.48
C TYR D 25 2.06 -23.35 -68.67
N PRO D 26 2.69 -23.38 -69.87
CA PRO D 26 2.03 -22.76 -71.04
C PRO D 26 0.89 -23.61 -71.57
N ALA D 27 -0.33 -23.21 -71.24
CA ALA D 27 -1.50 -24.00 -71.61
C ALA D 27 -1.96 -23.59 -73.01
N ILE D 28 -1.50 -24.35 -74.02
CA ILE D 28 -1.88 -24.12 -75.40
C ILE D 28 -3.18 -24.91 -75.64
N ALA D 29 -4.28 -24.19 -75.73
CA ALA D 29 -5.60 -24.79 -75.58
C ALA D 29 -6.68 -23.85 -76.06
N ARG D 30 -7.90 -24.37 -76.18
CA ARG D 30 -9.08 -23.53 -76.33
C ARG D 30 -9.56 -23.14 -74.95
N PRO D 31 -10.37 -22.06 -74.86
CA PRO D 31 -11.02 -21.76 -73.58
C PRO D 31 -11.77 -22.98 -73.03
N TRP D 32 -11.46 -23.32 -71.77
CA TRP D 32 -12.00 -24.51 -71.09
C TRP D 32 -11.81 -25.83 -71.87
N GLY D 33 -10.76 -25.89 -72.68
CA GLY D 33 -10.51 -27.07 -73.52
C GLY D 33 -10.42 -28.37 -72.72
N MET D 34 -10.97 -29.45 -73.26
CA MET D 34 -10.89 -30.74 -72.57
C MET D 34 -9.45 -31.23 -72.51
N ASN D 35 -8.71 -31.07 -73.60
CA ASN D 35 -7.31 -31.47 -73.66
C ASN D 35 -6.39 -30.25 -73.84
N PHE D 36 -5.51 -30.03 -72.87
CA PHE D 36 -4.48 -28.99 -72.96
C PHE D 36 -3.19 -29.57 -73.53
N TRP D 37 -2.45 -28.75 -74.28
CA TRP D 37 -1.13 -29.15 -74.76
C TRP D 37 -0.02 -28.22 -74.27
N THR D 38 1.15 -28.79 -74.03
CA THR D 38 2.27 -28.02 -73.49
C THR D 38 3.60 -28.63 -73.87
N PRO D 39 4.60 -27.79 -74.16
CA PRO D 39 5.97 -28.30 -74.18
C PRO D 39 6.29 -28.87 -72.80
N GLN D 40 7.04 -29.97 -72.78
CA GLN D 40 7.45 -30.64 -71.57
C GLN D 40 8.96 -30.52 -71.36
N THR D 41 9.35 -29.75 -70.35
CA THR D 41 10.76 -29.73 -69.92
C THR D 41 11.06 -30.71 -68.77
N GLY D 42 10.13 -30.87 -67.85
CA GLY D 42 10.29 -31.79 -66.72
C GLY D 42 10.20 -33.26 -67.10
N LYS D 43 10.71 -34.12 -66.23
CA LYS D 43 10.66 -35.58 -66.43
C LYS D 43 9.28 -36.09 -66.15
N MET D 44 8.93 -37.22 -66.76
CA MET D 44 7.64 -37.87 -66.52
C MET D 44 7.35 -37.98 -65.03
N GLY D 45 6.19 -37.49 -64.60
CA GLY D 45 5.77 -37.54 -63.21
C GLY D 45 6.01 -36.27 -62.41
N ASP D 46 6.93 -35.43 -62.87
CA ASP D 46 7.24 -34.21 -62.12
C ASP D 46 6.15 -33.17 -62.31
N GLY D 47 5.64 -32.66 -61.18
CA GLY D 47 4.64 -31.61 -61.16
C GLY D 47 5.04 -30.37 -61.94
N TRP D 48 6.35 -30.06 -61.93
CA TRP D 48 6.89 -28.94 -62.68
C TRP D 48 7.23 -29.40 -64.10
N GLN D 49 6.19 -29.57 -64.91
CA GLN D 49 6.36 -30.11 -66.26
C GLN D 49 7.00 -29.12 -67.25
N TYR D 50 6.79 -27.82 -67.03
CA TYR D 50 7.50 -26.79 -67.76
C TYR D 50 8.00 -25.70 -66.82
N THR D 51 9.32 -25.46 -66.83
CA THR D 51 9.94 -24.36 -66.08
C THR D 51 10.77 -23.48 -67.02
N TYR D 52 10.68 -22.16 -66.81
CA TYR D 52 11.34 -21.19 -67.66
C TYR D 52 12.85 -21.40 -67.75
N THR D 53 13.47 -21.78 -66.65
CA THR D 53 14.93 -21.90 -66.61
C THR D 53 15.46 -23.22 -67.16
N ALA D 54 14.58 -24.15 -67.50
CA ALA D 54 15.01 -25.42 -68.05
C ALA D 54 15.57 -25.27 -69.47
N ASN D 55 16.62 -26.04 -69.75
CA ASN D 55 17.34 -25.98 -71.03
C ASN D 55 16.79 -26.85 -72.17
N LYS D 56 16.03 -27.90 -71.83
CA LYS D 56 15.69 -28.92 -72.81
C LYS D 56 14.19 -29.27 -72.81
N ILE D 57 13.65 -29.49 -74.00
CA ILE D 57 12.30 -30.05 -74.19
C ILE D 57 12.47 -31.54 -74.52
N ARG D 58 11.66 -32.39 -73.90
CA ARG D 58 11.78 -33.84 -74.09
C ARG D 58 10.52 -34.46 -74.71
N GLY D 59 9.51 -33.62 -74.91
CA GLY D 59 8.24 -34.05 -75.46
C GLY D 59 7.25 -32.92 -75.56
N PHE D 60 6.21 -33.14 -76.37
CA PHE D 60 5.10 -32.21 -76.49
C PHE D 60 3.90 -32.98 -75.96
N LYS D 61 3.37 -32.49 -74.84
CA LYS D 61 2.54 -33.28 -73.94
C LYS D 61 1.07 -32.85 -73.92
N GLN D 62 0.16 -33.83 -74.00
CA GLN D 62 -1.23 -33.63 -73.60
C GLN D 62 -1.26 -33.70 -72.07
N THR D 63 -1.95 -32.73 -71.48
CA THR D 63 -1.99 -32.60 -70.02
C THR D 63 -3.35 -32.13 -69.52
N HIS D 64 -3.66 -32.46 -68.28
CA HIS D 64 -4.89 -32.02 -67.64
C HIS D 64 -4.63 -31.43 -66.26
N GLN D 65 -3.37 -31.21 -65.95
CA GLN D 65 -2.92 -30.89 -64.60
C GLN D 65 -3.40 -29.51 -64.15
N PRO D 66 -4.07 -29.43 -62.99
CA PRO D 66 -4.51 -28.11 -62.54
C PRO D 66 -3.49 -27.39 -61.68
N SER D 67 -2.55 -28.12 -61.10
CA SER D 67 -1.45 -27.55 -60.30
C SER D 67 -0.31 -28.56 -60.16
N PRO D 68 0.92 -28.08 -59.87
CA PRO D 68 2.02 -29.01 -59.66
C PRO D 68 1.78 -29.96 -58.49
N TRP D 69 1.00 -29.51 -57.52
CA TRP D 69 0.73 -30.24 -56.28
C TRP D 69 -0.29 -31.34 -56.53
N ILE D 70 -1.30 -31.04 -57.33
CA ILE D 70 -2.36 -31.98 -57.64
C ILE D 70 -1.85 -32.99 -58.67
N ASN D 71 -0.95 -32.55 -59.52
CA ASN D 71 -0.37 -33.36 -60.59
C ASN D 71 -1.38 -33.79 -61.68
N ASP D 72 -0.96 -34.73 -62.53
CA ASP D 72 -1.61 -34.96 -63.82
C ASP D 72 -2.35 -36.29 -63.94
N TYR D 73 -3.11 -36.41 -65.04
CA TYR D 73 -3.79 -37.65 -65.48
C TYR D 73 -4.10 -37.53 -66.98
N GLY D 74 -4.31 -38.66 -67.65
CA GLY D 74 -4.66 -38.66 -69.08
C GLY D 74 -3.57 -37.97 -69.88
N GLN D 75 -2.35 -38.48 -69.71
CA GLN D 75 -1.15 -37.81 -70.19
C GLN D 75 -0.33 -38.70 -71.11
N PHE D 76 0.05 -38.15 -72.26
CA PHE D 76 1.03 -38.76 -73.16
C PHE D 76 1.75 -37.67 -73.95
N SER D 77 2.83 -38.06 -74.61
CA SER D 77 3.66 -37.10 -75.33
C SER D 77 4.14 -37.61 -76.69
N ILE D 78 4.58 -36.66 -77.51
CA ILE D 78 5.09 -36.89 -78.84
C ILE D 78 6.37 -36.04 -78.96
N MET D 79 7.39 -36.59 -79.63
CA MET D 79 8.71 -35.96 -79.74
C MET D 79 9.43 -36.31 -81.06
N PRO D 80 9.66 -35.30 -81.94
CA PRO D 80 10.39 -35.54 -83.19
C PRO D 80 11.91 -35.55 -82.97
N ILE D 81 12.61 -36.51 -83.56
CA ILE D 81 14.06 -36.64 -83.38
C ILE D 81 14.75 -36.98 -84.70
N VAL D 82 16.09 -36.92 -84.67
CA VAL D 82 16.93 -37.21 -85.81
C VAL D 82 18.14 -38.04 -85.32
N GLY D 83 18.66 -38.92 -86.18
CA GLY D 83 19.85 -39.72 -85.84
C GLY D 83 19.60 -41.16 -85.44
N GLN D 84 19.70 -41.44 -84.16
CA GLN D 84 19.38 -42.77 -83.63
C GLN D 84 17.94 -42.80 -83.14
N PRO D 85 17.25 -43.94 -83.33
CA PRO D 85 15.91 -44.03 -82.76
C PRO D 85 15.98 -44.32 -81.25
N VAL D 86 15.70 -43.32 -80.43
CA VAL D 86 15.82 -43.50 -78.98
C VAL D 86 14.55 -43.12 -78.24
N PHE D 87 14.13 -43.97 -77.30
CA PHE D 87 12.91 -43.73 -76.53
C PHE D 87 13.16 -42.95 -75.23
N ASP D 88 14.28 -43.26 -74.58
CA ASP D 88 14.64 -42.67 -73.29
C ASP D 88 14.43 -41.16 -73.25
N GLU D 89 13.76 -40.69 -72.21
CA GLU D 89 13.27 -39.30 -72.12
C GLU D 89 14.39 -38.23 -72.01
N GLU D 90 15.57 -38.66 -71.60
CA GLU D 90 16.74 -37.79 -71.56
C GLU D 90 17.50 -37.79 -72.88
N LYS D 91 17.75 -38.97 -73.45
CA LYS D 91 18.50 -39.07 -74.70
C LYS D 91 17.77 -38.48 -75.91
N ARG D 92 16.44 -38.46 -75.87
CA ARG D 92 15.66 -37.89 -76.96
C ARG D 92 15.54 -36.36 -76.88
N ALA D 93 15.90 -35.81 -75.71
CA ALA D 93 15.67 -34.40 -75.39
C ALA D 93 16.57 -33.45 -76.17
N SER D 94 16.13 -32.20 -76.31
CA SER D 94 16.87 -31.20 -77.09
C SER D 94 16.95 -29.85 -76.41
N TRP D 95 18.15 -29.27 -76.40
CA TRP D 95 18.33 -27.86 -76.09
C TRP D 95 17.40 -26.97 -76.90
N PHE D 96 16.96 -25.88 -76.26
CA PHE D 96 16.17 -24.83 -76.91
C PHE D 96 16.40 -23.52 -76.13
N ALA D 97 16.04 -22.40 -76.74
CA ALA D 97 15.95 -21.16 -75.98
C ALA D 97 14.69 -20.38 -76.31
N HIS D 98 14.28 -19.50 -75.39
CA HIS D 98 13.03 -18.78 -75.50
C HIS D 98 12.98 -17.80 -76.69
N LYS D 99 14.15 -17.38 -77.17
CA LYS D 99 14.23 -16.54 -78.34
C LYS D 99 14.03 -17.37 -79.62
N GLY D 100 13.92 -18.69 -79.48
CA GLY D 100 13.55 -19.58 -80.57
C GLY D 100 12.19 -20.21 -80.35
N GLU D 101 11.39 -19.56 -79.51
CA GLU D 101 10.12 -20.08 -79.05
C GLU D 101 9.06 -19.00 -79.25
N VAL D 102 7.88 -19.41 -79.69
CA VAL D 102 6.75 -18.50 -79.79
C VAL D 102 5.55 -19.18 -79.12
N ALA D 103 5.15 -18.65 -77.96
CA ALA D 103 4.01 -19.19 -77.22
C ALA D 103 2.81 -18.23 -77.23
N THR D 104 1.70 -18.67 -77.81
CA THR D 104 0.42 -17.95 -77.75
C THR D 104 -0.63 -18.96 -77.29
N PRO D 105 -1.80 -18.49 -76.79
CA PRO D 105 -2.82 -19.47 -76.38
C PRO D 105 -3.28 -20.42 -77.50
N TYR D 106 -3.20 -19.98 -78.75
CA TYR D 106 -3.77 -20.72 -79.87
C TYR D 106 -2.74 -21.45 -80.73
N TYR D 107 -1.45 -21.25 -80.45
CA TYR D 107 -0.35 -21.65 -81.36
C TYR D 107 0.98 -21.64 -80.64
N TYR D 108 1.73 -22.72 -80.77
CA TYR D 108 3.03 -22.84 -80.15
C TYR D 108 4.05 -23.34 -81.18
N LYS D 109 5.19 -22.65 -81.23
CA LYS D 109 6.31 -23.05 -82.08
C LYS D 109 7.62 -22.99 -81.28
N VAL D 110 8.51 -23.97 -81.51
CA VAL D 110 9.85 -23.94 -80.93
C VAL D 110 10.87 -24.62 -81.84
N TYR D 111 12.10 -24.10 -81.81
CA TYR D 111 13.24 -24.71 -82.50
C TYR D 111 14.04 -25.61 -81.56
N LEU D 112 14.11 -26.88 -81.91
CA LEU D 112 14.88 -27.85 -81.14
C LEU D 112 16.28 -27.90 -81.71
N ALA D 113 17.21 -27.25 -81.01
CA ALA D 113 18.58 -27.05 -81.45
C ALA D 113 19.41 -28.31 -81.68
N GLU D 114 19.15 -29.39 -80.94
CA GLU D 114 19.94 -30.61 -81.09
C GLU D 114 19.51 -31.54 -82.24
N HIS D 115 18.28 -31.38 -82.72
CA HIS D 115 17.76 -32.20 -83.81
C HIS D 115 17.64 -31.40 -85.11
N ASP D 116 17.78 -30.07 -85.01
CA ASP D 116 17.56 -29.15 -86.14
C ASP D 116 16.13 -29.30 -86.69
N ILE D 117 15.16 -29.24 -85.78
CA ILE D 117 13.75 -29.42 -86.09
C ILE D 117 12.95 -28.27 -85.50
N VAL D 118 12.01 -27.73 -86.28
CA VAL D 118 11.00 -26.79 -85.78
C VAL D 118 9.73 -27.59 -85.48
N THR D 119 9.12 -27.34 -84.31
CA THR D 119 7.83 -27.92 -83.98
C THR D 119 6.76 -26.84 -83.79
N GLU D 120 5.59 -27.06 -84.40
CA GLU D 120 4.42 -26.20 -84.26
C GLU D 120 3.20 -27.03 -83.90
N MET D 121 2.31 -26.45 -83.09
CA MET D 121 1.07 -27.10 -82.69
C MET D 121 -0.05 -26.08 -82.45
N THR D 122 -1.24 -26.45 -82.91
CA THR D 122 -2.45 -25.65 -82.79
C THR D 122 -3.57 -26.58 -82.39
N PRO D 123 -4.14 -26.36 -81.19
CA PRO D 123 -5.19 -27.23 -80.68
C PRO D 123 -6.63 -26.75 -80.96
N THR D 124 -7.55 -27.71 -80.95
CA THR D 124 -8.96 -27.44 -80.80
C THR D 124 -9.33 -27.85 -79.37
N GLU D 125 -10.61 -28.08 -79.11
CA GLU D 125 -11.06 -28.41 -77.75
C GLU D 125 -10.57 -29.78 -77.28
N ARG D 126 -10.50 -30.74 -78.20
CA ARG D 126 -10.16 -32.13 -77.88
C ARG D 126 -9.08 -32.73 -78.79
N ALA D 127 -8.74 -31.99 -79.84
CA ALA D 127 -7.75 -32.42 -80.80
C ALA D 127 -6.62 -31.39 -80.95
N VAL D 128 -5.61 -31.75 -81.73
CA VAL D 128 -4.47 -30.88 -81.98
C VAL D 128 -3.81 -31.27 -83.31
N LEU D 129 -3.27 -30.28 -84.02
CA LEU D 129 -2.45 -30.54 -85.21
C LEU D 129 -1.01 -30.18 -84.94
N PHE D 130 -0.10 -31.13 -85.21
CA PHE D 130 1.34 -30.89 -85.17
C PHE D 130 1.92 -30.77 -86.58
N ARG D 131 2.84 -29.84 -86.76
CA ARG D 131 3.63 -29.77 -87.97
C ARG D 131 5.11 -29.78 -87.60
N PHE D 132 5.79 -30.83 -88.02
CA PHE D 132 7.22 -30.92 -87.80
C PHE D 132 7.95 -30.57 -89.10
N THR D 133 8.90 -29.62 -89.00
CA THR D 133 9.78 -29.27 -90.11
C THR D 133 11.17 -29.88 -89.88
N PHE D 134 11.45 -30.97 -90.60
CA PHE D 134 12.70 -31.75 -90.48
C PHE D 134 13.83 -31.24 -91.37
N PRO D 135 15.09 -31.48 -90.97
CA PRO D 135 16.21 -31.20 -91.86
C PRO D 135 16.44 -32.37 -92.83
N GLU D 136 17.42 -32.23 -93.72
CA GLU D 136 17.81 -33.33 -94.59
C GLU D 136 18.48 -34.46 -93.79
N ASN D 137 17.87 -35.65 -93.86
CA ASN D 137 18.33 -36.77 -93.06
C ASN D 137 17.72 -38.09 -93.51
N ASP D 138 18.57 -39.10 -93.60
CA ASP D 138 18.14 -40.48 -93.84
C ASP D 138 17.38 -41.07 -92.64
N HIS D 139 17.62 -40.53 -91.45
CA HIS D 139 17.04 -41.10 -90.23
C HIS D 139 16.31 -40.08 -89.36
N SER D 140 15.09 -39.76 -89.76
CA SER D 140 14.23 -38.87 -88.99
C SER D 140 13.14 -39.72 -88.34
N TYR D 141 12.77 -39.36 -87.11
CA TYR D 141 11.81 -40.14 -86.36
C TYR D 141 10.81 -39.28 -85.58
N VAL D 142 9.70 -39.89 -85.21
CA VAL D 142 8.77 -39.33 -84.25
C VAL D 142 8.51 -40.37 -83.15
N VAL D 143 8.63 -39.93 -81.89
CA VAL D 143 8.48 -40.80 -80.72
C VAL D 143 7.14 -40.53 -80.05
N VAL D 144 6.37 -41.59 -79.82
CA VAL D 144 5.09 -41.53 -79.11
C VAL D 144 5.26 -42.23 -77.75
N ASP D 145 4.96 -41.51 -76.67
CA ASP D 145 5.22 -41.97 -75.30
C ASP D 145 3.91 -42.03 -74.54
N ALA D 146 3.46 -43.25 -74.23
CA ALA D 146 2.14 -43.47 -73.61
C ALA D 146 2.19 -43.41 -72.08
N PHE D 147 3.37 -43.10 -71.55
CA PHE D 147 3.64 -43.03 -70.10
C PHE D 147 3.53 -44.39 -69.40
N ASP D 148 3.87 -44.43 -68.11
CA ASP D 148 3.97 -45.70 -67.39
C ASP D 148 2.71 -46.04 -66.58
N LYS D 149 2.84 -47.01 -65.67
CA LYS D 149 1.77 -47.44 -64.77
C LYS D 149 0.66 -48.23 -65.47
N GLY D 150 0.95 -48.76 -66.66
CA GLY D 150 0.00 -49.57 -67.42
C GLY D 150 -0.58 -48.78 -68.56
N SER D 151 -0.17 -49.12 -69.78
CA SER D 151 -0.55 -48.40 -71.00
C SER D 151 -0.54 -49.33 -72.25
N TYR D 152 -0.84 -48.76 -73.42
CA TYR D 152 -1.07 -49.57 -74.61
C TYR D 152 -0.77 -48.76 -75.84
N ILE D 153 -0.24 -49.43 -76.86
CA ILE D 153 0.17 -48.79 -78.10
C ILE D 153 0.01 -49.77 -79.27
N LYS D 154 -0.34 -49.23 -80.43
CA LYS D 154 -0.42 -50.02 -81.65
C LYS D 154 -0.11 -49.17 -82.88
N ILE D 155 0.76 -49.69 -83.73
CA ILE D 155 1.11 -49.04 -84.99
C ILE D 155 0.33 -49.69 -86.13
N ILE D 156 -0.46 -48.89 -86.83
CA ILE D 156 -1.24 -49.33 -87.99
C ILE D 156 -0.67 -48.67 -89.26
N PRO D 157 0.36 -49.30 -89.86
CA PRO D 157 1.07 -48.71 -91.01
C PRO D 157 0.22 -48.53 -92.28
N GLU D 158 -0.78 -49.38 -92.48
CA GLU D 158 -1.70 -49.24 -93.62
C GLU D 158 -2.48 -47.92 -93.60
N GLU D 159 -2.50 -47.27 -92.44
CA GLU D 159 -3.23 -45.99 -92.28
C GLU D 159 -2.33 -44.82 -91.85
N ASN D 160 -1.01 -45.05 -91.84
CA ASN D 160 -0.03 -44.10 -91.29
C ASN D 160 -0.42 -43.64 -89.88
N LYS D 161 -0.82 -44.60 -89.06
CA LYS D 161 -1.52 -44.33 -87.82
C LYS D 161 -0.83 -44.98 -86.62
N ILE D 162 -0.87 -44.29 -85.48
CA ILE D 162 -0.54 -44.89 -84.18
C ILE D 162 -1.70 -44.61 -83.24
N ILE D 163 -2.15 -45.64 -82.54
CA ILE D 163 -3.19 -45.51 -81.54
C ILE D 163 -2.69 -46.06 -80.21
N GLY D 164 -3.31 -45.64 -79.12
CA GLY D 164 -2.95 -46.15 -77.80
C GLY D 164 -3.82 -45.59 -76.70
N TYR D 165 -3.62 -46.08 -75.48
CA TYR D 165 -4.23 -45.44 -74.33
C TYR D 165 -3.22 -45.24 -73.21
N THR D 166 -3.48 -44.26 -72.36
CA THR D 166 -2.62 -43.95 -71.24
C THR D 166 -3.43 -44.02 -69.96
N THR D 167 -2.80 -44.46 -68.86
CA THR D 167 -3.53 -44.53 -67.60
C THR D 167 -2.93 -43.76 -66.41
N ARG D 168 -1.68 -43.32 -66.53
CA ARG D 168 -1.00 -42.71 -65.38
C ARG D 168 -1.77 -41.51 -64.86
N ASN D 169 -2.06 -41.55 -63.56
CA ASN D 169 -2.87 -40.54 -62.88
C ASN D 169 -2.37 -40.29 -61.45
N SER D 170 -2.98 -39.33 -60.76
CA SER D 170 -2.53 -38.98 -59.42
C SER D 170 -3.63 -39.24 -58.37
N GLY D 171 -4.52 -40.19 -58.68
CA GLY D 171 -5.67 -40.52 -57.82
C GLY D 171 -6.97 -39.89 -58.31
N GLY D 172 -8.07 -40.16 -57.59
CA GLY D 172 -9.40 -39.63 -57.95
C GLY D 172 -9.99 -40.16 -59.24
N VAL D 173 -9.64 -41.39 -59.60
CA VAL D 173 -10.18 -42.02 -60.81
C VAL D 173 -10.86 -43.35 -60.47
N PRO D 174 -11.87 -43.74 -61.26
CA PRO D 174 -12.42 -45.10 -61.18
C PRO D 174 -11.37 -46.09 -61.67
N GLU D 175 -11.51 -47.36 -61.31
CA GLU D 175 -10.54 -48.38 -61.72
C GLU D 175 -10.39 -48.54 -63.24
N ASN D 176 -11.45 -48.25 -63.98
CA ASN D 176 -11.43 -48.40 -65.44
C ASN D 176 -10.90 -47.16 -66.19
N PHE D 177 -10.25 -46.24 -65.48
CA PHE D 177 -9.78 -45.00 -66.11
C PHE D 177 -8.79 -45.22 -67.26
N LYS D 178 -9.12 -44.65 -68.42
CA LYS D 178 -8.24 -44.66 -69.60
C LYS D 178 -8.46 -43.41 -70.40
N ASN D 179 -7.39 -42.89 -71.00
CA ASN D 179 -7.50 -41.85 -72.00
C ASN D 179 -7.03 -42.43 -73.34
N TYR D 180 -7.95 -42.51 -74.30
CA TYR D 180 -7.71 -43.12 -75.62
C TYR D 180 -7.25 -42.07 -76.65
N PHE D 181 -6.15 -42.34 -77.36
CA PHE D 181 -5.62 -41.42 -78.37
C PHE D 181 -5.32 -42.05 -79.75
N ILE D 182 -5.41 -41.20 -80.78
CA ILE D 182 -5.17 -41.57 -82.17
C ILE D 182 -4.29 -40.50 -82.84
N ILE D 183 -3.25 -40.95 -83.54
CA ILE D 183 -2.31 -40.08 -84.21
C ILE D 183 -2.21 -40.50 -85.68
N GLU D 184 -2.49 -39.56 -86.57
CA GLU D 184 -2.49 -39.80 -88.03
C GLU D 184 -1.42 -38.96 -88.71
N PHE D 185 -0.49 -39.61 -89.41
CA PHE D 185 0.57 -38.92 -90.12
C PHE D 185 0.23 -38.78 -91.59
N ASP D 186 0.78 -37.74 -92.23
CA ASP D 186 0.58 -37.53 -93.66
C ASP D 186 1.75 -38.02 -94.51
N LYS D 187 2.67 -38.74 -93.87
CA LYS D 187 3.82 -39.34 -94.54
C LYS D 187 3.95 -40.80 -94.12
N PRO D 188 4.14 -41.71 -95.09
CA PRO D 188 4.28 -43.14 -94.83
C PRO D 188 5.51 -43.50 -93.99
N PHE D 189 5.39 -44.53 -93.15
CA PHE D 189 6.48 -45.03 -92.32
C PHE D 189 7.39 -45.95 -93.12
N THR D 190 8.69 -45.67 -93.09
CA THR D 190 9.69 -46.57 -93.66
C THR D 190 10.40 -47.36 -92.55
N TYR D 191 10.21 -46.90 -91.31
CA TYR D 191 10.72 -47.55 -90.11
C TYR D 191 9.60 -47.58 -89.09
N LYS D 192 9.48 -48.70 -88.37
CA LYS D 192 8.51 -48.80 -87.28
C LYS D 192 8.97 -49.73 -86.17
N ALA D 193 8.68 -49.33 -84.94
CA ALA D 193 9.05 -50.09 -83.75
C ALA D 193 8.17 -49.65 -82.58
N THR D 194 7.82 -50.61 -81.72
CA THR D 194 7.17 -50.30 -80.45
C THR D 194 8.13 -50.54 -79.30
N VAL D 195 7.79 -49.99 -78.13
CA VAL D 195 8.64 -50.08 -76.96
C VAL D 195 7.87 -50.72 -75.81
N GLU D 196 8.57 -51.62 -75.11
CA GLU D 196 8.02 -52.39 -74.02
C GLU D 196 9.10 -52.42 -72.94
N ASN D 197 8.90 -51.59 -71.92
CA ASN D 197 9.84 -51.41 -70.81
C ASN D 197 11.29 -51.19 -71.25
N GLY D 198 11.52 -50.04 -71.89
CA GLY D 198 12.86 -49.68 -72.37
C GLY D 198 13.26 -50.31 -73.70
N ASN D 199 12.91 -51.58 -73.89
CA ASN D 199 13.23 -52.34 -75.11
C ASN D 199 12.57 -51.84 -76.40
N LEU D 200 13.40 -51.48 -77.36
CA LEU D 200 12.97 -51.10 -78.68
C LEU D 200 12.77 -52.39 -79.51
N GLN D 201 11.55 -52.65 -79.96
CA GLN D 201 11.26 -53.89 -80.69
C GLN D 201 10.75 -53.63 -82.10
N GLU D 202 11.67 -53.52 -83.05
CA GLU D 202 11.36 -53.19 -84.43
C GLU D 202 10.36 -54.17 -85.06
N ASN D 203 9.41 -53.61 -85.80
CA ASN D 203 8.36 -54.36 -86.52
C ASN D 203 7.35 -55.15 -85.66
N VAL D 204 7.45 -55.04 -84.33
CA VAL D 204 6.40 -55.53 -83.44
C VAL D 204 5.35 -54.44 -83.32
N ALA D 205 4.13 -54.74 -83.74
CA ALA D 205 3.12 -53.72 -84.00
C ALA D 205 2.31 -53.24 -82.79
N GLU D 206 2.41 -53.96 -81.67
CA GLU D 206 1.49 -53.77 -80.54
C GLU D 206 2.12 -54.13 -79.19
N GLN D 207 1.85 -53.34 -78.16
CA GLN D 207 2.26 -53.67 -76.79
C GLN D 207 1.16 -53.39 -75.77
N THR D 208 1.02 -54.30 -74.81
CA THR D 208 0.26 -54.06 -73.59
C THR D 208 1.17 -54.32 -72.38
N THR D 209 1.55 -53.26 -71.67
CA THR D 209 2.67 -53.31 -70.74
C THR D 209 2.70 -52.09 -69.81
N ASP D 210 3.60 -52.09 -68.83
CA ASP D 210 3.73 -50.99 -67.89
C ASP D 210 3.99 -49.64 -68.58
N HIS D 211 4.94 -49.60 -69.49
CA HIS D 211 5.31 -48.35 -70.17
C HIS D 211 5.40 -48.55 -71.68
N ALA D 212 4.28 -48.34 -72.37
CA ALA D 212 4.21 -48.55 -73.80
C ALA D 212 4.67 -47.32 -74.58
N GLY D 213 5.33 -47.56 -75.70
CA GLY D 213 5.82 -46.49 -76.57
C GLY D 213 5.99 -46.93 -78.01
N ALA D 214 6.06 -45.95 -78.92
CA ALA D 214 6.28 -46.25 -80.33
C ALA D 214 7.24 -45.26 -80.96
N ILE D 215 8.00 -45.75 -81.94
CA ILE D 215 8.84 -44.90 -82.78
C ILE D 215 8.59 -45.25 -84.25
N ILE D 216 8.20 -44.24 -85.04
CA ILE D 216 8.12 -44.40 -86.48
C ILE D 216 9.13 -43.49 -87.17
N GLY D 217 9.48 -43.80 -88.41
CA GLY D 217 10.50 -43.03 -89.12
C GLY D 217 10.46 -43.06 -90.63
N PHE D 218 11.29 -42.21 -91.23
CA PHE D 218 11.36 -42.00 -92.67
C PHE D 218 12.56 -41.14 -93.07
N LYS D 219 12.78 -41.02 -94.37
CA LYS D 219 13.77 -40.12 -94.93
C LYS D 219 13.16 -38.73 -95.11
N THR D 220 13.94 -37.67 -94.86
CA THR D 220 13.44 -36.31 -95.08
C THR D 220 14.39 -35.44 -95.88
N ARG D 221 13.81 -34.58 -96.73
CA ARG D 221 14.55 -33.52 -97.40
C ARG D 221 14.69 -32.35 -96.45
N LYS D 222 15.59 -31.42 -96.79
CA LYS D 222 15.75 -30.17 -96.05
C LYS D 222 14.45 -29.38 -96.06
N GLY D 223 13.97 -29.04 -94.86
CA GLY D 223 12.75 -28.26 -94.70
C GLY D 223 11.46 -29.03 -94.93
N GLU D 224 11.55 -30.36 -95.04
CA GLU D 224 10.37 -31.20 -95.28
C GLU D 224 9.43 -31.19 -94.09
N GLN D 225 8.14 -30.98 -94.37
CA GLN D 225 7.13 -30.89 -93.33
C GLN D 225 6.27 -32.15 -93.22
N VAL D 226 6.16 -32.68 -92.01
CA VAL D 226 5.29 -33.80 -91.70
C VAL D 226 4.22 -33.32 -90.70
N ASN D 227 2.96 -33.60 -91.01
CA ASN D 227 1.84 -33.22 -90.14
C ASN D 227 1.27 -34.43 -89.39
N ALA D 228 0.96 -34.22 -88.12
CA ALA D 228 0.36 -35.25 -87.29
C ALA D 228 -0.95 -34.74 -86.68
N ARG D 229 -2.05 -35.38 -87.07
CA ARG D 229 -3.36 -35.09 -86.51
C ARG D 229 -3.58 -35.96 -85.27
N ILE D 230 -3.83 -35.33 -84.13
CA ILE D 230 -3.98 -36.05 -82.85
C ILE D 230 -5.30 -35.69 -82.16
N ALA D 231 -5.98 -36.69 -81.60
CA ALA D 231 -7.10 -36.46 -80.69
C ALA D 231 -7.18 -37.54 -79.61
N SER D 232 -7.82 -37.22 -78.49
CA SER D 232 -8.07 -38.23 -77.46
C SER D 232 -9.50 -38.19 -76.92
N SER D 233 -9.88 -39.25 -76.21
CA SER D 233 -11.19 -39.40 -75.61
C SER D 233 -11.06 -40.14 -74.28
N PHE D 234 -11.97 -39.88 -73.36
CA PHE D 234 -12.05 -40.64 -72.12
C PHE D 234 -13.05 -41.79 -72.23
N ILE D 235 -13.63 -41.95 -73.42
CA ILE D 235 -14.73 -42.90 -73.62
C ILE D 235 -14.28 -44.12 -74.43
N SER D 236 -13.76 -43.88 -75.63
CA SER D 236 -13.38 -44.96 -76.55
C SER D 236 -12.54 -44.47 -77.71
N PHE D 237 -11.87 -45.40 -78.39
CA PHE D 237 -11.14 -45.12 -79.62
C PHE D 237 -12.07 -44.55 -80.66
N GLU D 238 -13.27 -45.13 -80.74
CA GLU D 238 -14.29 -44.66 -81.66
C GLU D 238 -14.70 -43.20 -81.41
N GLN D 239 -14.87 -42.83 -80.15
CA GLN D 239 -15.17 -41.44 -79.81
C GLN D 239 -13.97 -40.52 -80.09
N ALA D 240 -12.76 -41.06 -79.95
CA ALA D 240 -11.54 -40.30 -80.20
C ALA D 240 -11.44 -39.94 -81.67
N ALA D 241 -11.86 -40.88 -82.52
CA ALA D 241 -11.91 -40.65 -83.97
C ALA D 241 -12.97 -39.63 -84.34
N ALA D 242 -14.09 -39.63 -83.63
CA ALA D 242 -15.09 -38.57 -83.77
C ALA D 242 -14.52 -37.20 -83.33
N ASN D 243 -13.82 -37.18 -82.21
CA ASN D 243 -13.18 -35.94 -81.71
C ASN D 243 -12.15 -35.36 -82.68
N MET D 244 -11.49 -36.24 -83.43
CA MET D 244 -10.53 -35.87 -84.49
C MET D 244 -11.14 -34.92 -85.53
N ASN D 245 -12.45 -35.03 -85.75
CA ASN D 245 -13.14 -34.24 -86.78
C ASN D 245 -13.16 -32.75 -86.50
N GLU D 246 -12.87 -32.38 -85.25
CA GLU D 246 -12.69 -30.98 -84.85
C GLU D 246 -11.63 -30.27 -85.69
N LEU D 247 -10.67 -31.05 -86.22
CA LEU D 247 -9.59 -30.52 -87.04
C LEU D 247 -10.03 -30.23 -88.48
N GLY D 248 -11.11 -30.87 -88.91
CA GLY D 248 -11.52 -30.87 -90.33
C GLY D 248 -10.35 -31.30 -91.20
N LYS D 249 -10.10 -30.55 -92.27
CA LYS D 249 -8.94 -30.76 -93.14
C LYS D 249 -7.92 -29.62 -93.00
N ASP D 250 -8.06 -28.82 -91.94
CA ASP D 250 -7.29 -27.60 -91.77
C ASP D 250 -5.79 -27.81 -91.60
N ASN D 251 -5.01 -26.87 -92.13
CA ASN D 251 -3.57 -26.81 -91.88
C ASN D 251 -3.29 -25.93 -90.64
N ILE D 252 -2.02 -25.83 -90.27
CA ILE D 252 -1.59 -25.03 -89.11
C ILE D 252 -2.09 -23.58 -89.12
N GLU D 253 -2.01 -22.93 -90.28
CA GLU D 253 -2.45 -21.53 -90.45
C GLU D 253 -3.95 -21.34 -90.16
N GLN D 254 -4.76 -22.24 -90.71
CA GLN D 254 -6.20 -22.19 -90.53
C GLN D 254 -6.63 -22.46 -89.08
N LEU D 255 -6.00 -23.45 -88.43
CA LEU D 255 -6.37 -23.76 -87.04
C LEU D 255 -5.93 -22.66 -86.10
N ALA D 256 -4.75 -22.08 -86.36
CA ALA D 256 -4.25 -20.93 -85.62
C ALA D 256 -5.26 -19.76 -85.61
N GLN D 257 -5.84 -19.50 -86.78
CA GLN D 257 -6.78 -18.39 -86.93
C GLN D 257 -8.07 -18.66 -86.17
N LYS D 258 -8.51 -19.91 -86.18
CA LYS D 258 -9.73 -20.29 -85.49
C LYS D 258 -9.56 -20.22 -83.98
N GLY D 259 -8.41 -20.65 -83.48
CA GLY D 259 -8.12 -20.58 -82.07
C GLY D 259 -7.98 -19.14 -81.61
N LYS D 260 -7.38 -18.31 -82.45
CA LYS D 260 -7.14 -16.91 -82.16
C LYS D 260 -8.47 -16.20 -82.06
N ASP D 261 -9.37 -16.47 -83.01
CA ASP D 261 -10.74 -15.95 -83.01
C ASP D 261 -11.50 -16.40 -81.76
N ALA D 262 -11.37 -17.68 -81.40
CA ALA D 262 -12.03 -18.22 -80.20
C ALA D 262 -11.58 -17.45 -78.96
N TRP D 263 -10.29 -17.20 -78.85
CA TRP D 263 -9.77 -16.41 -77.74
C TRP D 263 -10.18 -14.94 -77.78
N ASN D 264 -10.12 -14.30 -78.95
CA ASN D 264 -10.53 -12.89 -79.06
C ASN D 264 -12.02 -12.68 -78.74
N GLN D 265 -12.84 -13.68 -79.06
CA GLN D 265 -14.26 -13.66 -78.74
C GLN D 265 -14.51 -13.58 -77.21
N VAL D 266 -13.76 -14.35 -76.42
CA VAL D 266 -13.89 -14.27 -74.95
C VAL D 266 -13.10 -13.10 -74.31
N LEU D 267 -11.86 -12.90 -74.71
CA LEU D 267 -11.04 -11.80 -74.19
C LEU D 267 -11.68 -10.42 -74.45
N GLY D 268 -12.26 -10.28 -75.64
CA GLY D 268 -12.90 -9.04 -76.08
C GLY D 268 -14.15 -8.63 -75.33
N LYS D 269 -14.69 -9.53 -74.52
CA LYS D 269 -15.83 -9.18 -73.67
C LYS D 269 -15.45 -8.06 -72.70
N ILE D 270 -14.15 -7.85 -72.50
CA ILE D 270 -13.63 -6.76 -71.66
C ILE D 270 -12.53 -5.96 -72.37
N GLU D 271 -12.85 -4.74 -72.78
CA GLU D 271 -11.87 -3.89 -73.47
C GLU D 271 -11.36 -2.81 -72.55
N VAL D 272 -10.04 -2.77 -72.38
CA VAL D 272 -9.40 -1.73 -71.55
C VAL D 272 -8.49 -0.82 -72.38
N GLU D 273 -8.45 0.44 -71.99
CA GLU D 273 -7.76 1.52 -72.70
C GLU D 273 -7.12 2.52 -71.75
N GLY D 274 -6.14 3.26 -72.26
CA GLY D 274 -5.46 4.29 -71.49
C GLY D 274 -4.52 3.77 -70.41
N GLY D 275 -3.90 2.62 -70.64
CA GLY D 275 -2.88 2.10 -69.74
C GLY D 275 -1.55 1.96 -70.46
N ASN D 276 -0.58 1.33 -69.79
CA ASN D 276 0.70 1.06 -70.44
C ASN D 276 0.77 -0.39 -70.92
N LEU D 277 1.81 -0.73 -71.66
CA LEU D 277 1.92 -2.06 -72.26
C LEU D 277 2.05 -3.20 -71.23
N ASP D 278 2.73 -2.93 -70.11
CA ASP D 278 2.82 -3.89 -69.00
C ASP D 278 1.44 -4.27 -68.48
N GLN D 279 0.59 -3.27 -68.32
CA GLN D 279 -0.72 -3.45 -67.75
C GLN D 279 -1.63 -4.21 -68.70
N TYR D 280 -1.57 -3.88 -70.00
CA TYR D 280 -2.34 -4.65 -70.97
C TYR D 280 -1.96 -6.13 -70.89
N ARG D 281 -0.66 -6.41 -70.92
CA ARG D 281 -0.12 -7.76 -70.83
C ARG D 281 -0.51 -8.49 -69.54
N THR D 282 -0.39 -7.81 -68.40
CA THR D 282 -0.80 -8.41 -67.13
C THR D 282 -2.31 -8.71 -67.11
N PHE D 283 -3.11 -7.74 -67.55
CA PHE D 283 -4.56 -7.85 -67.52
C PHE D 283 -5.07 -9.00 -68.42
N TYR D 284 -4.62 -9.03 -69.67
CA TYR D 284 -5.06 -10.06 -70.64
C TYR D 284 -4.45 -11.43 -70.41
N SER D 285 -3.22 -11.48 -69.87
CA SER D 285 -2.68 -12.75 -69.39
C SER D 285 -3.51 -13.34 -68.25
N CYS D 286 -3.91 -12.48 -67.31
CA CYS D 286 -4.76 -12.89 -66.19
C CYS D 286 -6.13 -13.32 -66.68
N LEU D 287 -6.68 -12.62 -67.66
CA LEU D 287 -7.99 -13.00 -68.19
C LEU D 287 -7.90 -14.36 -68.87
N TYR D 288 -6.84 -14.58 -69.62
CA TYR D 288 -6.58 -15.88 -70.25
C TYR D 288 -6.59 -17.00 -69.20
N ARG D 289 -5.93 -16.76 -68.06
CA ARG D 289 -5.86 -17.74 -66.97
C ARG D 289 -7.20 -17.99 -66.30
N SER D 290 -8.12 -17.02 -66.41
CA SER D 290 -9.47 -17.13 -65.85
C SER D 290 -10.48 -17.89 -66.71
N LEU D 291 -10.03 -18.40 -67.86
CA LEU D 291 -10.92 -19.01 -68.83
C LEU D 291 -10.39 -20.39 -69.22
N LEU D 292 -9.71 -21.04 -68.28
CA LEU D 292 -9.13 -22.38 -68.50
C LEU D 292 -9.78 -23.48 -67.65
N PHE D 293 -9.98 -23.18 -66.36
CA PHE D 293 -10.48 -24.15 -65.39
C PHE D 293 -11.81 -23.70 -64.80
N PRO D 294 -12.71 -24.64 -64.47
CA PRO D 294 -12.62 -26.07 -64.74
C PRO D 294 -12.74 -26.39 -66.24
N ARG D 295 -12.02 -27.42 -66.68
CA ARG D 295 -12.07 -27.84 -68.08
C ARG D 295 -13.36 -28.58 -68.41
N LYS D 296 -13.78 -28.52 -69.68
CA LYS D 296 -14.82 -29.43 -70.20
C LYS D 296 -14.37 -30.89 -70.02
N PHE D 297 -15.28 -31.76 -69.61
CA PHE D 297 -14.98 -33.18 -69.48
C PHE D 297 -16.05 -33.97 -70.24
N TYR D 298 -16.82 -33.28 -71.08
CA TYR D 298 -17.79 -33.96 -71.92
C TYR D 298 -17.36 -33.97 -73.39
N GLU D 299 -17.96 -34.88 -74.14
CA GLU D 299 -17.65 -35.08 -75.53
C GLU D 299 -18.99 -35.14 -76.29
N LEU D 300 -18.97 -34.92 -77.60
CA LEU D 300 -20.19 -34.83 -78.38
C LEU D 300 -20.48 -36.14 -79.12
N ASP D 301 -21.70 -36.66 -78.98
CA ASP D 301 -22.07 -37.87 -79.72
C ASP D 301 -22.37 -37.61 -81.21
N ALA D 302 -22.88 -38.64 -81.90
CA ALA D 302 -23.23 -38.54 -83.32
C ALA D 302 -24.36 -37.55 -83.63
N ASN D 303 -25.14 -37.17 -82.62
CA ASN D 303 -26.22 -36.18 -82.81
C ASN D 303 -25.85 -34.82 -82.28
N GLY D 304 -24.60 -34.67 -81.85
CA GLY D 304 -24.12 -33.39 -81.33
C GLY D 304 -24.49 -33.14 -79.88
N GLN D 305 -24.89 -34.20 -79.18
CA GLN D 305 -25.31 -34.10 -77.77
C GLN D 305 -24.18 -34.38 -76.79
N PRO D 306 -24.16 -33.67 -75.64
CA PRO D 306 -23.14 -33.90 -74.61
C PRO D 306 -23.22 -35.28 -73.95
N ILE D 307 -22.09 -35.97 -73.91
CA ILE D 307 -21.91 -37.21 -73.15
C ILE D 307 -20.56 -37.18 -72.42
N HIS D 308 -20.45 -37.92 -71.33
CA HIS D 308 -19.21 -37.93 -70.57
C HIS D 308 -18.93 -39.28 -69.93
N TYR D 309 -17.67 -39.68 -69.96
CA TYR D 309 -17.16 -40.68 -69.03
C TYR D 309 -17.22 -40.04 -67.64
N SER D 310 -17.76 -40.78 -66.68
CA SER D 310 -17.81 -40.33 -65.28
C SER D 310 -16.52 -40.63 -64.52
N PRO D 311 -15.79 -39.57 -64.10
CA PRO D 311 -14.61 -39.81 -63.25
C PRO D 311 -15.03 -40.15 -61.81
N TYR D 312 -16.33 -40.21 -61.57
CA TYR D 312 -16.85 -40.53 -60.26
C TYR D 312 -17.31 -41.98 -60.13
N ASN D 313 -17.86 -42.55 -61.20
CA ASN D 313 -18.36 -43.93 -61.15
C ASN D 313 -17.98 -44.80 -62.34
N GLY D 314 -17.24 -44.24 -63.28
CA GLY D 314 -16.69 -45.03 -64.38
C GLY D 314 -17.67 -45.39 -65.49
N GLN D 315 -18.93 -44.98 -65.37
CA GLN D 315 -19.90 -45.18 -66.45
C GLN D 315 -19.84 -44.06 -67.48
N VAL D 316 -20.38 -44.31 -68.67
CA VAL D 316 -20.50 -43.27 -69.69
C VAL D 316 -21.96 -42.79 -69.71
N LEU D 317 -22.17 -41.53 -69.35
CA LEU D 317 -23.51 -40.99 -69.14
C LEU D 317 -23.79 -39.73 -69.96
N PRO D 318 -25.08 -39.45 -70.25
CA PRO D 318 -25.44 -38.21 -70.93
C PRO D 318 -25.23 -36.96 -70.08
N GLY D 319 -24.98 -35.84 -70.74
CA GLY D 319 -25.01 -34.55 -70.08
C GLY D 319 -23.66 -33.90 -69.88
N TYR D 320 -23.65 -32.73 -69.27
CA TYR D 320 -22.45 -31.97 -69.03
C TYR D 320 -21.61 -32.52 -67.88
N MET D 321 -20.31 -32.27 -67.95
CA MET D 321 -19.33 -32.61 -66.92
C MET D 321 -18.09 -31.69 -67.08
N PHE D 322 -17.62 -31.14 -65.95
CA PHE D 322 -16.42 -30.32 -65.88
C PHE D 322 -15.61 -30.78 -64.67
N THR D 323 -14.32 -30.48 -64.66
CA THR D 323 -13.46 -30.83 -63.54
C THR D 323 -12.14 -30.04 -63.53
N ASP D 324 -11.29 -30.36 -62.56
CA ASP D 324 -9.99 -29.72 -62.34
C ASP D 324 -10.11 -28.31 -61.81
N THR D 325 -10.75 -28.19 -60.66
CA THR D 325 -10.80 -26.95 -59.91
C THR D 325 -10.98 -27.27 -58.43
N GLY D 326 -10.45 -26.40 -57.58
CA GLY D 326 -10.68 -26.50 -56.13
C GLY D 326 -11.51 -25.33 -55.65
N PHE D 327 -12.74 -25.58 -55.22
CA PHE D 327 -13.64 -24.47 -54.86
C PHE D 327 -13.10 -23.62 -53.72
N TRP D 328 -12.25 -24.21 -52.88
CA TRP D 328 -11.61 -23.47 -51.80
C TRP D 328 -10.88 -22.25 -52.36
N ASP D 329 -10.31 -22.40 -53.56
CA ASP D 329 -9.71 -21.29 -54.30
C ASP D 329 -10.80 -20.46 -54.95
N THR D 330 -11.61 -21.12 -55.79
CA THR D 330 -12.35 -20.44 -56.87
C THR D 330 -13.77 -19.98 -56.55
N PHE D 331 -14.26 -20.19 -55.33
CA PHE D 331 -15.54 -19.60 -54.95
C PHE D 331 -15.40 -18.09 -54.80
N ARG D 332 -14.18 -17.64 -54.51
CA ARG D 332 -13.90 -16.29 -54.07
C ARG D 332 -14.15 -15.24 -55.15
N CYS D 333 -13.58 -15.40 -56.33
CA CYS D 333 -13.91 -14.51 -57.46
C CYS D 333 -13.87 -15.13 -58.84
N LEU D 334 -13.30 -16.33 -58.98
CA LEU D 334 -13.22 -16.95 -60.30
C LEU D 334 -14.63 -17.27 -60.85
N PHE D 335 -15.39 -18.08 -60.11
CA PHE D 335 -16.76 -18.36 -60.49
C PHE D 335 -17.66 -17.10 -60.54
N PRO D 336 -17.48 -16.15 -59.60
CA PRO D 336 -18.17 -14.87 -59.78
C PRO D 336 -17.85 -14.12 -61.06
N LEU D 337 -16.61 -14.17 -61.54
CA LEU D 337 -16.27 -13.59 -62.85
C LEU D 337 -17.09 -14.24 -63.98
N LEU D 338 -17.30 -15.56 -63.91
CA LEU D 338 -18.11 -16.25 -64.92
C LEU D 338 -19.56 -15.81 -64.84
N ASN D 339 -20.08 -15.62 -63.63
CA ASN D 339 -21.46 -15.15 -63.49
C ASN D 339 -21.69 -13.73 -64.02
N LEU D 340 -20.66 -12.90 -63.97
CA LEU D 340 -20.73 -11.57 -64.55
C LEU D 340 -20.61 -11.59 -66.10
N MET D 341 -19.55 -12.20 -66.61
CA MET D 341 -19.16 -12.05 -68.01
C MET D 341 -19.42 -13.25 -68.92
N TYR D 342 -19.50 -14.45 -68.33
CA TYR D 342 -19.62 -15.69 -69.11
C TYR D 342 -20.69 -16.68 -68.55
N PRO D 343 -21.92 -16.19 -68.28
CA PRO D 343 -22.89 -17.02 -67.54
C PRO D 343 -23.38 -18.27 -68.27
N SER D 344 -23.45 -18.22 -69.59
CA SER D 344 -23.80 -19.39 -70.40
C SER D 344 -22.80 -20.53 -70.21
N VAL D 345 -21.55 -20.19 -69.91
CA VAL D 345 -20.51 -21.18 -69.66
C VAL D 345 -20.70 -21.79 -68.27
N ASN D 346 -20.94 -20.94 -67.28
CA ASN D 346 -21.21 -21.44 -65.93
C ASN D 346 -22.49 -22.26 -65.85
N LYS D 347 -23.46 -21.95 -66.73
CA LYS D 347 -24.65 -22.80 -66.85
C LYS D 347 -24.28 -24.25 -67.10
N GLU D 348 -23.43 -24.49 -68.10
CA GLU D 348 -22.90 -25.84 -68.36
C GLU D 348 -22.20 -26.44 -67.14
N MET D 349 -21.37 -25.62 -66.49
CA MET D 349 -20.60 -26.06 -65.31
C MET D 349 -21.48 -26.47 -64.13
N GLN D 350 -22.50 -25.66 -63.85
CA GLN D 350 -23.48 -25.97 -62.81
C GLN D 350 -24.27 -27.25 -63.12
N GLU D 351 -24.67 -27.45 -64.38
CA GLU D 351 -25.28 -28.71 -64.78
C GLU D 351 -24.33 -29.89 -64.55
N GLY D 352 -23.02 -29.63 -64.72
CA GLY D 352 -21.98 -30.65 -64.47
C GLY D 352 -21.87 -31.04 -63.01
N LEU D 353 -22.14 -30.07 -62.14
CA LEU D 353 -22.14 -30.31 -60.69
C LEU D 353 -23.35 -31.15 -60.26
N ILE D 354 -24.52 -30.88 -60.86
CA ILE D 354 -25.70 -31.72 -60.65
C ILE D 354 -25.33 -33.17 -60.95
N ASN D 355 -24.76 -33.40 -62.15
CA ASN D 355 -24.29 -34.73 -62.55
C ASN D 355 -23.23 -35.33 -61.62
N THR D 356 -22.33 -34.49 -61.11
CA THR D 356 -21.33 -34.92 -60.14
C THR D 356 -22.00 -35.46 -58.88
N TYR D 357 -23.04 -34.76 -58.44
CA TYR D 357 -23.80 -35.20 -57.28
C TYR D 357 -24.51 -36.53 -57.56
N LEU D 358 -25.17 -36.63 -58.71
CA LEU D 358 -25.92 -37.83 -59.09
C LEU D 358 -25.03 -39.07 -59.23
N GLU D 359 -23.79 -38.86 -59.66
CA GLU D 359 -22.86 -39.95 -59.96
C GLU D 359 -22.00 -40.38 -58.76
N SER D 360 -21.83 -39.46 -57.80
CA SER D 360 -20.94 -39.67 -56.65
C SER D 360 -21.61 -39.60 -55.26
N GLY D 361 -22.78 -38.98 -55.18
CA GLY D 361 -23.43 -38.75 -53.88
C GLY D 361 -22.95 -37.51 -53.13
N PHE D 362 -21.96 -36.81 -53.69
CA PHE D 362 -21.46 -35.57 -53.12
C PHE D 362 -21.22 -34.51 -54.20
N PHE D 363 -21.46 -33.26 -53.84
CA PHE D 363 -20.92 -32.15 -54.59
C PHE D 363 -19.39 -32.14 -54.35
N PRO D 364 -18.63 -31.68 -55.35
CA PRO D 364 -17.19 -31.67 -55.18
C PRO D 364 -16.69 -30.48 -54.39
N GLU D 365 -15.49 -30.60 -53.84
CA GLU D 365 -14.77 -29.44 -53.34
C GLU D 365 -13.48 -29.31 -54.13
N TRP D 366 -12.58 -30.29 -53.98
CA TRP D 366 -11.46 -30.47 -54.91
C TRP D 366 -11.70 -31.66 -55.81
N ALA D 367 -11.65 -31.41 -57.12
CA ALA D 367 -11.88 -32.45 -58.11
C ALA D 367 -10.83 -32.40 -59.20
N SER D 368 -10.16 -33.55 -59.39
CA SER D 368 -9.15 -33.74 -60.43
C SER D 368 -8.81 -35.21 -60.67
N PRO D 369 -9.53 -35.91 -61.56
CA PRO D 369 -10.79 -35.58 -62.23
C PRO D 369 -11.98 -35.86 -61.32
N GLY D 370 -11.87 -36.88 -60.48
CA GLY D 370 -12.85 -37.19 -59.44
C GLY D 370 -12.49 -36.58 -58.10
N HIS D 371 -13.12 -37.07 -57.03
CA HIS D 371 -12.92 -36.47 -55.70
C HIS D 371 -11.49 -36.65 -55.19
N ARG D 372 -10.85 -35.55 -54.79
CA ARG D 372 -9.46 -35.56 -54.33
C ARG D 372 -9.33 -34.90 -52.96
N GLY D 373 -8.51 -35.50 -52.10
CA GLY D 373 -8.30 -35.01 -50.74
C GLY D 373 -7.38 -33.81 -50.66
N CYS D 374 -7.97 -32.62 -50.56
CA CYS D 374 -7.20 -31.37 -50.61
C CYS D 374 -8.03 -30.18 -50.15
N MET D 375 -7.43 -29.38 -49.26
CA MET D 375 -8.03 -28.15 -48.70
C MET D 375 -9.24 -28.40 -47.78
N VAL D 376 -10.06 -27.37 -47.57
CA VAL D 376 -11.12 -27.41 -46.56
C VAL D 376 -12.37 -26.66 -47.01
N GLY D 377 -13.41 -26.69 -46.18
CA GLY D 377 -14.62 -25.94 -46.42
C GLY D 377 -15.69 -26.77 -47.11
N ASN D 378 -16.89 -26.23 -47.12
CA ASN D 378 -18.00 -26.76 -47.92
C ASN D 378 -18.40 -25.65 -48.91
N ASN D 379 -17.39 -25.06 -49.56
CA ASN D 379 -17.62 -23.89 -50.43
C ASN D 379 -18.34 -24.13 -51.77
N SER D 380 -18.54 -25.40 -52.12
CA SER D 380 -19.49 -25.76 -53.17
C SER D 380 -20.82 -25.03 -52.98
N ALA D 381 -21.21 -24.81 -51.72
CA ALA D 381 -22.44 -24.10 -51.40
C ALA D 381 -22.44 -22.67 -51.92
N SER D 382 -21.29 -21.99 -51.79
CA SER D 382 -21.11 -20.67 -52.40
C SER D 382 -21.22 -20.70 -53.93
N ILE D 383 -20.52 -21.64 -54.57
CA ILE D 383 -20.57 -21.81 -56.02
C ILE D 383 -22.00 -21.95 -56.52
N LEU D 384 -22.74 -22.86 -55.89
CA LEU D 384 -24.07 -23.24 -56.35
C LEU D 384 -25.08 -22.14 -56.15
N VAL D 385 -25.03 -21.50 -54.98
CA VAL D 385 -26.00 -20.48 -54.60
C VAL D 385 -25.74 -19.14 -55.30
N ASP D 386 -24.47 -18.74 -55.44
CA ASP D 386 -24.13 -17.52 -56.18
C ASP D 386 -24.67 -17.57 -57.61
N ALA D 387 -24.44 -18.71 -58.28
CA ALA D 387 -24.97 -18.94 -59.62
C ALA D 387 -26.50 -18.78 -59.66
N TYR D 388 -27.18 -19.53 -58.80
CA TYR D 388 -28.64 -19.50 -58.75
C TYR D 388 -29.22 -18.12 -58.52
N MET D 389 -28.61 -17.37 -57.59
CA MET D 389 -29.10 -16.03 -57.24
C MET D 389 -28.75 -14.98 -58.30
N LYS D 390 -27.89 -15.35 -59.23
CA LYS D 390 -27.54 -14.47 -60.35
C LYS D 390 -28.21 -14.94 -61.64
N GLY D 391 -29.25 -15.75 -61.50
CA GLY D 391 -30.03 -16.25 -62.63
C GLY D 391 -29.37 -17.29 -63.52
N VAL D 392 -28.33 -17.95 -63.02
CA VAL D 392 -27.76 -19.11 -63.70
C VAL D 392 -28.36 -20.28 -62.95
N LYS D 393 -29.49 -20.77 -63.47
CA LYS D 393 -30.32 -21.71 -62.74
C LYS D 393 -30.42 -23.07 -63.41
N VAL D 394 -29.96 -24.09 -62.70
CA VAL D 394 -30.08 -25.47 -63.16
C VAL D 394 -31.56 -25.89 -63.23
N ASP D 395 -31.86 -26.87 -64.08
CA ASP D 395 -33.19 -27.46 -64.15
C ASP D 395 -33.59 -28.07 -62.80
N ASP D 396 -32.70 -28.92 -62.29
CA ASP D 396 -33.00 -29.81 -61.19
C ASP D 396 -32.72 -29.18 -59.83
N ILE D 397 -33.60 -28.28 -59.41
CA ILE D 397 -33.46 -27.61 -58.13
CA ILE D 397 -33.50 -27.59 -58.14
C ILE D 397 -33.67 -28.56 -56.96
N LYS D 398 -34.48 -29.58 -57.15
CA LYS D 398 -34.69 -30.61 -56.13
C LYS D 398 -33.36 -31.25 -55.72
N THR D 399 -32.63 -31.78 -56.69
CA THR D 399 -31.29 -32.30 -56.46
C THR D 399 -30.35 -31.23 -55.87
N LEU D 400 -30.41 -30.01 -56.40
CA LEU D 400 -29.57 -28.93 -55.90
C LEU D 400 -29.74 -28.74 -54.38
N TYR D 401 -30.98 -28.51 -53.96
CA TYR D 401 -31.27 -28.27 -52.57
C TYR D 401 -30.94 -29.48 -51.67
N GLU D 402 -31.43 -30.65 -52.06
CA GLU D 402 -31.19 -31.88 -51.32
C GLU D 402 -29.68 -32.20 -51.20
N GLY D 403 -28.95 -31.97 -52.30
CA GLY D 403 -27.51 -32.17 -52.31
C GLY D 403 -26.76 -31.27 -51.35
N LEU D 404 -27.18 -30.01 -51.24
CA LEU D 404 -26.63 -29.06 -50.29
C LEU D 404 -26.87 -29.50 -48.85
N ILE D 405 -28.09 -29.92 -48.54
CA ILE D 405 -28.43 -30.42 -47.20
C ILE D 405 -27.55 -31.62 -46.85
N HIS D 406 -27.46 -32.57 -47.78
CA HIS D 406 -26.64 -33.74 -47.63
C HIS D 406 -25.20 -33.42 -47.23
N GLY D 407 -24.60 -32.42 -47.87
CA GLY D 407 -23.23 -32.01 -47.58
C GLY D 407 -23.02 -31.55 -46.15
N THR D 408 -24.04 -30.93 -45.55
CA THR D 408 -23.98 -30.39 -44.20
C THR D 408 -23.97 -31.45 -43.09
N GLU D 409 -24.34 -32.69 -43.44
CA GLU D 409 -24.39 -33.74 -42.42
C GLU D 409 -23.77 -35.07 -42.82
N ASN D 410 -22.88 -35.04 -43.81
CA ASN D 410 -22.11 -36.21 -44.21
C ASN D 410 -20.70 -35.82 -44.62
N VAL D 411 -19.77 -36.75 -44.48
CA VAL D 411 -18.43 -36.59 -45.03
C VAL D 411 -18.08 -37.85 -45.83
N HIS D 412 -17.40 -37.68 -46.96
CA HIS D 412 -17.00 -38.80 -47.82
C HIS D 412 -16.08 -39.77 -47.07
N PRO D 413 -16.31 -41.09 -47.19
CA PRO D 413 -15.55 -42.05 -46.38
C PRO D 413 -14.06 -42.11 -46.70
N GLU D 414 -13.67 -41.72 -47.91
CA GLU D 414 -12.27 -41.78 -48.31
C GLU D 414 -11.65 -40.41 -48.56
N VAL D 415 -12.50 -39.42 -48.84
CA VAL D 415 -12.01 -38.07 -49.17
C VAL D 415 -12.51 -37.06 -48.13
N SER D 416 -11.68 -36.81 -47.11
CA SER D 416 -12.09 -35.97 -45.97
C SER D 416 -12.47 -34.53 -46.33
N SER D 417 -11.96 -34.04 -47.46
CA SER D 417 -12.28 -32.68 -47.91
C SER D 417 -13.59 -32.58 -48.71
N THR D 418 -14.22 -33.72 -48.97
CA THR D 418 -15.50 -33.78 -49.67
C THR D 418 -16.62 -34.06 -48.65
N GLY D 419 -17.62 -33.19 -48.63
CA GLY D 419 -18.55 -33.09 -47.50
C GLY D 419 -17.95 -32.27 -46.36
N ARG D 420 -18.45 -32.47 -45.14
CA ARG D 420 -17.99 -31.70 -44.00
C ARG D 420 -17.32 -32.55 -42.91
N LEU D 421 -16.00 -32.62 -42.91
CA LEU D 421 -15.30 -33.23 -41.79
C LEU D 421 -15.63 -32.39 -40.55
N GLY D 422 -16.02 -33.07 -39.47
CA GLY D 422 -16.39 -32.44 -38.20
C GLY D 422 -17.81 -31.89 -38.03
N TYR D 423 -18.71 -32.22 -38.95
CA TYR D 423 -20.11 -31.73 -38.89
C TYR D 423 -20.82 -32.06 -37.56
N GLU D 424 -20.48 -33.20 -36.95
CA GLU D 424 -21.13 -33.61 -35.70
C GLU D 424 -20.86 -32.59 -34.62
N TYR D 425 -19.59 -32.27 -34.41
CA TYR D 425 -19.18 -31.25 -33.46
C TYR D 425 -19.75 -29.87 -33.79
N TYR D 426 -19.65 -29.49 -35.06
CA TYR D 426 -20.12 -28.19 -35.55
C TYR D 426 -21.62 -28.00 -35.34
N ASN D 427 -22.41 -29.00 -35.74
CA ASN D 427 -23.87 -28.95 -35.59
C ASN D 427 -24.34 -28.96 -34.13
N LYS D 428 -23.58 -29.64 -33.27
CA LYS D 428 -23.90 -29.73 -31.84
C LYS D 428 -23.43 -28.51 -31.05
N LEU D 429 -22.18 -28.09 -31.29
CA LEU D 429 -21.53 -27.08 -30.46
C LEU D 429 -21.45 -25.69 -31.09
N GLY D 430 -21.57 -25.62 -32.42
CA GLY D 430 -21.43 -24.35 -33.13
C GLY D 430 -20.02 -24.07 -33.62
N TYR D 431 -19.12 -25.03 -33.44
CA TYR D 431 -17.75 -24.94 -33.93
C TYR D 431 -17.09 -26.32 -33.98
N VAL D 432 -16.04 -26.46 -34.79
CA VAL D 432 -15.21 -27.66 -34.77
C VAL D 432 -14.09 -27.38 -33.78
N PRO D 433 -14.00 -28.19 -32.71
CA PRO D 433 -13.02 -27.92 -31.64
C PRO D 433 -11.57 -28.05 -32.07
N TYR D 434 -10.69 -27.46 -31.26
CA TYR D 434 -9.25 -27.45 -31.47
C TYR D 434 -8.57 -28.74 -31.01
N ASP D 435 -9.24 -29.50 -30.13
CA ASP D 435 -8.62 -30.61 -29.42
C ASP D 435 -9.34 -31.95 -29.63
N VAL D 436 -9.72 -32.24 -30.87
CA VAL D 436 -10.49 -33.46 -31.18
C VAL D 436 -9.95 -34.23 -32.40
N LYS D 437 -8.67 -34.01 -32.72
CA LYS D 437 -8.00 -34.70 -33.83
C LYS D 437 -8.52 -34.27 -35.20
N ILE D 438 -9.12 -33.08 -35.28
CA ILE D 438 -9.52 -32.51 -36.56
C ILE D 438 -8.76 -31.22 -36.82
N ASN D 439 -7.71 -31.35 -37.62
CA ASN D 439 -6.84 -30.23 -37.94
C ASN D 439 -7.56 -29.16 -38.76
N GLU D 440 -7.09 -27.91 -38.59
CA GLU D 440 -7.56 -26.75 -39.36
C GLU D 440 -9.02 -26.44 -39.03
N ASN D 441 -9.35 -26.72 -37.77
CA ASN D 441 -10.70 -26.62 -37.21
C ASN D 441 -11.32 -25.23 -37.21
N ALA D 442 -10.50 -24.20 -37.06
CA ALA D 442 -10.97 -22.83 -37.03
C ALA D 442 -11.28 -22.31 -38.43
N ALA D 443 -10.46 -22.73 -39.40
CA ALA D 443 -10.68 -22.36 -40.80
C ALA D 443 -11.94 -23.04 -41.33
N ARG D 444 -12.09 -24.33 -41.04
CA ARG D 444 -13.30 -25.09 -41.35
C ARG D 444 -14.56 -24.41 -40.80
N THR D 445 -14.51 -24.01 -39.54
CA THR D 445 -15.65 -23.38 -38.87
C THR D 445 -16.10 -22.08 -39.55
N LEU D 446 -15.15 -21.19 -39.82
CA LEU D 446 -15.44 -19.89 -40.41
C LEU D 446 -16.05 -20.01 -41.81
N GLU D 447 -15.46 -20.88 -42.63
CA GLU D 447 -15.97 -21.11 -43.99
C GLU D 447 -17.32 -21.86 -43.97
N TYR D 448 -17.49 -22.80 -43.03
CA TYR D 448 -18.79 -23.47 -42.82
C TYR D 448 -19.88 -22.45 -42.52
N ALA D 449 -19.57 -21.50 -41.63
CA ALA D 449 -20.51 -20.45 -41.28
C ALA D 449 -20.93 -19.67 -42.52
N TYR D 450 -19.96 -19.30 -43.34
CA TYR D 450 -20.28 -18.61 -44.59
C TYR D 450 -21.08 -19.51 -45.54
N ASP D 451 -20.72 -20.79 -45.62
CA ASP D 451 -21.45 -21.77 -46.45
C ASP D 451 -22.89 -21.92 -45.98
N ASP D 452 -23.12 -21.79 -44.67
CA ASP D 452 -24.44 -21.90 -44.11
C ASP D 452 -25.31 -20.68 -44.40
N TRP D 453 -24.71 -19.48 -44.38
CA TRP D 453 -25.36 -18.27 -44.87
C TRP D 453 -25.81 -18.42 -46.33
N CYS D 454 -24.98 -19.04 -47.17
CA CYS D 454 -25.33 -19.31 -48.57
C CYS D 454 -26.57 -20.22 -48.66
N ILE D 455 -26.59 -21.29 -47.86
CA ILE D 455 -27.75 -22.20 -47.82
C ILE D 455 -29.00 -21.47 -47.31
N TYR D 456 -28.84 -20.69 -46.25
CA TYR D 456 -29.88 -19.78 -45.77
C TYR D 456 -30.50 -18.95 -46.90
N ARG D 457 -29.66 -18.27 -47.66
CA ARG D 457 -30.10 -17.46 -48.79
C ARG D 457 -31.00 -18.23 -49.74
N LEU D 458 -30.59 -19.44 -50.08
CA LEU D 458 -31.35 -20.27 -51.00
C LEU D 458 -32.62 -20.80 -50.35
N ALA D 459 -32.55 -21.16 -49.06
CA ALA D 459 -33.72 -21.68 -48.36
C ALA D 459 -34.84 -20.64 -48.25
N LYS D 460 -34.47 -19.39 -47.99
CA LYS D 460 -35.41 -18.27 -47.96
C LYS D 460 -36.01 -17.99 -49.34
N GLU D 461 -35.15 -17.90 -50.35
CA GLU D 461 -35.57 -17.76 -51.74
C GLU D 461 -36.57 -18.86 -52.14
N LEU D 462 -36.30 -20.10 -51.77
CA LEU D 462 -37.19 -21.23 -52.09
C LEU D 462 -38.48 -21.27 -51.27
N LYS D 463 -38.54 -20.42 -50.23
CA LYS D 463 -39.64 -20.41 -49.25
C LYS D 463 -39.78 -21.74 -48.52
N ARG D 464 -38.64 -22.28 -48.09
CA ARG D 464 -38.58 -23.48 -47.27
C ARG D 464 -39.28 -23.23 -45.91
N PRO D 465 -39.67 -24.32 -45.20
CA PRO D 465 -40.30 -24.14 -43.89
C PRO D 465 -39.46 -23.24 -42.97
N LYS D 466 -40.14 -22.35 -42.26
CA LYS D 466 -39.50 -21.44 -41.30
C LYS D 466 -38.39 -22.08 -40.44
N LYS D 467 -38.62 -23.31 -40.00
CA LYS D 467 -37.65 -24.06 -39.18
C LYS D 467 -36.31 -24.36 -39.89
N GLU D 468 -36.36 -24.59 -41.19
CA GLU D 468 -35.16 -24.76 -41.99
C GLU D 468 -34.43 -23.43 -42.16
N ILE D 469 -35.15 -22.41 -42.62
CA ILE D 469 -34.59 -21.05 -42.76
C ILE D 469 -33.87 -20.63 -41.47
N SER D 470 -34.50 -20.89 -40.32
CA SER D 470 -33.95 -20.52 -39.01
C SER D 470 -32.69 -21.29 -38.62
N LEU D 471 -32.65 -22.58 -38.93
CA LEU D 471 -31.48 -23.39 -38.63
C LEU D 471 -30.21 -22.79 -39.27
N PHE D 472 -30.30 -22.46 -40.56
CA PHE D 472 -29.15 -21.96 -41.29
C PHE D 472 -28.85 -20.50 -40.98
N ALA D 473 -29.89 -19.72 -40.68
CA ALA D 473 -29.71 -18.35 -40.19
C ALA D 473 -28.89 -18.34 -38.90
N LYS D 474 -29.16 -19.30 -38.02
CA LYS D 474 -28.40 -19.47 -36.80
C LYS D 474 -26.94 -19.91 -37.06
N ARG D 475 -26.77 -21.00 -37.82
CA ARG D 475 -25.43 -21.54 -38.12
C ARG D 475 -24.53 -20.53 -38.84
N ALA D 476 -25.14 -19.60 -39.57
CA ALA D 476 -24.40 -18.53 -40.24
C ALA D 476 -23.71 -17.59 -39.27
N MET D 477 -24.19 -17.55 -38.04
CA MET D 477 -23.57 -16.75 -36.99
C MET D 477 -22.47 -17.49 -36.24
N ASN D 478 -22.22 -18.75 -36.58
CA ASN D 478 -21.23 -19.58 -35.87
C ASN D 478 -19.80 -18.99 -35.77
N TYR D 479 -19.48 -18.04 -36.66
CA TYR D 479 -18.19 -17.35 -36.63
C TYR D 479 -17.96 -16.65 -35.29
N LYS D 480 -19.05 -16.23 -34.64
CA LYS D 480 -19.01 -15.63 -33.29
C LYS D 480 -18.37 -16.54 -32.23
N ASN D 481 -18.49 -17.84 -32.41
CA ASN D 481 -18.04 -18.82 -31.40
C ASN D 481 -16.52 -18.94 -31.26
N LEU D 482 -15.77 -18.40 -32.21
CA LEU D 482 -14.33 -18.53 -32.19
C LEU D 482 -13.64 -17.18 -32.04
N PHE D 483 -14.44 -16.14 -31.80
CA PHE D 483 -13.88 -14.81 -31.60
C PHE D 483 -13.37 -14.61 -30.17
N ASP D 484 -12.08 -14.28 -30.06
CA ASP D 484 -11.42 -13.99 -28.79
C ASP D 484 -11.42 -12.49 -28.50
N LYS D 485 -12.24 -12.10 -27.52
CA LYS D 485 -12.44 -10.70 -27.14
C LYS D 485 -11.18 -9.93 -26.73
N GLU D 486 -10.26 -10.60 -26.02
CA GLU D 486 -9.04 -9.95 -25.53
C GLU D 486 -8.02 -9.62 -26.62
N SER D 487 -7.85 -10.54 -27.58
CA SER D 487 -6.91 -10.32 -28.70
C SER D 487 -7.56 -9.71 -29.95
N LYS D 488 -8.89 -9.74 -30.00
CA LYS D 488 -9.68 -9.28 -31.14
C LYS D 488 -9.44 -10.12 -32.41
N LEU D 489 -9.13 -11.39 -32.20
CA LEU D 489 -8.81 -12.30 -33.29
C LEU D 489 -9.58 -13.60 -33.15
N MET D 490 -9.65 -14.36 -34.25
CA MET D 490 -10.18 -15.71 -34.22
C MET D 490 -9.14 -16.67 -33.64
N ARG D 491 -9.62 -17.63 -32.86
CA ARG D 491 -8.74 -18.49 -32.07
C ARG D 491 -9.41 -19.84 -31.92
N GLY D 492 -8.62 -20.90 -32.02
CA GLY D 492 -9.09 -22.25 -31.75
C GLY D 492 -9.77 -22.34 -30.40
N ARG D 493 -10.76 -23.21 -30.29
CA ARG D 493 -11.53 -23.39 -29.07
C ARG D 493 -11.68 -24.86 -28.72
N ASN D 494 -11.36 -25.22 -27.47
CA ASN D 494 -11.46 -26.61 -27.00
C ASN D 494 -12.91 -27.07 -26.91
N GLU D 495 -13.09 -28.39 -26.92
CA GLU D 495 -14.41 -29.01 -26.83
C GLU D 495 -15.21 -28.56 -25.60
N ASP D 496 -14.52 -28.35 -24.47
CA ASP D 496 -15.17 -27.91 -23.24
C ASP D 496 -15.56 -26.43 -23.23
N GLY D 497 -15.23 -25.69 -24.29
CA GLY D 497 -15.63 -24.30 -24.42
C GLY D 497 -14.53 -23.28 -24.18
N THR D 498 -13.47 -23.71 -23.49
CA THR D 498 -12.33 -22.84 -23.21
C THR D 498 -11.51 -22.58 -24.49
N PHE D 499 -11.05 -21.35 -24.66
CA PHE D 499 -10.16 -21.05 -25.78
C PHE D 499 -8.82 -21.76 -25.62
N GLN D 500 -8.24 -22.14 -26.75
CA GLN D 500 -6.95 -22.83 -26.83
C GLN D 500 -5.76 -22.03 -26.26
N SER D 501 -4.99 -22.67 -25.38
CA SER D 501 -3.76 -22.09 -24.81
C SER D 501 -2.58 -23.05 -24.99
N PRO D 502 -1.36 -22.52 -25.20
CA PRO D 502 -0.99 -21.12 -25.41
C PRO D 502 -1.29 -20.66 -26.83
N PHE D 503 -1.62 -19.37 -26.98
CA PHE D 503 -2.14 -18.86 -28.24
C PHE D 503 -1.14 -17.97 -28.93
N SER D 504 -0.81 -18.30 -30.19
CA SER D 504 -0.01 -17.41 -31.01
C SER D 504 -0.74 -17.02 -32.30
N PRO D 505 -1.06 -15.72 -32.46
CA PRO D 505 -1.72 -15.21 -33.66
C PRO D 505 -0.90 -15.40 -34.94
N LEU D 506 0.40 -15.64 -34.78
CA LEU D 506 1.33 -15.76 -35.93
C LEU D 506 1.68 -17.19 -36.36
N LYS D 507 1.16 -18.19 -35.65
CA LYS D 507 1.36 -19.58 -36.00
C LYS D 507 0.53 -19.95 -37.23
N TRP D 508 1.18 -20.55 -38.22
CA TRP D 508 0.50 -20.95 -39.44
C TRP D 508 -0.07 -22.36 -39.31
N GLY D 509 -1.19 -22.60 -39.98
CA GLY D 509 -1.82 -23.92 -39.98
C GLY D 509 -2.45 -24.24 -38.63
N ASP D 510 -2.40 -25.52 -38.27
CA ASP D 510 -2.94 -26.02 -37.01
C ASP D 510 -4.47 -25.75 -36.88
N ALA D 511 -4.84 -24.65 -36.23
CA ALA D 511 -6.24 -24.21 -36.20
C ALA D 511 -6.67 -23.68 -37.58
N PHE D 512 -5.72 -23.18 -38.36
CA PHE D 512 -6.02 -22.57 -39.66
C PHE D 512 -5.41 -23.33 -40.84
N THR D 513 -5.69 -22.87 -42.06
CA THR D 513 -5.12 -23.55 -43.25
C THR D 513 -4.25 -22.58 -44.06
N GLU D 514 -2.96 -22.90 -44.09
CA GLU D 514 -1.99 -22.14 -44.88
C GLU D 514 -2.10 -20.63 -44.58
N GLY D 515 -2.19 -20.33 -43.29
CA GLY D 515 -2.33 -18.97 -42.81
C GLY D 515 -2.33 -18.95 -41.29
N ASN D 516 -2.32 -17.76 -40.72
CA ASN D 516 -2.43 -17.61 -39.29
C ASN D 516 -3.73 -16.89 -38.95
N SER D 517 -3.92 -16.52 -37.69
CA SER D 517 -5.10 -15.80 -37.25
C SER D 517 -5.26 -14.41 -37.89
N TRP D 518 -4.13 -13.74 -38.13
CA TRP D 518 -4.13 -12.43 -38.79
C TRP D 518 -4.65 -12.49 -40.24
N HIS D 519 -4.57 -13.67 -40.84
CA HIS D 519 -5.08 -13.90 -42.20
C HIS D 519 -6.54 -14.37 -42.16
N TYR D 520 -6.83 -15.33 -41.25
CA TYR D 520 -8.15 -15.96 -41.22
C TYR D 520 -9.26 -15.19 -40.53
N THR D 521 -8.91 -14.27 -39.63
CA THR D 521 -9.91 -13.52 -38.86
C THR D 521 -10.93 -12.81 -39.78
N TRP D 522 -10.45 -12.35 -40.93
CA TRP D 522 -11.26 -11.64 -41.91
C TRP D 522 -12.28 -12.50 -42.69
N SER D 523 -12.31 -13.81 -42.42
CA SER D 523 -13.18 -14.72 -43.16
C SER D 523 -14.65 -14.72 -42.70
N VAL D 524 -15.29 -13.55 -42.79
CA VAL D 524 -16.70 -13.36 -42.45
C VAL D 524 -17.36 -12.55 -43.59
N PHE D 525 -17.26 -13.12 -44.79
CA PHE D 525 -17.70 -12.50 -46.05
C PHE D 525 -19.13 -11.97 -45.99
N HIS D 526 -20.01 -12.74 -45.36
CA HIS D 526 -21.44 -12.44 -45.29
C HIS D 526 -21.82 -11.44 -44.20
N ASP D 527 -20.93 -11.19 -43.25
CA ASP D 527 -21.28 -10.35 -42.11
C ASP D 527 -20.12 -9.51 -41.59
N PRO D 528 -19.57 -8.62 -42.44
CA PRO D 528 -18.50 -7.76 -41.95
C PRO D 528 -18.92 -6.85 -40.79
N GLN D 529 -20.16 -6.35 -40.81
CA GLN D 529 -20.64 -5.50 -39.74
C GLN D 529 -20.59 -6.23 -38.41
N GLY D 530 -21.07 -7.48 -38.38
CA GLY D 530 -20.96 -8.32 -37.19
C GLY D 530 -19.54 -8.38 -36.65
N LEU D 531 -18.57 -8.55 -37.55
CA LEU D 531 -17.18 -8.63 -37.15
C LEU D 531 -16.70 -7.29 -36.60
N ILE D 532 -17.15 -6.21 -37.22
CA ILE D 532 -16.87 -4.85 -36.76
C ILE D 532 -17.40 -4.65 -35.34
N ASP D 533 -18.60 -5.18 -35.08
CA ASP D 533 -19.19 -5.13 -33.75
C ASP D 533 -18.36 -5.92 -32.73
N LEU D 534 -17.94 -7.13 -33.11
CA LEU D 534 -17.14 -7.98 -32.21
C LEU D 534 -15.83 -7.31 -31.77
N MET D 535 -15.24 -6.53 -32.66
CA MET D 535 -14.00 -5.82 -32.37
C MET D 535 -14.21 -4.52 -31.61
N GLY D 536 -15.47 -4.11 -31.45
CA GLY D 536 -15.80 -2.93 -30.68
C GLY D 536 -16.05 -1.68 -31.49
N GLY D 537 -16.33 -1.82 -32.78
CA GLY D 537 -16.64 -0.65 -33.61
C GLY D 537 -15.68 -0.41 -34.77
N LYS D 538 -16.07 0.47 -35.67
CA LYS D 538 -15.35 0.68 -36.92
C LYS D 538 -13.94 1.21 -36.78
N GLU D 539 -13.70 1.98 -35.72
CA GLU D 539 -12.40 2.61 -35.46
CA GLU D 539 -12.39 2.60 -35.52
C GLU D 539 -11.37 1.57 -35.05
N MET D 540 -11.78 0.68 -34.15
CA MET D 540 -10.96 -0.42 -33.67
C MET D 540 -10.76 -1.48 -34.77
N PHE D 541 -11.77 -1.64 -35.63
CA PHE D 541 -11.71 -2.52 -36.80
C PHE D 541 -10.63 -2.03 -37.77
N VAL D 542 -10.66 -0.73 -38.06
CA VAL D 542 -9.66 -0.08 -38.90
C VAL D 542 -8.25 -0.21 -38.31
N THR D 543 -8.10 0.02 -37.00
CA THR D 543 -6.81 -0.15 -36.31
C THR D 543 -6.27 -1.57 -36.52
N MET D 544 -7.16 -2.55 -36.39
CA MET D 544 -6.81 -3.96 -36.58
C MET D 544 -6.37 -4.27 -38.02
N MET D 545 -7.14 -3.79 -39.00
CA MET D 545 -6.76 -3.90 -40.43
C MET D 545 -5.43 -3.23 -40.72
N ASP D 546 -5.25 -1.99 -40.26
CA ASP D 546 -4.02 -1.26 -40.48
C ASP D 546 -2.79 -2.01 -39.95
N SER D 547 -2.96 -2.77 -38.88
CA SER D 547 -1.82 -3.45 -38.28
C SER D 547 -1.34 -4.71 -39.04
N VAL D 548 -2.23 -5.36 -39.78
CA VAL D 548 -1.85 -6.42 -40.75
C VAL D 548 -0.67 -5.97 -41.64
N PHE D 549 -0.77 -4.77 -42.22
CA PHE D 549 0.30 -4.18 -43.03
C PHE D 549 1.56 -3.78 -42.25
N ALA D 550 1.39 -3.40 -40.98
CA ALA D 550 2.50 -2.88 -40.16
C ALA D 550 3.36 -3.91 -39.44
N VAL D 551 2.85 -5.13 -39.23
CA VAL D 551 3.55 -6.08 -38.36
C VAL D 551 4.57 -6.97 -39.08
N PRO D 552 5.81 -7.03 -38.56
CA PRO D 552 6.87 -7.83 -39.18
C PRO D 552 6.37 -9.20 -39.63
N PRO D 553 6.81 -9.67 -40.82
CA PRO D 553 6.30 -10.97 -41.24
C PRO D 553 7.02 -12.12 -40.52
N ILE D 554 7.07 -12.07 -39.19
CA ILE D 554 7.56 -13.22 -38.43
C ILE D 554 6.47 -14.30 -38.35
N PHE D 555 6.90 -15.56 -38.18
CA PHE D 555 6.01 -16.70 -38.33
C PHE D 555 6.45 -17.87 -37.45
N ASP D 556 5.48 -18.70 -37.09
CA ASP D 556 5.75 -19.99 -36.47
C ASP D 556 5.27 -21.06 -37.45
N ASP D 557 6.22 -21.87 -37.93
CA ASP D 557 5.98 -22.87 -38.98
C ASP D 557 5.97 -24.32 -38.49
N SER D 558 5.93 -24.51 -37.17
CA SER D 558 6.14 -25.82 -36.56
C SER D 558 5.12 -26.88 -36.99
N TYR D 559 3.91 -26.44 -37.35
CA TYR D 559 2.87 -27.34 -37.84
C TYR D 559 3.25 -28.02 -39.15
N TYR D 560 4.00 -27.31 -39.99
CA TYR D 560 4.46 -27.87 -41.27
C TYR D 560 5.85 -28.50 -41.17
N GLY D 561 6.65 -28.05 -40.21
CA GLY D 561 8.02 -28.52 -40.03
C GLY D 561 8.98 -28.10 -41.13
N GLN D 562 8.73 -26.94 -41.75
CA GLN D 562 9.58 -26.35 -42.79
C GLN D 562 8.93 -25.05 -43.24
N VAL D 563 9.74 -24.16 -43.82
CA VAL D 563 9.23 -22.91 -44.37
C VAL D 563 8.55 -23.20 -45.72
N ILE D 564 7.26 -23.55 -45.68
CA ILE D 564 6.49 -23.77 -46.90
C ILE D 564 6.47 -22.53 -47.78
N HIS D 565 6.39 -22.74 -49.10
CA HIS D 565 6.46 -21.62 -50.03
C HIS D 565 5.43 -20.51 -49.76
N GLU D 566 4.24 -20.85 -49.25
CA GLU D 566 3.26 -19.80 -48.95
C GLU D 566 3.73 -18.83 -47.89
N ILE D 567 4.50 -19.33 -46.93
CA ILE D 567 5.16 -18.47 -45.94
C ILE D 567 6.26 -17.63 -46.57
N ARG D 568 7.14 -18.28 -47.32
CA ARG D 568 8.29 -17.60 -47.91
C ARG D 568 7.85 -16.44 -48.80
N GLU D 569 6.84 -16.71 -49.63
CA GLU D 569 6.20 -15.73 -50.49
C GLU D 569 5.76 -14.48 -49.74
N MET D 570 5.17 -14.67 -48.56
CA MET D 570 4.78 -13.54 -47.72
C MET D 570 5.98 -12.70 -47.27
N THR D 571 7.03 -13.36 -46.77
CA THR D 571 8.17 -12.68 -46.16
C THR D 571 8.93 -11.76 -47.15
N VAL D 572 8.98 -12.15 -48.42
CA VAL D 572 9.70 -11.39 -49.43
C VAL D 572 9.00 -10.11 -49.90
N MET D 573 7.67 -10.03 -49.71
CA MET D 573 6.84 -8.95 -50.27
C MET D 573 7.02 -7.58 -49.67
N ASN D 574 7.48 -7.52 -48.41
CA ASN D 574 7.56 -6.28 -47.64
C ASN D 574 6.18 -5.62 -47.46
N MET D 575 5.16 -6.44 -47.21
CA MET D 575 3.81 -5.94 -46.97
C MET D 575 3.25 -6.40 -45.62
N GLY D 576 4.14 -6.56 -44.64
CA GLY D 576 3.76 -7.05 -43.30
C GLY D 576 3.21 -8.47 -43.34
N ASN D 577 2.06 -8.68 -42.72
CA ASN D 577 1.39 -9.98 -42.82
C ASN D 577 0.30 -10.08 -43.87
N TYR D 578 0.28 -9.12 -44.80
CA TYR D 578 -0.64 -9.20 -45.93
C TYR D 578 -0.17 -10.25 -46.97
N ALA D 579 -0.59 -11.49 -46.78
CA ALA D 579 -0.12 -12.60 -47.60
C ALA D 579 -0.94 -12.77 -48.89
N HIS D 580 -0.84 -11.80 -49.78
CA HIS D 580 -1.61 -11.80 -51.01
C HIS D 580 -1.43 -13.05 -51.90
N GLY D 581 -0.28 -13.72 -51.76
CA GLY D 581 0.03 -14.93 -52.54
C GLY D 581 -0.74 -16.20 -52.19
N ASN D 582 -1.63 -16.11 -51.21
CA ASN D 582 -2.56 -17.19 -50.93
C ASN D 582 -3.98 -16.67 -50.79
N GLN D 583 -4.95 -17.57 -50.81
CA GLN D 583 -6.37 -17.23 -50.97
C GLN D 583 -7.12 -16.60 -49.77
N PRO D 584 -6.85 -17.07 -48.52
CA PRO D 584 -7.64 -16.59 -47.36
C PRO D 584 -7.76 -15.06 -47.23
N ILE D 585 -6.70 -14.32 -47.51
CA ILE D 585 -6.69 -12.87 -47.32
C ILE D 585 -7.09 -12.03 -48.55
N GLN D 586 -7.31 -12.67 -49.70
CA GLN D 586 -7.47 -11.91 -50.95
C GLN D 586 -8.59 -10.85 -50.99
N HIS D 587 -9.66 -11.06 -50.23
CA HIS D 587 -10.78 -10.10 -50.12
C HIS D 587 -10.53 -8.97 -49.12
N MET D 588 -9.59 -9.17 -48.20
CA MET D 588 -9.47 -8.35 -47.00
C MET D 588 -9.43 -6.84 -47.21
N ILE D 589 -8.69 -6.36 -48.22
CA ILE D 589 -8.52 -4.90 -48.41
C ILE D 589 -9.85 -4.14 -48.65
N TYR D 590 -10.80 -4.82 -49.30
CA TYR D 590 -12.15 -4.30 -49.57
C TYR D 590 -13.02 -4.10 -48.32
N LEU D 591 -12.62 -4.73 -47.22
CA LEU D 591 -13.33 -4.58 -45.96
C LEU D 591 -13.19 -3.16 -45.38
N TYR D 592 -12.18 -2.40 -45.83
CA TYR D 592 -12.08 -0.97 -45.47
C TYR D 592 -13.37 -0.21 -45.82
N ASP D 593 -13.99 -0.60 -46.94
CA ASP D 593 -15.26 0.02 -47.37
C ASP D 593 -16.34 -0.11 -46.33
N TYR D 594 -16.42 -1.29 -45.69
CA TYR D 594 -17.44 -1.58 -44.70
C TYR D 594 -17.31 -0.75 -43.43
N ALA D 595 -16.09 -0.29 -43.16
CA ALA D 595 -15.82 0.51 -41.97
C ALA D 595 -15.84 2.01 -42.28
N GLY D 596 -16.21 2.34 -43.52
CA GLY D 596 -16.38 3.73 -43.94
C GLY D 596 -15.11 4.50 -44.25
N GLN D 597 -14.07 3.78 -44.68
CA GLN D 597 -12.82 4.39 -45.11
C GLN D 597 -12.39 3.82 -46.47
N PRO D 598 -13.19 4.06 -47.54
CA PRO D 598 -12.85 3.44 -48.82
C PRO D 598 -11.54 3.91 -49.41
N TRP D 599 -11.10 5.11 -49.04
CA TRP D 599 -9.83 5.64 -49.52
C TRP D 599 -8.62 4.79 -49.09
N LYS D 600 -8.76 4.06 -47.98
CA LYS D 600 -7.71 3.14 -47.54
C LYS D 600 -7.64 1.89 -48.42
N ALA D 601 -8.81 1.40 -48.80
CA ALA D 601 -8.88 0.33 -49.80
C ALA D 601 -8.24 0.81 -51.11
N GLN D 602 -8.57 2.02 -51.53
CA GLN D 602 -8.03 2.60 -52.78
C GLN D 602 -6.50 2.65 -52.78
N TYR D 603 -5.91 3.09 -51.67
CA TYR D 603 -4.47 3.10 -51.53
C TYR D 603 -3.84 1.69 -51.62
N TRP D 604 -4.33 0.74 -50.83
CA TRP D 604 -3.67 -0.55 -50.73
C TRP D 604 -3.87 -1.39 -51.98
N LEU D 605 -5.04 -1.24 -52.61
CA LEU D 605 -5.36 -2.00 -53.81
C LEU D 605 -4.43 -1.65 -54.97
N ARG D 606 -4.17 -0.35 -55.16
CA ARG D 606 -3.27 0.07 -56.21
C ARG D 606 -1.83 -0.42 -55.93
N GLN D 607 -1.42 -0.40 -54.65
CA GLN D 607 -0.15 -1.02 -54.21
C GLN D 607 0.00 -2.45 -54.69
N VAL D 608 -1.00 -3.29 -54.40
CA VAL D 608 -0.98 -4.70 -54.82
C VAL D 608 -0.91 -4.84 -56.35
N MET D 609 -1.77 -4.12 -57.06
CA MET D 609 -1.84 -4.19 -58.53
C MET D 609 -0.54 -3.78 -59.20
N ASP D 610 0.09 -2.72 -58.68
CA ASP D 610 1.37 -2.22 -59.19
C ASP D 610 2.55 -3.14 -58.88
N ARG D 611 2.59 -3.74 -57.68
CA ARG D 611 3.80 -4.37 -57.18
C ARG D 611 3.79 -5.89 -57.17
N MET D 612 2.61 -6.48 -56.95
CA MET D 612 2.48 -7.92 -56.78
C MET D 612 2.14 -8.68 -58.06
N TYR D 613 1.93 -7.95 -59.15
CA TYR D 613 1.63 -8.56 -60.46
C TYR D 613 2.51 -7.98 -61.55
N THR D 614 3.24 -8.86 -62.23
CA THR D 614 4.22 -8.51 -63.25
C THR D 614 3.92 -9.32 -64.54
N PRO D 615 4.23 -8.76 -65.75
CA PRO D 615 3.89 -9.51 -66.96
C PRO D 615 4.90 -10.60 -67.38
N GLY D 616 6.06 -10.64 -66.74
CA GLY D 616 7.11 -11.59 -67.10
C GLY D 616 6.89 -13.03 -66.64
N PRO D 617 7.86 -13.92 -66.91
CA PRO D 617 7.77 -15.35 -66.59
C PRO D 617 7.65 -15.64 -65.10
N ASP D 618 8.09 -14.69 -64.27
CA ASP D 618 7.88 -14.75 -62.84
C ASP D 618 6.85 -13.72 -62.38
N GLY D 619 5.79 -13.54 -63.16
CA GLY D 619 4.78 -12.50 -62.92
C GLY D 619 3.91 -12.46 -61.67
N TYR D 620 3.71 -13.58 -61.00
CA TYR D 620 2.81 -13.63 -59.85
C TYR D 620 3.58 -13.56 -58.53
N CYS D 621 2.87 -13.29 -57.44
CA CYS D 621 3.48 -13.27 -56.10
C CYS D 621 3.21 -14.54 -55.29
N GLY D 622 2.63 -15.54 -55.97
CA GLY D 622 2.32 -16.85 -55.38
C GLY D 622 1.55 -17.67 -56.39
N ASP D 623 0.99 -18.80 -55.96
CA ASP D 623 0.26 -19.71 -56.86
C ASP D 623 -0.97 -19.06 -57.50
N GLU D 624 -1.10 -19.32 -58.80
CA GLU D 624 -2.15 -18.79 -59.65
C GLU D 624 -3.51 -19.42 -59.33
N ASP D 625 -3.51 -20.75 -59.18
CA ASP D 625 -4.65 -21.55 -58.71
C ASP D 625 -5.91 -21.53 -59.58
N ASN D 626 -5.76 -21.95 -60.84
CA ASN D 626 -6.90 -22.23 -61.70
C ASN D 626 -7.85 -21.06 -61.93
N GLY D 627 -7.27 -19.86 -61.93
CA GLY D 627 -8.02 -18.66 -62.23
C GLY D 627 -8.18 -17.70 -61.06
N GLN D 628 -8.13 -18.22 -59.82
CA GLN D 628 -8.39 -17.38 -58.64
C GLN D 628 -7.52 -16.12 -58.54
N THR D 629 -6.20 -16.27 -58.56
CA THR D 629 -5.30 -15.14 -58.35
C THR D 629 -5.34 -14.19 -59.55
N SER D 630 -5.51 -14.78 -60.73
CA SER D 630 -5.68 -14.02 -61.97
C SER D 630 -6.97 -13.21 -61.97
N ALA D 631 -8.10 -13.87 -61.70
CA ALA D 631 -9.39 -13.17 -61.69
C ALA D 631 -9.43 -12.05 -60.64
N TRP D 632 -8.65 -12.19 -59.56
CA TRP D 632 -8.51 -11.12 -58.57
C TRP D 632 -8.04 -9.82 -59.23
N TYR D 633 -7.01 -9.92 -60.06
CA TYR D 633 -6.50 -8.79 -60.85
C TYR D 633 -7.52 -8.28 -61.87
N VAL D 634 -8.19 -9.18 -62.56
CA VAL D 634 -9.20 -8.78 -63.54
C VAL D 634 -10.28 -7.90 -62.87
N PHE D 635 -10.89 -8.41 -61.81
CA PHE D 635 -11.85 -7.61 -61.03
C PHE D 635 -11.25 -6.30 -60.52
N SER D 636 -10.15 -6.41 -59.79
CA SER D 636 -9.56 -5.26 -59.12
C SER D 636 -9.16 -4.13 -60.07
N ALA D 637 -8.67 -4.49 -61.27
CA ALA D 637 -8.32 -3.51 -62.31
C ALA D 637 -9.53 -2.78 -62.89
N LEU D 638 -10.67 -3.48 -62.97
CA LEU D 638 -11.92 -2.85 -63.37
C LEU D 638 -12.46 -1.92 -62.27
N GLY D 639 -12.07 -2.20 -61.02
CA GLY D 639 -12.36 -1.34 -59.87
C GLY D 639 -13.36 -1.83 -58.84
N PHE D 640 -13.70 -3.12 -58.87
CA PHE D 640 -14.65 -3.70 -57.93
C PHE D 640 -14.42 -5.20 -57.74
N TYR D 641 -14.96 -5.78 -56.66
CA TYR D 641 -14.67 -7.18 -56.28
C TYR D 641 -15.85 -7.84 -55.55
N PRO D 642 -16.15 -9.11 -55.87
CA PRO D 642 -17.24 -9.80 -55.19
C PRO D 642 -16.81 -10.37 -53.82
N VAL D 643 -16.80 -9.53 -52.80
CA VAL D 643 -16.41 -9.97 -51.46
C VAL D 643 -17.31 -11.12 -50.98
N CYS D 644 -18.62 -10.98 -51.22
CA CYS D 644 -19.60 -11.96 -50.76
C CYS D 644 -20.45 -12.56 -51.89
N PRO D 645 -19.92 -13.60 -52.56
CA PRO D 645 -20.73 -14.35 -53.51
C PRO D 645 -21.97 -14.91 -52.80
N GLY D 646 -23.11 -14.88 -53.49
CA GLY D 646 -24.38 -15.11 -52.83
C GLY D 646 -25.19 -13.84 -52.68
N THR D 647 -24.51 -12.69 -52.58
CA THR D 647 -25.16 -11.36 -52.74
C THR D 647 -25.14 -10.98 -54.23
N ASP D 648 -25.83 -9.90 -54.58
CA ASP D 648 -25.77 -9.34 -55.93
C ASP D 648 -24.71 -8.21 -56.01
N GLU D 649 -23.82 -8.16 -55.04
CA GLU D 649 -22.97 -6.98 -54.83
C GLU D 649 -21.50 -7.14 -55.24
N TYR D 650 -20.96 -6.09 -55.86
CA TYR D 650 -19.53 -5.97 -56.09
C TYR D 650 -19.02 -4.77 -55.31
N VAL D 651 -18.14 -5.01 -54.35
CA VAL D 651 -17.58 -3.95 -53.50
C VAL D 651 -16.54 -3.12 -54.26
N MET D 652 -16.60 -1.81 -54.08
CA MET D 652 -15.82 -0.84 -54.85
C MET D 652 -14.34 -0.72 -54.39
N GLY D 653 -13.43 -0.74 -55.35
CA GLY D 653 -12.01 -0.51 -55.09
C GLY D 653 -11.55 0.75 -55.79
N THR D 654 -10.57 0.59 -56.69
CA THR D 654 -10.12 1.66 -57.55
C THR D 654 -9.75 1.16 -58.95
N PRO D 655 -10.28 1.80 -60.00
CA PRO D 655 -10.00 1.35 -61.36
C PRO D 655 -8.53 1.58 -61.75
N LEU D 656 -7.97 0.66 -62.55
CA LEU D 656 -6.60 0.77 -63.02
C LEU D 656 -6.48 1.54 -64.35
N PHE D 657 -7.46 1.40 -65.23
CA PHE D 657 -7.41 2.03 -66.57
C PHE D 657 -8.25 3.30 -66.70
N LYS D 658 -7.92 4.13 -67.69
CA LYS D 658 -8.72 5.31 -67.98
C LYS D 658 -10.08 4.94 -68.56
N LYS D 659 -10.14 3.82 -69.27
CA LYS D 659 -11.40 3.34 -69.82
C LYS D 659 -11.49 1.81 -69.84
N ALA D 660 -12.60 1.30 -69.30
CA ALA D 660 -12.94 -0.11 -69.44
C ALA D 660 -14.35 -0.25 -69.98
N THR D 661 -14.54 -1.18 -70.91
CA THR D 661 -15.85 -1.45 -71.48
C THR D 661 -16.20 -2.92 -71.33
N LEU D 662 -17.37 -3.19 -70.74
CA LEU D 662 -17.81 -4.56 -70.53
C LEU D 662 -18.97 -4.91 -71.45
N HIS D 663 -18.80 -5.97 -72.23
CA HIS D 663 -19.84 -6.45 -73.14
C HIS D 663 -20.47 -7.71 -72.57
N PHE D 664 -21.72 -7.58 -72.10
CA PHE D 664 -22.44 -8.68 -71.44
C PHE D 664 -23.12 -9.60 -72.44
N GLU D 665 -23.30 -10.85 -72.03
CA GLU D 665 -23.98 -11.85 -72.85
C GLU D 665 -25.41 -11.45 -73.25
N ASN D 666 -26.05 -10.58 -72.45
CA ASN D 666 -27.41 -10.13 -72.74
C ASN D 666 -27.50 -9.07 -73.84
N GLY D 667 -26.36 -8.68 -74.42
CA GLY D 667 -26.32 -7.68 -75.48
C GLY D 667 -26.04 -6.26 -75.02
N ASN D 668 -26.13 -6.01 -73.71
CA ASN D 668 -25.86 -4.67 -73.18
C ASN D 668 -24.37 -4.45 -72.90
N SER D 669 -23.98 -3.18 -72.79
CA SER D 669 -22.59 -2.82 -72.51
C SER D 669 -22.45 -1.78 -71.40
N LEU D 670 -21.39 -1.90 -70.59
CA LEU D 670 -21.08 -0.91 -69.57
C LEU D 670 -19.75 -0.21 -69.85
N VAL D 671 -19.75 1.12 -69.87
CA VAL D 671 -18.50 1.88 -70.03
C VAL D 671 -18.11 2.50 -68.69
N ILE D 672 -16.88 2.26 -68.26
CA ILE D 672 -16.36 2.87 -67.01
C ILE D 672 -15.26 3.86 -67.36
N ASP D 673 -15.59 5.15 -67.34
CA ASP D 673 -14.64 6.20 -67.71
C ASP D 673 -13.92 6.74 -66.50
N ALA D 674 -12.60 6.59 -66.47
CA ALA D 674 -11.78 7.26 -65.48
C ALA D 674 -10.71 8.10 -66.21
N PRO D 675 -11.15 9.19 -66.89
CA PRO D 675 -10.23 9.89 -67.80
C PRO D 675 -9.01 10.51 -67.11
N ASN D 676 -9.12 10.80 -65.81
CA ASN D 676 -8.03 11.40 -65.07
C ASN D 676 -7.15 10.38 -64.32
N ASN D 677 -7.34 9.09 -64.60
CA ASN D 677 -6.53 8.03 -63.99
C ASN D 677 -5.06 8.19 -64.35
N SER D 678 -4.19 7.89 -63.39
CA SER D 678 -2.73 7.87 -63.60
C SER D 678 -2.05 7.10 -62.47
N THR D 679 -0.70 7.08 -62.49
CA THR D 679 0.10 6.48 -61.42
C THR D 679 -0.10 7.20 -60.09
N GLU D 680 -0.40 8.50 -60.13
CA GLU D 680 -0.63 9.28 -58.90
C GLU D 680 -2.08 9.41 -58.50
N ASN D 681 -2.98 9.37 -59.47
CA ASN D 681 -4.39 9.59 -59.20
C ASN D 681 -5.14 8.27 -59.04
N PHE D 682 -4.96 7.64 -57.88
CA PHE D 682 -5.61 6.36 -57.58
C PHE D 682 -6.79 6.46 -56.57
N TYR D 683 -7.05 7.65 -56.05
CA TYR D 683 -8.23 7.88 -55.18
C TYR D 683 -9.48 8.28 -55.98
N ILE D 684 -10.64 7.77 -55.56
CA ILE D 684 -11.91 8.19 -56.14
C ILE D 684 -12.40 9.43 -55.41
N ASP D 685 -12.40 10.57 -56.10
CA ASP D 685 -12.96 11.78 -55.53
C ASP D 685 -14.48 11.78 -55.58
N SER D 686 -15.04 11.38 -56.71
CA SER D 686 -16.49 11.21 -56.84
C SER D 686 -16.79 10.20 -57.95
N MET D 687 -18.04 9.77 -58.02
CA MET D 687 -18.47 8.77 -58.98
C MET D 687 -19.90 9.07 -59.36
N SER D 688 -20.22 8.87 -60.64
CA SER D 688 -21.60 8.91 -61.11
C SER D 688 -21.96 7.64 -61.90
N PHE D 689 -23.24 7.28 -61.88
CA PHE D 689 -23.76 6.10 -62.55
C PHE D 689 -24.94 6.55 -63.38
N ASN D 690 -24.78 6.52 -64.70
CA ASN D 690 -25.77 7.06 -65.65
C ASN D 690 -26.23 8.47 -65.31
N GLY D 691 -25.28 9.33 -64.93
CA GLY D 691 -25.57 10.72 -64.60
C GLY D 691 -25.93 10.99 -63.14
N ALA D 692 -26.40 9.98 -62.43
CA ALA D 692 -26.76 10.13 -61.01
C ALA D 692 -25.54 9.95 -60.10
N ASP D 693 -25.39 10.85 -59.14
CA ASP D 693 -24.31 10.79 -58.16
C ASP D 693 -24.32 9.44 -57.42
N HIS D 694 -23.15 8.83 -57.34
CA HIS D 694 -23.03 7.51 -56.74
C HIS D 694 -21.99 7.52 -55.61
N THR D 695 -22.50 7.46 -54.37
CA THR D 695 -21.65 7.56 -53.18
C THR D 695 -21.49 6.21 -52.46
N LYS D 696 -22.32 5.24 -52.84
CA LYS D 696 -22.22 3.86 -52.31
C LYS D 696 -20.87 3.18 -52.61
N ASN D 697 -20.43 2.34 -51.67
CA ASN D 697 -19.19 1.58 -51.84
C ASN D 697 -19.42 0.23 -52.53
N TYR D 698 -20.48 0.12 -53.33
CA TYR D 698 -20.82 -1.12 -54.03
C TYR D 698 -21.69 -0.91 -55.27
N LEU D 699 -21.63 -1.90 -56.16
CA LEU D 699 -22.45 -1.92 -57.37
C LEU D 699 -23.29 -3.19 -57.41
N ARG D 700 -24.48 -3.09 -58.01
CA ARG D 700 -25.42 -4.19 -58.03
C ARG D 700 -25.40 -4.87 -59.38
N HIS D 701 -25.33 -6.19 -59.34
CA HIS D 701 -25.33 -7.06 -60.51
C HIS D 701 -26.41 -6.67 -61.54
N GLU D 702 -27.63 -6.41 -61.08
CA GLU D 702 -28.73 -6.10 -61.98
C GLU D 702 -28.57 -4.72 -62.63
N ASP D 703 -28.03 -3.75 -61.89
CA ASP D 703 -27.69 -2.44 -62.44
C ASP D 703 -26.59 -2.51 -63.51
N LEU D 704 -25.57 -3.34 -63.26
CA LEU D 704 -24.51 -3.54 -64.22
C LEU D 704 -25.03 -4.12 -65.54
N PHE D 705 -25.86 -5.15 -65.45
CA PHE D 705 -26.39 -5.86 -66.62
C PHE D 705 -27.23 -4.95 -67.52
N LYS D 706 -27.85 -3.92 -66.95
CA LYS D 706 -28.60 -2.94 -67.75
C LYS D 706 -27.69 -2.07 -68.63
N GLY D 707 -26.43 -1.93 -68.22
CA GLY D 707 -25.44 -1.18 -69.00
C GLY D 707 -25.48 0.32 -68.83
N GLY D 708 -24.77 1.02 -69.70
CA GLY D 708 -24.69 2.47 -69.63
C GLY D 708 -23.29 2.94 -69.32
N THR D 709 -23.20 3.97 -68.47
CA THR D 709 -21.98 4.75 -68.32
C THR D 709 -21.69 5.09 -66.86
N ILE D 710 -20.49 4.76 -66.42
CA ILE D 710 -20.00 5.17 -65.11
C ILE D 710 -18.84 6.14 -65.26
N LYS D 711 -18.90 7.24 -64.52
CA LYS D 711 -17.81 8.20 -64.45
CA LYS D 711 -17.82 8.21 -64.46
C LYS D 711 -17.15 8.14 -63.09
N VAL D 712 -15.84 7.93 -63.10
CA VAL D 712 -15.03 7.93 -61.89
C VAL D 712 -14.03 9.07 -62.00
N ASP D 713 -14.17 10.07 -61.13
CA ASP D 713 -13.26 11.19 -61.10
CA ASP D 713 -13.26 11.21 -61.08
C ASP D 713 -12.08 10.87 -60.17
N MET D 714 -10.90 10.71 -60.76
CA MET D 714 -9.71 10.29 -60.04
C MET D 714 -8.94 11.47 -59.47
N SER D 715 -8.22 11.25 -58.37
CA SER D 715 -7.45 12.29 -57.71
C SER D 715 -6.24 11.70 -56.97
N ASN D 716 -5.27 12.55 -56.67
CA ASN D 716 -4.07 12.13 -55.92
C ASN D 716 -4.21 12.29 -54.40
N ARG D 717 -5.34 12.86 -53.98
CA ARG D 717 -5.67 13.08 -52.56
C ARG D 717 -6.95 12.32 -52.22
N PRO D 718 -7.00 11.68 -51.03
CA PRO D 718 -8.23 10.98 -50.65
C PRO D 718 -9.38 11.94 -50.34
N ASN D 719 -10.61 11.52 -50.63
CA ASN D 719 -11.80 12.25 -50.22
C ASN D 719 -12.34 11.59 -48.95
N LEU D 720 -12.00 12.21 -47.82
CA LEU D 720 -12.36 11.73 -46.49
C LEU D 720 -13.86 11.79 -46.20
N ASN D 721 -14.63 12.39 -47.10
CA ASN D 721 -16.06 12.57 -46.91
C ASN D 721 -16.94 11.79 -47.88
N ARG D 722 -16.33 10.97 -48.73
CA ARG D 722 -17.11 10.09 -49.61
C ARG D 722 -17.18 8.67 -49.06
N GLY D 723 -18.36 8.09 -49.11
CA GLY D 723 -18.56 6.67 -48.77
C GLY D 723 -18.48 6.32 -47.28
N THR D 724 -18.92 7.26 -46.44
CA THR D 724 -18.88 7.08 -44.97
C THR D 724 -20.26 6.80 -44.34
N LYS D 725 -21.33 7.07 -45.09
CA LYS D 725 -22.68 6.93 -44.58
C LYS D 725 -23.15 5.48 -44.48
N GLU D 726 -24.09 5.22 -43.58
CA GLU D 726 -24.68 3.87 -43.41
C GLU D 726 -25.25 3.29 -44.72
N GLU D 727 -25.95 4.11 -45.50
CA GLU D 727 -26.53 3.62 -46.75
C GLU D 727 -25.50 3.45 -47.86
N ASP D 728 -24.26 3.88 -47.62
CA ASP D 728 -23.14 3.62 -48.54
C ASP D 728 -22.54 2.22 -48.36
N MET D 729 -22.91 1.56 -47.27
CA MET D 729 -22.28 0.30 -46.89
C MET D 729 -22.82 -0.89 -47.69
N PRO D 730 -21.93 -1.84 -48.02
CA PRO D 730 -22.40 -3.09 -48.63
C PRO D 730 -23.07 -4.01 -47.60
N TYR D 731 -23.58 -5.14 -48.07
CA TYR D 731 -24.34 -6.11 -47.27
C TYR D 731 -23.62 -6.69 -46.05
N SER D 732 -24.34 -6.74 -44.94
CA SER D 732 -23.94 -7.55 -43.79
C SER D 732 -25.19 -8.28 -43.27
N PHE D 733 -25.02 -9.55 -42.89
CA PHE D 733 -26.12 -10.38 -42.41
C PHE D 733 -26.76 -9.83 -41.12
N SER D 734 -25.94 -9.28 -40.22
CA SER D 734 -26.40 -8.66 -38.98
C SER D 734 -27.35 -7.50 -39.24
N LYS D 735 -27.14 -6.79 -40.34
CA LYS D 735 -28.01 -5.66 -40.67
C LYS D 735 -29.31 -6.10 -41.32
N GLU D 736 -29.28 -7.23 -42.02
CA GLU D 736 -30.47 -7.83 -42.66
C GLU D 736 -31.48 -8.21 -41.59
N LEU D 737 -31.00 -8.95 -40.59
CA LEU D 737 -31.78 -9.35 -39.42
C LEU D 737 -32.23 -8.15 -38.55
N GLU D 738 -31.73 -6.96 -38.91
CA GLU D 738 -32.00 -5.67 -38.23
C GLU D 738 -31.48 -5.62 -36.79
N LYS E 1 21.06 -7.42 8.97
CA LYS E 1 22.07 -6.38 9.31
C LYS E 1 21.55 -5.00 8.89
N ASP E 2 21.15 -4.18 9.85
CA ASP E 2 20.58 -2.87 9.52
C ASP E 2 21.58 -1.73 9.76
N TRP E 3 21.82 -0.93 8.71
CA TRP E 3 22.70 0.22 8.81
C TRP E 3 21.94 1.57 8.88
N THR E 4 20.64 1.56 8.57
CA THR E 4 19.86 2.82 8.55
C THR E 4 19.69 3.45 9.95
N GLN E 5 19.84 2.61 10.99
CA GLN E 5 19.74 3.06 12.38
C GLN E 5 20.73 4.18 12.68
N TYR E 6 21.86 4.22 11.96
CA TYR E 6 22.92 5.19 12.19
C TYR E 6 22.81 6.44 11.32
N VAL E 7 21.86 6.46 10.38
CA VAL E 7 21.68 7.61 9.52
C VAL E 7 20.85 8.67 10.25
N ASN E 8 21.42 9.88 10.37
CA ASN E 8 20.71 11.04 10.92
C ASN E 8 20.48 12.09 9.81
N PRO E 9 19.25 12.15 9.29
CA PRO E 9 18.88 13.10 8.24
C PRO E 9 18.87 14.54 8.74
N LEU E 10 18.94 14.72 10.04
CA LEU E 10 18.97 16.08 10.59
C LEU E 10 20.36 16.71 10.60
N MET E 11 21.39 15.92 10.27
CA MET E 11 22.78 16.38 10.32
C MET E 11 23.03 17.48 9.29
N GLY E 12 23.40 18.68 9.76
CA GLY E 12 23.58 19.85 8.89
C GLY E 12 22.40 20.82 8.82
N SER E 13 21.30 20.49 9.49
CA SER E 13 20.08 21.34 9.48
C SER E 13 20.15 22.49 10.47
N GLN E 14 21.18 22.53 11.31
CA GLN E 14 21.33 23.62 12.28
C GLN E 14 22.33 24.69 11.80
N SER E 15 22.06 25.24 10.61
CA SER E 15 22.93 26.20 9.92
C SER E 15 22.22 27.53 9.69
N THR E 16 23.00 28.59 9.61
CA THR E 16 22.52 29.93 9.30
C THR E 16 23.33 30.50 8.11
N PHE E 17 22.83 31.59 7.53
CA PHE E 17 23.51 32.34 6.48
C PHE E 17 24.98 32.68 6.82
N GLU E 18 25.21 33.08 8.07
CA GLU E 18 26.52 33.55 8.54
C GLU E 18 27.49 32.41 8.85
N LEU E 19 26.96 31.22 9.17
CA LEU E 19 27.79 30.07 9.55
C LEU E 19 27.10 28.76 9.24
N SER E 20 27.65 28.05 8.26
CA SER E 20 27.09 26.77 7.86
C SER E 20 27.65 25.64 8.72
N THR E 21 26.78 24.73 9.09
CA THR E 21 27.20 23.46 9.67
C THR E 21 26.70 22.36 8.76
N GLY E 22 26.56 22.70 7.48
CA GLY E 22 26.13 21.73 6.47
C GLY E 22 25.16 22.28 5.45
N ASN E 23 24.28 23.18 5.88
CA ASN E 23 23.21 23.70 5.03
C ASN E 23 22.44 22.59 4.30
N THR E 24 21.93 21.65 5.08
CA THR E 24 21.13 20.56 4.53
C THR E 24 19.70 20.64 5.03
N TYR E 25 18.84 19.84 4.42
CA TYR E 25 17.50 19.60 4.94
C TYR E 25 17.35 18.08 5.04
N PRO E 26 16.38 17.60 5.83
CA PRO E 26 16.24 16.15 5.87
C PRO E 26 15.56 15.65 4.61
N ALA E 27 16.30 14.95 3.78
CA ALA E 27 15.77 14.42 2.53
C ALA E 27 15.18 13.04 2.75
N ILE E 28 13.87 12.97 2.77
CA ILE E 28 13.17 11.71 2.94
C ILE E 28 12.96 11.29 1.49
N ALA E 29 13.72 10.27 1.06
CA ALA E 29 13.86 9.96 -0.34
C ALA E 29 14.42 8.57 -0.56
N ARG E 30 14.28 8.07 -1.80
CA ARG E 30 15.05 6.90 -2.22
C ARG E 30 16.43 7.36 -2.67
N PRO E 31 17.42 6.44 -2.67
CA PRO E 31 18.72 6.81 -3.26
C PRO E 31 18.53 7.39 -4.67
N TRP E 32 19.18 8.54 -4.92
CA TRP E 32 19.05 9.33 -6.16
C TRP E 32 17.61 9.60 -6.63
N GLY E 33 16.68 9.66 -5.68
CA GLY E 33 15.22 9.80 -5.97
C GLY E 33 14.90 10.98 -6.87
N MET E 34 13.94 10.83 -7.78
CA MET E 34 13.58 11.96 -8.63
C MET E 34 12.94 13.06 -7.78
N ASN E 35 12.04 12.65 -6.90
CA ASN E 35 11.37 13.60 -6.03
C ASN E 35 11.79 13.36 -4.58
N PHE E 36 12.27 14.42 -3.92
CA PHE E 36 12.57 14.39 -2.49
C PHE E 36 11.41 15.01 -1.71
N TRP E 37 11.22 14.53 -0.48
CA TRP E 37 10.20 15.07 0.39
C TRP E 37 10.83 15.50 1.71
N THR E 38 10.31 16.60 2.25
CA THR E 38 10.84 17.15 3.49
C THR E 38 9.77 17.92 4.24
N PRO E 39 9.82 17.87 5.58
CA PRO E 39 9.05 18.82 6.38
C PRO E 39 9.55 20.23 6.09
N GLN E 40 8.64 21.19 5.95
CA GLN E 40 9.04 22.54 5.63
C GLN E 40 8.80 23.44 6.82
N THR E 41 9.88 24.05 7.31
CA THR E 41 9.73 25.05 8.38
C THR E 41 9.87 26.47 7.84
N GLY E 42 10.51 26.62 6.69
CA GLY E 42 10.76 27.94 6.14
C GLY E 42 9.58 28.42 5.33
N LYS E 43 9.50 29.72 5.11
CA LYS E 43 8.44 30.29 4.28
C LYS E 43 8.72 30.00 2.81
N MET E 44 7.66 29.94 2.00
CA MET E 44 7.79 29.68 0.57
C MET E 44 8.88 30.55 -0.05
N GLY E 45 9.79 29.92 -0.79
CA GLY E 45 10.86 30.64 -1.48
C GLY E 45 12.14 30.84 -0.69
N ASP E 46 12.11 30.58 0.62
CA ASP E 46 13.32 30.69 1.44
C ASP E 46 14.20 29.47 1.21
N GLY E 47 15.47 29.72 0.87
CA GLY E 47 16.44 28.64 0.69
C GLY E 47 16.54 27.73 1.90
N TRP E 48 16.46 28.32 3.09
CA TRP E 48 16.47 27.56 4.34
C TRP E 48 15.07 26.95 4.62
N GLN E 49 14.75 25.89 3.89
CA GLN E 49 13.39 25.33 3.94
C GLN E 49 13.15 24.51 5.21
N TYR E 50 14.22 23.97 5.79
CA TYR E 50 14.14 23.32 7.09
C TYR E 50 15.34 23.72 7.92
N THR E 51 15.09 24.32 9.08
CA THR E 51 16.17 24.65 10.01
C THR E 51 15.85 24.01 11.37
N TYR E 52 16.87 23.46 12.03
CA TYR E 52 16.69 22.76 13.30
C TYR E 52 16.12 23.62 14.42
N THR E 53 16.37 24.92 14.38
CA THR E 53 15.95 25.82 15.48
C THR E 53 14.53 26.34 15.27
N ALA E 54 13.95 26.07 14.11
CA ALA E 54 12.60 26.55 13.83
C ALA E 54 11.58 25.82 14.71
N ASN E 55 10.48 26.50 15.01
CA ASN E 55 9.47 25.97 15.91
C ASN E 55 8.23 25.37 15.26
N LYS E 56 8.01 25.72 13.99
CA LYS E 56 6.76 25.38 13.33
C LYS E 56 6.94 24.77 11.94
N ILE E 57 6.21 23.70 11.67
CA ILE E 57 6.10 23.12 10.33
C ILE E 57 4.87 23.71 9.63
N ARG E 58 5.02 24.13 8.38
CA ARG E 58 3.93 24.78 7.65
C ARG E 58 3.46 23.96 6.45
N GLY E 59 4.22 22.91 6.16
CA GLY E 59 3.86 21.98 5.11
C GLY E 59 4.83 20.84 5.01
N PHE E 60 4.45 19.83 4.24
CA PHE E 60 5.30 18.70 3.91
C PHE E 60 5.48 18.79 2.42
N LYS E 61 6.71 19.06 1.99
CA LYS E 61 6.98 19.64 0.69
C LYS E 61 7.75 18.68 -0.21
N GLN E 62 7.32 18.60 -1.48
CA GLN E 62 8.11 18.00 -2.56
C GLN E 62 9.16 19.02 -2.97
N THR E 63 10.41 18.60 -3.00
CA THR E 63 11.53 19.52 -3.26
C THR E 63 12.57 18.90 -4.17
N HIS E 64 13.25 19.74 -4.94
CA HIS E 64 14.38 19.27 -5.76
C HIS E 64 15.67 20.01 -5.44
N GLN E 65 15.64 20.80 -4.38
CA GLN E 65 16.72 21.72 -4.02
C GLN E 65 18.09 21.09 -3.72
N PRO E 66 19.15 21.55 -4.41
CA PRO E 66 20.50 21.06 -4.16
C PRO E 66 21.27 21.84 -3.08
N SER E 67 20.92 23.12 -2.88
CA SER E 67 21.54 23.97 -1.86
C SER E 67 20.60 25.15 -1.61
N PRO E 68 20.75 25.82 -0.44
CA PRO E 68 19.92 27.02 -0.21
C PRO E 68 20.27 28.18 -1.15
N TRP E 69 21.46 28.13 -1.73
CA TRP E 69 21.96 29.19 -2.60
C TRP E 69 21.37 29.02 -3.99
N ILE E 70 21.36 27.79 -4.49
CA ILE E 70 20.81 27.48 -5.80
C ILE E 70 19.27 27.53 -5.77
N ASN E 71 18.70 27.12 -4.64
CA ASN E 71 17.25 27.14 -4.40
C ASN E 71 16.52 26.08 -5.23
N ASP E 72 15.21 26.19 -5.31
CA ASP E 72 14.37 25.06 -5.67
C ASP E 72 13.59 25.23 -6.98
N TYR E 73 13.03 24.12 -7.45
CA TYR E 73 12.03 24.09 -8.53
C TYR E 73 11.17 22.81 -8.37
N GLY E 74 10.03 22.74 -9.05
CA GLY E 74 9.16 21.56 -8.98
C GLY E 74 8.67 21.29 -7.56
N GLN E 75 8.12 22.33 -6.95
CA GLN E 75 7.82 22.36 -5.52
C GLN E 75 6.35 22.63 -5.23
N PHE E 76 5.79 21.80 -4.37
CA PHE E 76 4.42 21.97 -3.86
C PHE E 76 4.33 21.29 -2.49
N SER E 77 3.30 21.62 -1.72
CA SER E 77 3.17 21.04 -0.37
C SER E 77 1.77 20.59 0.02
N ILE E 78 1.71 19.75 1.06
CA ILE E 78 0.46 19.30 1.65
C ILE E 78 0.53 19.55 3.17
N MET E 79 -0.58 19.98 3.77
CA MET E 79 -0.63 20.30 5.21
C MET E 79 -2.01 19.97 5.80
N PRO E 80 -2.05 19.01 6.76
CA PRO E 80 -3.29 18.68 7.46
C PRO E 80 -3.56 19.66 8.60
N ILE E 81 -4.82 20.09 8.71
CA ILE E 81 -5.24 21.05 9.72
C ILE E 81 -6.59 20.67 10.34
N VAL E 82 -6.99 21.43 11.34
CA VAL E 82 -8.23 21.22 12.07
C VAL E 82 -8.80 22.59 12.44
N GLY E 83 -10.11 22.70 12.59
CA GLY E 83 -10.73 23.96 13.03
C GLY E 83 -11.25 24.75 11.84
N GLN E 84 -10.56 25.82 11.48
CA GLN E 84 -10.95 26.65 10.34
C GLN E 84 -10.20 26.22 9.08
N PRO E 85 -10.85 26.31 7.90
CA PRO E 85 -10.11 26.06 6.66
C PRO E 85 -9.26 27.25 6.24
N VAL E 86 -7.99 27.23 6.64
CA VAL E 86 -7.04 28.31 6.38
C VAL E 86 -5.95 27.90 5.38
N PHE E 87 -5.77 28.71 4.34
CA PHE E 87 -4.74 28.45 3.33
C PHE E 87 -3.41 29.11 3.70
N ASP E 88 -3.47 30.26 4.36
CA ASP E 88 -2.29 31.04 4.69
C ASP E 88 -1.18 30.20 5.35
N GLU E 89 0.01 30.25 4.75
CA GLU E 89 1.15 29.43 5.16
C GLU E 89 1.57 29.68 6.61
N GLU E 90 1.24 30.86 7.13
CA GLU E 90 1.47 31.19 8.54
C GLU E 90 0.38 30.66 9.48
N LYS E 91 -0.88 30.91 9.14
CA LYS E 91 -2.04 30.44 9.92
C LYS E 91 -2.22 28.92 9.97
N ARG E 92 -1.79 28.20 8.94
CA ARG E 92 -1.93 26.74 8.95
C ARG E 92 -0.80 26.03 9.71
N ALA E 93 0.25 26.79 10.06
CA ALA E 93 1.45 26.25 10.68
C ALA E 93 1.25 25.76 12.12
N SER E 94 2.04 24.78 12.54
CA SER E 94 1.89 24.20 13.87
C SER E 94 3.22 24.00 14.59
N TRP E 95 3.26 24.39 15.86
CA TRP E 95 4.36 24.04 16.74
C TRP E 95 4.67 22.54 16.68
N PHE E 96 5.94 22.21 16.89
CA PHE E 96 6.39 20.83 17.03
C PHE E 96 7.71 20.84 17.81
N ALA E 97 8.16 19.66 18.23
CA ALA E 97 9.49 19.51 18.78
C ALA E 97 10.16 18.27 18.23
N HIS E 98 11.49 18.29 18.23
CA HIS E 98 12.29 17.16 17.81
C HIS E 98 12.06 15.89 18.66
N LYS E 99 11.63 16.03 19.91
CA LYS E 99 11.27 14.82 20.68
C LYS E 99 9.93 14.18 20.23
N GLY E 100 9.14 14.91 19.43
CA GLY E 100 7.92 14.36 18.81
C GLY E 100 8.07 14.15 17.32
N GLU E 101 9.31 13.86 16.91
CA GLU E 101 9.68 13.79 15.50
C GLU E 101 10.54 12.55 15.30
N VAL E 102 10.32 11.81 14.22
CA VAL E 102 11.17 10.68 13.87
C VAL E 102 11.62 10.82 12.42
N ALA E 103 12.91 10.96 12.18
CA ALA E 103 13.41 11.09 10.82
C ALA E 103 14.42 10.02 10.42
N THR E 104 14.08 9.30 9.36
CA THR E 104 14.95 8.29 8.74
C THR E 104 14.94 8.57 7.23
N PRO E 105 15.85 7.97 6.44
CA PRO E 105 15.80 8.25 5.00
C PRO E 105 14.56 7.72 4.28
N TYR E 106 13.84 6.79 4.93
CA TYR E 106 12.75 6.06 4.29
C TYR E 106 11.37 6.31 4.88
N TYR E 107 11.32 7.08 5.98
CA TYR E 107 10.11 7.25 6.77
C TYR E 107 10.34 8.48 7.63
N TYR E 108 9.31 9.32 7.73
CA TYR E 108 9.33 10.51 8.55
C TYR E 108 7.98 10.61 9.26
N LYS E 109 8.04 10.94 10.56
CA LYS E 109 6.85 11.09 11.38
C LYS E 109 7.02 12.32 12.25
N VAL E 110 5.93 13.06 12.43
CA VAL E 110 5.93 14.18 13.36
C VAL E 110 4.55 14.42 13.96
N TYR E 111 4.55 14.78 15.24
CA TYR E 111 3.36 15.25 15.93
C TYR E 111 3.23 16.76 15.81
N LEU E 112 2.13 17.19 15.20
CA LEU E 112 1.81 18.61 15.04
C LEU E 112 0.96 19.09 16.21
N ALA E 113 1.60 19.74 17.17
CA ALA E 113 0.98 20.05 18.48
C ALA E 113 -0.19 21.03 18.47
N GLU E 114 -0.32 21.86 17.44
CA GLU E 114 -1.43 22.82 17.38
C GLU E 114 -2.69 22.30 16.68
N HIS E 115 -2.59 21.16 16.01
CA HIS E 115 -3.80 20.55 15.43
C HIS E 115 -4.13 19.20 16.05
N ASP E 116 -3.24 18.69 16.90
CA ASP E 116 -3.36 17.36 17.50
C ASP E 116 -3.39 16.28 16.39
N ILE E 117 -2.50 16.42 15.41
CA ILE E 117 -2.40 15.51 14.26
C ILE E 117 -0.99 14.88 14.19
N VAL E 118 -0.94 13.58 13.94
CA VAL E 118 0.32 12.93 13.58
C VAL E 118 0.40 12.83 12.06
N THR E 119 1.54 13.23 11.48
CA THR E 119 1.77 13.02 10.05
C THR E 119 2.91 12.04 9.82
N GLU E 120 2.69 11.07 8.92
CA GLU E 120 3.79 10.21 8.51
C GLU E 120 3.87 10.14 6.99
N MET E 121 5.10 9.96 6.48
CA MET E 121 5.30 9.86 5.05
C MET E 121 6.41 8.87 4.71
N THR E 122 6.20 8.09 3.63
CA THR E 122 7.20 7.14 3.11
C THR E 122 7.25 7.22 1.58
N PRO E 123 8.39 7.67 1.02
CA PRO E 123 8.54 7.85 -0.44
C PRO E 123 9.04 6.64 -1.23
N THR E 124 8.69 6.61 -2.51
CA THR E 124 9.41 5.82 -3.49
C THR E 124 10.30 6.79 -4.32
N GLU E 125 10.71 6.39 -5.50
CA GLU E 125 11.54 7.25 -6.32
C GLU E 125 10.83 8.51 -6.82
N ARG E 126 9.53 8.36 -7.14
CA ARG E 126 8.78 9.45 -7.79
C ARG E 126 7.44 9.72 -7.11
N ALA E 127 7.11 8.87 -6.14
CA ALA E 127 5.83 8.93 -5.46
C ALA E 127 6.04 8.91 -3.93
N VAL E 128 4.96 9.06 -3.19
CA VAL E 128 5.00 9.05 -1.72
C VAL E 128 3.61 8.72 -1.17
N LEU E 129 3.57 8.00 -0.05
CA LEU E 129 2.36 7.79 0.72
C LEU E 129 2.35 8.62 1.99
N PHE E 130 1.31 9.42 2.18
CA PHE E 130 1.07 10.11 3.43
C PHE E 130 0.01 9.39 4.26
N ARG E 131 0.18 9.36 5.58
CA ARG E 131 -0.90 8.93 6.47
C ARG E 131 -1.11 9.99 7.57
N PHE E 132 -2.31 10.53 7.65
CA PHE E 132 -2.62 11.57 8.61
C PHE E 132 -3.50 11.00 9.71
N THR E 133 -3.03 11.06 10.95
CA THR E 133 -3.82 10.61 12.10
C THR E 133 -4.51 11.80 12.78
N PHE E 134 -5.80 11.93 12.52
CA PHE E 134 -6.59 13.06 12.98
C PHE E 134 -7.15 12.84 14.39
N PRO E 135 -7.47 13.93 15.10
CA PRO E 135 -8.26 13.79 16.32
C PRO E 135 -9.76 13.80 16.01
N GLU E 136 -10.58 13.64 17.03
CA GLU E 136 -12.02 13.77 16.88
C GLU E 136 -12.36 15.24 16.61
N ASN E 137 -13.02 15.49 15.49
CA ASN E 137 -13.35 16.86 15.10
C ASN E 137 -14.36 16.89 13.97
N ASP E 138 -15.22 17.90 13.99
CA ASP E 138 -16.21 18.08 12.92
C ASP E 138 -15.60 18.71 11.68
N HIS E 139 -14.48 19.41 11.86
CA HIS E 139 -13.86 20.17 10.80
C HIS E 139 -12.37 19.87 10.69
N SER E 140 -12.07 18.76 10.02
CA SER E 140 -10.71 18.32 9.71
C SER E 140 -10.45 18.60 8.23
N TYR E 141 -9.27 19.15 7.94
CA TYR E 141 -8.92 19.50 6.56
C TYR E 141 -7.51 19.09 6.12
N VAL E 142 -7.35 18.99 4.80
CA VAL E 142 -6.04 18.92 4.20
C VAL E 142 -5.85 20.08 3.19
N VAL E 143 -4.70 20.75 3.28
CA VAL E 143 -4.37 21.89 2.42
C VAL E 143 -3.32 21.48 1.37
N VAL E 144 -3.65 21.70 0.10
CA VAL E 144 -2.71 21.49 -1.00
C VAL E 144 -2.28 22.85 -1.56
N ASP E 145 -0.97 23.09 -1.59
CA ASP E 145 -0.37 24.38 -1.99
C ASP E 145 0.51 24.17 -3.22
N ALA E 146 0.08 24.68 -4.37
CA ALA E 146 0.83 24.55 -5.60
C ALA E 146 1.87 25.67 -5.83
N PHE E 147 2.04 26.55 -4.84
CA PHE E 147 3.03 27.64 -4.88
C PHE E 147 2.71 28.69 -5.95
N ASP E 148 3.54 29.73 -6.07
CA ASP E 148 3.18 30.88 -6.91
C ASP E 148 3.94 30.93 -8.24
N LYS E 149 3.96 32.12 -8.85
CA LYS E 149 4.62 32.37 -10.16
C LYS E 149 3.96 31.63 -11.31
N GLY E 150 2.69 31.24 -11.14
CA GLY E 150 1.90 30.56 -12.17
C GLY E 150 1.69 29.10 -11.83
N SER E 151 0.47 28.72 -11.50
CA SER E 151 0.17 27.32 -11.15
C SER E 151 -1.26 26.88 -11.49
N TYR E 152 -1.59 25.63 -11.18
CA TYR E 152 -2.88 25.08 -11.53
C TYR E 152 -3.35 24.06 -10.50
N ILE E 153 -4.67 23.97 -10.33
CA ILE E 153 -5.29 23.08 -9.35
C ILE E 153 -6.70 22.69 -9.81
N LYS E 154 -7.05 21.42 -9.59
CA LYS E 154 -8.40 20.92 -9.86
C LYS E 154 -8.81 19.84 -8.85
N ILE E 155 -9.96 20.00 -8.20
CA ILE E 155 -10.52 18.97 -7.33
C ILE E 155 -11.49 18.10 -8.13
N ILE E 156 -11.29 16.79 -8.05
CA ILE E 156 -12.14 15.81 -8.72
C ILE E 156 -12.84 14.92 -7.65
N PRO E 157 -13.99 15.41 -7.13
CA PRO E 157 -14.71 14.76 -6.02
C PRO E 157 -15.02 13.30 -6.30
N GLU E 158 -15.45 13.02 -7.54
CA GLU E 158 -15.86 11.66 -7.92
C GLU E 158 -14.74 10.65 -7.74
N GLU E 159 -13.50 11.11 -7.72
CA GLU E 159 -12.38 10.20 -7.53
C GLU E 159 -11.59 10.44 -6.25
N ASN E 160 -12.12 11.28 -5.36
CA ASN E 160 -11.38 11.70 -4.15
C ASN E 160 -9.96 12.18 -4.48
N LYS E 161 -9.88 13.02 -5.50
CA LYS E 161 -8.62 13.33 -6.15
C LYS E 161 -8.43 14.83 -6.27
N ILE E 162 -7.19 15.26 -6.04
CA ILE E 162 -6.76 16.61 -6.37
C ILE E 162 -5.56 16.50 -7.30
N ILE E 163 -5.64 17.19 -8.44
CA ILE E 163 -4.54 17.27 -9.41
C ILE E 163 -4.09 18.73 -9.56
N GLY E 164 -2.89 18.91 -10.09
CA GLY E 164 -2.39 20.26 -10.39
C GLY E 164 -1.00 20.28 -10.99
N TYR E 165 -0.51 21.50 -11.25
CA TYR E 165 0.90 21.68 -11.58
C TYR E 165 1.52 22.87 -10.87
N THR E 166 2.82 22.81 -10.69
CA THR E 166 3.59 23.89 -10.08
C THR E 166 4.69 24.36 -11.05
N THR E 167 5.01 25.64 -11.04
CA THR E 167 6.08 26.13 -11.90
C THR E 167 7.18 26.90 -11.19
N ARG E 168 6.97 27.31 -9.93
CA ARG E 168 7.96 28.16 -9.26
C ARG E 168 9.32 27.50 -9.35
N ASN E 169 10.30 28.27 -9.83
CA ASN E 169 11.65 27.77 -10.06
C ASN E 169 12.66 28.89 -9.86
N SER E 170 13.93 28.53 -9.92
CA SER E 170 15.00 29.47 -9.61
C SER E 170 15.88 29.77 -10.82
N GLY E 171 15.34 29.58 -12.02
CA GLY E 171 16.14 29.63 -13.24
C GLY E 171 16.54 28.25 -13.73
N GLY E 172 17.22 28.23 -14.88
CA GLY E 172 17.66 26.99 -15.50
C GLY E 172 16.57 26.11 -16.07
N VAL E 173 15.45 26.69 -16.47
CA VAL E 173 14.35 25.91 -17.05
C VAL E 173 13.86 26.44 -18.40
N PRO E 174 13.39 25.53 -19.28
CA PRO E 174 12.70 26.00 -20.50
C PRO E 174 11.38 26.71 -20.16
N GLU E 175 10.91 27.57 -21.07
CA GLU E 175 9.60 28.23 -20.96
C GLU E 175 8.40 27.33 -20.61
N ASN E 176 8.41 26.08 -21.11
CA ASN E 176 7.28 25.18 -20.87
C ASN E 176 7.41 24.32 -19.60
N PHE E 177 8.32 24.73 -18.71
CA PHE E 177 8.54 23.98 -17.48
C PHE E 177 7.30 23.90 -16.61
N LYS E 178 6.94 22.67 -16.26
CA LYS E 178 5.83 22.37 -15.36
C LYS E 178 6.11 21.08 -14.58
N ASN E 179 5.71 21.04 -13.31
CA ASN E 179 5.68 19.79 -12.54
C ASN E 179 4.24 19.39 -12.22
N TYR E 180 3.81 18.30 -12.83
CA TYR E 180 2.43 17.81 -12.76
C TYR E 180 2.28 16.84 -11.58
N PHE E 181 1.33 17.10 -10.68
CA PHE E 181 1.05 16.21 -9.54
C PHE E 181 -0.38 15.70 -9.44
N ILE E 182 -0.53 14.52 -8.83
CA ILE E 182 -1.80 13.87 -8.50
C ILE E 182 -1.82 13.43 -7.02
N ILE E 183 -2.96 13.64 -6.36
CA ILE E 183 -3.14 13.31 -4.94
C ILE E 183 -4.46 12.52 -4.73
N GLU E 184 -4.35 11.28 -4.26
CA GLU E 184 -5.52 10.41 -4.09
C GLU E 184 -5.80 10.12 -2.61
N PHE E 185 -6.96 10.56 -2.11
CA PHE E 185 -7.37 10.27 -0.73
C PHE E 185 -8.25 9.01 -0.64
N ASP E 186 -8.19 8.30 0.49
CA ASP E 186 -9.06 7.14 0.71
C ASP E 186 -10.37 7.49 1.40
N LYS E 187 -10.47 8.69 1.96
CA LYS E 187 -11.71 9.16 2.58
C LYS E 187 -12.39 10.20 1.66
N PRO E 188 -13.74 10.09 1.47
CA PRO E 188 -14.52 11.02 0.66
C PRO E 188 -14.55 12.43 1.25
N PHE E 189 -14.52 13.45 0.37
CA PHE E 189 -14.59 14.85 0.82
C PHE E 189 -16.00 15.21 1.19
N THR E 190 -16.11 15.96 2.28
CA THR E 190 -17.37 16.49 2.78
C THR E 190 -17.36 18.01 2.60
N TYR E 191 -16.16 18.54 2.35
CA TYR E 191 -15.93 19.95 2.06
C TYR E 191 -14.89 19.99 0.95
N LYS E 192 -14.99 21.01 0.09
CA LYS E 192 -14.04 21.21 -0.99
C LYS E 192 -14.04 22.69 -1.43
N ALA E 193 -12.84 23.24 -1.58
CA ALA E 193 -12.64 24.63 -2.04
C ALA E 193 -11.30 24.78 -2.73
N THR E 194 -11.24 25.64 -3.75
CA THR E 194 -9.97 26.03 -4.35
C THR E 194 -9.62 27.45 -3.98
N VAL E 195 -8.33 27.79 -4.13
CA VAL E 195 -7.80 29.08 -3.72
C VAL E 195 -7.24 29.84 -4.92
N GLU E 196 -7.49 31.15 -4.93
CA GLU E 196 -7.08 32.00 -6.03
C GLU E 196 -6.89 33.41 -5.52
N ASN E 197 -5.69 33.96 -5.71
CA ASN E 197 -5.29 35.25 -5.13
C ASN E 197 -5.64 35.38 -3.65
N GLY E 198 -5.28 34.36 -2.85
CA GLY E 198 -5.57 34.31 -1.41
C GLY E 198 -7.01 33.99 -1.02
N ASN E 199 -7.95 34.11 -1.96
CA ASN E 199 -9.37 33.93 -1.68
C ASN E 199 -9.81 32.47 -1.79
N LEU E 200 -10.53 32.02 -0.77
CA LEU E 200 -11.06 30.68 -0.71
C LEU E 200 -12.37 30.62 -1.49
N GLN E 201 -12.49 29.69 -2.43
CA GLN E 201 -13.73 29.58 -3.19
C GLN E 201 -14.36 28.20 -3.12
N GLU E 202 -15.27 28.04 -2.17
CA GLU E 202 -15.94 26.77 -1.93
C GLU E 202 -16.68 26.28 -3.18
N ASN E 203 -16.58 24.99 -3.45
CA ASN E 203 -17.25 24.36 -4.58
C ASN E 203 -16.87 24.85 -6.02
N VAL E 204 -15.91 25.77 -6.15
CA VAL E 204 -15.28 26.04 -7.45
C VAL E 204 -14.13 25.02 -7.63
N ALA E 205 -14.20 24.26 -8.71
CA ALA E 205 -13.38 23.06 -8.88
C ALA E 205 -11.96 23.30 -9.40
N GLU E 206 -11.75 24.40 -10.12
CA GLU E 206 -10.56 24.59 -10.93
C GLU E 206 -10.04 26.03 -10.86
N GLN E 207 -8.72 26.18 -10.77
CA GLN E 207 -8.07 27.49 -10.84
C GLN E 207 -6.83 27.43 -11.73
N THR E 208 -6.71 28.40 -12.64
CA THR E 208 -5.48 28.67 -13.37
C THR E 208 -5.09 30.11 -13.03
N THR E 209 -4.06 30.25 -12.19
CA THR E 209 -3.82 31.52 -11.53
C THR E 209 -2.36 31.63 -11.07
N ASP E 210 -1.98 32.80 -10.55
CA ASP E 210 -0.62 32.98 -10.04
C ASP E 210 -0.28 31.96 -8.95
N HIS E 211 -1.14 31.84 -7.94
CA HIS E 211 -0.88 30.96 -6.79
C HIS E 211 -2.11 30.10 -6.48
N ALA E 212 -2.19 28.95 -7.13
CA ALA E 212 -3.32 28.03 -6.94
C ALA E 212 -3.20 27.21 -5.66
N GLY E 213 -4.35 26.78 -5.15
CA GLY E 213 -4.39 25.90 -3.98
C GLY E 213 -5.75 25.26 -3.77
N ALA E 214 -5.81 24.30 -2.85
CA ALA E 214 -7.05 23.61 -2.54
C ALA E 214 -7.13 23.17 -1.08
N ILE E 215 -8.35 23.18 -0.53
CA ILE E 215 -8.62 22.62 0.79
C ILE E 215 -9.80 21.66 0.69
N ILE E 216 -9.58 20.41 1.07
CA ILE E 216 -10.66 19.45 1.20
C ILE E 216 -10.83 19.13 2.67
N GLY E 217 -11.98 18.55 3.02
CA GLY E 217 -12.32 18.33 4.41
C GLY E 217 -13.34 17.25 4.66
N PHE E 218 -13.57 16.97 5.93
CA PHE E 218 -14.43 15.89 6.38
C PHE E 218 -14.44 15.85 7.90
N LYS E 219 -15.26 14.95 8.45
CA LYS E 219 -15.40 14.75 9.88
C LYS E 219 -14.56 13.54 10.28
N THR E 220 -13.87 13.61 11.42
CA THR E 220 -13.04 12.48 11.85
C THR E 220 -13.31 12.05 13.28
N ARG E 221 -13.08 10.76 13.53
CA ARG E 221 -13.13 10.16 14.87
C ARG E 221 -11.75 10.27 15.47
N LYS E 222 -11.66 10.15 16.81
CA LYS E 222 -10.38 10.15 17.49
C LYS E 222 -9.50 9.03 16.94
N GLY E 223 -8.28 9.38 16.53
CA GLY E 223 -7.36 8.41 15.97
C GLY E 223 -7.66 7.97 14.54
N GLU E 224 -8.59 8.64 13.86
CA GLU E 224 -8.93 8.24 12.48
C GLU E 224 -7.78 8.51 11.50
N GLN E 225 -7.47 7.52 10.67
CA GLN E 225 -6.39 7.65 9.70
C GLN E 225 -6.89 7.92 8.27
N VAL E 226 -6.27 8.90 7.62
CA VAL E 226 -6.59 9.23 6.23
C VAL E 226 -5.29 9.13 5.42
N ASN E 227 -5.32 8.32 4.37
CA ASN E 227 -4.17 8.16 3.49
C ASN E 227 -4.28 8.96 2.18
N ALA E 228 -3.15 9.51 1.77
CA ALA E 228 -3.05 10.31 0.56
C ALA E 228 -1.90 9.80 -0.25
N ARG E 229 -2.22 9.26 -1.42
CA ARG E 229 -1.24 8.75 -2.39
C ARG E 229 -0.86 9.89 -3.35
N ILE E 230 0.44 10.13 -3.52
CA ILE E 230 0.91 11.28 -4.27
C ILE E 230 2.03 10.88 -5.22
N ALA E 231 1.98 11.41 -6.44
CA ALA E 231 3.14 11.30 -7.35
C ALA E 231 3.20 12.54 -8.23
N SER E 232 4.37 12.79 -8.80
CA SER E 232 4.51 13.88 -9.76
C SER E 232 5.35 13.44 -10.96
N SER E 233 5.27 14.24 -12.03
CA SER E 233 6.03 14.02 -13.26
C SER E 233 6.42 15.37 -13.86
N PHE E 234 7.51 15.38 -14.62
CA PHE E 234 7.90 16.55 -15.38
C PHE E 234 7.39 16.48 -16.82
N ILE E 235 6.59 15.46 -17.10
CA ILE E 235 6.16 15.18 -18.47
C ILE E 235 4.69 15.50 -18.69
N SER E 236 3.81 14.88 -17.90
CA SER E 236 2.36 15.05 -18.04
C SER E 236 1.62 14.42 -16.86
N PHE E 237 0.36 14.80 -16.73
CA PHE E 237 -0.57 14.14 -15.80
C PHE E 237 -0.66 12.61 -16.01
N GLU E 238 -0.72 12.19 -17.27
CA GLU E 238 -0.71 10.76 -17.59
C GLU E 238 0.54 10.04 -17.04
N GLN E 239 1.71 10.65 -17.20
CA GLN E 239 2.94 10.08 -16.67
C GLN E 239 2.96 10.10 -15.14
N ALA E 240 2.34 11.13 -14.56
CA ALA E 240 2.25 11.24 -13.10
C ALA E 240 1.46 10.07 -12.47
N ALA E 241 0.36 9.69 -13.12
CA ALA E 241 -0.44 8.52 -12.75
C ALA E 241 0.31 7.20 -12.95
N ALA E 242 1.15 7.12 -13.98
CA ALA E 242 1.98 5.94 -14.17
C ALA E 242 3.01 5.80 -13.03
N ASN E 243 3.67 6.91 -12.70
CA ASN E 243 4.60 6.99 -11.56
C ASN E 243 3.95 6.63 -10.23
N MET E 244 2.67 6.94 -10.09
CA MET E 244 1.89 6.56 -8.90
C MET E 244 1.90 5.03 -8.63
N ASN E 245 2.05 4.22 -9.67
CA ASN E 245 2.03 2.75 -9.50
C ASN E 245 3.19 2.21 -8.67
N GLU E 246 4.19 3.06 -8.41
CA GLU E 246 5.32 2.69 -7.53
C GLU E 246 4.84 2.40 -6.12
N LEU E 247 3.70 2.96 -5.76
CA LEU E 247 3.09 2.70 -4.46
C LEU E 247 2.38 1.33 -4.39
N GLY E 248 2.05 0.76 -5.55
CA GLY E 248 1.19 -0.43 -5.61
C GLY E 248 -0.05 -0.21 -4.76
N LYS E 249 -0.34 -1.17 -3.88
CA LYS E 249 -1.41 -1.00 -2.89
C LYS E 249 -0.90 -0.96 -1.44
N ASP E 250 0.40 -0.76 -1.27
CA ASP E 250 1.05 -0.76 0.04
C ASP E 250 0.57 0.28 1.05
N ASN E 251 0.73 -0.07 2.33
CA ASN E 251 0.52 0.88 3.42
C ASN E 251 1.86 1.48 3.86
N ILE E 252 1.82 2.33 4.88
CA ILE E 252 3.02 2.99 5.39
C ILE E 252 4.09 1.98 5.82
N GLU E 253 3.67 0.96 6.56
CA GLU E 253 4.59 -0.06 7.09
C GLU E 253 5.32 -0.82 5.97
N GLN E 254 4.57 -1.19 4.94
CA GLN E 254 5.13 -1.91 3.80
C GLN E 254 6.11 -1.06 2.99
N LEU E 255 5.75 0.21 2.77
CA LEU E 255 6.62 1.11 2.04
C LEU E 255 7.85 1.50 2.84
N ALA E 256 7.67 1.70 4.14
CA ALA E 256 8.80 1.97 5.04
C ALA E 256 9.84 0.85 4.90
N GLN E 257 9.37 -0.39 4.98
CA GLN E 257 10.25 -1.56 4.85
C GLN E 257 10.96 -1.62 3.51
N LYS E 258 10.24 -1.32 2.43
CA LYS E 258 10.85 -1.32 1.10
C LYS E 258 11.89 -0.23 0.93
N GLY E 259 11.63 0.93 1.53
CA GLY E 259 12.60 2.02 1.55
C GLY E 259 13.84 1.67 2.37
N LYS E 260 13.61 1.08 3.53
CA LYS E 260 14.68 0.67 4.43
C LYS E 260 15.59 -0.35 3.72
N ASP E 261 14.97 -1.34 3.08
CA ASP E 261 15.69 -2.31 2.22
C ASP E 261 16.50 -1.63 1.12
N ALA E 262 15.88 -0.69 0.40
CA ALA E 262 16.59 0.04 -0.65
C ALA E 262 17.84 0.74 -0.11
N TRP E 263 17.72 1.38 1.05
CA TRP E 263 18.85 2.03 1.68
C TRP E 263 19.93 1.07 2.23
N ASN E 264 19.51 0.02 2.94
CA ASN E 264 20.47 -0.98 3.43
C ASN E 264 21.28 -1.63 2.33
N GLN E 265 20.63 -1.85 1.19
CA GLN E 265 21.27 -2.44 0.02
C GLN E 265 22.42 -1.55 -0.47
N VAL E 266 22.25 -0.22 -0.46
CA VAL E 266 23.37 0.65 -0.84
C VAL E 266 24.34 0.93 0.32
N LEU E 267 23.79 1.17 1.52
CA LEU E 267 24.63 1.38 2.72
C LEU E 267 25.51 0.16 3.00
N GLY E 268 24.93 -1.02 2.86
CA GLY E 268 25.58 -2.28 3.17
C GLY E 268 26.83 -2.63 2.37
N LYS E 269 27.07 -1.93 1.27
CA LYS E 269 28.26 -2.17 0.47
C LYS E 269 29.55 -1.79 1.23
N ILE E 270 29.41 -1.00 2.30
CA ILE E 270 30.56 -0.64 3.15
C ILE E 270 30.25 -0.92 4.63
N GLU E 271 30.87 -1.98 5.16
CA GLU E 271 30.63 -2.38 6.55
C GLU E 271 31.81 -1.99 7.40
N VAL E 272 31.58 -1.14 8.38
CA VAL E 272 32.64 -0.67 9.29
C VAL E 272 32.38 -1.20 10.70
N GLU E 273 33.43 -1.66 11.38
CA GLU E 273 33.32 -2.12 12.77
C GLU E 273 34.57 -1.75 13.56
N GLY E 274 34.48 -1.88 14.89
CA GLY E 274 35.59 -1.52 15.77
C GLY E 274 35.69 -0.04 16.02
N GLY E 275 34.56 0.66 15.96
CA GLY E 275 34.51 2.10 16.24
C GLY E 275 33.46 2.39 17.29
N ASN E 276 33.34 3.64 17.70
CA ASN E 276 32.28 4.03 18.62
C ASN E 276 31.03 4.51 17.87
N LEU E 277 29.93 4.63 18.60
CA LEU E 277 28.61 5.00 18.05
C LEU E 277 28.59 6.34 17.31
N ASP E 278 29.35 7.32 17.80
CA ASP E 278 29.45 8.61 17.11
C ASP E 278 29.99 8.43 15.72
N GLN E 279 31.00 7.56 15.60
CA GLN E 279 31.69 7.29 14.35
C GLN E 279 30.80 6.54 13.37
N TYR E 280 30.07 5.54 13.86
CA TYR E 280 29.12 4.85 13.04
C TYR E 280 28.13 5.85 12.44
N ARG E 281 27.59 6.73 13.28
CA ARG E 281 26.59 7.71 12.88
C ARG E 281 27.10 8.74 11.87
N THR E 282 28.29 9.27 12.10
CA THR E 282 28.90 10.20 11.16
C THR E 282 29.14 9.51 9.81
N PHE E 283 29.75 8.32 9.83
CA PHE E 283 30.09 7.59 8.62
C PHE E 283 28.86 7.28 7.76
N TYR E 284 27.86 6.62 8.32
CA TYR E 284 26.63 6.31 7.59
C TYR E 284 25.73 7.50 7.20
N SER E 285 25.72 8.56 8.01
CA SER E 285 25.00 9.78 7.61
C SER E 285 25.70 10.41 6.40
N CYS E 286 27.03 10.38 6.42
CA CYS E 286 27.83 10.87 5.31
C CYS E 286 27.69 10.03 4.04
N LEU E 287 27.56 8.70 4.20
CA LEU E 287 27.30 7.82 3.07
C LEU E 287 25.91 8.09 2.48
N TYR E 288 24.90 8.15 3.35
CA TYR E 288 23.53 8.55 2.97
C TYR E 288 23.52 9.83 2.14
N ARG E 289 24.29 10.83 2.55
CA ARG E 289 24.37 12.11 1.83
C ARG E 289 25.09 12.02 0.49
N SER E 290 25.88 10.96 0.34
CA SER E 290 26.61 10.70 -0.89
C SER E 290 25.78 9.96 -1.91
N LEU E 291 24.60 9.51 -1.53
CA LEU E 291 23.78 8.71 -2.42
C LEU E 291 22.47 9.41 -2.78
N LEU E 292 22.53 10.73 -2.95
CA LEU E 292 21.31 11.52 -3.24
C LEU E 292 21.42 12.33 -4.53
N PHE E 293 22.61 12.89 -4.78
CA PHE E 293 22.82 13.82 -5.89
C PHE E 293 23.91 13.28 -6.82
N PRO E 294 23.77 13.53 -8.13
CA PRO E 294 22.62 14.16 -8.80
C PRO E 294 21.42 13.23 -8.80
N ARG E 295 20.22 13.81 -8.81
CA ARG E 295 19.00 13.03 -8.80
C ARG E 295 18.69 12.46 -10.17
N LYS E 296 17.90 11.40 -10.20
CA LYS E 296 17.26 10.89 -11.41
C LYS E 296 16.34 11.96 -11.95
N PHE E 297 16.36 12.14 -13.27
CA PHE E 297 15.46 13.08 -13.91
C PHE E 297 14.71 12.40 -15.06
N TYR E 298 14.70 11.07 -15.03
CA TYR E 298 13.99 10.28 -16.02
C TYR E 298 12.84 9.48 -15.40
N GLU E 299 11.94 9.03 -16.27
CA GLU E 299 10.70 8.35 -15.85
C GLU E 299 10.51 7.10 -16.72
N LEU E 300 9.63 6.18 -16.30
CA LEU E 300 9.48 4.91 -17.02
C LEU E 300 8.24 4.91 -17.92
N ASP E 301 8.42 4.63 -19.21
CA ASP E 301 7.28 4.55 -20.12
C ASP E 301 6.53 3.22 -19.95
N ALA E 302 5.49 3.01 -20.75
CA ALA E 302 4.64 1.82 -20.67
C ALA E 302 5.45 0.53 -20.77
N ASN E 303 6.51 0.56 -21.59
CA ASN E 303 7.41 -0.58 -21.73
C ASN E 303 8.52 -0.64 -20.69
N GLY E 304 8.43 0.20 -19.66
CA GLY E 304 9.45 0.25 -18.61
C GLY E 304 10.81 0.78 -19.05
N GLN E 305 10.81 1.57 -20.12
CA GLN E 305 12.04 2.18 -20.66
C GLN E 305 12.18 3.64 -20.21
N PRO E 306 13.42 4.11 -20.00
CA PRO E 306 13.64 5.49 -19.55
C PRO E 306 13.29 6.54 -20.61
N ILE E 307 12.50 7.53 -20.20
CA ILE E 307 12.29 8.75 -20.97
C ILE E 307 12.45 9.94 -20.02
N HIS E 308 12.67 11.13 -20.57
CA HIS E 308 12.82 12.29 -19.72
C HIS E 308 12.30 13.55 -20.36
N TYR E 309 11.83 14.48 -19.53
CA TYR E 309 11.68 15.86 -19.96
C TYR E 309 13.09 16.47 -19.96
N SER E 310 13.42 17.17 -21.03
CA SER E 310 14.70 17.83 -21.13
C SER E 310 14.63 19.19 -20.46
N PRO E 311 15.39 19.40 -19.37
CA PRO E 311 15.43 20.72 -18.75
C PRO E 311 16.28 21.68 -19.58
N TYR E 312 16.78 21.19 -20.70
CA TYR E 312 17.66 21.95 -21.58
C TYR E 312 16.94 22.52 -22.80
N ASN E 313 16.03 21.74 -23.38
CA ASN E 313 15.34 22.20 -24.59
C ASN E 313 13.81 22.10 -24.58
N GLY E 314 13.24 21.54 -23.51
CA GLY E 314 11.79 21.49 -23.34
C GLY E 314 11.08 20.32 -23.99
N GLN E 315 11.82 19.46 -24.69
CA GLN E 315 11.26 18.29 -25.35
C GLN E 315 11.23 17.07 -24.44
N VAL E 316 10.39 16.09 -24.79
CA VAL E 316 10.36 14.82 -24.09
C VAL E 316 11.10 13.79 -24.95
N LEU E 317 12.13 13.16 -24.38
CA LEU E 317 13.09 12.37 -25.16
C LEU E 317 13.48 11.05 -24.49
N PRO E 318 13.80 10.03 -25.31
CA PRO E 318 14.25 8.77 -24.71
C PRO E 318 15.60 8.92 -24.02
N GLY E 319 15.84 8.06 -23.04
CA GLY E 319 17.15 7.97 -22.43
C GLY E 319 17.22 8.48 -21.01
N TYR E 320 18.38 8.25 -20.39
CA TYR E 320 18.65 8.69 -19.03
C TYR E 320 18.93 10.18 -18.95
N MET E 321 18.69 10.73 -17.75
CA MET E 321 18.97 12.11 -17.46
C MET E 321 19.06 12.26 -15.94
N PHE E 322 20.07 13.01 -15.50
CA PHE E 322 20.28 13.32 -14.09
C PHE E 322 20.59 14.82 -14.00
N THR E 323 20.33 15.40 -12.82
CA THR E 323 20.62 16.81 -12.59
C THR E 323 20.81 17.14 -11.11
N ASP E 324 20.97 18.42 -10.84
CA ASP E 324 21.16 18.97 -9.49
C ASP E 324 22.48 18.56 -8.86
N THR E 325 23.56 18.86 -9.57
CA THR E 325 24.92 18.79 -9.03
C THR E 325 25.82 19.85 -9.69
N GLY E 326 26.81 20.30 -8.95
CA GLY E 326 27.84 21.18 -9.48
C GLY E 326 29.17 20.45 -9.52
N PHE E 327 29.70 20.24 -10.72
CA PHE E 327 30.93 19.46 -10.87
C PHE E 327 32.13 20.12 -10.16
N TRP E 328 32.14 21.44 -10.06
CA TRP E 328 33.16 22.13 -9.26
C TRP E 328 33.30 21.57 -7.83
N ASP E 329 32.21 21.09 -7.25
CA ASP E 329 32.26 20.35 -5.98
C ASP E 329 32.56 18.89 -6.21
N THR E 330 31.78 18.27 -7.08
CA THR E 330 31.66 16.81 -7.07
C THR E 330 32.69 16.03 -7.90
N PHE E 331 33.51 16.72 -8.69
CA PHE E 331 34.57 16.02 -9.41
C PHE E 331 35.57 15.40 -8.43
N ARG E 332 35.70 16.05 -7.26
CA ARG E 332 36.82 15.83 -6.35
C ARG E 332 36.81 14.43 -5.74
N CYS E 333 35.69 14.01 -5.18
CA CYS E 333 35.62 12.64 -4.65
C CYS E 333 34.23 12.02 -4.63
N LEU E 334 33.21 12.80 -4.94
CA LEU E 334 31.86 12.25 -4.95
C LEU E 334 31.68 11.32 -6.15
N PHE E 335 31.94 11.80 -7.36
CA PHE E 335 31.86 10.94 -8.52
C PHE E 335 32.90 9.80 -8.49
N PRO E 336 34.16 10.09 -8.06
CA PRO E 336 35.10 8.98 -7.83
C PRO E 336 34.56 7.90 -6.93
N LEU E 337 33.76 8.27 -5.94
CA LEU E 337 33.17 7.27 -5.03
C LEU E 337 32.15 6.41 -5.76
N LEU E 338 31.43 7.00 -6.71
CA LEU E 338 30.48 6.23 -7.51
C LEU E 338 31.24 5.24 -8.41
N ASN E 339 32.36 5.67 -8.97
CA ASN E 339 33.19 4.78 -9.78
C ASN E 339 33.80 3.62 -9.01
N LEU E 340 33.97 3.77 -7.69
CA LEU E 340 34.51 2.67 -6.88
C LEU E 340 33.43 1.72 -6.43
N MET E 341 32.36 2.27 -5.88
CA MET E 341 31.36 1.46 -5.17
C MET E 341 30.00 1.31 -5.87
N TYR E 342 29.66 2.25 -6.75
CA TYR E 342 28.34 2.23 -7.40
C TYR E 342 28.42 2.46 -8.92
N PRO E 343 29.30 1.72 -9.61
CA PRO E 343 29.62 2.09 -11.00
C PRO E 343 28.47 1.96 -11.99
N SER E 344 27.53 1.04 -11.75
CA SER E 344 26.36 0.90 -12.62
C SER E 344 25.41 2.10 -12.52
N VAL E 345 25.41 2.75 -11.36
CA VAL E 345 24.66 4.00 -11.18
C VAL E 345 25.29 5.13 -11.98
N ASN E 346 26.62 5.27 -11.87
CA ASN E 346 27.33 6.27 -12.66
C ASN E 346 27.24 6.00 -14.16
N LYS E 347 27.07 4.73 -14.54
CA LYS E 347 26.86 4.41 -15.95
C LYS E 347 25.61 5.16 -16.44
N GLU E 348 24.50 5.05 -15.71
CA GLU E 348 23.30 5.83 -16.02
C GLU E 348 23.55 7.36 -16.08
N MET E 349 24.34 7.88 -15.14
CA MET E 349 24.60 9.33 -15.04
C MET E 349 25.44 9.84 -16.18
N GLN E 350 26.45 9.04 -16.57
CA GLN E 350 27.29 9.39 -17.71
C GLN E 350 26.50 9.38 -19.02
N GLU E 351 25.57 8.43 -19.17
CA GLU E 351 24.63 8.43 -20.30
C GLU E 351 23.77 9.71 -20.28
N GLY E 352 23.34 10.10 -19.08
CA GLY E 352 22.67 11.38 -18.88
C GLY E 352 23.47 12.55 -19.41
N LEU E 353 24.77 12.55 -19.16
CA LEU E 353 25.60 13.66 -19.58
C LEU E 353 25.70 13.74 -21.11
N ILE E 354 25.74 12.59 -21.78
CA ILE E 354 25.74 12.54 -23.25
C ILE E 354 24.46 13.23 -23.77
N ASN E 355 23.31 12.90 -23.18
CA ASN E 355 22.04 13.54 -23.53
C ASN E 355 22.01 15.04 -23.30
N THR E 356 22.62 15.45 -22.19
CA THR E 356 22.77 16.88 -21.88
C THR E 356 23.50 17.64 -22.99
N TYR E 357 24.57 17.05 -23.49
CA TYR E 357 25.33 17.65 -24.58
C TYR E 357 24.54 17.65 -25.89
N LEU E 358 23.87 16.54 -26.20
CA LEU E 358 23.05 16.44 -27.41
C LEU E 358 21.91 17.46 -27.39
N GLU E 359 21.29 17.62 -26.23
CA GLU E 359 20.14 18.50 -26.04
C GLU E 359 20.52 19.98 -25.88
N SER E 360 21.69 20.27 -25.29
CA SER E 360 22.02 21.67 -24.96
C SER E 360 23.21 22.26 -25.73
N GLY E 361 24.04 21.41 -26.31
CA GLY E 361 25.24 21.87 -27.03
C GLY E 361 26.48 22.02 -26.14
N PHE E 362 26.35 21.67 -24.87
CA PHE E 362 27.43 21.77 -23.87
C PHE E 362 27.30 20.64 -22.87
N PHE E 363 28.42 20.17 -22.33
CA PHE E 363 28.38 19.42 -21.08
C PHE E 363 28.06 20.39 -19.94
N PRO E 364 27.41 19.90 -18.85
CA PRO E 364 27.11 20.84 -17.78
C PRO E 364 28.29 21.05 -16.84
N GLU E 365 28.21 22.08 -16.01
CA GLU E 365 29.08 22.23 -14.85
C GLU E 365 28.21 22.35 -13.61
N TRP E 366 27.40 23.41 -13.54
CA TRP E 366 26.31 23.50 -12.56
C TRP E 366 24.97 23.37 -13.29
N ALA E 367 24.21 22.35 -12.91
CA ALA E 367 22.91 22.08 -13.50
C ALA E 367 21.86 21.89 -12.42
N SER E 368 20.79 22.69 -12.52
CA SER E 368 19.66 22.65 -11.60
C SER E 368 18.42 23.37 -12.12
N PRO E 369 17.57 22.69 -12.91
CA PRO E 369 17.76 21.41 -13.58
C PRO E 369 18.56 21.58 -14.86
N GLY E 370 18.46 22.75 -15.48
CA GLY E 370 19.26 23.11 -16.66
C GLY E 370 20.50 23.88 -16.25
N HIS E 371 21.20 24.47 -17.23
CA HIS E 371 22.45 25.17 -16.97
C HIS E 371 22.22 26.40 -16.08
N ARG E 372 22.95 26.45 -14.97
CA ARG E 372 22.83 27.58 -14.06
C ARG E 372 24.20 28.23 -13.89
N GLY E 373 24.20 29.55 -13.74
CA GLY E 373 25.45 30.33 -13.63
C GLY E 373 25.99 30.30 -12.21
N CYS E 374 27.04 29.51 -11.98
CA CYS E 374 27.59 29.27 -10.65
C CYS E 374 28.96 28.59 -10.67
N MET E 375 29.89 29.12 -9.88
CA MET E 375 31.26 28.58 -9.77
C MET E 375 32.09 28.72 -11.06
N VAL E 376 33.11 27.87 -11.22
CA VAL E 376 34.13 27.98 -12.26
C VAL E 376 34.68 26.62 -12.71
N GLY E 377 35.60 26.65 -13.67
CA GLY E 377 36.26 25.42 -14.12
C GLY E 377 35.50 24.69 -15.21
N ASN E 378 36.18 23.74 -15.85
CA ASN E 378 35.62 22.92 -16.91
C ASN E 378 35.71 21.47 -16.45
N ASN E 379 35.31 21.25 -15.20
CA ASN E 379 35.55 19.98 -14.51
C ASN E 379 34.67 18.80 -14.94
N SER E 380 33.65 19.04 -15.77
CA SER E 380 32.98 17.94 -16.48
C SER E 380 34.00 17.02 -17.14
N ALA E 381 35.10 17.60 -17.61
CA ALA E 381 36.22 16.84 -18.17
C ALA E 381 36.71 15.72 -17.24
N SER E 382 36.92 16.06 -15.97
CA SER E 382 37.35 15.09 -14.96
C SER E 382 36.31 14.00 -14.71
N ILE E 383 35.05 14.40 -14.60
CA ILE E 383 33.92 13.48 -14.44
C ILE E 383 33.87 12.47 -15.59
N LEU E 384 33.96 12.96 -16.82
CA LEU E 384 33.77 12.15 -18.00
C LEU E 384 34.96 11.19 -18.24
N VAL E 385 36.17 11.74 -18.15
CA VAL E 385 37.38 10.94 -18.29
C VAL E 385 37.58 9.92 -17.18
N ASP E 386 37.35 10.33 -15.93
CA ASP E 386 37.51 9.42 -14.79
C ASP E 386 36.59 8.21 -14.90
N ALA E 387 35.36 8.44 -15.36
CA ALA E 387 34.41 7.35 -15.51
C ALA E 387 34.91 6.35 -16.55
N TYR E 388 35.26 6.87 -17.73
CA TYR E 388 35.77 6.06 -18.83
C TYR E 388 37.02 5.28 -18.44
N MET E 389 38.01 5.96 -17.87
CA MET E 389 39.28 5.32 -17.49
C MET E 389 39.13 4.23 -16.45
N LYS E 390 38.02 4.28 -15.70
CA LYS E 390 37.74 3.24 -14.73
C LYS E 390 36.68 2.24 -15.22
N GLY E 391 36.48 2.19 -16.53
CA GLY E 391 35.63 1.16 -17.14
C GLY E 391 34.13 1.42 -17.09
N VAL E 392 33.75 2.67 -16.85
CA VAL E 392 32.36 3.09 -16.94
C VAL E 392 32.29 3.83 -18.27
N LYS E 393 31.87 3.10 -19.31
CA LYS E 393 31.97 3.60 -20.68
C LYS E 393 30.62 3.80 -21.33
N VAL E 394 30.38 5.03 -21.78
CA VAL E 394 29.19 5.34 -22.57
C VAL E 394 29.36 4.72 -23.95
N ASP E 395 28.25 4.43 -24.62
CA ASP E 395 28.32 3.86 -25.97
C ASP E 395 28.91 4.87 -26.93
N ASP E 396 28.44 6.11 -26.81
CA ASP E 396 28.79 7.16 -27.73
C ASP E 396 30.08 7.93 -27.41
N ILE E 397 31.23 7.28 -27.59
CA ILE E 397 32.53 7.96 -27.36
C ILE E 397 32.79 9.11 -28.31
N LYS E 398 32.22 9.04 -29.51
CA LYS E 398 32.37 10.13 -30.48
C LYS E 398 31.86 11.45 -29.90
N THR E 399 30.60 11.48 -29.48
CA THR E 399 30.01 12.66 -28.82
C THR E 399 30.79 13.05 -27.56
N LEU E 400 31.14 12.06 -26.75
CA LEU E 400 31.99 12.27 -25.58
C LEU E 400 33.26 13.06 -25.93
N TYR E 401 34.04 12.54 -26.87
CA TYR E 401 35.29 13.18 -27.23
C TYR E 401 35.09 14.53 -27.93
N GLU E 402 34.16 14.58 -28.87
CA GLU E 402 33.83 15.84 -29.58
C GLU E 402 33.29 16.89 -28.61
N GLY E 403 32.54 16.43 -27.62
CA GLY E 403 31.98 17.29 -26.58
C GLY E 403 33.04 17.92 -25.71
N LEU E 404 34.06 17.13 -25.36
CA LEU E 404 35.21 17.63 -24.60
C LEU E 404 35.99 18.69 -25.37
N ILE E 405 36.31 18.41 -26.64
CA ILE E 405 36.97 19.39 -27.48
C ILE E 405 36.14 20.66 -27.60
N HIS E 406 34.82 20.50 -27.69
CA HIS E 406 33.92 21.63 -27.85
C HIS E 406 33.99 22.56 -26.63
N GLY E 407 34.06 21.96 -25.44
CA GLY E 407 34.16 22.71 -24.21
C GLY E 407 35.40 23.57 -24.07
N THR E 408 36.50 23.17 -24.73
CA THR E 408 37.78 23.90 -24.64
C THR E 408 37.85 25.18 -25.47
N GLU E 409 36.86 25.39 -26.33
CA GLU E 409 36.88 26.59 -27.16
C GLU E 409 35.54 27.28 -27.35
N ASN E 410 34.61 27.02 -26.46
CA ASN E 410 33.36 27.76 -26.45
C ASN E 410 32.94 28.09 -25.02
N VAL E 411 32.27 29.22 -24.88
CA VAL E 411 31.57 29.55 -23.66
C VAL E 411 30.09 29.75 -24.00
N HIS E 412 29.21 29.21 -23.16
CA HIS E 412 27.78 29.37 -23.31
C HIS E 412 27.45 30.87 -23.37
N PRO E 413 26.60 31.29 -24.33
CA PRO E 413 26.30 32.72 -24.51
C PRO E 413 25.58 33.39 -23.33
N GLU E 414 24.97 32.58 -22.46
CA GLU E 414 24.18 33.07 -21.33
C GLU E 414 24.76 32.74 -19.96
N VAL E 415 25.22 31.49 -19.81
CA VAL E 415 25.70 30.96 -18.55
C VAL E 415 27.23 30.86 -18.62
N SER E 416 27.90 31.87 -18.09
CA SER E 416 29.35 32.01 -18.20
C SER E 416 30.16 30.90 -17.50
N SER E 417 29.50 30.13 -16.66
CA SER E 417 30.14 29.00 -15.99
C SER E 417 30.00 27.68 -16.76
N THR E 418 29.34 27.72 -17.92
CA THR E 418 29.20 26.56 -18.80
C THR E 418 30.11 26.70 -20.04
N GLY E 419 30.93 25.69 -20.31
CA GLY E 419 32.08 25.83 -21.22
C GLY E 419 33.19 26.58 -20.50
N ARG E 420 34.11 27.21 -21.23
CA ARG E 420 35.25 27.90 -20.60
C ARG E 420 35.26 29.41 -20.84
N LEU E 421 34.84 30.18 -19.83
CA LEU E 421 35.01 31.61 -19.92
C LEU E 421 36.50 31.92 -19.95
N GLY E 422 36.90 32.81 -20.86
CA GLY E 422 38.29 33.20 -21.04
C GLY E 422 39.16 32.25 -21.84
N TYR E 423 38.56 31.32 -22.57
CA TYR E 423 39.32 30.32 -23.34
C TYR E 423 40.29 30.94 -24.36
N GLU E 424 39.90 32.06 -24.96
CA GLU E 424 40.73 32.73 -25.97
C GLU E 424 42.05 33.21 -25.40
N TYR E 425 41.99 33.89 -24.26
CA TYR E 425 43.19 34.28 -23.55
C TYR E 425 44.02 33.07 -23.16
N TYR E 426 43.36 32.04 -22.65
CA TYR E 426 44.02 30.87 -22.08
C TYR E 426 44.75 30.04 -23.12
N ASN E 427 44.10 29.84 -24.27
CA ASN E 427 44.68 29.07 -25.37
C ASN E 427 45.84 29.81 -26.02
N LYS E 428 45.76 31.13 -26.03
CA LYS E 428 46.76 32.00 -26.65
C LYS E 428 47.91 32.36 -25.70
N LEU E 429 47.61 32.63 -24.42
CA LEU E 429 48.61 33.08 -23.45
C LEU E 429 49.07 32.00 -22.45
N GLY E 430 48.29 30.95 -22.29
CA GLY E 430 48.61 29.91 -21.30
C GLY E 430 48.04 30.18 -19.91
N TYR E 431 47.25 31.24 -19.80
CA TYR E 431 46.55 31.60 -18.55
C TYR E 431 45.42 32.59 -18.84
N VAL E 432 44.46 32.69 -17.91
CA VAL E 432 43.47 33.77 -17.95
C VAL E 432 44.03 34.94 -17.15
N PRO E 433 44.25 36.09 -17.81
CA PRO E 433 44.84 37.27 -17.17
C PRO E 433 44.05 37.85 -16.00
N TYR E 434 44.76 38.55 -15.13
CA TYR E 434 44.20 39.18 -13.94
C TYR E 434 43.51 40.50 -14.23
N ASP E 435 43.78 41.11 -15.38
CA ASP E 435 43.32 42.47 -15.68
C ASP E 435 42.52 42.58 -16.97
N VAL E 436 41.64 41.60 -17.23
CA VAL E 436 40.85 41.58 -18.46
C VAL E 436 39.34 41.48 -18.22
N LYS E 437 38.89 41.95 -17.06
CA LYS E 437 37.48 41.88 -16.61
C LYS E 437 36.93 40.45 -16.52
N ILE E 438 37.80 39.48 -16.30
CA ILE E 438 37.38 38.09 -16.05
C ILE E 438 37.79 37.68 -14.64
N ASN E 439 36.84 37.80 -13.71
CA ASN E 439 37.09 37.44 -12.30
C ASN E 439 37.42 35.97 -12.11
N GLU E 440 38.14 35.71 -11.03
CA GLU E 440 38.49 34.35 -10.58
C GLU E 440 39.38 33.65 -11.61
N ASN E 441 40.20 34.48 -12.24
CA ASN E 441 41.02 34.09 -13.39
C ASN E 441 42.10 33.03 -13.09
N ALA E 442 42.71 33.10 -11.91
CA ALA E 442 43.75 32.15 -11.54
C ALA E 442 43.16 30.80 -11.15
N ALA E 443 42.04 30.83 -10.44
CA ALA E 443 41.32 29.60 -10.12
C ALA E 443 40.89 28.86 -11.39
N ARG E 444 40.32 29.61 -12.33
CA ARG E 444 39.96 29.05 -13.63
C ARG E 444 41.19 28.40 -14.32
N THR E 445 42.29 29.13 -14.39
CA THR E 445 43.51 28.66 -15.07
C THR E 445 43.98 27.35 -14.48
N LEU E 446 44.01 27.27 -13.16
CA LEU E 446 44.50 26.09 -12.47
C LEU E 446 43.60 24.89 -12.70
N GLU E 447 42.30 25.10 -12.66
CA GLU E 447 41.38 24.00 -12.91
C GLU E 447 41.40 23.59 -14.39
N TYR E 448 41.49 24.56 -15.30
CA TYR E 448 41.65 24.30 -16.75
C TYR E 448 42.86 23.39 -17.07
N ALA E 449 44.01 23.67 -16.44
CA ALA E 449 45.21 22.87 -16.62
C ALA E 449 44.96 21.41 -16.29
N TYR E 450 44.36 21.17 -15.12
CA TYR E 450 43.96 19.84 -14.75
C TYR E 450 42.92 19.24 -15.72
N ASP E 451 41.94 20.04 -16.13
CA ASP E 451 40.91 19.59 -17.08
C ASP E 451 41.57 19.15 -18.37
N ASP E 452 42.50 19.96 -18.87
CA ASP E 452 43.32 19.63 -20.03
C ASP E 452 44.14 18.34 -19.88
N TRP E 453 44.65 18.09 -18.67
CA TRP E 453 45.34 16.83 -18.37
C TRP E 453 44.43 15.64 -18.55
N CYS E 454 43.18 15.76 -18.08
CA CYS E 454 42.18 14.70 -18.26
C CYS E 454 41.91 14.45 -19.76
N ILE E 455 41.76 15.52 -20.52
CA ILE E 455 41.55 15.42 -21.96
C ILE E 455 42.76 14.75 -22.64
N TYR E 456 43.97 15.15 -22.24
CA TYR E 456 45.19 14.46 -22.66
C TYR E 456 45.13 12.96 -22.34
N ARG E 457 44.69 12.61 -21.14
CA ARG E 457 44.57 11.19 -20.77
C ARG E 457 43.65 10.38 -21.69
N LEU E 458 42.50 10.94 -22.02
CA LEU E 458 41.56 10.25 -22.90
C LEU E 458 42.11 10.20 -24.34
N ALA E 459 42.54 11.34 -24.87
CA ALA E 459 43.13 11.42 -26.21
C ALA E 459 44.24 10.37 -26.46
N LYS E 460 45.07 10.13 -25.44
CA LYS E 460 46.13 9.13 -25.52
C LYS E 460 45.57 7.71 -25.50
N GLU E 461 44.64 7.46 -24.57
CA GLU E 461 43.96 6.18 -24.47
C GLU E 461 43.18 5.80 -25.74
N LEU E 462 42.70 6.81 -26.46
CA LEU E 462 41.90 6.64 -27.68
C LEU E 462 42.79 6.57 -28.93
N LYS E 463 44.10 6.72 -28.73
CA LYS E 463 45.12 6.71 -29.80
C LYS E 463 44.85 7.77 -30.86
N ARG E 464 44.57 8.98 -30.40
CA ARG E 464 44.32 10.14 -31.26
C ARG E 464 45.61 10.60 -31.97
N PRO E 465 45.48 11.46 -33.01
CA PRO E 465 46.66 12.00 -33.68
C PRO E 465 47.60 12.74 -32.72
N LYS E 466 48.91 12.58 -32.93
CA LYS E 466 49.94 13.17 -32.08
C LYS E 466 49.80 14.66 -31.79
N LYS E 467 49.41 15.46 -32.78
CA LYS E 467 49.28 16.89 -32.54
C LYS E 467 48.14 17.24 -31.56
N GLU E 468 47.11 16.38 -31.50
CA GLU E 468 46.06 16.46 -30.48
C GLU E 468 46.62 16.16 -29.09
N ILE E 469 47.22 14.97 -28.93
CA ILE E 469 47.80 14.54 -27.65
C ILE E 469 48.83 15.54 -27.11
N SER E 470 49.61 16.14 -28.00
CA SER E 470 50.65 17.09 -27.64
C SER E 470 50.11 18.46 -27.19
N LEU E 471 49.00 18.91 -27.77
CA LEU E 471 48.40 20.19 -27.39
C LEU E 471 47.89 20.17 -25.95
N PHE E 472 47.22 19.08 -25.58
CA PHE E 472 46.68 18.94 -24.23
C PHE E 472 47.75 18.63 -23.19
N ALA E 473 48.76 17.85 -23.57
CA ALA E 473 49.99 17.68 -22.76
C ALA E 473 50.65 19.03 -22.43
N LYS E 474 50.76 19.90 -23.42
CA LYS E 474 51.30 21.24 -23.23
C LYS E 474 50.39 22.09 -22.31
N ARG E 475 49.09 22.08 -22.58
CA ARG E 475 48.15 22.84 -21.75
C ARG E 475 48.09 22.32 -20.32
N ALA E 476 48.30 21.01 -20.13
CA ALA E 476 48.33 20.44 -18.78
C ALA E 476 49.43 21.05 -17.90
N MET E 477 50.39 21.74 -18.53
CA MET E 477 51.50 22.37 -17.81
C MET E 477 51.26 23.85 -17.56
N ASN E 478 50.05 24.31 -17.89
CA ASN E 478 49.69 25.74 -17.81
C ASN E 478 49.68 26.32 -16.38
N TYR E 479 49.62 25.46 -15.36
CA TYR E 479 49.67 25.90 -13.97
C TYR E 479 50.98 26.63 -13.64
N LYS E 480 52.05 26.21 -14.30
CA LYS E 480 53.36 26.85 -14.16
C LYS E 480 53.32 28.34 -14.49
N ASN E 481 52.39 28.75 -15.35
CA ASN E 481 52.30 30.14 -15.78
C ASN E 481 51.95 31.14 -14.67
N LEU E 482 51.35 30.65 -13.59
CA LEU E 482 50.97 31.56 -12.51
C LEU E 482 51.76 31.33 -11.22
N PHE E 483 52.81 30.51 -11.27
CA PHE E 483 53.66 30.34 -10.09
C PHE E 483 54.61 31.51 -9.93
N ASP E 484 54.57 32.14 -8.74
CA ASP E 484 55.45 33.26 -8.40
C ASP E 484 56.56 32.70 -7.54
N LYS E 485 57.77 32.70 -8.11
CA LYS E 485 58.98 32.13 -7.48
C LYS E 485 59.33 32.78 -6.14
N GLU E 486 59.28 34.11 -6.10
CA GLU E 486 59.57 34.89 -4.88
C GLU E 486 58.78 34.40 -3.67
N SER E 487 57.45 34.41 -3.79
CA SER E 487 56.53 34.02 -2.71
C SER E 487 56.29 32.52 -2.59
N LYS E 488 56.62 31.76 -3.65
CA LYS E 488 56.38 30.31 -3.70
C LYS E 488 54.90 29.91 -3.74
N LEU E 489 54.08 30.82 -4.26
CA LEU E 489 52.63 30.67 -4.34
C LEU E 489 52.09 31.07 -5.71
N MET E 490 50.91 30.56 -6.04
CA MET E 490 50.20 31.00 -7.24
C MET E 490 49.73 32.44 -7.09
N ARG E 491 49.78 33.18 -8.19
CA ARG E 491 49.52 34.61 -8.17
C ARG E 491 48.91 35.02 -9.50
N GLY E 492 47.97 35.96 -9.46
CA GLY E 492 47.39 36.54 -10.67
C GLY E 492 48.45 37.18 -11.57
N ARG E 493 48.20 37.12 -12.88
CA ARG E 493 49.15 37.59 -13.86
C ARG E 493 48.49 38.45 -14.91
N ASN E 494 48.98 39.67 -15.04
CA ASN E 494 48.45 40.62 -16.02
C ASN E 494 48.62 40.11 -17.45
N GLU E 495 47.85 40.68 -18.38
CA GLU E 495 47.89 40.30 -19.78
C GLU E 495 49.27 40.55 -20.43
N ASP E 496 49.98 41.57 -19.94
CA ASP E 496 51.31 41.87 -20.45
C ASP E 496 52.40 40.93 -19.92
N GLY E 497 52.00 39.97 -19.09
CA GLY E 497 52.92 38.95 -18.58
C GLY E 497 53.51 39.19 -17.20
N THR E 498 53.39 40.43 -16.71
CA THR E 498 53.90 40.79 -15.39
C THR E 498 52.95 40.29 -14.31
N PHE E 499 53.50 39.81 -13.20
CA PHE E 499 52.68 39.42 -12.05
C PHE E 499 51.95 40.60 -11.38
N GLN E 500 50.71 40.30 -10.97
CA GLN E 500 49.76 41.21 -10.34
C GLN E 500 50.31 41.90 -9.07
N SER E 501 50.31 43.23 -9.07
CA SER E 501 50.71 44.03 -7.89
C SER E 501 49.65 45.05 -7.44
N PRO E 502 49.50 45.25 -6.11
CA PRO E 502 50.17 44.58 -4.99
C PRO E 502 49.59 43.20 -4.68
N PHE E 503 50.42 42.31 -4.17
CA PHE E 503 49.99 40.94 -3.97
C PHE E 503 49.79 40.53 -2.51
N SER E 504 48.56 40.12 -2.19
CA SER E 504 48.21 39.64 -0.85
C SER E 504 47.82 38.17 -0.92
N PRO E 505 48.64 37.29 -0.35
CA PRO E 505 48.35 35.85 -0.33
C PRO E 505 47.12 35.49 0.52
N LEU E 506 46.63 36.43 1.32
CA LEU E 506 45.49 36.18 2.22
C LEU E 506 44.17 36.77 1.71
N LYS E 507 44.20 37.36 0.53
CA LYS E 507 42.99 37.94 -0.05
C LYS E 507 42.09 36.87 -0.66
N TRP E 508 40.83 36.85 -0.25
CA TRP E 508 39.86 35.89 -0.78
C TRP E 508 39.19 36.36 -2.07
N GLY E 509 38.89 35.41 -2.96
CA GLY E 509 38.28 35.73 -4.25
C GLY E 509 39.22 36.55 -5.11
N ASP E 510 38.63 37.43 -5.94
CA ASP E 510 39.39 38.24 -6.91
C ASP E 510 40.03 37.34 -7.96
N ALA E 511 41.30 37.01 -7.74
CA ALA E 511 42.06 36.08 -8.60
C ALA E 511 41.59 34.65 -8.41
N PHE E 512 41.05 34.35 -7.23
CA PHE E 512 40.68 32.99 -6.86
C PHE E 512 39.16 32.87 -6.60
N THR E 513 38.70 31.67 -6.32
CA THR E 513 37.29 31.47 -6.02
C THR E 513 37.06 30.86 -4.63
N GLU E 514 36.53 31.71 -3.74
CA GLU E 514 36.12 31.33 -2.38
C GLU E 514 37.30 30.74 -1.61
N GLY E 515 38.44 31.40 -1.78
CA GLY E 515 39.69 30.97 -1.18
C GLY E 515 40.77 31.98 -1.53
N ASN E 516 41.91 31.88 -0.86
CA ASN E 516 43.03 32.77 -1.14
C ASN E 516 44.14 31.98 -1.82
N SER E 517 45.32 32.59 -2.00
CA SER E 517 46.43 31.88 -2.65
C SER E 517 46.87 30.67 -1.83
N TRP E 518 46.86 30.80 -0.52
CA TRP E 518 47.22 29.70 0.37
C TRP E 518 46.34 28.47 0.21
N HIS E 519 45.13 28.67 -0.31
CA HIS E 519 44.20 27.57 -0.59
C HIS E 519 44.35 27.04 -2.01
N TYR E 520 44.45 27.94 -2.99
CA TYR E 520 44.42 27.52 -4.40
C TYR E 520 45.74 27.02 -4.98
N THR E 521 46.85 27.35 -4.30
CA THR E 521 48.20 26.97 -4.73
C THR E 521 48.32 25.45 -4.91
N TRP E 522 47.60 24.70 -4.08
CA TRP E 522 47.63 23.24 -4.10
C TRP E 522 46.79 22.58 -5.21
N SER E 523 46.10 23.37 -6.03
CA SER E 523 45.25 22.81 -7.09
C SER E 523 46.07 22.36 -8.31
N VAL E 524 46.85 21.29 -8.13
CA VAL E 524 47.68 20.71 -9.20
C VAL E 524 47.62 19.20 -9.06
N PHE E 525 46.40 18.68 -9.10
CA PHE E 525 46.08 17.29 -8.78
C PHE E 525 46.87 16.28 -9.58
N HIS E 526 47.12 16.63 -10.83
CA HIS E 526 47.76 15.73 -11.79
C HIS E 526 49.31 15.75 -11.74
N ASP E 527 49.89 16.73 -11.06
CA ASP E 527 51.33 16.98 -11.11
C ASP E 527 51.93 17.57 -9.84
N PRO E 528 51.72 16.91 -8.68
CA PRO E 528 52.28 17.44 -7.44
C PRO E 528 53.81 17.52 -7.46
N GLN E 529 54.48 16.54 -8.06
CA GLN E 529 55.94 16.58 -8.23
C GLN E 529 56.36 17.84 -9.00
N GLY E 530 55.57 18.20 -10.02
CA GLY E 530 55.79 19.49 -10.69
C GLY E 530 55.74 20.68 -9.75
N LEU E 531 54.81 20.65 -8.80
CA LEU E 531 54.71 21.74 -7.81
C LEU E 531 55.84 21.65 -6.79
N ILE E 532 56.16 20.43 -6.34
CA ILE E 532 57.35 20.17 -5.54
C ILE E 532 58.61 20.76 -6.17
N ASP E 533 58.79 20.57 -7.47
CA ASP E 533 59.96 21.09 -8.21
C ASP E 533 59.94 22.60 -8.37
N LEU E 534 58.75 23.15 -8.57
CA LEU E 534 58.58 24.61 -8.65
C LEU E 534 58.96 25.33 -7.35
N MET E 535 58.71 24.69 -6.22
CA MET E 535 58.98 25.31 -4.93
C MET E 535 60.44 25.20 -4.52
N GLY E 536 61.20 24.36 -5.24
CA GLY E 536 62.62 24.19 -4.97
C GLY E 536 62.96 22.89 -4.29
N GLY E 537 62.04 21.91 -4.33
CA GLY E 537 62.31 20.61 -3.74
C GLY E 537 61.35 20.28 -2.62
N LYS E 538 61.39 19.02 -2.17
CA LYS E 538 60.35 18.49 -1.27
C LYS E 538 60.37 19.03 0.16
N GLU E 539 61.53 19.49 0.62
CA GLU E 539 61.65 20.04 1.95
C GLU E 539 61.01 21.44 2.00
N MET E 540 61.28 22.24 0.97
CA MET E 540 60.66 23.56 0.84
C MET E 540 59.14 23.45 0.64
N PHE E 541 58.71 22.38 -0.03
CA PHE E 541 57.31 22.09 -0.27
C PHE E 541 56.60 21.77 1.05
N VAL E 542 57.13 20.79 1.78
CA VAL E 542 56.66 20.48 3.13
C VAL E 542 56.62 21.72 4.05
N THR E 543 57.70 22.52 4.07
CA THR E 543 57.72 23.77 4.84
C THR E 543 56.46 24.59 4.50
N MET E 544 56.17 24.72 3.21
CA MET E 544 55.04 25.51 2.72
C MET E 544 53.70 24.92 3.18
N MET E 545 53.57 23.60 3.10
CA MET E 545 52.38 22.88 3.58
C MET E 545 52.12 23.12 5.07
N ASP E 546 53.15 22.82 5.88
CA ASP E 546 53.11 22.96 7.32
C ASP E 546 52.67 24.35 7.78
N SER E 547 53.04 25.38 7.03
CA SER E 547 52.70 26.72 7.47
C SER E 547 51.21 27.07 7.23
N VAL E 548 50.56 26.38 6.30
CA VAL E 548 49.10 26.49 6.14
C VAL E 548 48.39 26.28 7.49
N PHE E 549 48.77 25.24 8.22
CA PHE E 549 48.21 24.97 9.55
C PHE E 549 48.69 25.92 10.66
N ALA E 550 49.76 26.66 10.38
CA ALA E 550 50.44 27.42 11.43
C ALA E 550 50.12 28.91 11.42
N VAL E 551 49.68 29.44 10.29
CA VAL E 551 49.46 30.88 10.20
C VAL E 551 48.05 31.26 10.62
N PRO E 552 47.91 32.37 11.37
CA PRO E 552 46.62 32.84 11.87
C PRO E 552 45.57 32.92 10.76
N PRO E 553 44.29 32.69 11.09
CA PRO E 553 43.27 32.79 10.05
C PRO E 553 42.94 34.25 9.72
N ILE E 554 43.95 35.06 9.44
CA ILE E 554 43.67 36.43 9.01
C ILE E 554 43.32 36.43 7.51
N PHE E 555 42.45 37.36 7.10
CA PHE E 555 41.89 37.37 5.77
C PHE E 555 41.62 38.79 5.28
N ASP E 556 41.59 38.94 3.95
CA ASP E 556 41.09 40.15 3.29
C ASP E 556 39.81 39.78 2.52
N ASP E 557 38.72 40.48 2.81
CA ASP E 557 37.41 40.16 2.22
C ASP E 557 36.83 41.23 1.27
N SER E 558 37.65 42.23 0.90
CA SER E 558 37.14 43.40 0.17
C SER E 558 36.40 43.07 -1.12
N TYR E 559 36.79 41.98 -1.76
CA TYR E 559 36.12 41.48 -2.98
C TYR E 559 34.64 41.15 -2.78
N TYR E 560 34.30 40.57 -1.64
CA TYR E 560 32.90 40.20 -1.33
C TYR E 560 32.15 41.34 -0.63
N GLY E 561 32.88 42.15 0.13
CA GLY E 561 32.29 43.26 0.86
C GLY E 561 31.80 42.90 2.26
N GLN E 562 31.97 41.64 2.66
CA GLN E 562 31.43 41.13 3.92
C GLN E 562 32.10 39.81 4.24
N VAL E 563 32.09 39.43 5.51
CA VAL E 563 32.67 38.16 5.93
C VAL E 563 31.71 37.03 5.57
N ILE E 564 31.83 36.54 4.33
CA ILE E 564 31.00 35.44 3.88
C ILE E 564 31.22 34.24 4.80
N HIS E 565 30.22 33.36 4.87
CA HIS E 565 30.27 32.21 5.75
C HIS E 565 31.50 31.32 5.54
N GLU E 566 31.97 31.20 4.31
CA GLU E 566 33.18 30.39 4.04
C GLU E 566 34.41 30.87 4.82
N ILE E 567 34.55 32.19 4.94
CA ILE E 567 35.64 32.79 5.72
C ILE E 567 35.45 32.52 7.21
N ARG E 568 34.30 32.93 7.74
CA ARG E 568 33.92 32.72 9.13
C ARG E 568 34.15 31.28 9.61
N GLU E 569 33.71 30.33 8.79
CA GLU E 569 33.85 28.89 9.07
C GLU E 569 35.31 28.48 9.24
N MET E 570 36.21 29.10 8.47
CA MET E 570 37.63 28.87 8.61
C MET E 570 38.13 29.46 9.92
N THR E 571 37.74 30.70 10.22
CA THR E 571 38.25 31.41 11.40
C THR E 571 37.99 30.69 12.72
N VAL E 572 36.84 30.03 12.83
CA VAL E 572 36.42 29.36 14.07
C VAL E 572 37.01 27.96 14.30
N MET E 573 37.68 27.40 13.30
CA MET E 573 38.15 26.00 13.36
C MET E 573 39.42 25.80 14.17
N ASN E 574 40.26 26.83 14.24
CA ASN E 574 41.57 26.77 14.93
C ASN E 574 42.50 25.79 14.23
N MET E 575 42.62 25.99 12.92
CA MET E 575 43.50 25.18 12.10
C MET E 575 44.17 26.07 11.06
N GLY E 576 44.52 27.29 11.47
CA GLY E 576 45.21 28.23 10.60
C GLY E 576 44.42 28.57 9.36
N ASN E 577 45.06 28.52 8.19
CA ASN E 577 44.37 28.72 6.91
C ASN E 577 43.91 27.42 6.23
N TYR E 578 43.83 26.32 6.97
CA TYR E 578 43.30 25.10 6.41
C TYR E 578 41.77 25.19 6.45
N ALA E 579 41.19 25.65 5.34
CA ALA E 579 39.77 25.90 5.27
C ALA E 579 38.99 24.67 4.77
N HIS E 580 38.89 23.64 5.60
CA HIS E 580 38.28 22.38 5.19
C HIS E 580 36.78 22.48 4.81
N GLY E 581 36.13 23.54 5.29
CA GLY E 581 34.70 23.75 5.09
C GLY E 581 34.32 24.17 3.67
N ASN E 582 35.33 24.31 2.80
CA ASN E 582 35.08 24.59 1.40
C ASN E 582 35.97 23.71 0.51
N GLN E 583 35.63 23.60 -0.76
CA GLN E 583 36.18 22.56 -1.65
C GLN E 583 37.69 22.65 -2.08
N PRO E 584 38.20 23.86 -2.39
CA PRO E 584 39.54 23.96 -2.96
C PRO E 584 40.62 23.18 -2.21
N ILE E 585 40.62 23.28 -0.88
CA ILE E 585 41.71 22.70 -0.09
C ILE E 585 41.49 21.27 0.40
N GLN E 586 40.37 20.65 0.05
CA GLN E 586 40.01 19.34 0.63
C GLN E 586 40.98 18.17 0.36
N HIS E 587 41.70 18.22 -0.75
CA HIS E 587 42.66 17.16 -1.13
C HIS E 587 44.04 17.39 -0.51
N MET E 588 44.29 18.62 -0.09
CA MET E 588 45.64 19.11 0.25
C MET E 588 46.46 18.24 1.21
N ILE E 589 45.85 17.72 2.27
CA ILE E 589 46.64 17.04 3.30
C ILE E 589 47.36 15.83 2.70
N TYR E 590 46.67 15.12 1.80
CA TYR E 590 47.24 13.96 1.08
C TYR E 590 48.51 14.27 0.28
N LEU E 591 48.72 15.55 -0.04
CA LEU E 591 49.90 15.96 -0.78
C LEU E 591 51.20 15.71 0.02
N TYR E 592 51.07 15.44 1.31
CA TYR E 592 52.22 15.11 2.15
C TYR E 592 52.85 13.80 1.67
N ASP E 593 52.00 12.87 1.24
CA ASP E 593 52.45 11.61 0.64
C ASP E 593 53.42 11.80 -0.52
N TYR E 594 53.18 12.83 -1.34
CA TYR E 594 53.95 13.07 -2.55
C TYR E 594 55.34 13.60 -2.24
N ALA E 595 55.48 14.25 -1.08
CA ALA E 595 56.76 14.75 -0.59
C ALA E 595 57.44 13.74 0.34
N GLY E 596 56.88 12.54 0.42
CA GLY E 596 57.49 11.46 1.20
C GLY E 596 57.41 11.54 2.72
N GLN E 597 56.41 12.27 3.23
CA GLN E 597 56.18 12.31 4.68
C GLN E 597 54.73 11.95 4.97
N PRO E 598 54.34 10.70 4.68
CA PRO E 598 52.94 10.28 4.83
C PRO E 598 52.44 10.32 6.26
N TRP E 599 53.36 10.23 7.23
CA TRP E 599 53.01 10.32 8.66
C TRP E 599 52.38 11.67 9.04
N LYS E 600 52.75 12.74 8.34
CA LYS E 600 52.20 14.06 8.56
C LYS E 600 50.77 14.13 8.04
N ALA E 601 50.46 13.28 7.05
CA ALA E 601 49.12 13.19 6.52
C ALA E 601 48.28 12.39 7.47
N GLN E 602 48.85 11.30 7.97
CA GLN E 602 48.18 10.46 8.97
C GLN E 602 47.79 11.25 10.24
N TYR E 603 48.67 12.14 10.69
CA TYR E 603 48.36 13.05 11.82
C TYR E 603 47.21 14.03 11.53
N TRP E 604 47.32 14.76 10.43
CA TRP E 604 46.35 15.79 10.09
C TRP E 604 45.00 15.25 9.66
N LEU E 605 45.01 14.15 8.90
CA LEU E 605 43.77 13.49 8.49
C LEU E 605 42.95 13.10 9.70
N ARG E 606 43.60 12.50 10.69
CA ARG E 606 42.93 12.11 11.93
C ARG E 606 42.36 13.32 12.71
N GLN E 607 43.10 14.43 12.75
CA GLN E 607 42.61 15.66 13.36
C GLN E 607 41.30 16.13 12.71
N VAL E 608 41.25 16.15 11.36
CA VAL E 608 40.04 16.59 10.66
C VAL E 608 38.86 15.64 10.94
N MET E 609 39.08 14.34 10.86
CA MET E 609 38.00 13.34 11.07
C MET E 609 37.45 13.37 12.49
N ASP E 610 38.34 13.52 13.47
CA ASP E 610 37.93 13.60 14.88
C ASP E 610 37.16 14.88 15.23
N ARG E 611 37.57 16.01 14.67
CA ARG E 611 37.11 17.31 15.17
C ARG E 611 36.15 18.05 14.25
N MET E 612 36.29 17.86 12.94
CA MET E 612 35.55 18.66 11.97
C MET E 612 34.24 18.02 11.50
N TYR E 613 33.96 16.81 11.98
CA TYR E 613 32.68 16.14 11.69
C TYR E 613 32.11 15.57 12.98
N THR E 614 30.86 15.89 13.30
CA THR E 614 30.15 15.29 14.43
C THR E 614 28.79 14.81 13.92
N PRO E 615 28.12 13.89 14.65
CA PRO E 615 26.88 13.30 14.12
C PRO E 615 25.56 14.04 14.44
N GLY E 616 25.65 15.20 15.09
CA GLY E 616 24.47 15.93 15.54
C GLY E 616 23.95 16.90 14.49
N PRO E 617 22.87 17.64 14.82
CA PRO E 617 22.22 18.61 13.90
C PRO E 617 23.20 19.63 13.30
N ASP E 618 24.24 20.00 14.03
CA ASP E 618 25.27 20.89 13.51
C ASP E 618 26.57 20.14 13.13
N GLY E 619 26.43 19.00 12.48
CA GLY E 619 27.56 18.06 12.29
C GLY E 619 28.75 18.40 11.41
N TYR E 620 28.56 19.30 10.43
CA TYR E 620 29.60 19.64 9.47
C TYR E 620 30.30 20.93 9.85
N CYS E 621 31.50 21.16 9.27
CA CYS E 621 32.17 22.44 9.46
C CYS E 621 31.97 23.47 8.33
N GLY E 622 31.12 23.11 7.36
CA GLY E 622 30.78 23.99 6.22
C GLY E 622 29.73 23.31 5.36
N ASP E 623 29.47 23.83 4.16
CA ASP E 623 28.43 23.26 3.27
C ASP E 623 28.75 21.83 2.85
N GLU E 624 27.75 20.97 2.95
CA GLU E 624 27.86 19.58 2.58
C GLU E 624 28.04 19.43 1.07
N ASP E 625 27.31 20.23 0.30
CA ASP E 625 27.47 20.37 -1.15
C ASP E 625 27.25 19.10 -2.00
N ASN E 626 26.09 18.48 -1.84
CA ASN E 626 25.61 17.39 -2.71
C ASN E 626 26.46 16.12 -2.73
N GLY E 627 27.07 15.83 -1.59
CA GLY E 627 27.84 14.62 -1.47
C GLY E 627 29.32 14.85 -1.28
N GLN E 628 29.85 15.97 -1.78
CA GLN E 628 31.30 16.18 -1.76
C GLN E 628 31.89 16.14 -0.35
N THR E 629 31.35 16.92 0.58
CA THR E 629 31.93 17.03 1.92
C THR E 629 31.71 15.76 2.74
N SER E 630 30.55 15.12 2.55
CA SER E 630 30.26 13.80 3.11
C SER E 630 31.16 12.70 2.54
N ALA E 631 31.31 12.65 1.22
CA ALA E 631 32.13 11.61 0.60
C ALA E 631 33.60 11.75 0.98
N TRP E 632 34.05 12.96 1.32
CA TRP E 632 35.41 13.18 1.80
C TRP E 632 35.66 12.33 3.03
N TYR E 633 34.64 12.22 3.87
CA TYR E 633 34.76 11.52 5.14
C TYR E 633 34.60 10.01 5.00
N VAL E 634 33.72 9.57 4.09
CA VAL E 634 33.63 8.16 3.74
C VAL E 634 35.00 7.63 3.27
N PHE E 635 35.57 8.28 2.26
CA PHE E 635 36.88 7.89 1.74
C PHE E 635 37.93 7.93 2.87
N SER E 636 38.14 9.10 3.44
CA SER E 636 39.13 9.27 4.48
C SER E 636 39.02 8.28 5.63
N ALA E 637 37.80 7.91 6.04
CA ALA E 637 37.62 6.94 7.12
C ALA E 637 38.03 5.54 6.73
N LEU E 638 38.02 5.27 5.43
CA LEU E 638 38.45 3.98 4.92
C LEU E 638 39.97 3.94 4.83
N GLY E 639 40.58 5.11 4.62
CA GLY E 639 42.03 5.25 4.63
C GLY E 639 42.70 5.81 3.39
N PHE E 640 41.93 6.19 2.38
CA PHE E 640 42.54 6.59 1.10
C PHE E 640 41.65 7.54 0.29
N TYR E 641 42.21 8.27 -0.68
CA TYR E 641 41.50 9.37 -1.32
C TYR E 641 41.83 9.59 -2.79
N PRO E 642 40.82 9.81 -3.64
CA PRO E 642 41.11 10.04 -5.07
C PRO E 642 41.58 11.46 -5.34
N VAL E 643 42.82 11.75 -4.99
CA VAL E 643 43.42 13.07 -5.24
C VAL E 643 43.32 13.48 -6.70
N CYS E 644 43.59 12.54 -7.61
CA CYS E 644 43.58 12.84 -9.04
C CYS E 644 42.62 11.91 -9.80
N PRO E 645 41.33 12.28 -9.85
CA PRO E 645 40.41 11.52 -10.70
C PRO E 645 40.92 11.59 -12.13
N GLY E 646 40.87 10.46 -12.84
CA GLY E 646 41.50 10.34 -14.16
C GLY E 646 42.69 9.40 -14.11
N THR E 647 43.25 9.17 -12.92
CA THR E 647 44.25 8.10 -12.73
C THR E 647 43.51 6.93 -12.15
N ASP E 648 44.17 5.78 -12.05
CA ASP E 648 43.55 4.64 -11.37
C ASP E 648 43.93 4.60 -9.87
N GLU E 649 44.30 5.76 -9.32
CA GLU E 649 44.95 5.82 -8.00
C GLU E 649 44.16 6.43 -6.85
N TYR E 650 44.28 5.81 -5.67
CA TYR E 650 43.71 6.32 -4.42
C TYR E 650 44.87 6.52 -3.45
N VAL E 651 45.20 7.77 -3.14
CA VAL E 651 46.35 8.12 -2.29
C VAL E 651 46.08 7.79 -0.81
N MET E 652 47.12 7.37 -0.10
CA MET E 652 46.95 6.77 1.24
C MET E 652 46.89 7.79 2.37
N GLY E 653 46.00 7.52 3.33
CA GLY E 653 45.87 8.34 4.53
C GLY E 653 45.92 7.44 5.75
N THR E 654 44.94 7.54 6.62
CA THR E 654 44.87 6.65 7.78
C THR E 654 43.41 6.17 7.99
N PRO E 655 43.21 4.86 8.15
CA PRO E 655 41.86 4.36 8.45
C PRO E 655 41.39 4.73 9.86
N LEU E 656 40.09 4.98 9.98
CA LEU E 656 39.49 5.35 11.25
C LEU E 656 39.03 4.15 12.08
N PHE E 657 38.57 3.10 11.42
CA PHE E 657 37.98 1.95 12.10
C PHE E 657 38.95 0.77 12.19
N LYS E 658 38.65 -0.18 13.08
CA LYS E 658 39.44 -1.40 13.18
C LYS E 658 39.26 -2.29 11.95
N LYS E 659 38.02 -2.49 11.51
CA LYS E 659 37.76 -3.24 10.28
C LYS E 659 36.80 -2.53 9.31
N ALA E 660 37.10 -2.57 8.02
CA ALA E 660 36.15 -2.14 6.98
C ALA E 660 36.06 -3.13 5.82
N THR E 661 34.85 -3.48 5.43
CA THR E 661 34.63 -4.43 4.33
C THR E 661 33.87 -3.76 3.17
N LEU E 662 34.45 -3.79 1.98
CA LEU E 662 33.80 -3.24 0.80
C LEU E 662 33.32 -4.37 -0.12
N HIS E 663 32.03 -4.37 -0.44
CA HIS E 663 31.50 -5.29 -1.43
C HIS E 663 31.31 -4.58 -2.77
N PHE E 664 32.07 -4.99 -3.78
CA PHE E 664 32.02 -4.41 -5.11
C PHE E 664 30.92 -5.04 -5.96
N GLU E 665 30.46 -4.32 -6.98
CA GLU E 665 29.40 -4.79 -7.86
C GLU E 665 29.83 -6.03 -8.66
N ASN E 666 31.15 -6.21 -8.83
CA ASN E 666 31.71 -7.40 -9.49
C ASN E 666 31.69 -8.69 -8.66
N GLY E 667 31.17 -8.61 -7.44
CA GLY E 667 31.00 -9.81 -6.61
C GLY E 667 32.13 -10.08 -5.63
N ASN E 668 33.27 -9.41 -5.84
CA ASN E 668 34.42 -9.50 -4.92
C ASN E 668 34.23 -8.62 -3.67
N SER E 669 34.99 -8.93 -2.62
CA SER E 669 35.01 -8.18 -1.35
C SER E 669 36.43 -7.80 -1.00
N LEU E 670 36.61 -6.75 -0.22
CA LEU E 670 37.94 -6.32 0.22
C LEU E 670 37.90 -5.90 1.68
N VAL E 671 38.65 -6.60 2.53
CA VAL E 671 38.72 -6.29 3.98
C VAL E 671 39.96 -5.43 4.30
N ILE E 672 39.75 -4.34 5.04
CA ILE E 672 40.82 -3.50 5.52
C ILE E 672 40.94 -3.72 7.02
N ASP E 673 42.01 -4.39 7.43
CA ASP E 673 42.13 -4.90 8.78
C ASP E 673 43.15 -4.05 9.54
N ALA E 674 42.69 -3.43 10.63
CA ALA E 674 43.55 -2.58 11.47
C ALA E 674 43.23 -2.79 12.97
N PRO E 675 43.44 -4.02 13.48
CA PRO E 675 42.96 -4.41 14.83
C PRO E 675 43.50 -3.53 15.96
N ASN E 676 44.63 -2.88 15.72
CA ASN E 676 45.24 -2.03 16.74
C ASN E 676 44.86 -0.55 16.72
N ASN E 677 44.02 -0.17 15.77
CA ASN E 677 43.49 1.21 15.66
C ASN E 677 42.86 1.66 16.97
N SER E 678 43.12 2.91 17.32
CA SER E 678 42.55 3.52 18.53
C SER E 678 42.66 5.03 18.37
N THR E 679 42.25 5.74 19.41
CA THR E 679 42.37 7.20 19.47
C THR E 679 43.85 7.65 19.45
N GLU E 680 44.76 6.84 19.99
CA GLU E 680 46.19 7.16 19.92
C GLU E 680 46.87 6.56 18.69
N ASN E 681 46.42 5.38 18.29
CA ASN E 681 47.10 4.64 17.23
C ASN E 681 46.65 5.04 15.81
N PHE E 682 47.08 6.21 15.35
CA PHE E 682 46.61 6.75 14.08
C PHE E 682 47.69 6.78 13.00
N TYR E 683 48.91 6.40 13.37
CA TYR E 683 50.00 6.25 12.42
C TYR E 683 50.01 4.85 11.82
N ILE E 684 50.38 4.76 10.54
CA ILE E 684 50.63 3.45 9.93
C ILE E 684 52.12 3.08 10.07
N ASP E 685 52.37 2.00 10.80
CA ASP E 685 53.72 1.50 10.96
C ASP E 685 54.13 0.66 9.75
N SER E 686 53.27 -0.30 9.38
CA SER E 686 53.44 -1.08 8.15
C SER E 686 52.11 -1.51 7.52
N MET E 687 52.16 -1.82 6.21
CA MET E 687 51.02 -2.33 5.47
C MET E 687 51.36 -3.56 4.64
N SER E 688 50.43 -4.51 4.57
CA SER E 688 50.55 -5.63 3.65
C SER E 688 49.25 -5.83 2.85
N PHE E 689 49.38 -5.99 1.54
CA PHE E 689 48.27 -6.26 0.63
C PHE E 689 48.28 -7.76 0.24
N ASN E 690 47.40 -8.56 0.84
CA ASN E 690 47.31 -10.01 0.58
C ASN E 690 48.60 -10.79 0.87
N GLY E 691 49.27 -10.47 1.96
CA GLY E 691 50.50 -11.16 2.34
C GLY E 691 51.75 -10.38 1.99
N ALA E 692 51.82 -9.90 0.75
CA ALA E 692 52.98 -9.13 0.27
C ALA E 692 53.07 -7.73 0.90
N ASP E 693 54.29 -7.32 1.25
CA ASP E 693 54.52 -6.05 1.92
C ASP E 693 54.26 -4.87 0.98
N HIS E 694 53.44 -3.94 1.47
CA HIS E 694 53.05 -2.78 0.71
C HIS E 694 53.56 -1.54 1.41
N THR E 695 54.50 -0.84 0.78
CA THR E 695 55.05 0.38 1.36
C THR E 695 54.71 1.58 0.49
N LYS E 696 53.80 1.37 -0.46
CA LYS E 696 53.36 2.45 -1.35
C LYS E 696 52.42 3.44 -0.64
N ASN E 697 52.43 4.69 -1.11
CA ASN E 697 51.49 5.71 -0.60
C ASN E 697 50.20 5.80 -1.44
N TYR E 698 49.88 4.74 -2.19
CA TYR E 698 48.69 4.70 -3.04
C TYR E 698 48.26 3.26 -3.27
N LEU E 699 46.98 3.09 -3.62
CA LEU E 699 46.41 1.81 -3.99
C LEU E 699 45.77 1.94 -5.37
N ARG E 700 45.83 0.87 -6.15
CA ARG E 700 45.31 0.92 -7.52
C ARG E 700 43.91 0.34 -7.61
N HIS E 701 43.08 1.00 -8.41
CA HIS E 701 41.68 0.63 -8.65
C HIS E 701 41.51 -0.83 -9.04
N GLU E 702 42.27 -1.29 -10.03
CA GLU E 702 42.22 -2.69 -10.51
C GLU E 702 42.59 -3.71 -9.40
N ASP E 703 43.58 -3.35 -8.57
CA ASP E 703 44.01 -4.20 -7.45
C ASP E 703 42.93 -4.36 -6.39
N LEU E 704 42.24 -3.25 -6.06
CA LEU E 704 41.13 -3.30 -5.09
C LEU E 704 39.97 -4.13 -5.59
N PHE E 705 39.63 -3.98 -6.87
CA PHE E 705 38.57 -4.76 -7.52
C PHE E 705 38.83 -6.26 -7.46
N LYS E 706 40.11 -6.65 -7.43
CA LYS E 706 40.49 -8.06 -7.25
C LYS E 706 40.08 -8.62 -5.90
N GLY E 707 40.21 -7.80 -4.84
CA GLY E 707 39.74 -8.20 -3.52
C GLY E 707 40.79 -8.79 -2.59
N GLY E 708 40.31 -9.47 -1.54
CA GLY E 708 41.15 -10.04 -0.50
C GLY E 708 41.19 -9.27 0.81
N THR E 709 42.41 -8.98 1.28
CA THR E 709 42.66 -8.40 2.60
C THR E 709 43.85 -7.45 2.54
N ILE E 710 43.67 -6.25 3.12
CA ILE E 710 44.78 -5.35 3.41
C ILE E 710 44.94 -5.35 4.92
N LYS E 711 46.19 -5.46 5.39
CA LYS E 711 46.50 -5.39 6.82
C LYS E 711 47.23 -4.09 7.12
N VAL E 712 46.71 -3.35 8.08
CA VAL E 712 47.30 -2.08 8.47
C VAL E 712 47.71 -2.16 9.93
N ASP E 713 48.99 -1.91 10.18
CA ASP E 713 49.56 -1.95 11.52
C ASP E 713 49.66 -0.55 12.11
N MET E 714 48.78 -0.29 13.07
CA MET E 714 48.59 1.05 13.64
C MET E 714 49.49 1.27 14.85
N SER E 715 49.95 2.51 15.01
CA SER E 715 50.92 2.86 16.04
C SER E 715 50.67 4.29 16.52
N ASN E 716 51.14 4.61 17.73
CA ASN E 716 51.05 5.98 18.27
C ASN E 716 52.29 6.83 18.00
N ARG E 717 53.30 6.25 17.35
CA ARG E 717 54.43 7.04 16.87
C ARG E 717 54.63 6.89 15.36
N PRO E 718 55.10 7.97 14.69
CA PRO E 718 55.23 7.91 13.23
C PRO E 718 56.43 7.06 12.81
N ASN E 719 56.25 6.25 11.77
CA ASN E 719 57.35 5.54 11.14
C ASN E 719 57.96 6.41 10.02
N LEU E 720 59.14 6.96 10.30
CA LEU E 720 59.86 7.91 9.42
C LEU E 720 60.55 7.26 8.21
N ASN E 721 60.54 5.93 8.16
CA ASN E 721 61.21 5.18 7.09
C ASN E 721 60.24 4.78 5.97
N ARG E 722 58.98 4.54 6.34
CA ARG E 722 57.98 4.02 5.42
C ARG E 722 57.44 5.07 4.45
N GLY E 723 57.41 4.72 3.17
CA GLY E 723 56.80 5.54 2.13
C GLY E 723 57.60 6.75 1.72
N THR E 724 58.93 6.62 1.70
CA THR E 724 59.82 7.72 1.35
C THR E 724 60.54 7.51 0.01
N LYS E 725 60.53 6.26 -0.47
CA LYS E 725 61.15 5.91 -1.76
C LYS E 725 60.43 6.53 -2.94
N GLU E 726 61.18 6.82 -4.01
CA GLU E 726 60.62 7.41 -5.21
C GLU E 726 59.48 6.54 -5.78
N GLU E 727 59.57 5.22 -5.64
CA GLU E 727 58.54 4.32 -6.18
C GLU E 727 57.36 4.13 -5.22
N ASP E 728 57.47 4.68 -4.02
CA ASP E 728 56.37 4.76 -3.07
C ASP E 728 55.40 5.91 -3.42
N MET E 729 55.79 6.75 -4.38
CA MET E 729 55.05 7.97 -4.71
C MET E 729 53.90 7.72 -5.68
N PRO E 730 52.77 8.42 -5.49
CA PRO E 730 51.67 8.33 -6.45
C PRO E 730 51.97 9.13 -7.72
N TYR E 731 51.15 8.96 -8.74
CA TYR E 731 51.36 9.54 -10.07
C TYR E 731 51.63 11.04 -10.08
N SER E 732 52.59 11.47 -10.89
CA SER E 732 52.73 12.88 -11.28
C SER E 732 53.00 12.93 -12.76
N PHE E 733 52.35 13.86 -13.46
CA PHE E 733 52.55 14.02 -14.91
C PHE E 733 54.00 14.41 -15.33
N SER E 734 54.76 15.03 -14.44
CA SER E 734 56.17 15.37 -14.69
C SER E 734 57.09 14.14 -14.77
N LYS E 735 56.65 13.03 -14.18
CA LYS E 735 57.42 11.78 -14.19
C LYS E 735 56.97 10.81 -15.32
N GLU E 736 56.16 11.33 -16.24
CA GLU E 736 55.70 10.58 -17.41
C GLU E 736 55.84 11.45 -18.67
N LYS F 1 39.33 4.18 36.28
CA LYS F 1 37.92 4.11 35.81
C LYS F 1 37.33 5.52 35.69
N ASP F 2 37.01 5.94 34.46
CA ASP F 2 36.57 7.33 34.20
C ASP F 2 35.11 7.49 33.80
N TRP F 3 34.38 8.32 34.53
CA TRP F 3 32.98 8.61 34.22
C TRP F 3 32.74 9.99 33.62
N THR F 4 33.64 10.93 33.89
CA THR F 4 33.52 12.29 33.34
C THR F 4 33.35 12.29 31.83
N GLN F 5 33.94 11.31 31.16
CA GLN F 5 33.90 11.22 29.70
C GLN F 5 32.46 11.21 29.16
N TYR F 6 31.52 10.81 30.01
CA TYR F 6 30.10 10.75 29.63
C TYR F 6 29.32 12.04 29.96
N VAL F 7 29.91 12.94 30.75
CA VAL F 7 29.23 14.19 31.10
C VAL F 7 29.27 15.24 29.98
N ASN F 8 28.11 15.72 29.57
CA ASN F 8 28.03 16.87 28.65
C ASN F 8 27.44 18.12 29.35
N PRO F 9 28.30 19.10 29.71
CA PRO F 9 27.86 20.34 30.39
C PRO F 9 26.96 21.21 29.51
N LEU F 10 26.94 20.93 28.20
CA LEU F 10 26.11 21.67 27.26
C LEU F 10 24.67 21.17 27.16
N MET F 11 24.36 20.05 27.80
CA MET F 11 23.00 19.50 27.81
C MET F 11 22.05 20.46 28.51
N GLY F 12 21.06 20.95 27.76
CA GLY F 12 20.09 21.89 28.31
C GLY F 12 20.34 23.34 27.91
N SER F 13 21.48 23.58 27.26
CA SER F 13 21.86 24.94 26.85
C SER F 13 21.17 25.44 25.57
N GLN F 14 20.59 24.52 24.79
CA GLN F 14 19.81 24.92 23.60
C GLN F 14 18.34 25.27 23.92
N SER F 15 18.13 26.24 24.80
CA SER F 15 16.80 26.54 25.33
C SER F 15 16.36 27.95 25.00
N THR F 16 15.04 28.15 24.89
CA THR F 16 14.47 29.50 24.67
C THR F 16 13.35 29.81 25.67
N PHE F 17 13.03 31.09 25.82
CA PHE F 17 11.95 31.57 26.67
C PHE F 17 10.64 30.79 26.41
N GLU F 18 10.36 30.52 25.14
CA GLU F 18 9.10 29.93 24.72
C GLU F 18 9.05 28.41 24.95
N LEU F 19 10.21 27.77 24.98
CA LEU F 19 10.33 26.30 25.11
C LEU F 19 11.67 25.92 25.74
N SER F 20 11.63 25.36 26.95
CA SER F 20 12.85 24.96 27.61
C SER F 20 13.22 23.57 27.17
N THR F 21 14.52 23.36 26.97
CA THR F 21 15.07 22.02 26.82
C THR F 21 16.06 21.78 27.96
N GLY F 22 15.84 22.51 29.06
CA GLY F 22 16.60 22.35 30.28
C GLY F 22 16.88 23.68 30.98
N ASN F 23 17.03 24.74 30.19
CA ASN F 23 17.49 26.05 30.66
C ASN F 23 18.73 26.01 31.55
N THR F 24 19.78 25.37 31.06
CA THR F 24 21.04 25.25 31.79
C THR F 24 22.17 26.04 31.14
N TYR F 25 23.25 26.25 31.90
CA TYR F 25 24.51 26.71 31.35
C TYR F 25 25.61 25.70 31.67
N PRO F 26 26.76 25.78 30.98
CA PRO F 26 27.89 24.91 31.34
C PRO F 26 28.54 25.35 32.66
N ALA F 27 28.21 24.65 33.73
CA ALA F 27 28.76 24.94 35.05
C ALA F 27 30.07 24.21 35.21
N ILE F 28 31.17 24.94 34.98
CA ILE F 28 32.53 24.42 35.13
C ILE F 28 32.88 24.69 36.59
N ALA F 29 33.02 23.62 37.37
CA ALA F 29 32.99 23.72 38.83
C ALA F 29 33.32 22.38 39.51
N ARG F 30 33.66 22.44 40.80
CA ARG F 30 33.73 21.24 41.63
C ARG F 30 32.32 20.89 42.10
N PRO F 31 32.10 19.63 42.56
CA PRO F 31 30.75 19.33 43.05
C PRO F 31 30.36 20.27 44.19
N TRP F 32 29.10 20.71 44.21
CA TRP F 32 28.59 21.76 45.13
C TRP F 32 29.51 22.99 45.31
N GLY F 33 30.35 23.29 44.31
CA GLY F 33 31.31 24.41 44.37
C GLY F 33 30.70 25.75 44.78
N MET F 34 31.41 26.53 45.58
CA MET F 34 30.88 27.80 46.04
C MET F 34 30.79 28.79 44.87
N ASN F 35 31.76 28.76 43.97
CA ASN F 35 31.77 29.62 42.78
C ASN F 35 31.82 28.79 41.51
N PHE F 36 30.79 28.95 40.66
CA PHE F 36 30.79 28.33 39.34
C PHE F 36 31.37 29.31 38.33
N TRP F 37 31.97 28.76 37.28
CA TRP F 37 32.50 29.55 36.18
C TRP F 37 31.90 29.05 34.89
N THR F 38 31.64 29.97 33.96
CA THR F 38 30.96 29.66 32.70
C THR F 38 31.40 30.63 31.61
N PRO F 39 31.52 30.13 30.36
CA PRO F 39 31.57 31.10 29.26
C PRO F 39 30.26 31.86 29.21
N GLN F 40 30.34 33.15 28.90
CA GLN F 40 29.17 34.01 28.86
C GLN F 40 28.94 34.51 27.44
N THR F 41 27.79 34.14 26.87
CA THR F 41 27.35 34.59 25.54
C THR F 41 26.30 35.71 25.63
N GLY F 42 25.45 35.68 26.65
CA GLY F 42 24.40 36.69 26.81
C GLY F 42 24.97 37.98 27.38
N LYS F 43 24.24 39.09 27.21
CA LYS F 43 24.66 40.39 27.76
C LYS F 43 24.50 40.43 29.28
N MET F 44 25.28 41.28 29.92
CA MET F 44 25.19 41.38 31.38
C MET F 44 23.74 41.60 31.81
N GLY F 45 23.28 40.78 32.74
CA GLY F 45 21.92 40.89 33.26
C GLY F 45 20.92 39.90 32.68
N ASP F 46 21.25 39.29 31.55
CA ASP F 46 20.35 38.32 30.92
C ASP F 46 20.47 36.96 31.59
N GLY F 47 19.35 36.46 32.07
CA GLY F 47 19.27 35.15 32.69
C GLY F 47 19.78 34.04 31.80
N TRP F 48 19.59 34.19 30.48
CA TRP F 48 20.13 33.25 29.50
C TRP F 48 21.60 33.60 29.20
N GLN F 49 22.46 33.24 30.14
CA GLN F 49 23.84 33.70 30.11
C GLN F 49 24.72 32.88 29.18
N TYR F 50 24.28 31.68 28.83
CA TYR F 50 24.92 30.93 27.78
C TYR F 50 23.85 30.19 26.99
N THR F 51 23.81 30.43 25.68
CA THR F 51 22.89 29.71 24.80
C THR F 51 23.68 29.05 23.65
N TYR F 52 23.30 27.82 23.31
CA TYR F 52 24.04 27.02 22.35
C TYR F 52 24.09 27.67 20.96
N THR F 53 23.07 28.43 20.62
CA THR F 53 22.95 29.04 19.29
C THR F 53 23.60 30.42 19.18
N ALA F 54 24.14 30.94 20.29
CA ALA F 54 24.81 32.24 20.26
C ALA F 54 26.11 32.15 19.46
N ASN F 55 26.45 33.24 18.77
CA ASN F 55 27.62 33.30 17.92
C ASN F 55 28.90 33.72 18.66
N LYS F 56 28.76 34.48 19.74
CA LYS F 56 29.92 35.15 20.33
C LYS F 56 30.02 34.98 21.84
N ILE F 57 31.25 34.93 22.35
CA ILE F 57 31.54 34.92 23.78
C ILE F 57 32.05 36.33 24.13
N ARG F 58 31.55 36.89 25.22
CA ARG F 58 31.93 38.24 25.65
C ARG F 58 32.66 38.28 26.99
N GLY F 59 32.72 37.14 27.67
CA GLY F 59 33.40 37.05 28.96
C GLY F 59 33.43 35.62 29.49
N PHE F 60 34.32 35.39 30.45
CA PHE F 60 34.35 34.15 31.21
C PHE F 60 33.97 34.57 32.63
N LYS F 61 32.84 34.06 33.10
CA LYS F 61 32.13 34.67 34.23
C LYS F 61 31.99 33.75 35.45
N GLN F 62 32.20 34.34 36.64
CA GLN F 62 31.84 33.71 37.90
C GLN F 62 30.35 33.92 38.14
N THR F 63 29.63 32.82 38.35
CA THR F 63 28.18 32.87 38.45
C THR F 63 27.68 32.07 39.65
N HIS F 64 26.51 32.42 40.13
CA HIS F 64 25.85 31.62 41.17
C HIS F 64 24.41 31.26 40.80
N GLN F 65 24.02 31.69 39.59
CA GLN F 65 22.66 31.53 39.10
C GLN F 65 22.10 30.10 39.16
N PRO F 66 20.95 29.89 39.85
CA PRO F 66 20.32 28.55 39.84
C PRO F 66 19.34 28.33 38.68
N SER F 67 18.83 29.42 38.09
CA SER F 67 17.95 29.34 36.92
C SER F 67 17.89 30.71 36.24
N PRO F 68 17.47 30.75 34.97
CA PRO F 68 17.42 32.06 34.29
C PRO F 68 16.34 33.00 34.88
N TRP F 69 15.34 32.41 35.53
CA TRP F 69 14.21 33.15 36.08
C TRP F 69 14.62 33.85 37.38
N ILE F 70 15.36 33.12 38.21
CA ILE F 70 15.87 33.62 39.47
C ILE F 70 17.07 34.56 39.27
N ASN F 71 17.84 34.29 38.22
CA ASN F 71 18.97 35.15 37.85
C ASN F 71 20.12 35.05 38.86
N ASP F 72 21.05 35.99 38.83
CA ASP F 72 22.40 35.81 39.38
C ASP F 72 22.74 36.80 40.52
N TYR F 73 23.88 36.55 41.18
CA TYR F 73 24.53 37.46 42.17
C TYR F 73 26.02 37.08 42.35
N GLY F 74 26.82 38.01 42.87
CA GLY F 74 28.25 37.74 43.06
C GLY F 74 28.90 37.41 41.73
N GLN F 75 28.71 38.31 40.77
CA GLN F 75 29.04 38.04 39.37
C GLN F 75 30.05 39.04 38.80
N PHE F 76 31.13 38.51 38.23
CA PHE F 76 32.10 39.30 37.45
C PHE F 76 32.69 38.44 36.34
N SER F 77 33.39 39.07 35.41
CA SER F 77 33.98 38.39 34.26
C SER F 77 35.38 38.89 33.86
N ILE F 78 36.06 38.01 33.14
CA ILE F 78 37.37 38.30 32.58
C ILE F 78 37.32 37.98 31.06
N MET F 79 38.04 38.76 30.24
CA MET F 79 37.99 38.60 28.78
C MET F 79 39.31 38.99 28.10
N PRO F 80 40.01 38.02 27.48
CA PRO F 80 41.24 38.34 26.73
C PRO F 80 40.90 38.90 25.34
N ILE F 81 41.60 39.95 24.95
CA ILE F 81 41.41 40.61 23.64
C ILE F 81 42.74 41.04 23.02
N VAL F 82 42.69 41.40 21.74
CA VAL F 82 43.85 41.85 21.01
C VAL F 82 43.44 43.09 20.15
N GLY F 83 44.36 44.01 19.91
CA GLY F 83 44.08 45.18 19.08
C GLY F 83 43.96 46.48 19.85
N GLN F 84 42.74 46.90 20.14
CA GLN F 84 42.51 48.15 20.88
C GLN F 84 42.03 47.81 22.30
N PRO F 85 42.31 48.67 23.29
CA PRO F 85 41.75 48.39 24.62
C PRO F 85 40.28 48.79 24.69
N VAL F 86 39.38 47.81 24.57
CA VAL F 86 37.95 48.09 24.55
C VAL F 86 37.25 47.36 25.68
N PHE F 87 36.49 48.13 26.45
CA PHE F 87 35.72 47.61 27.56
C PHE F 87 34.31 47.15 27.17
N ASP F 88 33.70 47.83 26.20
CA ASP F 88 32.32 47.56 25.82
C ASP F 88 32.05 46.07 25.59
N GLU F 89 30.99 45.56 26.20
CA GLU F 89 30.72 44.12 26.19
C GLU F 89 30.40 43.55 24.80
N GLU F 90 29.92 44.39 23.88
CA GLU F 90 29.67 43.98 22.49
C GLU F 90 30.92 44.05 21.63
N LYS F 91 31.63 45.17 21.72
CA LYS F 91 32.86 45.39 20.95
C LYS F 91 34.04 44.45 21.28
N ARG F 92 34.13 44.00 22.53
CA ARG F 92 35.20 43.09 22.94
C ARG F 92 34.90 41.62 22.59
N ALA F 93 33.66 41.35 22.22
CA ALA F 93 33.19 39.99 22.05
C ALA F 93 33.80 39.31 20.83
N SER F 94 33.86 37.99 20.82
CA SER F 94 34.42 37.27 19.68
C SER F 94 33.57 36.11 19.22
N TRP F 95 33.42 35.96 17.90
CA TRP F 95 32.94 34.70 17.31
C TRP F 95 33.68 33.48 17.86
N PHE F 96 32.95 32.36 17.96
CA PHE F 96 33.50 31.04 18.27
C PHE F 96 32.54 30.00 17.69
N ALA F 97 32.96 28.74 17.68
CA ALA F 97 32.06 27.62 17.35
C ALA F 97 32.31 26.47 18.29
N HIS F 98 31.33 25.60 18.42
CA HIS F 98 31.37 24.46 19.36
C HIS F 98 32.42 23.41 19.02
N LYS F 99 32.81 23.34 17.75
CA LYS F 99 33.90 22.47 17.31
C LYS F 99 35.26 23.07 17.71
N GLY F 100 35.25 24.33 18.12
CA GLY F 100 36.44 24.98 18.69
C GLY F 100 36.37 25.07 20.22
N GLU F 101 35.57 24.19 20.83
CA GLU F 101 35.28 24.31 22.25
C GLU F 101 35.28 22.94 22.92
N VAL F 102 35.91 22.85 24.09
CA VAL F 102 35.88 21.62 24.88
C VAL F 102 35.30 21.95 26.24
N ALA F 103 34.18 21.31 26.57
CA ALA F 103 33.51 21.54 27.84
C ALA F 103 33.39 20.24 28.64
N THR F 104 34.06 20.21 29.79
CA THR F 104 33.94 19.14 30.77
C THR F 104 33.72 19.83 32.12
N PRO F 105 33.21 19.09 33.13
CA PRO F 105 32.92 19.72 34.43
C PRO F 105 34.16 20.34 35.11
N TYR F 106 35.35 19.85 34.75
CA TYR F 106 36.60 20.21 35.42
C TYR F 106 37.56 21.08 34.58
N TYR F 107 37.21 21.33 33.32
CA TYR F 107 38.11 21.96 32.35
C TYR F 107 37.27 22.49 31.21
N TYR F 108 37.51 23.74 30.83
CA TYR F 108 36.83 24.37 29.69
C TYR F 108 37.86 25.05 28.77
N LYS F 109 37.79 24.74 27.47
CA LYS F 109 38.63 25.41 26.48
C LYS F 109 37.82 25.93 25.28
N VAL F 110 38.19 27.11 24.78
CA VAL F 110 37.58 27.65 23.58
C VAL F 110 38.55 28.56 22.81
N TYR F 111 38.40 28.56 21.48
CA TYR F 111 39.20 29.39 20.59
C TYR F 111 38.38 30.62 20.20
N LEU F 112 38.89 31.81 20.53
CA LEU F 112 38.20 33.06 20.18
C LEU F 112 38.67 33.57 18.79
N ALA F 113 37.89 33.26 17.77
CA ALA F 113 38.23 33.52 16.36
C ALA F 113 38.60 34.96 16.00
N GLU F 114 37.90 35.93 16.53
CA GLU F 114 38.21 37.34 16.22
C GLU F 114 39.42 37.91 16.97
N HIS F 115 39.93 37.21 18.00
CA HIS F 115 41.14 37.66 18.69
C HIS F 115 42.37 36.75 18.45
N ASP F 116 42.12 35.57 17.90
CA ASP F 116 43.15 34.52 17.77
C ASP F 116 43.78 34.16 19.14
N ILE F 117 42.90 33.98 20.13
CA ILE F 117 43.28 33.60 21.50
C ILE F 117 42.58 32.31 21.92
N VAL F 118 43.35 31.40 22.52
CA VAL F 118 42.78 30.23 23.23
C VAL F 118 42.64 30.58 24.70
N THR F 119 41.49 30.21 25.30
CA THR F 119 41.27 30.35 26.73
C THR F 119 40.99 29.00 27.35
N GLU F 120 41.69 28.71 28.45
CA GLU F 120 41.43 27.53 29.25
C GLU F 120 41.17 27.94 30.69
N MET F 121 40.26 27.24 31.37
CA MET F 121 40.00 27.46 32.80
C MET F 121 39.73 26.16 33.53
N THR F 122 40.33 26.04 34.72
CA THR F 122 40.11 24.91 35.60
C THR F 122 39.87 25.48 37.01
N PRO F 123 38.69 25.19 37.58
CA PRO F 123 38.35 25.69 38.91
C PRO F 123 38.52 24.68 40.07
N THR F 124 38.64 25.26 41.28
CA THR F 124 38.55 24.52 42.52
C THR F 124 37.19 24.91 43.10
N GLU F 125 36.97 24.65 44.38
CA GLU F 125 35.69 24.99 45.00
C GLU F 125 35.36 26.49 45.04
N ARG F 126 36.40 27.31 45.17
CA ARG F 126 36.25 28.75 45.39
C ARG F 126 37.18 29.56 44.51
N ALA F 127 38.10 28.90 43.84
CA ALA F 127 39.09 29.58 43.04
C ALA F 127 39.09 29.00 41.63
N VAL F 128 39.81 29.64 40.73
CA VAL F 128 39.96 29.14 39.35
C VAL F 128 41.30 29.54 38.73
N LEU F 129 41.85 28.68 37.86
CA LEU F 129 43.01 29.05 37.06
C LEU F 129 42.65 29.26 35.60
N PHE F 130 43.02 30.43 35.07
CA PHE F 130 42.94 30.75 33.64
C PHE F 130 44.30 30.65 32.98
N ARG F 131 44.32 30.12 31.75
CA ARG F 131 45.46 30.21 30.85
C ARG F 131 45.01 30.79 29.51
N PHE F 132 45.65 31.91 29.12
CA PHE F 132 45.35 32.57 27.86
C PHE F 132 46.53 32.35 26.93
N THR F 133 46.29 31.73 25.77
CA THR F 133 47.32 31.60 24.75
C THR F 133 47.12 32.66 23.67
N PHE F 134 48.03 33.64 23.67
CA PHE F 134 47.95 34.80 22.78
C PHE F 134 48.71 34.59 21.45
N PRO F 135 48.35 35.39 20.41
CA PRO F 135 49.13 35.43 19.18
C PRO F 135 50.24 36.48 19.30
N GLU F 136 51.07 36.59 18.28
CA GLU F 136 52.02 37.68 18.19
C GLU F 136 51.26 38.99 18.04
N ASN F 137 51.38 39.86 19.03
CA ASN F 137 50.77 41.19 18.98
C ASN F 137 51.53 42.15 19.89
N ASP F 138 51.68 43.39 19.44
CA ASP F 138 52.17 44.48 20.30
C ASP F 138 51.13 44.95 21.31
N HIS F 139 49.86 44.68 21.03
CA HIS F 139 48.75 45.13 21.88
C HIS F 139 47.76 43.99 22.24
N SER F 140 48.19 43.17 23.20
CA SER F 140 47.36 42.13 23.81
C SER F 140 46.86 42.62 25.18
N TYR F 141 45.61 42.32 25.49
CA TYR F 141 44.96 42.84 26.69
C TYR F 141 44.13 41.79 27.41
N VAL F 142 43.85 42.08 28.69
CA VAL F 142 42.88 41.34 29.47
C VAL F 142 41.92 42.35 30.14
N VAL F 143 40.62 42.15 29.95
CA VAL F 143 39.58 43.01 30.51
C VAL F 143 38.95 42.35 31.74
N VAL F 144 38.86 43.08 32.85
CA VAL F 144 38.18 42.62 34.05
C VAL F 144 36.93 43.45 34.25
N ASP F 145 35.78 42.78 34.36
CA ASP F 145 34.48 43.44 34.41
C ASP F 145 33.80 43.14 35.76
N ALA F 146 33.72 44.15 36.62
CA ALA F 146 33.13 43.98 37.97
C ALA F 146 31.60 44.14 37.99
N PHE F 147 31.01 44.30 36.80
CA PHE F 147 29.58 44.50 36.61
C PHE F 147 29.06 45.78 37.25
N ASP F 148 27.77 46.08 37.06
CA ASP F 148 27.24 47.39 37.47
C ASP F 148 26.43 47.36 38.78
N LYS F 149 25.70 48.44 39.05
CA LYS F 149 24.89 48.64 40.27
C LYS F 149 25.75 48.82 41.50
N GLY F 150 26.95 49.38 41.33
CA GLY F 150 27.88 49.58 42.45
C GLY F 150 28.98 48.53 42.57
N SER F 151 30.16 48.83 42.04
CA SER F 151 31.29 47.91 42.14
C SER F 151 32.57 48.71 42.35
N TYR F 152 33.70 48.02 42.41
CA TYR F 152 34.96 48.64 42.77
C TYR F 152 36.09 47.84 42.18
N ILE F 153 37.17 48.54 41.84
CA ILE F 153 38.32 47.94 41.19
C ILE F 153 39.61 48.66 41.58
N LYS F 154 40.71 47.89 41.65
CA LYS F 154 42.02 48.45 41.93
C LYS F 154 43.15 47.65 41.27
N ILE F 155 44.02 48.35 40.55
CA ILE F 155 45.19 47.72 39.91
C ILE F 155 46.45 47.94 40.77
N ILE F 156 47.15 46.84 41.05
CA ILE F 156 48.36 46.88 41.87
C ILE F 156 49.54 46.34 41.08
N PRO F 157 50.28 47.26 40.44
CA PRO F 157 51.30 46.92 39.47
C PRO F 157 52.44 46.05 40.01
N GLU F 158 52.96 46.36 41.20
CA GLU F 158 54.11 45.63 41.80
C GLU F 158 53.74 44.24 42.30
N GLU F 159 52.47 43.88 42.19
CA GLU F 159 52.02 42.55 42.57
C GLU F 159 51.40 41.81 41.38
N ASN F 160 51.47 42.42 40.20
CA ASN F 160 50.82 41.91 38.96
C ASN F 160 49.35 41.55 39.25
N LYS F 161 48.67 42.44 39.98
CA LYS F 161 47.40 42.12 40.63
C LYS F 161 46.28 43.10 40.27
N ILE F 162 45.08 42.55 40.15
CA ILE F 162 43.87 43.33 40.14
C ILE F 162 42.95 42.77 41.20
N ILE F 163 42.40 43.68 42.00
CA ILE F 163 41.40 43.33 42.99
C ILE F 163 40.15 44.17 42.75
N GLY F 164 39.03 43.69 43.28
CA GLY F 164 37.77 44.41 43.24
C GLY F 164 36.65 43.70 43.98
N TYR F 165 35.49 44.35 44.04
CA TYR F 165 34.28 43.68 44.47
C TYR F 165 33.11 43.99 43.53
N THR F 166 32.17 43.05 43.48
CA THR F 166 30.96 43.17 42.68
C THR F 166 29.74 43.04 43.60
N THR F 167 28.69 43.81 43.31
CA THR F 167 27.45 43.75 44.10
C THR F 167 26.17 43.42 43.32
N ARG F 168 26.18 43.50 41.99
CA ARG F 168 24.96 43.24 41.18
C ARG F 168 24.28 41.91 41.54
N ASN F 169 23.01 42.01 41.92
CA ASN F 169 22.29 40.84 42.38
C ASN F 169 20.85 40.91 41.89
N SER F 170 20.04 39.92 42.26
CA SER F 170 18.65 39.86 41.81
C SER F 170 17.69 39.82 42.99
N GLY F 171 18.17 40.27 44.15
CA GLY F 171 17.36 40.33 45.37
C GLY F 171 17.79 39.30 46.40
N GLY F 172 17.16 39.33 47.57
CA GLY F 172 17.42 38.35 48.64
C GLY F 172 18.82 38.44 49.21
N VAL F 173 19.33 39.67 49.30
CA VAL F 173 20.63 39.90 49.95
C VAL F 173 20.55 41.01 51.02
N PRO F 174 21.44 40.98 52.01
CA PRO F 174 21.51 42.11 52.97
C PRO F 174 22.10 43.37 52.33
N GLU F 175 21.88 44.52 52.97
CA GLU F 175 22.39 45.82 52.50
C GLU F 175 23.92 45.85 52.22
N ASN F 176 24.70 45.18 53.08
CA ASN F 176 26.17 45.14 52.97
C ASN F 176 26.76 44.10 51.98
N PHE F 177 25.92 43.52 51.13
CA PHE F 177 26.35 42.41 50.25
C PHE F 177 27.50 42.75 49.30
N LYS F 178 28.54 41.93 49.32
CA LYS F 178 29.69 42.11 48.43
C LYS F 178 30.35 40.79 48.09
N ASN F 179 30.75 40.64 46.84
CA ASN F 179 31.66 39.53 46.49
C ASN F 179 33.04 40.09 46.16
N TYR F 180 34.02 39.74 46.99
CA TYR F 180 35.39 40.25 46.88
C TYR F 180 36.24 39.30 46.06
N PHE F 181 36.92 39.82 45.03
CA PHE F 181 37.76 38.98 44.18
C PHE F 181 39.20 39.50 44.03
N ILE F 182 40.12 38.56 43.81
CA ILE F 182 41.54 38.86 43.58
C ILE F 182 42.03 38.10 42.34
N ILE F 183 42.77 38.80 41.47
CA ILE F 183 43.29 38.21 40.24
C ILE F 183 44.81 38.44 40.15
N GLU F 184 45.61 37.37 40.13
CA GLU F 184 47.07 37.47 40.00
C GLU F 184 47.58 36.98 38.63
N PHE F 185 48.29 37.85 37.92
CA PHE F 185 48.88 37.51 36.63
C PHE F 185 50.37 37.14 36.73
N ASP F 186 50.83 36.29 35.81
CA ASP F 186 52.26 35.94 35.75
C ASP F 186 53.03 36.71 34.66
N LYS F 187 52.52 37.91 34.32
CA LYS F 187 53.09 38.76 33.27
C LYS F 187 52.89 40.24 33.63
N PRO F 188 53.95 41.05 33.55
CA PRO F 188 53.89 42.46 33.97
C PRO F 188 52.95 43.32 33.11
N PHE F 189 52.32 44.32 33.72
CA PHE F 189 51.40 45.19 32.99
C PHE F 189 52.16 46.32 32.32
N THR F 190 52.27 46.24 31.00
CA THR F 190 52.94 47.29 30.24
C THR F 190 51.93 48.37 29.87
N TYR F 191 50.66 47.96 29.86
CA TYR F 191 49.52 48.86 29.76
C TYR F 191 48.63 48.63 30.97
N LYS F 192 48.06 49.72 31.49
CA LYS F 192 47.06 49.66 32.58
C LYS F 192 46.10 50.83 32.55
N ALA F 193 44.82 50.53 32.76
CA ALA F 193 43.77 51.53 32.80
C ALA F 193 42.63 50.96 33.62
N THR F 194 41.99 51.80 34.41
CA THR F 194 40.71 51.42 35.02
C THR F 194 39.59 52.03 34.20
N VAL F 195 38.39 51.53 34.40
CA VAL F 195 37.23 51.97 33.64
C VAL F 195 36.16 52.42 34.61
N GLU F 196 35.59 53.58 34.36
CA GLU F 196 34.51 54.09 35.17
C GLU F 196 33.36 54.46 34.25
N ASN F 197 32.33 53.60 34.27
CA ASN F 197 31.13 53.76 33.45
C ASN F 197 31.44 53.95 31.95
N GLY F 198 32.18 52.99 31.39
CA GLY F 198 32.54 53.04 29.98
C GLY F 198 33.75 53.88 29.62
N ASN F 199 34.21 54.73 30.54
CA ASN F 199 35.37 55.62 30.31
C ASN F 199 36.73 55.05 30.73
N LEU F 200 37.60 54.88 29.74
CA LEU F 200 38.95 54.39 29.96
C LEU F 200 39.79 55.49 30.64
N GLN F 201 40.55 55.11 31.65
CA GLN F 201 41.37 56.06 32.42
C GLN F 201 42.75 55.48 32.59
N GLU F 202 43.62 55.73 31.62
CA GLU F 202 44.97 55.18 31.66
C GLU F 202 45.73 55.60 32.91
N ASN F 203 46.42 54.64 33.52
CA ASN F 203 47.25 54.84 34.72
C ASN F 203 46.52 55.36 35.99
N VAL F 204 45.20 55.30 36.01
CA VAL F 204 44.41 55.58 37.20
C VAL F 204 44.13 54.26 37.95
N ALA F 205 44.66 54.19 39.17
CA ALA F 205 44.76 52.97 39.97
C ALA F 205 43.44 52.34 40.44
N GLU F 206 42.43 53.16 40.72
CA GLU F 206 41.22 52.74 41.43
C GLU F 206 39.96 53.38 40.90
N GLN F 207 38.85 52.65 40.96
CA GLN F 207 37.53 53.26 40.80
C GLN F 207 36.56 52.69 41.83
N THR F 208 35.71 53.54 42.36
CA THR F 208 34.54 53.13 43.12
C THR F 208 33.37 53.82 42.44
N THR F 209 32.57 53.04 41.72
CA THR F 209 31.59 53.61 40.81
C THR F 209 30.50 52.58 40.44
N ASP F 210 29.49 53.00 39.68
CA ASP F 210 28.38 52.10 39.29
C ASP F 210 28.88 50.86 38.55
N HIS F 211 29.65 51.10 37.49
CA HIS F 211 30.23 50.01 36.70
C HIS F 211 31.75 50.17 36.64
N ALA F 212 32.44 49.44 37.52
CA ALA F 212 33.90 49.44 37.56
C ALA F 212 34.51 48.38 36.64
N GLY F 213 35.68 48.70 36.08
CA GLY F 213 36.43 47.74 35.28
C GLY F 213 37.92 48.03 35.21
N ALA F 214 38.66 47.10 34.62
CA ALA F 214 40.10 47.28 34.41
C ALA F 214 40.52 46.62 33.11
N ILE F 215 41.50 47.24 32.45
CA ILE F 215 42.17 46.65 31.30
C ILE F 215 43.69 46.74 31.50
N ILE F 216 44.35 45.58 31.53
CA ILE F 216 45.80 45.52 31.57
C ILE F 216 46.32 44.93 30.26
N GLY F 217 47.54 45.30 29.89
CA GLY F 217 48.09 44.90 28.60
C GLY F 217 49.60 44.76 28.55
N PHE F 218 50.07 44.13 27.46
CA PHE F 218 51.46 43.77 27.25
C PHE F 218 51.67 43.33 25.80
N LYS F 219 52.93 43.25 25.38
CA LYS F 219 53.33 42.60 24.12
C LYS F 219 53.39 41.11 24.33
N THR F 220 52.94 40.32 23.34
CA THR F 220 53.07 38.87 23.39
C THR F 220 53.69 38.31 22.11
N ARG F 221 54.47 37.23 22.28
CA ARG F 221 54.93 36.38 21.17
C ARG F 221 53.83 35.43 20.70
N LYS F 222 53.99 34.87 19.50
CA LYS F 222 53.07 33.87 18.99
C LYS F 222 53.04 32.69 19.93
N GLY F 223 51.85 32.33 20.41
CA GLY F 223 51.68 31.22 21.32
C GLY F 223 52.07 31.49 22.77
N GLU F 224 52.37 32.75 23.11
CA GLU F 224 52.70 33.09 24.50
C GLU F 224 51.52 32.90 25.45
N GLN F 225 51.78 32.16 26.53
CA GLN F 225 50.80 31.85 27.57
C GLN F 225 50.92 32.78 28.77
N VAL F 226 49.78 33.34 29.20
CA VAL F 226 49.68 34.19 30.39
C VAL F 226 48.66 33.55 31.33
N ASN F 227 49.08 33.26 32.56
CA ASN F 227 48.19 32.65 33.55
C ASN F 227 47.62 33.68 34.54
N ALA F 228 46.35 33.49 34.89
CA ALA F 228 45.68 34.34 35.87
C ALA F 228 45.03 33.46 36.94
N ARG F 229 45.53 33.59 38.18
CA ARG F 229 44.97 32.91 39.35
C ARG F 229 43.88 33.80 39.98
N ILE F 230 42.67 33.25 40.14
CA ILE F 230 41.50 34.02 40.60
C ILE F 230 40.78 33.32 41.76
N ALA F 231 40.40 34.11 42.76
CA ALA F 231 39.55 33.63 43.86
C ALA F 231 38.58 34.72 44.33
N SER F 232 37.50 34.29 44.96
CA SER F 232 36.57 35.23 45.55
C SER F 232 36.04 34.74 46.90
N SER F 233 35.39 35.66 47.61
CA SER F 233 34.86 35.44 48.93
C SER F 233 33.66 36.37 49.15
N PHE F 234 32.72 35.93 49.99
CA PHE F 234 31.63 36.79 50.45
C PHE F 234 31.98 37.43 51.80
N ILE F 235 33.18 37.11 52.29
CA ILE F 235 33.62 37.57 53.60
C ILE F 235 34.50 38.83 53.51
N SER F 236 35.66 38.72 52.87
CA SER F 236 36.64 39.82 52.80
C SER F 236 37.74 39.53 51.76
N PHE F 237 38.51 40.56 51.42
CA PHE F 237 39.70 40.38 50.57
C PHE F 237 40.66 39.40 51.22
N GLU F 238 40.87 39.57 52.51
CA GLU F 238 41.73 38.68 53.27
C GLU F 238 41.32 37.21 53.12
N GLN F 239 40.03 36.93 53.20
CA GLN F 239 39.52 35.58 53.10
C GLN F 239 39.61 35.12 51.65
N ALA F 240 39.39 36.06 50.72
CA ALA F 240 39.58 35.79 49.29
C ALA F 240 41.00 35.32 49.00
N ALA F 241 41.99 35.97 49.62
CA ALA F 241 43.40 35.58 49.45
C ALA F 241 43.70 34.23 50.08
N ALA F 242 43.07 33.92 51.21
CA ALA F 242 43.17 32.58 51.78
C ALA F 242 42.58 31.54 50.81
N ASN F 243 41.43 31.85 50.22
CA ASN F 243 40.79 30.99 49.19
C ASN F 243 41.68 30.67 47.98
N MET F 244 42.56 31.61 47.60
CA MET F 244 43.52 31.40 46.50
C MET F 244 44.43 30.19 46.72
N ASN F 245 44.72 29.86 47.97
CA ASN F 245 45.57 28.72 48.29
C ASN F 245 45.04 27.35 47.84
N GLU F 246 43.75 27.27 47.53
CA GLU F 246 43.16 26.06 46.90
C GLU F 246 43.89 25.71 45.60
N LEU F 247 44.49 26.71 44.96
CA LEU F 247 45.16 26.49 43.68
C LEU F 247 46.57 25.90 43.82
N GLY F 248 47.15 26.06 45.01
CA GLY F 248 48.55 25.68 45.25
C GLY F 248 49.42 26.43 44.25
N LYS F 249 50.41 25.75 43.70
CA LYS F 249 51.16 26.32 42.58
C LYS F 249 50.90 25.49 41.32
N ASP F 250 49.71 24.91 41.23
CA ASP F 250 49.38 23.98 40.14
C ASP F 250 49.17 24.70 38.83
N ASN F 251 49.52 24.03 37.74
CA ASN F 251 49.23 24.53 36.40
C ASN F 251 47.86 23.97 35.93
N ILE F 252 47.47 24.31 34.71
CA ILE F 252 46.18 23.85 34.14
C ILE F 252 46.02 22.32 34.18
N GLU F 253 47.08 21.59 33.80
CA GLU F 253 47.03 20.13 33.71
C GLU F 253 46.83 19.46 35.08
N GLN F 254 47.48 20.02 36.10
CA GLN F 254 47.42 19.47 37.44
C GLN F 254 46.08 19.77 38.08
N LEU F 255 45.57 20.97 37.86
CA LEU F 255 44.25 21.31 38.36
C LEU F 255 43.14 20.55 37.63
N ALA F 256 43.32 20.29 36.33
CA ALA F 256 42.33 19.55 35.57
C ALA F 256 42.21 18.12 36.11
N GLN F 257 43.34 17.46 36.31
CA GLN F 257 43.40 16.12 36.89
C GLN F 257 42.73 16.05 38.26
N LYS F 258 43.00 17.04 39.12
CA LYS F 258 42.39 17.06 40.45
C LYS F 258 40.87 17.22 40.40
N GLY F 259 40.38 18.08 39.51
CA GLY F 259 38.95 18.24 39.25
C GLY F 259 38.34 16.97 38.65
N LYS F 260 39.05 16.36 37.72
CA LYS F 260 38.66 15.07 37.16
C LYS F 260 38.51 13.99 38.27
N ASP F 261 39.54 13.85 39.10
CA ASP F 261 39.51 12.94 40.28
C ASP F 261 38.31 13.23 41.18
N ALA F 262 38.10 14.51 41.54
CA ALA F 262 36.95 14.87 42.35
C ALA F 262 35.64 14.41 41.70
N TRP F 263 35.46 14.69 40.41
CA TRP F 263 34.22 14.27 39.76
C TRP F 263 34.05 12.75 39.69
N ASN F 264 35.12 12.05 39.36
CA ASN F 264 35.09 10.59 39.29
C ASN F 264 34.76 9.90 40.61
N GLN F 265 35.22 10.51 41.70
CA GLN F 265 34.96 10.03 43.04
C GLN F 265 33.46 10.02 43.34
N VAL F 266 32.75 11.10 43.00
CA VAL F 266 31.29 11.17 43.23
C VAL F 266 30.45 10.47 42.14
N LEU F 267 30.92 10.53 40.89
CA LEU F 267 30.24 9.84 39.79
C LEU F 267 30.35 8.32 39.90
N GLY F 268 31.53 7.83 40.29
CA GLY F 268 31.77 6.40 40.45
C GLY F 268 31.07 5.72 41.63
N LYS F 269 30.29 6.48 42.40
CA LYS F 269 29.46 5.89 43.43
C LYS F 269 28.33 5.08 42.78
N ILE F 270 28.05 5.36 41.51
CA ILE F 270 27.03 4.61 40.74
C ILE F 270 27.60 4.18 39.39
N GLU F 271 27.84 2.88 39.22
CA GLU F 271 28.40 2.35 37.99
C GLU F 271 27.28 1.65 37.26
N VAL F 272 27.09 2.00 35.99
CA VAL F 272 26.11 1.31 35.14
C VAL F 272 26.83 0.70 33.94
N GLU F 273 26.32 -0.43 33.48
CA GLU F 273 26.85 -1.09 32.30
C GLU F 273 25.76 -1.86 31.55
N GLY F 274 26.09 -2.27 30.33
CA GLY F 274 25.14 -2.96 29.45
C GLY F 274 24.10 -2.05 28.82
N GLY F 275 24.49 -0.81 28.51
CA GLY F 275 23.59 0.10 27.79
C GLY F 275 24.27 0.67 26.57
N ASN F 276 23.61 1.60 25.89
CA ASN F 276 24.23 2.25 24.75
C ASN F 276 24.90 3.55 25.16
N LEU F 277 25.73 4.11 24.27
CA LEU F 277 26.46 5.35 24.53
C LEU F 277 25.55 6.55 24.85
N ASP F 278 24.41 6.67 24.15
CA ASP F 278 23.43 7.71 24.46
C ASP F 278 23.00 7.65 25.92
N GLN F 279 22.72 6.43 26.39
CA GLN F 279 22.22 6.21 27.75
C GLN F 279 23.26 6.53 28.82
N TYR F 280 24.50 6.13 28.59
CA TYR F 280 25.60 6.48 29.49
C TYR F 280 25.71 8.00 29.64
N ARG F 281 25.73 8.70 28.50
CA ARG F 281 25.82 10.17 28.49
C ARG F 281 24.65 10.85 29.21
N THR F 282 23.43 10.43 28.89
CA THR F 282 22.27 10.98 29.52
C THR F 282 22.33 10.74 31.05
N PHE F 283 22.71 9.52 31.45
CA PHE F 283 22.70 9.15 32.86
C PHE F 283 23.70 9.97 33.66
N TYR F 284 24.95 9.95 33.23
CA TYR F 284 26.04 10.62 33.94
C TYR F 284 26.05 12.15 33.82
N SER F 285 25.41 12.69 32.77
CA SER F 285 25.17 14.14 32.71
C SER F 285 24.08 14.53 33.70
N CYS F 286 23.03 13.73 33.82
CA CYS F 286 22.03 13.97 34.86
C CYS F 286 22.60 13.87 36.27
N LEU F 287 23.57 12.97 36.46
CA LEU F 287 24.20 12.80 37.76
C LEU F 287 25.06 14.03 38.10
N TYR F 288 25.88 14.45 37.15
CA TYR F 288 26.60 15.73 37.24
C TYR F 288 25.66 16.83 37.71
N ARG F 289 24.51 16.99 37.02
CA ARG F 289 23.53 18.03 37.38
C ARG F 289 22.91 17.89 38.77
N SER F 290 22.94 16.65 39.29
CA SER F 290 22.39 16.36 40.62
C SER F 290 23.34 16.71 41.76
N LEU F 291 24.60 16.99 41.45
CA LEU F 291 25.60 17.27 42.45
C LEU F 291 26.14 18.70 42.40
N LEU F 292 25.28 19.65 42.05
CA LEU F 292 25.72 21.03 41.98
C LEU F 292 25.02 21.91 43.00
N PHE F 293 23.72 21.71 43.16
CA PHE F 293 22.91 22.53 44.03
C PHE F 293 22.32 21.69 45.17
N PRO F 294 22.17 22.31 46.36
CA PRO F 294 22.55 23.68 46.66
C PRO F 294 24.06 23.80 46.81
N ARG F 295 24.58 24.99 46.52
CA ARG F 295 26.00 25.23 46.52
C ARG F 295 26.50 25.50 47.94
N LYS F 296 27.73 25.08 48.20
CA LYS F 296 28.42 25.46 49.43
C LYS F 296 28.44 26.98 49.51
N PHE F 297 28.12 27.53 50.67
CA PHE F 297 28.16 28.99 50.86
C PHE F 297 29.02 29.33 52.09
N TYR F 298 29.96 28.44 52.38
CA TYR F 298 30.85 28.61 53.52
C TYR F 298 32.31 28.55 53.09
N GLU F 299 33.16 29.14 53.94
CA GLU F 299 34.58 29.24 53.67
C GLU F 299 35.38 28.74 54.89
N LEU F 300 36.66 28.47 54.72
CA LEU F 300 37.48 27.86 55.75
C LEU F 300 38.42 28.89 56.42
N ASP F 301 38.40 28.98 57.75
CA ASP F 301 39.28 29.89 58.46
C ASP F 301 40.70 29.33 58.55
N ALA F 302 41.59 30.10 59.19
CA ALA F 302 42.99 29.72 59.34
C ALA F 302 43.19 28.38 60.06
N ASN F 303 42.17 27.88 60.73
CA ASN F 303 42.23 26.57 61.38
C ASN F 303 41.44 25.49 60.66
N GLY F 304 41.09 25.75 59.39
CA GLY F 304 40.36 24.78 58.56
C GLY F 304 38.93 24.54 58.99
N GLN F 305 38.37 25.50 59.72
CA GLN F 305 37.01 25.39 60.28
C GLN F 305 36.01 26.20 59.45
N PRO F 306 34.76 25.73 59.36
CA PRO F 306 33.80 26.40 58.48
C PRO F 306 33.21 27.68 59.06
N ILE F 307 33.27 28.77 58.29
CA ILE F 307 32.63 30.04 58.63
C ILE F 307 31.85 30.54 57.41
N HIS F 308 30.91 31.48 57.60
CA HIS F 308 30.11 31.97 56.46
C HIS F 308 29.60 33.40 56.58
N TYR F 309 29.57 34.10 55.44
CA TYR F 309 28.77 35.32 55.33
C TYR F 309 27.31 34.88 55.34
N SER F 310 26.46 35.62 56.06
CA SER F 310 25.05 35.25 56.10
C SER F 310 24.22 36.05 55.13
N PRO F 311 23.64 35.37 54.13
CA PRO F 311 22.80 36.08 53.19
C PRO F 311 21.51 36.51 53.85
N TYR F 312 21.34 36.15 55.12
CA TYR F 312 20.11 36.40 55.87
C TYR F 312 20.18 37.64 56.76
N ASN F 313 21.25 37.75 57.57
CA ASN F 313 21.43 38.91 58.46
C ASN F 313 22.74 39.70 58.22
N GLY F 314 23.53 39.24 57.25
CA GLY F 314 24.70 39.98 56.77
C GLY F 314 25.90 39.97 57.69
N GLN F 315 25.90 39.02 58.64
CA GLN F 315 27.00 38.87 59.59
C GLN F 315 27.85 37.68 59.15
N VAL F 316 29.10 37.63 59.61
CA VAL F 316 29.97 36.50 59.36
C VAL F 316 29.93 35.63 60.61
N LEU F 317 29.66 34.33 60.44
CA LEU F 317 29.28 33.46 61.56
C LEU F 317 29.84 32.05 61.38
N PRO F 318 30.03 31.30 62.49
CA PRO F 318 30.56 29.93 62.44
C PRO F 318 29.63 28.91 61.76
N GLY F 319 30.22 27.87 61.18
CA GLY F 319 29.45 26.72 60.69
C GLY F 319 28.99 26.75 59.25
N TYR F 320 28.26 25.69 58.89
CA TYR F 320 27.82 25.42 57.53
C TYR F 320 26.71 26.34 57.05
N MET F 321 26.65 26.52 55.73
CA MET F 321 25.65 27.34 55.07
C MET F 321 25.67 26.93 53.59
N PHE F 322 24.51 26.51 53.06
CA PHE F 322 24.34 26.23 51.63
C PHE F 322 23.23 27.11 51.08
N THR F 323 23.21 27.31 49.76
CA THR F 323 22.15 28.12 49.15
C THR F 323 21.89 27.80 47.67
N ASP F 324 20.98 28.56 47.06
CA ASP F 324 20.56 28.39 45.65
C ASP F 324 19.89 27.04 45.39
N THR F 325 18.77 26.81 46.07
CA THR F 325 17.87 25.70 45.74
C THR F 325 16.45 26.05 46.13
N GLY F 326 15.50 25.52 45.37
CA GLY F 326 14.08 25.68 45.68
C GLY F 326 13.52 24.34 46.09
N PHE F 327 13.11 24.25 47.36
CA PHE F 327 12.57 22.98 47.89
C PHE F 327 11.31 22.49 47.16
N TRP F 328 10.50 23.42 46.67
CA TRP F 328 9.33 23.07 45.86
C TRP F 328 9.72 22.12 44.74
N ASP F 329 10.96 22.28 44.25
CA ASP F 329 11.51 21.39 43.21
C ASP F 329 12.18 20.20 43.86
N THR F 330 13.08 20.47 44.82
CA THR F 330 14.09 19.48 45.22
C THR F 330 13.71 18.49 46.33
N PHE F 331 12.60 18.73 47.02
CA PHE F 331 12.18 17.78 48.07
C PHE F 331 11.88 16.40 47.48
N ARG F 332 11.49 16.39 46.20
CA ARG F 332 10.89 15.25 45.53
C ARG F 332 11.83 14.06 45.35
N CYS F 333 13.05 14.30 44.86
CA CYS F 333 14.03 13.22 44.75
C CYS F 333 15.48 13.65 44.69
N LEU F 334 15.72 14.97 44.73
CA LEU F 334 17.10 15.44 44.70
C LEU F 334 17.79 15.19 46.05
N PHE F 335 17.25 15.75 47.13
CA PHE F 335 17.76 15.47 48.48
C PHE F 335 17.64 13.99 48.86
N PRO F 336 16.51 13.33 48.52
CA PRO F 336 16.50 11.87 48.69
C PRO F 336 17.71 11.20 48.06
N LEU F 337 18.13 11.65 46.87
CA LEU F 337 19.32 11.08 46.25
C LEU F 337 20.55 11.25 47.16
N LEU F 338 20.65 12.42 47.79
CA LEU F 338 21.77 12.72 48.69
C LEU F 338 21.71 11.82 49.92
N ASN F 339 20.51 11.61 50.44
CA ASN F 339 20.29 10.72 51.59
C ASN F 339 20.61 9.27 51.33
N LEU F 340 20.63 8.87 50.07
CA LEU F 340 20.96 7.48 49.72
C LEU F 340 22.44 7.30 49.41
N MET F 341 23.00 8.21 48.62
CA MET F 341 24.31 8.01 48.05
C MET F 341 25.39 8.95 48.57
N TYR F 342 24.96 10.06 49.18
CA TYR F 342 25.90 11.09 49.70
C TYR F 342 25.46 11.68 51.04
N PRO F 343 25.07 10.81 52.01
CA PRO F 343 24.48 11.33 53.27
C PRO F 343 25.36 12.32 54.04
N SER F 344 26.68 12.15 53.98
CA SER F 344 27.64 13.08 54.63
C SER F 344 27.59 14.50 54.07
N VAL F 345 27.26 14.65 52.79
CA VAL F 345 27.11 15.98 52.20
C VAL F 345 25.83 16.65 52.73
N ASN F 346 24.74 15.90 52.72
CA ASN F 346 23.48 16.40 53.22
C ASN F 346 23.54 16.72 54.73
N LYS F 347 24.41 16.03 55.46
CA LYS F 347 24.68 16.40 56.86
C LYS F 347 25.10 17.87 56.94
N GLU F 348 26.14 18.22 56.18
CA GLU F 348 26.59 19.62 56.07
C GLU F 348 25.43 20.56 55.71
N MET F 349 24.59 20.13 54.77
CA MET F 349 23.46 20.92 54.28
C MET F 349 22.35 21.12 55.30
N GLN F 350 22.04 20.06 56.04
CA GLN F 350 21.04 20.14 57.10
C GLN F 350 21.55 21.05 58.22
N GLU F 351 22.83 20.96 58.54
CA GLU F 351 23.43 21.89 59.50
C GLU F 351 23.30 23.34 59.04
N GLY F 352 23.40 23.55 57.73
CA GLY F 352 23.28 24.89 57.16
C GLY F 352 21.88 25.44 57.30
N LEU F 353 20.89 24.55 57.16
CA LEU F 353 19.47 24.92 57.30
C LEU F 353 19.12 25.37 58.72
N ILE F 354 19.63 24.65 59.71
CA ILE F 354 19.56 25.09 61.10
C ILE F 354 20.07 26.54 61.15
N ASN F 355 21.25 26.78 60.59
CA ASN F 355 21.81 28.13 60.60
C ASN F 355 20.92 29.18 59.95
N THR F 356 20.14 28.76 58.95
CA THR F 356 19.18 29.66 58.26
C THR F 356 18.03 30.07 59.18
N TYR F 357 17.53 29.11 59.95
CA TYR F 357 16.46 29.39 60.92
C TYR F 357 17.00 30.35 61.97
N LEU F 358 18.11 30.00 62.61
CA LEU F 358 18.73 30.87 63.61
C LEU F 358 18.92 32.30 63.11
N GLU F 359 19.36 32.45 61.86
CA GLU F 359 19.85 33.75 61.37
C GLU F 359 18.76 34.61 60.78
N SER F 360 17.67 33.98 60.35
CA SER F 360 16.61 34.69 59.63
C SER F 360 15.24 34.59 60.29
N GLY F 361 15.05 33.58 61.15
CA GLY F 361 13.76 33.34 61.78
C GLY F 361 12.88 32.28 61.11
N PHE F 362 13.22 31.90 59.88
CA PHE F 362 12.47 30.90 59.11
C PHE F 362 13.44 29.91 58.50
N PHE F 363 12.96 28.70 58.24
CA PHE F 363 13.64 27.80 57.34
C PHE F 363 13.35 28.33 55.93
N PRO F 364 14.20 28.00 54.95
CA PRO F 364 13.95 28.56 53.62
C PRO F 364 13.06 27.66 52.78
N GLU F 365 12.52 28.21 51.69
CA GLU F 365 11.87 27.40 50.66
C GLU F 365 12.63 27.61 49.34
N TRP F 366 12.56 28.83 48.82
CA TRP F 366 13.48 29.27 47.77
C TRP F 366 14.54 30.21 48.33
N ALA F 367 15.79 29.79 48.21
CA ALA F 367 16.92 30.58 48.70
C ALA F 367 17.88 30.88 47.57
N SER F 368 18.13 32.17 47.33
CA SER F 368 19.12 32.60 46.32
C SER F 368 19.60 34.06 46.49
N PRO F 369 20.60 34.30 47.34
CA PRO F 369 21.19 33.44 48.37
C PRO F 369 20.38 33.46 49.67
N GLY F 370 19.62 34.53 49.89
CA GLY F 370 18.67 34.64 51.01
C GLY F 370 17.27 34.26 50.57
N HIS F 371 16.27 34.70 51.34
CA HIS F 371 14.88 34.31 51.07
C HIS F 371 14.36 34.99 49.80
N ARG F 372 13.84 34.19 48.88
CA ARG F 372 13.34 34.71 47.59
C ARG F 372 11.88 34.33 47.38
N GLY F 373 11.09 35.30 46.91
CA GLY F 373 9.64 35.11 46.69
C GLY F 373 9.37 34.31 45.41
N CYS F 374 9.21 33.00 45.57
CA CYS F 374 9.10 32.11 44.43
C CYS F 374 8.49 30.76 44.85
N MET F 375 7.47 30.33 44.09
CA MET F 375 6.80 29.04 44.28
C MET F 375 5.93 29.00 45.56
N VAL F 376 5.56 27.80 46.00
CA VAL F 376 4.57 27.60 47.06
C VAL F 376 4.97 26.41 47.94
N GLY F 377 4.16 26.13 48.97
CA GLY F 377 4.39 24.95 49.83
C GLY F 377 5.26 25.21 51.04
N ASN F 378 5.43 24.20 51.88
CA ASN F 378 6.25 24.28 53.09
C ASN F 378 7.12 23.03 53.11
N ASN F 379 7.71 22.72 51.95
CA ASN F 379 8.40 21.45 51.74
C ASN F 379 9.78 21.32 52.38
N SER F 380 10.29 22.42 52.94
CA SER F 380 11.37 22.35 53.94
C SER F 380 11.08 21.25 54.97
N ALA F 381 9.81 21.08 55.34
CA ALA F 381 9.43 20.02 56.29
C ALA F 381 9.86 18.64 55.79
N SER F 382 9.56 18.34 54.53
CA SER F 382 9.93 17.08 53.89
C SER F 382 11.44 16.87 53.86
N ILE F 383 12.17 17.93 53.52
CA ILE F 383 13.62 17.91 53.45
C ILE F 383 14.17 17.49 54.81
N LEU F 384 13.70 18.21 55.84
CA LEU F 384 14.24 18.08 57.19
C LEU F 384 13.91 16.70 57.80
N VAL F 385 12.66 16.26 57.62
CA VAL F 385 12.21 14.97 58.18
C VAL F 385 12.87 13.79 57.46
N ASP F 386 12.85 13.81 56.13
CA ASP F 386 13.43 12.68 55.38
C ASP F 386 14.92 12.50 55.68
N ALA F 387 15.64 13.61 55.87
CA ALA F 387 17.03 13.56 56.31
C ALA F 387 17.15 12.86 57.68
N TYR F 388 16.50 13.40 58.71
CA TYR F 388 16.47 12.77 60.05
C TYR F 388 16.11 11.28 59.96
N MET F 389 14.93 10.99 59.39
CA MET F 389 14.42 9.62 59.33
C MET F 389 15.35 8.65 58.67
N LYS F 390 16.25 9.15 57.83
CA LYS F 390 17.19 8.28 57.15
C LYS F 390 18.58 8.34 57.79
N GLY F 391 18.64 8.83 59.02
CA GLY F 391 19.88 8.77 59.80
C GLY F 391 20.88 9.90 59.57
N VAL F 392 20.40 11.00 59.00
CA VAL F 392 21.19 12.20 58.82
C VAL F 392 20.66 13.20 59.84
N LYS F 393 21.30 13.21 61.00
CA LYS F 393 20.76 13.91 62.16
C LYS F 393 21.61 15.10 62.55
N VAL F 394 20.99 16.28 62.60
CA VAL F 394 21.66 17.49 63.08
C VAL F 394 21.90 17.38 64.59
N ASP F 395 22.77 18.24 65.14
CA ASP F 395 23.08 18.21 66.57
C ASP F 395 21.92 18.76 67.42
N ASP F 396 21.41 19.93 67.03
CA ASP F 396 20.34 20.57 67.79
C ASP F 396 18.95 20.23 67.24
N ILE F 397 18.49 19.02 67.58
CA ILE F 397 17.15 18.53 67.24
C ILE F 397 16.05 19.38 67.87
N LYS F 398 16.33 19.97 69.03
CA LYS F 398 15.33 20.79 69.71
C LYS F 398 14.91 21.95 68.81
N THR F 399 15.90 22.69 68.34
CA THR F 399 15.68 23.81 67.42
C THR F 399 15.09 23.36 66.07
N LEU F 400 15.50 22.19 65.59
CA LEU F 400 14.91 21.60 64.39
C LEU F 400 13.39 21.52 64.50
N TYR F 401 12.89 20.95 65.61
CA TYR F 401 11.45 20.84 65.85
C TYR F 401 10.76 22.21 66.01
N GLU F 402 11.40 23.11 66.76
CA GLU F 402 10.83 24.45 66.96
C GLU F 402 10.74 25.26 65.65
N GLY F 403 11.74 25.10 64.79
CA GLY F 403 11.72 25.69 63.45
C GLY F 403 10.53 25.22 62.63
N LEU F 404 10.34 23.90 62.58
CA LEU F 404 9.19 23.25 61.91
C LEU F 404 7.82 23.75 62.38
N ILE F 405 7.67 23.90 63.69
CA ILE F 405 6.42 24.38 64.27
C ILE F 405 6.26 25.86 63.99
N HIS F 406 7.35 26.62 63.98
CA HIS F 406 7.26 28.03 63.64
C HIS F 406 6.75 28.20 62.20
N GLY F 407 7.12 27.24 61.34
CA GLY F 407 6.78 27.27 59.91
C GLY F 407 5.29 27.15 59.63
N THR F 408 4.59 26.42 60.51
CA THR F 408 3.15 26.18 60.37
C THR F 408 2.29 27.35 60.86
N GLU F 409 2.87 28.23 61.68
CA GLU F 409 2.11 29.26 62.40
C GLU F 409 2.45 30.68 61.95
N ASN F 410 3.33 30.81 60.96
CA ASN F 410 3.81 32.11 60.48
C ASN F 410 4.07 32.14 58.97
N VAL F 411 3.97 33.33 58.39
CA VAL F 411 4.44 33.59 57.02
C VAL F 411 5.45 34.76 57.09
N HIS F 412 6.50 34.70 56.27
CA HIS F 412 7.51 35.76 56.24
C HIS F 412 6.87 37.08 55.79
N PRO F 413 7.14 38.16 56.55
CA PRO F 413 6.50 39.47 56.28
C PRO F 413 6.77 40.06 54.88
N GLU F 414 7.93 39.76 54.28
CA GLU F 414 8.32 40.35 52.99
C GLU F 414 8.43 39.33 51.87
N VAL F 415 8.49 38.05 52.25
CA VAL F 415 8.67 36.94 51.31
C VAL F 415 7.58 35.90 51.56
N SER F 416 6.50 36.01 50.79
CA SER F 416 5.28 35.22 51.01
C SER F 416 5.41 33.73 50.74
N SER F 417 6.54 33.31 50.19
CA SER F 417 6.77 31.91 49.90
C SER F 417 7.59 31.25 51.00
N THR F 418 7.93 32.04 52.01
CA THR F 418 8.70 31.54 53.14
C THR F 418 7.79 31.51 54.37
N GLY F 419 7.69 30.33 54.99
CA GLY F 419 6.61 30.03 55.95
C GLY F 419 5.36 29.62 55.17
N ARG F 420 4.18 29.83 55.76
CA ARG F 420 2.93 29.38 55.17
C ARG F 420 1.92 30.51 54.99
N LEU F 421 1.86 31.06 53.79
CA LEU F 421 0.82 32.03 53.50
C LEU F 421 -0.53 31.31 53.59
N GLY F 422 -1.46 31.95 54.29
CA GLY F 422 -2.82 31.44 54.45
C GLY F 422 -2.98 30.35 55.50
N TYR F 423 -2.00 30.21 56.39
CA TYR F 423 -2.08 29.23 57.49
C TYR F 423 -3.31 29.43 58.39
N GLU F 424 -3.79 30.66 58.47
CA GLU F 424 -4.96 30.97 59.32
C GLU F 424 -6.23 30.33 58.80
N TYR F 425 -6.51 30.53 57.51
CA TYR F 425 -7.58 29.81 56.83
C TYR F 425 -7.37 28.30 56.83
N TYR F 426 -6.11 27.86 56.68
CA TYR F 426 -5.79 26.43 56.61
C TYR F 426 -5.98 25.76 57.97
N ASN F 427 -5.53 26.46 59.02
CA ASN F 427 -5.59 25.91 60.37
C ASN F 427 -7.03 25.81 60.91
N LYS F 428 -7.84 26.83 60.62
CA LYS F 428 -9.25 26.86 61.00
C LYS F 428 -10.15 25.98 60.10
N LEU F 429 -10.07 26.15 58.78
CA LEU F 429 -10.97 25.42 57.85
C LEU F 429 -10.45 24.06 57.40
N GLY F 430 -9.13 23.86 57.45
CA GLY F 430 -8.51 22.66 56.90
C GLY F 430 -8.15 22.80 55.42
N TYR F 431 -8.30 24.01 54.87
CA TYR F 431 -7.89 24.30 53.50
C TYR F 431 -7.64 25.79 53.26
N VAL F 432 -6.89 26.11 52.21
CA VAL F 432 -6.79 27.51 51.78
C VAL F 432 -7.89 27.75 50.77
N PRO F 433 -8.78 28.73 51.05
CA PRO F 433 -9.91 28.99 50.15
C PRO F 433 -9.53 29.61 48.81
N TYR F 434 -10.43 29.43 47.84
CA TYR F 434 -10.24 29.80 46.45
C TYR F 434 -10.58 31.29 46.22
N ASP F 435 -11.34 31.87 47.15
CA ASP F 435 -11.97 33.19 46.94
C ASP F 435 -11.55 34.27 47.94
N VAL F 436 -10.33 34.12 48.47
CA VAL F 436 -9.87 34.98 49.55
C VAL F 436 -8.56 35.72 49.21
N LYS F 437 -8.29 35.90 47.91
CA LYS F 437 -7.11 36.61 47.41
C LYS F 437 -5.79 35.90 47.76
N ILE F 438 -5.83 34.58 47.85
CA ILE F 438 -4.61 33.79 47.94
C ILE F 438 -4.60 32.88 46.72
N ASN F 439 -3.73 33.21 45.78
CA ASN F 439 -3.61 32.42 44.56
C ASN F 439 -2.87 31.13 44.86
N GLU F 440 -3.21 30.08 44.11
CA GLU F 440 -2.56 28.76 44.19
C GLU F 440 -2.91 27.96 45.45
N ASN F 441 -4.06 28.35 46.02
CA ASN F 441 -4.67 27.80 47.24
C ASN F 441 -4.77 26.27 47.33
N ALA F 442 -5.24 25.63 46.27
CA ALA F 442 -5.39 24.18 46.26
C ALA F 442 -4.04 23.49 46.30
N ALA F 443 -3.07 24.04 45.57
CA ALA F 443 -1.71 23.49 45.57
C ALA F 443 -1.04 23.66 46.94
N ARG F 444 -1.21 24.83 47.54
CA ARG F 444 -0.67 25.03 48.89
C ARG F 444 -1.32 24.03 49.86
N THR F 445 -2.65 23.95 49.83
CA THR F 445 -3.37 23.02 50.72
C THR F 445 -2.75 21.64 50.66
N LEU F 446 -2.61 21.13 49.44
CA LEU F 446 -2.21 19.74 49.21
C LEU F 446 -0.81 19.46 49.72
N GLU F 447 0.09 20.41 49.47
CA GLU F 447 1.48 20.23 49.88
C GLU F 447 1.62 20.51 51.37
N TYR F 448 0.85 21.47 51.89
CA TYR F 448 0.77 21.67 53.35
C TYR F 448 0.40 20.35 54.04
N ALA F 449 -0.53 19.60 53.45
CA ALA F 449 -1.04 18.36 54.06
C ALA F 449 0.04 17.30 54.14
N TYR F 450 0.83 17.20 53.07
CA TYR F 450 1.93 16.26 53.07
C TYR F 450 3.04 16.73 54.01
N ASP F 451 3.23 18.06 54.08
CA ASP F 451 4.20 18.66 55.00
C ASP F 451 3.80 18.38 56.46
N ASP F 452 2.50 18.50 56.75
CA ASP F 452 1.98 18.16 58.07
C ASP F 452 2.17 16.68 58.40
N TRP F 453 1.93 15.78 57.44
CA TRP F 453 2.29 14.36 57.63
C TRP F 453 3.75 14.19 58.03
N CYS F 454 4.62 15.05 57.50
CA CYS F 454 6.06 14.95 57.74
C CYS F 454 6.38 15.31 59.19
N ILE F 455 5.74 16.38 59.66
CA ILE F 455 5.79 16.80 61.06
C ILE F 455 5.15 15.79 62.03
N TYR F 456 4.06 15.13 61.63
CA TYR F 456 3.51 14.05 62.46
C TYR F 456 4.59 13.01 62.69
N ARG F 457 5.18 12.54 61.59
CA ARG F 457 6.21 11.50 61.63
C ARG F 457 7.34 11.80 62.60
N LEU F 458 7.90 13.02 62.52
CA LEU F 458 8.99 13.41 63.42
C LEU F 458 8.48 13.54 64.84
N ALA F 459 7.28 14.11 65.00
CA ALA F 459 6.66 14.25 66.32
C ALA F 459 6.50 12.90 67.03
N LYS F 460 6.08 11.88 66.30
CA LYS F 460 6.01 10.52 66.86
C LYS F 460 7.42 9.99 67.15
N GLU F 461 8.37 10.31 66.28
CA GLU F 461 9.77 9.89 66.46
C GLU F 461 10.41 10.46 67.73
N LEU F 462 9.99 11.66 68.11
CA LEU F 462 10.58 12.41 69.22
C LEU F 462 9.81 12.26 70.54
N LYS F 463 8.84 11.35 70.57
CA LYS F 463 7.96 11.13 71.74
C LYS F 463 7.37 12.44 72.27
N ARG F 464 6.68 13.17 71.41
CA ARG F 464 6.10 14.47 71.76
C ARG F 464 4.70 14.29 72.37
N PRO F 465 4.18 15.33 73.07
CA PRO F 465 2.80 15.32 73.60
C PRO F 465 1.81 14.65 72.65
N LYS F 466 1.06 13.67 73.17
CA LYS F 466 0.15 12.85 72.37
C LYS F 466 -0.84 13.68 71.54
N LYS F 467 -1.18 14.87 72.01
CA LYS F 467 -2.11 15.74 71.28
C LYS F 467 -1.45 16.52 70.12
N GLU F 468 -0.13 16.75 70.22
CA GLU F 468 0.63 17.31 69.10
C GLU F 468 0.66 16.27 67.97
N ILE F 469 1.18 15.10 68.27
CA ILE F 469 1.13 13.94 67.39
C ILE F 469 -0.23 13.84 66.67
N SER F 470 -1.31 14.16 67.39
CA SER F 470 -2.69 14.02 66.89
C SER F 470 -3.16 15.22 66.06
N LEU F 471 -2.69 16.40 66.39
CA LEU F 471 -3.03 17.59 65.61
C LEU F 471 -2.53 17.43 64.16
N PHE F 472 -1.31 16.91 64.02
CA PHE F 472 -0.69 16.77 62.71
C PHE F 472 -1.23 15.56 61.95
N ALA F 473 -1.47 14.47 62.68
CA ALA F 473 -2.18 13.30 62.12
C ALA F 473 -3.51 13.72 61.48
N LYS F 474 -4.13 14.74 62.09
CA LYS F 474 -5.42 15.32 61.64
C LYS F 474 -5.28 16.23 60.41
N ARG F 475 -4.28 17.12 60.43
CA ARG F 475 -4.00 18.00 59.29
C ARG F 475 -3.46 17.29 58.05
N ALA F 476 -2.78 16.17 58.25
CA ALA F 476 -2.29 15.33 57.17
C ALA F 476 -3.42 14.84 56.23
N MET F 477 -4.67 14.84 56.73
CA MET F 477 -5.81 14.35 55.96
C MET F 477 -6.56 15.50 55.28
N ASN F 478 -6.04 16.72 55.42
CA ASN F 478 -6.66 17.91 54.81
C ASN F 478 -6.86 17.84 53.29
N TYR F 479 -6.09 16.97 52.62
CA TYR F 479 -6.24 16.76 51.18
C TYR F 479 -7.67 16.35 50.80
N LYS F 480 -8.33 15.59 51.69
CA LYS F 480 -9.72 15.18 51.50
C LYS F 480 -10.63 16.39 51.32
N ASN F 481 -10.28 17.50 51.96
CA ASN F 481 -11.13 18.69 52.00
C ASN F 481 -11.34 19.37 50.67
N LEU F 482 -10.58 18.96 49.65
CA LEU F 482 -10.67 19.58 48.33
C LEU F 482 -10.94 18.56 47.24
N PHE F 483 -11.16 17.31 47.64
CA PHE F 483 -11.57 16.27 46.69
C PHE F 483 -13.03 16.46 46.24
N ASP F 484 -13.27 16.36 44.94
CA ASP F 484 -14.61 16.55 44.38
C ASP F 484 -15.11 15.22 43.84
N LYS F 485 -16.10 14.65 44.53
CA LYS F 485 -16.61 13.29 44.31
C LYS F 485 -17.13 13.09 42.87
N GLU F 486 -17.73 14.14 42.30
CA GLU F 486 -18.36 14.07 40.97
C GLU F 486 -17.34 14.04 39.81
N SER F 487 -16.33 14.89 39.87
CA SER F 487 -15.24 14.87 38.91
C SER F 487 -14.17 13.83 39.27
N LYS F 488 -14.06 13.50 40.55
CA LYS F 488 -12.99 12.63 41.08
C LYS F 488 -11.62 13.34 41.08
N LEU F 489 -11.65 14.68 41.08
CA LEU F 489 -10.43 15.48 40.97
C LEU F 489 -10.39 16.52 42.07
N MET F 490 -9.20 17.09 42.33
CA MET F 490 -9.06 18.17 43.30
C MET F 490 -9.65 19.48 42.77
N ARG F 491 -10.13 20.33 43.67
CA ARG F 491 -10.94 21.47 43.24
C ARG F 491 -10.91 22.60 44.25
N GLY F 492 -10.79 23.82 43.74
CA GLY F 492 -10.79 25.01 44.58
C GLY F 492 -12.09 25.02 45.34
N ARG F 493 -12.01 25.37 46.62
CA ARG F 493 -13.17 25.43 47.51
C ARG F 493 -13.31 26.83 48.11
N ASN F 494 -14.50 27.40 48.01
CA ASN F 494 -14.79 28.74 48.56
C ASN F 494 -14.69 28.81 50.11
N GLU F 495 -14.74 30.02 50.67
CA GLU F 495 -14.62 30.19 52.12
C GLU F 495 -15.78 29.50 52.87
N ASP F 496 -16.99 29.68 52.35
CA ASP F 496 -18.21 29.08 52.91
C ASP F 496 -18.24 27.55 52.86
N GLY F 497 -17.55 26.95 51.89
CA GLY F 497 -17.44 25.49 51.85
C GLY F 497 -17.91 24.86 50.55
N THR F 498 -18.60 25.65 49.72
CA THR F 498 -18.97 25.20 48.38
C THR F 498 -17.72 25.14 47.51
N PHE F 499 -17.59 24.08 46.72
CA PHE F 499 -16.55 24.01 45.70
C PHE F 499 -16.76 25.11 44.67
N GLN F 500 -15.65 25.51 44.04
CA GLN F 500 -15.60 26.65 43.13
C GLN F 500 -16.32 26.38 41.79
N SER F 501 -17.07 27.38 41.33
CA SER F 501 -17.77 27.29 40.04
C SER F 501 -17.53 28.54 39.19
N PRO F 502 -17.43 28.37 37.84
CA PRO F 502 -17.43 27.10 37.11
C PRO F 502 -16.06 26.40 37.20
N PHE F 503 -16.07 25.08 37.35
CA PHE F 503 -14.84 24.31 37.52
C PHE F 503 -14.28 23.90 36.16
N SER F 504 -13.00 24.21 35.94
CA SER F 504 -12.30 23.87 34.69
C SER F 504 -11.10 23.00 34.99
N PRO F 505 -11.26 21.67 34.87
CA PRO F 505 -10.19 20.74 35.26
C PRO F 505 -8.91 20.92 34.45
N LEU F 506 -9.02 21.57 33.30
CA LEU F 506 -7.90 21.74 32.38
C LEU F 506 -7.17 23.07 32.49
N LYS F 507 -7.73 24.01 33.27
CA LYS F 507 -7.12 25.32 33.44
C LYS F 507 -5.88 25.30 34.32
N TRP F 508 -4.78 25.89 33.84
CA TRP F 508 -3.51 25.93 34.58
C TRP F 508 -3.43 27.10 35.54
N GLY F 509 -2.73 26.91 36.66
CA GLY F 509 -2.56 27.98 37.64
C GLY F 509 -3.86 28.26 38.40
N ASP F 510 -4.01 29.50 38.88
CA ASP F 510 -5.18 29.89 39.66
C ASP F 510 -5.20 29.09 40.96
N ALA F 511 -6.04 28.05 40.98
CA ALA F 511 -6.16 27.15 42.13
C ALA F 511 -4.89 26.33 42.35
N PHE F 512 -4.20 26.01 41.26
CA PHE F 512 -2.99 25.21 41.33
C PHE F 512 -1.78 26.03 40.90
N THR F 513 -0.62 25.39 40.84
CA THR F 513 0.61 26.09 40.51
C THR F 513 1.32 25.42 39.34
N GLU F 514 1.43 26.18 38.25
CA GLU F 514 2.05 25.72 37.02
C GLU F 514 1.60 24.29 36.64
N GLY F 515 0.29 24.16 36.46
CA GLY F 515 -0.34 22.86 36.21
C GLY F 515 -1.82 22.99 36.48
N ASN F 516 -2.58 21.99 36.04
CA ASN F 516 -4.01 21.96 36.34
C ASN F 516 -4.39 20.82 37.28
N SER F 517 -5.69 20.68 37.52
CA SER F 517 -6.24 19.68 38.41
C SER F 517 -5.74 18.28 38.08
N TRP F 518 -5.70 17.97 36.78
CA TRP F 518 -5.22 16.67 36.29
C TRP F 518 -3.76 16.42 36.62
N HIS F 519 -3.03 17.48 36.96
CA HIS F 519 -1.61 17.37 37.33
C HIS F 519 -1.45 17.33 38.84
N TYR F 520 -2.21 18.17 39.51
CA TYR F 520 -2.09 18.30 40.96
C TYR F 520 -2.84 17.28 41.83
N THR F 521 -3.92 16.69 41.30
CA THR F 521 -4.71 15.71 42.02
C THR F 521 -3.84 14.60 42.62
N TRP F 522 -2.74 14.28 41.96
CA TRP F 522 -1.87 13.18 42.36
C TRP F 522 -0.93 13.50 43.51
N SER F 523 -1.03 14.71 44.04
CA SER F 523 -0.10 15.17 45.07
C SER F 523 -0.49 14.70 46.49
N VAL F 524 -0.55 13.39 46.70
CA VAL F 524 -0.80 12.82 48.04
C VAL F 524 0.21 11.71 48.26
N PHE F 525 1.46 12.12 48.39
CA PHE F 525 2.61 11.22 48.49
C PHE F 525 2.50 10.23 49.65
N HIS F 526 1.86 10.67 50.73
CA HIS F 526 1.79 9.86 51.95
C HIS F 526 0.55 8.99 52.03
N ASP F 527 -0.47 9.28 51.23
CA ASP F 527 -1.69 8.49 51.32
C ASP F 527 -2.30 8.18 49.94
N PRO F 528 -1.56 7.45 49.09
CA PRO F 528 -2.14 7.02 47.81
C PRO F 528 -3.35 6.09 48.01
N GLN F 529 -3.34 5.31 49.09
CA GLN F 529 -4.50 4.43 49.40
C GLN F 529 -5.74 5.27 49.68
N GLY F 530 -5.60 6.28 50.54
CA GLY F 530 -6.67 7.21 50.80
C GLY F 530 -7.21 7.82 49.52
N LEU F 531 -6.30 8.19 48.62
CA LEU F 531 -6.72 8.76 47.33
C LEU F 531 -7.47 7.72 46.49
N ILE F 532 -6.95 6.49 46.46
CA ILE F 532 -7.63 5.37 45.76
C ILE F 532 -9.08 5.23 46.27
N ASP F 533 -9.26 5.14 47.59
CA ASP F 533 -10.59 5.10 48.24
C ASP F 533 -11.48 6.27 47.87
N LEU F 534 -10.96 7.49 47.99
CA LEU F 534 -11.72 8.70 47.65
C LEU F 534 -12.33 8.64 46.24
N MET F 535 -11.62 7.95 45.35
CA MET F 535 -12.01 7.77 43.94
C MET F 535 -12.91 6.54 43.73
N GLY F 536 -13.24 5.83 44.81
CA GLY F 536 -14.08 4.65 44.74
C GLY F 536 -13.33 3.39 44.35
N GLY F 537 -12.10 3.23 44.83
CA GLY F 537 -11.37 1.95 44.69
C GLY F 537 -10.41 1.89 43.52
N LYS F 538 -9.57 0.86 43.53
CA LYS F 538 -8.43 0.77 42.60
C LYS F 538 -8.80 0.78 41.11
N GLU F 539 -9.95 0.20 40.76
CA GLU F 539 -10.38 0.14 39.37
CA GLU F 539 -10.37 0.15 39.36
C GLU F 539 -10.63 1.54 38.78
N MET F 540 -11.30 2.40 39.55
CA MET F 540 -11.56 3.76 39.09
C MET F 540 -10.29 4.63 39.13
N PHE F 541 -9.41 4.35 40.09
CA PHE F 541 -8.10 4.99 40.17
C PHE F 541 -7.31 4.78 38.87
N VAL F 542 -7.12 3.52 38.48
CA VAL F 542 -6.39 3.20 37.24
C VAL F 542 -7.03 3.86 36.02
N THR F 543 -8.36 3.76 35.92
CA THR F 543 -9.15 4.48 34.90
C THR F 543 -8.77 5.97 34.84
N MET F 544 -8.75 6.62 36.01
CA MET F 544 -8.32 8.00 36.14
C MET F 544 -6.86 8.23 35.71
N MET F 545 -5.97 7.31 36.03
CA MET F 545 -4.57 7.39 35.61
C MET F 545 -4.45 7.28 34.09
N ASP F 546 -5.07 6.25 33.54
CA ASP F 546 -4.99 5.94 32.10
C ASP F 546 -5.50 7.07 31.22
N SER F 547 -6.44 7.86 31.73
CA SER F 547 -7.02 8.94 30.94
C SER F 547 -6.08 10.15 30.75
N VAL F 548 -5.19 10.38 31.72
CA VAL F 548 -4.12 11.39 31.62
C VAL F 548 -3.30 11.24 30.34
N PHE F 549 -2.83 10.02 30.06
CA PHE F 549 -2.03 9.76 28.87
C PHE F 549 -2.83 9.74 27.58
N ALA F 550 -4.11 9.38 27.69
CA ALA F 550 -4.96 9.06 26.55
C ALA F 550 -5.57 10.28 25.89
N VAL F 551 -5.89 11.32 26.67
CA VAL F 551 -6.53 12.52 26.12
C VAL F 551 -5.57 13.34 25.24
N PRO F 552 -6.11 14.23 24.37
CA PRO F 552 -5.25 15.26 23.79
C PRO F 552 -4.66 16.17 24.88
N PRO F 553 -3.57 16.90 24.55
CA PRO F 553 -3.03 17.89 25.49
C PRO F 553 -3.69 19.28 25.37
N ILE F 554 -5.00 19.37 25.57
CA ILE F 554 -5.65 20.68 25.54
C ILE F 554 -5.50 21.37 26.91
N PHE F 555 -5.61 22.69 26.93
CA PHE F 555 -5.30 23.46 28.12
C PHE F 555 -6.11 24.75 28.14
N ASP F 556 -6.16 25.38 29.31
CA ASP F 556 -6.73 26.71 29.43
C ASP F 556 -5.64 27.60 30.04
N ASP F 557 -5.21 28.63 29.29
CA ASP F 557 -4.08 29.48 29.71
C ASP F 557 -4.45 30.86 30.27
N SER F 558 -5.75 31.13 30.37
CA SER F 558 -6.25 32.47 30.72
C SER F 558 -5.67 33.12 31.99
N TYR F 559 -5.18 32.30 32.93
CA TYR F 559 -4.64 32.83 34.18
C TYR F 559 -3.27 33.46 33.98
N TYR F 560 -2.56 32.95 32.97
CA TYR F 560 -1.21 33.40 32.65
C TYR F 560 -1.20 34.45 31.56
N GLY F 561 -2.26 34.47 30.76
CA GLY F 561 -2.42 35.45 29.69
C GLY F 561 -1.69 35.09 28.40
N GLN F 562 -0.98 33.95 28.40
CA GLN F 562 -0.13 33.53 27.28
C GLN F 562 0.33 32.07 27.49
N VAL F 563 0.70 31.40 26.39
CA VAL F 563 1.11 30.01 26.45
C VAL F 563 2.51 29.94 27.04
N ILE F 564 2.58 29.82 28.35
CA ILE F 564 3.86 29.77 29.04
C ILE F 564 4.60 28.50 28.62
N HIS F 565 5.92 28.51 28.78
CA HIS F 565 6.71 27.42 28.24
C HIS F 565 6.31 26.03 28.78
N GLU F 566 5.93 25.98 30.06
CA GLU F 566 5.57 24.70 30.68
C GLU F 566 4.38 24.07 29.98
N ILE F 567 3.43 24.92 29.56
CA ILE F 567 2.29 24.48 28.76
C ILE F 567 2.74 23.97 27.39
N ARG F 568 3.52 24.77 26.68
CA ARG F 568 3.99 24.43 25.33
C ARG F 568 4.78 23.12 25.34
N GLU F 569 5.65 22.96 26.35
CA GLU F 569 6.47 21.75 26.49
C GLU F 569 5.63 20.49 26.59
N MET F 570 4.49 20.58 27.30
CA MET F 570 3.55 19.46 27.33
C MET F 570 2.96 19.16 25.96
N THR F 571 2.50 20.19 25.25
CA THR F 571 1.77 20.00 23.99
C THR F 571 2.56 19.23 22.92
N VAL F 572 3.87 19.46 22.87
CA VAL F 572 4.75 18.92 21.85
C VAL F 572 5.19 17.48 22.09
N MET F 573 5.06 16.99 23.33
CA MET F 573 5.53 15.65 23.74
CA MET F 573 5.59 15.66 23.62
C MET F 573 4.72 14.51 23.14
N ASN F 574 3.44 14.77 22.87
CA ASN F 574 2.52 13.70 22.43
C ASN F 574 2.34 12.60 23.51
N MET F 575 2.13 13.03 24.76
CA MET F 575 1.89 12.11 25.88
C MET F 575 0.71 12.59 26.71
N GLY F 576 -0.35 12.97 26.01
CA GLY F 576 -1.58 13.44 26.64
C GLY F 576 -1.33 14.66 27.52
N ASN F 577 -1.96 14.65 28.70
CA ASN F 577 -1.75 15.67 29.74
C ASN F 577 -0.64 15.34 30.74
N TYR F 578 0.24 14.41 30.37
CA TYR F 578 1.33 14.05 31.26
C TYR F 578 2.50 15.02 31.13
N ALA F 579 2.47 16.09 31.91
CA ALA F 579 3.46 17.18 31.85
C ALA F 579 4.76 16.91 32.62
N HIS F 580 5.55 15.96 32.13
CA HIS F 580 6.80 15.59 32.82
C HIS F 580 7.82 16.71 32.92
N GLY F 581 7.72 17.71 32.05
CA GLY F 581 8.69 18.80 32.01
C GLY F 581 8.55 19.77 33.17
N ASN F 582 7.52 19.56 33.99
CA ASN F 582 7.40 20.27 35.27
C ASN F 582 7.26 19.30 36.44
N GLN F 583 7.39 19.82 37.67
CA GLN F 583 7.57 18.99 38.87
C GLN F 583 6.33 18.27 39.43
N PRO F 584 5.16 18.95 39.53
CA PRO F 584 4.00 18.36 40.26
C PRO F 584 3.66 16.91 39.89
N ILE F 585 3.72 16.57 38.61
CA ILE F 585 3.33 15.23 38.14
C ILE F 585 4.47 14.18 38.10
N GLN F 586 5.71 14.59 38.37
CA GLN F 586 6.88 13.73 38.10
C GLN F 586 6.90 12.38 38.82
N HIS F 587 6.14 12.25 39.90
CA HIS F 587 6.08 10.99 40.66
C HIS F 587 4.95 10.08 40.18
N MET F 588 3.97 10.68 39.48
CA MET F 588 2.68 10.07 39.17
C MET F 588 2.68 8.62 38.64
N ILE F 589 3.56 8.28 37.70
CA ILE F 589 3.55 6.95 37.10
C ILE F 589 3.79 5.85 38.13
N TYR F 590 4.42 6.21 39.24
CA TYR F 590 4.70 5.25 40.32
C TYR F 590 3.45 4.86 41.11
N LEU F 591 2.46 5.74 41.11
CA LEU F 591 1.15 5.44 41.73
C LEU F 591 0.51 4.14 41.22
N TYR F 592 0.81 3.75 39.97
CA TYR F 592 0.37 2.46 39.43
C TYR F 592 0.71 1.27 40.34
N ASP F 593 1.81 1.40 41.07
CA ASP F 593 2.24 0.35 42.00
C ASP F 593 1.29 0.20 43.17
N TYR F 594 0.64 1.29 43.56
CA TYR F 594 -0.26 1.25 44.69
C TYR F 594 -1.61 0.66 44.31
N ALA F 595 -1.94 0.68 43.02
CA ALA F 595 -3.23 0.19 42.53
C ALA F 595 -3.18 -1.28 42.10
N GLY F 596 -2.00 -1.89 42.20
CA GLY F 596 -1.84 -3.29 41.91
C GLY F 596 -1.50 -3.58 40.46
N GLN F 597 -1.00 -2.56 39.74
CA GLN F 597 -0.67 -2.71 38.31
C GLN F 597 0.72 -2.17 37.98
N PRO F 598 1.79 -2.78 38.54
CA PRO F 598 3.14 -2.25 38.34
C PRO F 598 3.64 -2.36 36.89
N TRP F 599 3.04 -3.26 36.10
CA TRP F 599 3.39 -3.42 34.68
C TRP F 599 3.07 -2.16 33.86
N LYS F 600 2.06 -1.41 34.27
CA LYS F 600 1.74 -0.17 33.61
C LYS F 600 2.76 0.92 33.96
N ALA F 601 3.31 0.87 35.17
CA ALA F 601 4.37 1.77 35.51
C ALA F 601 5.61 1.41 34.73
N GLN F 602 5.92 0.11 34.66
CA GLN F 602 7.04 -0.38 33.88
C GLN F 602 6.99 0.11 32.40
N TYR F 603 5.78 0.13 31.84
CA TYR F 603 5.59 0.58 30.47
C TYR F 603 5.85 2.10 30.29
N TRP F 604 5.22 2.91 31.13
CA TRP F 604 5.26 4.36 30.97
C TRP F 604 6.60 4.96 31.37
N LEU F 605 7.24 4.40 32.40
CA LEU F 605 8.54 4.88 32.85
C LEU F 605 9.61 4.63 31.77
N ARG F 606 9.54 3.47 31.14
CA ARG F 606 10.43 3.20 30.03
C ARG F 606 10.19 4.19 28.88
N GLN F 607 8.93 4.51 28.61
CA GLN F 607 8.59 5.50 27.58
C GLN F 607 9.21 6.87 27.88
N VAL F 608 9.04 7.36 29.12
CA VAL F 608 9.55 8.67 29.55
C VAL F 608 11.08 8.73 29.52
N MET F 609 11.73 7.63 29.92
CA MET F 609 13.19 7.53 29.93
C MET F 609 13.78 7.50 28.53
N ASP F 610 13.12 6.76 27.64
CA ASP F 610 13.55 6.64 26.24
C ASP F 610 13.26 7.89 25.40
N ARG F 611 12.17 8.60 25.72
CA ARG F 611 11.65 9.65 24.84
C ARG F 611 11.86 11.08 25.36
N MET F 612 11.90 11.26 26.67
CA MET F 612 11.93 12.61 27.23
C MET F 612 13.33 13.13 27.56
N TYR F 613 14.33 12.26 27.44
CA TYR F 613 15.70 12.62 27.79
C TYR F 613 16.58 12.18 26.66
N THR F 614 17.38 13.12 26.15
CA THR F 614 18.38 12.84 25.14
C THR F 614 19.69 13.49 25.61
N PRO F 615 20.84 13.01 25.10
CA PRO F 615 22.15 13.48 25.56
C PRO F 615 22.62 14.84 25.01
N GLY F 616 21.95 15.38 23.99
CA GLY F 616 22.42 16.56 23.30
C GLY F 616 22.14 17.90 23.97
N PRO F 617 22.49 19.00 23.28
CA PRO F 617 22.38 20.35 23.83
C PRO F 617 20.93 20.75 24.13
N ASP F 618 19.99 20.11 23.44
CA ASP F 618 18.57 20.23 23.75
C ASP F 618 18.02 18.99 24.44
N GLY F 619 18.72 18.47 25.45
CA GLY F 619 18.39 17.17 26.05
C GLY F 619 17.18 16.97 26.94
N TYR F 620 16.70 18.02 27.62
CA TYR F 620 15.56 17.87 28.52
C TYR F 620 14.25 18.23 27.84
N CYS F 621 13.12 17.86 28.46
CA CYS F 621 11.81 18.22 27.93
C CYS F 621 11.16 19.41 28.70
N GLY F 622 11.90 20.00 29.62
CA GLY F 622 11.49 21.20 30.38
C GLY F 622 12.64 21.63 31.28
N ASP F 623 12.44 22.61 32.15
CA ASP F 623 13.51 23.08 33.06
C ASP F 623 14.11 21.95 33.90
N GLU F 624 15.44 21.99 34.05
CA GLU F 624 16.21 21.01 34.80
C GLU F 624 15.99 21.17 36.32
N ASP F 625 15.91 22.43 36.75
CA ASP F 625 15.55 22.78 38.13
C ASP F 625 16.44 22.22 39.23
N ASN F 626 17.72 22.58 39.15
CA ASN F 626 18.67 22.43 40.24
C ASN F 626 18.91 21.01 40.72
N GLY F 627 18.65 20.06 39.83
CA GLY F 627 18.94 18.66 40.09
C GLY F 627 17.69 17.79 40.08
N GLN F 628 16.52 18.40 40.25
CA GLN F 628 15.28 17.63 40.37
C GLN F 628 14.99 16.78 39.13
N THR F 629 14.86 17.43 37.97
CA THR F 629 14.51 16.73 36.73
C THR F 629 15.56 15.70 36.32
N SER F 630 16.82 16.03 36.58
CA SER F 630 17.93 15.10 36.35
C SER F 630 17.93 13.87 37.30
N ALA F 631 17.70 14.09 38.58
CA ALA F 631 17.78 13.01 39.57
C ALA F 631 16.61 12.04 39.38
N TRP F 632 15.51 12.55 38.82
CA TRP F 632 14.40 11.68 38.41
C TRP F 632 14.93 10.60 37.47
N TYR F 633 15.85 10.99 36.58
CA TYR F 633 16.40 10.05 35.59
C TYR F 633 17.37 9.08 36.25
N VAL F 634 18.20 9.58 37.17
CA VAL F 634 19.17 8.74 37.87
C VAL F 634 18.40 7.67 38.65
N PHE F 635 17.41 8.09 39.42
CA PHE F 635 16.55 7.16 40.15
C PHE F 635 15.85 6.17 39.23
N SER F 636 14.99 6.69 38.34
CA SER F 636 14.18 5.84 37.47
C SER F 636 15.03 4.90 36.61
N ALA F 637 16.27 5.29 36.33
CA ALA F 637 17.14 4.44 35.52
C ALA F 637 17.67 3.25 36.31
N LEU F 638 17.75 3.41 37.63
CA LEU F 638 18.15 2.33 38.53
C LEU F 638 16.96 1.42 38.80
N GLY F 639 15.78 2.02 38.81
CA GLY F 639 14.54 1.26 38.78
C GLY F 639 13.61 1.51 39.94
N PHE F 640 13.88 2.56 40.72
CA PHE F 640 13.05 2.92 41.88
C PHE F 640 13.17 4.41 42.19
N TYR F 641 12.20 4.94 42.93
CA TYR F 641 12.05 6.36 43.10
C TYR F 641 11.38 6.65 44.46
N PRO F 642 11.89 7.66 45.19
CA PRO F 642 11.32 8.00 46.50
C PRO F 642 10.01 8.77 46.37
N VAL F 643 8.93 8.09 46.03
CA VAL F 643 7.61 8.74 45.97
C VAL F 643 7.27 9.52 47.24
N CYS F 644 7.58 8.95 48.40
CA CYS F 644 7.31 9.60 49.69
C CYS F 644 8.57 9.77 50.51
N PRO F 645 9.29 10.90 50.32
CA PRO F 645 10.34 11.20 51.29
C PRO F 645 9.69 11.37 52.67
N GLY F 646 10.35 10.83 53.68
CA GLY F 646 9.76 10.75 55.02
C GLY F 646 9.53 9.30 55.42
N THR F 647 9.38 8.41 54.43
CA THR F 647 9.31 6.98 54.67
C THR F 647 10.69 6.44 54.34
N ASP F 648 10.95 5.18 54.64
CA ASP F 648 12.23 4.59 54.24
C ASP F 648 12.06 3.83 52.92
N GLU F 649 11.11 4.28 52.10
CA GLU F 649 10.69 3.51 50.93
C GLU F 649 11.06 4.11 49.57
N TYR F 650 11.39 3.23 48.63
CA TYR F 650 11.63 3.61 47.24
C TYR F 650 10.72 2.74 46.39
N VAL F 651 9.76 3.37 45.71
CA VAL F 651 8.75 2.63 44.94
C VAL F 651 9.29 2.09 43.61
N MET F 652 9.01 0.81 43.32
CA MET F 652 9.64 0.11 42.19
C MET F 652 9.15 0.56 40.81
N GLY F 653 10.08 0.61 39.84
CA GLY F 653 9.75 0.97 38.45
C GLY F 653 10.26 -0.06 37.48
N THR F 654 11.18 0.35 36.60
CA THR F 654 11.90 -0.61 35.78
C THR F 654 13.33 -0.13 35.51
N PRO F 655 14.32 -1.01 35.73
CA PRO F 655 15.70 -0.58 35.50
C PRO F 655 15.99 -0.39 34.01
N LEU F 656 16.87 0.56 33.70
CA LEU F 656 17.23 0.86 32.32
C LEU F 656 18.45 0.05 31.85
N PHE F 657 19.34 -0.29 32.78
CA PHE F 657 20.58 -1.03 32.42
C PHE F 657 20.56 -2.51 32.83
N LYS F 658 21.54 -3.26 32.30
CA LYS F 658 21.70 -4.69 32.60
C LYS F 658 22.35 -4.95 33.94
N LYS F 659 23.32 -4.09 34.30
CA LYS F 659 23.86 -4.06 35.67
C LYS F 659 24.04 -2.63 36.16
N ALA F 660 23.72 -2.42 37.44
CA ALA F 660 24.02 -1.18 38.13
C ALA F 660 24.57 -1.52 39.51
N THR F 661 25.66 -0.86 39.91
CA THR F 661 26.26 -1.10 41.21
C THR F 661 26.31 0.17 42.03
N LEU F 662 25.74 0.13 43.23
CA LEU F 662 25.72 1.30 44.13
C LEU F 662 26.75 1.17 45.25
N HIS F 663 27.74 2.06 45.30
CA HIS F 663 28.73 2.04 46.38
C HIS F 663 28.36 3.06 47.45
N PHE F 664 27.87 2.58 48.59
CA PHE F 664 27.40 3.47 49.65
C PHE F 664 28.53 4.00 50.50
N GLU F 665 28.22 5.04 51.27
CA GLU F 665 29.21 5.69 52.13
C GLU F 665 29.62 4.81 53.31
N ASN F 666 28.79 3.80 53.63
CA ASN F 666 29.03 2.88 54.76
C ASN F 666 29.96 1.73 54.44
N GLY F 667 30.39 1.62 53.18
CA GLY F 667 31.32 0.59 52.75
C GLY F 667 30.68 -0.56 52.00
N ASN F 668 29.37 -0.72 52.14
CA ASN F 668 28.63 -1.77 51.44
C ASN F 668 28.32 -1.39 49.99
N SER F 669 28.28 -2.41 49.13
CA SER F 669 27.86 -2.23 47.75
C SER F 669 26.65 -3.11 47.45
N LEU F 670 25.81 -2.66 46.51
CA LEU F 670 24.61 -3.38 46.06
C LEU F 670 24.55 -3.45 44.53
N VAL F 671 24.51 -4.67 43.99
CA VAL F 671 24.39 -4.88 42.54
C VAL F 671 22.92 -5.10 42.17
N ILE F 672 22.43 -4.35 41.19
CA ILE F 672 21.08 -4.54 40.65
C ILE F 672 21.26 -5.24 39.31
N ASP F 673 20.79 -6.49 39.24
CA ASP F 673 21.18 -7.38 38.17
C ASP F 673 20.02 -7.73 37.24
N ALA F 674 20.08 -7.23 36.01
CA ALA F 674 19.01 -7.43 35.04
C ALA F 674 19.59 -7.86 33.68
N PRO F 675 20.26 -9.04 33.65
CA PRO F 675 21.07 -9.45 32.49
C PRO F 675 20.26 -9.66 31.19
N ASN F 676 18.94 -9.74 31.30
CA ASN F 676 18.12 -9.89 30.11
C ASN F 676 17.49 -8.60 29.59
N ASN F 677 17.93 -7.46 30.12
CA ASN F 677 17.34 -6.15 29.77
C ASN F 677 17.57 -5.78 28.30
N SER F 678 16.57 -5.14 27.69
CA SER F 678 16.69 -4.67 26.29
C SER F 678 15.64 -3.58 26.03
N THR F 679 15.64 -3.04 24.80
CA THR F 679 14.62 -2.08 24.37
C THR F 679 13.23 -2.69 24.42
N GLU F 680 13.17 -4.01 24.26
CA GLU F 680 11.91 -4.76 24.24
C GLU F 680 11.55 -5.27 25.63
N ASN F 681 12.54 -5.80 26.35
CA ASN F 681 12.25 -6.39 27.66
C ASN F 681 12.26 -5.38 28.80
N PHE F 682 11.16 -4.61 28.93
CA PHE F 682 11.09 -3.57 29.96
C PHE F 682 10.19 -3.90 31.15
N TYR F 683 9.54 -5.08 31.09
CA TYR F 683 8.72 -5.56 32.19
C TYR F 683 9.54 -6.40 33.15
N ILE F 684 9.17 -6.33 34.44
CA ILE F 684 9.74 -7.18 35.48
C ILE F 684 8.90 -8.47 35.65
N ASP F 685 9.46 -9.62 35.24
CA ASP F 685 8.74 -10.91 35.42
C ASP F 685 8.87 -11.43 36.84
N SER F 686 10.10 -11.62 37.32
CA SER F 686 10.31 -11.85 38.76
C SER F 686 11.43 -10.96 39.30
N MET F 687 11.70 -11.10 40.61
CA MET F 687 12.69 -10.28 41.31
C MET F 687 13.12 -10.97 42.61
N SER F 688 14.43 -11.02 42.85
CA SER F 688 14.95 -11.69 44.06
C SER F 688 16.03 -10.92 44.84
N PHE F 689 15.67 -10.48 46.04
CA PHE F 689 16.58 -9.76 46.93
C PHE F 689 17.45 -10.76 47.72
N ASN F 690 18.73 -10.86 47.36
CA ASN F 690 19.70 -11.71 48.06
C ASN F 690 19.30 -13.19 48.16
N GLY F 691 18.71 -13.73 47.10
CA GLY F 691 18.31 -15.14 47.09
C GLY F 691 16.86 -15.40 47.51
N ALA F 692 16.26 -14.46 48.25
CA ALA F 692 14.83 -14.52 48.59
C ALA F 692 13.97 -14.12 47.37
N ASP F 693 12.67 -14.39 47.42
CA ASP F 693 11.77 -13.91 46.37
C ASP F 693 11.22 -12.57 46.83
N HIS F 694 11.15 -11.62 45.88
CA HIS F 694 10.71 -10.26 46.18
C HIS F 694 9.62 -9.86 45.20
N THR F 695 8.37 -9.96 45.64
CA THR F 695 7.19 -9.62 44.84
C THR F 695 6.70 -8.21 45.19
N LYS F 696 7.33 -7.61 46.19
CA LYS F 696 6.94 -6.28 46.67
C LYS F 696 7.21 -5.19 45.64
N ASN F 697 6.45 -4.10 45.74
CA ASN F 697 6.57 -2.97 44.83
C ASN F 697 7.50 -1.87 45.37
N TYR F 698 8.21 -2.18 46.46
CA TYR F 698 9.05 -1.19 47.14
C TYR F 698 10.31 -1.84 47.73
N LEU F 699 11.33 -1.01 47.97
CA LEU F 699 12.58 -1.41 48.64
C LEU F 699 12.83 -0.45 49.78
N ARG F 700 13.36 -0.97 50.90
CA ARG F 700 13.56 -0.16 52.12
C ARG F 700 15.00 0.34 52.22
N HIS F 701 15.14 1.56 52.72
CA HIS F 701 16.43 2.27 52.89
C HIS F 701 17.48 1.43 53.63
N GLU F 702 17.13 0.96 54.82
CA GLU F 702 18.04 0.15 55.63
C GLU F 702 18.40 -1.17 54.97
N ASP F 703 17.47 -1.77 54.23
CA ASP F 703 17.75 -3.01 53.46
C ASP F 703 18.76 -2.82 52.32
N LEU F 704 18.57 -1.78 51.50
CA LEU F 704 19.54 -1.41 50.46
C LEU F 704 20.94 -1.22 51.03
N PHE F 705 21.01 -0.58 52.19
CA PHE F 705 22.30 -0.28 52.84
C PHE F 705 23.16 -1.50 53.21
N LYS F 706 22.51 -2.65 53.48
CA LYS F 706 23.18 -3.89 53.88
C LYS F 706 24.08 -4.50 52.80
N GLY F 707 23.70 -4.30 51.54
CA GLY F 707 24.52 -4.75 50.43
C GLY F 707 23.96 -5.97 49.74
N GLY F 708 24.79 -6.60 48.91
CA GLY F 708 24.41 -7.82 48.23
C GLY F 708 23.99 -7.62 46.78
N THR F 709 22.92 -8.32 46.40
CA THR F 709 22.49 -8.44 45.02
C THR F 709 20.98 -8.50 44.89
N ILE F 710 20.46 -7.68 43.98
CA ILE F 710 19.05 -7.71 43.61
C ILE F 710 19.02 -8.25 42.21
N LYS F 711 18.29 -9.33 42.01
CA LYS F 711 18.17 -9.92 40.68
C LYS F 711 16.80 -9.57 40.12
N VAL F 712 16.77 -9.21 38.84
CA VAL F 712 15.53 -8.80 38.18
C VAL F 712 15.42 -9.50 36.83
N ASP F 713 14.38 -10.31 36.67
CA ASP F 713 14.15 -11.01 35.42
C ASP F 713 13.29 -10.16 34.48
N MET F 714 13.93 -9.68 33.40
CA MET F 714 13.29 -8.77 32.44
C MET F 714 12.57 -9.53 31.32
N SER F 715 11.36 -9.07 31.00
CA SER F 715 10.50 -9.75 30.01
C SER F 715 9.88 -8.75 29.02
N ASN F 716 9.59 -9.21 27.80
CA ASN F 716 8.90 -8.38 26.81
C ASN F 716 7.36 -8.39 26.95
N ARG F 717 6.88 -9.06 27.99
CA ARG F 717 5.44 -9.10 28.26
C ARG F 717 5.19 -8.95 29.76
N PRO F 718 4.05 -8.36 30.14
CA PRO F 718 3.82 -8.12 31.56
C PRO F 718 3.45 -9.38 32.36
N ASN F 719 3.95 -9.47 33.59
CA ASN F 719 3.46 -10.49 34.50
C ASN F 719 2.30 -9.94 35.32
N LEU F 720 1.08 -10.28 34.88
CA LEU F 720 -0.16 -9.81 35.50
C LEU F 720 -0.31 -10.24 36.97
N ASN F 721 0.43 -11.28 37.35
CA ASN F 721 0.32 -11.88 38.69
C ASN F 721 1.29 -11.37 39.76
N ARG F 722 2.25 -10.53 39.38
CA ARG F 722 3.26 -10.06 40.35
C ARG F 722 2.94 -8.65 40.85
N GLY F 723 2.98 -8.48 42.16
CA GLY F 723 2.81 -7.15 42.78
C GLY F 723 1.38 -6.70 42.98
N THR F 724 0.49 -7.68 43.10
CA THR F 724 -0.95 -7.42 43.25
C THR F 724 -1.43 -7.58 44.69
N LYS F 725 -0.72 -8.42 45.45
CA LYS F 725 -1.05 -8.69 46.86
C LYS F 725 -1.02 -7.41 47.70
N GLU F 726 -1.73 -7.44 48.82
CA GLU F 726 -1.89 -6.25 49.66
C GLU F 726 -0.62 -5.93 50.45
N GLU F 727 0.19 -6.96 50.74
CA GLU F 727 1.49 -6.79 51.41
C GLU F 727 2.56 -6.27 50.43
N ASP F 728 2.25 -6.35 49.15
CA ASP F 728 3.12 -5.86 48.07
C ASP F 728 3.05 -4.34 47.91
N MET F 729 2.16 -3.68 48.65
CA MET F 729 1.92 -2.25 48.48
C MET F 729 2.87 -1.39 49.29
N PRO F 730 3.24 -0.21 48.75
CA PRO F 730 4.01 0.73 49.55
C PRO F 730 3.12 1.45 50.54
N TYR F 731 3.74 2.15 51.48
CA TYR F 731 3.09 2.87 52.57
C TYR F 731 1.94 3.77 52.15
N SER F 732 0.88 3.79 52.96
CA SER F 732 -0.15 4.84 52.88
C SER F 732 -0.64 5.17 54.30
N PHE F 733 -0.71 6.46 54.64
CA PHE F 733 -1.08 6.90 55.99
C PHE F 733 -2.38 6.28 56.51
N SER F 734 -3.30 5.92 55.61
CA SER F 734 -4.56 5.26 55.98
C SER F 734 -4.37 3.85 56.59
N LYS F 735 -3.41 3.08 56.07
CA LYS F 735 -3.23 1.68 56.50
C LYS F 735 -2.65 1.48 57.92
N LYS G 1 3.97 -39.14 5.19
CA LYS G 1 4.45 -38.97 6.60
C LYS G 1 4.56 -40.33 7.30
N ASP G 2 5.78 -40.70 7.68
CA ASP G 2 6.04 -42.02 8.27
C ASP G 2 6.41 -41.94 9.75
N TRP G 3 5.60 -42.58 10.60
CA TRP G 3 5.89 -42.63 12.02
C TRP G 3 6.54 -43.95 12.48
N THR G 4 6.50 -44.98 11.64
CA THR G 4 7.07 -46.29 12.04
C THR G 4 8.57 -46.20 12.26
N GLN G 5 9.24 -45.30 11.55
CA GLN G 5 10.65 -45.04 11.73
C GLN G 5 11.07 -44.80 13.20
N TYR G 6 10.10 -44.40 14.03
CA TYR G 6 10.36 -44.08 15.45
C TYR G 6 10.13 -45.26 16.40
N VAL G 7 9.55 -46.33 15.88
CA VAL G 7 9.24 -47.49 16.71
C VAL G 7 10.45 -48.43 16.89
N ASN G 8 10.81 -48.68 18.15
CA ASN G 8 11.80 -49.72 18.49
C ASN G 8 11.15 -50.91 19.19
N PRO G 9 10.88 -52.00 18.44
CA PRO G 9 10.21 -53.19 19.00
C PRO G 9 11.09 -53.91 20.02
N LEU G 10 12.35 -53.49 20.11
CA LEU G 10 13.33 -54.06 21.04
C LEU G 10 13.33 -53.37 22.39
N MET G 11 12.53 -52.31 22.53
CA MET G 11 12.44 -51.53 23.77
C MET G 11 11.88 -52.40 24.89
N GLY G 12 12.66 -52.57 25.96
CA GLY G 12 12.23 -53.46 27.04
C GLY G 12 12.69 -54.92 26.99
N SER G 13 13.44 -55.30 25.95
CA SER G 13 13.98 -56.66 25.81
C SER G 13 15.31 -56.93 26.57
N GLN G 14 15.96 -55.87 27.06
CA GLN G 14 17.12 -56.04 27.93
C GLN G 14 16.70 -56.16 29.41
N SER G 15 15.97 -57.22 29.73
CA SER G 15 15.37 -57.40 31.05
C SER G 15 15.75 -58.73 31.68
N THR G 16 15.67 -58.80 33.02
CA THR G 16 15.98 -60.03 33.77
C THR G 16 14.89 -60.36 34.79
N PHE G 17 14.95 -61.55 35.38
CA PHE G 17 14.09 -61.92 36.52
C PHE G 17 14.20 -60.91 37.68
N GLU G 18 15.42 -60.48 37.99
CA GLU G 18 15.71 -59.59 39.13
C GLU G 18 15.39 -58.12 38.87
N LEU G 19 15.47 -57.68 37.63
CA LEU G 19 15.25 -56.28 37.32
C LEU G 19 14.66 -56.12 35.92
N SER G 20 13.38 -55.79 35.86
CA SER G 20 12.75 -55.55 34.59
C SER G 20 13.05 -54.15 34.07
N THR G 21 13.32 -54.06 32.78
CA THR G 21 13.37 -52.78 32.12
C THR G 21 12.30 -52.84 31.05
N GLY G 22 11.27 -53.64 31.30
CA GLY G 22 10.15 -53.73 30.38
C GLY G 22 9.53 -55.10 30.29
N ASN G 23 10.37 -56.14 30.33
CA ASN G 23 9.93 -57.52 30.09
C ASN G 23 9.10 -57.71 28.80
N THR G 24 9.58 -57.14 27.69
CA THR G 24 8.93 -57.30 26.37
C THR G 24 9.73 -58.19 25.42
N TYR G 25 9.06 -58.67 24.37
CA TYR G 25 9.73 -59.22 23.19
C TYR G 25 9.39 -58.37 21.95
N PRO G 26 10.04 -58.62 20.80
CA PRO G 26 9.67 -57.84 19.61
C PRO G 26 8.46 -58.42 18.92
N ALA G 27 7.30 -57.82 19.18
CA ALA G 27 6.04 -58.27 18.61
C ALA G 27 5.95 -57.83 17.15
N ILE G 28 6.24 -58.74 16.22
CA ILE G 28 6.14 -58.44 14.80
C ILE G 28 4.75 -58.89 14.40
N ALA G 29 3.87 -57.93 14.13
CA ALA G 29 2.42 -58.12 14.16
C ALA G 29 1.64 -56.92 13.62
N ARG G 30 0.39 -57.15 13.20
CA ARG G 30 -0.54 -56.05 12.87
C ARG G 30 -1.05 -55.47 14.19
N PRO G 31 -1.73 -54.29 14.17
CA PRO G 31 -2.34 -53.86 15.43
C PRO G 31 -3.34 -54.89 15.94
N TRP G 32 -3.33 -55.12 17.26
CA TRP G 32 -4.20 -56.11 17.94
C TRP G 32 -4.29 -57.50 17.27
N GLY G 33 -3.23 -57.91 16.56
CA GLY G 33 -3.28 -59.12 15.73
C GLY G 33 -3.52 -60.38 16.55
N MET G 34 -4.26 -61.31 15.95
CA MET G 34 -4.56 -62.60 16.61
C MET G 34 -3.28 -63.41 16.83
N ASN G 35 -2.36 -63.33 15.87
CA ASN G 35 -1.10 -64.03 15.98
C ASN G 35 0.08 -63.06 15.90
N PHE G 36 0.93 -63.09 16.93
CA PHE G 36 2.19 -62.35 16.93
C PHE G 36 3.30 -63.25 16.44
N TRP G 37 4.34 -62.65 15.87
CA TRP G 37 5.54 -63.39 15.48
C TRP G 37 6.77 -62.75 16.10
N THR G 38 7.70 -63.58 16.58
CA THR G 38 8.93 -63.09 17.20
C THR G 38 10.11 -64.03 16.95
N PRO G 39 11.32 -63.46 16.80
CA PRO G 39 12.49 -64.33 16.85
C PRO G 39 12.55 -64.96 18.25
N GLN G 40 12.99 -66.20 18.32
CA GLN G 40 13.06 -66.87 19.61
C GLN G 40 14.51 -67.09 20.01
N THR G 41 14.92 -66.52 21.14
CA THR G 41 16.26 -66.76 21.68
C THR G 41 16.22 -67.70 22.87
N GLY G 42 15.14 -67.64 23.65
CA GLY G 42 14.99 -68.51 24.81
C GLY G 42 14.63 -69.93 24.40
N LYS G 43 14.81 -70.87 25.35
CA LYS G 43 14.43 -72.26 25.14
C LYS G 43 12.92 -72.44 25.27
N MET G 44 12.40 -73.49 24.64
CA MET G 44 10.99 -73.78 24.71
C MET G 44 10.52 -73.70 26.14
N GLY G 45 9.49 -72.88 26.37
CA GLY G 45 8.83 -72.82 27.67
C GLY G 45 9.26 -71.68 28.58
N ASP G 46 10.37 -71.04 28.24
CA ASP G 46 10.91 -69.94 29.03
C ASP G 46 10.12 -68.67 28.71
N GLY G 47 9.61 -68.00 29.73
CA GLY G 47 8.86 -66.75 29.56
C GLY G 47 9.65 -65.68 28.84
N TRP G 48 10.95 -65.67 29.09
CA TRP G 48 11.84 -64.73 28.43
C TRP G 48 12.24 -65.30 27.09
N GLN G 49 11.28 -65.33 26.16
CA GLN G 49 11.52 -65.92 24.86
C GLN G 49 12.47 -65.10 23.97
N TYR G 50 12.63 -63.82 24.28
CA TYR G 50 13.63 -63.00 23.59
C TYR G 50 14.29 -62.07 24.60
N THR G 51 15.61 -62.14 24.70
CA THR G 51 16.34 -61.26 25.58
C THR G 51 17.41 -60.58 24.74
N TYR G 52 17.70 -59.32 25.02
CA TYR G 52 18.61 -58.55 24.19
C TYR G 52 20.07 -59.01 24.27
N THR G 53 20.47 -59.57 25.43
CA THR G 53 21.86 -60.02 25.65
C THR G 53 22.12 -61.44 25.12
N ALA G 54 21.06 -62.16 24.71
CA ALA G 54 21.21 -63.51 24.16
C ALA G 54 21.93 -63.49 22.82
N ASN G 55 22.69 -64.57 22.56
CA ASN G 55 23.58 -64.61 21.41
C ASN G 55 23.09 -65.41 20.23
N LYS G 56 22.04 -66.20 20.42
CA LYS G 56 21.63 -67.19 19.44
C LYS G 56 20.10 -67.26 19.27
N ILE G 57 19.65 -67.34 18.01
CA ILE G 57 18.24 -67.59 17.66
C ILE G 57 18.06 -69.06 17.29
N ARG G 58 17.05 -69.70 17.87
CA ARG G 58 16.75 -71.12 17.59
C ARG G 58 15.38 -71.33 16.94
N GLY G 59 14.70 -70.23 16.63
CA GLY G 59 13.36 -70.32 16.06
C GLY G 59 12.81 -68.95 15.72
N PHE G 60 11.91 -68.95 14.74
CA PHE G 60 11.00 -67.84 14.52
C PHE G 60 9.63 -68.38 14.89
N LYS G 61 9.04 -67.79 15.93
CA LYS G 61 7.98 -68.42 16.70
C LYS G 61 6.68 -67.64 16.62
N GLN G 62 5.57 -68.37 16.46
CA GLN G 62 4.26 -67.79 16.70
C GLN G 62 4.05 -67.77 18.21
N THR G 63 3.64 -66.62 18.72
CA THR G 63 3.46 -66.45 20.16
C THR G 63 2.18 -65.69 20.44
N HIS G 64 1.62 -65.89 21.62
CA HIS G 64 0.46 -65.15 22.08
C HIS G 64 0.69 -64.56 23.46
N GLN G 65 1.89 -64.73 24.01
CA GLN G 65 2.25 -64.37 25.38
C GLN G 65 2.00 -62.88 25.71
N PRO G 66 1.27 -62.62 26.82
CA PRO G 66 1.07 -61.24 27.26
C PRO G 66 2.17 -60.74 28.21
N SER G 67 2.71 -61.63 29.04
CA SER G 67 3.92 -61.36 29.81
C SER G 67 4.71 -62.63 30.10
N PRO G 68 5.99 -62.48 30.49
CA PRO G 68 6.78 -63.69 30.74
C PRO G 68 6.28 -64.48 31.96
N TRP G 69 5.40 -63.85 32.75
CA TRP G 69 4.87 -64.43 34.00
C TRP G 69 3.62 -65.25 33.73
N ILE G 70 2.85 -64.81 32.74
CA ILE G 70 1.66 -65.51 32.31
C ILE G 70 2.08 -66.67 31.40
N ASN G 71 3.14 -66.42 30.64
CA ASN G 71 3.67 -67.36 29.66
C ASN G 71 2.72 -67.57 28.46
N ASP G 72 2.99 -68.59 27.65
CA ASP G 72 2.48 -68.67 26.29
C ASP G 72 1.42 -69.75 26.03
N TYR G 73 0.90 -69.76 24.79
CA TYR G 73 -0.02 -70.78 24.27
C TYR G 73 -0.14 -70.59 22.75
N GLY G 74 -0.62 -71.63 22.05
CA GLY G 74 -0.78 -71.57 20.60
C GLY G 74 0.56 -71.26 19.96
N GLN G 75 1.56 -72.04 20.35
CA GLN G 75 2.93 -71.75 20.02
C GLN G 75 3.61 -72.84 19.19
N PHE G 76 4.19 -72.42 18.05
CA PHE G 76 5.02 -73.28 17.22
C PHE G 76 6.03 -72.38 16.51
N SER G 77 7.10 -72.97 15.97
CA SER G 77 8.18 -72.20 15.35
C SER G 77 8.69 -72.89 14.09
N ILE G 78 9.48 -72.12 13.33
CA ILE G 78 10.13 -72.58 12.11
C ILE G 78 11.59 -72.11 12.20
N MET G 79 12.50 -72.90 11.65
CA MET G 79 13.93 -72.56 11.71
C MET G 79 14.69 -73.13 10.51
N PRO G 80 15.29 -72.24 9.69
CA PRO G 80 16.04 -72.63 8.51
C PRO G 80 17.49 -72.98 8.83
N ILE G 81 18.03 -74.02 8.21
CA ILE G 81 19.37 -74.51 8.52
C ILE G 81 20.11 -75.02 7.30
N VAL G 82 21.35 -75.45 7.53
CA VAL G 82 22.27 -75.88 6.50
C VAL G 82 23.15 -76.91 7.21
N GLY G 83 23.62 -77.91 6.47
CA GLY G 83 24.52 -78.94 7.01
C GLY G 83 23.79 -80.26 7.22
N GLN G 84 23.66 -80.66 8.48
CA GLN G 84 22.97 -81.91 8.83
C GLN G 84 21.55 -81.62 9.33
N PRO G 85 20.57 -82.51 9.01
CA PRO G 85 19.20 -82.33 9.50
C PRO G 85 19.08 -82.55 11.00
N VAL G 86 19.18 -81.45 11.75
CA VAL G 86 19.04 -81.51 13.21
C VAL G 86 17.78 -80.78 13.69
N PHE G 87 17.03 -81.46 14.56
CA PHE G 87 15.83 -80.90 15.16
C PHE G 87 16.15 -80.21 16.48
N ASP G 88 17.15 -80.71 17.20
CA ASP G 88 17.43 -80.25 18.56
C ASP G 88 17.54 -78.72 18.66
N GLU G 89 16.73 -78.17 19.57
CA GLU G 89 16.59 -76.72 19.73
C GLU G 89 17.90 -75.97 20.08
N GLU G 90 18.92 -76.72 20.50
CA GLU G 90 20.25 -76.15 20.79
C GLU G 90 21.20 -76.31 19.61
N LYS G 91 21.11 -77.46 18.94
CA LYS G 91 22.03 -77.82 17.84
C LYS G 91 21.72 -77.10 16.53
N ARG G 92 20.46 -76.71 16.36
CA ARG G 92 20.03 -75.95 15.17
C ARG G 92 20.20 -74.42 15.36
N ALA G 93 20.41 -73.99 16.61
CA ALA G 93 20.54 -72.55 16.92
C ALA G 93 21.70 -71.89 16.20
N SER G 94 21.60 -70.57 15.99
CA SER G 94 22.65 -69.84 15.30
C SER G 94 23.00 -68.55 16.00
N TRP G 95 24.29 -68.24 16.04
CA TRP G 95 24.77 -66.91 16.38
C TRP G 95 24.17 -65.83 15.48
N PHE G 96 23.90 -64.66 16.07
CA PHE G 96 23.59 -63.45 15.32
C PHE G 96 24.05 -62.23 16.17
N ALA G 97 24.08 -61.05 15.56
CA ALA G 97 24.23 -59.80 16.33
C ALA G 97 23.14 -58.77 15.97
N HIS G 98 22.98 -57.78 16.84
CA HIS G 98 21.95 -56.78 16.67
C HIS G 98 22.20 -55.84 15.47
N LYS G 99 23.47 -55.64 15.13
CA LYS G 99 23.83 -54.92 13.91
C LYS G 99 23.57 -55.74 12.63
N GLY G 100 23.22 -57.01 12.78
CA GLY G 100 22.79 -57.85 11.65
C GLY G 100 21.31 -58.16 11.71
N GLU G 101 20.53 -57.26 12.31
CA GLU G 101 19.14 -57.51 12.61
C GLU G 101 18.36 -56.24 12.32
N VAL G 102 17.20 -56.38 11.67
CA VAL G 102 16.31 -55.24 11.47
C VAL G 102 14.93 -55.56 12.02
N ALA G 103 14.50 -54.80 13.04
CA ALA G 103 13.20 -55.04 13.68
C ALA G 103 12.26 -53.84 13.60
N THR G 104 11.19 -53.97 12.83
CA THR G 104 10.12 -52.96 12.77
C THR G 104 8.83 -53.72 13.05
N PRO G 105 7.71 -53.02 13.29
CA PRO G 105 6.46 -53.72 13.67
C PRO G 105 5.84 -54.51 12.54
N TYR G 106 6.17 -54.15 11.30
CA TYR G 106 5.59 -54.76 10.10
C TYR G 106 6.52 -55.77 9.42
N TYR G 107 7.82 -55.69 9.72
CA TYR G 107 8.85 -56.45 8.98
C TYR G 107 10.02 -56.81 9.89
N TYR G 108 10.55 -58.02 9.75
CA TYR G 108 11.76 -58.45 10.51
C TYR G 108 12.77 -59.20 9.64
N LYS G 109 14.04 -58.78 9.71
CA LYS G 109 15.13 -59.49 9.03
C LYS G 109 16.30 -59.73 9.97
N VAL G 110 16.87 -60.92 9.93
CA VAL G 110 18.11 -61.22 10.65
C VAL G 110 19.03 -62.11 9.81
N TYR G 111 20.35 -61.91 9.99
CA TYR G 111 21.38 -62.77 9.36
C TYR G 111 21.85 -63.83 10.34
N LEU G 112 21.59 -65.09 10.01
CA LEU G 112 21.99 -66.20 10.88
C LEU G 112 23.41 -66.67 10.53
N ALA G 113 24.36 -66.22 11.32
CA ALA G 113 25.80 -66.31 11.02
C ALA G 113 26.35 -67.72 10.95
N GLU G 114 25.76 -68.64 11.70
CA GLU G 114 26.24 -70.03 11.70
C GLU G 114 25.60 -70.92 10.61
N HIS G 115 24.72 -70.33 9.81
CA HIS G 115 24.09 -71.02 8.67
C HIS G 115 24.27 -70.24 7.35
N ASP G 116 24.75 -69.00 7.44
CA ASP G 116 24.88 -68.11 6.26
C ASP G 116 23.53 -67.95 5.57
N ILE G 117 22.51 -67.63 6.38
CA ILE G 117 21.14 -67.49 5.94
C ILE G 117 20.54 -66.17 6.41
N VAL G 118 19.84 -65.51 5.50
CA VAL G 118 19.04 -64.34 5.84
C VAL G 118 17.59 -64.83 5.97
N THR G 119 16.91 -64.37 7.02
CA THR G 119 15.51 -64.69 7.24
C THR G 119 14.74 -63.38 7.32
N GLU G 120 13.69 -63.24 6.51
CA GLU G 120 12.81 -62.09 6.57
C GLU G 120 11.37 -62.56 6.84
N MET G 121 10.61 -61.78 7.62
CA MET G 121 9.20 -62.10 7.88
C MET G 121 8.30 -60.86 7.95
N THR G 122 7.07 -61.00 7.45
CA THR G 122 6.06 -59.91 7.42
C THR G 122 4.69 -60.51 7.69
N PRO G 123 4.06 -60.10 8.81
CA PRO G 123 2.74 -60.66 9.13
C PRO G 123 1.54 -59.82 8.70
N THR G 124 0.41 -60.52 8.60
CA THR G 124 -0.92 -59.92 8.56
C THR G 124 -1.51 -60.26 9.92
N GLU G 125 -2.82 -60.15 10.06
CA GLU G 125 -3.46 -60.32 11.37
C GLU G 125 -3.42 -61.75 11.86
N ARG G 126 -3.50 -62.72 10.96
CA ARG G 126 -3.52 -64.13 11.33
C ARG G 126 -2.53 -65.00 10.54
N ALA G 127 -1.84 -64.38 9.60
CA ALA G 127 -0.89 -65.09 8.76
C ALA G 127 0.44 -64.33 8.67
N VAL G 128 1.43 -65.00 8.10
CA VAL G 128 2.75 -64.40 7.96
C VAL G 128 3.41 -64.95 6.70
N LEU G 129 4.32 -64.16 6.12
CA LEU G 129 5.19 -64.64 5.04
C LEU G 129 6.64 -64.64 5.48
N PHE G 130 7.34 -65.74 5.18
CA PHE G 130 8.78 -65.83 5.38
C PHE G 130 9.49 -65.90 4.05
N ARG G 131 10.61 -65.18 3.94
CA ARG G 131 11.52 -65.35 2.82
C ARG G 131 12.89 -65.70 3.38
N PHE G 132 13.39 -66.90 3.04
CA PHE G 132 14.70 -67.37 3.46
C PHE G 132 15.68 -67.24 2.30
N THR G 133 16.73 -66.43 2.47
CA THR G 133 17.82 -66.43 1.51
C THR G 133 18.91 -67.44 1.89
N PHE G 134 19.03 -68.49 1.06
CA PHE G 134 19.99 -69.57 1.34
C PHE G 134 21.36 -69.33 0.69
N PRO G 135 22.40 -70.04 1.18
CA PRO G 135 23.68 -70.00 0.49
C PRO G 135 23.77 -71.17 -0.49
N GLU G 136 24.89 -71.28 -1.20
CA GLU G 136 25.16 -72.45 -2.02
C GLU G 136 25.40 -73.64 -1.10
N ASN G 137 24.52 -74.64 -1.19
CA ASN G 137 24.62 -75.83 -0.35
C ASN G 137 23.80 -76.97 -0.93
N ASP G 138 24.32 -78.19 -0.82
CA ASP G 138 23.62 -79.40 -1.21
C ASP G 138 22.62 -79.85 -0.14
N HIS G 139 22.76 -79.31 1.06
CA HIS G 139 21.96 -79.74 2.21
C HIS G 139 21.37 -78.57 3.01
N SER G 140 20.39 -77.90 2.40
CA SER G 140 19.62 -76.83 3.04
C SER G 140 18.29 -77.38 3.52
N TYR G 141 17.92 -77.07 4.77
CA TYR G 141 16.67 -77.55 5.35
C TYR G 141 15.84 -76.45 6.01
N VAL G 142 14.59 -76.79 6.34
CA VAL G 142 13.70 -75.93 7.12
C VAL G 142 13.03 -76.81 8.15
N VAL G 143 13.33 -76.55 9.42
CA VAL G 143 12.76 -77.29 10.54
C VAL G 143 11.47 -76.60 10.98
N VAL G 144 10.44 -77.40 11.30
CA VAL G 144 9.16 -76.90 11.81
C VAL G 144 8.92 -77.57 13.16
N ASP G 145 8.72 -76.77 14.21
CA ASP G 145 8.65 -77.29 15.59
C ASP G 145 7.29 -76.96 16.22
N ALA G 146 6.46 -78.00 16.38
CA ALA G 146 5.08 -77.86 16.88
C ALA G 146 5.01 -77.89 18.39
N PHE G 147 6.18 -77.86 19.02
CA PHE G 147 6.31 -77.77 20.47
C PHE G 147 5.77 -79.01 21.17
N ASP G 148 5.83 -79.03 22.52
CA ASP G 148 5.56 -80.29 23.23
C ASP G 148 4.17 -80.40 23.87
N LYS G 149 4.06 -81.27 24.87
CA LYS G 149 2.82 -81.43 25.65
C LYS G 149 1.63 -81.96 24.86
N GLY G 150 1.90 -82.49 23.67
CA GLY G 150 0.83 -83.04 22.82
C GLY G 150 0.70 -82.19 21.58
N SER G 151 1.25 -82.66 20.48
CA SER G 151 1.13 -81.96 19.21
C SER G 151 1.01 -82.95 18.07
N TYR G 152 0.95 -82.43 16.85
CA TYR G 152 0.74 -83.21 15.65
C TYR G 152 1.33 -82.52 14.41
N ILE G 153 1.75 -83.33 13.45
CA ILE G 153 2.43 -82.84 12.24
C ILE G 153 2.15 -83.76 11.05
N LYS G 154 2.15 -83.19 9.84
CA LYS G 154 1.98 -83.96 8.60
C LYS G 154 2.61 -83.27 7.38
N ILE G 155 3.53 -83.96 6.70
CA ILE G 155 4.08 -83.47 5.43
C ILE G 155 3.25 -83.94 4.22
N ILE G 156 2.83 -82.99 3.39
CA ILE G 156 2.07 -83.26 2.16
C ILE G 156 2.92 -82.83 0.96
N PRO G 157 3.74 -83.76 0.42
CA PRO G 157 4.69 -83.47 -0.67
C PRO G 157 4.03 -82.93 -1.92
N GLU G 158 2.83 -83.44 -2.21
CA GLU G 158 2.07 -83.06 -3.40
C GLU G 158 1.92 -81.54 -3.47
N GLU G 159 1.52 -80.96 -2.35
CA GLU G 159 1.21 -79.52 -2.34
C GLU G 159 2.33 -78.67 -1.73
N ASN G 160 3.54 -79.25 -1.59
CA ASN G 160 4.70 -78.56 -0.98
C ASN G 160 4.34 -77.99 0.39
N LYS G 161 3.58 -78.78 1.14
CA LYS G 161 2.82 -78.32 2.29
C LYS G 161 3.18 -79.11 3.53
N ILE G 162 3.31 -78.42 4.65
CA ILE G 162 3.32 -79.04 5.98
C ILE G 162 2.11 -78.48 6.76
N ILE G 163 1.35 -79.37 7.41
CA ILE G 163 0.30 -78.94 8.34
C ILE G 163 0.60 -79.49 9.72
N GLY G 164 -0.12 -78.98 10.72
CA GLY G 164 0.00 -79.50 12.08
C GLY G 164 -0.80 -78.68 13.06
N TYR G 165 -0.84 -79.13 14.30
CA TYR G 165 -1.37 -78.32 15.38
C TYR G 165 -0.46 -78.39 16.62
N THR G 166 -0.69 -77.44 17.55
CA THR G 166 0.10 -77.27 18.77
C THR G 166 -0.82 -77.06 19.96
N THR G 167 -0.43 -77.58 21.13
CA THR G 167 -1.33 -77.46 22.30
C THR G 167 -0.68 -77.02 23.61
N ARG G 168 0.66 -77.04 23.69
CA ARG G 168 1.37 -76.53 24.87
C ARG G 168 0.82 -75.15 25.24
N ASN G 169 0.44 -75.00 26.49
CA ASN G 169 -0.22 -73.79 26.96
C ASN G 169 0.13 -73.59 28.43
N SER G 170 -0.42 -72.54 29.05
CA SER G 170 -0.05 -72.21 30.42
C SER G 170 -1.26 -72.09 31.33
N GLY G 171 -2.32 -72.84 31.03
CA GLY G 171 -3.56 -72.82 31.81
C GLY G 171 -4.62 -71.99 31.10
N GLY G 172 -5.80 -71.89 31.70
CA GLY G 172 -6.90 -71.09 31.13
C GLY G 172 -7.39 -71.52 29.75
N VAL G 173 -7.30 -72.83 29.45
CA VAL G 173 -7.84 -73.38 28.20
C VAL G 173 -8.86 -74.51 28.43
N PRO G 174 -9.81 -74.68 27.49
CA PRO G 174 -10.67 -75.85 27.60
C PRO G 174 -9.93 -77.13 27.18
N GLU G 175 -10.60 -78.26 27.33
CA GLU G 175 -10.04 -79.60 27.11
C GLU G 175 -9.65 -79.83 25.65
N ASN G 176 -10.34 -79.15 24.74
CA ASN G 176 -10.13 -79.36 23.33
C ASN G 176 -9.12 -78.40 22.67
N PHE G 177 -8.47 -77.55 23.49
CA PHE G 177 -7.61 -76.50 22.96
C PHE G 177 -6.63 -77.00 21.90
N LYS G 178 -6.72 -76.40 20.70
CA LYS G 178 -5.78 -76.65 19.61
C LYS G 178 -5.54 -75.39 18.78
N ASN G 179 -4.28 -75.15 18.39
CA ASN G 179 -3.96 -74.15 17.36
C ASN G 179 -3.49 -74.85 16.08
N TYR G 180 -4.27 -74.73 15.01
CA TYR G 180 -4.03 -75.44 13.76
C TYR G 180 -3.23 -74.58 12.81
N PHE G 181 -2.13 -75.13 12.28
CA PHE G 181 -1.28 -74.37 11.36
C PHE G 181 -1.02 -75.03 9.99
N ILE G 182 -0.73 -74.18 9.02
CA ILE G 182 -0.52 -74.56 7.63
C ILE G 182 0.65 -73.76 7.09
N ILE G 183 1.58 -74.45 6.44
CA ILE G 183 2.79 -73.85 5.87
C ILE G 183 2.95 -74.38 4.45
N GLU G 184 3.16 -73.47 3.49
CA GLU G 184 3.33 -73.80 2.07
C GLU G 184 4.62 -73.18 1.51
N PHE G 185 5.43 -74.00 0.84
CA PHE G 185 6.73 -73.56 0.30
C PHE G 185 6.68 -73.39 -1.23
N ASP G 186 7.35 -72.36 -1.75
CA ASP G 186 7.39 -72.14 -3.22
C ASP G 186 8.57 -72.89 -3.91
N LYS G 187 9.01 -73.99 -3.29
CA LYS G 187 10.19 -74.74 -3.76
C LYS G 187 9.99 -76.19 -3.31
N PRO G 188 9.95 -77.13 -4.27
CA PRO G 188 9.66 -78.55 -3.96
C PRO G 188 10.63 -79.20 -2.96
N PHE G 189 10.22 -80.30 -2.33
CA PHE G 189 11.07 -81.01 -1.37
C PHE G 189 11.91 -82.06 -2.08
N THR G 190 13.21 -82.03 -1.82
CA THR G 190 14.11 -83.08 -2.29
C THR G 190 14.43 -84.03 -1.13
N TYR G 191 14.16 -83.54 0.09
CA TYR G 191 14.35 -84.28 1.34
C TYR G 191 13.13 -84.06 2.25
N LYS G 192 12.70 -85.10 2.98
CA LYS G 192 11.57 -84.96 3.89
C LYS G 192 11.64 -85.92 5.07
N ALA G 193 11.38 -85.41 6.28
CA ALA G 193 11.31 -86.23 7.49
C ALA G 193 10.45 -85.58 8.58
N THR G 194 9.73 -86.41 9.35
CA THR G 194 9.06 -85.95 10.55
C THR G 194 9.87 -86.40 11.77
N VAL G 195 9.58 -85.79 12.92
CA VAL G 195 10.34 -86.03 14.13
C VAL G 195 9.40 -86.46 15.23
N GLU G 196 9.79 -87.50 15.96
CA GLU G 196 9.02 -87.99 17.08
C GLU G 196 9.87 -87.94 18.35
N ASN G 197 9.46 -87.06 19.26
CA ASN G 197 10.15 -86.85 20.54
C ASN G 197 11.66 -86.79 20.38
N GLY G 198 12.11 -85.97 19.43
CA GLY G 198 13.54 -85.79 19.17
C GLY G 198 14.10 -86.72 18.10
N ASN G 199 13.44 -87.86 17.90
CA ASN G 199 13.94 -88.92 17.01
C ASN G 199 13.52 -88.72 15.55
N LEU G 200 14.51 -88.58 14.67
CA LEU G 200 14.27 -88.24 13.26
C LEU G 200 13.82 -89.45 12.45
N GLN G 201 12.78 -89.27 11.65
CA GLN G 201 12.11 -90.39 10.97
C GLN G 201 11.90 -90.07 9.50
N GLU G 202 12.91 -90.35 8.67
CA GLU G 202 12.88 -89.95 7.26
C GLU G 202 11.74 -90.61 6.53
N ASN G 203 11.07 -89.85 5.68
CA ASN G 203 9.97 -90.35 4.82
C ASN G 203 8.70 -90.86 5.52
N VAL G 204 8.61 -90.69 6.84
CA VAL G 204 7.35 -90.93 7.56
C VAL G 204 6.56 -89.62 7.50
N ALA G 205 5.34 -89.70 6.98
CA ALA G 205 4.55 -88.52 6.61
C ALA G 205 3.92 -87.75 7.80
N GLU G 206 3.62 -88.49 8.87
CA GLU G 206 2.67 -88.06 9.90
C GLU G 206 3.16 -88.51 11.29
N GLN G 207 2.98 -87.64 12.30
CA GLN G 207 3.30 -87.98 13.70
C GLN G 207 2.28 -87.39 14.67
N THR G 208 1.85 -88.21 15.63
CA THR G 208 0.94 -87.82 16.70
C THR G 208 1.57 -88.22 18.03
N THR G 209 2.18 -87.26 18.73
CA THR G 209 3.01 -87.58 19.91
C THR G 209 3.20 -86.38 20.86
N ASP G 210 3.90 -86.59 21.98
CA ASP G 210 4.14 -85.52 22.96
C ASP G 210 4.79 -84.28 22.32
N HIS G 211 5.64 -84.51 21.31
CA HIS G 211 6.38 -83.46 20.63
C HIS G 211 6.61 -83.86 19.17
N ALA G 212 5.85 -83.27 18.26
CA ALA G 212 6.00 -83.51 16.83
C ALA G 212 6.80 -82.39 16.15
N GLY G 213 7.54 -82.78 15.10
CA GLY G 213 8.21 -81.82 14.25
C GLY G 213 8.35 -82.36 12.83
N ALA G 214 8.98 -81.56 11.97
CA ALA G 214 9.24 -81.92 10.57
C ALA G 214 10.49 -81.21 10.10
N ILE G 215 11.22 -81.85 9.18
CA ILE G 215 12.34 -81.24 8.50
C ILE G 215 12.23 -81.54 7.01
N ILE G 216 12.20 -80.48 6.20
CA ILE G 216 12.20 -80.63 4.74
C ILE G 216 13.44 -79.98 4.19
N GLY G 217 13.83 -80.37 2.97
CA GLY G 217 15.12 -79.95 2.44
C GLY G 217 15.21 -79.96 0.93
N PHE G 218 16.35 -79.47 0.43
CA PHE G 218 16.62 -79.34 -1.01
C PHE G 218 18.01 -78.75 -1.26
N LYS G 219 18.40 -78.72 -2.53
CA LYS G 219 19.67 -78.11 -2.94
C LYS G 219 19.39 -76.62 -3.06
N THR G 220 20.38 -75.79 -2.72
CA THR G 220 20.23 -74.35 -2.96
C THR G 220 21.43 -73.74 -3.64
N ARG G 221 21.15 -72.79 -4.53
CA ARG G 221 22.18 -71.96 -5.16
C ARG G 221 22.48 -70.80 -4.21
N LYS G 222 23.65 -70.18 -4.40
CA LYS G 222 24.00 -68.98 -3.66
C LYS G 222 22.97 -67.88 -3.97
N GLY G 223 22.43 -67.27 -2.92
CA GLY G 223 21.43 -66.22 -3.06
C GLY G 223 20.00 -66.72 -3.29
N GLU G 224 19.81 -68.05 -3.30
CA GLU G 224 18.48 -68.62 -3.62
C GLU G 224 17.47 -68.39 -2.50
N GLN G 225 16.41 -67.66 -2.84
CA GLN G 225 15.31 -67.37 -1.94
C GLN G 225 14.26 -68.48 -1.92
N VAL G 226 13.85 -68.89 -0.72
CA VAL G 226 12.70 -69.75 -0.51
C VAL G 226 11.66 -68.97 0.31
N ASN G 227 10.42 -68.97 -0.16
CA ASN G 227 9.29 -68.37 0.56
C ASN G 227 8.43 -69.43 1.27
N ALA G 228 7.91 -69.11 2.46
CA ALA G 228 6.98 -70.01 3.17
C ALA G 228 5.74 -69.23 3.67
N ARG G 229 4.55 -69.68 3.25
CA ARG G 229 3.28 -69.01 3.57
C ARG G 229 2.63 -69.71 4.74
N ILE G 230 2.40 -68.98 5.81
CA ILE G 230 1.89 -69.55 7.07
C ILE G 230 0.66 -68.78 7.59
N ALA G 231 -0.32 -69.54 8.07
CA ALA G 231 -1.44 -69.02 8.83
C ALA G 231 -1.83 -70.07 9.83
N SER G 232 -2.42 -69.65 10.95
CA SER G 232 -3.00 -70.61 11.90
C SER G 232 -4.44 -70.22 12.23
N SER G 233 -5.13 -71.10 12.97
CA SER G 233 -6.48 -70.84 13.45
C SER G 233 -6.74 -71.60 14.75
N PHE G 234 -7.73 -71.15 15.50
CA PHE G 234 -8.11 -71.81 16.74
C PHE G 234 -9.35 -72.68 16.55
N ILE G 235 -9.84 -72.73 15.32
CA ILE G 235 -11.13 -73.36 15.01
C ILE G 235 -10.94 -74.67 14.22
N SER G 236 -10.27 -74.58 13.07
CA SER G 236 -10.07 -75.75 12.21
C SER G 236 -8.94 -75.48 11.22
N PHE G 237 -8.41 -76.57 10.65
CA PHE G 237 -7.47 -76.50 9.51
C PHE G 237 -8.10 -75.77 8.34
N GLU G 238 -9.41 -75.97 8.17
CA GLU G 238 -10.17 -75.30 7.12
C GLU G 238 -10.15 -73.79 7.32
N GLN G 239 -10.54 -73.35 8.52
CA GLN G 239 -10.48 -71.93 8.89
C GLN G 239 -9.06 -71.41 8.73
N ALA G 240 -8.09 -72.24 9.10
CA ALA G 240 -6.69 -71.86 8.96
C ALA G 240 -6.29 -71.63 7.50
N ALA G 241 -6.84 -72.43 6.59
CA ALA G 241 -6.59 -72.23 5.15
C ALA G 241 -7.26 -70.96 4.65
N ALA G 242 -8.47 -70.67 5.14
CA ALA G 242 -9.16 -69.40 4.84
C ALA G 242 -8.32 -68.18 5.27
N ASN G 243 -7.82 -68.22 6.51
CA ASN G 243 -6.94 -67.16 7.06
C ASN G 243 -5.71 -66.86 6.20
N MET G 244 -5.17 -67.91 5.57
CA MET G 244 -4.02 -67.79 4.66
C MET G 244 -4.27 -66.79 3.53
N ASN G 245 -5.54 -66.64 3.15
CA ASN G 245 -5.92 -65.75 2.05
C ASN G 245 -5.64 -64.27 2.35
N GLU G 246 -5.40 -63.94 3.62
CA GLU G 246 -4.97 -62.57 4.03
C GLU G 246 -3.66 -62.18 3.36
N LEU G 247 -2.88 -63.19 2.95
CA LEU G 247 -1.58 -62.93 2.30
C LEU G 247 -1.75 -62.59 0.82
N GLY G 248 -2.91 -62.95 0.26
CA GLY G 248 -3.12 -62.91 -1.18
C GLY G 248 -1.97 -63.59 -1.90
N LYS G 249 -1.48 -62.95 -2.95
CA LYS G 249 -0.35 -63.48 -3.71
C LYS G 249 0.90 -62.61 -3.57
N ASP G 250 0.94 -61.81 -2.50
CA ASP G 250 1.95 -60.79 -2.27
C ASP G 250 3.34 -61.35 -1.95
N ASN G 251 4.36 -60.53 -2.19
CA ASN G 251 5.71 -60.84 -1.78
C ASN G 251 6.10 -60.04 -0.52
N ILE G 252 7.23 -60.38 0.09
CA ILE G 252 7.75 -59.64 1.26
C ILE G 252 7.57 -58.12 1.10
N GLU G 253 7.95 -57.57 -0.05
CA GLU G 253 7.94 -56.12 -0.24
C GLU G 253 6.52 -55.56 -0.09
N GLN G 254 5.58 -56.16 -0.82
CA GLN G 254 4.18 -55.76 -0.79
C GLN G 254 3.51 -55.94 0.57
N LEU G 255 3.81 -57.05 1.25
CA LEU G 255 3.25 -57.30 2.58
C LEU G 255 3.76 -56.34 3.65
N ALA G 256 5.06 -56.04 3.60
CA ALA G 256 5.67 -55.07 4.49
C ALA G 256 5.10 -53.67 4.24
N GLN G 257 4.80 -53.33 2.99
CA GLN G 257 4.22 -52.03 2.70
C GLN G 257 2.79 -51.93 3.26
N LYS G 258 2.01 -53.00 3.10
CA LYS G 258 0.67 -53.08 3.71
C LYS G 258 0.73 -52.97 5.25
N GLY G 259 1.73 -53.63 5.86
CA GLY G 259 1.90 -53.58 7.32
C GLY G 259 2.30 -52.19 7.80
N LYS G 260 3.19 -51.54 7.05
CA LYS G 260 3.68 -50.20 7.40
C LYS G 260 2.54 -49.17 7.28
N ASP G 261 1.66 -49.38 6.30
CA ASP G 261 0.46 -48.54 6.15
C ASP G 261 -0.53 -48.70 7.31
N ALA G 262 -0.82 -49.94 7.69
CA ALA G 262 -1.73 -50.20 8.81
C ALA G 262 -1.23 -49.58 10.11
N TRP G 263 0.08 -49.64 10.36
CA TRP G 263 0.66 -49.03 11.57
C TRP G 263 0.64 -47.50 11.54
N ASN G 264 0.96 -46.92 10.38
CA ASN G 264 0.92 -45.47 10.22
C ASN G 264 -0.50 -44.92 10.30
N GLN G 265 -1.45 -45.72 9.80
CA GLN G 265 -2.87 -45.49 10.03
C GLN G 265 -3.14 -45.19 11.50
N VAL G 266 -2.73 -46.09 12.40
CA VAL G 266 -3.06 -45.94 13.82
C VAL G 266 -2.12 -45.02 14.60
N LEU G 267 -0.82 -45.08 14.31
CA LEU G 267 0.15 -44.18 14.96
C LEU G 267 -0.10 -42.71 14.56
N GLY G 268 -0.54 -42.52 13.31
CA GLY G 268 -0.78 -41.19 12.74
C GLY G 268 -1.92 -40.39 13.32
N LYS G 269 -2.75 -41.03 14.16
CA LYS G 269 -3.83 -40.34 14.83
C LYS G 269 -3.28 -39.34 15.87
N ILE G 270 -2.00 -39.46 16.19
CA ILE G 270 -1.37 -38.54 17.14
C ILE G 270 -0.04 -38.06 16.58
N GLU G 271 -0.01 -36.80 16.11
CA GLU G 271 1.19 -36.23 15.49
C GLU G 271 1.90 -35.28 16.46
N VAL G 272 3.09 -35.67 16.90
CA VAL G 272 3.87 -34.81 17.81
C VAL G 272 5.04 -34.16 17.05
N GLU G 273 5.42 -32.96 17.49
CA GLU G 273 6.57 -32.27 16.92
C GLU G 273 7.09 -31.23 17.89
N GLY G 274 8.23 -30.62 17.55
CA GLY G 274 8.90 -29.69 18.45
C GLY G 274 9.69 -30.40 19.54
N GLY G 275 10.18 -31.61 19.24
CA GLY G 275 10.89 -32.41 20.24
C GLY G 275 12.16 -32.99 19.65
N ASN G 276 12.91 -33.71 20.49
CA ASN G 276 14.12 -34.41 20.04
C ASN G 276 13.85 -35.89 19.71
N LEU G 277 14.86 -36.55 19.11
CA LEU G 277 14.70 -37.89 18.54
C LEU G 277 14.52 -38.98 19.59
N ASP G 278 15.02 -38.76 20.80
CA ASP G 278 14.78 -39.68 21.92
C ASP G 278 13.30 -39.68 22.24
N GLN G 279 12.72 -38.47 22.33
CA GLN G 279 11.30 -38.31 22.66
C GLN G 279 10.37 -38.83 21.56
N TYR G 280 10.62 -38.47 20.31
CA TYR G 280 9.85 -39.08 19.21
C TYR G 280 9.86 -40.61 19.34
N ARG G 281 11.06 -41.19 19.48
CA ARG G 281 11.22 -42.65 19.60
C ARG G 281 10.51 -43.23 20.81
N THR G 282 10.73 -42.63 21.98
CA THR G 282 10.05 -43.09 23.18
C THR G 282 8.51 -43.01 23.01
N PHE G 283 8.04 -41.90 22.44
CA PHE G 283 6.60 -41.70 22.24
C PHE G 283 5.98 -42.77 21.36
N TYR G 284 6.58 -43.02 20.20
CA TYR G 284 5.97 -43.89 19.22
C TYR G 284 6.15 -45.37 19.51
N SER G 285 7.24 -45.71 20.20
CA SER G 285 7.43 -47.07 20.69
C SER G 285 6.35 -47.41 21.72
N CYS G 286 6.09 -46.46 22.61
CA CYS G 286 5.04 -46.56 23.62
C CYS G 286 3.65 -46.60 23.03
N LEU G 287 3.43 -45.85 21.95
CA LEU G 287 2.17 -45.91 21.23
C LEU G 287 2.00 -47.27 20.52
N TYR G 288 3.07 -47.75 19.88
CA TYR G 288 3.04 -49.10 19.32
C TYR G 288 2.62 -50.12 20.38
N ARG G 289 3.25 -50.07 21.55
CA ARG G 289 2.96 -51.06 22.61
C ARG G 289 1.54 -50.94 23.13
N SER G 290 0.93 -49.78 22.89
CA SER G 290 -0.42 -49.50 23.38
C SER G 290 -1.51 -50.06 22.48
N LEU G 291 -1.11 -50.58 21.31
CA LEU G 291 -2.08 -50.99 20.29
C LEU G 291 -1.93 -52.48 19.96
N LEU G 292 -1.62 -53.28 20.98
CA LEU G 292 -1.31 -54.70 20.76
C LEU G 292 -2.22 -55.63 21.54
N PHE G 293 -2.68 -55.18 22.70
CA PHE G 293 -3.48 -56.00 23.63
C PHE G 293 -4.71 -55.22 24.08
N PRO G 294 -5.84 -55.92 24.32
CA PRO G 294 -6.02 -57.35 24.11
C PRO G 294 -6.06 -57.63 22.62
N ARG G 295 -5.57 -58.81 22.24
CA ARG G 295 -5.45 -59.20 20.84
C ARG G 295 -6.79 -59.65 20.33
N LYS G 296 -7.03 -59.52 19.03
CA LYS G 296 -8.18 -60.19 18.39
C LYS G 296 -8.12 -61.69 18.65
N PHE G 297 -9.28 -62.30 18.93
CA PHE G 297 -9.34 -63.75 19.08
C PHE G 297 -10.51 -64.32 18.25
N TYR G 298 -10.95 -63.54 17.27
CA TYR G 298 -11.99 -63.96 16.34
C TYR G 298 -11.46 -64.05 14.93
N GLU G 299 -12.10 -64.88 14.12
CA GLU G 299 -11.68 -65.08 12.74
C GLU G 299 -12.89 -64.86 11.82
N LEU G 300 -12.64 -64.61 10.54
CA LEU G 300 -13.69 -64.29 9.57
C LEU G 300 -14.26 -65.57 8.95
N ASP G 301 -15.59 -65.69 8.88
CA ASP G 301 -16.18 -66.83 8.15
C ASP G 301 -16.23 -66.54 6.66
N ALA G 302 -16.76 -67.49 5.88
CA ALA G 302 -16.91 -67.35 4.42
C ALA G 302 -17.63 -66.08 3.99
N ASN G 303 -18.44 -65.51 4.89
CA ASN G 303 -19.21 -64.30 4.58
C ASN G 303 -18.57 -63.00 5.06
N GLY G 304 -17.41 -63.11 5.68
CA GLY G 304 -16.68 -61.95 6.21
C GLY G 304 -17.19 -61.59 7.59
N GLN G 305 -17.90 -62.52 8.22
CA GLN G 305 -18.52 -62.31 9.52
C GLN G 305 -17.64 -62.90 10.62
N PRO G 306 -17.59 -62.23 11.80
CA PRO G 306 -16.78 -62.71 12.92
C PRO G 306 -17.35 -63.95 13.61
N ILE G 307 -16.52 -64.99 13.68
CA ILE G 307 -16.75 -66.15 14.55
C ILE G 307 -15.49 -66.37 15.40
N HIS G 308 -15.58 -67.18 16.44
CA HIS G 308 -14.42 -67.43 17.30
C HIS G 308 -14.47 -68.77 18.02
N TYR G 309 -13.29 -69.34 18.26
CA TYR G 309 -13.15 -70.44 19.18
C TYR G 309 -13.29 -69.82 20.55
N SER G 310 -13.95 -70.51 21.45
CA SER G 310 -14.17 -69.98 22.78
C SER G 310 -13.16 -70.55 23.77
N PRO G 311 -12.38 -69.66 24.39
CA PRO G 311 -11.35 -70.08 25.33
C PRO G 311 -11.98 -70.37 26.67
N TYR G 312 -13.31 -70.23 26.75
CA TYR G 312 -14.06 -70.40 27.99
C TYR G 312 -14.85 -71.69 28.05
N ASN G 313 -15.52 -72.06 26.96
CA ASN G 313 -16.27 -73.32 26.95
C ASN G 313 -15.91 -74.27 25.83
N GLY G 314 -15.01 -73.85 24.94
CA GLY G 314 -14.47 -74.72 23.90
C GLY G 314 -15.30 -74.80 22.62
N GLN G 315 -16.44 -74.11 22.61
CA GLN G 315 -17.27 -74.11 21.41
C GLN G 315 -16.77 -73.08 20.39
N VAL G 316 -17.30 -73.18 19.18
CA VAL G 316 -17.08 -72.22 18.10
C VAL G 316 -18.38 -71.42 18.00
N LEU G 317 -18.31 -70.09 18.11
CA LEU G 317 -19.53 -69.26 18.20
C LEU G 317 -19.42 -67.96 17.42
N PRO G 318 -20.57 -67.43 16.94
CA PRO G 318 -20.56 -66.13 16.23
C PRO G 318 -20.15 -64.95 17.12
N GLY G 319 -19.59 -63.92 16.50
CA GLY G 319 -19.30 -62.66 17.21
C GLY G 319 -17.86 -62.44 17.63
N TYR G 320 -17.63 -61.32 18.32
CA TYR G 320 -16.27 -60.86 18.64
C TYR G 320 -15.72 -61.50 19.90
N MET G 321 -14.39 -61.62 19.96
CA MET G 321 -13.70 -62.14 21.14
C MET G 321 -12.27 -61.61 21.14
N PHE G 322 -11.82 -61.08 22.28
CA PHE G 322 -10.46 -60.57 22.43
C PHE G 322 -9.89 -61.19 23.68
N THR G 323 -8.57 -61.27 23.77
CA THR G 323 -7.96 -61.82 24.98
C THR G 323 -6.53 -61.29 25.19
N ASP G 324 -5.87 -61.81 26.24
CA ASP G 324 -4.49 -61.44 26.61
C ASP G 324 -4.40 -60.02 27.15
N THR G 325 -5.10 -59.81 28.26
CA THR G 325 -4.99 -58.59 29.05
C THR G 325 -5.46 -58.83 30.49
N GLY G 326 -4.84 -58.11 31.42
CA GLY G 326 -5.28 -58.09 32.81
C GLY G 326 -5.84 -56.73 33.15
N PHE G 327 -7.11 -56.67 33.52
CA PHE G 327 -7.74 -55.37 33.80
C PHE G 327 -7.10 -54.63 34.97
N TRP G 328 -6.58 -55.35 35.97
CA TRP G 328 -5.84 -54.75 37.07
C TRP G 328 -4.78 -53.73 36.61
N ASP G 329 -4.18 -53.98 35.45
CA ASP G 329 -3.28 -53.02 34.83
C ASP G 329 -4.07 -52.00 33.99
N THR G 330 -4.75 -52.55 32.97
CA THR G 330 -5.17 -51.80 31.79
C THR G 330 -6.44 -50.95 31.99
N PHE G 331 -7.08 -51.05 33.16
CA PHE G 331 -8.21 -50.15 33.45
C PHE G 331 -7.73 -48.73 33.65
N ARG G 332 -6.50 -48.59 34.14
CA ARG G 332 -5.92 -47.33 34.52
C ARG G 332 -5.85 -46.30 33.39
N CYS G 333 -5.29 -46.65 32.24
CA CYS G 333 -5.31 -45.72 31.09
C CYS G 333 -5.10 -46.37 29.73
N LEU G 334 -4.88 -47.68 29.69
CA LEU G 334 -4.80 -48.31 28.38
C LEU G 334 -6.17 -48.22 27.72
N PHE G 335 -7.21 -48.74 28.39
CA PHE G 335 -8.57 -48.69 27.81
C PHE G 335 -9.12 -47.26 27.62
N PRO G 336 -9.00 -46.39 28.64
CA PRO G 336 -9.32 -44.99 28.40
C PRO G 336 -8.74 -44.39 27.11
N LEU G 337 -7.52 -44.80 26.73
CA LEU G 337 -6.90 -44.29 25.51
C LEU G 337 -7.62 -44.81 24.27
N LEU G 338 -8.22 -45.99 24.41
CA LEU G 338 -8.95 -46.58 23.28
C LEU G 338 -10.25 -45.80 23.11
N ASN G 339 -10.87 -45.42 24.23
CA ASN G 339 -12.07 -44.62 24.19
C ASN G 339 -11.81 -43.22 23.63
N LEU G 340 -10.61 -42.68 23.86
CA LEU G 340 -10.28 -41.37 23.34
C LEU G 340 -9.98 -41.44 21.85
N MET G 341 -9.01 -42.28 21.49
CA MET G 341 -8.45 -42.29 20.15
C MET G 341 -8.90 -43.42 19.23
N TYR G 342 -9.42 -44.51 19.81
CA TYR G 342 -9.80 -45.71 19.01
C TYR G 342 -11.14 -46.35 19.43
N PRO G 343 -12.20 -45.53 19.60
CA PRO G 343 -13.47 -46.05 20.16
C PRO G 343 -14.11 -47.17 19.34
N SER G 344 -13.99 -47.10 18.01
CA SER G 344 -14.48 -48.17 17.14
C SER G 344 -13.87 -49.52 17.51
N VAL G 345 -12.58 -49.50 17.88
CA VAL G 345 -11.84 -50.72 18.22
C VAL G 345 -12.29 -51.27 19.57
N ASN G 346 -12.48 -50.39 20.55
CA ASN G 346 -12.98 -50.83 21.85
C ASN G 346 -14.41 -51.35 21.77
N LYS G 347 -15.20 -50.79 20.86
CA LYS G 347 -16.54 -51.32 20.53
C LYS G 347 -16.47 -52.84 20.32
N GLU G 348 -15.63 -53.28 19.39
CA GLU G 348 -15.44 -54.72 19.16
C GLU G 348 -15.09 -55.44 20.48
N MET G 349 -14.20 -54.84 21.27
CA MET G 349 -13.70 -55.42 22.50
C MET G 349 -14.76 -55.57 23.59
N GLN G 350 -15.62 -54.56 23.69
CA GLN G 350 -16.69 -54.57 24.68
C GLN G 350 -17.69 -55.68 24.34
N GLU G 351 -18.02 -55.80 23.06
CA GLU G 351 -18.82 -56.94 22.57
C GLU G 351 -18.16 -58.29 22.92
N GLY G 352 -16.84 -58.36 22.74
CA GLY G 352 -16.07 -59.55 23.16
C GLY G 352 -16.30 -59.91 24.62
N LEU G 353 -16.29 -58.88 25.47
CA LEU G 353 -16.53 -59.08 26.90
C LEU G 353 -17.96 -59.56 27.21
N ILE G 354 -18.93 -59.19 26.36
CA ILE G 354 -20.30 -59.68 26.50
C ILE G 354 -20.34 -61.20 26.31
N ASN G 355 -19.70 -61.67 25.23
CA ASN G 355 -19.58 -63.11 24.97
C ASN G 355 -18.84 -63.87 26.06
N THR G 356 -17.72 -63.32 26.52
CA THR G 356 -17.00 -63.88 27.66
C THR G 356 -17.94 -64.14 28.85
N TYR G 357 -18.80 -63.17 29.15
CA TYR G 357 -19.77 -63.34 30.23
C TYR G 357 -20.77 -64.46 29.91
N LEU G 358 -21.24 -64.48 28.66
CA LEU G 358 -22.24 -65.47 28.21
C LEU G 358 -21.69 -66.88 28.18
N GLU G 359 -20.42 -67.00 27.78
CA GLU G 359 -19.79 -68.29 27.51
C GLU G 359 -19.15 -68.87 28.76
N SER G 360 -18.90 -68.01 29.75
CA SER G 360 -18.15 -68.43 30.93
C SER G 360 -18.89 -68.20 32.24
N GLY G 361 -19.85 -67.29 32.23
CA GLY G 361 -20.63 -66.94 33.44
C GLY G 361 -20.09 -65.76 34.24
N PHE G 362 -18.90 -65.28 33.87
CA PHE G 362 -18.24 -64.17 34.56
C PHE G 362 -17.64 -63.21 33.56
N PHE G 363 -17.53 -61.94 33.94
CA PHE G 363 -16.71 -61.01 33.18
C PHE G 363 -15.25 -61.34 33.54
N PRO G 364 -14.31 -61.18 32.59
CA PRO G 364 -12.93 -61.53 32.92
C PRO G 364 -12.23 -60.46 33.77
N GLU G 365 -11.24 -60.87 34.56
CA GLU G 365 -10.28 -59.90 35.14
C GLU G 365 -8.92 -60.08 34.49
N TRP G 366 -8.30 -61.25 34.67
CA TRP G 366 -7.11 -61.62 33.90
C TRP G 366 -7.45 -62.77 32.96
N ALA G 367 -7.16 -62.60 31.67
CA ALA G 367 -7.55 -63.57 30.66
C ALA G 367 -6.43 -63.86 29.69
N SER G 368 -6.00 -65.12 29.63
CA SER G 368 -4.94 -65.56 28.72
C SER G 368 -4.88 -67.08 28.48
N PRO G 369 -5.61 -67.61 27.48
CA PRO G 369 -6.72 -67.04 26.72
C PRO G 369 -8.02 -66.98 27.53
N GLY G 370 -8.23 -67.95 28.43
CA GLY G 370 -9.41 -67.93 29.30
C GLY G 370 -9.08 -67.38 30.67
N HIS G 371 -10.01 -67.54 31.62
CA HIS G 371 -9.79 -67.03 32.98
C HIS G 371 -8.52 -67.58 33.60
N ARG G 372 -7.67 -66.68 34.11
CA ARG G 372 -6.41 -67.06 34.75
C ARG G 372 -6.31 -66.44 36.13
N GLY G 373 -5.75 -67.18 37.09
CA GLY G 373 -5.63 -66.70 38.48
C GLY G 373 -4.47 -65.72 38.65
N CYS G 374 -4.77 -64.42 38.55
CA CYS G 374 -3.71 -63.39 38.62
C CYS G 374 -4.25 -62.03 39.07
N MET G 375 -3.61 -61.46 40.09
CA MET G 375 -3.89 -60.11 40.60
C MET G 375 -5.22 -60.03 41.36
N VAL G 376 -5.86 -58.86 41.37
CA VAL G 376 -6.98 -58.60 42.29
C VAL G 376 -7.94 -57.55 41.74
N GLY G 377 -9.05 -57.38 42.46
CA GLY G 377 -10.02 -56.34 42.15
C GLY G 377 -11.08 -56.81 41.18
N ASN G 378 -12.12 -55.99 41.01
CA ASN G 378 -13.18 -56.26 40.03
C ASN G 378 -13.21 -55.11 39.02
N ASN G 379 -12.08 -54.86 38.38
CA ASN G 379 -11.92 -53.66 37.58
C ASN G 379 -12.52 -53.74 36.19
N SER G 380 -12.99 -54.94 35.82
CA SER G 380 -13.82 -55.08 34.63
C SER G 380 -14.99 -54.12 34.71
N ALA G 381 -15.45 -53.85 35.93
CA ALA G 381 -16.49 -52.83 36.15
C ALA G 381 -16.08 -51.45 35.61
N SER G 382 -14.82 -51.07 35.82
CA SER G 382 -14.28 -49.80 35.33
C SER G 382 -14.19 -49.80 33.82
N ILE G 383 -13.73 -50.91 33.24
CA ILE G 383 -13.58 -51.02 31.77
C ILE G 383 -14.93 -50.79 31.09
N LEU G 384 -15.95 -51.47 31.61
CA LEU G 384 -17.26 -51.53 30.99
C LEU G 384 -17.98 -50.19 31.08
N VAL G 385 -17.99 -49.61 32.27
CA VAL G 385 -18.71 -48.36 32.52
C VAL G 385 -18.03 -47.19 31.81
N ASP G 386 -16.70 -47.14 31.83
CA ASP G 386 -15.99 -46.04 31.16
C ASP G 386 -16.33 -46.02 29.67
N ALA G 387 -16.37 -47.20 29.07
CA ALA G 387 -16.67 -47.35 27.65
C ALA G 387 -18.05 -46.78 27.39
N TYR G 388 -19.02 -47.29 28.15
CA TYR G 388 -20.42 -46.86 28.01
C TYR G 388 -20.60 -45.35 28.15
N MET G 389 -20.05 -44.77 29.23
CA MET G 389 -20.20 -43.33 29.49
C MET G 389 -19.54 -42.46 28.41
N LYS G 390 -18.51 -43.03 27.77
CA LYS G 390 -17.85 -42.35 26.66
C LYS G 390 -18.45 -42.71 25.30
N GLY G 391 -19.68 -43.22 25.34
CA GLY G 391 -20.47 -43.46 24.13
C GLY G 391 -20.01 -44.64 23.31
N VAL G 392 -19.25 -45.54 23.92
CA VAL G 392 -18.91 -46.83 23.29
C VAL G 392 -19.87 -47.88 23.86
N LYS G 393 -20.98 -48.11 23.16
CA LYS G 393 -22.10 -48.84 23.76
C LYS G 393 -22.39 -50.20 23.13
N VAL G 394 -22.34 -51.24 23.98
CA VAL G 394 -22.76 -52.60 23.60
C VAL G 394 -24.26 -52.66 23.31
N ASP G 395 -24.62 -53.54 22.37
CA ASP G 395 -26.02 -53.82 22.00
C ASP G 395 -26.87 -54.31 23.17
N ASP G 396 -26.37 -55.32 23.87
CA ASP G 396 -27.10 -55.91 25.01
C ASP G 396 -26.83 -55.18 26.34
N ILE G 397 -27.53 -54.06 26.55
CA ILE G 397 -27.38 -53.29 27.79
C ILE G 397 -27.87 -54.09 29.00
N LYS G 398 -28.98 -54.81 28.82
CA LYS G 398 -29.57 -55.65 29.88
C LYS G 398 -28.57 -56.63 30.49
N THR G 399 -27.84 -57.35 29.65
CA THR G 399 -26.86 -58.34 30.12
C THR G 399 -25.62 -57.66 30.75
N LEU G 400 -25.14 -56.59 30.13
CA LEU G 400 -24.03 -55.78 30.67
C LEU G 400 -24.24 -55.49 32.15
N TYR G 401 -25.41 -54.96 32.50
CA TYR G 401 -25.71 -54.64 33.88
C TYR G 401 -25.81 -55.91 34.74
N GLU G 402 -26.50 -56.93 34.21
CA GLU G 402 -26.64 -58.22 34.90
C GLU G 402 -25.29 -58.85 35.20
N GLY G 403 -24.40 -58.81 34.22
CA GLY G 403 -23.03 -59.34 34.38
C GLY G 403 -22.29 -58.62 35.51
N LEU G 404 -22.44 -57.30 35.57
CA LEU G 404 -21.82 -56.49 36.62
C LEU G 404 -22.26 -56.90 38.01
N ILE G 405 -23.58 -56.99 38.22
CA ILE G 405 -24.19 -57.35 39.50
C ILE G 405 -23.89 -58.79 39.94
N HIS G 406 -23.65 -59.67 38.98
CA HIS G 406 -23.26 -61.04 39.30
C HIS G 406 -21.84 -61.04 39.87
N GLY G 407 -21.00 -60.19 39.27
CA GLY G 407 -19.61 -60.02 39.69
C GLY G 407 -19.46 -59.60 41.15
N THR G 408 -20.37 -58.76 41.63
CA THR G 408 -20.35 -58.24 43.01
C THR G 408 -20.72 -59.26 44.09
N GLU G 409 -21.32 -60.39 43.71
CA GLU G 409 -21.71 -61.40 44.70
C GLU G 409 -21.44 -62.85 44.32
N ASN G 410 -20.38 -63.07 43.54
CA ASN G 410 -19.91 -64.40 43.23
C ASN G 410 -18.42 -64.39 42.99
N VAL G 411 -17.76 -65.48 43.32
CA VAL G 411 -16.37 -65.67 42.93
C VAL G 411 -16.28 -66.97 42.15
N HIS G 412 -15.57 -66.92 41.01
CA HIS G 412 -15.34 -68.09 40.17
C HIS G 412 -14.75 -69.23 41.00
N PRO G 413 -15.23 -70.48 40.77
CA PRO G 413 -14.80 -71.68 41.50
C PRO G 413 -13.30 -71.97 41.47
N GLU G 414 -12.70 -71.97 40.28
CA GLU G 414 -11.28 -72.32 40.13
C GLU G 414 -10.34 -71.12 39.92
N VAL G 415 -10.91 -69.92 39.76
CA VAL G 415 -10.11 -68.72 39.50
C VAL G 415 -10.48 -67.63 40.50
N SER G 416 -9.74 -67.57 41.62
CA SER G 416 -10.09 -66.67 42.73
C SER G 416 -10.05 -65.17 42.38
N SER G 417 -9.37 -64.83 41.28
CA SER G 417 -9.25 -63.43 40.83
C SER G 417 -10.33 -63.05 39.79
N THR G 418 -11.20 -64.00 39.47
CA THR G 418 -12.32 -63.72 38.58
C THR G 418 -13.55 -63.64 39.48
N GLY G 419 -14.37 -62.62 39.26
CA GLY G 419 -15.43 -62.25 40.21
C GLY G 419 -14.76 -61.59 41.39
N ARG G 420 -15.47 -61.51 42.52
CA ARG G 420 -14.97 -60.82 43.73
C ARG G 420 -14.69 -61.79 44.87
N LEU G 421 -13.43 -62.16 45.07
CA LEU G 421 -13.08 -62.98 46.23
C LEU G 421 -13.29 -62.12 47.47
N GLY G 422 -13.94 -62.69 48.48
CA GLY G 422 -14.21 -62.02 49.76
C GLY G 422 -15.44 -61.14 49.82
N TYR G 423 -16.33 -61.24 48.82
CA TYR G 423 -17.52 -60.37 48.73
C TYR G 423 -18.43 -60.44 49.96
N GLU G 424 -18.52 -61.62 50.58
CA GLU G 424 -19.34 -61.84 51.77
C GLU G 424 -18.95 -60.92 52.92
N TYR G 425 -17.66 -60.87 53.22
CA TYR G 425 -17.16 -59.96 54.24
C TYR G 425 -17.38 -58.52 53.82
N TYR G 426 -16.94 -58.20 52.61
CA TYR G 426 -17.05 -56.86 52.04
C TYR G 426 -18.46 -56.29 52.14
N ASN G 427 -19.46 -57.13 51.82
CA ASN G 427 -20.86 -56.68 51.79
C ASN G 427 -21.52 -56.55 53.17
N LYS G 428 -21.18 -57.46 54.08
CA LYS G 428 -21.60 -57.36 55.47
C LYS G 428 -20.87 -56.21 56.21
N LEU G 429 -19.54 -56.16 56.07
CA LEU G 429 -18.70 -55.30 56.92
C LEU G 429 -18.26 -53.96 56.29
N GLY G 430 -18.31 -53.84 54.97
CA GLY G 430 -17.80 -52.65 54.27
C GLY G 430 -16.30 -52.72 53.95
N TYR G 431 -15.70 -53.88 54.22
CA TYR G 431 -14.28 -54.14 53.94
C TYR G 431 -13.95 -55.64 54.02
N VAL G 432 -12.83 -56.05 53.43
CA VAL G 432 -12.31 -57.44 53.55
C VAL G 432 -11.28 -57.51 54.69
N PRO G 433 -11.61 -58.20 55.81
CA PRO G 433 -10.74 -58.30 56.96
C PRO G 433 -9.32 -58.80 56.70
N TYR G 434 -8.42 -58.37 57.56
CA TYR G 434 -7.00 -58.68 57.47
C TYR G 434 -6.67 -60.11 57.94
N ASP G 435 -7.56 -60.71 58.71
CA ASP G 435 -7.26 -61.96 59.44
C ASP G 435 -8.27 -63.09 59.21
N VAL G 436 -8.71 -63.24 57.96
CA VAL G 436 -9.67 -64.27 57.58
C VAL G 436 -9.16 -65.09 56.38
N LYS G 437 -7.84 -65.28 56.32
CA LYS G 437 -7.20 -66.09 55.28
C LYS G 437 -7.40 -65.58 53.84
N ILE G 438 -7.53 -64.26 53.66
CA ILE G 438 -7.63 -63.66 52.33
C ILE G 438 -6.58 -62.56 52.16
N ASN G 439 -5.46 -62.94 51.53
CA ASN G 439 -4.35 -62.07 51.24
C ASN G 439 -4.73 -60.89 50.35
N GLU G 440 -4.06 -59.76 50.57
CA GLU G 440 -4.21 -58.54 49.76
C GLU G 440 -5.62 -57.97 49.88
N ASN G 441 -6.18 -58.17 51.08
CA ASN G 441 -7.48 -57.71 51.49
C ASN G 441 -7.70 -56.20 51.39
N ALA G 442 -6.72 -55.41 51.83
CA ALA G 442 -6.87 -53.96 51.85
C ALA G 442 -6.89 -53.40 50.43
N ALA G 443 -6.14 -54.05 49.54
CA ALA G 443 -6.06 -53.65 48.15
C ALA G 443 -7.32 -53.99 47.39
N ARG G 444 -7.89 -55.16 47.69
CA ARG G 444 -9.20 -55.59 47.13
C ARG G 444 -10.31 -54.59 47.51
N THR G 445 -10.39 -54.24 48.80
CA THR G 445 -11.35 -53.27 49.31
C THR G 445 -11.31 -51.93 48.55
N LEU G 446 -10.12 -51.32 48.46
CA LEU G 446 -10.00 -50.01 47.83
C LEU G 446 -10.44 -50.07 46.39
N GLU G 447 -9.99 -51.10 45.67
CA GLU G 447 -10.40 -51.26 44.28
C GLU G 447 -11.88 -51.66 44.12
N TYR G 448 -12.43 -52.49 45.01
CA TYR G 448 -13.88 -52.79 44.97
C TYR G 448 -14.70 -51.50 45.10
N ALA G 449 -14.31 -50.66 46.06
CA ALA G 449 -15.00 -49.40 46.34
C ALA G 449 -15.06 -48.49 45.11
N TYR G 450 -13.96 -48.47 44.36
CA TYR G 450 -13.93 -47.69 43.13
C TYR G 450 -14.81 -48.36 42.08
N ASP G 451 -14.69 -49.68 41.97
CA ASP G 451 -15.52 -50.47 41.06
C ASP G 451 -17.00 -50.18 41.31
N ASP G 452 -17.37 -50.14 42.58
CA ASP G 452 -18.75 -49.86 42.99
C ASP G 452 -19.21 -48.44 42.60
N TRP G 453 -18.32 -47.47 42.72
CA TRP G 453 -18.59 -46.15 42.16
C TRP G 453 -19.03 -46.25 40.70
N CYS G 454 -18.27 -47.00 39.90
CA CYS G 454 -18.57 -47.18 38.47
C CYS G 454 -19.98 -47.74 38.26
N ILE G 455 -20.33 -48.76 39.05
CA ILE G 455 -21.64 -49.41 38.96
C ILE G 455 -22.75 -48.45 39.41
N TYR G 456 -22.50 -47.73 40.50
CA TYR G 456 -23.36 -46.63 40.88
C TYR G 456 -23.64 -45.73 39.66
N ARG G 457 -22.60 -45.36 38.94
CA ARG G 457 -22.72 -44.44 37.81
C ARG G 457 -23.58 -45.02 36.69
N LEU G 458 -23.37 -46.30 36.39
CA LEU G 458 -24.15 -46.97 35.36
C LEU G 458 -25.60 -47.18 35.83
N ALA G 459 -25.76 -47.49 37.11
CA ALA G 459 -27.10 -47.68 37.68
C ALA G 459 -27.90 -46.36 37.72
N LYS G 460 -27.19 -45.24 37.81
CA LYS G 460 -27.81 -43.92 37.83
C LYS G 460 -28.09 -43.46 36.39
N GLU G 461 -27.15 -43.77 35.49
CA GLU G 461 -27.29 -43.47 34.07
C GLU G 461 -28.48 -44.22 33.45
N LEU G 462 -28.47 -45.54 33.60
CA LEU G 462 -29.69 -46.33 33.39
C LEU G 462 -30.59 -45.89 34.52
N LYS G 463 -31.91 -45.94 34.34
CA LYS G 463 -32.78 -45.52 35.44
C LYS G 463 -33.10 -46.76 36.27
N ARG G 464 -32.42 -46.93 37.39
CA ARG G 464 -32.57 -48.12 38.23
C ARG G 464 -33.25 -47.77 39.56
N PRO G 465 -33.84 -48.78 40.26
CA PRO G 465 -34.49 -48.51 41.55
C PRO G 465 -33.62 -47.71 42.54
N LYS G 466 -34.23 -46.76 43.23
CA LYS G 466 -33.53 -45.89 44.18
C LYS G 466 -32.71 -46.69 45.20
N LYS G 467 -33.20 -47.88 45.55
CA LYS G 467 -32.54 -48.76 46.53
C LYS G 467 -31.25 -49.39 45.96
N GLU G 468 -31.19 -49.52 44.64
CA GLU G 468 -30.03 -50.08 43.98
C GLU G 468 -28.93 -49.04 43.87
N ILE G 469 -29.25 -47.90 43.27
CA ILE G 469 -28.31 -46.79 43.15
C ILE G 469 -27.69 -46.46 44.52
N SER G 470 -28.53 -46.36 45.56
CA SER G 470 -28.07 -45.94 46.88
C SER G 470 -27.22 -47.00 47.61
N LEU G 471 -27.43 -48.28 47.27
CA LEU G 471 -26.53 -49.35 47.76
C LEU G 471 -25.09 -49.13 47.23
N PHE G 472 -24.98 -48.89 45.92
CA PHE G 472 -23.65 -48.72 45.33
C PHE G 472 -22.99 -47.36 45.63
N ALA G 473 -23.81 -46.34 45.87
CA ALA G 473 -23.33 -45.05 46.37
C ALA G 473 -22.74 -45.25 47.76
N LYS G 474 -23.38 -46.09 48.56
CA LYS G 474 -22.88 -46.43 49.88
C LYS G 474 -21.55 -47.21 49.78
N ARG G 475 -21.57 -48.35 49.07
CA ARG G 475 -20.36 -49.16 48.91
C ARG G 475 -19.18 -48.34 48.38
N ALA G 476 -19.46 -47.38 47.50
CA ALA G 476 -18.43 -46.49 46.93
C ALA G 476 -17.56 -45.75 47.98
N MET G 477 -18.11 -45.48 49.16
CA MET G 477 -17.39 -44.83 50.29
C MET G 477 -16.66 -45.82 51.21
N ASN G 478 -16.58 -47.09 50.80
CA ASN G 478 -15.99 -48.15 51.61
C ASN G 478 -14.50 -48.01 51.90
N TYR G 479 -13.80 -47.16 51.13
CA TYR G 479 -12.38 -46.89 51.36
C TYR G 479 -12.14 -46.26 52.74
N LYS G 480 -13.14 -45.54 53.25
CA LYS G 480 -13.05 -44.86 54.54
C LYS G 480 -12.94 -45.86 55.68
N ASN G 481 -13.43 -47.09 55.44
CA ASN G 481 -13.40 -48.15 56.44
C ASN G 481 -11.99 -48.68 56.72
N LEU G 482 -11.02 -48.26 55.90
CA LEU G 482 -9.64 -48.75 56.04
C LEU G 482 -8.62 -47.65 56.31
N PHE G 483 -9.12 -46.42 56.47
CA PHE G 483 -8.26 -45.27 56.70
C PHE G 483 -7.95 -45.16 58.18
N ASP G 484 -6.67 -45.04 58.50
CA ASP G 484 -6.19 -44.95 59.88
C ASP G 484 -5.75 -43.51 60.18
N LYS G 485 -6.58 -42.83 60.98
CA LYS G 485 -6.40 -41.40 61.31
C LYS G 485 -5.06 -41.04 61.92
N GLU G 486 -4.46 -41.99 62.65
CA GLU G 486 -3.15 -41.80 63.27
C GLU G 486 -2.05 -41.61 62.25
N SER G 487 -1.83 -42.66 61.43
CA SER G 487 -0.80 -42.65 60.39
C SER G 487 -1.19 -41.84 59.14
N LYS G 488 -2.50 -41.57 58.99
CA LYS G 488 -3.04 -40.91 57.77
C LYS G 488 -2.89 -41.83 56.55
N LEU G 489 -3.00 -43.13 56.78
CA LEU G 489 -2.74 -44.12 55.73
C LEU G 489 -3.76 -45.24 55.80
N MET G 490 -3.94 -45.94 54.69
CA MET G 490 -4.77 -47.13 54.64
C MET G 490 -4.02 -48.25 55.33
N ARG G 491 -4.76 -49.13 56.01
CA ARG G 491 -4.18 -50.12 56.91
C ARG G 491 -5.17 -51.25 57.04
N GLY G 492 -4.68 -52.49 57.18
CA GLY G 492 -5.54 -53.66 57.24
C GLY G 492 -6.39 -53.67 58.50
N ARG G 493 -7.63 -54.14 58.40
CA ARG G 493 -8.53 -54.11 59.53
C ARG G 493 -8.97 -55.54 59.84
N ASN G 494 -8.97 -55.89 61.12
CA ASN G 494 -9.38 -57.22 61.57
C ASN G 494 -10.88 -57.42 61.43
N GLU G 495 -11.34 -58.67 61.46
CA GLU G 495 -12.78 -59.00 61.40
C GLU G 495 -13.61 -58.34 62.52
N ASP G 496 -13.02 -58.24 63.70
CA ASP G 496 -13.65 -57.60 64.86
C ASP G 496 -13.79 -56.08 64.69
N GLY G 497 -12.91 -55.48 63.89
CA GLY G 497 -12.99 -54.06 63.58
C GLY G 497 -11.81 -53.23 64.07
N THR G 498 -10.92 -53.87 64.82
CA THR G 498 -9.70 -53.22 65.29
C THR G 498 -8.63 -53.29 64.21
N PHE G 499 -8.02 -52.14 63.91
CA PHE G 499 -6.97 -52.05 62.92
C PHE G 499 -5.79 -52.96 63.24
N GLN G 500 -5.30 -53.63 62.19
CA GLN G 500 -4.18 -54.56 62.28
C GLN G 500 -2.92 -54.01 62.99
N SER G 501 -2.33 -54.81 63.88
CA SER G 501 -1.06 -54.49 64.56
C SER G 501 -0.13 -55.70 64.61
N PRO G 502 1.20 -55.48 64.59
CA PRO G 502 1.95 -54.22 64.34
C PRO G 502 1.85 -53.74 62.88
N PHE G 503 1.83 -52.43 62.69
CA PHE G 503 1.60 -51.86 61.37
C PHE G 503 2.89 -51.31 60.77
N SER G 504 3.22 -51.78 59.57
CA SER G 504 4.40 -51.30 58.84
C SER G 504 3.96 -50.62 57.54
N PRO G 505 4.00 -49.27 57.51
CA PRO G 505 3.61 -48.58 56.28
C PRO G 505 4.54 -48.91 55.12
N LEU G 506 5.66 -49.56 55.42
CA LEU G 506 6.68 -49.86 54.43
C LEU G 506 6.66 -51.32 53.98
N LYS G 507 5.89 -52.16 54.67
CA LYS G 507 5.77 -53.57 54.29
C LYS G 507 4.96 -53.77 53.00
N TRP G 508 5.58 -54.45 52.03
CA TRP G 508 4.97 -54.77 50.73
C TRP G 508 4.12 -56.05 50.79
N GLY G 509 3.03 -56.05 50.02
CA GLY G 509 2.17 -57.22 49.91
C GLY G 509 1.32 -57.38 51.16
N ASP G 510 1.01 -58.63 51.48
CA ASP G 510 0.19 -58.98 52.66
C ASP G 510 -1.19 -58.33 52.61
N ALA G 511 -1.30 -57.11 53.17
CA ALA G 511 -2.55 -56.35 53.13
C ALA G 511 -2.76 -55.72 51.76
N PHE G 512 -1.66 -55.43 51.07
CA PHE G 512 -1.70 -54.79 49.75
C PHE G 512 -1.11 -55.70 48.69
N THR G 513 -1.18 -55.28 47.44
CA THR G 513 -0.66 -56.09 46.34
C THR G 513 0.45 -55.36 45.58
N GLU G 514 1.64 -55.97 45.61
CA GLU G 514 2.85 -55.46 44.96
C GLU G 514 3.10 -53.97 45.27
N GLY G 515 2.95 -53.61 46.53
CA GLY G 515 3.19 -52.26 47.01
C GLY G 515 2.98 -52.25 48.50
N ASN G 516 3.29 -51.12 49.14
CA ASN G 516 3.01 -50.96 50.56
C ASN G 516 1.89 -49.92 50.76
N SER G 517 1.63 -49.56 52.01
CA SER G 517 0.56 -48.60 52.32
C SER G 517 0.80 -47.23 51.68
N TRP G 518 2.05 -46.79 51.63
CA TRP G 518 2.41 -45.53 50.96
C TRP G 518 2.07 -45.51 49.47
N HIS G 519 1.96 -46.70 48.88
CA HIS G 519 1.69 -46.83 47.45
C HIS G 519 0.18 -46.92 47.22
N TYR G 520 -0.49 -47.69 48.07
CA TYR G 520 -1.88 -48.02 47.88
C TYR G 520 -2.87 -47.00 48.43
N THR G 521 -2.42 -46.17 49.37
CA THR G 521 -3.30 -45.19 50.03
C THR G 521 -4.03 -44.31 48.99
N TRP G 522 -3.34 -43.96 47.91
CA TRP G 522 -3.87 -43.05 46.91
C TRP G 522 -4.89 -43.67 45.98
N SER G 523 -5.21 -44.95 46.19
CA SER G 523 -6.18 -45.65 45.32
C SER G 523 -7.63 -45.29 45.65
N VAL G 524 -8.01 -44.03 45.40
CA VAL G 524 -9.40 -43.55 45.60
C VAL G 524 -9.73 -42.64 44.42
N PHE G 525 -9.61 -43.21 43.22
CA PHE G 525 -9.75 -42.54 41.93
C PHE G 525 -10.99 -41.64 41.80
N HIS G 526 -12.06 -41.99 42.52
CA HIS G 526 -13.35 -41.35 42.34
C HIS G 526 -13.66 -40.30 43.42
N ASP G 527 -12.83 -40.28 44.47
CA ASP G 527 -13.03 -39.34 45.57
C ASP G 527 -11.71 -38.81 46.16
N PRO G 528 -10.90 -38.12 45.34
CA PRO G 528 -9.67 -37.56 45.93
C PRO G 528 -9.97 -36.53 47.02
N GLN G 529 -11.02 -35.72 46.83
CA GLN G 529 -11.46 -34.79 47.88
C GLN G 529 -11.89 -35.53 49.17
N GLY G 530 -12.57 -36.65 49.03
CA GLY G 530 -12.91 -37.49 50.18
C GLY G 530 -11.68 -37.92 50.97
N LEU G 531 -10.59 -38.19 50.25
CA LEU G 531 -9.30 -38.55 50.87
C LEU G 531 -8.63 -37.32 51.47
N ILE G 532 -8.69 -36.20 50.74
CA ILE G 532 -8.12 -34.93 51.22
C ILE G 532 -8.71 -34.56 52.58
N ASP G 533 -10.03 -34.70 52.69
CA ASP G 533 -10.78 -34.46 53.94
C ASP G 533 -10.47 -35.49 55.05
N LEU G 534 -10.19 -36.73 54.67
CA LEU G 534 -9.77 -37.77 55.63
C LEU G 534 -8.41 -37.46 56.28
N MET G 535 -7.53 -36.78 55.54
CA MET G 535 -6.16 -36.53 56.00
C MET G 535 -6.01 -35.21 56.77
N GLY G 536 -7.09 -34.46 56.88
CA GLY G 536 -7.11 -33.24 57.66
C GLY G 536 -7.14 -31.99 56.80
N GLY G 537 -7.11 -32.17 55.48
CA GLY G 537 -7.23 -31.04 54.57
C GLY G 537 -6.15 -30.97 53.50
N LYS G 538 -6.37 -30.09 52.53
CA LYS G 538 -5.49 -29.93 51.37
C LYS G 538 -4.03 -29.67 51.74
N GLU G 539 -3.80 -29.22 52.97
CA GLU G 539 -2.46 -28.86 53.42
C GLU G 539 -1.68 -30.09 53.85
N MET G 540 -2.31 -30.95 54.65
CA MET G 540 -1.68 -32.18 55.13
C MET G 540 -1.62 -33.24 54.04
N PHE G 541 -2.55 -33.16 53.10
CA PHE G 541 -2.56 -34.05 51.95
C PHE G 541 -1.29 -33.87 51.11
N VAL G 542 -1.03 -32.62 50.71
CA VAL G 542 0.19 -32.25 49.98
C VAL G 542 1.46 -32.64 50.75
N THR G 543 1.47 -32.43 52.05
CA THR G 543 2.56 -32.89 52.91
C THR G 543 2.79 -34.38 52.72
N MET G 544 1.71 -35.15 52.81
CA MET G 544 1.75 -36.60 52.65
C MET G 544 2.30 -37.01 51.29
N MET G 545 1.88 -36.30 50.24
CA MET G 545 2.36 -36.57 48.89
C MET G 545 3.86 -36.30 48.77
N ASP G 546 4.28 -35.13 49.26
CA ASP G 546 5.67 -34.70 49.20
C ASP G 546 6.61 -35.70 49.88
N SER G 547 6.16 -36.30 50.99
CA SER G 547 7.03 -37.22 51.73
C SER G 547 7.26 -38.56 51.01
N VAL G 548 6.42 -38.87 50.01
CA VAL G 548 6.59 -40.07 49.17
C VAL G 548 7.91 -39.98 48.39
N PHE G 549 8.18 -38.81 47.80
CA PHE G 549 9.44 -38.56 47.10
C PHE G 549 10.65 -38.31 48.02
N ALA G 550 10.40 -37.83 49.24
CA ALA G 550 11.48 -37.36 50.12
C ALA G 550 12.14 -38.43 50.99
N VAL G 551 11.47 -39.56 51.20
CA VAL G 551 12.02 -40.62 52.05
C VAL G 551 13.02 -41.50 51.28
N PRO G 552 13.87 -42.27 52.01
CA PRO G 552 14.63 -43.34 51.36
C PRO G 552 13.71 -44.51 50.94
N PRO G 553 14.08 -45.22 49.85
CA PRO G 553 13.31 -46.37 49.37
C PRO G 553 13.50 -47.60 50.26
N ILE G 554 13.21 -47.46 51.54
CA ILE G 554 13.29 -48.56 52.52
C ILE G 554 12.04 -49.44 52.38
N PHE G 555 12.18 -50.73 52.66
CA PHE G 555 11.12 -51.70 52.42
C PHE G 555 11.23 -52.90 53.35
N ASP G 556 10.10 -53.59 53.52
CA ASP G 556 10.01 -54.87 54.25
C ASP G 556 9.45 -55.91 53.28
N ASP G 557 10.30 -56.87 52.88
CA ASP G 557 9.90 -57.87 51.89
C ASP G 557 9.46 -59.22 52.47
N SER G 558 9.28 -59.29 53.79
CA SER G 558 9.09 -60.59 54.47
C SER G 558 7.92 -61.44 53.95
N TYR G 559 6.91 -60.78 53.38
CA TYR G 559 5.77 -61.49 52.80
C TYR G 559 6.12 -62.19 51.47
N TYR G 560 7.18 -61.73 50.80
CA TYR G 560 7.61 -62.35 49.54
C TYR G 560 8.81 -63.31 49.67
N GLY G 561 9.56 -63.18 50.77
CA GLY G 561 10.72 -64.06 51.04
C GLY G 561 11.98 -63.65 50.31
N GLN G 562 11.92 -62.54 49.57
CA GLN G 562 13.03 -62.11 48.70
C GLN G 562 12.76 -60.73 48.10
N VAL G 563 13.79 -60.13 47.52
CA VAL G 563 13.60 -58.83 46.89
C VAL G 563 13.05 -59.01 45.47
N ILE G 564 11.72 -59.20 45.38
CA ILE G 564 11.02 -59.27 44.08
C ILE G 564 11.39 -58.06 43.22
N HIS G 565 11.38 -58.26 41.90
CA HIS G 565 11.91 -57.26 40.97
C HIS G 565 11.27 -55.88 41.13
N GLU G 566 9.97 -55.85 41.41
CA GLU G 566 9.25 -54.59 41.61
C GLU G 566 9.87 -53.73 42.71
N ILE G 567 10.24 -54.36 43.84
CA ILE G 567 10.91 -53.61 44.92
C ILE G 567 12.22 -53.03 44.41
N ARG G 568 13.01 -53.87 43.75
CA ARG G 568 14.33 -53.48 43.28
C ARG G 568 14.27 -52.29 42.33
N GLU G 569 13.26 -52.30 41.47
CA GLU G 569 13.09 -51.26 40.46
C GLU G 569 12.87 -49.92 41.14
N MET G 570 12.12 -49.92 42.25
CA MET G 570 11.94 -48.70 43.04
C MET G 570 13.25 -48.23 43.69
N THR G 571 13.97 -49.14 44.35
CA THR G 571 15.18 -48.79 45.08
C THR G 571 16.22 -48.07 44.21
N VAL G 572 16.29 -48.42 42.92
CA VAL G 572 17.36 -47.89 42.06
C VAL G 572 17.04 -46.55 41.39
N MET G 573 15.79 -46.09 41.50
CA MET G 573 15.36 -44.90 40.75
C MET G 573 15.75 -43.59 41.42
N ASN G 574 15.99 -43.62 42.73
CA ASN G 574 16.33 -42.42 43.49
C ASN G 574 15.18 -41.38 43.45
N MET G 575 13.97 -41.89 43.63
CA MET G 575 12.77 -41.08 43.69
C MET G 575 11.94 -41.51 44.90
N GLY G 576 12.62 -41.79 46.01
CA GLY G 576 11.98 -42.25 47.25
C GLY G 576 11.09 -43.46 47.07
N ASN G 577 9.91 -43.41 47.68
CA ASN G 577 8.91 -44.48 47.54
C ASN G 577 7.96 -44.34 46.37
N TYR G 578 8.25 -43.44 45.44
CA TYR G 578 7.41 -43.35 44.24
C TYR G 578 7.78 -44.47 43.26
N ALA G 579 7.17 -45.64 43.44
CA ALA G 579 7.42 -46.83 42.59
C ALA G 579 6.65 -46.78 41.28
N HIS G 580 7.15 -46.00 40.32
CA HIS G 580 6.45 -45.81 39.06
C HIS G 580 6.41 -47.04 38.17
N GLY G 581 7.37 -47.94 38.37
CA GLY G 581 7.47 -49.16 37.57
C GLY G 581 6.42 -50.23 37.90
N ASN G 582 5.50 -49.89 38.80
CA ASN G 582 4.31 -50.72 39.01
C ASN G 582 3.08 -49.86 39.02
N GLN G 583 1.90 -50.50 38.93
CA GLN G 583 0.65 -49.84 38.55
C GLN G 583 -0.08 -48.98 39.60
N PRO G 584 -0.14 -49.44 40.87
CA PRO G 584 -0.95 -48.72 41.87
C PRO G 584 -0.70 -47.22 41.99
N ILE G 585 0.57 -46.81 41.94
CA ILE G 585 0.96 -45.41 42.15
C ILE G 585 0.97 -44.58 40.86
N GLN G 586 0.63 -45.19 39.72
CA GLN G 586 0.82 -44.52 38.44
C GLN G 586 -0.06 -43.27 38.22
N HIS G 587 -1.11 -43.13 39.00
CA HIS G 587 -2.01 -41.96 38.89
C HIS G 587 -1.67 -40.85 39.89
N MET G 588 -0.81 -41.18 40.85
CA MET G 588 -0.63 -40.35 42.05
C MET G 588 -0.22 -38.89 41.82
N ILE G 589 0.75 -38.64 40.94
CA ILE G 589 1.24 -37.26 40.76
C ILE G 589 0.11 -36.28 40.34
N TYR G 590 -0.88 -36.77 39.61
CA TYR G 590 -2.00 -35.94 39.15
C TYR G 590 -2.87 -35.42 40.28
N LEU G 591 -2.79 -36.11 41.42
CA LEU G 591 -3.55 -35.75 42.60
C LEU G 591 -3.17 -34.37 43.18
N TYR G 592 -2.03 -33.83 42.75
CA TYR G 592 -1.65 -32.49 43.16
C TYR G 592 -2.68 -31.47 42.67
N ASP G 593 -3.26 -31.71 41.48
CA ASP G 593 -4.30 -30.84 40.93
C ASP G 593 -5.53 -30.77 41.82
N TYR G 594 -5.80 -31.86 42.53
CA TYR G 594 -6.94 -31.93 43.45
C TYR G 594 -6.74 -31.16 44.75
N ALA G 595 -5.51 -30.86 45.12
CA ALA G 595 -5.30 -30.09 46.34
C ALA G 595 -4.89 -28.64 46.03
N GLY G 596 -5.07 -28.25 44.77
CA GLY G 596 -4.82 -26.90 44.30
C GLY G 596 -3.35 -26.52 44.12
N GLN G 597 -2.54 -27.49 43.73
CA GLN G 597 -1.11 -27.24 43.49
C GLN G 597 -0.61 -27.94 42.22
N PRO G 598 -1.21 -27.62 41.04
CA PRO G 598 -0.84 -28.33 39.81
C PRO G 598 0.62 -28.13 39.37
N TRP G 599 1.26 -27.05 39.86
CA TRP G 599 2.66 -26.80 39.55
C TRP G 599 3.57 -27.89 40.10
N LYS G 600 3.13 -28.57 41.15
CA LYS G 600 3.88 -29.69 41.71
C LYS G 600 3.75 -30.94 40.87
N ALA G 601 2.55 -31.19 40.33
CA ALA G 601 2.37 -32.24 39.32
C ALA G 601 3.23 -31.95 38.10
N GLN G 602 3.12 -30.73 37.57
CA GLN G 602 3.92 -30.31 36.41
C GLN G 602 5.42 -30.58 36.61
N TYR G 603 5.89 -30.46 37.84
CA TYR G 603 7.29 -30.70 38.15
C TYR G 603 7.66 -32.19 38.12
N TRP G 604 6.97 -32.98 38.94
CA TRP G 604 7.28 -34.40 39.06
C TRP G 604 6.96 -35.15 37.77
N LEU G 605 5.83 -34.82 37.14
CA LEU G 605 5.46 -35.46 35.89
C LEU G 605 6.59 -35.40 34.85
N ARG G 606 7.19 -34.23 34.71
CA ARG G 606 8.29 -34.02 33.76
C ARG G 606 9.54 -34.82 34.16
N GLN G 607 9.88 -34.81 35.46
CA GLN G 607 10.93 -35.68 36.00
C GLN G 607 10.79 -37.13 35.52
N VAL G 608 9.60 -37.68 35.71
CA VAL G 608 9.30 -39.08 35.33
C VAL G 608 9.45 -39.31 33.83
N MET G 609 8.90 -38.41 33.01
CA MET G 609 8.97 -38.55 31.55
C MET G 609 10.41 -38.44 31.04
N ASP G 610 11.20 -37.62 31.74
CA ASP G 610 12.60 -37.37 31.36
C ASP G 610 13.55 -38.44 31.84
N ARG G 611 13.23 -39.07 32.97
CA ARG G 611 14.18 -39.92 33.67
C ARG G 611 13.83 -41.41 33.60
N MET G 612 12.53 -41.72 33.55
CA MET G 612 12.07 -43.10 33.71
C MET G 612 11.71 -43.82 32.43
N TYR G 613 11.84 -43.14 31.29
CA TYR G 613 11.58 -43.78 30.00
C TYR G 613 12.69 -43.37 29.05
N THR G 614 13.35 -44.36 28.46
CA THR G 614 14.39 -44.12 27.44
C THR G 614 14.03 -45.00 26.23
N PRO G 615 14.54 -44.67 25.02
CA PRO G 615 14.14 -45.43 23.82
C PRO G 615 14.93 -46.73 23.54
N GLY G 616 15.96 -47.01 24.34
CA GLY G 616 16.85 -48.14 24.10
C GLY G 616 16.22 -49.46 24.52
N PRO G 617 16.97 -50.56 24.40
CA PRO G 617 16.51 -51.91 24.73
C PRO G 617 16.14 -52.07 26.20
N ASP G 618 16.72 -51.23 27.06
CA ASP G 618 16.39 -51.16 28.47
C ASP G 618 15.59 -49.89 28.75
N GLY G 619 14.51 -49.70 27.97
CA GLY G 619 13.75 -48.44 27.97
C GLY G 619 12.82 -48.11 29.12
N TYR G 620 12.24 -49.12 29.77
CA TYR G 620 11.27 -48.85 30.82
C TYR G 620 11.92 -48.94 32.20
N CYS G 621 11.21 -48.47 33.23
CA CYS G 621 11.67 -48.62 34.63
C CYS G 621 10.95 -49.75 35.37
N GLY G 622 10.15 -50.54 34.65
CA GLY G 622 9.46 -51.70 35.23
C GLY G 622 8.71 -52.42 34.10
N ASP G 623 7.90 -53.43 34.43
CA ASP G 623 7.12 -54.15 33.40
C ASP G 623 6.25 -53.21 32.56
N GLU G 624 6.23 -53.45 31.25
CA GLU G 624 5.40 -52.66 30.34
C GLU G 624 3.90 -52.95 30.53
N ASP G 625 3.57 -54.23 30.74
CA ASP G 625 2.21 -54.69 31.07
C ASP G 625 1.11 -54.37 30.06
N ASN G 626 1.30 -54.87 28.83
CA ASN G 626 0.25 -54.88 27.80
C ASN G 626 -0.37 -53.52 27.45
N GLY G 627 0.45 -52.47 27.54
CA GLY G 627 0.02 -51.15 27.15
C GLY G 627 -0.09 -50.15 28.29
N GLN G 628 -0.32 -50.63 29.51
CA GLN G 628 -0.52 -49.73 30.65
C GLN G 628 0.62 -48.72 30.85
N THR G 629 1.84 -49.22 31.02
CA THR G 629 3.01 -48.37 31.32
C THR G 629 3.44 -47.49 30.14
N SER G 630 3.24 -48.00 28.92
CA SER G 630 3.46 -47.17 27.74
C SER G 630 2.33 -46.13 27.51
N ALA G 631 1.08 -46.53 27.72
CA ALA G 631 -0.05 -45.60 27.54
C ALA G 631 0.03 -44.40 28.48
N TRP G 632 0.45 -44.64 29.74
CA TRP G 632 0.71 -43.58 30.73
C TRP G 632 1.56 -42.46 30.14
N TYR G 633 2.58 -42.84 29.37
CA TYR G 633 3.52 -41.90 28.78
C TYR G 633 2.92 -41.19 27.57
N VAL G 634 2.13 -41.92 26.78
CA VAL G 634 1.43 -41.29 25.65
C VAL G 634 0.49 -40.19 26.19
N PHE G 635 -0.32 -40.55 27.18
CA PHE G 635 -1.16 -39.58 27.88
C PHE G 635 -0.33 -38.43 28.49
N SER G 636 0.66 -38.76 29.33
CA SER G 636 1.40 -37.72 30.04
C SER G 636 2.23 -36.82 29.12
N ALA G 637 2.58 -37.33 27.95
CA ALA G 637 3.39 -36.56 27.00
C ALA G 637 2.50 -35.54 26.32
N LEU G 638 1.22 -35.88 26.20
CA LEU G 638 0.22 -35.02 25.59
C LEU G 638 -0.22 -33.94 26.58
N GLY G 639 -0.16 -34.27 27.87
CA GLY G 639 -0.38 -33.29 28.94
C GLY G 639 -1.53 -33.56 29.89
N PHE G 640 -2.16 -34.71 29.77
CA PHE G 640 -3.33 -35.04 30.62
C PHE G 640 -3.51 -36.56 30.77
N TYR G 641 -4.30 -36.96 31.75
CA TYR G 641 -4.40 -38.37 32.15
C TYR G 641 -5.78 -38.68 32.77
N PRO G 642 -6.34 -39.87 32.44
CA PRO G 642 -7.62 -40.25 33.03
C PRO G 642 -7.48 -40.84 34.44
N VAL G 643 -7.23 -39.98 35.42
CA VAL G 643 -7.20 -40.43 36.81
C VAL G 643 -8.42 -41.29 37.15
N CYS G 644 -9.59 -40.86 36.67
CA CYS G 644 -10.83 -41.54 37.03
C CYS G 644 -11.65 -41.97 35.83
N PRO G 645 -11.31 -43.15 35.26
CA PRO G 645 -12.15 -43.73 34.19
C PRO G 645 -13.57 -43.92 34.72
N GLY G 646 -14.57 -43.59 33.91
CA GLY G 646 -15.95 -43.56 34.38
C GLY G 646 -16.51 -42.16 34.52
N THR G 647 -15.64 -41.17 34.67
CA THR G 647 -15.98 -39.74 34.51
C THR G 647 -15.65 -39.41 33.06
N ASP G 648 -15.98 -38.20 32.63
CA ASP G 648 -15.58 -37.74 31.31
C ASP G 648 -14.32 -36.84 31.33
N GLU G 649 -13.54 -36.97 32.42
CA GLU G 649 -12.45 -36.03 32.69
C GLU G 649 -11.07 -36.59 32.37
N TYR G 650 -10.17 -35.68 31.97
CA TYR G 650 -8.74 -35.93 31.88
C TYR G 650 -8.01 -34.88 32.73
N VAL G 651 -7.27 -35.33 33.74
CA VAL G 651 -6.63 -34.42 34.69
C VAL G 651 -5.30 -33.85 34.17
N MET G 652 -5.16 -32.54 34.29
CA MET G 652 -4.05 -31.82 33.65
C MET G 652 -2.69 -32.11 34.27
N GLY G 653 -1.70 -32.29 33.41
CA GLY G 653 -0.31 -32.49 33.83
C GLY G 653 0.52 -31.41 33.17
N THR G 654 1.50 -31.84 32.37
CA THR G 654 2.29 -30.93 31.55
C THR G 654 2.73 -31.62 30.24
N PRO G 655 2.55 -30.93 29.10
CA PRO G 655 2.92 -31.47 27.77
C PRO G 655 4.42 -31.55 27.59
N LEU G 656 4.89 -32.58 26.90
CA LEU G 656 6.31 -32.75 26.59
C LEU G 656 6.72 -32.06 25.30
N PHE G 657 5.76 -31.93 24.37
CA PHE G 657 6.07 -31.46 23.01
C PHE G 657 5.57 -30.05 22.76
N LYS G 658 6.07 -29.43 21.69
CA LYS G 658 5.68 -28.07 21.35
C LYS G 658 4.35 -28.04 20.61
N LYS G 659 4.08 -29.11 19.85
CA LYS G 659 2.80 -29.23 19.13
C LYS G 659 2.39 -30.69 19.02
N ALA G 660 1.14 -30.96 19.37
CA ALA G 660 0.55 -32.30 19.28
C ALA G 660 -0.81 -32.23 18.60
N THR G 661 -1.05 -33.08 17.61
CA THR G 661 -2.33 -33.07 16.91
C THR G 661 -3.06 -34.40 17.03
N LEU G 662 -4.27 -34.37 17.61
CA LEU G 662 -5.08 -35.56 17.75
C LEU G 662 -6.20 -35.60 16.72
N HIS G 663 -6.15 -36.56 15.80
CA HIS G 663 -7.25 -36.81 14.87
C HIS G 663 -8.20 -37.86 15.43
N PHE G 664 -9.41 -37.41 15.78
CA PHE G 664 -10.41 -38.36 16.33
C PHE G 664 -11.11 -39.07 15.19
N GLU G 665 -11.72 -40.20 15.52
CA GLU G 665 -12.48 -41.00 14.54
C GLU G 665 -13.75 -40.28 14.07
N ASN G 666 -14.15 -39.23 14.78
CA ASN G 666 -15.33 -38.47 14.40
C ASN G 666 -15.07 -37.45 13.29
N GLY G 667 -13.82 -37.40 12.80
CA GLY G 667 -13.45 -36.44 11.75
C GLY G 667 -12.89 -35.10 12.24
N ASN G 668 -13.01 -34.81 13.53
CA ASN G 668 -12.41 -33.58 14.07
C ASN G 668 -10.94 -33.75 14.44
N SER G 669 -10.25 -32.63 14.68
CA SER G 669 -8.84 -32.63 15.02
C SER G 669 -8.60 -31.62 16.14
N LEU G 670 -7.79 -32.01 17.13
CA LEU G 670 -7.43 -31.10 18.21
C LEU G 670 -5.92 -30.83 18.21
N VAL G 671 -5.54 -29.55 18.18
CA VAL G 671 -4.13 -29.14 18.20
C VAL G 671 -3.79 -28.62 19.59
N ILE G 672 -2.69 -29.12 20.16
CA ILE G 672 -2.25 -28.64 21.46
C ILE G 672 -0.93 -27.87 21.28
N ASP G 673 -1.04 -26.55 21.43
CA ASP G 673 0.03 -25.62 21.08
C ASP G 673 0.80 -25.18 22.30
N ALA G 674 2.08 -25.54 22.35
CA ALA G 674 2.95 -25.12 23.44
C ALA G 674 4.31 -24.66 22.89
N PRO G 675 4.30 -23.57 22.08
CA PRO G 675 5.50 -23.16 21.33
C PRO G 675 6.71 -22.75 22.18
N ASN G 676 6.49 -22.38 23.44
CA ASN G 676 7.61 -22.01 24.34
C ASN G 676 8.13 -23.18 25.20
N ASN G 677 7.75 -24.40 24.84
CA ASN G 677 8.17 -25.61 25.58
C ASN G 677 9.63 -25.92 25.31
N SER G 678 10.34 -26.34 26.35
CA SER G 678 11.75 -26.72 26.27
C SER G 678 12.10 -27.54 27.52
N THR G 679 13.38 -27.92 27.66
CA THR G 679 13.84 -28.70 28.81
C THR G 679 13.57 -27.97 30.13
N GLU G 680 13.73 -26.65 30.13
CA GLU G 680 13.58 -25.81 31.33
C GLU G 680 12.14 -25.30 31.53
N ASN G 681 11.43 -25.07 30.44
CA ASN G 681 10.05 -24.58 30.51
C ASN G 681 9.01 -25.69 30.68
N PHE G 682 8.90 -26.24 31.88
CA PHE G 682 7.95 -27.36 32.13
C PHE G 682 6.71 -26.99 32.96
N TYR G 683 6.66 -25.72 33.41
CA TYR G 683 5.48 -25.18 34.11
C TYR G 683 4.46 -24.60 33.15
N ILE G 684 3.18 -24.67 33.51
CA ILE G 684 2.13 -23.98 32.75
C ILE G 684 1.80 -22.66 33.44
N ASP G 685 2.08 -21.57 32.73
CA ASP G 685 1.72 -20.25 33.24
C ASP G 685 0.24 -19.94 32.97
N SER G 686 -0.21 -20.15 31.73
CA SER G 686 -1.63 -20.06 31.41
C SER G 686 -2.07 -21.06 30.33
N MET G 687 -3.38 -21.27 30.22
CA MET G 687 -3.98 -22.07 29.16
C MET G 687 -5.18 -21.34 28.57
N SER G 688 -5.40 -21.50 27.26
CA SER G 688 -6.67 -21.10 26.65
C SER G 688 -7.23 -22.20 25.74
N PHE G 689 -8.56 -22.30 25.72
CA PHE G 689 -9.25 -23.32 24.94
C PHE G 689 -10.15 -22.64 23.91
N ASN G 690 -9.73 -22.68 22.64
CA ASN G 690 -10.42 -22.00 21.54
C ASN G 690 -10.67 -20.49 21.81
N GLY G 691 -9.68 -19.84 22.43
CA GLY G 691 -9.80 -18.43 22.79
C GLY G 691 -10.18 -18.18 24.24
N ALA G 692 -10.88 -19.13 24.85
CA ALA G 692 -11.38 -18.94 26.23
C ALA G 692 -10.37 -19.33 27.33
N ASP G 693 -10.16 -18.42 28.27
CA ASP G 693 -9.24 -18.64 29.39
C ASP G 693 -9.63 -19.91 30.16
N HIS G 694 -8.66 -20.80 30.34
CA HIS G 694 -8.87 -22.12 30.96
C HIS G 694 -7.95 -22.29 32.17
N THR G 695 -8.50 -21.99 33.35
CA THR G 695 -7.77 -22.16 34.62
C THR G 695 -8.06 -23.53 35.22
N LYS G 696 -8.95 -24.28 34.59
CA LYS G 696 -9.32 -25.60 35.10
C LYS G 696 -8.16 -26.60 35.02
N ASN G 697 -8.08 -27.47 36.03
CA ASN G 697 -7.11 -28.57 36.08
C ASN G 697 -7.56 -29.84 35.30
N TYR G 698 -8.65 -29.75 34.56
CA TYR G 698 -9.14 -30.87 33.78
C TYR G 698 -9.62 -30.44 32.39
N LEU G 699 -9.81 -31.43 31.52
CA LEU G 699 -10.47 -31.26 30.22
C LEU G 699 -11.59 -32.27 30.11
N ARG G 700 -12.62 -31.93 29.33
CA ARG G 700 -13.80 -32.81 29.20
C ARG G 700 -13.83 -33.52 27.86
N HIS G 701 -14.15 -34.81 27.92
CA HIS G 701 -14.19 -35.71 26.77
C HIS G 701 -15.02 -35.14 25.61
N GLU G 702 -16.23 -34.67 25.92
CA GLU G 702 -17.10 -34.07 24.89
C GLU G 702 -16.51 -32.79 24.25
N ASP G 703 -15.83 -31.98 25.06
CA ASP G 703 -15.13 -30.77 24.59
C ASP G 703 -13.98 -31.11 23.64
N LEU G 704 -13.13 -32.04 24.06
CA LEU G 704 -12.03 -32.47 23.18
C LEU G 704 -12.59 -32.93 21.84
N PHE G 705 -13.63 -33.77 21.88
CA PHE G 705 -14.21 -34.32 20.65
C PHE G 705 -14.70 -33.29 19.63
N LYS G 706 -15.00 -32.06 20.08
CA LYS G 706 -15.37 -30.96 19.19
C LYS G 706 -14.18 -30.32 18.45
N GLY G 707 -12.97 -30.51 18.98
CA GLY G 707 -11.77 -30.08 18.28
C GLY G 707 -11.41 -28.63 18.50
N GLY G 708 -10.67 -28.06 17.54
CA GLY G 708 -10.14 -26.71 17.67
C GLY G 708 -8.69 -26.69 18.13
N THR G 709 -8.40 -25.81 19.09
CA THR G 709 -7.03 -25.48 19.49
C THR G 709 -6.96 -25.29 20.99
N ILE G 710 -5.92 -25.84 21.60
CA ILE G 710 -5.56 -25.50 22.96
C ILE G 710 -4.22 -24.75 22.92
N LYS G 711 -4.17 -23.62 23.63
CA LYS G 711 -2.93 -22.85 23.76
C LYS G 711 -2.41 -23.04 25.18
N VAL G 712 -1.12 -23.40 25.29
CA VAL G 712 -0.47 -23.61 26.58
C VAL G 712 0.80 -22.78 26.63
N ASP G 713 0.86 -21.86 27.58
CA ASP G 713 1.99 -20.97 27.71
C ASP G 713 2.95 -21.54 28.75
N MET G 714 4.08 -22.04 28.27
CA MET G 714 5.04 -22.78 29.09
C MET G 714 6.10 -21.85 29.70
N SER G 715 6.50 -22.14 30.94
CA SER G 715 7.42 -21.25 31.67
C SER G 715 8.37 -22.01 32.60
N ASN G 716 9.53 -21.43 32.87
CA ASN G 716 10.51 -22.02 33.79
C ASN G 716 10.27 -21.72 35.27
N ARG G 717 9.18 -21.00 35.57
CA ARG G 717 8.79 -20.64 36.93
C ARG G 717 7.34 -21.08 37.14
N PRO G 718 7.00 -21.50 38.37
CA PRO G 718 5.61 -21.91 38.63
C PRO G 718 4.65 -20.71 38.75
N ASN G 719 3.44 -20.84 38.21
CA ASN G 719 2.38 -19.85 38.49
C ASN G 719 1.52 -20.35 39.65
N LEU G 720 1.72 -19.71 40.80
CA LEU G 720 1.11 -20.11 42.06
C LEU G 720 -0.36 -19.66 42.15
N ASN G 721 -0.81 -18.93 41.13
CA ASN G 721 -2.15 -18.34 41.13
C ASN G 721 -3.12 -19.02 40.17
N ARG G 722 -2.65 -20.04 39.46
CA ARG G 722 -3.49 -20.72 38.48
C ARG G 722 -3.95 -22.09 39.00
N GLY G 723 -5.21 -22.41 38.74
CA GLY G 723 -5.80 -23.71 39.11
C GLY G 723 -5.96 -23.98 40.60
N THR G 724 -6.31 -22.94 41.35
CA THR G 724 -6.45 -23.01 42.81
C THR G 724 -7.89 -22.84 43.31
N LYS G 725 -8.77 -22.32 42.44
CA LYS G 725 -10.19 -22.12 42.79
C LYS G 725 -10.96 -23.44 42.81
N GLU G 726 -11.97 -23.52 43.67
CA GLU G 726 -12.79 -24.72 43.79
C GLU G 726 -13.39 -25.19 42.44
N GLU G 727 -13.70 -24.25 41.55
CA GLU G 727 -14.23 -24.62 40.23
C GLU G 727 -13.15 -25.11 39.24
N ASP G 728 -11.88 -24.97 39.63
CA ASP G 728 -10.75 -25.51 38.87
C ASP G 728 -10.52 -27.01 39.17
N MET G 729 -11.19 -27.52 40.21
CA MET G 729 -10.97 -28.89 40.65
C MET G 729 -11.63 -29.96 39.78
N PRO G 730 -10.99 -31.14 39.64
CA PRO G 730 -11.69 -32.24 38.96
C PRO G 730 -12.65 -32.95 39.91
N TYR G 731 -13.41 -33.90 39.37
CA TYR G 731 -14.49 -34.59 40.10
C TYR G 731 -14.02 -35.32 41.37
N SER G 732 -14.84 -35.24 42.40
CA SER G 732 -14.77 -36.13 43.54
C SER G 732 -16.21 -36.47 43.93
N PHE G 733 -16.45 -37.73 44.24
CA PHE G 733 -17.78 -38.23 44.63
C PHE G 733 -18.43 -37.41 45.75
N SER G 734 -17.63 -37.03 46.75
CA SER G 734 -18.09 -36.29 47.93
C SER G 734 -18.64 -34.90 47.62
N LYS G 735 -18.57 -34.47 46.36
CA LYS G 735 -19.13 -33.18 45.98
C LYS G 735 -20.47 -33.24 45.24
N GLU G 736 -20.93 -34.47 44.98
CA GLU G 736 -22.29 -34.73 44.46
C GLU G 736 -23.34 -34.60 45.57
N LYS H 1 29.29 -22.87 22.02
CA LYS H 1 28.48 -24.10 21.80
C LYS H 1 29.07 -25.24 22.63
N ASP H 2 28.27 -26.29 22.84
CA ASP H 2 28.68 -27.45 23.64
C ASP H 2 28.67 -28.71 22.78
N TRP H 3 29.75 -29.49 22.87
CA TRP H 3 29.82 -30.77 22.15
C TRP H 3 29.79 -32.00 23.07
N THR H 4 30.01 -31.77 24.37
CA THR H 4 30.12 -32.87 25.34
C THR H 4 28.81 -33.61 25.50
N GLN H 5 27.72 -32.92 25.17
CA GLN H 5 26.35 -33.44 25.24
C GLN H 5 26.16 -34.63 24.31
N TYR H 6 27.03 -34.75 23.31
CA TYR H 6 26.97 -35.85 22.36
C TYR H 6 27.83 -37.05 22.80
N VAL H 7 28.68 -36.84 23.81
CA VAL H 7 29.58 -37.91 24.24
C VAL H 7 28.86 -38.95 25.09
N ASN H 8 28.97 -40.21 24.69
CA ASN H 8 28.47 -41.31 25.51
C ASN H 8 29.64 -42.21 25.95
N PRO H 9 30.11 -42.03 27.19
CA PRO H 9 31.22 -42.78 27.77
C PRO H 9 30.94 -44.28 27.90
N LEU H 10 29.65 -44.65 27.94
CA LEU H 10 29.22 -46.04 28.03
C LEU H 10 29.21 -46.76 26.68
N MET H 11 29.55 -46.05 25.59
CA MET H 11 29.63 -46.67 24.28
C MET H 11 30.78 -47.68 24.24
N GLY H 12 30.44 -48.96 24.03
CA GLY H 12 31.44 -50.03 23.98
C GLY H 12 31.52 -50.85 25.26
N SER H 13 30.66 -50.53 26.24
CA SER H 13 30.72 -51.18 27.55
C SER H 13 29.86 -52.45 27.68
N GLN H 14 29.08 -52.77 26.64
CA GLN H 14 28.21 -53.95 26.65
C GLN H 14 28.83 -55.05 25.79
N SER H 15 30.06 -55.43 26.13
CA SER H 15 30.87 -56.39 25.38
C SER H 15 31.10 -57.62 26.23
N THR H 16 31.40 -58.74 25.57
CA THR H 16 31.78 -59.98 26.27
C THR H 16 33.02 -60.59 25.64
N PHE H 17 33.57 -61.59 26.33
CA PHE H 17 34.74 -62.35 25.90
C PHE H 17 34.58 -62.89 24.48
N GLU H 18 33.40 -63.45 24.19
CA GLU H 18 33.05 -64.05 22.89
C GLU H 18 32.78 -63.07 21.74
N LEU H 19 32.24 -61.89 22.07
CA LEU H 19 31.86 -60.88 21.09
C LEU H 19 32.08 -59.50 21.67
N SER H 20 33.04 -58.77 21.10
CA SER H 20 33.32 -57.41 21.52
C SER H 20 32.44 -56.40 20.78
N THR H 21 31.94 -55.42 21.52
CA THR H 21 31.23 -54.30 20.91
C THR H 21 31.98 -53.05 21.29
N GLY H 22 33.28 -53.20 21.54
CA GLY H 22 34.14 -52.10 21.90
C GLY H 22 35.13 -52.45 23.02
N ASN H 23 34.67 -53.19 24.02
CA ASN H 23 35.49 -53.55 25.19
C ASN H 23 36.07 -52.28 25.81
N THR H 24 35.19 -51.31 26.09
CA THR H 24 35.60 -50.07 26.77
C THR H 24 35.11 -50.03 28.22
N TYR H 25 35.54 -49.01 28.94
CA TYR H 25 34.92 -48.68 30.22
C TYR H 25 34.73 -47.14 30.22
N PRO H 26 33.87 -46.60 31.11
CA PRO H 26 33.68 -45.15 31.01
C PRO H 26 34.90 -44.41 31.56
N ALA H 27 35.70 -43.83 30.68
CA ALA H 27 36.91 -43.15 31.11
C ALA H 27 36.59 -41.73 31.54
N ILE H 28 36.35 -41.55 32.85
CA ILE H 28 36.08 -40.20 33.34
C ILE H 28 37.43 -39.52 33.54
N ALA H 29 37.79 -38.64 32.59
CA ALA H 29 39.15 -38.10 32.51
C ALA H 29 39.26 -36.80 31.70
N ARG H 30 40.36 -36.07 31.93
CA ARG H 30 40.80 -35.01 31.02
C ARG H 30 41.39 -35.65 29.76
N PRO H 31 41.51 -34.86 28.67
CA PRO H 31 42.14 -35.48 27.50
C PRO H 31 43.58 -35.98 27.78
N TRP H 32 43.92 -37.17 27.29
CA TRP H 32 45.22 -37.82 27.56
C TRP H 32 45.67 -37.79 29.02
N GLY H 33 44.72 -37.63 29.94
CA GLY H 33 45.04 -37.49 31.37
C GLY H 33 45.85 -38.63 31.95
N MET H 34 46.74 -38.31 32.89
CA MET H 34 47.60 -39.34 33.50
C MET H 34 46.83 -40.35 34.34
N ASN H 35 45.74 -39.90 34.95
CA ASN H 35 44.91 -40.77 35.77
C ASN H 35 43.47 -40.76 35.30
N PHE H 36 42.96 -41.95 34.97
CA PHE H 36 41.54 -42.13 34.64
C PHE H 36 40.77 -42.62 35.87
N TRP H 37 39.50 -42.27 35.97
CA TRP H 37 38.65 -42.79 37.01
C TRP H 37 37.43 -43.45 36.40
N THR H 38 36.92 -44.49 37.02
CA THR H 38 35.76 -45.20 36.49
C THR H 38 35.02 -45.90 37.61
N PRO H 39 33.70 -46.02 37.48
CA PRO H 39 32.96 -46.94 38.33
C PRO H 39 33.44 -48.37 38.05
N GLN H 40 33.56 -49.16 39.11
CA GLN H 40 34.05 -50.54 39.00
C GLN H 40 32.95 -51.50 39.37
N THR H 41 32.50 -52.25 38.38
CA THR H 41 31.52 -53.30 38.59
C THR H 41 32.21 -54.67 38.69
N GLY H 42 33.37 -54.82 38.04
CA GLY H 42 34.08 -56.10 38.06
C GLY H 42 34.84 -56.27 39.36
N LYS H 43 35.18 -57.51 39.69
CA LYS H 43 36.00 -57.79 40.87
C LYS H 43 37.44 -57.35 40.59
N MET H 44 38.20 -57.08 41.65
CA MET H 44 39.63 -56.72 41.52
C MET H 44 40.39 -57.68 40.59
N GLY H 45 41.05 -57.12 39.58
CA GLY H 45 41.87 -57.91 38.65
C GLY H 45 41.17 -58.29 37.35
N ASP H 46 39.84 -58.26 37.34
CA ASP H 46 39.06 -58.58 36.14
C ASP H 46 39.27 -57.47 35.11
N GLY H 47 39.72 -57.86 33.92
CA GLY H 47 39.90 -56.92 32.81
C GLY H 47 38.63 -56.17 32.47
N TRP H 48 37.50 -56.88 32.55
CA TRP H 48 36.20 -56.27 32.37
C TRP H 48 35.78 -55.53 33.66
N GLN H 49 36.46 -54.42 33.93
CA GLN H 49 36.25 -53.68 35.18
C GLN H 49 34.89 -52.98 35.24
N TYR H 50 34.29 -52.74 34.08
CA TYR H 50 32.95 -52.15 34.01
C TYR H 50 32.21 -52.74 32.81
N THR H 51 31.12 -53.48 33.08
CA THR H 51 30.26 -53.99 32.00
C THR H 51 28.83 -53.46 32.20
N TYR H 52 28.23 -53.02 31.10
CA TYR H 52 26.92 -52.37 31.13
C TYR H 52 25.85 -53.25 31.79
N THR H 53 25.98 -54.58 31.70
CA THR H 53 24.91 -55.46 32.19
C THR H 53 25.10 -55.90 33.64
N ALA H 54 26.16 -55.44 34.29
CA ALA H 54 26.38 -55.77 35.71
C ALA H 54 25.43 -55.01 36.63
N ASN H 55 25.01 -55.66 37.71
CA ASN H 55 24.04 -55.14 38.69
C ASN H 55 24.60 -54.17 39.73
N LYS H 56 25.88 -54.36 40.07
CA LYS H 56 26.45 -53.75 41.27
C LYS H 56 27.73 -52.99 41.00
N ILE H 57 27.96 -51.95 41.80
CA ILE H 57 29.23 -51.20 41.79
C ILE H 57 29.88 -51.47 43.13
N ARG H 58 31.20 -51.73 43.14
CA ARG H 58 31.89 -52.10 44.36
C ARG H 58 33.01 -51.11 44.74
N GLY H 59 33.19 -50.08 43.89
CA GLY H 59 34.20 -49.05 44.12
C GLY H 59 34.25 -48.05 42.98
N PHE H 60 35.00 -46.96 43.19
CA PHE H 60 35.30 -45.98 42.14
C PHE H 60 36.81 -45.93 42.04
N LYS H 61 37.29 -46.37 40.88
CA LYS H 61 38.66 -46.85 40.76
C LYS H 61 39.54 -45.93 39.93
N GLN H 62 40.76 -45.70 40.40
CA GLN H 62 41.77 -45.09 39.56
C GLN H 62 42.36 -46.17 38.64
N THR H 63 42.37 -45.90 37.33
CA THR H 63 42.81 -46.90 36.36
C THR H 63 43.69 -46.36 35.25
N HIS H 64 44.53 -47.25 34.72
CA HIS H 64 45.39 -46.91 33.59
C HIS H 64 45.26 -47.93 32.48
N GLN H 65 44.28 -48.82 32.64
CA GLN H 65 44.03 -49.89 31.68
C GLN H 65 43.81 -49.38 30.24
N PRO H 66 44.60 -49.92 29.29
CA PRO H 66 44.35 -49.68 27.87
C PRO H 66 43.33 -50.63 27.24
N SER H 67 43.16 -51.83 27.82
CA SER H 67 42.26 -52.85 27.26
C SER H 67 42.07 -54.00 28.25
N PRO H 68 40.96 -54.77 28.15
CA PRO H 68 40.79 -55.89 29.07
C PRO H 68 41.90 -56.96 29.00
N TRP H 69 42.52 -57.09 27.82
CA TRP H 69 43.51 -58.11 27.54
C TRP H 69 44.84 -57.74 28.14
N ILE H 70 45.19 -56.46 28.03
CA ILE H 70 46.43 -55.93 28.57
C ILE H 70 46.34 -55.72 30.08
N ASN H 71 45.15 -55.33 30.52
CA ASN H 71 44.81 -55.16 31.94
C ASN H 71 45.50 -53.92 32.55
N ASP H 72 45.59 -53.87 33.87
CA ASP H 72 45.78 -52.58 34.57
C ASP H 72 47.03 -52.50 35.43
N TYR H 73 47.33 -51.27 35.88
CA TYR H 73 48.42 -50.96 36.80
C TYR H 73 48.13 -49.59 37.42
N GLY H 74 48.72 -49.31 38.59
CA GLY H 74 48.51 -48.01 39.26
C GLY H 74 47.04 -47.85 39.60
N GLN H 75 46.56 -48.76 40.44
CA GLN H 75 45.14 -48.97 40.64
C GLN H 75 44.79 -49.11 42.14
N PHE H 76 43.81 -48.31 42.57
CA PHE H 76 43.21 -48.37 43.91
C PHE H 76 41.77 -47.81 43.79
N SER H 77 40.93 -48.12 44.76
CA SER H 77 39.54 -47.68 44.70
C SER H 77 39.08 -47.01 45.98
N ILE H 78 37.95 -46.30 45.89
CA ILE H 78 37.28 -45.69 47.04
C ILE H 78 35.81 -46.08 47.03
N MET H 79 35.19 -46.22 48.22
CA MET H 79 33.79 -46.67 48.25
C MET H 79 33.02 -46.22 49.51
N PRO H 80 31.98 -45.38 49.34
CA PRO H 80 31.17 -44.99 50.50
C PRO H 80 30.15 -46.09 50.87
N ILE H 81 29.95 -46.31 52.15
CA ILE H 81 28.98 -47.28 52.61
C ILE H 81 28.25 -46.80 53.86
N VAL H 82 27.30 -47.59 54.34
CA VAL H 82 26.53 -47.25 55.51
C VAL H 82 26.23 -48.56 56.26
N GLY H 83 26.03 -48.50 57.57
CA GLY H 83 25.60 -49.69 58.33
C GLY H 83 26.75 -50.32 59.11
N GLN H 84 27.45 -51.24 58.48
CA GLN H 84 28.62 -51.89 59.10
C GLN H 84 29.92 -51.52 58.41
N PRO H 85 31.03 -51.44 59.17
CA PRO H 85 32.31 -51.27 58.50
C PRO H 85 32.82 -52.60 57.87
N VAL H 86 32.67 -52.72 56.55
CA VAL H 86 33.06 -53.93 55.80
C VAL H 86 34.01 -53.56 54.66
N PHE H 87 35.13 -54.28 54.58
CA PHE H 87 36.11 -54.02 53.56
C PHE H 87 35.85 -54.85 52.30
N ASP H 88 35.23 -56.01 52.49
CA ASP H 88 35.19 -56.99 51.43
C ASP H 88 34.56 -56.42 50.14
N GLU H 89 35.27 -56.61 49.03
CA GLU H 89 34.86 -56.05 47.73
C GLU H 89 33.49 -56.54 47.23
N GLU H 90 32.98 -57.64 47.78
CA GLU H 90 31.64 -58.14 47.43
C GLU H 90 30.58 -57.72 48.45
N LYS H 91 30.89 -57.86 49.73
CA LYS H 91 29.99 -57.45 50.79
C LYS H 91 29.66 -55.94 50.79
N ARG H 92 30.60 -55.10 50.35
CA ARG H 92 30.39 -53.65 50.28
C ARG H 92 29.72 -53.15 48.98
N ALA H 93 29.49 -54.06 48.03
CA ALA H 93 28.97 -53.68 46.70
C ALA H 93 27.49 -53.28 46.76
N SER H 94 27.03 -52.51 45.77
CA SER H 94 25.64 -51.99 45.78
C SER H 94 24.97 -52.05 44.42
N TRP H 95 23.73 -52.51 44.42
CA TRP H 95 22.87 -52.36 43.27
C TRP H 95 22.83 -50.91 42.78
N PHE H 96 22.61 -50.75 41.48
CA PHE H 96 22.41 -49.44 40.84
C PHE H 96 21.72 -49.72 39.50
N ALA H 97 21.18 -48.69 38.86
CA ALA H 97 20.74 -48.80 37.46
C ALA H 97 21.19 -47.58 36.66
N HIS H 98 21.20 -47.73 35.34
CA HIS H 98 21.71 -46.71 34.46
C HIS H 98 20.84 -45.47 34.41
N LYS H 99 19.58 -45.61 34.84
CA LYS H 99 18.67 -44.49 34.99
C LYS H 99 18.98 -43.71 36.27
N GLY H 100 19.73 -44.32 37.18
CA GLY H 100 20.20 -43.62 38.37
C GLY H 100 21.66 -43.22 38.24
N GLU H 101 22.15 -43.11 37.00
CA GLU H 101 23.57 -42.87 36.74
C GLU H 101 23.72 -41.83 35.64
N VAL H 102 24.67 -40.92 35.82
CA VAL H 102 24.99 -39.92 34.81
C VAL H 102 26.48 -40.00 34.51
N ALA H 103 26.82 -40.32 33.27
CA ALA H 103 28.22 -40.44 32.85
C ALA H 103 28.55 -39.41 31.75
N THR H 104 29.53 -38.55 32.03
CA THR H 104 30.08 -37.66 30.99
C THR H 104 31.61 -37.66 31.18
N PRO H 105 32.36 -37.17 30.18
CA PRO H 105 33.83 -37.18 30.30
C PRO H 105 34.37 -36.44 31.51
N TYR H 106 33.66 -35.40 31.94
CA TYR H 106 34.16 -34.46 32.93
C TYR H 106 33.48 -34.64 34.29
N TYR H 107 32.49 -35.53 34.36
CA TYR H 107 31.61 -35.63 35.53
C TYR H 107 30.82 -36.92 35.50
N TYR H 108 30.76 -37.60 36.64
CA TYR H 108 30.07 -38.89 36.75
C TYR H 108 29.33 -38.95 38.07
N LYS H 109 28.06 -39.35 38.01
CA LYS H 109 27.23 -39.47 39.22
C LYS H 109 26.45 -40.77 39.19
N VAL H 110 26.30 -41.41 40.35
CA VAL H 110 25.46 -42.60 40.46
C VAL H 110 24.78 -42.67 41.82
N TYR H 111 23.58 -43.24 41.85
CA TYR H 111 22.89 -43.56 43.09
C TYR H 111 23.12 -45.02 43.50
N LEU H 112 23.70 -45.21 44.69
CA LEU H 112 23.94 -46.55 45.22
C LEU H 112 22.75 -47.00 46.03
N ALA H 113 21.91 -47.84 45.41
CA ALA H 113 20.63 -48.23 45.99
C ALA H 113 20.70 -48.92 47.37
N GLU H 114 21.70 -49.75 47.61
CA GLU H 114 21.76 -50.54 48.85
C GLU H 114 22.30 -49.75 50.05
N HIS H 115 22.93 -48.61 49.77
CA HIS H 115 23.45 -47.72 50.83
C HIS H 115 22.68 -46.39 50.93
N ASP H 116 21.90 -46.08 49.90
CA ASP H 116 21.20 -44.79 49.80
C ASP H 116 22.21 -43.64 49.82
N ILE H 117 23.24 -43.78 49.00
CA ILE H 117 24.31 -42.79 48.87
C ILE H 117 24.39 -42.38 47.41
N VAL H 118 24.49 -41.07 47.15
CA VAL H 118 24.87 -40.55 45.83
C VAL H 118 26.37 -40.27 45.83
N THR H 119 27.05 -40.77 44.77
CA THR H 119 28.47 -40.47 44.53
C THR H 119 28.64 -39.61 43.27
N GLU H 120 29.43 -38.56 43.39
CA GLU H 120 29.82 -37.74 42.22
C GLU H 120 31.34 -37.63 42.16
N MET H 121 31.91 -37.65 40.96
CA MET H 121 33.34 -37.38 40.82
C MET H 121 33.66 -36.53 39.60
N THR H 122 34.64 -35.65 39.76
CA THR H 122 35.14 -34.83 38.66
C THR H 122 36.66 -34.80 38.74
N PRO H 123 37.34 -35.29 37.70
CA PRO H 123 38.81 -35.37 37.74
C PRO H 123 39.50 -34.23 37.00
N THR H 124 40.74 -33.93 37.41
CA THR H 124 41.66 -33.14 36.60
C THR H 124 42.64 -34.11 35.89
N GLU H 125 43.72 -33.58 35.34
CA GLU H 125 44.72 -34.42 34.65
C GLU H 125 45.30 -35.54 35.52
N ARG H 126 45.51 -35.26 36.81
CA ARG H 126 46.17 -36.21 37.71
C ARG H 126 45.40 -36.40 39.01
N ALA H 127 44.50 -35.46 39.28
CA ALA H 127 43.74 -35.44 40.52
C ALA H 127 42.24 -35.68 40.27
N VAL H 128 41.51 -35.95 41.35
CA VAL H 128 40.05 -36.04 41.33
C VAL H 128 39.44 -35.52 42.65
N LEU H 129 38.22 -34.99 42.56
CA LEU H 129 37.39 -34.69 43.72
C LEU H 129 36.16 -35.61 43.73
N PHE H 130 35.81 -36.11 44.92
CA PHE H 130 34.58 -36.87 45.13
C PHE H 130 33.63 -36.10 46.04
N ARG H 131 32.33 -36.28 45.81
CA ARG H 131 31.32 -35.81 46.75
C ARG H 131 30.33 -36.94 47.06
N PHE H 132 30.32 -37.36 48.32
CA PHE H 132 29.42 -38.39 48.79
C PHE H 132 28.25 -37.77 49.54
N THR H 133 27.05 -37.88 48.99
CA THR H 133 25.84 -37.47 49.72
C THR H 133 25.27 -38.65 50.52
N PHE H 134 25.31 -38.51 51.85
CA PHE H 134 24.96 -39.56 52.77
C PHE H 134 23.54 -39.43 53.32
N PRO H 135 22.92 -40.56 53.72
CA PRO H 135 21.63 -40.56 54.39
C PRO H 135 21.81 -40.32 55.91
N GLU H 136 20.72 -40.10 56.64
CA GLU H 136 20.82 -40.02 58.09
C GLU H 136 21.23 -41.38 58.68
N ASN H 137 22.40 -41.41 59.29
CA ASN H 137 22.92 -42.63 59.88
C ASN H 137 24.01 -42.33 60.90
N ASP H 138 24.04 -43.12 61.98
CA ASP H 138 25.12 -43.04 62.97
C ASP H 138 26.44 -43.60 62.43
N HIS H 139 26.33 -44.54 61.48
CA HIS H 139 27.50 -45.26 60.97
C HIS H 139 27.61 -45.16 59.45
N SER H 140 28.13 -44.02 59.01
CA SER H 140 28.53 -43.82 57.62
C SER H 140 30.04 -44.02 57.55
N TYR H 141 30.52 -44.62 56.46
CA TYR H 141 31.95 -44.95 56.29
C TYR H 141 32.41 -44.66 54.87
N VAL H 142 33.72 -44.45 54.72
CA VAL H 142 34.32 -44.50 53.38
C VAL H 142 35.41 -45.57 53.39
N VAL H 143 35.45 -46.38 52.33
CA VAL H 143 36.42 -47.46 52.24
C VAL H 143 37.48 -47.07 51.22
N VAL H 144 38.75 -47.23 51.60
CA VAL H 144 39.87 -47.02 50.69
C VAL H 144 40.55 -48.37 50.44
N ASP H 145 40.69 -48.72 49.17
CA ASP H 145 41.20 -50.02 48.77
C ASP H 145 42.47 -49.84 47.93
N ALA H 146 43.60 -50.28 48.50
CA ALA H 146 44.89 -50.12 47.85
C ALA H 146 45.25 -51.31 46.97
N PHE H 147 44.37 -52.32 46.94
CA PHE H 147 44.55 -53.48 46.06
C PHE H 147 45.71 -54.36 46.57
N ASP H 148 45.80 -55.60 46.08
CA ASP H 148 46.79 -56.56 46.57
C ASP H 148 48.17 -56.50 45.87
N LYS H 149 48.90 -57.62 45.95
CA LYS H 149 50.28 -57.78 45.43
C LYS H 149 51.35 -56.88 46.07
N GLY H 150 51.04 -56.30 47.23
CA GLY H 150 52.02 -55.46 47.93
C GLY H 150 51.58 -54.01 47.94
N SER H 151 50.99 -53.58 49.06
CA SER H 151 50.46 -52.23 49.16
C SER H 151 50.58 -51.66 50.57
N TYR H 152 50.35 -50.36 50.67
CA TYR H 152 50.63 -49.61 51.88
C TYR H 152 49.54 -48.58 52.12
N ILE H 153 49.21 -48.40 53.40
CA ILE H 153 48.17 -47.45 53.81
C ILE H 153 48.48 -46.83 55.19
N LYS H 154 48.31 -45.52 55.29
CA LYS H 154 48.47 -44.85 56.59
C LYS H 154 47.33 -43.86 56.82
N ILE H 155 46.62 -44.02 57.95
CA ILE H 155 45.62 -43.02 58.36
C ILE H 155 46.28 -41.89 59.15
N ILE H 156 45.92 -40.65 58.81
CA ILE H 156 46.47 -39.47 59.46
C ILE H 156 45.31 -38.57 59.93
N PRO H 157 44.76 -38.87 61.13
CA PRO H 157 43.55 -38.27 61.71
C PRO H 157 43.66 -36.76 61.96
N GLU H 158 44.85 -36.29 62.31
CA GLU H 158 45.09 -34.87 62.59
C GLU H 158 44.97 -34.00 61.34
N GLU H 159 45.02 -34.64 60.17
CA GLU H 159 44.86 -33.92 58.90
C GLU H 159 43.65 -34.38 58.08
N ASN H 160 42.80 -35.22 58.66
CA ASN H 160 41.58 -35.75 57.97
C ASN H 160 41.97 -36.42 56.66
N LYS H 161 43.08 -37.15 56.71
CA LYS H 161 43.87 -37.50 55.52
C LYS H 161 44.18 -39.00 55.51
N ILE H 162 44.19 -39.60 54.33
CA ILE H 162 44.66 -40.98 54.14
C ILE H 162 45.68 -40.97 53.01
N ILE H 163 46.81 -41.66 53.23
CA ILE H 163 47.81 -41.85 52.19
C ILE H 163 48.16 -43.33 52.03
N GLY H 164 48.72 -43.68 50.87
CA GLY H 164 49.22 -45.03 50.63
C GLY H 164 49.87 -45.16 49.26
N TYR H 165 50.32 -46.37 48.94
CA TYR H 165 50.73 -46.68 47.56
C TYR H 165 50.12 -48.01 47.10
N THR H 166 50.01 -48.12 45.78
CA THR H 166 49.54 -49.36 45.16
C THR H 166 50.58 -49.81 44.16
N THR H 167 50.80 -51.13 44.08
CA THR H 167 51.80 -51.70 43.15
C THR H 167 51.21 -52.68 42.15
N ARG H 168 50.13 -53.37 42.51
CA ARG H 168 49.55 -54.39 41.62
C ARG H 168 49.55 -53.95 40.16
N ASN H 169 50.12 -54.79 39.31
CA ASN H 169 50.28 -54.49 37.89
C ASN H 169 50.22 -55.76 37.05
N SER H 170 50.32 -55.61 35.74
CA SER H 170 50.22 -56.76 34.85
C SER H 170 51.50 -56.98 34.03
N GLY H 171 52.61 -56.40 34.48
CA GLY H 171 53.91 -56.51 33.79
C GLY H 171 54.39 -55.20 33.20
N GLY H 172 55.62 -55.17 32.69
CA GLY H 172 56.16 -53.97 32.05
C GLY H 172 56.52 -52.85 33.01
N VAL H 173 56.89 -53.21 34.23
CA VAL H 173 57.26 -52.24 35.26
C VAL H 173 58.63 -52.55 35.86
N PRO H 174 59.39 -51.49 36.22
CA PRO H 174 60.63 -51.66 36.98
C PRO H 174 60.33 -52.28 38.35
N GLU H 175 61.37 -52.65 39.08
CA GLU H 175 61.17 -53.39 40.34
C GLU H 175 60.67 -52.48 41.47
N ASN H 176 60.99 -51.20 41.36
CA ASN H 176 60.63 -50.19 42.33
C ASN H 176 59.27 -49.53 42.03
N PHE H 177 58.37 -50.21 41.33
CA PHE H 177 57.13 -49.59 40.83
C PHE H 177 56.14 -49.30 41.93
N LYS H 178 55.69 -48.04 42.00
CA LYS H 178 54.72 -47.59 42.98
C LYS H 178 53.82 -46.48 42.41
N ASN H 179 52.54 -46.48 42.76
CA ASN H 179 51.70 -45.30 42.52
C ASN H 179 51.40 -44.75 43.91
N TYR H 180 51.83 -43.52 44.19
CA TYR H 180 51.61 -42.92 45.51
C TYR H 180 50.34 -42.07 45.51
N PHE H 181 49.41 -42.33 46.43
CA PHE H 181 48.20 -41.54 46.50
C PHE H 181 47.94 -40.89 47.87
N ILE H 182 47.22 -39.76 47.82
CA ILE H 182 46.84 -38.99 49.01
C ILE H 182 45.36 -38.61 48.92
N ILE H 183 44.64 -38.78 50.04
CA ILE H 183 43.20 -38.46 50.10
C ILE H 183 42.87 -37.51 51.27
N GLU H 184 42.38 -36.31 50.96
CA GLU H 184 41.94 -35.35 52.01
C GLU H 184 40.41 -35.22 52.08
N PHE H 185 39.84 -35.49 53.25
CA PHE H 185 38.40 -35.30 53.48
C PHE H 185 38.14 -33.91 54.07
N ASP H 186 36.91 -33.42 53.94
CA ASP H 186 36.51 -32.15 54.56
C ASP H 186 35.66 -32.37 55.81
N LYS H 187 35.73 -33.58 56.35
CA LYS H 187 35.02 -33.94 57.56
C LYS H 187 35.96 -34.78 58.44
N PRO H 188 35.99 -34.53 59.76
CA PRO H 188 36.83 -35.38 60.65
C PRO H 188 36.32 -36.81 60.76
N PHE H 189 37.21 -37.76 61.05
CA PHE H 189 36.77 -39.13 61.32
C PHE H 189 36.47 -39.29 62.79
N THR H 190 35.34 -39.91 63.08
CA THR H 190 34.96 -40.29 64.43
C THR H 190 35.29 -41.76 64.60
N TYR H 191 35.66 -42.40 63.49
CA TYR H 191 35.98 -43.83 63.47
C TYR H 191 37.10 -44.02 62.46
N LYS H 192 38.08 -44.85 62.82
CA LYS H 192 39.17 -45.22 61.93
C LYS H 192 39.71 -46.62 62.18
N ALA H 193 40.03 -47.29 61.08
CA ALA H 193 40.59 -48.63 61.07
C ALA H 193 41.38 -48.84 59.78
N THR H 194 42.57 -49.42 59.89
CA THR H 194 43.28 -49.93 58.72
C THR H 194 42.86 -51.38 58.55
N VAL H 195 43.15 -51.92 57.37
CA VAL H 195 42.80 -53.29 57.04
C VAL H 195 44.03 -54.04 56.54
N GLU H 196 44.26 -55.21 57.12
CA GLU H 196 45.43 -56.02 56.82
C GLU H 196 44.90 -57.37 56.35
N ASN H 197 45.12 -57.67 55.07
CA ASN H 197 44.62 -58.89 54.43
C ASN H 197 43.23 -59.31 54.86
N GLY H 198 42.26 -58.42 54.63
CA GLY H 198 40.86 -58.68 54.97
C GLY H 198 40.51 -58.49 56.44
N ASN H 199 41.49 -58.20 57.28
CA ASN H 199 41.29 -58.05 58.73
C ASN H 199 41.15 -56.62 59.17
N LEU H 200 40.11 -56.36 59.93
CA LEU H 200 39.78 -55.02 60.38
C LEU H 200 40.52 -54.69 61.68
N GLN H 201 41.37 -53.66 61.65
CA GLN H 201 42.14 -53.29 62.84
C GLN H 201 41.96 -51.85 63.28
N GLU H 202 41.00 -51.64 64.18
CA GLU H 202 40.61 -50.29 64.59
C GLU H 202 41.73 -49.57 65.36
N ASN H 203 41.97 -48.31 64.98
CA ASN H 203 42.96 -47.46 65.65
C ASN H 203 44.43 -47.84 65.46
N VAL H 204 44.69 -48.94 64.75
CA VAL H 204 46.02 -49.20 64.18
C VAL H 204 46.20 -48.26 62.96
N ALA H 205 47.21 -47.40 63.01
CA ALA H 205 47.38 -46.32 62.03
C ALA H 205 47.87 -46.71 60.62
N GLU H 206 48.67 -47.77 60.53
CA GLU H 206 49.51 -48.02 59.34
C GLU H 206 49.62 -49.52 58.99
N GLN H 207 49.75 -49.82 57.70
CA GLN H 207 49.92 -51.21 57.22
C GLN H 207 50.83 -51.27 56.00
N THR H 208 51.79 -52.21 56.02
CA THR H 208 52.61 -52.55 54.87
C THR H 208 52.44 -54.04 54.78
N THR H 209 51.68 -54.47 53.78
CA THR H 209 51.24 -55.86 53.66
C THR H 209 50.80 -56.13 52.22
N ASP H 210 50.48 -57.38 51.91
CA ASP H 210 50.02 -57.76 50.57
C ASP H 210 48.81 -56.91 50.12
N HIS H 211 47.78 -56.83 50.96
CA HIS H 211 46.57 -56.08 50.59
C HIS H 211 46.13 -55.10 51.67
N ALA H 212 46.60 -53.86 51.55
CA ALA H 212 46.32 -52.79 52.51
C ALA H 212 45.01 -52.07 52.21
N GLY H 213 44.30 -51.69 53.27
CA GLY H 213 43.06 -50.93 53.17
C GLY H 213 42.81 -50.02 54.35
N ALA H 214 41.87 -49.09 54.20
CA ALA H 214 41.40 -48.26 55.31
C ALA H 214 39.89 -48.07 55.25
N ILE H 215 39.31 -47.97 56.43
CA ILE H 215 37.91 -47.59 56.57
C ILE H 215 37.85 -46.48 57.61
N ILE H 216 37.40 -45.30 57.19
CA ILE H 216 37.12 -44.24 58.15
C ILE H 216 35.63 -43.95 58.23
N GLY H 217 35.16 -43.46 59.37
CA GLY H 217 33.73 -43.28 59.60
C GLY H 217 33.32 -42.04 60.38
N PHE H 218 32.03 -41.74 60.32
CA PHE H 218 31.46 -40.60 61.05
C PHE H 218 29.94 -40.68 61.04
N LYS H 219 29.32 -39.83 61.84
CA LYS H 219 27.87 -39.67 61.86
C LYS H 219 27.46 -38.71 60.74
N THR H 220 26.31 -38.98 60.13
CA THR H 220 25.82 -38.11 59.05
C THR H 220 24.36 -37.74 59.24
N ARG H 221 24.03 -36.51 58.84
CA ARG H 221 22.64 -36.04 58.76
C ARG H 221 22.14 -36.35 57.35
N LYS H 222 20.83 -36.47 57.20
CA LYS H 222 20.25 -36.71 55.88
C LYS H 222 20.75 -35.66 54.89
N GLY H 223 21.24 -36.13 53.74
CA GLY H 223 21.72 -35.24 52.69
C GLY H 223 23.08 -34.63 52.93
N GLU H 224 23.68 -34.90 54.10
CA GLU H 224 25.00 -34.37 54.42
C GLU H 224 26.07 -34.82 53.41
N GLN H 225 26.73 -33.84 52.81
CA GLN H 225 27.76 -34.07 51.82
C GLN H 225 29.18 -34.05 52.43
N VAL H 226 30.01 -34.98 51.98
CA VAL H 226 31.41 -35.12 52.43
C VAL H 226 32.28 -35.09 51.19
N ASN H 227 33.26 -34.19 51.16
CA ASN H 227 34.12 -34.07 50.01
C ASN H 227 35.50 -34.68 50.25
N ALA H 228 36.00 -35.47 49.28
CA ALA H 228 37.31 -36.10 49.37
C ALA H 228 38.16 -35.71 48.15
N ARG H 229 39.25 -35.00 48.39
CA ARG H 229 40.22 -34.64 47.34
C ARG H 229 41.26 -35.74 47.20
N ILE H 230 41.59 -36.11 45.96
CA ILE H 230 42.52 -37.22 45.72
C ILE H 230 43.51 -36.89 44.62
N ALA H 231 44.78 -37.26 44.82
CA ALA H 231 45.78 -37.23 43.75
C ALA H 231 46.76 -38.38 43.89
N SER H 232 47.35 -38.77 42.76
CA SER H 232 48.39 -39.79 42.80
C SER H 232 49.59 -39.38 41.96
N SER H 233 50.73 -40.02 42.26
CA SER H 233 51.96 -39.80 41.53
C SER H 233 52.68 -41.12 41.29
N PHE H 234 53.56 -41.10 40.30
CA PHE H 234 54.43 -42.22 40.05
C PHE H 234 55.84 -41.99 40.63
N ILE H 235 56.01 -40.82 41.26
CA ILE H 235 57.30 -40.33 41.74
C ILE H 235 57.44 -40.37 43.28
N SER H 236 56.55 -39.67 43.99
CA SER H 236 56.57 -39.62 45.46
C SER H 236 55.33 -38.96 46.06
N PHE H 237 55.15 -39.09 47.37
CA PHE H 237 54.12 -38.37 48.10
C PHE H 237 54.24 -36.85 47.97
N GLU H 238 55.48 -36.36 47.99
CA GLU H 238 55.74 -34.95 47.72
C GLU H 238 55.15 -34.52 46.36
N GLN H 239 55.36 -35.35 45.32
CA GLN H 239 54.86 -35.02 43.98
C GLN H 239 53.33 -35.18 43.89
N ALA H 240 52.82 -36.22 44.54
CA ALA H 240 51.37 -36.43 44.65
C ALA H 240 50.70 -35.20 45.26
N ALA H 241 51.27 -34.68 46.34
CA ALA H 241 50.72 -33.52 47.03
C ALA H 241 50.68 -32.28 46.13
N ALA H 242 51.71 -32.07 45.31
CA ALA H 242 51.74 -30.98 44.32
C ALA H 242 50.70 -31.17 43.20
N ASN H 243 50.43 -32.44 42.88
CA ASN H 243 49.40 -32.79 41.90
C ASN H 243 47.99 -32.42 42.40
N MET H 244 47.78 -32.54 43.71
CA MET H 244 46.55 -32.10 44.37
C MET H 244 46.14 -30.67 43.98
N ASN H 245 47.14 -29.80 43.86
CA ASN H 245 46.94 -28.38 43.59
C ASN H 245 46.21 -28.07 42.27
N GLU H 246 46.10 -29.06 41.38
CA GLU H 246 45.29 -28.91 40.13
C GLU H 246 43.81 -28.77 40.45
N LEU H 247 43.44 -29.18 41.66
CA LEU H 247 42.07 -29.05 42.16
C LEU H 247 41.77 -27.62 42.63
N GLY H 248 42.80 -26.89 43.02
CA GLY H 248 42.66 -25.57 43.65
C GLY H 248 41.84 -25.70 44.93
N LYS H 249 40.92 -24.77 45.13
CA LYS H 249 39.89 -24.96 46.16
C LYS H 249 38.49 -25.13 45.56
N ASP H 250 38.46 -25.50 44.28
CA ASP H 250 37.21 -25.72 43.53
C ASP H 250 36.27 -26.80 44.10
N ASN H 251 34.97 -26.62 43.86
CA ASN H 251 33.96 -27.62 44.22
C ASN H 251 33.53 -28.41 42.97
N ILE H 252 32.64 -29.40 43.15
CA ILE H 252 32.15 -30.24 42.04
C ILE H 252 31.71 -29.45 40.79
N GLU H 253 30.87 -28.44 41.02
CA GLU H 253 30.30 -27.63 39.91
C GLU H 253 31.39 -26.89 39.12
N GLN H 254 32.39 -26.37 39.83
CA GLN H 254 33.49 -25.60 39.22
C GLN H 254 34.48 -26.48 38.47
N LEU H 255 34.88 -27.59 39.09
CA LEU H 255 35.71 -28.57 38.39
C LEU H 255 35.02 -29.21 37.17
N ALA H 256 33.71 -29.47 37.27
CA ALA H 256 32.94 -30.03 36.14
C ALA H 256 32.88 -29.03 35.01
N GLN H 257 32.70 -27.75 35.36
CA GLN H 257 32.73 -26.69 34.35
C GLN H 257 34.09 -26.67 33.66
N LYS H 258 35.17 -26.75 34.44
CA LYS H 258 36.51 -26.73 33.86
C LYS H 258 36.80 -27.95 33.01
N GLY H 259 36.39 -29.13 33.47
CA GLY H 259 36.56 -30.35 32.66
C GLY H 259 35.78 -30.28 31.36
N LYS H 260 34.58 -29.70 31.42
CA LYS H 260 33.69 -29.51 30.28
C LYS H 260 34.30 -28.54 29.27
N ASP H 261 34.87 -27.44 29.78
CA ASP H 261 35.57 -26.47 28.96
C ASP H 261 36.78 -27.12 28.27
N ALA H 262 37.46 -28.02 28.97
CA ALA H 262 38.65 -28.69 28.42
C ALA H 262 38.32 -29.61 27.26
N TRP H 263 37.26 -30.43 27.41
CA TRP H 263 36.81 -31.29 26.31
C TRP H 263 36.26 -30.48 25.16
N ASN H 264 35.47 -29.45 25.45
CA ASN H 264 34.92 -28.60 24.38
C ASN H 264 36.00 -27.93 23.55
N GLN H 265 37.04 -27.49 24.24
CA GLN H 265 38.27 -26.98 23.62
C GLN H 265 38.74 -27.94 22.52
N VAL H 266 38.94 -29.23 22.86
CA VAL H 266 39.47 -30.21 21.88
C VAL H 266 38.42 -30.89 20.96
N LEU H 267 37.20 -31.08 21.45
CA LEU H 267 36.13 -31.63 20.58
C LEU H 267 35.71 -30.59 19.53
N GLY H 268 35.74 -29.33 19.92
CA GLY H 268 35.29 -28.24 19.06
C GLY H 268 36.20 -27.90 17.90
N LYS H 269 37.36 -28.55 17.81
CA LYS H 269 38.25 -28.36 16.67
C LYS H 269 37.67 -29.00 15.41
N ILE H 270 36.59 -29.77 15.59
CA ILE H 270 35.82 -30.33 14.46
C ILE H 270 34.32 -30.18 14.71
N GLU H 271 33.68 -29.26 13.97
CA GLU H 271 32.24 -29.02 14.11
C GLU H 271 31.50 -29.64 12.93
N VAL H 272 30.60 -30.55 13.25
CA VAL H 272 29.77 -31.15 12.20
C VAL H 272 28.35 -30.63 12.34
N GLU H 273 27.62 -30.65 11.24
CA GLU H 273 26.22 -30.27 11.19
C GLU H 273 25.61 -30.84 9.92
N GLY H 274 24.30 -30.93 9.86
CA GLY H 274 23.61 -31.55 8.71
C GLY H 274 23.37 -33.05 8.87
N GLY H 275 23.26 -33.52 10.11
CA GLY H 275 22.96 -34.92 10.34
C GLY H 275 21.98 -35.12 11.47
N ASN H 276 21.60 -36.37 11.72
CA ASN H 276 20.73 -36.69 12.83
C ASN H 276 21.51 -36.90 14.13
N LEU H 277 20.77 -37.00 15.24
CA LEU H 277 21.37 -37.16 16.56
C LEU H 277 22.24 -38.44 16.79
N ASP H 278 21.93 -39.56 16.12
CA ASP H 278 22.76 -40.77 16.26
C ASP H 278 24.17 -40.52 15.74
N GLN H 279 24.23 -39.80 14.61
CA GLN H 279 25.48 -39.49 13.95
C GLN H 279 26.35 -38.57 14.79
N TYR H 280 25.75 -37.57 15.42
CA TYR H 280 26.50 -36.64 16.28
C TYR H 280 27.09 -37.37 17.48
N ARG H 281 26.25 -38.21 18.09
CA ARG H 281 26.64 -38.97 19.26
C ARG H 281 27.81 -39.89 18.93
N THR H 282 27.64 -40.68 17.85
CA THR H 282 28.67 -41.58 17.36
C THR H 282 29.94 -40.81 17.04
N PHE H 283 29.78 -39.71 16.29
CA PHE H 283 30.94 -38.89 15.90
C PHE H 283 31.71 -38.36 17.11
N TYR H 284 31.04 -37.62 17.98
CA TYR H 284 31.72 -37.04 19.15
C TYR H 284 32.09 -38.05 20.26
N SER H 285 31.41 -39.19 20.31
CA SER H 285 31.84 -40.25 21.22
C SER H 285 33.17 -40.81 20.71
N CYS H 286 33.23 -41.13 19.43
CA CYS H 286 34.47 -41.60 18.79
C CYS H 286 35.60 -40.59 18.89
N LEU H 287 35.27 -39.29 18.86
CA LEU H 287 36.32 -38.27 18.93
C LEU H 287 36.85 -38.21 20.34
N TYR H 288 35.94 -38.29 21.31
CA TYR H 288 36.34 -38.37 22.72
C TYR H 288 37.29 -39.53 22.96
N ARG H 289 37.06 -40.65 22.26
CA ARG H 289 37.87 -41.87 22.45
C ARG H 289 39.20 -41.79 21.72
N SER H 290 39.37 -40.77 20.89
CA SER H 290 40.60 -40.58 20.13
C SER H 290 41.56 -39.63 20.87
N LEU H 291 41.11 -39.10 22.00
CA LEU H 291 41.87 -38.07 22.70
C LEU H 291 42.16 -38.55 24.10
N LEU H 292 42.37 -39.85 24.22
CA LEU H 292 42.56 -40.50 25.51
C LEU H 292 43.94 -41.15 25.62
N PHE H 293 44.32 -41.92 24.59
CA PHE H 293 45.59 -42.63 24.57
C PHE H 293 46.45 -42.14 23.43
N PRO H 294 47.79 -42.12 23.62
CA PRO H 294 48.48 -42.49 24.88
C PRO H 294 48.31 -41.43 25.96
N ARG H 295 48.40 -41.83 27.22
CA ARG H 295 48.20 -40.92 28.33
C ARG H 295 49.51 -40.19 28.65
N LYS H 296 49.37 -38.98 29.21
CA LYS H 296 50.50 -38.30 29.84
C LYS H 296 51.06 -39.17 30.97
N PHE H 297 52.38 -39.24 31.05
CA PHE H 297 53.03 -40.00 32.10
C PHE H 297 54.07 -39.11 32.77
N TYR H 298 54.01 -37.82 32.47
CA TYR H 298 54.84 -36.85 33.16
C TYR H 298 54.01 -36.03 34.14
N GLU H 299 54.72 -35.40 35.06
CA GLU H 299 54.15 -34.54 36.09
C GLU H 299 54.96 -33.25 36.11
N LEU H 300 54.51 -32.26 36.87
CA LEU H 300 55.14 -30.92 36.88
C LEU H 300 55.90 -30.67 38.19
N ASP H 301 57.11 -30.11 38.10
CA ASP H 301 57.87 -29.77 39.31
C ASP H 301 57.50 -28.36 39.79
N ALA H 302 58.18 -27.90 40.84
CA ALA H 302 57.97 -26.54 41.37
C ALA H 302 58.17 -25.43 40.32
N ASN H 303 58.87 -25.74 39.23
CA ASN H 303 59.07 -24.79 38.13
C ASN H 303 57.89 -24.72 37.18
N GLY H 304 57.16 -25.82 37.04
CA GLY H 304 56.14 -25.95 36.01
C GLY H 304 56.76 -26.72 34.85
N GLN H 305 57.85 -27.43 35.16
CA GLN H 305 58.64 -28.15 34.17
C GLN H 305 58.34 -29.65 34.21
N PRO H 306 58.21 -30.29 33.02
CA PRO H 306 57.88 -31.72 32.95
C PRO H 306 58.97 -32.62 33.52
N ILE H 307 58.56 -33.54 34.39
CA ILE H 307 59.44 -34.60 34.90
C ILE H 307 58.63 -35.89 34.95
N HIS H 308 59.29 -37.03 34.89
CA HIS H 308 58.57 -38.29 34.88
C HIS H 308 59.32 -39.41 35.55
N TYR H 309 58.58 -40.28 36.23
CA TYR H 309 59.09 -41.60 36.58
C TYR H 309 59.18 -42.38 35.28
N SER H 310 60.25 -43.18 35.14
CA SER H 310 60.49 -43.97 33.93
C SER H 310 60.03 -45.43 34.11
N PRO H 311 58.98 -45.84 33.37
CA PRO H 311 58.52 -47.23 33.45
C PRO H 311 59.48 -48.19 32.74
N TYR H 312 60.58 -47.66 32.20
CA TYR H 312 61.58 -48.42 31.45
C TYR H 312 62.83 -48.77 32.26
N ASN H 313 63.33 -47.80 33.05
CA ASN H 313 64.55 -47.99 33.87
C ASN H 313 64.39 -47.60 35.34
N GLY H 314 63.22 -47.10 35.74
CA GLY H 314 62.92 -46.90 37.16
C GLY H 314 63.48 -45.63 37.79
N GLN H 315 63.98 -44.73 36.96
CA GLN H 315 64.51 -43.46 37.45
C GLN H 315 63.52 -42.33 37.19
N VAL H 316 63.73 -41.22 37.89
CA VAL H 316 62.92 -40.03 37.72
C VAL H 316 63.73 -39.07 36.84
N LEU H 317 63.19 -38.71 35.68
CA LEU H 317 63.97 -37.95 34.70
C LEU H 317 63.20 -36.76 34.12
N PRO H 318 63.94 -35.73 33.61
CA PRO H 318 63.30 -34.54 33.05
C PRO H 318 62.63 -34.82 31.70
N GLY H 319 61.67 -33.97 31.31
CA GLY H 319 61.07 -34.08 29.97
C GLY H 319 59.85 -34.98 29.88
N TYR H 320 59.16 -34.87 28.75
CA TYR H 320 57.93 -35.61 28.49
C TYR H 320 58.06 -37.12 28.53
N MET H 321 56.91 -37.80 28.71
CA MET H 321 56.78 -39.26 28.68
C MET H 321 55.30 -39.66 28.55
N PHE H 322 54.98 -40.49 27.56
CA PHE H 322 53.61 -41.01 27.39
C PHE H 322 53.63 -42.51 27.42
N THR H 323 52.46 -43.16 27.58
CA THR H 323 52.40 -44.63 27.49
C THR H 323 50.96 -45.16 27.31
N ASP H 324 50.81 -46.49 27.25
CA ASP H 324 49.51 -47.13 27.14
C ASP H 324 48.90 -47.06 25.73
N THR H 325 49.70 -47.47 24.74
CA THR H 325 49.24 -47.59 23.36
C THR H 325 50.08 -48.66 22.65
N GLY H 326 49.41 -49.44 21.80
CA GLY H 326 50.09 -50.36 20.89
C GLY H 326 50.17 -49.75 19.50
N PHE H 327 51.38 -49.64 18.97
CA PHE H 327 51.59 -48.96 17.68
C PHE H 327 51.05 -49.77 16.51
N TRP H 328 50.87 -51.07 16.73
CA TRP H 328 50.27 -51.97 15.74
C TRP H 328 48.85 -51.53 15.39
N ASP H 329 48.15 -50.96 16.37
CA ASP H 329 46.81 -50.39 16.16
C ASP H 329 46.96 -48.98 15.62
N THR H 330 47.60 -48.14 16.44
CA THR H 330 47.38 -46.69 16.37
C THR H 330 48.21 -45.89 15.34
N PHE H 331 49.08 -46.58 14.61
CA PHE H 331 49.79 -45.99 13.47
C PHE H 331 48.88 -45.77 12.28
N ARG H 332 47.83 -46.59 12.20
CA ARG H 332 46.95 -46.61 11.05
C ARG H 332 46.19 -45.30 10.84
N CYS H 333 45.56 -44.75 11.88
CA CYS H 333 44.92 -43.44 11.73
C CYS H 333 44.86 -42.61 13.00
N LEU H 334 45.03 -43.25 14.15
CA LEU H 334 44.98 -42.53 15.40
C LEU H 334 46.07 -41.47 15.47
N PHE H 335 47.34 -41.85 15.35
CA PHE H 335 48.42 -40.84 15.34
C PHE H 335 48.32 -39.83 14.21
N PRO H 336 48.03 -40.29 12.96
CA PRO H 336 47.75 -39.29 11.91
C PRO H 336 46.72 -38.21 12.30
N LEU H 337 45.69 -38.57 13.06
CA LEU H 337 44.66 -37.61 13.48
C LEU H 337 45.25 -36.51 14.35
N LEU H 338 46.28 -36.88 15.11
CA LEU H 338 47.00 -35.94 15.96
C LEU H 338 47.87 -35.03 15.10
N ASN H 339 48.38 -35.57 13.99
CA ASN H 339 49.22 -34.78 13.09
C ASN H 339 48.38 -33.75 12.32
N LEU H 340 47.11 -34.07 12.11
CA LEU H 340 46.21 -33.13 11.44
C LEU H 340 45.71 -32.06 12.38
N MET H 341 45.15 -32.50 13.51
CA MET H 341 44.38 -31.59 14.38
C MET H 341 45.04 -31.25 15.70
N TYR H 342 45.99 -32.06 16.14
CA TYR H 342 46.57 -31.84 17.49
C TYR H 342 48.11 -31.84 17.54
N PRO H 343 48.75 -31.21 16.53
CA PRO H 343 50.22 -31.26 16.41
C PRO H 343 50.95 -31.02 17.72
N SER H 344 50.64 -29.91 18.40
CA SER H 344 51.39 -29.53 19.61
C SER H 344 51.34 -30.61 20.70
N VAL H 345 50.32 -31.45 20.65
CA VAL H 345 50.17 -32.56 21.61
C VAL H 345 51.08 -33.73 21.22
N ASN H 346 51.05 -34.12 19.94
CA ASN H 346 51.95 -35.15 19.43
C ASN H 346 53.41 -34.75 19.61
N LYS H 347 53.71 -33.46 19.43
CA LYS H 347 55.04 -32.92 19.74
C LYS H 347 55.53 -33.44 21.08
N GLU H 348 54.68 -33.35 22.10
CA GLU H 348 55.01 -33.86 23.42
C GLU H 348 55.29 -35.37 23.39
N MET H 349 54.47 -36.10 22.60
CA MET H 349 54.51 -37.57 22.54
C MET H 349 55.79 -38.05 21.85
N GLN H 350 56.11 -37.40 20.73
CA GLN H 350 57.29 -37.73 19.94
C GLN H 350 58.54 -37.54 20.79
N GLU H 351 58.56 -36.49 21.61
CA GLU H 351 59.65 -36.24 22.56
C GLU H 351 59.68 -37.31 23.67
N GLY H 352 58.52 -37.88 23.99
CA GLY H 352 58.42 -38.97 24.96
C GLY H 352 59.06 -40.21 24.38
N LEU H 353 58.85 -40.43 23.08
CA LEU H 353 59.41 -41.59 22.42
C LEU H 353 60.97 -41.53 22.39
N ILE H 354 61.52 -40.36 22.04
CA ILE H 354 62.97 -40.13 22.19
C ILE H 354 63.44 -40.60 23.57
N ASN H 355 62.74 -40.18 24.61
CA ASN H 355 63.06 -40.58 25.98
C ASN H 355 62.92 -42.08 26.27
N THR H 356 62.03 -42.75 25.51
CA THR H 356 61.79 -44.18 25.69
C THR H 356 62.98 -44.95 25.14
N TYR H 357 63.49 -44.47 24.01
CA TYR H 357 64.73 -44.98 23.41
C TYR H 357 65.93 -44.78 24.36
N LEU H 358 66.15 -43.53 24.79
CA LEU H 358 67.26 -43.21 25.69
C LEU H 358 67.22 -44.00 27.00
N GLU H 359 66.02 -44.21 27.52
CA GLU H 359 65.89 -44.81 28.85
C GLU H 359 65.84 -46.33 28.80
N SER H 360 65.64 -46.89 27.60
CA SER H 360 65.46 -48.35 27.46
C SER H 360 66.23 -49.01 26.31
N GLY H 361 66.82 -48.21 25.43
CA GLY H 361 67.60 -48.77 24.30
C GLY H 361 66.81 -49.06 23.02
N PHE H 362 65.48 -49.13 23.13
CA PHE H 362 64.59 -49.35 21.99
C PHE H 362 63.47 -48.31 21.95
N PHE H 363 62.95 -48.03 20.77
CA PHE H 363 61.66 -47.36 20.63
C PHE H 363 60.57 -48.42 20.97
N PRO H 364 59.38 -48.01 21.44
CA PRO H 364 58.40 -49.04 21.84
C PRO H 364 57.53 -49.51 20.69
N GLU H 365 56.91 -50.66 20.86
CA GLU H 365 55.80 -51.04 20.00
C GLU H 365 54.49 -51.10 20.83
N TRP H 366 54.50 -51.92 21.89
CA TRP H 366 53.42 -51.93 22.86
C TRP H 366 53.99 -51.55 24.24
N ALA H 367 53.38 -50.54 24.87
CA ALA H 367 53.90 -50.02 26.14
C ALA H 367 52.76 -49.83 27.14
N SER H 368 52.83 -50.54 28.26
CA SER H 368 51.79 -50.47 29.28
C SER H 368 52.23 -50.93 30.68
N PRO H 369 52.95 -50.08 31.42
CA PRO H 369 53.56 -48.79 31.06
C PRO H 369 54.92 -48.95 30.34
N GLY H 370 55.66 -50.01 30.68
CA GLY H 370 56.93 -50.31 30.01
C GLY H 370 56.72 -51.26 28.87
N HIS H 371 57.81 -51.74 28.25
CA HIS H 371 57.67 -52.66 27.12
C HIS H 371 56.81 -53.87 27.48
N ARG H 372 55.94 -54.28 26.58
CA ARG H 372 55.02 -55.39 26.83
C ARG H 372 54.97 -56.31 25.62
N GLY H 373 54.87 -57.62 25.87
CA GLY H 373 54.85 -58.62 24.79
C GLY H 373 53.49 -58.77 24.14
N CYS H 374 53.26 -58.03 23.04
CA CYS H 374 51.96 -58.05 22.36
C CYS H 374 52.05 -57.53 20.91
N MET H 375 51.43 -58.28 19.99
CA MET H 375 51.38 -57.96 18.55
C MET H 375 52.73 -58.07 17.83
N VAL H 376 52.80 -57.43 16.66
CA VAL H 376 53.94 -57.52 15.73
C VAL H 376 54.27 -56.17 15.07
N GLY H 377 55.35 -56.15 14.29
CA GLY H 377 55.71 -54.96 13.50
C GLY H 377 56.78 -54.06 14.08
N ASN H 378 57.25 -53.14 13.25
CA ASN H 378 58.24 -52.16 13.67
C ASN H 378 57.62 -50.79 13.44
N ASN H 379 56.31 -50.72 13.70
CA ASN H 379 55.49 -49.59 13.30
C ASN H 379 55.74 -48.28 14.02
N SER H 380 56.60 -48.32 15.04
CA SER H 380 57.09 -47.07 15.64
C SER H 380 57.68 -46.18 14.54
N ALA H 381 58.35 -46.82 13.58
CA ALA H 381 58.92 -46.14 12.42
C ALA H 381 57.88 -45.31 11.66
N SER H 382 56.66 -45.85 11.52
CA SER H 382 55.59 -45.12 10.81
C SER H 382 55.21 -43.85 11.56
N ILE H 383 55.04 -44.02 12.85
CA ILE H 383 54.62 -42.95 13.75
C ILE H 383 55.66 -41.87 13.78
N LEU H 384 56.92 -42.24 14.00
CA LEU H 384 58.01 -41.26 14.10
C LEU H 384 58.18 -40.40 12.82
N VAL H 385 58.19 -41.08 11.68
CA VAL H 385 58.44 -40.47 10.37
C VAL H 385 57.25 -39.63 9.89
N ASP H 386 56.04 -40.13 10.15
CA ASP H 386 54.82 -39.42 9.77
C ASP H 386 54.81 -38.07 10.45
N ALA H 387 55.10 -38.07 11.75
CA ALA H 387 55.15 -36.86 12.56
C ALA H 387 56.15 -35.85 11.96
N TYR H 388 57.40 -36.28 11.78
CA TYR H 388 58.45 -35.41 11.20
C TYR H 388 57.98 -34.82 9.87
N MET H 389 57.67 -35.70 8.91
CA MET H 389 57.29 -35.30 7.55
C MET H 389 56.08 -34.38 7.49
N LYS H 390 55.39 -34.21 8.62
CA LYS H 390 54.25 -33.30 8.69
C LYS H 390 54.56 -32.09 9.57
N GLY H 391 55.84 -31.97 9.96
CA GLY H 391 56.32 -30.79 10.70
C GLY H 391 56.32 -30.94 12.21
N VAL H 392 56.19 -32.17 12.69
CA VAL H 392 56.24 -32.42 14.13
C VAL H 392 57.63 -32.97 14.44
N LYS H 393 58.54 -32.04 14.70
CA LYS H 393 59.97 -32.32 14.75
C LYS H 393 60.46 -32.29 16.18
N VAL H 394 61.03 -33.42 16.63
CA VAL H 394 61.72 -33.46 17.91
C VAL H 394 63.02 -32.68 17.79
N ASP H 395 63.63 -32.36 18.92
CA ASP H 395 64.85 -31.55 18.94
C ASP H 395 66.05 -32.32 18.43
N ASP H 396 66.18 -33.56 18.91
CA ASP H 396 67.28 -34.42 18.53
C ASP H 396 66.90 -35.39 17.42
N ILE H 397 67.04 -34.92 16.19
CA ILE H 397 66.81 -35.76 15.00
C ILE H 397 67.99 -36.72 14.77
N LYS H 398 69.12 -36.41 15.39
CA LYS H 398 70.27 -37.30 15.37
C LYS H 398 69.90 -38.64 16.02
N THR H 399 69.49 -38.58 17.30
CA THR H 399 69.09 -39.74 18.12
C THR H 399 67.87 -40.45 17.51
N LEU H 400 66.99 -39.66 16.92
CA LEU H 400 65.82 -40.19 16.22
C LEU H 400 66.24 -41.20 15.15
N TYR H 401 67.13 -40.77 14.26
CA TYR H 401 67.55 -41.62 13.15
C TYR H 401 68.29 -42.87 13.64
N GLU H 402 69.20 -42.67 14.60
CA GLU H 402 69.94 -43.78 15.22
C GLU H 402 69.00 -44.83 15.76
N GLY H 403 67.96 -44.36 16.46
CA GLY H 403 66.95 -45.22 17.09
C GLY H 403 66.17 -46.05 16.10
N LEU H 404 65.86 -45.46 14.94
CA LEU H 404 65.24 -46.17 13.83
C LEU H 404 66.14 -47.27 13.26
N ILE H 405 67.42 -46.96 13.07
CA ILE H 405 68.38 -47.95 12.56
C ILE H 405 68.60 -49.04 13.60
N HIS H 406 68.63 -48.65 14.87
CA HIS H 406 68.74 -49.61 15.97
C HIS H 406 67.66 -50.70 15.88
N GLY H 407 66.42 -50.29 15.60
CA GLY H 407 65.26 -51.19 15.56
C GLY H 407 65.26 -52.19 14.42
N THR H 408 65.93 -51.86 13.31
CA THR H 408 66.00 -52.72 12.11
C THR H 408 66.98 -53.88 12.26
N GLU H 409 67.76 -53.87 13.34
CA GLU H 409 68.75 -54.92 13.55
C GLU H 409 68.96 -55.37 14.99
N ASN H 410 67.94 -55.18 15.82
CA ASN H 410 67.91 -55.73 17.17
C ASN H 410 66.50 -56.19 17.53
N VAL H 411 66.41 -57.29 18.28
CA VAL H 411 65.18 -57.69 18.94
C VAL H 411 65.42 -57.66 20.47
N HIS H 412 64.47 -57.07 21.22
CA HIS H 412 64.57 -56.98 22.69
C HIS H 412 64.62 -58.39 23.32
N PRO H 413 65.58 -58.61 24.25
CA PRO H 413 65.80 -59.92 24.87
C PRO H 413 64.58 -60.51 25.58
N GLU H 414 63.80 -59.67 26.27
CA GLU H 414 62.68 -60.14 27.10
C GLU H 414 61.33 -59.98 26.42
N VAL H 415 61.23 -58.99 25.53
CA VAL H 415 59.98 -58.65 24.85
C VAL H 415 60.15 -58.76 23.35
N SER H 416 59.71 -59.87 22.77
CA SER H 416 59.98 -60.16 21.37
C SER H 416 59.30 -59.19 20.37
N SER H 417 58.18 -58.59 20.79
CA SER H 417 57.46 -57.61 19.94
C SER H 417 58.11 -56.22 19.94
N THR H 418 59.15 -56.02 20.74
CA THR H 418 59.91 -54.78 20.74
C THR H 418 61.18 -54.98 19.90
N GLY H 419 61.43 -54.06 18.96
CA GLY H 419 62.46 -54.27 17.93
C GLY H 419 61.86 -55.08 16.79
N ARG H 420 62.70 -55.84 16.07
CA ARG H 420 62.25 -56.67 14.95
C ARG H 420 62.63 -58.14 15.13
N LEU H 421 61.68 -59.00 15.50
CA LEU H 421 61.95 -60.44 15.59
C LEU H 421 62.19 -61.02 14.18
N GLY H 422 63.22 -61.87 14.08
CA GLY H 422 63.67 -62.44 12.80
C GLY H 422 64.36 -61.47 11.84
N TYR H 423 64.98 -60.42 12.36
CA TYR H 423 65.61 -59.41 11.50
C TYR H 423 66.71 -60.02 10.62
N GLU H 424 67.44 -60.98 11.17
CA GLU H 424 68.51 -61.71 10.46
C GLU H 424 68.02 -62.45 9.23
N TYR H 425 66.89 -63.17 9.35
CA TYR H 425 66.27 -63.79 8.17
C TYR H 425 65.83 -62.73 7.17
N TYR H 426 65.13 -61.71 7.66
CA TYR H 426 64.51 -60.71 6.81
C TYR H 426 65.54 -59.97 5.96
N ASN H 427 66.62 -59.52 6.61
CA ASN H 427 67.68 -58.76 5.95
C ASN H 427 68.50 -59.53 4.93
N LYS H 428 68.59 -60.85 5.15
CA LYS H 428 69.33 -61.76 4.28
C LYS H 428 68.47 -62.31 3.13
N LEU H 429 67.21 -62.66 3.42
CA LEU H 429 66.32 -63.26 2.43
C LEU H 429 65.38 -62.28 1.71
N GLY H 430 65.06 -61.17 2.38
CA GLY H 430 63.99 -60.27 1.92
C GLY H 430 62.61 -60.64 2.47
N TYR H 431 62.56 -61.52 3.48
CA TYR H 431 61.30 -61.91 4.15
C TYR H 431 61.56 -62.80 5.37
N VAL H 432 60.56 -62.95 6.23
CA VAL H 432 60.65 -63.95 7.31
C VAL H 432 59.96 -65.24 6.89
N PRO H 433 60.72 -66.35 6.87
CA PRO H 433 60.18 -67.63 6.35
C PRO H 433 59.08 -68.24 7.21
N TYR H 434 58.41 -69.22 6.63
CA TYR H 434 57.24 -69.86 7.23
C TYR H 434 57.59 -71.07 8.11
N ASP H 435 58.82 -71.55 7.99
CA ASP H 435 59.21 -72.81 8.63
C ASP H 435 60.44 -72.69 9.51
N VAL H 436 60.73 -71.47 9.98
CA VAL H 436 61.88 -71.22 10.85
C VAL H 436 61.46 -70.92 12.29
N LYS H 437 60.26 -71.36 12.66
CA LYS H 437 59.77 -71.29 14.05
C LYS H 437 59.51 -69.87 14.59
N ILE H 438 59.25 -68.93 13.68
CA ILE H 438 58.77 -67.58 14.02
C ILE H 438 57.36 -67.44 13.45
N ASN H 439 56.35 -67.46 14.33
CA ASN H 439 54.97 -67.30 13.93
C ASN H 439 54.66 -65.89 13.41
N GLU H 440 53.55 -65.80 12.69
CA GLU H 440 53.05 -64.54 12.14
C GLU H 440 54.05 -63.89 11.17
N ASN H 441 54.77 -64.76 10.46
CA ASN H 441 55.91 -64.36 9.63
C ASN H 441 55.57 -63.50 8.40
N ALA H 442 54.44 -63.78 7.76
CA ALA H 442 54.01 -63.03 6.57
C ALA H 442 53.58 -61.62 6.97
N ALA H 443 52.83 -61.55 8.06
CA ALA H 443 52.39 -60.29 8.61
C ALA H 443 53.55 -59.46 9.16
N ARG H 444 54.59 -60.11 9.67
CA ARG H 444 55.76 -59.34 10.14
C ARG H 444 56.50 -58.73 8.96
N THR H 445 56.58 -59.51 7.86
CA THR H 445 57.31 -59.15 6.63
C THR H 445 56.66 -57.96 5.91
N LEU H 446 55.36 -58.06 5.71
CA LEU H 446 54.55 -57.00 5.11
C LEU H 446 54.68 -55.67 5.84
N GLU H 447 54.64 -55.68 7.15
CA GLU H 447 54.70 -54.42 7.90
C GLU H 447 56.13 -53.88 8.04
N TYR H 448 57.11 -54.78 8.17
CA TYR H 448 58.52 -54.37 8.15
C TYR H 448 58.79 -53.63 6.85
N ALA H 449 58.33 -54.21 5.74
CA ALA H 449 58.50 -53.59 4.42
C ALA H 449 58.00 -52.15 4.44
N TYR H 450 56.73 -51.97 4.80
CA TYR H 450 56.15 -50.63 4.91
C TYR H 450 56.98 -49.70 5.81
N ASP H 451 57.40 -50.20 6.99
CA ASP H 451 58.24 -49.44 7.93
C ASP H 451 59.56 -49.03 7.30
N ASP H 452 60.11 -49.90 6.47
CA ASP H 452 61.35 -49.61 5.76
C ASP H 452 61.20 -48.45 4.76
N TRP H 453 60.06 -48.40 4.06
CA TRP H 453 59.71 -47.25 3.21
C TRP H 453 59.76 -45.95 4.00
N CYS H 454 59.19 -45.99 5.20
CA CYS H 454 59.19 -44.86 6.11
C CYS H 454 60.59 -44.39 6.42
N ILE H 455 61.49 -45.34 6.73
CA ILE H 455 62.87 -45.01 7.06
C ILE H 455 63.54 -44.40 5.83
N TYR H 456 63.35 -45.04 4.68
CA TYR H 456 63.78 -44.49 3.40
C TYR H 456 63.37 -43.02 3.21
N ARG H 457 62.09 -42.74 3.43
CA ARG H 457 61.53 -41.39 3.28
C ARG H 457 62.21 -40.35 4.18
N LEU H 458 62.60 -40.77 5.39
CA LEU H 458 63.34 -39.90 6.31
C LEU H 458 64.84 -39.85 5.97
N ALA H 459 65.37 -40.97 5.47
CA ALA H 459 66.77 -41.03 5.04
C ALA H 459 67.01 -40.09 3.86
N LYS H 460 66.07 -40.10 2.93
CA LYS H 460 66.08 -39.19 1.79
C LYS H 460 66.03 -37.75 2.33
N GLU H 461 64.91 -37.40 2.95
CA GLU H 461 64.72 -36.09 3.59
C GLU H 461 65.94 -35.58 4.39
N LEU H 462 66.57 -36.49 5.12
CA LEU H 462 67.69 -36.16 6.03
C LEU H 462 69.08 -36.23 5.36
N LYS H 463 69.08 -36.46 4.04
CA LYS H 463 70.30 -36.45 3.21
C LYS H 463 71.35 -37.47 3.64
N ARG H 464 70.92 -38.71 3.83
CA ARG H 464 71.81 -39.80 4.20
C ARG H 464 72.63 -40.28 2.98
N PRO H 465 73.78 -40.94 3.22
CA PRO H 465 74.62 -41.47 2.12
C PRO H 465 73.82 -42.36 1.17
N LYS H 466 74.02 -42.15 -0.13
CA LYS H 466 73.25 -42.82 -1.18
C LYS H 466 73.00 -44.33 -0.95
N LYS H 467 73.99 -45.00 -0.38
CA LYS H 467 73.89 -46.44 -0.05
C LYS H 467 72.84 -46.74 1.02
N GLU H 468 72.80 -45.94 2.09
CA GLU H 468 71.78 -46.08 3.14
C GLU H 468 70.38 -45.95 2.56
N ILE H 469 70.11 -44.81 1.91
CA ILE H 469 68.86 -44.53 1.21
C ILE H 469 68.45 -45.72 0.31
N SER H 470 69.42 -46.24 -0.44
CA SER H 470 69.17 -47.31 -1.42
C SER H 470 68.74 -48.62 -0.80
N LEU H 471 69.36 -48.97 0.34
CA LEU H 471 69.09 -50.20 1.08
C LEU H 471 67.63 -50.27 1.54
N PHE H 472 67.12 -49.16 2.09
CA PHE H 472 65.73 -49.12 2.55
C PHE H 472 64.74 -48.99 1.39
N ALA H 473 65.19 -48.38 0.30
CA ALA H 473 64.44 -48.38 -0.96
C ALA H 473 64.26 -49.80 -1.51
N LYS H 474 65.26 -50.66 -1.30
CA LYS H 474 65.15 -52.07 -1.72
C LYS H 474 64.29 -52.87 -0.74
N ARG H 475 64.49 -52.64 0.56
CA ARG H 475 63.76 -53.36 1.61
C ARG H 475 62.27 -53.00 1.60
N ALA H 476 61.95 -51.78 1.17
CA ALA H 476 60.55 -51.34 1.01
C ALA H 476 59.78 -52.14 -0.02
N MET H 477 60.51 -52.94 -0.81
CA MET H 477 59.89 -53.73 -1.87
C MET H 477 59.71 -55.19 -1.46
N ASN H 478 60.22 -55.53 -0.27
CA ASN H 478 60.17 -56.91 0.21
C ASN H 478 58.78 -57.55 0.15
N TYR H 479 57.73 -56.74 0.24
CA TYR H 479 56.34 -57.24 0.16
C TYR H 479 56.13 -58.12 -1.08
N LYS H 480 56.86 -57.82 -2.15
CA LYS H 480 56.83 -58.61 -3.39
C LYS H 480 57.30 -60.05 -3.17
N ASN H 481 58.13 -60.26 -2.16
CA ASN H 481 58.74 -61.57 -1.88
C ASN H 481 57.77 -62.64 -1.37
N LEU H 482 56.55 -62.21 -1.00
CA LEU H 482 55.57 -63.13 -0.47
C LEU H 482 54.35 -63.31 -1.36
N PHE H 483 54.36 -62.63 -2.51
CA PHE H 483 53.24 -62.70 -3.46
C PHE H 483 53.20 -64.03 -4.23
N ASP H 484 52.03 -64.67 -4.20
CA ASP H 484 51.78 -65.92 -4.91
C ASP H 484 50.96 -65.62 -6.16
N LYS H 485 51.63 -65.58 -7.32
CA LYS H 485 51.00 -65.24 -8.60
C LYS H 485 49.85 -66.17 -8.94
N GLU H 486 49.99 -67.42 -8.51
CA GLU H 486 48.97 -68.44 -8.67
C GLU H 486 47.61 -67.97 -8.14
N SER H 487 47.57 -67.56 -6.87
CA SER H 487 46.31 -67.18 -6.20
C SER H 487 46.06 -65.67 -6.14
N LYS H 488 47.09 -64.88 -6.46
CA LYS H 488 47.05 -63.41 -6.40
C LYS H 488 47.00 -62.85 -4.96
N LEU H 489 47.42 -63.68 -3.99
CA LEU H 489 47.35 -63.35 -2.56
C LEU H 489 48.71 -63.53 -1.91
N MET H 490 48.99 -62.78 -0.84
CA MET H 490 50.15 -63.06 0.02
C MET H 490 50.06 -64.44 0.70
N ARG H 491 51.23 -65.06 0.92
CA ARG H 491 51.35 -66.45 1.32
C ARG H 491 52.70 -66.70 1.98
N GLY H 492 52.74 -67.63 2.92
CA GLY H 492 53.96 -67.97 3.65
C GLY H 492 54.98 -68.69 2.78
N ARG H 493 56.21 -68.20 2.81
CA ARG H 493 57.31 -68.74 2.01
C ARG H 493 58.34 -69.45 2.89
N ASN H 494 58.62 -70.72 2.57
CA ASN H 494 59.62 -71.52 3.29
C ASN H 494 61.01 -70.91 3.18
N GLU H 495 61.92 -71.36 4.05
CA GLU H 495 63.31 -70.87 4.03
C GLU H 495 64.01 -71.11 2.68
N ASP H 496 63.77 -72.29 2.09
CA ASP H 496 64.36 -72.68 0.80
C ASP H 496 63.77 -71.92 -0.40
N GLY H 497 62.86 -70.99 -0.15
CA GLY H 497 62.33 -70.14 -1.21
C GLY H 497 61.03 -70.60 -1.84
N THR H 498 60.65 -71.85 -1.63
CA THR H 498 59.36 -72.35 -2.13
C THR H 498 58.23 -71.78 -1.28
N PHE H 499 57.02 -71.77 -1.82
CA PHE H 499 55.86 -71.33 -1.04
C PHE H 499 55.31 -72.49 -0.21
N GLN H 500 54.86 -72.15 1.00
CA GLN H 500 54.28 -73.12 1.95
C GLN H 500 53.14 -73.94 1.36
N SER H 501 53.20 -75.25 1.59
CA SER H 501 52.26 -76.22 1.02
C SER H 501 51.06 -76.53 1.93
N PRO H 502 50.01 -77.22 1.41
CA PRO H 502 48.62 -76.92 1.75
C PRO H 502 48.37 -75.45 2.15
N PHE H 503 48.19 -74.60 1.14
CA PHE H 503 47.91 -73.17 1.35
C PHE H 503 46.42 -72.93 1.62
N SER H 504 46.11 -72.33 2.77
CA SER H 504 44.73 -72.02 3.15
C SER H 504 44.47 -70.52 3.34
N PRO H 505 43.97 -69.88 2.28
CA PRO H 505 43.75 -68.42 2.27
C PRO H 505 42.74 -67.94 3.32
N LEU H 506 41.95 -68.86 3.86
CA LEU H 506 40.95 -68.52 4.88
C LEU H 506 41.37 -68.87 6.32
N LYS H 507 42.55 -69.47 6.50
CA LYS H 507 43.09 -69.76 7.83
C LYS H 507 43.63 -68.51 8.52
N TRP H 508 43.02 -68.16 9.66
CA TRP H 508 43.48 -67.01 10.46
C TRP H 508 44.78 -67.31 11.20
N GLY H 509 45.60 -66.28 11.39
CA GLY H 509 46.87 -66.44 12.08
C GLY H 509 47.85 -67.32 11.32
N ASP H 510 48.69 -68.05 12.07
CA ASP H 510 49.75 -68.87 11.49
C ASP H 510 50.82 -67.95 10.89
N ALA H 511 50.75 -67.73 9.58
CA ALA H 511 51.64 -66.77 8.89
C ALA H 511 51.22 -65.32 9.12
N PHE H 512 49.94 -65.14 9.44
CA PHE H 512 49.40 -63.80 9.68
C PHE H 512 49.02 -63.61 11.15
N THR H 513 48.65 -62.39 11.51
CA THR H 513 48.22 -62.12 12.87
C THR H 513 46.75 -61.69 12.91
N GLU H 514 45.92 -62.48 13.61
CA GLU H 514 44.50 -62.16 13.79
C GLU H 514 43.85 -61.78 12.45
N GLY H 515 44.07 -62.63 11.45
CA GLY H 515 43.54 -62.42 10.12
C GLY H 515 44.12 -63.48 9.23
N ASN H 516 43.50 -63.66 8.07
CA ASN H 516 43.96 -64.59 7.05
C ASN H 516 44.52 -63.81 5.87
N SER H 517 44.93 -64.50 4.82
CA SER H 517 45.51 -63.83 3.63
C SER H 517 44.60 -62.77 3.01
N TRP H 518 43.30 -63.06 2.94
CA TRP H 518 42.31 -62.09 2.43
C TRP H 518 42.27 -60.77 3.20
N HIS H 519 42.75 -60.75 4.43
CA HIS H 519 42.82 -59.50 5.20
C HIS H 519 44.18 -58.83 5.09
N TYR H 520 45.23 -59.65 5.10
CA TYR H 520 46.60 -59.14 5.14
C TYR H 520 47.22 -58.76 3.80
N THR H 521 46.71 -59.36 2.72
CA THR H 521 47.25 -59.10 1.38
C THR H 521 47.36 -57.59 1.10
N TRP H 522 46.37 -56.83 1.57
CA TRP H 522 46.28 -55.40 1.29
C TRP H 522 47.24 -54.56 2.13
N SER H 523 48.12 -55.20 2.90
CA SER H 523 49.07 -54.46 3.72
C SER H 523 50.26 -53.90 2.92
N VAL H 524 49.97 -53.14 1.86
CA VAL H 524 51.03 -52.52 1.04
C VAL H 524 50.78 -51.02 0.92
N PHE H 525 50.70 -50.34 2.06
CA PHE H 525 50.23 -48.95 2.17
C PHE H 525 51.02 -47.96 1.31
N HIS H 526 52.30 -48.25 1.13
CA HIS H 526 53.24 -47.35 0.46
C HIS H 526 53.32 -47.60 -1.05
N ASP H 527 52.79 -48.73 -1.52
CA ASP H 527 52.90 -49.08 -2.93
C ASP H 527 51.71 -49.90 -3.47
N PRO H 528 50.48 -49.34 -3.38
CA PRO H 528 49.29 -50.04 -3.85
C PRO H 528 49.30 -50.28 -5.37
N GLN H 529 49.91 -49.36 -6.11
CA GLN H 529 50.05 -49.55 -7.57
C GLN H 529 50.98 -50.74 -7.81
N GLY H 530 52.05 -50.82 -7.02
CA GLY H 530 52.98 -51.95 -7.05
C GLY H 530 52.24 -53.27 -6.89
N LEU H 531 51.26 -53.29 -5.99
CA LEU H 531 50.43 -54.49 -5.77
C LEU H 531 49.42 -54.72 -6.91
N ILE H 532 48.85 -53.63 -7.41
CA ILE H 532 48.01 -53.68 -8.64
C ILE H 532 48.76 -54.39 -9.78
N ASP H 533 49.97 -53.92 -10.04
CA ASP H 533 50.88 -54.56 -10.99
C ASP H 533 51.08 -56.04 -10.68
N LEU H 534 51.45 -56.35 -9.44
CA LEU H 534 51.57 -57.75 -9.02
C LEU H 534 50.33 -58.60 -9.37
N MET H 535 49.13 -58.07 -9.12
CA MET H 535 47.90 -58.80 -9.49
C MET H 535 47.66 -58.73 -11.01
N GLY H 536 48.41 -57.86 -11.69
CA GLY H 536 48.35 -57.75 -13.15
C GLY H 536 47.26 -56.83 -13.67
N GLY H 537 47.23 -55.59 -13.18
CA GLY H 537 46.29 -54.59 -13.69
C GLY H 537 45.18 -54.17 -12.75
N LYS H 538 44.70 -52.93 -12.94
CA LYS H 538 43.61 -52.43 -12.10
C LYS H 538 42.35 -53.31 -12.17
N GLU H 539 42.06 -53.84 -13.37
CA GLU H 539 40.85 -54.62 -13.58
C GLU H 539 40.83 -55.96 -12.82
N MET H 540 42.01 -56.55 -12.62
CA MET H 540 42.13 -57.81 -11.88
C MET H 540 42.18 -57.56 -10.35
N PHE H 541 42.82 -56.45 -9.98
CA PHE H 541 42.86 -55.98 -8.60
C PHE H 541 41.45 -55.68 -8.06
N VAL H 542 40.58 -55.16 -8.94
CA VAL H 542 39.21 -54.78 -8.57
C VAL H 542 38.31 -55.99 -8.34
N THR H 543 38.55 -57.04 -9.12
CA THR H 543 37.81 -58.29 -9.00
C THR H 543 38.14 -58.97 -7.67
N MET H 544 39.41 -58.89 -7.27
CA MET H 544 39.92 -59.44 -6.01
C MET H 544 39.27 -58.75 -4.81
N MET H 545 39.16 -57.43 -4.89
CA MET H 545 38.56 -56.64 -3.82
C MET H 545 37.08 -56.95 -3.68
N ASP H 546 36.37 -57.03 -4.80
CA ASP H 546 34.94 -57.31 -4.80
C ASP H 546 34.63 -58.66 -4.17
N SER H 547 35.49 -59.66 -4.41
CA SER H 547 35.29 -61.00 -3.86
C SER H 547 35.35 -61.04 -2.33
N VAL H 548 36.11 -60.11 -1.75
CA VAL H 548 36.14 -59.92 -0.28
C VAL H 548 34.72 -59.73 0.27
N PHE H 549 33.97 -58.83 -0.35
CA PHE H 549 32.60 -58.51 0.06
C PHE H 549 31.55 -59.53 -0.41
N ALA H 550 31.83 -60.23 -1.49
CA ALA H 550 30.85 -61.12 -2.11
C ALA H 550 30.81 -62.53 -1.51
N VAL H 551 31.92 -62.99 -0.94
CA VAL H 551 31.99 -64.35 -0.39
C VAL H 551 31.26 -64.45 0.95
N PRO H 552 30.84 -65.68 1.36
CA PRO H 552 30.40 -65.86 2.74
C PRO H 552 31.55 -65.62 3.75
N PRO H 553 31.20 -65.33 5.02
CA PRO H 553 32.24 -65.12 6.03
C PRO H 553 32.79 -66.42 6.61
N ILE H 554 33.20 -67.35 5.75
CA ILE H 554 33.76 -68.60 6.26
C ILE H 554 35.23 -68.41 6.69
N PHE H 555 35.68 -69.28 7.58
CA PHE H 555 37.00 -69.14 8.21
C PHE H 555 37.56 -70.52 8.54
N ASP H 556 38.88 -70.56 8.76
CA ASP H 556 39.55 -71.71 9.38
C ASP H 556 40.18 -71.16 10.66
N ASP H 557 39.80 -71.76 11.81
CA ASP H 557 40.21 -71.29 13.14
C ASP H 557 41.15 -72.28 13.86
N SER H 558 41.62 -73.26 13.09
CA SER H 558 42.38 -74.37 13.66
C SER H 558 43.67 -73.91 14.34
N TYR H 559 44.19 -72.75 13.95
CA TYR H 559 45.41 -72.23 14.59
C TYR H 559 45.12 -71.78 16.02
N TYR H 560 43.91 -71.25 16.24
CA TYR H 560 43.47 -70.85 17.59
C TYR H 560 42.76 -71.98 18.35
N GLY H 561 42.23 -72.95 17.63
CA GLY H 561 41.46 -74.05 18.24
C GLY H 561 40.06 -73.67 18.71
N GLN H 562 39.67 -72.42 18.42
CA GLN H 562 38.39 -71.85 18.87
C GLN H 562 37.99 -70.62 18.05
N VAL H 563 36.70 -70.31 18.04
CA VAL H 563 36.19 -69.13 17.38
C VAL H 563 36.44 -67.91 18.25
N ILE H 564 37.67 -67.39 18.21
CA ILE H 564 38.04 -66.18 18.94
C ILE H 564 37.11 -65.02 18.54
N HIS H 565 36.95 -64.06 19.44
CA HIS H 565 35.99 -62.98 19.21
C HIS H 565 36.20 -62.22 17.92
N GLU H 566 37.46 -62.06 17.51
CA GLU H 566 37.75 -61.31 16.26
C GLU H 566 37.11 -61.95 15.03
N ILE H 567 37.06 -63.29 15.03
CA ILE H 567 36.38 -64.05 13.99
C ILE H 567 34.85 -63.92 14.11
N ARG H 568 34.35 -64.14 15.32
CA ARG H 568 32.92 -64.08 15.58
C ARG H 568 32.34 -62.71 15.17
N GLU H 569 33.10 -61.65 15.42
CA GLU H 569 32.66 -60.30 15.08
C GLU H 569 32.46 -60.13 13.59
N MET H 570 33.35 -60.73 12.79
CA MET H 570 33.21 -60.74 11.35
C MET H 570 31.93 -61.48 10.92
N THR H 571 31.78 -62.73 11.35
CA THR H 571 30.69 -63.59 10.87
C THR H 571 29.29 -62.98 11.00
N VAL H 572 29.04 -62.26 12.08
CA VAL H 572 27.71 -61.74 12.37
C VAL H 572 27.31 -60.50 11.55
N MET H 573 28.26 -59.95 10.79
CA MET H 573 28.12 -58.64 10.11
CA MET H 573 28.01 -58.65 10.17
C MET H 573 27.42 -58.70 8.76
N ASN H 574 27.46 -59.87 8.11
CA ASN H 574 26.90 -60.06 6.76
C ASN H 574 27.53 -59.03 5.82
N MET H 575 28.86 -59.03 5.81
CA MET H 575 29.65 -58.18 4.92
C MET H 575 30.80 -59.01 4.39
N GLY H 576 30.52 -60.28 4.13
CA GLY H 576 31.49 -61.19 3.55
C GLY H 576 32.70 -61.41 4.45
N ASN H 577 33.89 -61.34 3.84
CA ASN H 577 35.12 -61.52 4.59
C ASN H 577 35.76 -60.18 4.92
N TYR H 578 34.94 -59.12 4.93
CA TYR H 578 35.43 -57.81 5.35
C TYR H 578 35.36 -57.69 6.88
N ALA H 579 36.51 -57.86 7.54
CA ALA H 579 36.55 -57.91 9.01
C ALA H 579 36.90 -56.56 9.60
N HIS H 580 35.95 -55.63 9.57
CA HIS H 580 36.20 -54.26 10.03
C HIS H 580 36.54 -54.18 11.52
N GLY H 581 36.01 -55.13 12.30
CA GLY H 581 36.27 -55.16 13.76
C GLY H 581 37.70 -55.47 14.21
N ASN H 582 38.60 -55.67 13.24
CA ASN H 582 40.04 -55.71 13.54
C ASN H 582 40.85 -54.79 12.61
N GLN H 583 42.10 -54.52 12.99
CA GLN H 583 42.93 -53.46 12.39
C GLN H 583 43.51 -53.70 10.98
N PRO H 584 44.04 -54.92 10.70
CA PRO H 584 44.69 -55.17 9.40
C PRO H 584 43.95 -54.66 8.18
N ILE H 585 42.62 -54.78 8.16
CA ILE H 585 41.83 -54.50 6.96
C ILE H 585 41.20 -53.11 6.91
N GLN H 586 41.41 -52.30 7.95
CA GLN H 586 40.63 -51.08 8.10
C GLN H 586 40.87 -50.00 7.03
N HIS H 587 41.97 -50.12 6.28
CA HIS H 587 42.32 -49.16 5.22
C HIS H 587 41.81 -49.61 3.85
N MET H 588 41.47 -50.89 3.74
CA MET H 588 41.25 -51.55 2.45
C MET H 588 40.31 -50.83 1.47
N ILE H 589 39.17 -50.34 1.97
CA ILE H 589 38.13 -49.84 1.09
C ILE H 589 38.63 -48.66 0.24
N TYR H 590 39.39 -47.76 0.85
CA TYR H 590 40.00 -46.63 0.15
C TYR H 590 40.89 -47.02 -1.04
N LEU H 591 41.44 -48.23 -1.04
CA LEU H 591 42.28 -48.69 -2.14
C LEU H 591 41.56 -48.68 -3.47
N TYR H 592 40.22 -48.73 -3.44
CA TYR H 592 39.38 -48.61 -4.64
C TYR H 592 39.70 -47.32 -5.41
N ASP H 593 40.26 -46.33 -4.71
CA ASP H 593 40.70 -45.08 -5.32
C ASP H 593 41.88 -45.25 -6.26
N TYR H 594 42.86 -46.06 -5.83
CA TYR H 594 44.10 -46.33 -6.56
C TYR H 594 43.91 -47.16 -7.84
N ALA H 595 42.76 -47.81 -7.99
CA ALA H 595 42.46 -48.55 -9.22
C ALA H 595 41.45 -47.82 -10.12
N GLY H 596 41.28 -46.52 -9.87
CA GLY H 596 40.37 -45.68 -10.67
C GLY H 596 38.91 -46.12 -10.62
N GLN H 597 38.42 -46.43 -9.42
CA GLN H 597 37.01 -46.75 -9.22
C GLN H 597 36.50 -46.17 -7.89
N PRO H 598 36.80 -44.88 -7.62
CA PRO H 598 36.52 -44.33 -6.29
C PRO H 598 35.04 -44.43 -5.88
N TRP H 599 34.15 -44.53 -6.86
CA TRP H 599 32.72 -44.72 -6.58
C TRP H 599 32.39 -46.00 -5.81
N LYS H 600 33.28 -47.00 -5.86
CA LYS H 600 33.08 -48.23 -5.11
C LYS H 600 33.45 -48.02 -3.64
N ALA H 601 34.47 -47.22 -3.40
CA ALA H 601 34.89 -46.89 -2.05
C ALA H 601 33.79 -46.11 -1.35
N GLN H 602 33.20 -45.15 -2.07
CA GLN H 602 32.10 -44.33 -1.56
C GLN H 602 30.91 -45.18 -1.13
N TYR H 603 30.54 -46.16 -1.94
CA TYR H 603 29.46 -47.09 -1.57
C TYR H 603 29.72 -47.88 -0.27
N TRP H 604 30.91 -48.47 -0.16
CA TRP H 604 31.16 -49.41 0.93
C TRP H 604 31.54 -48.71 2.24
N LEU H 605 32.25 -47.58 2.12
CA LEU H 605 32.58 -46.73 3.25
C LEU H 605 31.31 -46.31 3.97
N ARG H 606 30.35 -45.82 3.20
CA ARG H 606 29.06 -45.39 3.75
C ARG H 606 28.28 -46.56 4.38
N GLN H 607 28.40 -47.76 3.82
CA GLN H 607 27.79 -48.95 4.42
C GLN H 607 28.40 -49.26 5.80
N VAL H 608 29.71 -49.01 5.96
CA VAL H 608 30.40 -49.21 7.25
C VAL H 608 29.96 -48.14 8.26
N MET H 609 30.14 -46.87 7.89
CA MET H 609 29.74 -45.76 8.75
C MET H 609 28.30 -45.89 9.22
N ASP H 610 27.42 -46.36 8.34
CA ASP H 610 25.99 -46.52 8.64
C ASP H 610 25.72 -47.69 9.56
N ARG H 611 26.37 -48.82 9.29
CA ARG H 611 25.97 -50.09 9.88
C ARG H 611 26.87 -50.59 11.00
N MET H 612 28.17 -50.32 10.87
CA MET H 612 29.18 -50.90 11.77
C MET H 612 29.44 -50.11 13.05
N TYR H 613 28.79 -48.96 13.19
CA TYR H 613 28.97 -48.06 14.33
C TYR H 613 27.62 -47.55 14.82
N THR H 614 27.44 -47.53 16.14
CA THR H 614 26.16 -47.19 16.78
C THR H 614 26.44 -46.42 18.08
N PRO H 615 25.61 -45.43 18.45
CA PRO H 615 25.93 -44.58 19.62
C PRO H 615 25.71 -45.23 21.00
N GLY H 616 25.10 -46.40 21.03
CA GLY H 616 24.74 -47.04 22.29
C GLY H 616 25.85 -47.86 22.94
N PRO H 617 25.53 -48.53 24.07
CA PRO H 617 26.50 -49.26 24.91
C PRO H 617 27.19 -50.40 24.15
N ASP H 618 26.48 -51.01 23.21
CA ASP H 618 27.05 -51.96 22.24
C ASP H 618 27.41 -51.26 20.91
N GLY H 619 28.10 -50.12 21.01
CA GLY H 619 28.33 -49.24 19.86
C GLY H 619 29.25 -49.66 18.73
N TYR H 620 30.33 -50.40 19.03
CA TYR H 620 31.30 -50.79 17.99
C TYR H 620 31.06 -52.21 17.47
N CYS H 621 31.86 -52.63 16.48
CA CYS H 621 31.74 -53.96 15.90
C CYS H 621 32.95 -54.84 16.23
N GLY H 622 33.76 -54.37 17.18
CA GLY H 622 35.01 -55.02 17.59
C GLY H 622 35.73 -54.09 18.55
N ASP H 623 36.94 -54.46 18.98
CA ASP H 623 37.65 -53.65 19.97
C ASP H 623 37.94 -52.23 19.48
N GLU H 624 37.95 -51.29 20.42
CA GLU H 624 38.08 -49.89 20.09
C GLU H 624 39.56 -49.59 19.90
N ASP H 625 40.38 -50.16 20.79
CA ASP H 625 41.83 -50.20 20.66
C ASP H 625 42.49 -48.85 20.70
N ASN H 626 42.20 -48.13 21.79
CA ASN H 626 42.95 -46.93 22.20
C ASN H 626 42.93 -45.78 21.21
N GLY H 627 41.87 -45.71 20.41
CA GLY H 627 41.65 -44.59 19.51
C GLY H 627 41.53 -45.01 18.07
N GLN H 628 42.07 -46.18 17.75
CA GLN H 628 42.16 -46.61 16.34
C GLN H 628 40.81 -46.77 15.66
N THR H 629 39.90 -47.54 16.26
CA THR H 629 38.61 -47.84 15.61
C THR H 629 37.66 -46.64 15.63
N SER H 630 37.88 -45.75 16.59
CA SER H 630 37.12 -44.52 16.71
C SER H 630 37.55 -43.49 15.68
N ALA H 631 38.86 -43.31 15.58
CA ALA H 631 39.43 -42.28 14.73
C ALA H 631 39.23 -42.64 13.27
N TRP H 632 38.98 -43.93 13.01
CA TRP H 632 38.68 -44.39 11.67
C TRP H 632 37.36 -43.74 11.28
N TYR H 633 36.46 -43.59 12.24
CA TYR H 633 35.12 -43.06 11.97
C TYR H 633 35.12 -41.54 11.89
N VAL H 634 35.94 -40.91 12.74
CA VAL H 634 36.18 -39.48 12.64
C VAL H 634 36.72 -39.13 11.25
N PHE H 635 37.85 -39.74 10.87
CA PHE H 635 38.41 -39.51 9.54
C PHE H 635 37.38 -39.77 8.45
N SER H 636 36.79 -40.95 8.45
CA SER H 636 35.89 -41.35 7.37
C SER H 636 34.62 -40.50 7.32
N ALA H 637 34.16 -40.02 8.47
CA ALA H 637 32.93 -39.21 8.52
C ALA H 637 33.16 -37.87 7.82
N LEU H 638 34.39 -37.36 7.95
CA LEU H 638 34.80 -36.13 7.28
C LEU H 638 35.04 -36.35 5.80
N GLY H 639 35.41 -37.57 5.41
CA GLY H 639 35.51 -37.95 4.00
C GLY H 639 36.83 -38.49 3.49
N PHE H 640 37.89 -38.39 4.30
CA PHE H 640 39.21 -38.81 3.84
C PHE H 640 39.97 -39.54 4.94
N TYR H 641 41.03 -40.27 4.55
CA TYR H 641 41.73 -41.16 5.45
C TYR H 641 43.20 -41.36 5.09
N PRO H 642 44.10 -41.24 6.09
CA PRO H 642 45.52 -41.43 5.86
C PRO H 642 45.86 -42.89 5.62
N VAL H 643 45.60 -43.38 4.42
CA VAL H 643 45.98 -44.75 4.09
C VAL H 643 47.48 -44.94 4.36
N CYS H 644 48.28 -43.91 4.15
CA CYS H 644 49.73 -44.05 4.17
C CYS H 644 50.44 -42.98 5.00
N PRO H 645 50.48 -43.17 6.33
CA PRO H 645 51.30 -42.27 7.14
C PRO H 645 52.70 -42.23 6.57
N GLY H 646 53.35 -41.06 6.66
CA GLY H 646 54.65 -40.85 6.03
C GLY H 646 54.53 -39.95 4.82
N THR H 647 53.50 -40.18 3.99
CA THR H 647 53.18 -39.23 2.92
C THR H 647 52.52 -38.03 3.58
N ASP H 648 52.15 -37.04 2.76
CA ASP H 648 51.38 -35.89 3.26
C ASP H 648 49.93 -36.02 2.79
N GLU H 649 49.53 -37.25 2.44
CA GLU H 649 48.29 -37.48 1.70
C GLU H 649 47.19 -38.12 2.55
N TYR H 650 45.96 -37.67 2.30
CA TYR H 650 44.74 -38.20 2.89
C TYR H 650 43.86 -38.62 1.72
N VAL H 651 43.54 -39.90 1.64
CA VAL H 651 42.82 -40.48 0.48
C VAL H 651 41.32 -40.25 0.64
N MET H 652 40.65 -39.96 -0.48
CA MET H 652 39.24 -39.54 -0.47
C MET H 652 38.28 -40.72 -0.35
N GLY H 653 37.21 -40.51 0.42
CA GLY H 653 36.13 -41.49 0.53
C GLY H 653 34.85 -40.77 0.24
N THR H 654 33.91 -40.82 1.18
CA THR H 654 32.70 -40.03 1.06
C THR H 654 32.41 -39.35 2.41
N PRO H 655 31.86 -38.13 2.38
CA PRO H 655 31.60 -37.48 3.65
C PRO H 655 30.25 -37.91 4.20
N LEU H 656 30.07 -37.79 5.53
CA LEU H 656 28.83 -38.22 6.15
C LEU H 656 27.86 -37.06 6.45
N PHE H 657 28.42 -35.87 6.70
CA PHE H 657 27.63 -34.69 7.09
C PHE H 657 27.52 -33.68 5.95
N LYS H 658 26.61 -32.71 6.11
CA LYS H 658 26.44 -31.67 5.08
C LYS H 658 27.50 -30.60 5.19
N LYS H 659 27.96 -30.34 6.41
CA LYS H 659 29.06 -29.40 6.63
C LYS H 659 29.92 -29.82 7.83
N ALA H 660 31.22 -29.98 7.61
CA ALA H 660 32.19 -30.17 8.68
C ALA H 660 33.11 -28.97 8.65
N THR H 661 33.61 -28.55 9.81
CA THR H 661 34.54 -27.42 9.87
C THR H 661 35.75 -27.71 10.76
N LEU H 662 36.95 -27.57 10.20
CA LEU H 662 38.21 -27.86 10.91
C LEU H 662 38.96 -26.58 11.29
N HIS H 663 39.34 -26.46 12.56
CA HIS H 663 40.13 -25.32 13.06
C HIS H 663 41.52 -25.82 13.50
N PHE H 664 42.52 -25.64 12.63
CA PHE H 664 43.88 -26.16 12.91
C PHE H 664 44.59 -25.26 13.89
N GLU H 665 45.60 -25.80 14.56
CA GLU H 665 46.33 -25.04 15.59
C GLU H 665 47.04 -23.80 15.04
N ASN H 666 47.22 -23.73 13.71
CA ASN H 666 47.92 -22.61 13.09
C ASN H 666 47.07 -21.34 12.90
N GLY H 667 45.77 -21.46 13.20
CA GLY H 667 44.84 -20.34 13.16
C GLY H 667 43.87 -20.40 11.99
N ASN H 668 44.17 -21.25 11.00
CA ASN H 668 43.30 -21.38 9.81
C ASN H 668 42.18 -22.40 10.00
N SER H 669 41.04 -22.16 9.32
CA SER H 669 39.90 -23.08 9.37
C SER H 669 39.63 -23.66 7.98
N LEU H 670 38.79 -24.68 7.87
CA LEU H 670 38.54 -25.33 6.57
C LEU H 670 37.14 -25.92 6.57
N VAL H 671 36.26 -25.40 5.71
CA VAL H 671 34.87 -25.84 5.63
C VAL H 671 34.71 -26.91 4.56
N ILE H 672 34.25 -28.10 4.94
CA ILE H 672 33.91 -29.16 3.97
C ILE H 672 32.40 -29.17 3.77
N ASP H 673 31.99 -28.71 2.60
CA ASP H 673 30.60 -28.34 2.34
C ASP H 673 29.92 -29.31 1.36
N ALA H 674 29.01 -30.14 1.85
CA ALA H 674 28.21 -31.03 0.99
C ALA H 674 26.71 -30.84 1.22
N PRO H 675 26.15 -29.70 0.77
CA PRO H 675 24.77 -29.33 1.10
C PRO H 675 23.72 -30.37 0.70
N ASN H 676 24.05 -31.19 -0.29
CA ASN H 676 23.09 -32.12 -0.88
C ASN H 676 23.23 -33.56 -0.33
N ASN H 677 24.00 -33.70 0.75
CA ASN H 677 24.20 -35.01 1.42
C ASN H 677 22.92 -35.56 2.03
N SER H 678 22.76 -36.87 1.97
CA SER H 678 21.55 -37.54 2.49
C SER H 678 21.83 -39.03 2.71
N THR H 679 20.81 -39.78 3.14
CA THR H 679 20.91 -41.24 3.21
C THR H 679 21.26 -41.83 1.84
N GLU H 680 20.53 -41.42 0.79
CA GLU H 680 20.75 -41.91 -0.57
C GLU H 680 21.95 -41.28 -1.30
N ASN H 681 22.18 -39.99 -1.05
CA ASN H 681 23.22 -39.23 -1.77
C ASN H 681 24.61 -39.41 -1.18
N PHE H 682 25.19 -40.60 -1.39
CA PHE H 682 26.54 -40.92 -0.86
C PHE H 682 27.68 -40.92 -1.91
N TYR H 683 27.31 -40.94 -3.18
CA TYR H 683 28.26 -40.79 -4.27
C TYR H 683 28.70 -39.34 -4.42
N ILE H 684 30.00 -39.16 -4.68
CA ILE H 684 30.58 -37.87 -5.03
C ILE H 684 30.40 -37.63 -6.54
N ASP H 685 29.64 -36.60 -6.91
CA ASP H 685 29.53 -36.25 -8.35
C ASP H 685 30.64 -35.31 -8.82
N SER H 686 30.89 -34.24 -8.06
CA SER H 686 31.93 -33.26 -8.40
C SER H 686 32.60 -32.77 -7.13
N MET H 687 33.85 -32.32 -7.26
CA MET H 687 34.53 -31.65 -6.15
C MET H 687 35.16 -30.34 -6.62
N SER H 688 35.25 -29.40 -5.69
CA SER H 688 35.88 -28.10 -5.91
C SER H 688 36.71 -27.74 -4.68
N PHE H 689 37.81 -27.00 -4.89
CA PHE H 689 38.71 -26.62 -3.80
C PHE H 689 39.08 -25.15 -3.99
N ASN H 690 38.36 -24.26 -3.31
CA ASN H 690 38.62 -22.82 -3.38
C ASN H 690 38.43 -22.30 -4.80
N GLY H 691 37.23 -22.51 -5.35
CA GLY H 691 36.90 -22.07 -6.71
C GLY H 691 37.41 -23.00 -7.81
N ALA H 692 38.52 -23.68 -7.52
CA ALA H 692 39.20 -24.57 -8.50
C ALA H 692 38.73 -26.01 -8.36
N ASP H 693 38.31 -26.58 -9.50
CA ASP H 693 37.85 -27.96 -9.63
C ASP H 693 38.89 -28.95 -9.07
N HIS H 694 38.42 -30.12 -8.61
CA HIS H 694 39.30 -31.11 -7.94
C HIS H 694 38.91 -32.56 -8.25
N THR H 695 39.48 -33.14 -9.30
CA THR H 695 39.17 -34.52 -9.68
C THR H 695 40.03 -35.56 -8.95
N LYS H 696 41.08 -35.11 -8.25
CA LYS H 696 41.99 -36.03 -7.54
C LYS H 696 41.28 -36.90 -6.45
N ASN H 697 41.89 -38.02 -6.11
CA ASN H 697 41.36 -38.91 -5.07
C ASN H 697 42.08 -38.71 -3.72
N TYR H 698 42.76 -37.58 -3.57
CA TYR H 698 43.52 -37.32 -2.35
C TYR H 698 43.60 -35.82 -2.08
N LEU H 699 43.84 -35.47 -0.81
CA LEU H 699 44.05 -34.09 -0.39
C LEU H 699 45.41 -34.01 0.30
N ARG H 700 46.04 -32.85 0.24
CA ARG H 700 47.42 -32.70 0.73
C ARG H 700 47.50 -31.90 2.01
N HIS H 701 48.30 -32.39 2.93
CA HIS H 701 48.39 -31.86 4.29
C HIS H 701 48.62 -30.34 4.32
N GLU H 702 49.42 -29.83 3.38
CA GLU H 702 49.71 -28.39 3.33
C GLU H 702 48.55 -27.59 2.72
N ASP H 703 47.89 -28.19 1.73
CA ASP H 703 46.70 -27.59 1.09
C ASP H 703 45.56 -27.44 2.09
N LEU H 704 45.44 -28.42 2.99
CA LEU H 704 44.41 -28.41 4.04
C LEU H 704 44.74 -27.35 5.08
N PHE H 705 45.98 -27.37 5.59
CA PHE H 705 46.48 -26.36 6.54
C PHE H 705 46.35 -24.91 6.02
N LYS H 706 46.34 -24.78 4.69
CA LYS H 706 46.12 -23.53 3.97
C LYS H 706 44.73 -22.93 4.24
N GLY H 707 43.77 -23.79 4.56
CA GLY H 707 42.43 -23.34 4.90
C GLY H 707 41.63 -22.99 3.67
N GLY H 708 40.37 -22.60 3.88
CA GLY H 708 39.48 -22.22 2.80
C GLY H 708 38.22 -23.07 2.77
N THR H 709 37.86 -23.51 1.56
CA THR H 709 36.58 -24.19 1.30
C THR H 709 36.74 -25.32 0.29
N ILE H 710 36.12 -26.44 0.61
CA ILE H 710 36.00 -27.56 -0.31
C ILE H 710 34.51 -27.79 -0.48
N LYS H 711 34.06 -27.81 -1.73
CA LYS H 711 32.67 -28.15 -2.05
C LYS H 711 32.59 -29.55 -2.67
N VAL H 712 31.62 -30.34 -2.20
CA VAL H 712 31.33 -31.67 -2.75
C VAL H 712 29.83 -31.71 -3.16
N ASP H 713 29.56 -32.08 -4.42
CA ASP H 713 28.20 -32.26 -4.93
C ASP H 713 27.88 -33.73 -4.78
N MET H 714 26.93 -34.04 -3.90
CA MET H 714 26.56 -35.42 -3.59
C MET H 714 25.45 -35.90 -4.52
N SER H 715 25.47 -37.18 -4.85
CA SER H 715 24.51 -37.74 -5.80
C SER H 715 24.13 -39.15 -5.39
N ASN H 716 22.97 -39.62 -5.82
CA ASN H 716 22.55 -40.98 -5.51
C ASN H 716 23.03 -42.00 -6.54
N ARG H 717 23.72 -41.53 -7.58
CA ARG H 717 24.32 -42.45 -8.55
C ARG H 717 25.80 -42.15 -8.82
N PRO H 718 26.55 -43.20 -9.19
CA PRO H 718 27.99 -43.10 -9.33
C PRO H 718 28.42 -42.25 -10.54
N ASN H 719 29.49 -41.48 -10.38
CA ASN H 719 30.15 -40.84 -11.50
C ASN H 719 31.25 -41.76 -12.02
N LEU H 720 30.94 -42.50 -13.08
CA LEU H 720 31.89 -43.45 -13.68
C LEU H 720 33.10 -42.76 -14.33
N ASN H 721 33.09 -41.43 -14.42
CA ASN H 721 34.21 -40.69 -15.05
C ASN H 721 35.16 -39.97 -14.08
N ARG H 722 34.66 -39.62 -12.89
CA ARG H 722 35.47 -38.83 -11.95
C ARG H 722 36.61 -39.63 -11.29
N GLY H 723 37.83 -39.12 -11.45
CA GLY H 723 39.02 -39.67 -10.78
C GLY H 723 39.54 -40.99 -11.35
N THR H 724 39.38 -41.18 -12.66
CA THR H 724 39.88 -42.37 -13.36
C THR H 724 41.24 -42.11 -14.00
N LYS H 725 41.59 -40.82 -14.09
CA LYS H 725 42.88 -40.40 -14.66
C LYS H 725 44.07 -40.73 -13.76
N GLU H 726 45.18 -41.04 -14.42
CA GLU H 726 46.41 -41.43 -13.77
C GLU H 726 46.95 -40.36 -12.81
N GLU H 727 46.72 -39.07 -13.11
CA GLU H 727 47.20 -37.99 -12.24
C GLU H 727 46.23 -37.65 -11.09
N ASP H 728 45.07 -38.30 -11.08
CA ASP H 728 44.13 -38.25 -9.96
C ASP H 728 44.51 -39.23 -8.83
N MET H 729 45.40 -40.18 -9.15
CA MET H 729 45.85 -41.24 -8.24
C MET H 729 46.69 -40.74 -7.07
N PRO H 730 46.55 -41.37 -5.89
CA PRO H 730 47.43 -41.03 -4.76
C PRO H 730 48.78 -41.75 -4.88
N TYR H 731 49.71 -41.40 -3.99
CA TYR H 731 51.09 -41.91 -4.00
C TYR H 731 51.28 -43.44 -4.03
N SER H 732 52.23 -43.89 -4.85
CA SER H 732 52.74 -45.26 -4.81
C SER H 732 54.26 -45.22 -5.03
N PHE H 733 55.00 -45.97 -4.22
CA PHE H 733 56.47 -45.96 -4.27
C PHE H 733 57.01 -46.39 -5.65
N SER H 734 56.31 -47.33 -6.31
CA SER H 734 56.72 -47.78 -7.64
C SER H 734 56.63 -46.69 -8.74
N LYS H 735 56.04 -45.54 -8.42
CA LYS H 735 55.90 -44.45 -9.39
C LYS H 735 56.66 -43.17 -9.03
N GLU H 736 57.30 -43.16 -7.87
CA GLU H 736 57.95 -41.95 -7.31
C GLU H 736 58.73 -41.09 -8.32
#